data_1FM1
#
_entry.id   1FM1
#
_cell.length_a   ?
_cell.length_b   ?
_cell.length_c   ?
_cell.angle_alpha   ?
_cell.angle_beta   ?
_cell.angle_gamma   ?
#
loop_
_entity.id
_entity.type
_entity.pdbx_description
1 polymer COLLAGENASE-3
2 non-polymer 'ZINC ION'
3 non-polymer 'CALCIUM ION'
4 non-polymer N-HYDROXY-2-[(4-METHOXY-BENZENESULFONYL)-PYRIDIN-3-YLMETHYL-AMINO]-3-METHYL-BENZAMIDE
#
_entity_poly.entity_id   1
_entity_poly.type   'polypeptide(L)'
_entity_poly.pdbx_seq_one_letter_code
;YNVFPRTLKWSKMNLTYRIVNYTPDMTHSEVEKAFKKAFKVWSDVTPLNFTRLHDGIADIMISFGIKEHGDFYPFDGPSG
LLAHAFPPGPNYGGDAHFDDDETWTSSSKGYNLFLVAAHEFGHSLGLDHSKDPGALMFPIYTYTGKSHFMLPDDDVQGIQ
SLYGP
;
_entity_poly.pdbx_strand_id   A
#
loop_
_chem_comp.id
_chem_comp.type
_chem_comp.name
_chem_comp.formula
CA non-polymer 'CALCIUM ION' 'Ca 2'
WAY non-polymer N-HYDROXY-2-[(4-METHOXY-BENZENESULFONYL)-PYRIDIN-3-YLMETHYL-AMINO]-3-METHYL-BENZAMIDE 'C21 H21 N3 O5 S'
ZN non-polymer 'ZINC ION' 'Zn 2'
#
# COMPACT_ATOMS: atom_id res chain seq x y z
N THR A 7 -7.27 14.69 -10.76
CA THR A 7 -6.35 15.84 -10.96
C THR A 7 -4.90 15.38 -10.74
N LEU A 8 -4.65 14.67 -9.68
CA LEU A 8 -3.26 14.19 -9.40
C LEU A 8 -3.10 12.77 -9.95
N LYS A 9 -2.07 12.55 -10.73
CA LYS A 9 -1.83 11.20 -11.30
C LYS A 9 -0.37 11.08 -11.73
N TRP A 10 0.12 9.89 -11.92
CA TRP A 10 1.54 9.75 -12.34
C TRP A 10 1.69 10.20 -13.80
N SER A 11 2.82 10.73 -14.15
CA SER A 11 3.02 11.21 -15.56
C SER A 11 3.32 10.03 -16.49
N LYS A 12 3.46 8.85 -15.95
CA LYS A 12 3.75 7.67 -16.82
C LYS A 12 3.16 6.41 -16.20
N MET A 13 2.96 5.39 -16.99
CA MET A 13 2.38 4.12 -16.47
C MET A 13 3.51 3.20 -16.00
N ASN A 14 4.72 3.64 -16.12
CA ASN A 14 5.87 2.80 -15.69
C ASN A 14 6.27 3.19 -14.26
N LEU A 15 6.33 2.24 -13.37
CA LEU A 15 6.69 2.55 -11.96
C LEU A 15 7.61 1.46 -11.42
N THR A 16 8.46 1.79 -10.47
CA THR A 16 9.40 0.78 -9.89
C THR A 16 9.31 0.84 -8.37
N TYR A 17 9.64 -0.22 -7.69
CA TYR A 17 9.57 -0.22 -6.20
C TYR A 17 10.70 -1.08 -5.61
N ARG A 18 11.04 -0.84 -4.37
CA ARG A 18 12.14 -1.63 -3.72
C ARG A 18 11.80 -1.86 -2.25
N ILE A 19 11.96 -3.07 -1.76
CA ILE A 19 11.66 -3.34 -0.32
C ILE A 19 12.92 -3.10 0.52
N VAL A 20 12.87 -2.17 1.42
CA VAL A 20 14.08 -1.89 2.26
C VAL A 20 14.30 -3.06 3.23
N ASN A 21 13.26 -3.57 3.80
CA ASN A 21 13.45 -4.69 4.77
C ASN A 21 12.13 -5.41 5.00
N TYR A 22 12.21 -6.58 5.54
CA TYR A 22 10.98 -7.37 5.83
C TYR A 22 10.71 -7.25 7.33
N THR A 23 9.83 -8.05 7.87
CA THR A 23 9.54 -7.96 9.34
C THR A 23 9.84 -9.31 10.03
N PRO A 24 10.37 -9.32 11.24
CA PRO A 24 10.65 -10.61 11.94
C PRO A 24 9.35 -11.36 12.26
N ASP A 25 8.26 -10.65 12.17
CA ASP A 25 6.92 -11.23 12.43
C ASP A 25 6.65 -12.38 11.46
N MET A 26 7.05 -12.24 10.22
CA MET A 26 6.81 -13.33 9.21
C MET A 26 8.06 -13.55 8.38
N THR A 27 8.11 -14.63 7.66
CA THR A 27 9.32 -14.91 6.82
C THR A 27 9.34 -13.96 5.63
N HIS A 28 10.48 -13.80 5.02
CA HIS A 28 10.60 -12.89 3.86
C HIS A 28 9.68 -13.37 2.73
N SER A 29 9.61 -14.66 2.52
CA SER A 29 8.75 -15.18 1.41
C SER A 29 7.29 -14.77 1.64
N GLU A 30 6.83 -14.81 2.86
CA GLU A 30 5.43 -14.42 3.13
C GLU A 30 5.23 -12.93 2.81
N VAL A 31 6.18 -12.11 3.15
CA VAL A 31 6.04 -10.66 2.87
C VAL A 31 6.13 -10.40 1.36
N GLU A 32 7.01 -11.07 0.68
CA GLU A 32 7.18 -10.84 -0.79
C GLU A 32 5.88 -11.14 -1.52
N LYS A 33 5.32 -12.30 -1.33
CA LYS A 33 4.07 -12.64 -2.04
C LYS A 33 2.94 -11.70 -1.61
N ALA A 34 2.99 -11.21 -0.39
CA ALA A 34 1.91 -10.28 0.06
C ALA A 34 1.88 -9.04 -0.85
N PHE A 35 3.01 -8.43 -1.08
CA PHE A 35 3.03 -7.22 -1.96
C PHE A 35 2.70 -7.62 -3.40
N LYS A 36 3.19 -8.74 -3.86
CA LYS A 36 2.90 -9.14 -5.27
C LYS A 36 1.40 -9.28 -5.47
N LYS A 37 0.72 -9.87 -4.53
CA LYS A 37 -0.75 -10.01 -4.69
C LYS A 37 -1.38 -8.62 -4.75
N ALA A 38 -0.88 -7.70 -3.95
CA ALA A 38 -1.44 -6.32 -3.95
C ALA A 38 -1.27 -5.70 -5.34
N PHE A 39 -0.11 -5.80 -5.92
CA PHE A 39 0.09 -5.21 -7.27
C PHE A 39 -0.83 -5.90 -8.29
N LYS A 40 -0.99 -7.19 -8.19
CA LYS A 40 -1.86 -7.92 -9.16
C LYS A 40 -3.29 -7.37 -9.08
N VAL A 41 -3.83 -7.25 -7.90
CA VAL A 41 -5.23 -6.74 -7.76
C VAL A 41 -5.35 -5.32 -8.33
N TRP A 42 -4.37 -4.49 -8.12
CA TRP A 42 -4.44 -3.10 -8.66
C TRP A 42 -4.07 -3.11 -10.14
N SER A 43 -3.12 -3.92 -10.51
CA SER A 43 -2.71 -3.97 -11.95
C SER A 43 -3.81 -4.63 -12.79
N ASP A 44 -4.68 -5.38 -12.17
CA ASP A 44 -5.77 -6.06 -12.95
C ASP A 44 -6.66 -5.03 -13.65
N VAL A 45 -6.96 -3.93 -13.01
CA VAL A 45 -7.86 -2.90 -13.63
C VAL A 45 -7.08 -1.62 -13.95
N THR A 46 -5.78 -1.70 -14.12
CA THR A 46 -4.99 -0.47 -14.46
C THR A 46 -3.79 -0.86 -15.36
N PRO A 47 -3.50 -0.14 -16.43
CA PRO A 47 -2.34 -0.49 -17.30
C PRO A 47 -1.00 -0.14 -16.65
N LEU A 48 -0.98 0.07 -15.37
CA LEU A 48 0.28 0.43 -14.68
C LEU A 48 1.23 -0.77 -14.68
N ASN A 49 2.50 -0.52 -14.90
CA ASN A 49 3.51 -1.62 -14.92
C ASN A 49 4.42 -1.48 -13.69
N PHE A 50 4.45 -2.48 -12.84
CA PHE A 50 5.32 -2.40 -11.61
C PHE A 50 6.52 -3.33 -11.78
N THR A 51 7.72 -2.78 -11.68
CA THR A 51 8.97 -3.61 -11.83
C THR A 51 9.81 -3.53 -10.54
N ARG A 52 10.22 -4.66 -10.03
CA ARG A 52 11.05 -4.67 -8.78
C ARG A 52 12.51 -4.39 -9.16
N LEU A 53 13.18 -3.54 -8.42
CA LEU A 53 14.62 -3.23 -8.71
C LEU A 53 15.50 -3.95 -7.68
N HIS A 54 16.45 -4.72 -8.14
CA HIS A 54 17.34 -5.45 -7.21
C HIS A 54 18.11 -4.44 -6.35
N ASP A 55 18.56 -3.36 -6.94
CA ASP A 55 19.33 -2.35 -6.16
C ASP A 55 19.04 -0.95 -6.69
N GLY A 56 19.44 0.06 -5.95
CA GLY A 56 19.19 1.47 -6.40
C GLY A 56 17.94 2.01 -5.69
N ILE A 57 17.62 3.25 -5.89
CA ILE A 57 16.42 3.84 -5.24
C ILE A 57 15.24 3.72 -6.19
N ALA A 58 14.09 3.33 -5.69
CA ALA A 58 12.88 3.18 -6.57
C ALA A 58 11.88 4.28 -6.25
N ASP A 59 10.97 4.54 -7.15
CA ASP A 59 9.96 5.61 -6.90
C ASP A 59 9.17 5.27 -5.63
N ILE A 60 8.66 4.07 -5.54
CA ILE A 60 7.88 3.65 -4.32
C ILE A 60 8.72 2.70 -3.48
N MET A 61 9.29 3.18 -2.40
CA MET A 61 10.11 2.30 -1.51
C MET A 61 9.29 1.93 -0.28
N ILE A 62 9.25 0.67 0.06
CA ILE A 62 8.45 0.22 1.25
C ILE A 62 9.40 -0.13 2.39
N SER A 63 9.09 0.30 3.59
CA SER A 63 9.98 -0.01 4.75
C SER A 63 9.16 -0.03 6.05
N PHE A 64 9.65 -0.69 7.07
CA PHE A 64 8.92 -0.76 8.37
C PHE A 64 9.60 0.18 9.36
N GLY A 65 8.90 1.16 9.89
CA GLY A 65 9.52 2.13 10.84
C GLY A 65 9.08 1.84 12.29
N ILE A 66 9.40 2.75 13.18
CA ILE A 66 9.03 2.60 14.63
C ILE A 66 8.52 3.96 15.12
N LYS A 67 7.96 4.01 16.32
CA LYS A 67 7.42 5.29 16.88
C LYS A 67 8.18 6.50 16.33
N GLU A 68 9.17 6.99 17.04
CA GLU A 68 9.94 8.17 16.54
C GLU A 68 10.96 7.74 15.47
N HIS A 69 10.94 8.38 14.33
CA HIS A 69 11.91 8.00 13.26
C HIS A 69 12.19 9.21 12.36
N GLY A 70 11.73 10.38 12.76
CA GLY A 70 12.00 11.62 11.95
C GLY A 70 10.72 12.13 11.27
N ASP A 71 9.64 12.26 12.00
CA ASP A 71 8.37 12.78 11.38
C ASP A 71 7.68 13.73 12.37
N PHE A 72 6.95 14.70 11.88
CA PHE A 72 6.26 15.65 12.79
C PHE A 72 5.18 14.91 13.58
N TYR A 73 4.52 13.97 12.96
CA TYR A 73 3.45 13.18 13.66
C TYR A 73 3.70 11.68 13.40
N PRO A 74 4.65 11.08 14.09
CA PRO A 74 4.95 9.63 13.89
C PRO A 74 3.75 8.73 14.21
N PHE A 75 4.02 7.55 14.68
CA PHE A 75 2.93 6.59 15.02
C PHE A 75 2.42 6.88 16.43
N ASP A 76 1.22 6.48 16.74
CA ASP A 76 0.65 6.75 18.09
C ASP A 76 0.76 5.50 18.97
N GLY A 77 1.44 4.49 18.51
CA GLY A 77 1.59 3.22 19.31
C GLY A 77 1.18 2.03 18.43
N PRO A 78 0.78 0.92 19.00
CA PRO A 78 0.36 -0.25 18.19
C PRO A 78 -0.85 0.09 17.30
N SER A 79 -1.98 0.38 17.88
CA SER A 79 -3.18 0.73 17.07
C SER A 79 -3.05 2.17 16.56
N GLY A 80 -3.78 2.53 15.52
CA GLY A 80 -3.70 3.93 14.97
C GLY A 80 -3.15 3.89 13.54
N LEU A 81 -2.13 4.65 13.26
CA LEU A 81 -1.56 4.67 11.88
C LEU A 81 -0.88 3.33 11.59
N LEU A 82 -1.48 2.53 10.76
CA LEU A 82 -0.86 1.21 10.45
C LEU A 82 0.24 1.44 9.42
N ALA A 83 0.22 2.58 8.79
CA ALA A 83 1.26 2.91 7.76
C ALA A 83 0.97 4.31 7.23
N HIS A 84 1.81 4.83 6.39
CA HIS A 84 1.56 6.19 5.83
C HIS A 84 2.39 6.39 4.56
N ALA A 85 2.01 7.33 3.74
CA ALA A 85 2.78 7.59 2.48
C ALA A 85 2.62 9.06 2.10
N PHE A 86 3.51 9.57 1.29
CA PHE A 86 3.42 11.01 0.87
C PHE A 86 2.94 11.07 -0.60
N PRO A 87 2.26 12.12 -1.00
CA PRO A 87 1.78 12.22 -2.41
C PRO A 87 2.88 11.81 -3.42
N PRO A 88 2.50 11.49 -4.64
CA PRO A 88 3.52 11.08 -5.66
C PRO A 88 4.48 12.20 -6.04
N GLY A 89 5.68 11.87 -6.44
CA GLY A 89 6.65 12.92 -6.83
C GLY A 89 7.95 12.25 -7.33
N PRO A 90 8.71 12.91 -8.20
CA PRO A 90 9.97 12.31 -8.72
C PRO A 90 11.06 12.25 -7.63
N ASN A 91 10.70 11.98 -6.42
CA ASN A 91 11.73 11.92 -5.34
C ASN A 91 11.22 11.09 -4.16
N TYR A 92 11.34 11.64 -2.97
CA TYR A 92 10.90 10.89 -1.75
C TYR A 92 9.39 10.59 -1.83
N GLY A 93 8.61 11.50 -2.33
CA GLY A 93 7.13 11.25 -2.42
C GLY A 93 6.86 9.85 -2.96
N GLY A 94 5.64 9.41 -2.89
CA GLY A 94 5.30 8.04 -3.40
C GLY A 94 5.89 6.97 -2.47
N ASP A 95 6.48 7.36 -1.38
CA ASP A 95 7.08 6.36 -0.44
C ASP A 95 5.98 5.77 0.44
N ALA A 96 6.30 4.74 1.19
CA ALA A 96 5.28 4.12 2.09
C ALA A 96 5.98 3.50 3.31
N HIS A 97 5.59 3.93 4.49
CA HIS A 97 6.20 3.40 5.75
C HIS A 97 5.18 2.54 6.50
N PHE A 98 5.64 1.54 7.20
CA PHE A 98 4.72 0.65 7.99
C PHE A 98 5.15 0.65 9.46
N ASP A 99 4.25 0.34 10.34
CA ASP A 99 4.61 0.33 11.78
C ASP A 99 5.31 -0.99 12.13
N ASP A 100 6.52 -0.93 12.62
CA ASP A 100 7.23 -2.19 12.99
C ASP A 100 6.83 -2.62 14.40
N ASP A 101 6.18 -1.75 15.13
CA ASP A 101 5.77 -2.10 16.53
C ASP A 101 4.45 -2.87 16.49
N GLU A 102 3.80 -2.92 15.36
CA GLU A 102 2.50 -3.65 15.26
C GLU A 102 2.74 -5.12 14.92
N THR A 103 1.71 -5.92 14.94
CA THR A 103 1.86 -7.37 14.62
C THR A 103 1.44 -7.60 13.17
N TRP A 104 2.38 -7.79 12.30
CA TRP A 104 2.04 -8.04 10.87
C TRP A 104 1.85 -9.55 10.67
N THR A 105 0.73 -9.94 10.15
CA THR A 105 0.46 -11.39 9.93
C THR A 105 -0.27 -11.57 8.60
N SER A 106 -0.07 -12.69 7.95
CA SER A 106 -0.76 -12.93 6.66
C SER A 106 -2.09 -13.65 6.94
N SER A 107 -2.29 -14.06 8.16
CA SER A 107 -3.56 -14.75 8.53
C SER A 107 -4.56 -13.70 9.01
N SER A 108 -5.78 -14.08 9.27
CA SER A 108 -6.78 -13.07 9.75
C SER A 108 -6.53 -12.76 11.22
N LYS A 109 -5.54 -11.96 11.50
CA LYS A 109 -5.22 -11.58 12.91
C LYS A 109 -4.67 -10.16 12.93
N GLY A 110 -4.90 -9.43 13.99
CA GLY A 110 -4.38 -8.02 14.07
C GLY A 110 -4.66 -7.30 12.75
N TYR A 111 -3.68 -6.58 12.25
CA TYR A 111 -3.87 -5.85 10.96
C TYR A 111 -3.21 -6.65 9.82
N ASN A 112 -3.98 -7.15 8.91
CA ASN A 112 -3.39 -7.94 7.79
C ASN A 112 -2.49 -7.02 6.95
N LEU A 113 -1.29 -7.45 6.65
CA LEU A 113 -0.36 -6.61 5.85
C LEU A 113 -0.99 -6.29 4.48
N PHE A 114 -1.61 -7.25 3.87
CA PHE A 114 -2.22 -7.04 2.52
C PHE A 114 -3.27 -5.93 2.57
N LEU A 115 -4.12 -5.91 3.56
CA LEU A 115 -5.17 -4.85 3.63
C LEU A 115 -4.51 -3.46 3.67
N VAL A 116 -3.56 -3.26 4.55
CA VAL A 116 -2.91 -1.92 4.63
C VAL A 116 -2.13 -1.67 3.35
N ALA A 117 -1.45 -2.67 2.85
CA ALA A 117 -0.65 -2.46 1.61
C ALA A 117 -1.56 -2.00 0.46
N ALA A 118 -2.62 -2.70 0.20
CA ALA A 118 -3.53 -2.28 -0.91
C ALA A 118 -4.03 -0.85 -0.68
N HIS A 119 -4.28 -0.49 0.55
CA HIS A 119 -4.80 0.88 0.84
C HIS A 119 -3.76 1.96 0.53
N GLU A 120 -2.53 1.80 0.97
CA GLU A 120 -1.52 2.87 0.70
C GLU A 120 -1.36 3.06 -0.82
N PHE A 121 -1.38 2.00 -1.57
CA PHE A 121 -1.24 2.14 -3.05
C PHE A 121 -2.40 3.00 -3.56
N GLY A 122 -3.58 2.81 -3.01
CA GLY A 122 -4.75 3.61 -3.47
C GLY A 122 -4.44 5.10 -3.32
N HIS A 123 -3.84 5.50 -2.23
CA HIS A 123 -3.51 6.93 -2.04
C HIS A 123 -2.47 7.34 -3.09
N SER A 124 -1.52 6.50 -3.38
CA SER A 124 -0.47 6.84 -4.39
C SER A 124 -1.11 6.94 -5.78
N LEU A 125 -2.22 6.29 -5.99
CA LEU A 125 -2.87 6.33 -7.32
C LEU A 125 -3.70 7.62 -7.45
N GLY A 126 -3.74 8.41 -6.42
CA GLY A 126 -4.51 9.70 -6.48
C GLY A 126 -5.95 9.50 -5.99
N LEU A 127 -6.26 8.37 -5.43
CA LEU A 127 -7.66 8.14 -4.93
C LEU A 127 -7.79 8.67 -3.50
N ASP A 128 -8.96 9.17 -3.16
CA ASP A 128 -9.19 9.71 -1.78
C ASP A 128 -10.01 8.69 -0.99
N HIS A 129 -10.19 8.90 0.28
CA HIS A 129 -10.97 7.93 1.09
C HIS A 129 -12.39 7.83 0.53
N SER A 130 -12.90 6.63 0.39
CA SER A 130 -14.28 6.45 -0.14
C SER A 130 -15.26 6.28 1.01
N LYS A 131 -16.53 6.41 0.76
CA LYS A 131 -17.55 6.24 1.85
C LYS A 131 -18.15 4.84 1.77
N ASP A 132 -17.68 4.03 0.85
CA ASP A 132 -18.22 2.65 0.73
C ASP A 132 -17.46 1.72 1.69
N PRO A 133 -18.12 1.00 2.58
CA PRO A 133 -17.38 0.11 3.51
C PRO A 133 -16.74 -1.08 2.77
N GLY A 134 -17.23 -1.40 1.61
CA GLY A 134 -16.65 -2.56 0.85
C GLY A 134 -15.46 -2.08 0.02
N ALA A 135 -15.21 -0.80 -0.01
CA ALA A 135 -14.06 -0.29 -0.81
C ALA A 135 -12.77 -0.35 0.05
N LEU A 136 -11.65 -0.56 -0.57
CA LEU A 136 -10.37 -0.61 0.19
C LEU A 136 -10.02 0.79 0.71
N MET A 137 -10.44 1.80 0.01
CA MET A 137 -10.13 3.21 0.44
C MET A 137 -10.99 3.60 1.65
N PHE A 138 -11.70 2.68 2.24
CA PHE A 138 -12.55 3.05 3.42
C PHE A 138 -11.61 3.45 4.59
N PRO A 139 -11.84 4.55 5.28
CA PRO A 139 -10.94 4.98 6.39
C PRO A 139 -10.84 3.96 7.53
N ILE A 140 -11.83 3.11 7.71
CA ILE A 140 -11.77 2.11 8.82
C ILE A 140 -11.19 0.79 8.31
N TYR A 141 -10.35 0.18 9.11
CA TYR A 141 -9.72 -1.11 8.71
C TYR A 141 -10.74 -2.25 8.81
N THR A 142 -10.84 -3.05 7.78
CA THR A 142 -11.79 -4.20 7.78
C THR A 142 -11.14 -5.41 7.10
N TYR A 143 -11.36 -6.59 7.64
CA TYR A 143 -10.76 -7.81 7.03
C TYR A 143 -11.62 -8.26 5.83
N THR A 144 -11.00 -8.77 4.80
CA THR A 144 -11.79 -9.22 3.60
C THR A 144 -11.18 -10.53 3.07
N GLY A 145 -11.95 -11.31 2.38
CA GLY A 145 -11.39 -12.59 1.85
C GLY A 145 -10.57 -12.30 0.60
N LYS A 146 -9.27 -12.49 0.67
CA LYS A 146 -8.40 -12.22 -0.51
C LYS A 146 -8.52 -13.35 -1.53
N SER A 147 -9.37 -14.32 -1.28
CA SER A 147 -9.51 -15.45 -2.24
C SER A 147 -9.94 -14.91 -3.60
N HIS A 148 -10.81 -13.93 -3.63
CA HIS A 148 -11.27 -13.39 -4.94
C HIS A 148 -11.72 -11.93 -4.78
N PHE A 149 -11.10 -11.21 -3.89
CA PHE A 149 -11.50 -9.78 -3.69
C PHE A 149 -11.07 -8.96 -4.91
N MET A 150 -11.91 -8.06 -5.35
CA MET A 150 -11.57 -7.19 -6.52
C MET A 150 -12.08 -5.77 -6.23
N LEU A 151 -11.43 -4.77 -6.74
CA LEU A 151 -11.91 -3.38 -6.48
C LEU A 151 -13.41 -3.30 -6.83
N PRO A 152 -14.28 -2.82 -5.93
CA PRO A 152 -15.72 -2.74 -6.29
C PRO A 152 -15.99 -1.73 -7.41
N ASP A 153 -17.22 -1.56 -7.78
CA ASP A 153 -17.55 -0.60 -8.87
C ASP A 153 -17.15 0.82 -8.46
N ASP A 154 -17.37 1.18 -7.23
CA ASP A 154 -17.02 2.56 -6.78
C ASP A 154 -15.53 2.82 -7.02
N ASP A 155 -14.68 1.93 -6.60
CA ASP A 155 -13.23 2.14 -6.78
C ASP A 155 -12.86 2.01 -8.26
N VAL A 156 -13.45 1.06 -8.96
CA VAL A 156 -13.13 0.89 -10.40
C VAL A 156 -13.51 2.17 -11.16
N GLN A 157 -14.67 2.71 -10.89
CA GLN A 157 -15.09 3.95 -11.60
C GLN A 157 -14.11 5.10 -11.28
N GLY A 158 -13.65 5.19 -10.06
CA GLY A 158 -12.72 6.29 -9.69
C GLY A 158 -11.35 6.11 -10.36
N ILE A 159 -10.72 4.97 -10.20
CA ILE A 159 -9.37 4.79 -10.82
C ILE A 159 -9.49 4.91 -12.35
N GLN A 160 -10.52 4.36 -12.92
CA GLN A 160 -10.66 4.46 -14.40
C GLN A 160 -10.86 5.92 -14.80
N SER A 161 -11.61 6.66 -14.04
CA SER A 161 -11.85 8.09 -14.39
C SER A 161 -10.54 8.88 -14.29
N LEU A 162 -9.61 8.44 -13.49
CA LEU A 162 -8.33 9.19 -13.36
C LEU A 162 -7.35 8.73 -14.43
N TYR A 163 -7.09 7.45 -14.53
CA TYR A 163 -6.13 6.95 -15.55
C TYR A 163 -6.86 6.61 -16.85
N GLY A 164 -8.17 6.58 -16.83
CA GLY A 164 -8.94 6.25 -18.06
C GLY A 164 -9.19 4.75 -18.12
ZN ZN B . -6.10 6.27 4.03
ZN ZN C . 7.40 7.03 8.56
CA CA D . -0.33 2.84 14.92
C1 WAY E . -5.50 6.82 9.38
C2 WAY E . -5.14 7.67 8.23
CF2 WAY E . -4.62 9.01 8.47
CH WAY E . -4.45 9.52 9.81
CF1 WAY E . -4.81 8.70 10.94
C6 WAY E . -5.34 7.36 10.76
C10 WAY E . -5.25 7.29 6.80
O11 WAY E . -6.34 7.27 6.22
N12 WAY E . -4.21 6.75 6.17
O13 WAY E . -4.44 6.19 4.90
CE WAY E . -5.68 6.56 11.98
N20 WAY E . -6.01 5.55 9.24
S21 WAY E . -4.98 4.24 9.38
CD WAY E . -7.46 5.38 9.03
CK WAY E . -9.18 3.63 12.06
CM WAY E . -9.78 4.78 12.66
N25 WAY E . -9.64 6.06 12.12
CJ WAY E . -8.89 6.23 10.95
C27 WAY E . -8.26 5.14 10.28
CI WAY E . -8.41 3.83 10.86
C35 WAY E . -5.38 3.01 8.15
CC1 WAY E . -4.65 2.99 6.90
CB1 WAY E . -4.97 2.00 5.88
C38 WAY E . -6.02 1.01 6.11
CB2 WAY E . -6.75 1.04 7.41
CC2 WAY E . -6.42 2.04 8.42
O45 WAY E . -6.28 0.05 5.07
CA WAY E . -7.29 -0.97 5.17
O50 WAY E . -5.23 3.64 10.65
O51 WAY E . -3.64 4.69 9.10
HF2 WAY E . -4.35 9.64 7.63
HH WAY E . -4.06 10.52 9.97
HF1 WAY E . -4.68 9.10 11.94
H14 WAY E . -3.30 6.74 6.58
H15 WAY E . -4.13 6.80 4.23
HE1 WAY E . -5.99 5.55 11.73
HE2 WAY E . -6.50 7.02 12.53
HE3 WAY E . -4.84 6.48 12.66
HD1 WAY E . -7.59 4.54 8.35
HD2 WAY E . -7.83 6.28 8.54
HK WAY E . -9.30 2.64 12.48
HL WAY E . -10.36 4.65 13.56
HJ WAY E . -8.78 7.22 10.52
HI WAY E . -7.94 2.97 10.38
HC1 WAY E . -3.88 3.72 6.73
HB1 WAY E . -4.42 2.01 4.96
HB2 WAY E . -7.53 0.34 7.63
HC2 WAY E . -6.95 2.07 9.36
HA1 WAY E . -7.30 -1.58 4.26
HA2 WAY E . -8.27 -0.52 5.30
HA3 WAY E . -7.08 -1.63 6.02
N THR A 7 -7.77 13.41 -8.95
CA THR A 7 -7.16 14.58 -9.63
C THR A 7 -5.68 14.30 -9.91
N LEU A 8 -4.86 14.31 -8.89
CA LEU A 8 -3.41 14.05 -9.09
C LEU A 8 -3.22 12.58 -9.50
N LYS A 9 -2.34 12.34 -10.44
CA LYS A 9 -2.10 10.92 -10.88
C LYS A 9 -0.74 10.84 -11.60
N TRP A 10 -0.22 9.66 -11.74
CA TRP A 10 1.11 9.51 -12.42
C TRP A 10 0.95 9.80 -13.91
N SER A 11 1.96 10.36 -14.53
CA SER A 11 1.87 10.68 -15.98
C SER A 11 2.59 9.61 -16.80
N LYS A 12 2.84 8.46 -16.22
CA LYS A 12 3.53 7.37 -16.98
C LYS A 12 3.03 6.01 -16.50
N MET A 13 2.99 5.04 -17.38
CA MET A 13 2.49 3.68 -16.98
C MET A 13 3.66 2.81 -16.53
N ASN A 14 4.87 3.34 -16.58
CA ASN A 14 6.06 2.55 -16.15
C ASN A 14 6.42 2.95 -14.72
N LEU A 15 6.40 2.01 -13.79
CA LEU A 15 6.72 2.34 -12.37
C LEU A 15 7.56 1.21 -11.79
N THR A 16 8.42 1.52 -10.84
CA THR A 16 9.28 0.48 -10.21
C THR A 16 9.22 0.63 -8.69
N TYR A 17 9.54 -0.41 -7.96
CA TYR A 17 9.51 -0.31 -6.47
C TYR A 17 10.66 -1.13 -5.87
N ARG A 18 11.04 -0.81 -4.66
CA ARG A 18 12.16 -1.55 -4.00
C ARG A 18 11.87 -1.72 -2.52
N ILE A 19 12.04 -2.91 -1.99
CA ILE A 19 11.80 -3.14 -0.54
C ILE A 19 13.07 -2.85 0.25
N VAL A 20 13.04 -1.88 1.12
CA VAL A 20 14.26 -1.55 1.93
C VAL A 20 14.50 -2.69 2.92
N ASN A 21 13.47 -3.20 3.52
CA ASN A 21 13.66 -4.30 4.50
C ASN A 21 12.34 -5.02 4.73
N TYR A 22 12.43 -6.21 5.26
CA TYR A 22 11.19 -6.98 5.56
C TYR A 22 10.98 -6.89 7.07
N THR A 23 10.21 -7.77 7.65
CA THR A 23 9.97 -7.70 9.11
C THR A 23 10.26 -9.06 9.78
N PRO A 24 10.62 -9.06 11.06
CA PRO A 24 10.87 -10.33 11.78
C PRO A 24 9.54 -11.05 12.06
N ASP A 25 8.47 -10.31 11.97
CA ASP A 25 7.11 -10.89 12.23
C ASP A 25 6.85 -12.04 11.26
N MET A 26 7.23 -11.90 10.02
CA MET A 26 6.98 -12.99 9.02
C MET A 26 8.23 -13.21 8.18
N THR A 27 8.31 -14.31 7.48
CA THR A 27 9.51 -14.59 6.65
C THR A 27 9.50 -13.67 5.42
N HIS A 28 10.63 -13.48 4.82
CA HIS A 28 10.71 -12.59 3.62
C HIS A 28 9.83 -13.13 2.49
N SER A 29 9.82 -14.42 2.30
CA SER A 29 8.98 -14.99 1.20
C SER A 29 7.51 -14.64 1.41
N GLU A 30 7.04 -14.68 2.64
CA GLU A 30 5.61 -14.36 2.90
C GLU A 30 5.36 -12.88 2.61
N VAL A 31 6.27 -12.03 2.98
CA VAL A 31 6.09 -10.57 2.74
C VAL A 31 6.14 -10.26 1.23
N GLU A 32 7.04 -10.87 0.51
CA GLU A 32 7.14 -10.59 -0.95
C GLU A 32 5.82 -10.94 -1.65
N LYS A 33 5.28 -12.10 -1.42
CA LYS A 33 4.01 -12.46 -2.08
C LYS A 33 2.89 -11.50 -1.67
N ALA A 34 2.93 -11.00 -0.46
CA ALA A 34 1.87 -10.07 -0.01
C ALA A 34 1.86 -8.83 -0.91
N PHE A 35 3.00 -8.25 -1.17
CA PHE A 35 3.03 -7.04 -2.04
C PHE A 35 2.62 -7.42 -3.47
N LYS A 36 3.05 -8.55 -3.95
CA LYS A 36 2.69 -8.94 -5.34
C LYS A 36 1.16 -9.04 -5.46
N LYS A 37 0.50 -9.60 -4.50
CA LYS A 37 -0.98 -9.71 -4.57
C LYS A 37 -1.59 -8.31 -4.66
N ALA A 38 -1.08 -7.39 -3.88
CA ALA A 38 -1.62 -6.01 -3.90
C ALA A 38 -1.48 -5.40 -5.30
N PHE A 39 -0.34 -5.54 -5.92
CA PHE A 39 -0.15 -4.96 -7.28
C PHE A 39 -1.03 -5.68 -8.30
N LYS A 40 -1.16 -6.98 -8.16
CA LYS A 40 -2.00 -7.74 -9.14
C LYS A 40 -3.43 -7.21 -9.09
N VAL A 41 -3.97 -7.04 -7.91
CA VAL A 41 -5.37 -6.53 -7.80
C VAL A 41 -5.47 -5.15 -8.46
N TRP A 42 -4.50 -4.30 -8.26
CA TRP A 42 -4.55 -2.94 -8.86
C TRP A 42 -4.15 -3.00 -10.34
N SER A 43 -3.21 -3.83 -10.69
CA SER A 43 -2.78 -3.91 -12.12
C SER A 43 -3.88 -4.59 -12.96
N ASP A 44 -4.78 -5.29 -12.32
CA ASP A 44 -5.87 -5.98 -13.07
C ASP A 44 -6.73 -4.96 -13.82
N VAL A 45 -7.01 -3.82 -13.22
CA VAL A 45 -7.89 -2.80 -13.90
C VAL A 45 -7.06 -1.57 -14.31
N THR A 46 -5.77 -1.71 -14.48
CA THR A 46 -4.94 -0.53 -14.89
C THR A 46 -3.74 -1.02 -15.74
N PRO A 47 -3.39 -0.35 -16.82
CA PRO A 47 -2.23 -0.79 -17.65
C PRO A 47 -0.88 -0.44 -16.98
N LEU A 48 -0.88 -0.18 -15.70
CA LEU A 48 0.40 0.17 -15.02
C LEU A 48 1.31 -1.05 -14.97
N ASN A 49 2.59 -0.85 -15.21
CA ASN A 49 3.57 -1.99 -15.18
C ASN A 49 4.47 -1.81 -13.96
N PHE A 50 4.49 -2.76 -13.06
CA PHE A 50 5.34 -2.65 -11.84
C PHE A 50 6.52 -3.62 -11.94
N THR A 51 7.73 -3.11 -11.89
CA THR A 51 8.94 -3.98 -11.98
C THR A 51 9.77 -3.81 -10.70
N ARG A 52 10.15 -4.91 -10.08
CA ARG A 52 10.95 -4.83 -8.83
C ARG A 52 12.43 -4.64 -9.20
N LEU A 53 13.10 -3.74 -8.52
CA LEU A 53 14.56 -3.50 -8.82
C LEU A 53 15.41 -4.13 -7.71
N HIS A 54 16.42 -4.87 -8.09
CA HIS A 54 17.28 -5.53 -7.08
C HIS A 54 18.04 -4.48 -6.26
N ASP A 55 18.51 -3.42 -6.89
CA ASP A 55 19.27 -2.37 -6.14
C ASP A 55 19.00 -1.00 -6.75
N GLY A 56 19.43 0.05 -6.09
CA GLY A 56 19.20 1.42 -6.62
C GLY A 56 17.91 1.99 -6.03
N ILE A 57 17.59 3.22 -6.34
CA ILE A 57 16.34 3.84 -5.80
C ILE A 57 15.21 3.63 -6.81
N ALA A 58 14.04 3.26 -6.34
CA ALA A 58 12.87 3.04 -7.26
C ALA A 58 11.87 4.17 -7.10
N ASP A 59 10.86 4.21 -7.92
CA ASP A 59 9.85 5.30 -7.81
C ASP A 59 9.20 5.24 -6.42
N ILE A 60 8.76 4.07 -6.01
CA ILE A 60 8.12 3.94 -4.66
C ILE A 60 8.93 2.93 -3.83
N MET A 61 9.49 3.37 -2.73
CA MET A 61 10.29 2.44 -1.87
C MET A 61 9.44 2.03 -0.67
N ILE A 62 9.53 0.77 -0.28
CA ILE A 62 8.72 0.25 0.86
C ILE A 62 9.65 -0.04 2.05
N SER A 63 9.31 0.45 3.21
CA SER A 63 10.18 0.19 4.39
C SER A 63 9.33 0.18 5.67
N PHE A 64 9.80 -0.49 6.69
CA PHE A 64 9.04 -0.55 7.98
C PHE A 64 9.69 0.42 8.97
N GLY A 65 8.93 1.35 9.49
CA GLY A 65 9.50 2.36 10.45
C GLY A 65 9.06 2.05 11.88
N ILE A 66 9.46 2.89 12.80
CA ILE A 66 9.07 2.70 14.24
C ILE A 66 8.65 4.06 14.82
N LYS A 67 8.00 4.03 15.96
CA LYS A 67 7.51 5.28 16.65
C LYS A 67 8.18 6.55 16.10
N GLU A 68 9.39 6.84 16.50
CA GLU A 68 10.07 8.07 16.02
C GLU A 68 10.48 7.93 14.54
N HIS A 69 10.42 9.00 13.80
CA HIS A 69 10.82 8.98 12.35
C HIS A 69 11.69 10.21 12.08
N GLY A 70 12.27 10.29 10.91
CA GLY A 70 13.11 11.47 10.58
C GLY A 70 12.27 12.74 10.69
N ASP A 71 11.06 12.71 10.19
CA ASP A 71 10.19 13.92 10.28
C ASP A 71 9.57 13.97 11.67
N PHE A 72 9.07 15.11 12.08
CA PHE A 72 8.46 15.23 13.44
C PHE A 72 6.97 14.91 13.37
N TYR A 73 6.61 13.70 13.68
CA TYR A 73 5.17 13.30 13.64
C TYR A 73 5.03 11.89 14.24
N PRO A 74 5.58 11.65 15.42
CA PRO A 74 5.51 10.31 16.06
C PRO A 74 4.14 9.65 15.91
N PHE A 75 4.09 8.36 16.09
CA PHE A 75 2.80 7.61 15.97
C PHE A 75 2.09 7.58 17.33
N ASP A 76 0.97 6.90 17.41
CA ASP A 76 0.22 6.85 18.70
C ASP A 76 0.51 5.54 19.44
N GLY A 77 1.33 4.69 18.88
CA GLY A 77 1.66 3.38 19.54
C GLY A 77 1.42 2.25 18.52
N PRO A 78 0.84 1.12 18.90
CA PRO A 78 0.61 0.03 17.92
C PRO A 78 -0.65 0.30 17.06
N SER A 79 -1.76 0.56 17.68
CA SER A 79 -3.02 0.83 16.92
C SER A 79 -3.02 2.26 16.39
N GLY A 80 -3.96 2.60 15.54
CA GLY A 80 -4.05 3.98 14.99
C GLY A 80 -3.44 4.05 13.59
N LEU A 81 -2.45 4.88 13.40
CA LEU A 81 -1.80 5.01 12.07
C LEU A 81 -1.06 3.70 11.74
N LEU A 82 -1.64 2.85 10.95
CA LEU A 82 -0.96 1.57 10.62
C LEU A 82 0.11 1.79 9.56
N ALA A 83 0.03 2.88 8.83
CA ALA A 83 1.04 3.15 7.77
C ALA A 83 0.71 4.49 7.11
N HIS A 84 1.58 4.98 6.26
CA HIS A 84 1.28 6.27 5.58
C HIS A 84 2.18 6.42 4.35
N ALA A 85 1.79 7.26 3.43
CA ALA A 85 2.59 7.47 2.19
C ALA A 85 2.42 8.91 1.71
N PHE A 86 3.37 9.42 0.97
CA PHE A 86 3.27 10.82 0.45
C PHE A 86 2.89 10.76 -1.04
N PRO A 87 2.19 11.75 -1.55
CA PRO A 87 1.80 11.74 -3.00
C PRO A 87 3.04 11.73 -3.92
N PRO A 88 2.87 11.45 -5.19
CA PRO A 88 4.03 11.43 -6.12
C PRO A 88 4.80 12.76 -6.09
N GLY A 89 6.09 12.70 -6.13
CA GLY A 89 6.89 13.95 -6.10
C GLY A 89 8.29 13.68 -6.64
N PRO A 90 9.18 14.64 -6.54
CA PRO A 90 10.57 14.46 -7.05
C PRO A 90 11.29 13.31 -6.35
N ASN A 91 11.74 13.51 -5.12
CA ASN A 91 12.47 12.43 -4.38
C ASN A 91 11.72 12.08 -3.09
N TYR A 92 11.36 13.06 -2.30
CA TYR A 92 10.64 12.77 -1.03
C TYR A 92 9.29 12.10 -1.33
N GLY A 93 8.61 12.55 -2.35
CA GLY A 93 7.29 11.95 -2.68
C GLY A 93 7.48 10.53 -3.22
N GLY A 94 6.41 9.79 -3.32
CA GLY A 94 6.54 8.40 -3.84
C GLY A 94 7.21 7.50 -2.80
N ASP A 95 6.58 7.32 -1.67
CA ASP A 95 7.19 6.45 -0.60
C ASP A 95 6.08 5.85 0.26
N ALA A 96 6.37 4.80 0.98
CA ALA A 96 5.34 4.18 1.87
C ALA A 96 6.01 3.56 3.09
N HIS A 97 5.62 3.98 4.27
CA HIS A 97 6.23 3.42 5.52
C HIS A 97 5.19 2.56 6.24
N PHE A 98 5.64 1.64 7.05
CA PHE A 98 4.72 0.74 7.82
C PHE A 98 5.15 0.75 9.28
N ASP A 99 4.23 0.70 10.21
CA ASP A 99 4.64 0.73 11.64
C ASP A 99 5.10 -0.68 12.05
N ASP A 100 6.34 -0.81 12.42
CA ASP A 100 6.86 -2.16 12.84
C ASP A 100 6.47 -2.40 14.30
N ASP A 101 5.75 -1.51 14.91
CA ASP A 101 5.37 -1.69 16.34
C ASP A 101 4.15 -2.63 16.44
N GLU A 102 3.44 -2.82 15.36
CA GLU A 102 2.24 -3.72 15.40
C GLU A 102 2.65 -5.14 15.01
N THR A 103 1.74 -6.08 15.09
CA THR A 103 2.06 -7.49 14.72
C THR A 103 1.54 -7.73 13.30
N TRP A 104 2.43 -7.79 12.35
CA TRP A 104 2.01 -8.02 10.94
C TRP A 104 1.89 -9.53 10.72
N THR A 105 0.77 -9.98 10.21
CA THR A 105 0.58 -11.44 9.98
C THR A 105 -0.21 -11.66 8.69
N SER A 106 -0.10 -12.82 8.10
CA SER A 106 -0.86 -13.12 6.86
C SER A 106 -2.16 -13.83 7.23
N SER A 107 -2.27 -14.21 8.48
CA SER A 107 -3.51 -14.90 8.95
C SER A 107 -4.49 -13.86 9.48
N SER A 108 -5.57 -14.28 10.10
CA SER A 108 -6.56 -13.30 10.63
C SER A 108 -6.16 -12.91 12.06
N LYS A 109 -5.19 -12.05 12.20
CA LYS A 109 -4.76 -11.61 13.57
C LYS A 109 -4.23 -10.17 13.48
N GLY A 110 -4.35 -9.42 14.54
CA GLY A 110 -3.85 -8.01 14.53
C GLY A 110 -4.27 -7.33 13.22
N TYR A 111 -3.39 -6.58 12.62
CA TYR A 111 -3.72 -5.88 11.33
C TYR A 111 -3.15 -6.68 10.16
N ASN A 112 -3.99 -7.14 9.28
CA ASN A 112 -3.51 -7.92 8.11
C ASN A 112 -2.65 -7.03 7.20
N LEU A 113 -1.48 -7.49 6.84
CA LEU A 113 -0.58 -6.68 5.95
C LEU A 113 -1.25 -6.38 4.59
N PHE A 114 -1.83 -7.37 3.98
CA PHE A 114 -2.46 -7.17 2.63
C PHE A 114 -3.58 -6.12 2.68
N LEU A 115 -4.42 -6.14 3.68
CA LEU A 115 -5.52 -5.13 3.74
C LEU A 115 -4.92 -3.72 3.77
N VAL A 116 -3.98 -3.49 4.66
CA VAL A 116 -3.37 -2.13 4.78
C VAL A 116 -2.57 -1.79 3.52
N ALA A 117 -1.81 -2.72 3.00
CA ALA A 117 -0.99 -2.42 1.79
C ALA A 117 -1.90 -1.95 0.64
N ALA A 118 -2.95 -2.66 0.37
CA ALA A 118 -3.86 -2.24 -0.75
C ALA A 118 -4.41 -0.84 -0.49
N HIS A 119 -4.74 -0.53 0.73
CA HIS A 119 -5.32 0.82 1.04
C HIS A 119 -4.29 1.93 0.78
N GLU A 120 -3.12 1.84 1.33
CA GLU A 120 -2.11 2.93 1.11
C GLU A 120 -1.79 3.08 -0.38
N PHE A 121 -1.64 2.00 -1.11
CA PHE A 121 -1.34 2.14 -2.55
C PHE A 121 -2.48 2.89 -3.22
N GLY A 122 -3.69 2.60 -2.85
CA GLY A 122 -4.85 3.30 -3.47
C GLY A 122 -4.66 4.81 -3.34
N HIS A 123 -4.23 5.27 -2.20
CA HIS A 123 -4.02 6.73 -2.03
C HIS A 123 -2.88 7.19 -2.95
N SER A 124 -1.86 6.39 -3.08
CA SER A 124 -0.72 6.77 -3.97
C SER A 124 -1.20 6.90 -5.41
N LEU A 125 -2.26 6.24 -5.76
CA LEU A 125 -2.78 6.32 -7.16
C LEU A 125 -3.60 7.60 -7.34
N GLY A 126 -3.74 8.39 -6.31
CA GLY A 126 -4.52 9.66 -6.42
C GLY A 126 -5.99 9.43 -6.04
N LEU A 127 -6.32 8.29 -5.51
CA LEU A 127 -7.73 8.03 -5.12
C LEU A 127 -8.00 8.60 -3.74
N ASP A 128 -9.22 9.02 -3.48
CA ASP A 128 -9.57 9.60 -2.15
C ASP A 128 -10.27 8.53 -1.31
N HIS A 129 -10.48 8.78 -0.04
CA HIS A 129 -11.16 7.77 0.81
C HIS A 129 -12.56 7.50 0.26
N SER A 130 -12.97 6.26 0.27
CA SER A 130 -14.33 5.91 -0.24
C SER A 130 -15.30 5.84 0.93
N LYS A 131 -16.59 6.02 0.68
CA LYS A 131 -17.59 5.98 1.80
C LYS A 131 -18.25 4.60 1.82
N ASP A 132 -17.82 3.70 0.97
CA ASP A 132 -18.44 2.33 0.95
C ASP A 132 -17.70 1.45 1.99
N PRO A 133 -18.40 0.76 2.88
CA PRO A 133 -17.70 -0.10 3.89
C PRO A 133 -16.99 -1.32 3.26
N GLY A 134 -17.49 -1.81 2.14
CA GLY A 134 -16.84 -3.00 1.51
C GLY A 134 -15.67 -2.57 0.63
N ALA A 135 -15.42 -1.29 0.51
CA ALA A 135 -14.29 -0.82 -0.35
C ALA A 135 -13.00 -0.79 0.46
N LEU A 136 -11.88 -1.06 -0.16
CA LEU A 136 -10.59 -1.04 0.58
C LEU A 136 -10.23 0.40 0.94
N MET A 137 -10.64 1.35 0.15
CA MET A 137 -10.31 2.79 0.45
C MET A 137 -11.16 3.28 1.63
N PHE A 138 -11.87 2.41 2.28
CA PHE A 138 -12.71 2.85 3.44
C PHE A 138 -11.78 3.25 4.61
N PRO A 139 -11.99 4.40 5.25
CA PRO A 139 -11.08 4.86 6.35
C PRO A 139 -11.04 3.94 7.60
N ILE A 140 -11.54 2.73 7.52
CA ILE A 140 -11.49 1.82 8.72
C ILE A 140 -10.95 0.46 8.30
N TYR A 141 -10.09 -0.12 9.10
CA TYR A 141 -9.50 -1.44 8.75
C TYR A 141 -10.54 -2.55 8.93
N THR A 142 -10.72 -3.35 7.91
CA THR A 142 -11.71 -4.47 8.00
C THR A 142 -11.09 -5.74 7.40
N TYR A 143 -11.28 -6.86 8.04
CA TYR A 143 -10.71 -8.13 7.51
C TYR A 143 -11.67 -8.73 6.48
N THR A 144 -11.14 -9.32 5.44
CA THR A 144 -12.03 -9.94 4.39
C THR A 144 -11.43 -11.25 3.92
N GLY A 145 -12.25 -12.17 3.49
CA GLY A 145 -11.71 -13.48 3.01
C GLY A 145 -10.95 -13.25 1.70
N LYS A 146 -9.65 -13.36 1.73
CA LYS A 146 -8.86 -13.13 0.49
C LYS A 146 -9.05 -14.32 -0.46
N SER A 147 -9.44 -14.06 -1.67
CA SER A 147 -9.64 -15.17 -2.65
C SER A 147 -10.02 -14.57 -4.00
N HIS A 148 -11.30 -14.46 -4.27
CA HIS A 148 -11.76 -13.89 -5.56
C HIS A 148 -12.13 -12.42 -5.34
N PHE A 149 -11.65 -11.85 -4.28
CA PHE A 149 -11.96 -10.42 -3.99
C PHE A 149 -11.45 -9.53 -5.13
N MET A 150 -12.26 -8.60 -5.57
CA MET A 150 -11.85 -7.69 -6.67
C MET A 150 -12.28 -6.27 -6.33
N LEU A 151 -11.56 -5.28 -6.78
CA LEU A 151 -11.94 -3.87 -6.46
C LEU A 151 -13.45 -3.69 -6.74
N PRO A 152 -14.26 -3.22 -5.78
CA PRO A 152 -15.70 -3.04 -6.06
C PRO A 152 -15.98 -2.01 -7.16
N ASP A 153 -17.21 -1.84 -7.54
CA ASP A 153 -17.54 -0.86 -8.61
C ASP A 153 -17.10 0.54 -8.18
N ASP A 154 -17.29 0.87 -6.93
CA ASP A 154 -16.89 2.22 -6.45
C ASP A 154 -15.41 2.47 -6.76
N ASP A 155 -14.56 1.55 -6.39
CA ASP A 155 -13.10 1.73 -6.65
C ASP A 155 -12.81 1.64 -8.15
N VAL A 156 -13.45 0.73 -8.84
CA VAL A 156 -13.18 0.60 -10.30
C VAL A 156 -13.53 1.92 -10.99
N GLN A 157 -14.67 2.47 -10.68
CA GLN A 157 -15.06 3.76 -11.31
C GLN A 157 -14.04 4.86 -10.99
N GLY A 158 -13.54 4.88 -9.79
CA GLY A 158 -12.55 5.94 -9.41
C GLY A 158 -11.23 5.75 -10.14
N ILE A 159 -10.61 4.60 -10.03
CA ILE A 159 -9.31 4.39 -10.72
C ILE A 159 -9.50 4.55 -12.23
N GLN A 160 -10.58 4.07 -12.76
CA GLN A 160 -10.81 4.22 -14.23
C GLN A 160 -10.99 5.69 -14.59
N SER A 161 -11.68 6.44 -13.77
CA SER A 161 -11.88 7.89 -14.06
C SER A 161 -10.54 8.61 -14.15
N LEU A 162 -9.57 8.21 -13.38
CA LEU A 162 -8.24 8.92 -13.42
C LEU A 162 -7.35 8.36 -14.53
N TYR A 163 -7.10 7.07 -14.54
CA TYR A 163 -6.21 6.50 -15.59
C TYR A 163 -7.03 6.06 -16.81
N GLY A 164 -8.33 6.07 -16.72
CA GLY A 164 -9.17 5.66 -17.88
C GLY A 164 -9.48 4.17 -17.79
ZN ZN B . -6.45 6.37 3.97
ZN ZN C . 6.98 6.23 8.21
CA CA D . 0.18 3.04 15.05
C1 WAY E . -5.58 7.14 8.99
C2 WAY E . -5.24 7.88 7.76
CF2 WAY E . -4.74 9.25 7.88
CH WAY E . -4.59 9.88 9.17
CF1 WAY E . -4.92 9.15 10.37
C6 WAY E . -5.42 7.78 10.30
C10 WAY E . -5.34 7.38 6.37
O11 WAY E . -6.43 7.23 5.81
N12 WAY E . -4.26 6.92 5.73
O13 WAY E . -4.46 6.32 4.48
CE WAY E . -5.76 7.09 11.61
N20 WAY E . -6.06 5.84 8.96
S21 WAY E . -5.02 4.59 9.28
CD WAY E . -7.52 5.63 8.82
CK WAY E . -9.01 3.96 12.02
CM WAY E . -9.68 5.10 12.56
N25 WAY E . -9.66 6.35 11.94
CJ WAY E . -8.96 6.50 10.74
C27 WAY E . -8.25 5.42 10.11
CI WAY E . -8.29 4.14 10.78
C35 WAY E . -5.35 3.23 8.17
CC1 WAY E . -4.58 3.10 6.94
CB1 WAY E . -4.85 1.99 6.03
C38 WAY E . -5.89 1.01 6.33
CB2 WAY E . -6.66 1.19 7.59
CC2 WAY E . -6.39 2.28 8.49
O45 WAY E . -6.11 -0.05 5.39
CA WAY E . -7.09 -1.08 5.57
O50 WAY E . -5.32 4.12 10.60
O51 WAY E . -3.68 5.02 9.00
HF2 WAY E . -4.48 9.80 6.99
HH WAY E . -4.21 10.89 9.23
HF1 WAY E . -4.80 9.64 11.33
H14 WAY E . -3.35 7.01 6.14
H15 WAY E . -3.66 6.39 3.96
HE1 WAY E . -6.06 6.06 11.44
HE2 WAY E . -6.57 7.60 12.12
HE3 WAY E . -4.89 7.07 12.27
HD1 WAY E . -7.66 4.76 8.18
HD2 WAY E . -7.92 6.50 8.30
HK WAY E . -9.03 3.01 12.51
HL WAY E . -10.22 5.00 13.50
HJ WAY E . -8.94 7.46 10.25
HI WAY E . -7.77 3.29 10.34
HC1 WAY E . -3.81 3.82 6.72
HB1 WAY E . -4.26 1.91 5.14
HB2 WAY E . -7.44 0.49 7.86
HC2 WAY E . -6.95 2.41 9.41
HA1 WAY E . -7.09 -1.77 4.74
HA2 WAY E . -8.09 -0.64 5.64
HA3 WAY E . -6.91 -1.63 6.49
N THR A 7 -7.93 13.45 -9.09
CA THR A 7 -7.25 14.54 -9.84
C THR A 7 -5.76 14.23 -9.95
N LEU A 8 -5.08 14.16 -8.84
CA LEU A 8 -3.62 13.86 -8.88
C LEU A 8 -3.41 12.42 -9.35
N LYS A 9 -2.43 12.22 -10.19
CA LYS A 9 -2.17 10.83 -10.69
C LYS A 9 -0.78 10.79 -11.33
N TRP A 10 -0.29 9.61 -11.60
CA TRP A 10 1.06 9.51 -12.22
C TRP A 10 0.99 9.96 -13.67
N SER A 11 1.99 10.65 -14.15
CA SER A 11 1.98 11.12 -15.56
C SER A 11 2.59 10.07 -16.48
N LYS A 12 2.94 8.94 -15.95
CA LYS A 12 3.55 7.86 -16.79
C LYS A 12 3.09 6.50 -16.30
N MET A 13 3.08 5.51 -17.17
CA MET A 13 2.62 4.15 -16.76
C MET A 13 3.83 3.34 -16.27
N ASN A 14 4.99 3.92 -16.26
CA ASN A 14 6.20 3.18 -15.80
C ASN A 14 6.47 3.50 -14.33
N LEU A 15 6.60 2.49 -13.52
CA LEU A 15 6.86 2.71 -12.06
C LEU A 15 7.82 1.62 -11.56
N THR A 16 8.63 1.94 -10.58
CA THR A 16 9.60 0.93 -10.03
C THR A 16 9.52 0.97 -8.51
N TYR A 17 9.87 -0.10 -7.84
CA TYR A 17 9.82 -0.09 -6.34
C TYR A 17 10.91 -0.99 -5.74
N ARG A 18 11.23 -0.76 -4.50
CA ARG A 18 12.29 -1.56 -3.81
C ARG A 18 11.91 -1.74 -2.34
N ILE A 19 12.05 -2.94 -1.80
CA ILE A 19 11.73 -3.15 -0.35
C ILE A 19 13.00 -2.91 0.47
N VAL A 20 12.99 -1.95 1.36
CA VAL A 20 14.21 -1.70 2.19
C VAL A 20 14.41 -2.87 3.15
N ASN A 21 13.36 -3.36 3.72
CA ASN A 21 13.52 -4.51 4.66
C ASN A 21 12.18 -5.19 4.89
N TYR A 22 12.22 -6.37 5.42
CA TYR A 22 10.98 -7.11 5.73
C TYR A 22 10.76 -7.01 7.23
N THR A 23 9.97 -7.86 7.80
CA THR A 23 9.71 -7.78 9.26
C THR A 23 9.98 -9.14 9.94
N PRO A 24 10.37 -9.17 11.21
CA PRO A 24 10.59 -10.46 11.93
C PRO A 24 9.26 -11.17 12.16
N ASP A 25 8.20 -10.44 11.99
CA ASP A 25 6.84 -11.00 12.17
C ASP A 25 6.61 -12.18 11.21
N MET A 26 7.09 -12.07 9.99
CA MET A 26 6.90 -13.18 9.00
C MET A 26 8.17 -13.33 8.18
N THR A 27 8.27 -14.41 7.44
CA THR A 27 9.49 -14.63 6.61
C THR A 27 9.47 -13.66 5.43
N HIS A 28 10.61 -13.42 4.84
CA HIS A 28 10.68 -12.48 3.69
C HIS A 28 9.79 -12.98 2.55
N SER A 29 9.77 -14.26 2.31
CA SER A 29 8.94 -14.80 1.19
C SER A 29 7.46 -14.46 1.42
N GLU A 30 6.99 -14.55 2.62
CA GLU A 30 5.56 -14.24 2.89
C GLU A 30 5.30 -12.74 2.62
N VAL A 31 6.21 -11.90 3.00
CA VAL A 31 6.02 -10.44 2.78
C VAL A 31 6.10 -10.11 1.28
N GLU A 32 7.03 -10.70 0.56
CA GLU A 32 7.16 -10.40 -0.90
C GLU A 32 5.87 -10.74 -1.63
N LYS A 33 5.33 -11.92 -1.43
CA LYS A 33 4.08 -12.29 -2.13
C LYS A 33 2.95 -11.35 -1.73
N ALA A 34 2.96 -10.88 -0.51
CA ALA A 34 1.88 -9.95 -0.06
C ALA A 34 1.86 -8.70 -0.94
N PHE A 35 2.99 -8.06 -1.11
CA PHE A 35 3.02 -6.83 -1.96
C PHE A 35 2.69 -7.19 -3.41
N LYS A 36 3.19 -8.31 -3.88
CA LYS A 36 2.89 -8.70 -5.29
C LYS A 36 1.39 -8.83 -5.50
N LYS A 37 0.69 -9.43 -4.57
CA LYS A 37 -0.79 -9.58 -4.74
C LYS A 37 -1.42 -8.19 -4.84
N ALA A 38 -0.96 -7.25 -4.05
CA ALA A 38 -1.55 -5.88 -4.10
C ALA A 38 -1.35 -5.29 -5.49
N PHE A 39 -0.20 -5.44 -6.08
CA PHE A 39 0.02 -4.88 -7.43
C PHE A 39 -0.88 -5.58 -8.45
N LYS A 40 -1.03 -6.87 -8.32
CA LYS A 40 -1.90 -7.61 -9.29
C LYS A 40 -3.33 -7.07 -9.24
N VAL A 41 -3.88 -6.92 -8.07
CA VAL A 41 -5.28 -6.41 -7.96
C VAL A 41 -5.38 -5.02 -8.60
N TRP A 42 -4.39 -4.17 -8.40
CA TRP A 42 -4.46 -2.81 -8.99
C TRP A 42 -4.02 -2.84 -10.45
N SER A 43 -3.07 -3.67 -10.79
CA SER A 43 -2.62 -3.74 -12.21
C SER A 43 -3.71 -4.37 -13.06
N ASP A 44 -4.58 -5.14 -12.46
CA ASP A 44 -5.68 -5.80 -13.24
C ASP A 44 -6.56 -4.74 -13.92
N VAL A 45 -6.85 -3.66 -13.25
CA VAL A 45 -7.73 -2.60 -13.85
C VAL A 45 -6.93 -1.33 -14.13
N THR A 46 -5.64 -1.42 -14.33
CA THR A 46 -4.83 -0.19 -14.62
C THR A 46 -3.63 -0.55 -15.53
N PRO A 47 -3.38 0.18 -16.61
CA PRO A 47 -2.23 -0.14 -17.49
C PRO A 47 -0.88 0.24 -16.85
N LEU A 48 -0.84 0.38 -15.55
CA LEU A 48 0.43 0.74 -14.87
C LEU A 48 1.43 -0.41 -14.99
N ASN A 49 2.67 -0.10 -15.24
CA ASN A 49 3.73 -1.15 -15.37
C ASN A 49 4.63 -1.10 -14.13
N PHE A 50 4.72 -2.17 -13.39
CA PHE A 50 5.58 -2.19 -12.16
C PHE A 50 6.84 -3.02 -12.40
N THR A 51 7.99 -2.45 -12.15
CA THR A 51 9.28 -3.19 -12.34
C THR A 51 10.03 -3.27 -11.01
N ARG A 52 10.46 -4.44 -10.63
CA ARG A 52 11.20 -4.59 -9.34
C ARG A 52 12.68 -4.24 -9.53
N LEU A 53 13.25 -3.50 -8.62
CA LEU A 53 14.71 -3.13 -8.73
C LEU A 53 15.50 -3.86 -7.64
N HIS A 54 16.55 -4.54 -8.01
CA HIS A 54 17.36 -5.28 -7.00
C HIS A 54 18.10 -4.28 -6.11
N ASP A 55 18.61 -3.21 -6.68
CA ASP A 55 19.35 -2.21 -5.86
C ASP A 55 19.18 -0.80 -6.44
N GLY A 56 19.58 0.21 -5.71
CA GLY A 56 19.45 1.62 -6.21
C GLY A 56 18.19 2.26 -5.63
N ILE A 57 17.88 3.46 -6.05
CA ILE A 57 16.67 4.17 -5.52
C ILE A 57 15.51 3.91 -6.46
N ALA A 58 14.36 3.57 -5.93
CA ALA A 58 13.16 3.31 -6.79
C ALA A 58 12.12 4.40 -6.57
N ASP A 59 11.18 4.52 -7.48
CA ASP A 59 10.13 5.57 -7.32
C ASP A 59 9.38 5.34 -6.01
N ILE A 60 8.94 4.12 -5.77
CA ILE A 60 8.21 3.81 -4.50
C ILE A 60 9.04 2.86 -3.64
N MET A 61 9.60 3.33 -2.56
CA MET A 61 10.41 2.45 -1.67
C MET A 61 9.59 2.06 -0.43
N ILE A 62 9.57 0.80 -0.09
CA ILE A 62 8.79 0.34 1.10
C ILE A 62 9.73 0.09 2.28
N SER A 63 9.35 0.49 3.46
CA SER A 63 10.22 0.27 4.65
C SER A 63 9.36 0.20 5.92
N PHE A 64 9.86 -0.43 6.95
CA PHE A 64 9.07 -0.54 8.22
C PHE A 64 9.62 0.48 9.21
N GLY A 65 8.77 1.32 9.74
CA GLY A 65 9.21 2.37 10.70
C GLY A 65 8.81 2.00 12.13
N ILE A 66 9.47 2.55 13.10
CA ILE A 66 9.16 2.26 14.53
C ILE A 66 8.55 3.51 15.16
N LYS A 67 8.24 3.45 16.43
CA LYS A 67 7.64 4.62 17.14
C LYS A 67 8.27 5.93 16.64
N GLU A 68 9.45 6.26 17.10
CA GLU A 68 10.10 7.51 16.66
C GLU A 68 10.60 7.37 15.21
N HIS A 69 10.21 8.27 14.35
CA HIS A 69 10.65 8.20 12.91
C HIS A 69 11.81 9.20 12.71
N GLY A 70 12.16 9.92 13.73
CA GLY A 70 13.26 10.91 13.57
C GLY A 70 12.71 12.17 12.89
N ASP A 71 11.40 12.22 12.71
CA ASP A 71 10.76 13.40 12.06
C ASP A 71 9.58 13.85 12.91
N PHE A 72 9.00 14.99 12.61
CA PHE A 72 7.84 15.46 13.41
C PHE A 72 6.60 14.63 13.07
N TYR A 73 6.76 13.34 12.96
CA TYR A 73 5.59 12.45 12.63
C TYR A 73 5.58 11.25 13.61
N PRO A 74 5.19 11.46 14.84
CA PRO A 74 5.17 10.36 15.85
C PRO A 74 3.92 9.47 15.70
N PHE A 75 4.05 8.20 15.98
CA PHE A 75 2.88 7.27 15.88
C PHE A 75 2.24 7.18 17.26
N ASP A 76 1.07 6.59 17.35
CA ASP A 76 0.37 6.49 18.68
C ASP A 76 0.57 5.11 19.30
N GLY A 77 1.45 4.30 18.76
CA GLY A 77 1.68 2.93 19.36
C GLY A 77 1.15 1.86 18.40
N PRO A 78 0.71 0.71 18.91
CA PRO A 78 0.17 -0.37 18.01
C PRO A 78 -1.02 0.09 17.17
N SER A 79 -2.13 0.40 17.79
CA SER A 79 -3.32 0.84 17.01
C SER A 79 -3.12 2.28 16.53
N GLY A 80 -3.84 2.68 15.51
CA GLY A 80 -3.70 4.09 14.98
C GLY A 80 -3.17 4.04 13.54
N LEU A 81 -2.14 4.79 13.27
CA LEU A 81 -1.57 4.80 11.89
C LEU A 81 -0.91 3.46 11.60
N LEU A 82 -1.53 2.64 10.79
CA LEU A 82 -0.93 1.32 10.48
C LEU A 82 0.17 1.52 9.42
N ALA A 83 0.06 2.58 8.66
CA ALA A 83 1.08 2.87 7.62
C ALA A 83 0.68 4.17 6.92
N HIS A 84 1.54 4.72 6.09
CA HIS A 84 1.17 5.98 5.41
C HIS A 84 2.08 6.22 4.21
N ALA A 85 1.68 7.07 3.29
CA ALA A 85 2.51 7.34 2.09
C ALA A 85 2.34 8.80 1.68
N PHE A 86 3.24 9.34 0.89
CA PHE A 86 3.12 10.77 0.44
C PHE A 86 2.60 10.81 -1.00
N PRO A 87 1.91 11.88 -1.40
CA PRO A 87 1.39 11.97 -2.79
C PRO A 87 2.47 11.67 -3.85
N PRO A 88 2.08 11.47 -5.09
CA PRO A 88 3.06 11.19 -6.18
C PRO A 88 4.04 12.36 -6.39
N GLY A 89 4.97 12.53 -5.48
CA GLY A 89 5.96 13.63 -5.61
C GLY A 89 7.16 13.12 -6.41
N PRO A 90 8.24 13.87 -6.43
CA PRO A 90 9.46 13.45 -7.17
C PRO A 90 9.98 12.06 -6.74
N ASN A 91 11.27 11.86 -6.79
CA ASN A 91 11.85 10.55 -6.39
C ASN A 91 11.50 10.24 -4.93
N TYR A 92 11.54 11.22 -4.07
CA TYR A 92 11.21 10.96 -2.65
C TYR A 92 9.71 10.69 -2.52
N GLY A 93 8.90 11.39 -3.26
CA GLY A 93 7.42 11.17 -3.18
C GLY A 93 7.11 9.72 -3.53
N GLY A 94 5.89 9.30 -3.30
CA GLY A 94 5.51 7.90 -3.63
C GLY A 94 6.13 6.93 -2.62
N ASP A 95 6.59 7.41 -1.50
CA ASP A 95 7.20 6.50 -0.49
C ASP A 95 6.10 5.81 0.32
N ALA A 96 6.44 4.78 1.05
CA ALA A 96 5.42 4.05 1.86
C ALA A 96 6.08 3.51 3.13
N HIS A 97 5.55 3.88 4.27
CA HIS A 97 6.13 3.40 5.57
C HIS A 97 5.14 2.46 6.27
N PHE A 98 5.64 1.58 7.10
CA PHE A 98 4.75 0.63 7.85
C PHE A 98 5.18 0.62 9.32
N ASP A 99 4.27 0.39 10.22
CA ASP A 99 4.64 0.38 11.67
C ASP A 99 5.30 -0.96 12.03
N ASP A 100 6.50 -0.91 12.56
CA ASP A 100 7.18 -2.17 12.95
C ASP A 100 6.75 -2.59 14.37
N ASP A 101 6.04 -1.72 15.05
CA ASP A 101 5.58 -2.05 16.44
C ASP A 101 4.27 -2.84 16.38
N GLU A 102 3.66 -2.91 15.22
CA GLU A 102 2.38 -3.65 15.09
C GLU A 102 2.64 -5.11 14.72
N THR A 103 1.62 -5.94 14.77
CA THR A 103 1.82 -7.38 14.42
C THR A 103 1.34 -7.63 12.99
N TRP A 104 2.26 -7.79 12.09
CA TRP A 104 1.89 -8.03 10.66
C TRP A 104 1.73 -9.54 10.44
N THR A 105 0.59 -9.96 9.97
CA THR A 105 0.37 -11.43 9.73
C THR A 105 -0.42 -11.63 8.43
N SER A 106 -0.27 -12.78 7.83
CA SER A 106 -1.01 -13.07 6.57
C SER A 106 -2.31 -13.78 6.93
N SER A 107 -2.47 -14.14 8.18
CA SER A 107 -3.71 -14.83 8.62
C SER A 107 -4.70 -13.77 9.13
N SER A 108 -5.88 -14.17 9.51
CA SER A 108 -6.87 -13.17 10.01
C SER A 108 -6.55 -12.81 11.47
N LYS A 109 -5.54 -12.01 11.69
CA LYS A 109 -5.16 -11.62 13.07
C LYS A 109 -4.60 -10.19 13.05
N GLY A 110 -4.79 -9.44 14.11
CA GLY A 110 -4.27 -8.04 14.13
C GLY A 110 -4.61 -7.33 12.82
N TYR A 111 -3.69 -6.56 12.29
CA TYR A 111 -3.95 -5.85 11.00
C TYR A 111 -3.29 -6.63 9.86
N ASN A 112 -4.08 -7.16 8.96
CA ASN A 112 -3.49 -7.92 7.83
C ASN A 112 -2.64 -6.99 6.96
N LEU A 113 -1.46 -7.41 6.61
CA LEU A 113 -0.56 -6.57 5.77
C LEU A 113 -1.22 -6.22 4.43
N PHE A 114 -1.81 -7.20 3.78
CA PHE A 114 -2.43 -6.93 2.45
C PHE A 114 -3.53 -5.85 2.57
N LEU A 115 -4.35 -5.92 3.58
CA LEU A 115 -5.43 -4.89 3.72
C LEU A 115 -4.81 -3.50 3.82
N VAL A 116 -3.85 -3.33 4.69
CA VAL A 116 -3.21 -1.99 4.84
C VAL A 116 -2.40 -1.66 3.59
N ALA A 117 -1.69 -2.61 3.05
CA ALA A 117 -0.86 -2.34 1.84
C ALA A 117 -1.76 -1.84 0.69
N ALA A 118 -2.82 -2.53 0.41
CA ALA A 118 -3.71 -2.10 -0.69
C ALA A 118 -4.25 -0.70 -0.42
N HIS A 119 -4.57 -0.39 0.80
CA HIS A 119 -5.13 0.96 1.12
C HIS A 119 -4.09 2.06 0.83
N GLU A 120 -2.88 1.93 1.32
CA GLU A 120 -1.88 3.01 1.06
C GLU A 120 -1.66 3.17 -0.45
N PHE A 121 -1.52 2.10 -1.18
CA PHE A 121 -1.33 2.23 -2.66
C PHE A 121 -2.54 2.95 -3.24
N GLY A 122 -3.72 2.64 -2.78
CA GLY A 122 -4.92 3.32 -3.32
C GLY A 122 -4.74 4.83 -3.23
N HIS A 123 -4.24 5.31 -2.13
CA HIS A 123 -4.02 6.78 -2.01
C HIS A 123 -2.93 7.22 -3.00
N SER A 124 -1.90 6.42 -3.14
CA SER A 124 -0.81 6.78 -4.09
C SER A 124 -1.38 6.85 -5.51
N LEU A 125 -2.48 6.21 -5.76
CA LEU A 125 -3.07 6.24 -7.12
C LEU A 125 -3.89 7.52 -7.30
N GLY A 126 -4.01 8.32 -6.26
CA GLY A 126 -4.79 9.59 -6.37
C GLY A 126 -6.24 9.36 -5.95
N LEU A 127 -6.57 8.21 -5.43
CA LEU A 127 -7.98 7.96 -5.00
C LEU A 127 -8.17 8.47 -3.58
N ASP A 128 -9.34 8.96 -3.27
CA ASP A 128 -9.61 9.49 -1.90
C ASP A 128 -10.36 8.43 -1.08
N HIS A 129 -10.59 8.69 0.18
CA HIS A 129 -11.31 7.71 1.04
C HIS A 129 -12.71 7.46 0.47
N SER A 130 -13.14 6.22 0.41
CA SER A 130 -14.50 5.91 -0.13
C SER A 130 -15.48 5.74 1.04
N LYS A 131 -16.75 5.93 0.80
CA LYS A 131 -17.75 5.76 1.91
C LYS A 131 -18.37 4.37 1.84
N ASP A 132 -17.96 3.56 0.90
CA ASP A 132 -18.52 2.19 0.79
C ASP A 132 -17.75 1.26 1.76
N PRO A 133 -18.42 0.48 2.60
CA PRO A 133 -17.68 -0.40 3.55
C PRO A 133 -16.98 -1.57 2.84
N GLY A 134 -17.41 -1.90 1.65
CA GLY A 134 -16.77 -3.04 0.92
C GLY A 134 -15.58 -2.52 0.11
N ALA A 135 -15.37 -1.23 0.09
CA ALA A 135 -14.22 -0.66 -0.67
C ALA A 135 -12.97 -0.66 0.22
N LEU A 136 -11.82 -0.87 -0.34
CA LEU A 136 -10.57 -0.89 0.48
C LEU A 136 -10.26 0.54 0.95
N MET A 137 -10.62 1.53 0.17
CA MET A 137 -10.34 2.95 0.55
C MET A 137 -11.22 3.35 1.73
N PHE A 138 -11.84 2.41 2.39
CA PHE A 138 -12.71 2.75 3.55
C PHE A 138 -11.81 3.27 4.70
N PRO A 139 -12.15 4.36 5.37
CA PRO A 139 -11.27 4.91 6.46
C PRO A 139 -11.11 3.96 7.66
N ILE A 140 -11.98 2.99 7.82
CA ILE A 140 -11.85 2.04 8.98
C ILE A 140 -11.26 0.71 8.51
N TYR A 141 -10.41 0.12 9.31
CA TYR A 141 -9.78 -1.18 8.92
C TYR A 141 -10.78 -2.32 9.07
N THR A 142 -10.99 -3.08 8.01
CA THR A 142 -11.95 -4.24 8.07
C THR A 142 -11.30 -5.47 7.43
N TYR A 143 -11.44 -6.62 8.03
CA TYR A 143 -10.84 -7.84 7.41
C TYR A 143 -11.76 -8.33 6.29
N THR A 144 -11.20 -8.84 5.22
CA THR A 144 -12.03 -9.30 4.08
C THR A 144 -11.45 -10.60 3.51
N GLY A 145 -12.28 -11.43 2.94
CA GLY A 145 -11.77 -12.71 2.37
C GLY A 145 -10.96 -12.42 1.11
N LYS A 146 -9.67 -12.50 1.18
CA LYS A 146 -8.80 -12.22 0.00
C LYS A 146 -8.81 -13.42 -0.95
N SER A 147 -9.54 -14.45 -0.61
CA SER A 147 -9.56 -15.66 -1.47
C SER A 147 -10.08 -15.27 -2.87
N HIS A 148 -11.06 -14.43 -2.95
CA HIS A 148 -11.61 -14.01 -4.27
C HIS A 148 -12.01 -12.54 -4.23
N PHE A 149 -11.33 -11.76 -3.42
CA PHE A 149 -11.69 -10.32 -3.32
C PHE A 149 -11.31 -9.59 -4.62
N MET A 150 -12.15 -8.71 -5.08
CA MET A 150 -11.85 -7.95 -6.33
C MET A 150 -12.28 -6.50 -6.13
N LEU A 151 -11.58 -5.57 -6.71
CA LEU A 151 -11.97 -4.14 -6.53
C LEU A 151 -13.46 -3.99 -6.87
N PRO A 152 -14.27 -3.38 -6.01
CA PRO A 152 -15.72 -3.22 -6.33
C PRO A 152 -15.97 -2.23 -7.49
N ASP A 153 -17.19 -2.05 -7.87
CA ASP A 153 -17.52 -1.10 -8.98
C ASP A 153 -17.11 0.33 -8.59
N ASP A 154 -17.34 0.70 -7.36
CA ASP A 154 -16.99 2.08 -6.92
C ASP A 154 -15.50 2.35 -7.19
N ASP A 155 -14.65 1.45 -6.80
CA ASP A 155 -13.18 1.66 -7.04
C ASP A 155 -12.89 1.55 -8.55
N VAL A 156 -13.51 0.61 -9.23
CA VAL A 156 -13.25 0.47 -10.69
C VAL A 156 -13.64 1.78 -11.40
N GLN A 157 -14.79 2.29 -11.11
CA GLN A 157 -15.23 3.56 -11.76
C GLN A 157 -14.24 4.69 -11.43
N GLY A 158 -13.77 4.75 -10.22
CA GLY A 158 -12.83 5.85 -9.83
C GLY A 158 -11.45 5.67 -10.47
N ILE A 159 -10.83 4.54 -10.26
CA ILE A 159 -9.47 4.31 -10.84
C ILE A 159 -9.53 4.43 -12.37
N GLN A 160 -10.56 3.91 -12.97
CA GLN A 160 -10.68 3.98 -14.45
C GLN A 160 -10.83 5.45 -14.87
N SER A 161 -11.57 6.22 -14.12
CA SER A 161 -11.76 7.65 -14.47
C SER A 161 -10.41 8.39 -14.47
N LEU A 162 -9.50 8.01 -13.61
CA LEU A 162 -8.18 8.73 -13.57
C LEU A 162 -7.22 8.15 -14.60
N TYR A 163 -7.02 6.86 -14.60
CA TYR A 163 -6.07 6.23 -15.57
C TYR A 163 -6.81 5.82 -16.85
N GLY A 164 -8.11 5.91 -16.86
CA GLY A 164 -8.88 5.52 -18.09
C GLY A 164 -9.22 4.03 -18.01
ZN ZN B . -6.46 6.47 4.09
ZN ZN C . 6.69 6.14 8.24
CA CA D . -0.38 2.90 14.90
C1 WAY E . -5.63 6.89 9.36
C2 WAY E . -5.30 7.77 8.20
CF2 WAY E . -4.83 9.12 8.46
CH WAY E . -4.68 9.63 9.80
CF1 WAY E . -5.00 8.78 10.93
C6 WAY E . -5.47 7.42 10.73
C10 WAY E . -5.40 7.40 6.77
O11 WAY E . -6.23 7.92 6.02
N12 WAY E . -4.48 6.59 6.22
O13 WAY E . -4.55 6.41 4.83
CE WAY E . -5.77 6.59 11.95
N20 WAY E . -6.08 5.60 9.20
S21 WAY E . -4.99 4.35 9.42
CD WAY E . -7.52 5.37 9.03
CK WAY E . -9.87 5.75 12.14
CM WAY E . -9.68 4.46 12.71
N25 WAY E . -8.85 3.50 12.13
CJ WAY E . -8.16 3.81 10.95
C27 WAY E . -8.28 5.08 10.31
CI WAY E . -9.14 6.06 10.92
C35 WAY E . -5.36 3.03 8.28
CC1 WAY E . -4.47 2.78 7.16
CB1 WAY E . -4.76 1.69 6.23
C38 WAY E . -5.93 0.85 6.41
CB2 WAY E . -6.82 1.11 7.57
CC2 WAY E . -6.53 2.19 8.49
O45 WAY E . -6.16 -0.21 5.45
CA WAY E . -7.27 -1.12 5.51
O50 WAY E . -5.23 3.82 10.74
O51 WAY E . -3.68 4.81 9.10
HF2 WAY E . -4.59 9.77 7.62
HH WAY E . -4.33 10.64 9.96
HF1 WAY E . -4.87 9.17 11.93
H14 WAY E . -3.79 6.14 6.79
H15 WAY E . -5.04 7.13 4.45
HE1 WAY E . -6.85 6.59 12.17
HE2 WAY E . -5.27 6.98 12.82
HE3 WAY E . -5.47 5.55 11.82
HD1 WAY E . -7.64 4.53 8.35
HD2 WAY E . -7.94 6.25 8.55
HK WAY E . -10.51 6.49 12.60
HL WAY E . -10.21 4.21 13.63
HJ WAY E . -7.52 3.08 10.50
HI WAY E . -9.26 7.04 10.47
HC1 WAY E . -3.60 3.40 7.02
HB1 WAY E . -4.09 1.53 5.40
HB2 WAY E . -7.70 0.50 7.74
HC2 WAY E . -7.17 2.40 9.34
HA1 WAY E . -7.24 -1.82 4.69
HA2 WAY E . -8.21 -0.57 5.46
HA3 WAY E . -7.25 -1.68 6.46
N THR A 7 -7.91 13.57 -11.23
CA THR A 7 -7.16 14.72 -10.66
C THR A 7 -5.66 14.39 -10.67
N LEU A 8 -5.04 14.34 -9.52
CA LEU A 8 -3.58 14.03 -9.48
C LEU A 8 -3.33 12.66 -10.08
N LYS A 9 -2.28 12.50 -10.85
CA LYS A 9 -1.99 11.17 -11.46
C LYS A 9 -0.51 11.12 -11.88
N TRP A 10 0.03 9.95 -12.05
CA TRP A 10 1.46 9.84 -12.47
C TRP A 10 1.57 10.17 -13.95
N SER A 11 2.44 11.09 -14.31
CA SER A 11 2.59 11.43 -15.76
C SER A 11 3.24 10.25 -16.48
N LYS A 12 4.18 9.61 -15.84
CA LYS A 12 4.85 8.43 -16.47
C LYS A 12 4.06 7.18 -16.09
N MET A 13 3.82 6.31 -17.03
CA MET A 13 3.02 5.08 -16.73
C MET A 13 3.93 3.95 -16.28
N ASN A 14 5.22 4.20 -16.24
CA ASN A 14 6.17 3.15 -15.77
C ASN A 14 6.49 3.42 -14.30
N LEU A 15 6.45 2.41 -13.46
CA LEU A 15 6.74 2.63 -12.01
C LEU A 15 7.58 1.46 -11.49
N THR A 16 8.40 1.72 -10.50
CA THR A 16 9.26 0.65 -9.91
C THR A 16 9.21 0.76 -8.40
N TYR A 17 9.49 -0.31 -7.70
CA TYR A 17 9.45 -0.25 -6.19
C TYR A 17 10.51 -1.17 -5.60
N ARG A 18 10.88 -0.93 -4.37
CA ARG A 18 11.92 -1.79 -3.73
C ARG A 18 11.58 -1.96 -2.25
N ILE A 19 11.67 -3.16 -1.74
CA ILE A 19 11.36 -3.40 -0.30
C ILE A 19 12.64 -3.16 0.52
N VAL A 20 12.60 -2.22 1.43
CA VAL A 20 13.81 -1.93 2.25
C VAL A 20 14.07 -3.11 3.20
N ASN A 21 13.05 -3.68 3.77
CA ASN A 21 13.32 -4.79 4.69
C ASN A 21 12.06 -5.57 4.98
N TYR A 22 12.22 -6.82 5.30
CA TYR A 22 11.05 -7.65 5.64
C TYR A 22 11.02 -7.73 7.16
N THR A 23 10.11 -7.06 7.78
CA THR A 23 10.05 -7.05 9.26
C THR A 23 10.22 -8.49 9.79
N PRO A 24 10.95 -8.70 10.87
CA PRO A 24 11.11 -10.07 11.41
C PRO A 24 9.76 -10.68 11.76
N ASP A 25 8.73 -9.91 11.62
CA ASP A 25 7.36 -10.41 11.93
C ASP A 25 7.03 -11.61 11.06
N MET A 26 7.49 -11.62 9.83
CA MET A 26 7.21 -12.79 8.92
C MET A 26 8.45 -13.10 8.09
N THR A 27 8.47 -14.24 7.45
CA THR A 27 9.65 -14.62 6.63
C THR A 27 9.69 -13.75 5.37
N HIS A 28 10.83 -13.65 4.74
CA HIS A 28 10.94 -12.81 3.52
C HIS A 28 9.98 -13.30 2.43
N SER A 29 9.86 -14.60 2.27
CA SER A 29 8.94 -15.12 1.21
C SER A 29 7.51 -14.67 1.45
N GLU A 30 7.07 -14.67 2.69
CA GLU A 30 5.66 -14.26 2.97
C GLU A 30 5.45 -12.78 2.65
N VAL A 31 6.38 -11.95 3.01
CA VAL A 31 6.23 -10.50 2.73
C VAL A 31 6.24 -10.27 1.22
N GLU A 32 7.09 -10.97 0.51
CA GLU A 32 7.19 -10.78 -0.96
C GLU A 32 5.85 -11.02 -1.66
N LYS A 33 5.24 -12.16 -1.47
CA LYS A 33 3.95 -12.41 -2.17
C LYS A 33 2.88 -11.42 -1.71
N ALA A 34 2.90 -11.01 -0.47
CA ALA A 34 1.86 -10.05 -0.01
C ALA A 34 1.88 -8.80 -0.89
N PHE A 35 3.02 -8.21 -1.09
CA PHE A 35 3.07 -6.99 -1.95
C PHE A 35 2.75 -7.34 -3.41
N LYS A 36 3.23 -8.46 -3.89
CA LYS A 36 2.95 -8.82 -5.31
C LYS A 36 1.44 -8.92 -5.52
N LYS A 37 0.73 -9.50 -4.58
CA LYS A 37 -0.74 -9.60 -4.73
C LYS A 37 -1.33 -8.21 -4.82
N ALA A 38 -0.83 -7.28 -4.05
CA ALA A 38 -1.36 -5.89 -4.09
C ALA A 38 -1.21 -5.31 -5.50
N PHE A 39 -0.05 -5.45 -6.09
CA PHE A 39 0.16 -4.91 -7.46
C PHE A 39 -0.73 -5.66 -8.46
N LYS A 40 -0.88 -6.94 -8.28
CA LYS A 40 -1.73 -7.72 -9.23
C LYS A 40 -3.17 -7.19 -9.20
N VAL A 41 -3.71 -7.00 -8.04
CA VAL A 41 -5.11 -6.50 -7.93
C VAL A 41 -5.25 -5.11 -8.61
N TRP A 42 -4.29 -4.24 -8.43
CA TRP A 42 -4.40 -2.89 -9.05
C TRP A 42 -3.97 -2.92 -10.51
N SER A 43 -2.98 -3.73 -10.84
CA SER A 43 -2.52 -3.80 -12.25
C SER A 43 -3.60 -4.48 -13.11
N ASP A 44 -4.50 -5.17 -12.49
CA ASP A 44 -5.57 -5.87 -13.27
C ASP A 44 -6.39 -4.87 -14.10
N VAL A 45 -6.69 -3.71 -13.55
CA VAL A 45 -7.51 -2.71 -14.31
C VAL A 45 -6.66 -1.49 -14.68
N THR A 46 -5.55 -1.28 -14.01
CA THR A 46 -4.69 -0.10 -14.35
C THR A 46 -3.59 -0.53 -15.35
N PRO A 47 -3.39 0.18 -16.46
CA PRO A 47 -2.31 -0.20 -17.42
C PRO A 47 -0.91 0.12 -16.88
N LEU A 48 -0.81 0.49 -15.63
CA LEU A 48 0.52 0.82 -15.06
C LEU A 48 1.38 -0.44 -14.98
N ASN A 49 2.66 -0.30 -15.27
CA ASN A 49 3.59 -1.46 -15.23
C ASN A 49 4.46 -1.36 -13.97
N PHE A 50 4.42 -2.36 -13.11
CA PHE A 50 5.24 -2.30 -11.86
C PHE A 50 6.41 -3.28 -11.96
N THR A 51 7.62 -2.79 -11.82
CA THR A 51 8.83 -3.68 -11.91
C THR A 51 9.61 -3.61 -10.59
N ARG A 52 9.94 -4.74 -10.02
CA ARG A 52 10.70 -4.76 -8.73
C ARG A 52 12.20 -4.64 -9.02
N LEU A 53 12.88 -3.79 -8.30
CA LEU A 53 14.36 -3.62 -8.51
C LEU A 53 15.12 -4.35 -7.41
N HIS A 54 16.03 -5.21 -7.79
CA HIS A 54 16.82 -5.98 -6.78
C HIS A 54 17.62 -5.01 -5.91
N ASP A 55 18.18 -3.99 -6.50
CA ASP A 55 18.99 -3.01 -5.70
C ASP A 55 18.82 -1.61 -6.29
N GLY A 56 19.33 -0.61 -5.61
CA GLY A 56 19.21 0.78 -6.13
C GLY A 56 17.98 1.46 -5.52
N ILE A 57 17.73 2.69 -5.87
CA ILE A 57 16.54 3.42 -5.31
C ILE A 57 15.38 3.30 -6.29
N ALA A 58 14.20 3.04 -5.79
CA ALA A 58 13.00 2.91 -6.67
C ALA A 58 12.04 4.06 -6.40
N ASP A 59 11.11 4.31 -7.29
CA ASP A 59 10.16 5.43 -7.07
C ASP A 59 9.37 5.19 -5.79
N ILE A 60 8.82 4.01 -5.61
CA ILE A 60 8.05 3.69 -4.38
C ILE A 60 8.84 2.71 -3.50
N MET A 61 9.43 3.18 -2.43
CA MET A 61 10.21 2.27 -1.53
C MET A 61 9.35 1.95 -0.31
N ILE A 62 9.32 0.69 0.08
CA ILE A 62 8.50 0.26 1.25
C ILE A 62 9.42 -0.13 2.41
N SER A 63 9.15 0.37 3.58
CA SER A 63 10.03 0.02 4.75
C SER A 63 9.21 0.07 6.05
N PHE A 64 9.65 -0.63 7.06
CA PHE A 64 8.91 -0.63 8.36
C PHE A 64 9.67 0.29 9.33
N GLY A 65 9.02 1.32 9.81
CA GLY A 65 9.70 2.26 10.75
C GLY A 65 9.21 2.06 12.18
N ILE A 66 9.56 2.96 13.06
CA ILE A 66 9.13 2.88 14.48
C ILE A 66 8.64 4.27 14.92
N LYS A 67 8.01 4.36 16.08
CA LYS A 67 7.47 5.67 16.61
C LYS A 67 8.10 6.87 15.89
N GLU A 68 9.10 7.48 16.47
CA GLU A 68 9.74 8.65 15.80
C GLU A 68 10.62 8.17 14.64
N HIS A 69 10.60 8.87 13.53
CA HIS A 69 11.43 8.44 12.36
C HIS A 69 11.78 9.66 11.51
N GLY A 70 11.96 10.81 12.11
CA GLY A 70 12.31 12.03 11.34
C GLY A 70 11.07 12.64 10.69
N ASP A 71 9.90 12.36 11.19
CA ASP A 71 8.65 12.93 10.60
C ASP A 71 7.79 13.56 11.71
N PHE A 72 7.12 14.63 11.40
CA PHE A 72 6.26 15.28 12.44
C PHE A 72 5.01 14.44 12.67
N TYR A 73 4.39 14.56 13.83
CA TYR A 73 3.18 13.75 14.12
C TYR A 73 3.46 12.28 13.79
N PRO A 74 4.43 11.68 14.45
CA PRO A 74 4.76 10.25 14.19
C PRO A 74 3.57 9.32 14.47
N PHE A 75 3.83 8.09 14.82
CA PHE A 75 2.72 7.14 15.10
C PHE A 75 2.31 7.26 16.57
N ASP A 76 1.18 6.72 16.93
CA ASP A 76 0.70 6.82 18.34
C ASP A 76 0.98 5.52 19.11
N GLY A 77 1.56 4.53 18.48
CA GLY A 77 1.85 3.23 19.17
C GLY A 77 1.42 2.08 18.26
N PRO A 78 1.01 0.95 18.80
CA PRO A 78 0.57 -0.20 17.95
C PRO A 78 -0.69 0.16 17.13
N SER A 79 -1.78 0.41 17.79
CA SER A 79 -3.03 0.77 17.06
C SER A 79 -2.95 2.23 16.61
N GLY A 80 -3.75 2.61 15.64
CA GLY A 80 -3.74 4.02 15.14
C GLY A 80 -3.27 4.04 13.68
N LEU A 81 -2.32 4.86 13.35
CA LEU A 81 -1.83 4.92 11.94
C LEU A 81 -1.08 3.61 11.64
N LEU A 82 -1.66 2.75 10.85
CA LEU A 82 -0.98 1.46 10.53
C LEU A 82 0.15 1.72 9.53
N ALA A 83 0.02 2.76 8.75
CA ALA A 83 1.06 3.10 7.75
C ALA A 83 0.64 4.38 7.03
N HIS A 84 1.50 4.93 6.20
CA HIS A 84 1.12 6.16 5.46
C HIS A 84 2.09 6.38 4.31
N ALA A 85 1.69 7.16 3.33
CA ALA A 85 2.57 7.44 2.16
C ALA A 85 2.38 8.89 1.73
N PHE A 86 3.37 9.49 1.12
CA PHE A 86 3.24 10.90 0.67
C PHE A 86 2.64 10.92 -0.75
N PRO A 87 1.93 11.98 -1.14
CA PRO A 87 1.34 12.04 -2.51
C PRO A 87 2.42 11.95 -3.60
N PRO A 88 2.03 11.70 -4.83
CA PRO A 88 3.02 11.59 -5.94
C PRO A 88 4.09 12.68 -5.87
N GLY A 89 5.33 12.32 -6.09
CA GLY A 89 6.43 13.32 -6.03
C GLY A 89 7.74 12.66 -6.43
N PRO A 90 8.86 13.32 -6.23
CA PRO A 90 10.18 12.74 -6.59
C PRO A 90 10.48 11.46 -5.81
N ASN A 91 11.73 11.15 -5.60
CA ASN A 91 12.07 9.91 -4.84
C ASN A 91 11.48 9.99 -3.44
N TYR A 92 11.56 11.13 -2.81
CA TYR A 92 11.01 11.27 -1.44
C TYR A 92 9.50 10.98 -1.47
N GLY A 93 8.79 11.49 -2.44
CA GLY A 93 7.32 11.24 -2.51
C GLY A 93 7.04 9.84 -3.04
N GLY A 94 5.82 9.39 -2.94
CA GLY A 94 5.46 8.04 -3.46
C GLY A 94 6.06 6.98 -2.53
N ASP A 95 6.62 7.40 -1.43
CA ASP A 95 7.22 6.41 -0.48
C ASP A 95 6.11 5.79 0.38
N ALA A 96 6.45 4.80 1.17
CA ALA A 96 5.42 4.15 2.04
C ALA A 96 6.09 3.68 3.35
N HIS A 97 5.57 4.12 4.47
CA HIS A 97 6.15 3.73 5.79
C HIS A 97 5.16 2.84 6.56
N PHE A 98 5.64 1.75 7.12
CA PHE A 98 4.76 0.83 7.91
C PHE A 98 5.23 0.81 9.37
N ASP A 99 4.34 0.61 10.31
CA ASP A 99 4.77 0.60 11.75
C ASP A 99 5.43 -0.75 12.07
N ASP A 100 6.65 -0.71 12.56
CA ASP A 100 7.36 -1.97 12.91
C ASP A 100 6.95 -2.39 14.32
N ASP A 101 6.29 -1.53 15.03
CA ASP A 101 5.86 -1.87 16.42
C ASP A 101 4.57 -2.67 16.36
N GLU A 102 3.96 -2.72 15.21
CA GLU A 102 2.69 -3.49 15.06
C GLU A 102 3.00 -4.92 14.65
N THR A 103 2.02 -5.79 14.69
CA THR A 103 2.26 -7.21 14.30
C THR A 103 1.74 -7.43 12.89
N TRP A 104 2.63 -7.52 11.94
CA TRP A 104 2.20 -7.71 10.53
C TRP A 104 2.04 -9.22 10.26
N THR A 105 0.86 -9.62 9.88
CA THR A 105 0.60 -11.07 9.62
C THR A 105 -0.30 -11.22 8.38
N SER A 106 -0.15 -12.31 7.66
CA SER A 106 -1.00 -12.52 6.46
C SER A 106 -2.23 -13.33 6.88
N SER A 107 -2.27 -13.78 8.10
CA SER A 107 -3.43 -14.57 8.60
C SER A 107 -4.43 -13.63 9.24
N SER A 108 -5.56 -14.11 9.65
CA SER A 108 -6.56 -13.23 10.29
C SER A 108 -6.12 -12.89 11.71
N LYS A 109 -5.14 -12.02 11.84
CA LYS A 109 -4.65 -11.63 13.19
C LYS A 109 -4.14 -10.18 13.13
N GLY A 110 -4.23 -9.46 14.21
CA GLY A 110 -3.75 -8.04 14.21
C GLY A 110 -4.19 -7.33 12.92
N TYR A 111 -3.32 -6.54 12.33
CA TYR A 111 -3.68 -5.83 11.07
C TYR A 111 -3.06 -6.58 9.89
N ASN A 112 -3.89 -7.04 8.99
CA ASN A 112 -3.36 -7.79 7.80
C ASN A 112 -2.49 -6.86 6.95
N LEU A 113 -1.31 -7.30 6.62
CA LEU A 113 -0.39 -6.46 5.79
C LEU A 113 -1.03 -6.15 4.43
N PHE A 114 -1.64 -7.12 3.81
CA PHE A 114 -2.26 -6.89 2.48
C PHE A 114 -3.33 -5.81 2.54
N LEU A 115 -4.15 -5.79 3.55
CA LEU A 115 -5.21 -4.74 3.64
C LEU A 115 -4.56 -3.35 3.63
N VAL A 116 -3.57 -3.16 4.46
CA VAL A 116 -2.90 -1.83 4.53
C VAL A 116 -2.08 -1.56 3.27
N ALA A 117 -1.38 -2.56 2.77
CA ALA A 117 -0.54 -2.33 1.55
C ALA A 117 -1.43 -1.82 0.41
N ALA A 118 -2.48 -2.53 0.11
CA ALA A 118 -3.39 -2.09 -0.98
C ALA A 118 -3.95 -0.69 -0.67
N HIS A 119 -4.18 -0.42 0.58
CA HIS A 119 -4.76 0.91 0.95
C HIS A 119 -3.80 2.04 0.57
N GLU A 120 -2.56 1.96 0.97
CA GLU A 120 -1.60 3.05 0.62
C GLU A 120 -1.49 3.20 -0.89
N PHE A 121 -1.48 2.12 -1.62
CA PHE A 121 -1.38 2.24 -3.10
C PHE A 121 -2.57 3.05 -3.61
N GLY A 122 -3.73 2.83 -3.07
CA GLY A 122 -4.93 3.59 -3.53
C GLY A 122 -4.66 5.09 -3.37
N HIS A 123 -4.07 5.48 -2.27
CA HIS A 123 -3.79 6.94 -2.07
C HIS A 123 -2.74 7.40 -3.08
N SER A 124 -1.76 6.58 -3.33
CA SER A 124 -0.69 6.97 -4.29
C SER A 124 -1.28 7.00 -5.70
N LEU A 125 -2.36 6.30 -5.92
CA LEU A 125 -2.98 6.27 -7.28
C LEU A 125 -3.86 7.50 -7.47
N GLY A 126 -3.97 8.34 -6.47
CA GLY A 126 -4.80 9.58 -6.61
C GLY A 126 -6.23 9.33 -6.11
N LEU A 127 -6.49 8.19 -5.55
CA LEU A 127 -7.88 7.91 -5.05
C LEU A 127 -8.05 8.49 -3.64
N ASP A 128 -9.22 8.98 -3.35
CA ASP A 128 -9.50 9.55 -1.99
C ASP A 128 -10.22 8.49 -1.16
N HIS A 129 -10.42 8.72 0.11
CA HIS A 129 -11.13 7.69 0.93
C HIS A 129 -12.54 7.48 0.38
N SER A 130 -12.94 6.25 0.19
CA SER A 130 -14.31 5.97 -0.33
C SER A 130 -15.24 5.66 0.84
N LYS A 131 -16.52 5.81 0.64
CA LYS A 131 -17.50 5.53 1.74
C LYS A 131 -18.10 4.14 1.53
N ASP A 132 -17.60 3.39 0.60
CA ASP A 132 -18.15 2.03 0.33
C ASP A 132 -17.48 1.03 1.30
N PRO A 133 -18.22 0.26 2.09
CA PRO A 133 -17.57 -0.71 3.02
C PRO A 133 -16.85 -1.85 2.28
N GLY A 134 -17.20 -2.10 1.05
CA GLY A 134 -16.53 -3.20 0.30
C GLY A 134 -15.26 -2.68 -0.38
N ALA A 135 -15.04 -1.40 -0.35
CA ALA A 135 -13.81 -0.84 -1.00
C ALA A 135 -12.64 -0.93 -0.02
N LEU A 136 -11.48 -1.28 -0.51
CA LEU A 136 -10.29 -1.38 0.38
C LEU A 136 -9.98 -0.02 1.00
N MET A 137 -10.11 1.04 0.23
CA MET A 137 -9.78 2.39 0.76
C MET A 137 -10.83 2.85 1.77
N PHE A 138 -11.52 1.94 2.41
CA PHE A 138 -12.55 2.35 3.41
C PHE A 138 -11.83 2.95 4.64
N PRO A 139 -12.20 4.12 5.13
CA PRO A 139 -11.51 4.73 6.31
C PRO A 139 -11.33 3.79 7.51
N ILE A 140 -12.11 2.73 7.60
CA ILE A 140 -11.98 1.79 8.76
C ILE A 140 -11.34 0.48 8.32
N TYR A 141 -10.44 -0.03 9.12
CA TYR A 141 -9.74 -1.30 8.78
C TYR A 141 -10.70 -2.48 8.98
N THR A 142 -10.84 -3.31 7.98
CA THR A 142 -11.75 -4.49 8.11
C THR A 142 -11.08 -5.70 7.44
N TYR A 143 -11.25 -6.87 8.00
CA TYR A 143 -10.63 -8.08 7.40
C TYR A 143 -11.50 -8.57 6.24
N THR A 144 -10.89 -9.05 5.18
CA THR A 144 -11.68 -9.52 4.00
C THR A 144 -11.08 -10.80 3.44
N GLY A 145 -11.89 -11.64 2.85
CA GLY A 145 -11.37 -12.91 2.26
C GLY A 145 -10.58 -12.59 0.99
N LYS A 146 -9.28 -12.65 1.06
CA LYS A 146 -8.46 -12.34 -0.14
C LYS A 146 -8.50 -13.52 -1.11
N SER A 147 -9.24 -14.54 -0.80
CA SER A 147 -9.31 -15.70 -1.71
C SER A 147 -9.84 -15.27 -3.07
N HIS A 148 -10.82 -14.40 -3.09
CA HIS A 148 -11.39 -13.94 -4.40
C HIS A 148 -11.78 -12.47 -4.32
N PHE A 149 -11.14 -11.70 -3.48
CA PHE A 149 -11.49 -10.25 -3.36
C PHE A 149 -11.08 -9.52 -4.65
N MET A 150 -11.93 -8.65 -5.14
CA MET A 150 -11.62 -7.87 -6.38
C MET A 150 -12.07 -6.43 -6.20
N LEU A 151 -11.38 -5.49 -6.79
CA LEU A 151 -11.80 -4.07 -6.63
C LEU A 151 -13.31 -3.96 -6.98
N PRO A 152 -14.16 -3.43 -6.10
CA PRO A 152 -15.60 -3.32 -6.43
C PRO A 152 -15.88 -2.31 -7.56
N ASP A 153 -17.12 -2.13 -7.92
CA ASP A 153 -17.45 -1.17 -9.00
C ASP A 153 -17.04 0.24 -8.60
N ASP A 154 -17.21 0.60 -7.36
CA ASP A 154 -16.84 1.97 -6.91
C ASP A 154 -15.36 2.22 -7.19
N ASP A 155 -14.49 1.31 -6.81
CA ASP A 155 -13.04 1.53 -7.06
C ASP A 155 -12.73 1.42 -8.55
N VAL A 156 -13.34 0.49 -9.24
CA VAL A 156 -13.07 0.35 -10.69
C VAL A 156 -13.47 1.65 -11.40
N GLN A 157 -14.65 2.15 -11.13
CA GLN A 157 -15.11 3.41 -11.76
C GLN A 157 -14.16 4.57 -11.43
N GLY A 158 -13.69 4.64 -10.21
CA GLY A 158 -12.79 5.77 -9.82
C GLY A 158 -11.40 5.62 -10.43
N ILE A 159 -10.77 4.49 -10.23
CA ILE A 159 -9.40 4.31 -10.80
C ILE A 159 -9.45 4.43 -12.33
N GLN A 160 -10.46 3.88 -12.94
CA GLN A 160 -10.56 3.98 -14.43
C GLN A 160 -10.78 5.44 -14.83
N SER A 161 -11.57 6.15 -14.08
CA SER A 161 -11.82 7.58 -14.43
C SER A 161 -10.54 8.42 -14.32
N LEU A 162 -9.60 8.00 -13.51
CA LEU A 162 -8.34 8.80 -13.39
C LEU A 162 -7.33 8.38 -14.46
N TYR A 163 -7.08 7.11 -14.59
CA TYR A 163 -6.10 6.63 -15.62
C TYR A 163 -6.83 6.28 -16.92
N GLY A 164 -8.14 6.26 -16.90
CA GLY A 164 -8.89 5.90 -18.14
C GLY A 164 -9.02 4.39 -18.26
ZN ZN B . -6.10 6.35 4.10
ZN ZN C . 6.62 7.32 8.30
CA CA D . -0.29 3.04 14.93
C1 WAY E . -5.86 6.65 9.55
C2 WAY E . -5.56 7.65 8.51
CF2 WAY E . -5.11 8.98 8.91
CH WAY E . -4.95 9.32 10.31
CF1 WAY E . -5.26 8.35 11.33
C6 WAY E . -5.70 7.01 10.97
C10 WAY E . -5.66 7.45 7.03
O11 WAY E . -6.56 6.79 6.53
N12 WAY E . -4.66 7.86 6.22
O13 WAY E . -4.75 7.48 4.88
CE WAY E . -5.99 6.04 12.09
N20 WAY E . -6.29 5.37 9.25
S21 WAY E . -5.23 4.10 9.43
CD WAY E . -7.74 5.15 9.04
CK WAY E . -9.44 3.06 11.87
CM WAY E . -10.04 4.13 12.60
N25 WAY E . -9.92 5.46 12.20
CJ WAY E . -9.18 5.77 11.06
C27 WAY E . -8.53 4.77 10.26
CI WAY E . -8.68 3.40 10.69
C35 WAY E . -5.55 2.85 8.20
CC1 WAY E . -4.61 2.65 7.12
CB1 WAY E . -4.87 1.62 6.11
C38 WAY E . -6.07 0.79 6.18
CB2 WAY E . -7.01 1.02 7.31
CC2 WAY E . -6.74 2.04 8.30
O45 WAY E . -6.26 -0.20 5.15
CA WAY E . -7.41 -1.07 5.13
O50 WAY E . -5.51 3.49 10.70
O51 WAY E . -3.90 4.58 9.20
HF2 WAY E . -4.88 9.72 8.16
HH WAY E . -4.62 10.32 10.58
HF1 WAY E . -5.14 8.62 12.36
H14 WAY E . -3.90 8.40 6.58
H15 WAY E . -4.26 6.66 4.75
HE1 WAY E . -7.06 6.02 12.34
HE2 WAY E . -5.46 6.31 12.99
HE3 WAY E . -5.70 5.03 11.82
HD1 WAY E . -7.85 4.37 8.28
HD2 WAY E . -8.15 6.08 8.63
HK WAY E . -9.54 2.03 12.18
HL WAY E . -10.62 3.89 13.48
HJ WAY E . -9.07 6.79 10.75
HI WAY E . -8.21 2.61 10.12
HC1 WAY E . -3.72 3.26 7.06
HB1 WAY E . -4.16 1.49 5.31
HB2 WAY E . -7.91 0.43 7.40
HC2 WAY E . -7.42 2.21 9.12
HA1 WAY E . -7.36 -1.74 4.26
HA2 WAY E . -8.34 -0.50 5.06
HA3 WAY E . -7.46 -1.68 6.03
N THR A 7 -7.81 13.71 -8.86
CA THR A 7 -7.18 14.98 -9.34
C THR A 7 -5.68 14.75 -9.54
N LEU A 8 -4.99 14.30 -8.54
CA LEU A 8 -3.52 14.06 -8.67
C LEU A 8 -3.29 12.64 -9.21
N LYS A 9 -2.35 12.48 -10.10
CA LYS A 9 -2.08 11.12 -10.66
C LYS A 9 -0.69 11.09 -11.29
N TRP A 10 -0.16 9.92 -11.53
CA TRP A 10 1.20 9.82 -12.13
C TRP A 10 1.15 10.26 -13.59
N SER A 11 2.18 10.87 -14.08
CA SER A 11 2.21 11.34 -15.50
C SER A 11 2.76 10.25 -16.41
N LYS A 12 3.07 9.09 -15.87
CA LYS A 12 3.62 7.98 -16.71
C LYS A 12 3.10 6.64 -16.20
N MET A 13 3.03 5.65 -17.05
CA MET A 13 2.51 4.33 -16.62
C MET A 13 3.68 3.45 -16.13
N ASN A 14 4.87 3.97 -16.15
CA ASN A 14 6.05 3.17 -15.68
C ASN A 14 6.36 3.54 -14.24
N LEU A 15 6.42 2.56 -13.36
CA LEU A 15 6.71 2.84 -11.92
C LEU A 15 7.64 1.75 -11.38
N THR A 16 8.43 2.08 -10.38
CA THR A 16 9.38 1.08 -9.80
C THR A 16 9.29 1.13 -8.27
N TYR A 17 9.60 0.05 -7.60
CA TYR A 17 9.54 0.04 -6.12
C TYR A 17 10.67 -0.83 -5.55
N ARG A 18 11.01 -0.62 -4.30
CA ARG A 18 12.10 -1.43 -3.67
C ARG A 18 11.76 -1.70 -2.20
N ILE A 19 11.87 -2.92 -1.77
CA ILE A 19 11.57 -3.26 -0.35
C ILE A 19 12.83 -3.03 0.48
N VAL A 20 12.79 -2.16 1.46
CA VAL A 20 13.99 -1.90 2.29
C VAL A 20 14.27 -3.13 3.17
N ASN A 21 13.28 -3.73 3.72
CA ASN A 21 13.57 -4.90 4.57
C ASN A 21 12.31 -5.69 4.85
N TYR A 22 12.46 -6.95 5.13
CA TYR A 22 11.29 -7.79 5.44
C TYR A 22 11.25 -7.89 6.97
N THR A 23 10.46 -7.05 7.58
CA THR A 23 10.38 -7.02 9.07
C THR A 23 10.41 -8.46 9.64
N PRO A 24 11.06 -8.69 10.77
CA PRO A 24 11.10 -10.06 11.35
C PRO A 24 9.70 -10.55 11.66
N ASP A 25 8.78 -9.65 11.80
CA ASP A 25 7.36 -10.05 12.09
C ASP A 25 6.85 -10.96 10.98
N MET A 26 7.53 -11.00 9.87
CA MET A 26 7.06 -11.86 8.72
C MET A 26 8.27 -12.49 8.03
N THR A 27 8.09 -13.64 7.45
CA THR A 27 9.22 -14.29 6.73
C THR A 27 9.42 -13.57 5.39
N HIS A 28 10.58 -13.71 4.80
CA HIS A 28 10.83 -13.02 3.51
C HIS A 28 9.83 -13.50 2.46
N SER A 29 9.54 -14.78 2.43
CA SER A 29 8.58 -15.31 1.41
C SER A 29 7.18 -14.72 1.62
N GLU A 30 6.73 -14.64 2.84
CA GLU A 30 5.36 -14.11 3.11
C GLU A 30 5.26 -12.63 2.74
N VAL A 31 6.26 -11.86 3.02
CA VAL A 31 6.19 -10.40 2.70
C VAL A 31 6.20 -10.19 1.18
N GLU A 32 7.03 -10.92 0.47
CA GLU A 32 7.10 -10.73 -1.01
C GLU A 32 5.74 -11.02 -1.65
N LYS A 33 5.12 -12.12 -1.33
CA LYS A 33 3.80 -12.42 -1.96
C LYS A 33 2.76 -11.37 -1.53
N ALA A 34 2.87 -10.86 -0.34
CA ALA A 34 1.86 -9.85 0.10
C ALA A 34 1.87 -8.64 -0.84
N PHE A 35 3.01 -8.09 -1.10
CA PHE A 35 3.07 -6.91 -2.01
C PHE A 35 2.73 -7.33 -3.44
N LYS A 36 3.17 -8.49 -3.86
CA LYS A 36 2.87 -8.93 -5.25
C LYS A 36 1.35 -9.00 -5.45
N LYS A 37 0.64 -9.53 -4.50
CA LYS A 37 -0.84 -9.61 -4.63
C LYS A 37 -1.41 -8.20 -4.75
N ALA A 38 -0.87 -7.28 -3.99
CA ALA A 38 -1.38 -5.88 -4.04
C ALA A 38 -1.19 -5.30 -5.45
N PHE A 39 0.00 -5.40 -6.00
CA PHE A 39 0.23 -4.85 -7.36
C PHE A 39 -0.64 -5.59 -8.38
N LYS A 40 -0.77 -6.87 -8.25
CA LYS A 40 -1.59 -7.63 -9.23
C LYS A 40 -3.02 -7.12 -9.23
N VAL A 41 -3.61 -6.98 -8.07
CA VAL A 41 -5.01 -6.50 -8.00
C VAL A 41 -5.14 -5.10 -8.63
N TRP A 42 -4.20 -4.22 -8.37
CA TRP A 42 -4.29 -2.85 -8.95
C TRP A 42 -3.86 -2.87 -10.42
N SER A 43 -2.91 -3.69 -10.77
CA SER A 43 -2.45 -3.73 -12.19
C SER A 43 -3.51 -4.41 -13.06
N ASP A 44 -4.37 -5.16 -12.45
CA ASP A 44 -5.44 -5.88 -13.21
C ASP A 44 -6.33 -4.89 -13.99
N VAL A 45 -6.68 -3.78 -13.39
CA VAL A 45 -7.59 -2.81 -14.06
C VAL A 45 -6.85 -1.51 -14.42
N THR A 46 -5.55 -1.55 -14.54
CA THR A 46 -4.80 -0.31 -14.92
C THR A 46 -3.57 -0.69 -15.77
N PRO A 47 -3.25 0.06 -16.82
CA PRO A 47 -2.06 -0.27 -17.66
C PRO A 47 -0.75 0.05 -16.91
N LEU A 48 -0.82 0.20 -15.62
CA LEU A 48 0.40 0.55 -14.84
C LEU A 48 1.39 -0.62 -14.87
N ASN A 49 2.64 -0.33 -15.11
CA ASN A 49 3.69 -1.39 -15.13
C ASN A 49 4.57 -1.23 -13.89
N PHE A 50 4.65 -2.24 -13.05
CA PHE A 50 5.49 -2.14 -11.81
C PHE A 50 6.72 -3.03 -11.98
N THR A 51 7.89 -2.50 -11.70
CA THR A 51 9.16 -3.29 -11.84
C THR A 51 9.88 -3.35 -10.49
N ARG A 52 10.25 -4.53 -10.07
CA ARG A 52 10.98 -4.68 -8.77
C ARG A 52 12.47 -4.39 -8.98
N LEU A 53 13.04 -3.53 -8.17
CA LEU A 53 14.51 -3.21 -8.30
C LEU A 53 15.25 -3.84 -7.12
N HIS A 54 16.17 -4.73 -7.40
CA HIS A 54 16.93 -5.38 -6.29
C HIS A 54 17.89 -4.37 -5.65
N ASP A 55 18.27 -3.35 -6.37
CA ASP A 55 19.20 -2.33 -5.80
C ASP A 55 18.91 -0.95 -6.40
N GLY A 56 19.40 0.09 -5.78
CA GLY A 56 19.16 1.47 -6.30
C GLY A 56 17.93 2.07 -5.62
N ILE A 57 17.65 3.32 -5.89
CA ILE A 57 16.46 3.99 -5.27
C ILE A 57 15.27 3.86 -6.22
N ALA A 58 14.12 3.49 -5.71
CA ALA A 58 12.90 3.35 -6.58
C ALA A 58 11.93 4.47 -6.24
N ASP A 59 11.00 4.75 -7.13
CA ASP A 59 10.02 5.83 -6.85
C ASP A 59 9.24 5.50 -5.58
N ILE A 60 8.72 4.29 -5.50
CA ILE A 60 7.95 3.89 -4.27
C ILE A 60 8.80 2.95 -3.42
N MET A 61 9.42 3.47 -2.38
CA MET A 61 10.25 2.59 -1.49
C MET A 61 9.43 2.23 -0.25
N ILE A 62 9.44 0.97 0.13
CA ILE A 62 8.66 0.52 1.32
C ILE A 62 9.60 0.24 2.49
N SER A 63 9.25 0.65 3.67
CA SER A 63 10.14 0.39 4.85
C SER A 63 9.29 0.34 6.12
N PHE A 64 9.79 -0.34 7.13
CA PHE A 64 9.03 -0.46 8.42
C PHE A 64 9.68 0.46 9.46
N GLY A 65 8.91 1.35 10.03
CA GLY A 65 9.48 2.29 11.06
C GLY A 65 9.06 1.87 12.47
N ILE A 66 9.30 2.71 13.44
CA ILE A 66 8.94 2.39 14.86
C ILE A 66 8.30 3.63 15.51
N LYS A 67 7.69 3.46 16.66
CA LYS A 67 7.03 4.59 17.40
C LYS A 67 7.58 5.95 16.97
N GLU A 68 8.75 6.30 17.43
CA GLU A 68 9.32 7.62 17.05
C GLU A 68 9.63 7.65 15.55
N HIS A 69 9.48 8.79 14.93
CA HIS A 69 9.74 8.90 13.46
C HIS A 69 10.70 10.08 13.21
N GLY A 70 11.49 10.02 12.17
CA GLY A 70 12.43 11.13 11.89
C GLY A 70 11.64 12.43 11.70
N ASP A 71 10.56 12.37 10.95
CA ASP A 71 9.75 13.60 10.73
C ASP A 71 8.85 13.83 11.95
N PHE A 72 8.38 15.03 12.13
CA PHE A 72 7.49 15.31 13.29
C PHE A 72 6.15 14.62 13.08
N TYR A 73 6.18 13.34 12.80
CA TYR A 73 4.92 12.57 12.57
C TYR A 73 5.03 11.19 13.23
N PRO A 74 5.03 11.14 14.54
CA PRO A 74 5.16 9.85 15.27
C PRO A 74 3.85 9.06 15.31
N PHE A 75 3.93 7.78 15.58
CA PHE A 75 2.71 6.93 15.64
C PHE A 75 2.16 6.98 17.06
N ASP A 76 0.97 6.45 17.28
CA ASP A 76 0.38 6.50 18.66
C ASP A 76 0.63 5.19 19.39
N GLY A 77 1.30 4.23 18.78
CA GLY A 77 1.60 2.93 19.48
C GLY A 77 0.90 1.76 18.74
N PRO A 78 0.01 1.00 19.37
CA PRO A 78 -0.66 -0.15 18.67
C PRO A 78 -1.72 0.30 17.66
N SER A 79 -2.85 0.76 18.13
CA SER A 79 -3.93 1.21 17.20
C SER A 79 -3.60 2.60 16.65
N GLY A 80 -4.46 3.14 15.83
CA GLY A 80 -4.23 4.50 15.26
C GLY A 80 -3.64 4.38 13.85
N LEU A 81 -2.63 5.16 13.57
CA LEU A 81 -2.01 5.13 12.21
C LEU A 81 -1.23 3.83 12.02
N LEU A 82 -1.69 2.96 11.17
CA LEU A 82 -0.97 1.67 10.93
C LEU A 82 0.14 1.92 9.91
N ALA A 83 0.06 3.00 9.19
CA ALA A 83 1.09 3.31 8.16
C ALA A 83 0.76 4.65 7.50
N HIS A 84 1.60 5.12 6.63
CA HIS A 84 1.30 6.41 5.94
C HIS A 84 2.16 6.53 4.69
N ALA A 85 1.80 7.42 3.79
CA ALA A 85 2.59 7.58 2.54
C ALA A 85 2.50 9.03 2.07
N PHE A 86 3.30 9.40 1.09
CA PHE A 86 3.29 10.80 0.57
C PHE A 86 2.61 10.82 -0.81
N PRO A 87 2.03 11.93 -1.22
CA PRO A 87 1.37 12.00 -2.56
C PRO A 87 2.37 11.70 -3.69
N PRO A 88 1.88 11.45 -4.89
CA PRO A 88 2.78 11.15 -6.05
C PRO A 88 3.80 12.28 -6.29
N GLY A 89 4.82 12.34 -5.49
CA GLY A 89 5.86 13.40 -5.66
C GLY A 89 7.06 12.80 -6.41
N PRO A 90 8.16 13.51 -6.45
CA PRO A 90 9.38 13.00 -7.15
C PRO A 90 9.85 11.63 -6.60
N ASN A 91 11.13 11.40 -6.58
CA ASN A 91 11.63 10.10 -6.05
C ASN A 91 11.30 9.99 -4.57
N TYR A 92 11.42 11.07 -3.84
CA TYR A 92 11.13 11.02 -2.37
C TYR A 92 9.63 10.79 -2.16
N GLY A 93 8.80 11.40 -2.96
CA GLY A 93 7.33 11.22 -2.79
C GLY A 93 6.94 9.80 -3.20
N GLY A 94 5.71 9.42 -2.96
CA GLY A 94 5.26 8.05 -3.33
C GLY A 94 5.91 7.04 -2.40
N ASP A 95 6.45 7.50 -1.31
CA ASP A 95 7.12 6.57 -0.35
C ASP A 95 6.06 5.88 0.52
N ALA A 96 6.46 4.91 1.30
CA ALA A 96 5.49 4.19 2.16
C ALA A 96 6.18 3.74 3.45
N HIS A 97 5.59 4.02 4.59
CA HIS A 97 6.19 3.62 5.90
C HIS A 97 5.17 2.81 6.69
N PHE A 98 5.63 1.86 7.47
CA PHE A 98 4.70 0.99 8.28
C PHE A 98 5.19 0.95 9.73
N ASP A 99 4.29 0.76 10.66
CA ASP A 99 4.72 0.69 12.09
C ASP A 99 5.30 -0.68 12.38
N ASP A 100 6.54 -0.75 12.78
CA ASP A 100 7.15 -2.08 13.09
C ASP A 100 6.78 -2.50 14.51
N ASP A 101 6.10 -1.62 15.23
CA ASP A 101 5.70 -1.96 16.62
C ASP A 101 4.42 -2.80 16.58
N GLU A 102 3.80 -2.90 15.43
CA GLU A 102 2.54 -3.69 15.31
C GLU A 102 2.90 -5.12 14.93
N THR A 103 1.91 -5.96 14.80
CA THR A 103 2.16 -7.38 14.41
C THR A 103 1.74 -7.55 12.95
N TRP A 104 2.70 -7.63 12.06
CA TRP A 104 2.37 -7.80 10.62
C TRP A 104 2.24 -9.29 10.30
N THR A 105 1.08 -9.70 9.85
CA THR A 105 0.85 -11.14 9.53
C THR A 105 0.01 -11.26 8.26
N SER A 106 0.17 -12.33 7.52
CA SER A 106 -0.64 -12.51 6.28
C SER A 106 -1.89 -13.32 6.63
N SER A 107 -1.97 -13.79 7.85
CA SER A 107 -3.15 -14.57 8.29
C SER A 107 -4.16 -13.63 8.93
N SER A 108 -5.33 -14.10 9.29
CA SER A 108 -6.33 -13.19 9.91
C SER A 108 -5.93 -12.91 11.36
N LYS A 109 -4.95 -12.08 11.56
CA LYS A 109 -4.51 -11.74 12.95
C LYS A 109 -4.00 -10.29 12.97
N GLY A 110 -4.16 -9.60 14.06
CA GLY A 110 -3.68 -8.19 14.13
C GLY A 110 -4.09 -7.44 12.86
N TYR A 111 -3.22 -6.62 12.33
CA TYR A 111 -3.55 -5.87 11.08
C TYR A 111 -2.92 -6.59 9.89
N ASN A 112 -3.73 -7.04 8.97
CA ASN A 112 -3.20 -7.75 7.78
C ASN A 112 -2.33 -6.80 6.93
N LEU A 113 -1.15 -7.22 6.58
CA LEU A 113 -0.26 -6.34 5.75
C LEU A 113 -0.94 -6.02 4.42
N PHE A 114 -1.60 -6.98 3.82
CA PHE A 114 -2.25 -6.74 2.51
C PHE A 114 -3.30 -5.61 2.63
N LEU A 115 -4.05 -5.59 3.70
CA LEU A 115 -5.08 -4.50 3.86
C LEU A 115 -4.39 -3.13 3.86
N VAL A 116 -3.43 -2.94 4.73
CA VAL A 116 -2.74 -1.62 4.80
C VAL A 116 -1.92 -1.43 3.52
N ALA A 117 -1.24 -2.44 3.07
CA ALA A 117 -0.44 -2.30 1.83
C ALA A 117 -1.36 -1.91 0.67
N ALA A 118 -2.40 -2.65 0.47
CA ALA A 118 -3.32 -2.32 -0.65
C ALA A 118 -3.91 -0.91 -0.43
N HIS A 119 -4.20 -0.57 0.79
CA HIS A 119 -4.80 0.77 1.08
C HIS A 119 -3.85 1.91 0.72
N GLU A 120 -2.61 1.86 1.17
CA GLU A 120 -1.67 2.98 0.85
C GLU A 120 -1.53 3.12 -0.67
N PHE A 121 -1.47 2.03 -1.39
CA PHE A 121 -1.32 2.13 -2.86
C PHE A 121 -2.52 2.90 -3.41
N GLY A 122 -3.69 2.64 -2.88
CA GLY A 122 -4.90 3.37 -3.36
C GLY A 122 -4.65 4.87 -3.24
N HIS A 123 -4.10 5.31 -2.13
CA HIS A 123 -3.81 6.75 -1.97
C HIS A 123 -2.72 7.19 -2.95
N SER A 124 -1.73 6.36 -3.13
CA SER A 124 -0.63 6.72 -4.08
C SER A 124 -1.18 6.81 -5.51
N LEU A 125 -2.26 6.14 -5.78
CA LEU A 125 -2.85 6.18 -7.15
C LEU A 125 -3.68 7.46 -7.33
N GLY A 126 -3.74 8.30 -6.32
CA GLY A 126 -4.52 9.57 -6.45
C GLY A 126 -5.96 9.36 -6.03
N LEU A 127 -6.31 8.20 -5.55
CA LEU A 127 -7.72 7.97 -5.12
C LEU A 127 -7.92 8.47 -3.70
N ASP A 128 -9.10 8.91 -3.38
CA ASP A 128 -9.38 9.42 -2.00
C ASP A 128 -10.09 8.31 -1.21
N HIS A 129 -10.33 8.51 0.05
CA HIS A 129 -11.00 7.45 0.86
C HIS A 129 -12.37 7.15 0.25
N SER A 130 -12.75 5.89 0.21
CA SER A 130 -14.07 5.52 -0.37
C SER A 130 -15.08 5.32 0.76
N LYS A 131 -16.35 5.52 0.50
CA LYS A 131 -17.38 5.35 1.56
C LYS A 131 -18.06 3.99 1.39
N ASP A 132 -17.58 3.19 0.47
CA ASP A 132 -18.20 1.84 0.28
C ASP A 132 -17.48 0.84 1.23
N PRO A 133 -18.18 0.09 2.06
CA PRO A 133 -17.50 -0.86 2.97
C PRO A 133 -16.82 -2.01 2.21
N GLY A 134 -17.18 -2.20 0.97
CA GLY A 134 -16.56 -3.29 0.17
C GLY A 134 -15.31 -2.76 -0.55
N ALA A 135 -15.07 -1.48 -0.44
CA ALA A 135 -13.86 -0.91 -1.11
C ALA A 135 -12.68 -0.99 -0.14
N LEU A 136 -11.51 -1.26 -0.64
CA LEU A 136 -10.32 -1.37 0.25
C LEU A 136 -9.97 0.01 0.83
N MET A 137 -10.13 1.04 0.04
CA MET A 137 -9.78 2.41 0.53
C MET A 137 -10.79 2.86 1.60
N PHE A 138 -11.48 1.95 2.21
CA PHE A 138 -12.47 2.34 3.26
C PHE A 138 -11.68 2.94 4.46
N PRO A 139 -12.11 4.06 5.03
CA PRO A 139 -11.34 4.69 6.16
C PRO A 139 -11.24 3.80 7.41
N ILE A 140 -11.98 2.71 7.49
CA ILE A 140 -11.90 1.83 8.71
C ILE A 140 -11.26 0.49 8.34
N TYR A 141 -10.40 -0.01 9.19
CA TYR A 141 -9.70 -1.30 8.91
C TYR A 141 -10.65 -2.47 9.11
N THR A 142 -10.81 -3.30 8.11
CA THR A 142 -11.71 -4.50 8.24
C THR A 142 -11.04 -5.71 7.57
N TYR A 143 -11.14 -6.88 8.16
CA TYR A 143 -10.50 -8.07 7.53
C TYR A 143 -11.40 -8.64 6.43
N THR A 144 -10.80 -9.08 5.36
CA THR A 144 -11.58 -9.67 4.22
C THR A 144 -10.98 -11.02 3.84
N GLY A 145 -11.80 -11.99 3.57
CA GLY A 145 -11.26 -13.33 3.17
C GLY A 145 -10.57 -13.18 1.82
N LYS A 146 -9.27 -13.12 1.82
CA LYS A 146 -8.53 -12.96 0.53
C LYS A 146 -8.50 -14.31 -0.20
N SER A 147 -8.88 -14.31 -1.45
CA SER A 147 -8.90 -15.58 -2.23
C SER A 147 -9.38 -15.28 -3.65
N HIS A 148 -10.50 -14.61 -3.76
CA HIS A 148 -11.05 -14.25 -5.10
C HIS A 148 -11.53 -12.80 -5.06
N PHE A 149 -11.04 -12.04 -4.11
CA PHE A 149 -11.47 -10.62 -3.99
C PHE A 149 -11.01 -9.82 -5.22
N MET A 150 -11.85 -8.94 -5.70
CA MET A 150 -11.48 -8.09 -6.87
C MET A 150 -11.97 -6.67 -6.61
N LEU A 151 -11.30 -5.68 -7.13
CA LEU A 151 -11.75 -4.27 -6.89
C LEU A 151 -13.25 -4.15 -7.23
N PRO A 152 -14.09 -3.57 -6.37
CA PRO A 152 -15.54 -3.44 -6.70
C PRO A 152 -15.79 -2.40 -7.81
N ASP A 153 -17.02 -2.24 -8.20
CA ASP A 153 -17.35 -1.25 -9.26
C ASP A 153 -16.97 0.16 -8.81
N ASP A 154 -17.22 0.49 -7.57
CA ASP A 154 -16.89 1.86 -7.08
C ASP A 154 -15.41 2.17 -7.36
N ASP A 155 -14.53 1.27 -7.01
CA ASP A 155 -13.09 1.53 -7.23
C ASP A 155 -12.77 1.48 -8.73
N VAL A 156 -13.36 0.55 -9.45
CA VAL A 156 -13.09 0.46 -10.92
C VAL A 156 -13.50 1.78 -11.59
N GLN A 157 -14.68 2.27 -11.30
CA GLN A 157 -15.12 3.54 -11.92
C GLN A 157 -14.17 4.69 -11.53
N GLY A 158 -13.72 4.72 -10.31
CA GLY A 158 -12.81 5.81 -9.85
C GLY A 158 -11.40 5.68 -10.45
N ILE A 159 -10.78 4.54 -10.33
CA ILE A 159 -9.39 4.40 -10.89
C ILE A 159 -9.40 4.66 -12.39
N GLN A 160 -10.40 4.17 -13.08
CA GLN A 160 -10.46 4.40 -14.55
C GLN A 160 -10.72 5.89 -14.82
N SER A 161 -11.49 6.53 -14.00
CA SER A 161 -11.77 7.98 -14.21
C SER A 161 -10.48 8.79 -14.19
N LEU A 162 -9.53 8.43 -13.38
CA LEU A 162 -8.26 9.20 -13.31
C LEU A 162 -7.27 8.73 -14.38
N TYR A 163 -7.05 7.45 -14.47
CA TYR A 163 -6.07 6.92 -15.48
C TYR A 163 -6.78 6.62 -16.80
N GLY A 164 -8.09 6.68 -16.82
CA GLY A 164 -8.83 6.39 -18.08
C GLY A 164 -9.02 4.88 -18.23
ZN ZN B . -6.28 6.27 4.18
ZN ZN C . 7.15 8.84 7.47
CA CA D . -0.20 2.65 15.33
C1 WAY E . -6.00 6.88 9.49
C2 WAY E . -5.81 7.87 8.39
CF2 WAY E . -5.42 9.23 8.73
CH WAY E . -5.20 9.63 10.10
CF1 WAY E . -5.38 8.67 11.17
C6 WAY E . -5.77 7.30 10.88
C10 WAY E . -6.00 7.61 6.93
O11 WAY E . -6.94 6.94 6.51
N12 WAY E . -5.17 8.14 6.03
O13 WAY E . -5.44 7.89 4.67
CE WAY E . -5.94 6.36 12.05
N20 WAY E . -6.37 5.57 9.25
S21 WAY E . -5.24 4.36 9.46
CD WAY E . -7.80 5.27 9.03
CK WAY E . -9.55 3.18 11.81
CM WAY E . -10.07 4.25 12.61
N25 WAY E . -9.87 5.58 12.27
CJ WAY E . -9.14 5.89 11.11
C27 WAY E . -8.58 4.89 10.26
CI WAY E . -8.80 3.51 10.63
C35 WAY E . -5.51 3.07 8.25
CC1 WAY E . -4.64 2.97 7.10
CB1 WAY E . -4.85 1.92 6.12
C38 WAY E . -5.94 0.95 6.27
CB2 WAY E . -6.80 1.07 7.47
CC2 WAY E . -6.59 2.12 8.45
O45 WAY E . -6.09 -0.06 5.26
CA WAY E . -7.11 -1.08 5.31
O50 WAY E . -5.49 3.77 10.74
O51 WAY E . -3.94 4.90 9.20
HF2 WAY E . -5.28 9.96 7.94
HH WAY E . -4.90 10.64 10.32
HF1 WAY E . -5.21 8.98 12.19
H14 WAY E . -4.37 8.70 6.31
H15 WAY E . -4.93 8.49 4.14
HE1 WAY E . -5.60 6.82 12.98
HE2 WAY E . -5.38 5.45 11.91
HE3 WAY E . -6.98 6.08 12.19
HD1 WAY E . -7.86 4.46 8.31
HD2 WAY E . -8.26 6.16 8.58
HK WAY E . -9.71 2.14 12.10
HL WAY E . -10.64 4.01 13.50
HJ WAY E . -8.98 6.93 10.84
HI WAY E . -8.41 2.72 10.02
HC1 WAY E . -3.84 3.68 6.97
HB1 WAY E . -4.19 1.87 5.26
HB2 WAY E . -7.61 0.37 7.64
HC2 WAY E . -7.22 2.21 9.32
HA1 WAY E . -7.04 -1.73 4.44
HA2 WAY E . -8.11 -0.61 5.32
HA3 WAY E . -7.01 -1.67 6.21
N THR A 7 -7.66 13.08 -9.06
CA THR A 7 -7.10 14.26 -9.77
C THR A 7 -5.61 14.05 -10.04
N LEU A 8 -4.83 13.87 -9.01
CA LEU A 8 -3.38 13.66 -9.20
C LEU A 8 -3.15 12.27 -9.80
N LYS A 9 -2.19 12.14 -10.69
CA LYS A 9 -1.91 10.82 -11.32
C LYS A 9 -0.49 10.83 -11.90
N TRP A 10 0.07 9.68 -12.13
CA TRP A 10 1.45 9.63 -12.70
C TRP A 10 1.42 10.06 -14.17
N SER A 11 2.48 10.66 -14.63
CA SER A 11 2.52 11.12 -16.05
C SER A 11 3.09 10.00 -16.95
N LYS A 12 3.39 8.87 -16.37
CA LYS A 12 3.94 7.74 -17.18
C LYS A 12 3.36 6.41 -16.69
N MET A 13 3.28 5.42 -17.54
CA MET A 13 2.71 4.11 -17.14
C MET A 13 3.82 3.21 -16.60
N ASN A 14 5.04 3.68 -16.58
CA ASN A 14 6.16 2.85 -16.07
C ASN A 14 6.43 3.21 -14.60
N LEU A 15 6.49 2.22 -13.74
CA LEU A 15 6.75 2.50 -12.28
C LEU A 15 7.68 1.42 -11.73
N THR A 16 8.46 1.76 -10.72
CA THR A 16 9.40 0.76 -10.11
C THR A 16 9.27 0.82 -8.59
N TYR A 17 9.56 -0.27 -7.91
CA TYR A 17 9.47 -0.26 -6.42
C TYR A 17 10.56 -1.17 -5.83
N ARG A 18 10.92 -0.94 -4.58
CA ARG A 18 11.97 -1.78 -3.94
C ARG A 18 11.63 -1.97 -2.45
N ILE A 19 11.75 -3.17 -1.96
CA ILE A 19 11.45 -3.41 -0.52
C ILE A 19 12.71 -3.16 0.30
N VAL A 20 12.66 -2.23 1.22
CA VAL A 20 13.84 -1.91 2.05
C VAL A 20 14.13 -3.09 2.99
N ASN A 21 13.15 -3.69 3.56
CA ASN A 21 13.49 -4.81 4.47
C ASN A 21 12.28 -5.68 4.75
N TYR A 22 12.55 -6.90 5.12
CA TYR A 22 11.46 -7.83 5.45
C TYR A 22 11.39 -7.86 6.96
N THR A 23 10.36 -7.30 7.52
CA THR A 23 10.24 -7.26 8.99
C THR A 23 10.36 -8.69 9.55
N PRO A 24 11.06 -8.91 10.66
CA PRO A 24 11.17 -10.28 11.20
C PRO A 24 9.80 -10.87 11.52
N ASP A 25 8.77 -10.08 11.38
CA ASP A 25 7.40 -10.58 11.68
C ASP A 25 7.06 -11.75 10.75
N MET A 26 7.45 -11.67 9.50
CA MET A 26 7.16 -12.77 8.54
C MET A 26 8.41 -13.04 7.69
N THR A 27 8.50 -14.19 7.09
CA THR A 27 9.70 -14.50 6.25
C THR A 27 9.61 -13.75 4.93
N HIS A 28 10.69 -13.72 4.19
CA HIS A 28 10.69 -12.99 2.90
C HIS A 28 9.64 -13.56 1.94
N SER A 29 9.49 -14.85 1.89
CA SER A 29 8.50 -15.45 0.95
C SER A 29 7.09 -14.95 1.26
N GLU A 30 6.70 -14.95 2.50
CA GLU A 30 5.33 -14.47 2.86
C GLU A 30 5.19 -12.97 2.57
N VAL A 31 6.20 -12.20 2.89
CA VAL A 31 6.12 -10.73 2.65
C VAL A 31 6.09 -10.44 1.14
N GLU A 32 6.95 -11.09 0.39
CA GLU A 32 7.00 -10.84 -1.08
C GLU A 32 5.66 -11.17 -1.75
N LYS A 33 5.08 -12.31 -1.49
CA LYS A 33 3.79 -12.64 -2.14
C LYS A 33 2.72 -11.61 -1.73
N ALA A 34 2.79 -11.10 -0.53
CA ALA A 34 1.76 -10.11 -0.09
C ALA A 34 1.80 -8.88 -0.99
N PHE A 35 2.95 -8.31 -1.20
CA PHE A 35 3.02 -7.09 -2.07
C PHE A 35 2.65 -7.44 -3.51
N LYS A 36 3.06 -8.58 -4.00
CA LYS A 36 2.73 -8.95 -5.40
C LYS A 36 1.20 -8.99 -5.57
N LYS A 37 0.50 -9.55 -4.62
CA LYS A 37 -0.99 -9.61 -4.73
C LYS A 37 -1.54 -8.19 -4.83
N ALA A 38 -1.00 -7.27 -4.07
CA ALA A 38 -1.51 -5.87 -4.11
C ALA A 38 -1.37 -5.31 -5.53
N PHE A 39 -0.23 -5.48 -6.15
CA PHE A 39 -0.05 -4.94 -7.52
C PHE A 39 -0.97 -5.68 -8.50
N LYS A 40 -1.14 -6.96 -8.32
CA LYS A 40 -2.02 -7.72 -9.25
C LYS A 40 -3.43 -7.15 -9.20
N VAL A 41 -3.97 -6.94 -8.04
CA VAL A 41 -5.35 -6.39 -7.94
C VAL A 41 -5.43 -5.01 -8.61
N TRP A 42 -4.45 -4.17 -8.39
CA TRP A 42 -4.48 -2.81 -9.02
C TRP A 42 -4.07 -2.90 -10.49
N SER A 43 -3.15 -3.76 -10.82
CA SER A 43 -2.71 -3.88 -12.23
C SER A 43 -3.83 -4.51 -13.07
N ASP A 44 -4.72 -5.23 -12.45
CA ASP A 44 -5.83 -5.88 -13.20
C ASP A 44 -6.68 -4.84 -13.92
N VAL A 45 -6.95 -3.72 -13.30
CA VAL A 45 -7.80 -2.66 -13.93
C VAL A 45 -6.97 -1.42 -14.26
N THR A 46 -5.68 -1.58 -14.47
CA THR A 46 -4.81 -0.40 -14.81
C THR A 46 -3.64 -0.88 -15.68
N PRO A 47 -3.36 -0.25 -16.82
CA PRO A 47 -2.21 -0.69 -17.67
C PRO A 47 -0.85 -0.31 -17.05
N LEU A 48 -0.83 -0.03 -15.78
CA LEU A 48 0.47 0.36 -15.14
C LEU A 48 1.40 -0.85 -15.09
N ASN A 49 2.66 -0.63 -15.37
CA ASN A 49 3.66 -1.75 -15.34
C ASN A 49 4.55 -1.58 -14.11
N PHE A 50 4.57 -2.56 -13.24
CA PHE A 50 5.41 -2.47 -12.00
C PHE A 50 6.61 -3.39 -12.14
N THR A 51 7.80 -2.88 -11.93
CA THR A 51 9.04 -3.71 -12.04
C THR A 51 9.78 -3.71 -10.70
N ARG A 52 10.13 -4.86 -10.22
CA ARG A 52 10.85 -4.95 -8.92
C ARG A 52 12.34 -4.70 -9.16
N LEU A 53 12.94 -3.82 -8.39
CA LEU A 53 14.41 -3.52 -8.56
C LEU A 53 15.17 -4.21 -7.43
N HIS A 54 16.07 -5.10 -7.76
CA HIS A 54 16.87 -5.79 -6.73
C HIS A 54 17.71 -4.78 -5.94
N ASP A 55 18.27 -3.82 -6.61
CA ASP A 55 19.12 -2.80 -5.90
C ASP A 55 18.92 -1.42 -6.53
N GLY A 56 19.33 -0.39 -5.83
CA GLY A 56 19.17 1.01 -6.38
C GLY A 56 17.92 1.64 -5.79
N ILE A 57 17.66 2.88 -6.13
CA ILE A 57 16.45 3.58 -5.59
C ILE A 57 15.30 3.42 -6.57
N ALA A 58 14.13 3.10 -6.08
CA ALA A 58 12.94 2.91 -6.97
C ALA A 58 11.96 4.06 -6.76
N ASP A 59 11.00 4.20 -7.63
CA ASP A 59 10.02 5.30 -7.49
C ASP A 59 9.31 5.16 -6.15
N ILE A 60 8.81 3.97 -5.84
CA ILE A 60 8.10 3.75 -4.55
C ILE A 60 8.89 2.75 -3.69
N MET A 61 9.51 3.21 -2.64
CA MET A 61 10.27 2.29 -1.74
C MET A 61 9.41 1.93 -0.53
N ILE A 62 9.43 0.68 -0.13
CA ILE A 62 8.60 0.22 1.03
C ILE A 62 9.51 -0.10 2.22
N SER A 63 9.18 0.37 3.40
CA SER A 63 10.04 0.08 4.58
C SER A 63 9.19 0.06 5.86
N PHE A 64 9.69 -0.57 6.90
CA PHE A 64 8.92 -0.65 8.19
C PHE A 64 9.64 0.20 9.25
N GLY A 65 8.93 1.12 9.87
CA GLY A 65 9.56 2.00 10.91
C GLY A 65 9.20 1.53 12.32
N ILE A 66 9.53 2.32 13.32
CA ILE A 66 9.22 1.96 14.73
C ILE A 66 8.70 3.19 15.47
N LYS A 67 8.15 2.99 16.66
CA LYS A 67 7.58 4.11 17.50
C LYS A 67 8.21 5.47 17.11
N GLU A 68 9.40 5.74 17.55
CA GLU A 68 10.03 7.04 17.21
C GLU A 68 10.32 7.06 15.70
N HIS A 69 10.08 8.18 15.05
CA HIS A 69 10.32 8.28 13.58
C HIS A 69 11.21 9.49 13.29
N GLY A 70 11.63 10.19 14.31
CA GLY A 70 12.48 11.38 14.08
C GLY A 70 11.62 12.57 13.67
N ASP A 71 10.32 12.42 13.74
CA ASP A 71 9.39 13.53 13.34
C ASP A 71 8.71 14.09 14.59
N PHE A 72 8.17 15.27 14.50
CA PHE A 72 7.48 15.86 15.68
C PHE A 72 6.19 15.10 15.96
N TYR A 73 5.74 14.32 15.01
CA TYR A 73 4.48 13.54 15.19
C TYR A 73 4.66 12.13 14.62
N PRO A 74 5.38 11.27 15.30
CA PRO A 74 5.61 9.88 14.81
C PRO A 74 4.35 9.00 14.97
N PHE A 75 4.52 7.72 15.13
CA PHE A 75 3.35 6.81 15.29
C PHE A 75 2.94 6.81 16.78
N ASP A 76 1.78 6.28 17.09
CA ASP A 76 1.32 6.26 18.52
C ASP A 76 1.57 4.88 19.15
N GLY A 77 2.04 3.93 18.38
CA GLY A 77 2.31 2.56 18.95
C GLY A 77 1.44 1.50 18.23
N PRO A 78 0.51 0.83 18.91
CA PRO A 78 -0.34 -0.21 18.24
C PRO A 78 -1.41 0.39 17.30
N SER A 79 -2.47 0.93 17.86
CA SER A 79 -3.56 1.50 17.02
C SER A 79 -3.13 2.86 16.46
N GLY A 80 -3.96 3.47 15.66
CA GLY A 80 -3.63 4.81 15.08
C GLY A 80 -3.11 4.67 13.64
N LEU A 81 -2.07 5.39 13.31
CA LEU A 81 -1.51 5.31 11.94
C LEU A 81 -0.80 3.97 11.73
N LEU A 82 -1.37 3.11 10.93
CA LEU A 82 -0.73 1.78 10.68
C LEU A 82 0.34 1.95 9.59
N ALA A 83 0.25 3.02 8.85
CA ALA A 83 1.24 3.27 7.77
C ALA A 83 0.90 4.60 7.10
N HIS A 84 1.72 5.07 6.20
CA HIS A 84 1.43 6.36 5.54
C HIS A 84 2.25 6.49 4.24
N ALA A 85 1.87 7.41 3.39
CA ALA A 85 2.61 7.60 2.12
C ALA A 85 2.37 9.02 1.61
N PHE A 86 3.21 9.52 0.74
CA PHE A 86 3.04 10.91 0.21
C PHE A 86 2.54 10.83 -1.26
N PRO A 87 1.80 11.81 -1.73
CA PRO A 87 1.29 11.79 -3.13
C PRO A 87 2.44 11.80 -4.16
N PRO A 88 2.15 11.50 -5.42
CA PRO A 88 3.21 11.49 -6.48
C PRO A 88 4.07 12.77 -6.44
N GLY A 89 5.09 12.79 -5.60
CA GLY A 89 5.97 13.99 -5.52
C GLY A 89 7.21 13.76 -6.39
N PRO A 90 8.16 14.67 -6.36
CA PRO A 90 9.40 14.53 -7.17
C PRO A 90 10.39 13.50 -6.59
N ASN A 91 11.36 13.95 -5.84
CA ASN A 91 12.37 13.00 -5.27
C ASN A 91 11.80 12.29 -4.04
N TYR A 92 11.39 13.02 -3.05
CA TYR A 92 10.86 12.37 -1.82
C TYR A 92 9.52 11.70 -2.11
N GLY A 93 8.84 12.13 -3.14
CA GLY A 93 7.53 11.50 -3.46
C GLY A 93 7.74 10.02 -3.76
N GLY A 94 6.68 9.26 -3.85
CA GLY A 94 6.82 7.81 -4.15
C GLY A 94 7.47 7.10 -2.97
N ASP A 95 6.73 6.91 -1.90
CA ASP A 95 7.30 6.21 -0.72
C ASP A 95 6.16 5.66 0.15
N ALA A 96 6.45 4.70 0.98
CA ALA A 96 5.39 4.13 1.85
C ALA A 96 6.02 3.61 3.15
N HIS A 97 5.61 4.14 4.27
CA HIS A 97 6.18 3.70 5.57
C HIS A 97 5.19 2.79 6.31
N PHE A 98 5.69 1.83 7.02
CA PHE A 98 4.81 0.89 7.78
C PHE A 98 5.32 0.81 9.23
N ASP A 99 4.44 0.64 10.17
CA ASP A 99 4.91 0.57 11.59
C ASP A 99 5.44 -0.84 11.89
N ASP A 100 6.66 -0.95 12.34
CA ASP A 100 7.22 -2.30 12.66
C ASP A 100 6.80 -2.71 14.07
N ASP A 101 6.17 -1.82 14.78
CA ASP A 101 5.72 -2.16 16.16
C ASP A 101 4.42 -2.96 16.07
N GLU A 102 3.85 -3.02 14.89
CA GLU A 102 2.57 -3.78 14.71
C GLU A 102 2.89 -5.22 14.37
N THR A 103 1.89 -6.05 14.30
CA THR A 103 2.11 -7.49 13.97
C THR A 103 1.65 -7.74 12.53
N TRP A 104 2.58 -7.93 11.62
CA TRP A 104 2.19 -8.18 10.20
C TRP A 104 1.99 -9.68 10.01
N THR A 105 0.81 -10.10 9.63
CA THR A 105 0.53 -11.56 9.43
C THR A 105 -0.33 -11.75 8.18
N SER A 106 -0.31 -12.93 7.61
CA SER A 106 -1.14 -13.20 6.40
C SER A 106 -2.45 -13.86 6.84
N SER A 107 -2.55 -14.25 8.07
CA SER A 107 -3.80 -14.89 8.58
C SER A 107 -4.70 -13.81 9.18
N SER A 108 -5.85 -14.18 9.66
CA SER A 108 -6.77 -13.16 10.24
C SER A 108 -6.29 -12.80 11.66
N LYS A 109 -5.27 -12.00 11.78
CA LYS A 109 -4.76 -11.59 13.12
C LYS A 109 -4.19 -10.18 13.02
N GLY A 110 -4.28 -9.41 14.08
CA GLY A 110 -3.73 -8.02 14.05
C GLY A 110 -4.14 -7.34 12.74
N TYR A 111 -3.27 -6.56 12.16
CA TYR A 111 -3.60 -5.86 10.88
C TYR A 111 -2.99 -6.63 9.72
N ASN A 112 -3.80 -7.15 8.84
CA ASN A 112 -3.24 -7.90 7.69
C ASN A 112 -2.37 -6.96 6.84
N LEU A 113 -1.21 -7.41 6.46
CA LEU A 113 -0.31 -6.55 5.64
C LEU A 113 -0.99 -6.19 4.32
N PHE A 114 -1.64 -7.13 3.69
CA PHE A 114 -2.32 -6.86 2.39
C PHE A 114 -3.37 -5.76 2.55
N LEU A 115 -4.13 -5.77 3.62
CA LEU A 115 -5.19 -4.71 3.78
C LEU A 115 -4.54 -3.32 3.80
N VAL A 116 -3.55 -3.12 4.62
CA VAL A 116 -2.90 -1.78 4.69
C VAL A 116 -2.10 -1.53 3.41
N ALA A 117 -1.42 -2.52 2.92
CA ALA A 117 -0.61 -2.32 1.68
C ALA A 117 -1.52 -1.86 0.54
N ALA A 118 -2.60 -2.55 0.32
CA ALA A 118 -3.52 -2.12 -0.78
C ALA A 118 -4.03 -0.70 -0.52
N HIS A 119 -4.29 -0.36 0.72
CA HIS A 119 -4.83 0.99 1.03
C HIS A 119 -3.83 2.09 0.64
N GLU A 120 -2.59 1.99 1.05
CA GLU A 120 -1.61 3.05 0.72
C GLU A 120 -1.49 3.18 -0.82
N PHE A 121 -1.50 2.08 -1.53
CA PHE A 121 -1.40 2.17 -3.01
C PHE A 121 -2.58 2.99 -3.54
N GLY A 122 -3.74 2.80 -2.98
CA GLY A 122 -4.93 3.56 -3.43
C GLY A 122 -4.66 5.06 -3.35
N HIS A 123 -4.10 5.53 -2.26
CA HIS A 123 -3.83 6.98 -2.15
C HIS A 123 -2.75 7.38 -3.17
N SER A 124 -1.76 6.54 -3.35
CA SER A 124 -0.67 6.87 -4.31
C SER A 124 -1.25 6.92 -5.73
N LEU A 125 -2.33 6.24 -5.97
CA LEU A 125 -2.93 6.24 -7.33
C LEU A 125 -3.78 7.51 -7.51
N GLY A 126 -3.80 8.36 -6.53
CA GLY A 126 -4.58 9.63 -6.64
C GLY A 126 -6.03 9.42 -6.21
N LEU A 127 -6.36 8.29 -5.64
CA LEU A 127 -7.77 8.06 -5.21
C LEU A 127 -7.99 8.64 -3.82
N ASP A 128 -9.19 9.07 -3.54
CA ASP A 128 -9.50 9.66 -2.20
C ASP A 128 -10.16 8.59 -1.33
N HIS A 129 -10.35 8.86 -0.06
CA HIS A 129 -11.00 7.84 0.82
C HIS A 129 -12.40 7.53 0.29
N SER A 130 -12.78 6.28 0.33
CA SER A 130 -14.14 5.88 -0.17
C SER A 130 -15.12 5.78 1.00
N LYS A 131 -16.38 6.00 0.76
CA LYS A 131 -17.39 5.92 1.86
C LYS A 131 -18.07 4.55 1.82
N ASP A 132 -17.67 3.70 0.92
CA ASP A 132 -18.29 2.34 0.82
C ASP A 132 -17.54 1.39 1.79
N PRO A 133 -18.22 0.64 2.65
CA PRO A 133 -17.50 -0.27 3.59
C PRO A 133 -16.80 -1.43 2.86
N GLY A 134 -17.23 -1.75 1.67
CA GLY A 134 -16.58 -2.88 0.92
C GLY A 134 -15.39 -2.35 0.13
N ALA A 135 -15.14 -1.07 0.18
CA ALA A 135 -13.99 -0.49 -0.57
C ALA A 135 -12.73 -0.59 0.30
N LEU A 136 -11.60 -0.86 -0.30
CA LEU A 136 -10.35 -0.98 0.49
C LEU A 136 -9.95 0.39 1.04
N MET A 137 -10.14 1.43 0.27
CA MET A 137 -9.75 2.79 0.74
C MET A 137 -10.72 3.29 1.83
N PHE A 138 -11.41 2.40 2.48
CA PHE A 138 -12.36 2.83 3.55
C PHE A 138 -11.52 3.39 4.74
N PRO A 139 -11.87 4.53 5.31
CA PRO A 139 -11.04 5.11 6.43
C PRO A 139 -10.95 4.21 7.68
N ILE A 140 -11.72 3.15 7.75
CA ILE A 140 -11.65 2.24 8.95
C ILE A 140 -11.08 0.88 8.55
N TYR A 141 -10.15 0.38 9.32
CA TYR A 141 -9.54 -0.93 8.99
C TYR A 141 -10.52 -2.08 9.23
N THR A 142 -10.73 -2.91 8.24
CA THR A 142 -11.66 -4.07 8.40
C THR A 142 -11.08 -5.28 7.68
N TYR A 143 -11.21 -6.45 8.24
CA TYR A 143 -10.64 -7.65 7.57
C TYR A 143 -11.58 -8.09 6.45
N THR A 144 -11.05 -8.57 5.35
CA THR A 144 -11.90 -9.02 4.21
C THR A 144 -11.36 -10.32 3.63
N GLY A 145 -12.21 -11.14 3.07
CA GLY A 145 -11.74 -12.42 2.48
C GLY A 145 -10.86 -12.13 1.27
N LYS A 146 -9.57 -12.22 1.44
CA LYS A 146 -8.63 -11.95 0.32
C LYS A 146 -8.62 -13.14 -0.64
N SER A 147 -9.38 -14.16 -0.36
CA SER A 147 -9.39 -15.36 -1.24
C SER A 147 -9.84 -14.96 -2.65
N HIS A 148 -10.82 -14.09 -2.76
CA HIS A 148 -11.29 -13.67 -4.11
C HIS A 148 -11.75 -12.22 -4.05
N PHE A 149 -11.17 -11.42 -3.21
CA PHE A 149 -11.59 -10.00 -3.12
C PHE A 149 -11.26 -9.29 -4.43
N MET A 150 -12.15 -8.43 -4.88
CA MET A 150 -11.91 -7.68 -6.15
C MET A 150 -12.32 -6.22 -5.94
N LEU A 151 -11.62 -5.30 -6.55
CA LEU A 151 -11.99 -3.86 -6.37
C LEU A 151 -13.49 -3.70 -6.70
N PRO A 152 -14.29 -3.08 -5.84
CA PRO A 152 -15.74 -2.90 -6.16
C PRO A 152 -15.98 -1.90 -7.29
N ASP A 153 -17.22 -1.70 -7.66
CA ASP A 153 -17.52 -0.74 -8.76
C ASP A 153 -17.04 0.67 -8.38
N ASP A 154 -17.21 1.05 -7.13
CA ASP A 154 -16.77 2.42 -6.72
C ASP A 154 -15.30 2.62 -7.04
N ASP A 155 -14.46 1.70 -6.66
CA ASP A 155 -13.00 1.85 -6.95
C ASP A 155 -12.74 1.72 -8.46
N VAL A 156 -13.41 0.80 -9.10
CA VAL A 156 -13.18 0.63 -10.57
C VAL A 156 -13.55 1.92 -11.31
N GLN A 157 -14.70 2.48 -11.00
CA GLN A 157 -15.13 3.73 -11.68
C GLN A 157 -14.12 4.86 -11.42
N GLY A 158 -13.61 4.95 -10.21
CA GLY A 158 -12.65 6.04 -9.87
C GLY A 158 -11.29 5.81 -10.53
N ILE A 159 -10.69 4.66 -10.33
CA ILE A 159 -9.35 4.42 -10.94
C ILE A 159 -9.44 4.53 -12.46
N GLN A 160 -10.51 4.03 -13.04
CA GLN A 160 -10.64 4.12 -14.51
C GLN A 160 -10.81 5.59 -14.92
N SER A 161 -11.55 6.33 -14.16
CA SER A 161 -11.75 7.77 -14.50
C SER A 161 -10.40 8.49 -14.51
N LEU A 162 -9.45 8.04 -13.71
CA LEU A 162 -8.12 8.72 -13.68
C LEU A 162 -7.18 8.11 -14.73
N TYR A 163 -7.02 6.82 -14.75
CA TYR A 163 -6.08 6.18 -15.74
C TYR A 163 -6.86 5.65 -16.95
N GLY A 164 -8.13 5.41 -16.81
CA GLY A 164 -8.92 4.90 -17.98
C GLY A 164 -8.15 3.75 -18.66
ZN ZN B . -6.14 6.59 3.97
ZN ZN C . 7.13 7.85 8.29
CA CA D . 0.18 2.69 15.00
C1 WAY E . -5.53 6.97 9.43
C2 WAY E . -5.25 7.88 8.29
CF2 WAY E . -4.79 9.24 8.56
CH WAY E . -4.60 9.70 9.92
CF1 WAY E . -4.87 8.82 11.04
C6 WAY E . -5.34 7.46 10.81
C10 WAY E . -5.40 7.55 6.85
O11 WAY E . -6.49 7.30 6.36
N12 WAY E . -4.31 7.32 6.11
O13 WAY E . -4.51 6.78 4.82
CE WAY E . -5.60 6.61 12.02
N20 WAY E . -5.98 5.68 9.25
S21 WAY E . -4.88 4.42 9.41
CD WAY E . -7.42 5.44 9.13
CK WAY E . -9.61 5.73 12.36
CM WAY E . -9.44 4.40 12.86
N25 WAY E . -8.66 3.45 12.21
CJ WAY E . -8.02 3.80 11.01
C27 WAY E . -8.13 5.11 10.42
CI WAY E . -8.94 6.08 11.12
C35 WAY E . -5.25 3.15 8.21
CC1 WAY E . -4.38 2.96 7.06
CB1 WAY E . -4.67 1.92 6.09
C38 WAY E . -5.84 1.05 6.26
CB2 WAY E . -6.70 1.26 7.45
CC2 WAY E . -6.40 2.30 8.41
O45 WAY E . -6.07 0.04 5.26
CA WAY E . -7.18 -0.89 5.32
O50 WAY E . -5.09 3.85 10.70
O51 WAY E . -3.57 4.93 9.09
HF2 WAY E . -4.58 9.91 7.75
HH WAY E . -4.27 10.72 10.09
HF1 WAY E . -4.73 9.19 12.04
H14 WAY E . -3.39 7.51 6.46
H15 WAY E . -5.17 6.08 4.88
HE1 WAY E . -4.77 6.64 12.73
HE2 WAY E . -5.74 5.56 11.74
HE3 WAY E . -6.49 6.92 12.55
HD1 WAY E . -7.56 4.62 8.43
HD2 WAY E . -7.87 6.34 8.70
HK WAY E . -10.22 6.45 12.87
HL WAY E . -9.93 4.13 13.79
HJ WAY E . -7.41 3.07 10.49
HI WAY E . -9.06 7.07 10.72
HC1 WAY E . -3.52 3.61 6.93
HB1 WAY E . -4.02 1.80 5.25
HB2 WAY E . -7.57 0.65 7.62
HC2 WAY E . -7.02 2.46 9.28
HA1 WAY E . -7.17 -1.56 4.47
HA2 WAY E . -8.13 -0.34 5.30
HA3 WAY E . -7.14 -1.47 6.23
N THR A 7 -7.59 14.04 -10.79
CA THR A 7 -6.82 15.30 -10.59
C THR A 7 -5.32 14.98 -10.50
N LEU A 8 -4.92 14.23 -9.51
CA LEU A 8 -3.48 13.89 -9.37
C LEU A 8 -3.24 12.49 -9.98
N LYS A 9 -2.24 12.37 -10.80
CA LYS A 9 -1.95 11.04 -11.42
C LYS A 9 -0.51 11.00 -11.93
N TRP A 10 0.02 9.83 -12.13
CA TRP A 10 1.43 9.73 -12.61
C TRP A 10 1.49 10.14 -14.08
N SER A 11 2.60 10.68 -14.51
CA SER A 11 2.72 11.11 -15.93
C SER A 11 3.16 9.94 -16.81
N LYS A 12 3.31 8.78 -16.23
CA LYS A 12 3.74 7.59 -17.04
C LYS A 12 3.15 6.32 -16.45
N MET A 13 2.98 5.30 -17.25
CA MET A 13 2.39 4.03 -16.73
C MET A 13 3.50 3.11 -16.24
N ASN A 14 4.73 3.55 -16.33
CA ASN A 14 5.86 2.71 -15.86
C ASN A 14 6.22 3.11 -14.43
N LEU A 15 6.31 2.16 -13.52
CA LEU A 15 6.65 2.49 -12.11
C LEU A 15 7.58 1.42 -11.55
N THR A 16 8.42 1.79 -10.63
CA THR A 16 9.38 0.82 -10.02
C THR A 16 9.32 0.95 -8.49
N TYR A 17 9.67 -0.10 -7.78
CA TYR A 17 9.63 -0.03 -6.29
C TYR A 17 10.77 -0.87 -5.69
N ARG A 18 11.12 -0.60 -4.47
CA ARG A 18 12.23 -1.36 -3.81
C ARG A 18 11.90 -1.58 -2.33
N ILE A 19 12.08 -2.79 -1.84
CA ILE A 19 11.79 -3.06 -0.40
C ILE A 19 13.05 -2.77 0.42
N VAL A 20 13.00 -1.81 1.31
CA VAL A 20 14.21 -1.49 2.12
C VAL A 20 14.50 -2.63 3.10
N ASN A 21 13.49 -3.21 3.68
CA ASN A 21 13.75 -4.32 4.65
C ASN A 21 12.47 -5.11 4.91
N TYR A 22 12.62 -6.31 5.40
CA TYR A 22 11.43 -7.14 5.73
C TYR A 22 11.16 -6.99 7.23
N THR A 23 10.23 -7.74 7.78
CA THR A 23 9.93 -7.60 9.24
C THR A 23 10.23 -8.94 9.96
N PRO A 24 10.64 -8.89 11.22
CA PRO A 24 10.91 -10.16 11.97
C PRO A 24 9.61 -10.92 12.21
N ASP A 25 8.53 -10.21 12.13
CA ASP A 25 7.18 -10.81 12.33
C ASP A 25 6.94 -11.92 11.31
N MET A 26 7.35 -11.72 10.08
CA MET A 26 7.14 -12.76 9.03
C MET A 26 8.39 -12.87 8.16
N THR A 27 8.53 -13.98 7.48
CA THR A 27 9.71 -14.18 6.61
C THR A 27 9.57 -13.32 5.36
N HIS A 28 10.64 -13.08 4.68
CA HIS A 28 10.59 -12.24 3.45
C HIS A 28 9.72 -12.93 2.38
N SER A 29 9.75 -14.23 2.31
CA SER A 29 8.94 -14.92 1.27
C SER A 29 7.47 -14.60 1.48
N GLU A 30 7.02 -14.56 2.70
CA GLU A 30 5.58 -14.22 2.96
C GLU A 30 5.35 -12.75 2.63
N VAL A 31 6.28 -11.90 2.99
CA VAL A 31 6.11 -10.45 2.71
C VAL A 31 6.20 -10.17 1.20
N GLU A 32 7.11 -10.81 0.51
CA GLU A 32 7.23 -10.56 -0.96
C GLU A 32 5.91 -10.91 -1.66
N LYS A 33 5.35 -12.06 -1.40
CA LYS A 33 4.08 -12.42 -2.07
C LYS A 33 2.97 -11.44 -1.67
N ALA A 34 3.02 -10.93 -0.47
CA ALA A 34 1.96 -9.97 -0.03
C ALA A 34 1.95 -8.75 -0.95
N PHE A 35 3.07 -8.14 -1.19
CA PHE A 35 3.09 -6.95 -2.08
C PHE A 35 2.70 -7.36 -3.50
N LYS A 36 3.13 -8.51 -3.94
CA LYS A 36 2.78 -8.95 -5.33
C LYS A 36 1.26 -9.04 -5.47
N LYS A 37 0.59 -9.56 -4.48
CA LYS A 37 -0.90 -9.66 -4.57
C LYS A 37 -1.51 -8.27 -4.75
N ALA A 38 -1.04 -7.33 -3.97
CA ALA A 38 -1.59 -5.94 -4.06
C ALA A 38 -1.38 -5.36 -5.46
N PHE A 39 -0.20 -5.46 -6.00
CA PHE A 39 0.04 -4.91 -7.35
C PHE A 39 -0.82 -5.65 -8.38
N LYS A 40 -0.94 -6.94 -8.25
CA LYS A 40 -1.76 -7.71 -9.22
C LYS A 40 -3.21 -7.19 -9.20
N VAL A 41 -3.78 -7.03 -8.04
CA VAL A 41 -5.19 -6.54 -7.96
C VAL A 41 -5.30 -5.16 -8.60
N TRP A 42 -4.35 -4.30 -8.37
CA TRP A 42 -4.43 -2.92 -8.96
C TRP A 42 -4.02 -2.95 -10.44
N SER A 43 -3.06 -3.76 -10.79
CA SER A 43 -2.62 -3.82 -12.22
C SER A 43 -3.70 -4.51 -13.07
N ASP A 44 -4.57 -5.26 -12.45
CA ASP A 44 -5.65 -5.97 -13.21
C ASP A 44 -6.53 -4.96 -13.94
N VAL A 45 -6.85 -3.84 -13.32
CA VAL A 45 -7.73 -2.83 -13.99
C VAL A 45 -6.95 -1.57 -14.36
N THR A 46 -5.64 -1.67 -14.54
CA THR A 46 -4.85 -0.47 -14.92
C THR A 46 -3.61 -0.91 -15.75
N PRO A 47 -3.24 -0.18 -16.81
CA PRO A 47 -2.03 -0.58 -17.61
C PRO A 47 -0.72 -0.23 -16.89
N LEU A 48 -0.78 0.04 -15.62
CA LEU A 48 0.46 0.39 -14.88
C LEU A 48 1.40 -0.81 -14.82
N ASN A 49 2.68 -0.60 -14.98
CA ASN A 49 3.67 -1.72 -14.94
C ASN A 49 4.54 -1.55 -13.69
N PHE A 50 4.55 -2.54 -12.82
CA PHE A 50 5.38 -2.44 -11.57
C PHE A 50 6.58 -3.38 -11.70
N THR A 51 7.78 -2.84 -11.65
CA THR A 51 9.02 -3.68 -11.76
C THR A 51 9.87 -3.52 -10.51
N ARG A 52 10.28 -4.62 -9.91
CA ARG A 52 11.12 -4.53 -8.69
C ARG A 52 12.57 -4.30 -9.09
N LEU A 53 13.25 -3.41 -8.42
CA LEU A 53 14.68 -3.12 -8.75
C LEU A 53 15.58 -3.80 -7.72
N HIS A 54 16.59 -4.51 -8.16
CA HIS A 54 17.50 -5.21 -7.21
C HIS A 54 18.23 -4.17 -6.35
N ASP A 55 18.65 -3.08 -6.94
CA ASP A 55 19.38 -2.04 -6.16
C ASP A 55 19.09 -0.65 -6.74
N GLY A 56 19.50 0.38 -6.05
CA GLY A 56 19.25 1.76 -6.55
C GLY A 56 17.97 2.32 -5.92
N ILE A 57 17.63 3.54 -6.24
CA ILE A 57 16.39 4.16 -5.67
C ILE A 57 15.23 3.92 -6.64
N ALA A 58 14.07 3.60 -6.12
CA ALA A 58 12.88 3.34 -7.00
C ALA A 58 11.85 4.44 -6.81
N ASP A 59 10.84 4.47 -7.64
CA ASP A 59 9.80 5.53 -7.51
C ASP A 59 9.16 5.42 -6.12
N ILE A 60 8.76 4.23 -5.74
CA ILE A 60 8.13 4.04 -4.39
C ILE A 60 8.97 3.04 -3.58
N MET A 61 9.59 3.51 -2.53
CA MET A 61 10.43 2.61 -1.67
C MET A 61 9.62 2.23 -0.43
N ILE A 62 9.64 0.97 -0.07
CA ILE A 62 8.86 0.51 1.13
C ILE A 62 9.81 0.24 2.31
N SER A 63 9.44 0.70 3.47
CA SER A 63 10.30 0.48 4.67
C SER A 63 9.43 0.46 5.93
N PHE A 64 9.92 -0.12 7.00
CA PHE A 64 9.14 -0.18 8.26
C PHE A 64 9.67 0.86 9.25
N GLY A 65 8.80 1.69 9.77
CA GLY A 65 9.24 2.74 10.75
C GLY A 65 8.87 2.30 12.17
N ILE A 66 9.54 2.84 13.15
CA ILE A 66 9.25 2.47 14.56
C ILE A 66 8.47 3.62 15.23
N LYS A 67 8.15 3.48 16.48
CA LYS A 67 7.40 4.55 17.21
C LYS A 67 7.87 5.94 16.77
N GLU A 68 8.99 6.38 17.27
CA GLU A 68 9.49 7.73 16.90
C GLU A 68 10.00 7.75 15.44
N HIS A 69 9.42 8.56 14.61
CA HIS A 69 9.89 8.64 13.19
C HIS A 69 11.26 9.31 13.17
N GLY A 70 11.40 10.41 13.86
CA GLY A 70 12.71 11.13 13.89
C GLY A 70 12.79 12.11 12.71
N ASP A 71 11.89 12.01 11.77
CA ASP A 71 11.90 12.93 10.58
C ASP A 71 10.56 13.68 10.47
N PHE A 72 9.53 13.24 11.15
CA PHE A 72 8.23 13.95 11.04
C PHE A 72 7.24 13.43 12.10
N TYR A 73 6.00 13.82 11.99
CA TYR A 73 4.97 13.38 12.97
C TYR A 73 5.15 11.87 13.28
N PRO A 74 5.38 11.47 14.52
CA PRO A 74 5.56 10.02 14.83
C PRO A 74 4.24 9.24 14.86
N PHE A 75 4.29 8.01 15.28
CA PHE A 75 3.05 7.18 15.36
C PHE A 75 2.40 7.40 16.73
N ASP A 76 1.17 6.96 16.90
CA ASP A 76 0.49 7.17 18.21
C ASP A 76 0.61 5.90 19.08
N GLY A 77 1.27 4.88 18.58
CA GLY A 77 1.44 3.62 19.37
C GLY A 77 1.11 2.42 18.47
N PRO A 78 0.75 1.30 19.02
CA PRO A 78 0.42 0.11 18.19
C PRO A 78 -0.77 0.40 17.24
N SER A 79 -1.92 0.65 17.80
CA SER A 79 -3.12 0.96 16.96
C SER A 79 -3.04 2.40 16.45
N GLY A 80 -3.79 2.72 15.43
CA GLY A 80 -3.77 4.11 14.86
C GLY A 80 -3.21 4.08 13.44
N LEU A 81 -2.25 4.92 13.16
CA LEU A 81 -1.67 4.94 11.79
C LEU A 81 -0.95 3.61 11.54
N LEU A 82 -1.58 2.72 10.82
CA LEU A 82 -0.93 1.41 10.56
C LEU A 82 0.15 1.60 9.49
N ALA A 83 -0.03 2.58 8.65
CA ALA A 83 0.97 2.86 7.58
C ALA A 83 0.51 4.08 6.80
N HIS A 84 1.38 4.69 6.03
CA HIS A 84 0.95 5.88 5.25
C HIS A 84 1.92 6.13 4.10
N ALA A 85 1.50 6.87 3.10
CA ALA A 85 2.40 7.16 1.95
C ALA A 85 2.11 8.59 1.46
N PHE A 86 3.06 9.21 0.81
CA PHE A 86 2.84 10.60 0.31
C PHE A 86 2.37 10.54 -1.15
N PRO A 87 1.60 11.50 -1.62
CA PRO A 87 1.13 11.49 -3.03
C PRO A 87 2.30 11.66 -4.02
N PRO A 88 2.09 11.36 -5.29
CA PRO A 88 3.17 11.51 -6.30
C PRO A 88 3.98 12.80 -6.10
N GLY A 89 5.28 12.73 -6.19
CA GLY A 89 6.09 13.96 -6.00
C GLY A 89 7.56 13.68 -6.33
N PRO A 90 8.45 14.63 -6.09
CA PRO A 90 9.88 14.43 -6.40
C PRO A 90 10.47 13.22 -5.66
N ASN A 91 11.73 13.28 -5.32
CA ASN A 91 12.36 12.13 -4.61
C ASN A 91 11.67 11.90 -3.26
N TYR A 92 11.31 12.96 -2.57
CA TYR A 92 10.63 12.80 -1.25
C TYR A 92 9.26 12.14 -1.43
N GLY A 93 8.54 12.52 -2.46
CA GLY A 93 7.21 11.91 -2.69
C GLY A 93 7.38 10.47 -3.18
N GLY A 94 6.30 9.77 -3.38
CA GLY A 94 6.41 8.35 -3.84
C GLY A 94 7.13 7.52 -2.78
N ASP A 95 6.48 7.25 -1.69
CA ASP A 95 7.12 6.44 -0.62
C ASP A 95 6.03 5.82 0.25
N ALA A 96 6.35 4.78 0.99
CA ALA A 96 5.32 4.15 1.86
C ALA A 96 5.99 3.59 3.13
N HIS A 97 5.51 4.01 4.28
CA HIS A 97 6.09 3.54 5.57
C HIS A 97 5.10 2.62 6.29
N PHE A 98 5.61 1.76 7.11
CA PHE A 98 4.73 0.82 7.88
C PHE A 98 5.14 0.88 9.36
N ASP A 99 4.23 0.66 10.27
CA ASP A 99 4.59 0.71 11.71
C ASP A 99 5.29 -0.59 12.11
N ASP A 100 6.48 -0.50 12.63
CA ASP A 100 7.21 -1.73 13.06
C ASP A 100 6.77 -2.12 14.47
N ASP A 101 5.99 -1.29 15.11
CA ASP A 101 5.54 -1.60 16.50
C ASP A 101 4.27 -2.47 16.45
N GLU A 102 3.63 -2.55 15.31
CA GLU A 102 2.39 -3.36 15.21
C GLU A 102 2.74 -4.81 14.84
N THR A 103 1.77 -5.69 14.92
CA THR A 103 2.02 -7.12 14.59
C THR A 103 1.56 -7.39 13.16
N TRP A 104 2.47 -7.46 12.24
CA TRP A 104 2.10 -7.71 10.82
C TRP A 104 1.97 -9.22 10.59
N THR A 105 0.81 -9.66 10.15
CA THR A 105 0.59 -11.11 9.92
C THR A 105 -0.25 -11.31 8.65
N SER A 106 -0.06 -12.41 7.96
CA SER A 106 -0.85 -12.66 6.73
C SER A 106 -2.09 -13.48 7.11
N SER A 107 -2.17 -13.89 8.34
CA SER A 107 -3.35 -14.69 8.80
C SER A 107 -4.42 -13.73 9.35
N SER A 108 -5.53 -14.25 9.78
CA SER A 108 -6.60 -13.38 10.33
C SER A 108 -6.23 -12.95 11.75
N LYS A 109 -5.23 -12.11 11.89
CA LYS A 109 -4.81 -11.66 13.25
C LYS A 109 -4.31 -10.21 13.18
N GLY A 110 -4.46 -9.48 14.25
CA GLY A 110 -3.99 -8.06 14.26
C GLY A 110 -4.38 -7.36 12.95
N TYR A 111 -3.49 -6.59 12.39
CA TYR A 111 -3.80 -5.88 11.11
C TYR A 111 -3.17 -6.65 9.95
N ASN A 112 -3.98 -7.18 9.07
CA ASN A 112 -3.42 -7.95 7.91
C ASN A 112 -2.59 -7.02 7.02
N LEU A 113 -1.39 -7.44 6.68
CA LEU A 113 -0.51 -6.60 5.82
C LEU A 113 -1.17 -6.31 4.46
N PHE A 114 -1.77 -7.31 3.86
CA PHE A 114 -2.41 -7.09 2.51
C PHE A 114 -3.51 -6.02 2.59
N LEU A 115 -4.33 -6.02 3.61
CA LEU A 115 -5.40 -4.99 3.70
C LEU A 115 -4.77 -3.59 3.74
N VAL A 116 -3.81 -3.38 4.60
CA VAL A 116 -3.17 -2.04 4.69
C VAL A 116 -2.33 -1.77 3.43
N ALA A 117 -1.62 -2.75 2.95
CA ALA A 117 -0.77 -2.53 1.75
C ALA A 117 -1.65 -2.06 0.58
N ALA A 118 -2.72 -2.76 0.31
CA ALA A 118 -3.61 -2.37 -0.80
C ALA A 118 -4.17 -0.95 -0.59
N HIS A 119 -4.52 -0.61 0.62
CA HIS A 119 -5.10 0.73 0.88
C HIS A 119 -4.09 1.85 0.56
N GLU A 120 -2.86 1.74 1.03
CA GLU A 120 -1.88 2.83 0.74
C GLU A 120 -1.69 2.96 -0.78
N PHE A 121 -1.65 1.88 -1.50
CA PHE A 121 -1.47 1.98 -2.97
C PHE A 121 -2.64 2.79 -3.55
N GLY A 122 -3.82 2.56 -3.06
CA GLY A 122 -4.99 3.33 -3.57
C GLY A 122 -4.72 4.82 -3.43
N HIS A 123 -4.18 5.24 -2.33
CA HIS A 123 -3.89 6.69 -2.15
C HIS A 123 -2.83 7.14 -3.14
N SER A 124 -1.84 6.32 -3.37
CA SER A 124 -0.77 6.69 -4.35
C SER A 124 -1.36 6.74 -5.75
N LEU A 125 -2.44 6.02 -5.97
CA LEU A 125 -3.06 6.02 -7.33
C LEU A 125 -3.95 7.27 -7.49
N GLY A 126 -4.04 8.08 -6.47
CA GLY A 126 -4.86 9.33 -6.57
C GLY A 126 -6.28 9.08 -6.06
N LEU A 127 -6.55 7.94 -5.49
CA LEU A 127 -7.93 7.67 -4.99
C LEU A 127 -8.08 8.19 -3.56
N ASP A 128 -9.23 8.75 -3.25
CA ASP A 128 -9.46 9.29 -1.87
C ASP A 128 -10.24 8.26 -1.05
N HIS A 129 -10.46 8.51 0.21
CA HIS A 129 -11.19 7.52 1.06
C HIS A 129 -12.59 7.29 0.49
N SER A 130 -13.04 6.06 0.49
CA SER A 130 -14.40 5.75 -0.03
C SER A 130 -15.39 5.64 1.13
N LYS A 131 -16.66 5.84 0.88
CA LYS A 131 -17.66 5.74 1.97
C LYS A 131 -18.29 4.36 1.95
N ASP A 132 -17.90 3.53 1.02
CA ASP A 132 -18.49 2.15 0.95
C ASP A 132 -17.70 1.23 1.90
N PRO A 133 -18.34 0.48 2.78
CA PRO A 133 -17.59 -0.42 3.69
C PRO A 133 -16.92 -1.59 2.95
N GLY A 134 -17.39 -1.92 1.77
CA GLY A 134 -16.79 -3.05 1.00
C GLY A 134 -15.60 -2.55 0.19
N ALA A 135 -15.38 -1.26 0.14
CA ALA A 135 -14.24 -0.71 -0.65
C ALA A 135 -12.98 -0.71 0.22
N LEU A 136 -11.84 -0.94 -0.37
CA LEU A 136 -10.58 -0.95 0.43
C LEU A 136 -10.25 0.46 0.89
N MET A 137 -10.65 1.45 0.13
CA MET A 137 -10.35 2.86 0.53
C MET A 137 -11.20 3.28 1.72
N PHE A 138 -11.83 2.35 2.39
CA PHE A 138 -12.68 2.70 3.56
C PHE A 138 -11.76 3.16 4.72
N PRO A 139 -12.03 4.28 5.38
CA PRO A 139 -11.14 4.78 6.48
C PRO A 139 -11.05 3.85 7.70
N ILE A 140 -11.86 2.81 7.77
CA ILE A 140 -11.80 1.87 8.94
C ILE A 140 -11.22 0.53 8.49
N TYR A 141 -10.36 -0.05 9.29
CA TYR A 141 -9.73 -1.35 8.91
C TYR A 141 -10.74 -2.50 9.05
N THR A 142 -10.89 -3.29 8.01
CA THR A 142 -11.84 -4.44 8.06
C THR A 142 -11.20 -5.65 7.36
N TYR A 143 -11.34 -6.83 7.92
CA TYR A 143 -10.75 -8.03 7.28
C TYR A 143 -11.66 -8.52 6.15
N THR A 144 -11.11 -9.12 5.13
CA THR A 144 -11.95 -9.61 3.99
C THR A 144 -11.42 -10.95 3.47
N GLY A 145 -12.24 -11.70 2.80
CA GLY A 145 -11.78 -13.02 2.26
C GLY A 145 -10.83 -12.79 1.08
N LYS A 146 -9.60 -13.14 1.23
CA LYS A 146 -8.60 -12.93 0.13
C LYS A 146 -8.72 -14.06 -0.90
N SER A 147 -9.66 -14.95 -0.74
CA SER A 147 -9.80 -16.08 -1.71
C SER A 147 -10.01 -15.51 -3.11
N HIS A 148 -10.81 -14.50 -3.23
CA HIS A 148 -11.06 -13.89 -4.56
C HIS A 148 -11.62 -12.47 -4.38
N PHE A 149 -10.81 -11.56 -3.91
CA PHE A 149 -11.31 -10.16 -3.70
C PHE A 149 -10.96 -9.32 -4.93
N MET A 150 -11.96 -8.75 -5.57
CA MET A 150 -11.71 -7.89 -6.76
C MET A 150 -12.19 -6.48 -6.44
N LEU A 151 -11.49 -5.49 -6.91
CA LEU A 151 -11.92 -4.09 -6.62
C LEU A 151 -13.42 -3.94 -6.96
N PRO A 152 -14.24 -3.35 -6.10
CA PRO A 152 -15.69 -3.19 -6.42
C PRO A 152 -15.93 -2.19 -7.57
N ASP A 153 -17.17 -1.99 -7.94
CA ASP A 153 -17.48 -1.02 -9.02
C ASP A 153 -17.05 0.39 -8.63
N ASP A 154 -17.26 0.76 -7.39
CA ASP A 154 -16.88 2.13 -6.94
C ASP A 154 -15.39 2.37 -7.21
N ASP A 155 -14.55 1.46 -6.82
CA ASP A 155 -13.09 1.66 -7.04
C ASP A 155 -12.78 1.55 -8.53
N VAL A 156 -13.40 0.63 -9.22
CA VAL A 156 -13.14 0.49 -10.68
C VAL A 156 -13.54 1.79 -11.39
N GLN A 157 -14.70 2.29 -11.10
CA GLN A 157 -15.15 3.56 -11.76
C GLN A 157 -14.20 4.70 -11.42
N GLY A 158 -13.74 4.77 -10.20
CA GLY A 158 -12.82 5.88 -9.80
C GLY A 158 -11.45 5.74 -10.45
N ILE A 159 -10.81 4.61 -10.30
CA ILE A 159 -9.45 4.45 -10.90
C ILE A 159 -9.54 4.62 -12.42
N GLN A 160 -10.57 4.10 -13.03
CA GLN A 160 -10.69 4.25 -14.53
C GLN A 160 -10.87 5.73 -14.87
N SER A 161 -11.64 6.46 -14.10
CA SER A 161 -11.85 7.90 -14.40
C SER A 161 -10.53 8.68 -14.24
N LEU A 162 -9.62 8.18 -13.45
CA LEU A 162 -8.33 8.91 -13.26
C LEU A 162 -7.32 8.48 -14.32
N TYR A 163 -7.11 7.21 -14.49
CA TYR A 163 -6.13 6.73 -15.51
C TYR A 163 -6.84 6.50 -16.84
N GLY A 164 -8.15 6.56 -16.84
CA GLY A 164 -8.92 6.36 -18.11
C GLY A 164 -9.26 4.88 -18.26
ZN ZN B . -6.42 6.28 3.98
ZN ZN C . 6.32 6.96 8.24
CA CA D . -0.29 3.19 14.85
C1 WAY E . -5.61 6.81 9.30
C2 WAY E . -5.31 7.60 8.09
CF2 WAY E . -4.80 8.96 8.23
CH WAY E . -4.57 9.53 9.54
CF1 WAY E . -4.87 8.77 10.73
C6 WAY E . -5.39 7.41 10.63
C10 WAY E . -5.48 7.15 6.69
O11 WAY E . -6.60 7.03 6.17
N12 WAY E . -4.42 6.75 5.97
O13 WAY E . -4.68 6.22 4.69
CE WAY E . -5.67 6.67 11.92
N20 WAY E . -6.10 5.52 9.25
S21 WAY E . -5.04 4.24 9.34
CD WAY E . -7.56 5.33 9.10
CK WAY E . -9.93 5.84 12.17
CM WAY E . -9.67 4.62 12.86
N25 WAY E . -8.78 3.67 12.36
CJ WAY E . -8.11 3.91 11.16
C27 WAY E . -8.30 5.11 10.40
CI WAY E . -9.23 6.08 10.92
C35 WAY E . -5.45 3.00 8.14
CC1 WAY E . -4.61 2.80 6.97
CB1 WAY E . -4.96 1.78 6.00
C38 WAY E . -6.15 0.94 6.16
CB2 WAY E . -6.99 1.18 7.36
CC2 WAY E . -6.64 2.20 8.33
O45 WAY E . -6.42 -0.04 5.14
CA WAY E . -7.57 -0.92 5.20
O50 WAY E . -5.22 3.65 10.63
O51 WAY E . -3.72 4.71 9.00
HF2 WAY E . -4.57 9.54 7.36
HH WAY E . -4.19 10.54 9.63
HF1 WAY E . -4.69 9.22 11.70
H14 WAY E . -3.50 6.83 6.34
H15 WAY E . -4.14 5.44 4.57
HE1 WAY E . -6.63 6.94 12.33
HE2 WAY E . -4.91 6.89 12.67
HE3 WAY E . -5.67 5.59 11.77
HD1 WAY E . -7.71 4.46 8.46
HD2 WAY E . -7.96 6.20 8.60
HK WAY E . -10.61 6.58 12.56
HL WAY E . -10.18 4.43 13.79
HJ WAY E . -7.42 3.17 10.77
HI WAY E . -9.40 7.01 10.39
HC1 WAY E . -3.72 3.41 6.84
HB1 WAY E . -4.31 1.65 5.13
HB2 WAY E . -7.88 0.58 7.52
HC2 WAY E . -7.25 2.36 9.21
HA1 WAY E . -7.58 -1.57 4.33
HA2 WAY E . -8.49 -0.34 5.20
HA3 WAY E . -7.53 -1.53 6.10
N THR A 7 -7.79 13.37 -9.10
CA THR A 7 -7.14 14.58 -9.69
C THR A 7 -5.64 14.30 -9.90
N LEU A 8 -4.92 14.04 -8.84
CA LEU A 8 -3.47 13.76 -8.98
C LEU A 8 -3.27 12.40 -9.65
N LYS A 9 -2.26 12.27 -10.47
CA LYS A 9 -2.00 10.97 -11.15
C LYS A 9 -0.54 10.92 -11.62
N TRP A 10 -0.03 9.76 -11.88
CA TRP A 10 1.38 9.64 -12.35
C TRP A 10 1.46 10.11 -13.80
N SER A 11 2.57 10.65 -14.21
CA SER A 11 2.71 11.14 -15.62
C SER A 11 3.13 10.00 -16.54
N LYS A 12 3.31 8.81 -16.00
CA LYS A 12 3.73 7.66 -16.87
C LYS A 12 3.18 6.35 -16.28
N MET A 13 3.09 5.32 -17.09
CA MET A 13 2.57 4.01 -16.60
C MET A 13 3.72 3.15 -16.11
N ASN A 14 4.93 3.64 -16.19
CA ASN A 14 6.12 2.85 -15.74
C ASN A 14 6.46 3.25 -14.30
N LEU A 15 6.48 2.30 -13.40
CA LEU A 15 6.80 2.62 -11.97
C LEU A 15 7.69 1.52 -11.40
N THR A 16 8.51 1.84 -10.44
CA THR A 16 9.42 0.82 -9.82
C THR A 16 9.33 0.92 -8.30
N TYR A 17 9.63 -0.14 -7.60
CA TYR A 17 9.56 -0.09 -6.10
C TYR A 17 10.69 -0.97 -5.52
N ARG A 18 11.05 -0.72 -4.29
CA ARG A 18 12.14 -1.51 -3.64
C ARG A 18 11.78 -1.74 -2.17
N ILE A 19 11.91 -2.96 -1.71
CA ILE A 19 11.60 -3.25 -0.28
C ILE A 19 12.85 -3.01 0.56
N VAL A 20 12.79 -2.11 1.49
CA VAL A 20 13.97 -1.83 2.34
C VAL A 20 14.24 -3.03 3.27
N ASN A 21 13.24 -3.62 3.81
CA ASN A 21 13.55 -4.76 4.71
C ASN A 21 12.32 -5.62 4.94
N TYR A 22 12.55 -6.85 5.26
CA TYR A 22 11.42 -7.76 5.55
C TYR A 22 11.32 -7.83 7.07
N THR A 23 10.30 -7.25 7.64
CA THR A 23 10.20 -7.23 9.12
C THR A 23 10.21 -8.68 9.66
N PRO A 24 10.89 -8.95 10.76
CA PRO A 24 10.91 -10.34 11.29
C PRO A 24 9.50 -10.81 11.63
N ASP A 25 8.56 -9.91 11.59
CA ASP A 25 7.15 -10.30 11.90
C ASP A 25 6.69 -11.40 10.95
N MET A 26 7.24 -11.46 9.76
CA MET A 26 6.83 -12.52 8.78
C MET A 26 8.04 -12.98 7.98
N THR A 27 7.94 -14.12 7.35
CA THR A 27 9.09 -14.62 6.54
C THR A 27 9.23 -13.78 5.28
N HIS A 28 10.38 -13.82 4.67
CA HIS A 28 10.60 -13.00 3.44
C HIS A 28 9.61 -13.42 2.33
N SER A 29 9.36 -14.69 2.18
CA SER A 29 8.44 -15.13 1.11
C SER A 29 7.04 -14.55 1.33
N GLU A 30 6.57 -14.51 2.55
CA GLU A 30 5.21 -13.97 2.81
C GLU A 30 5.16 -12.47 2.50
N VAL A 31 6.17 -11.75 2.83
CA VAL A 31 6.17 -10.28 2.57
C VAL A 31 6.26 -10.01 1.07
N GLU A 32 7.11 -10.73 0.37
CA GLU A 32 7.26 -10.50 -1.09
C GLU A 32 5.94 -10.74 -1.82
N LYS A 33 5.34 -11.86 -1.62
CA LYS A 33 4.07 -12.18 -2.32
C LYS A 33 2.96 -11.24 -1.85
N ALA A 34 3.00 -10.79 -0.63
CA ALA A 34 1.92 -9.88 -0.15
C ALA A 34 1.87 -8.62 -1.02
N PHE A 35 3.00 -7.99 -1.23
CA PHE A 35 3.01 -6.76 -2.09
C PHE A 35 2.67 -7.11 -3.54
N LYS A 36 3.15 -8.23 -4.02
CA LYS A 36 2.85 -8.59 -5.43
C LYS A 36 1.34 -8.73 -5.62
N LYS A 37 0.64 -9.31 -4.67
CA LYS A 37 -0.83 -9.43 -4.82
C LYS A 37 -1.44 -8.03 -4.91
N ALA A 38 -0.97 -7.12 -4.12
CA ALA A 38 -1.52 -5.73 -4.15
C ALA A 38 -1.35 -5.13 -5.55
N PHE A 39 -0.18 -5.26 -6.12
CA PHE A 39 0.02 -4.68 -7.48
C PHE A 39 -0.86 -5.42 -8.49
N LYS A 40 -0.99 -6.71 -8.37
CA LYS A 40 -1.83 -7.46 -9.33
C LYS A 40 -3.27 -6.95 -9.28
N VAL A 41 -3.82 -6.82 -8.09
CA VAL A 41 -5.23 -6.33 -7.99
C VAL A 41 -5.36 -4.92 -8.61
N TRP A 42 -4.40 -4.06 -8.38
CA TRP A 42 -4.50 -2.70 -8.96
C TRP A 42 -4.11 -2.72 -10.44
N SER A 43 -3.16 -3.52 -10.81
CA SER A 43 -2.75 -3.58 -12.24
C SER A 43 -3.84 -4.27 -13.07
N ASP A 44 -4.71 -5.00 -12.43
CA ASP A 44 -5.80 -5.71 -13.17
C ASP A 44 -6.66 -4.70 -13.94
N VAL A 45 -6.95 -3.57 -13.34
CA VAL A 45 -7.82 -2.55 -14.02
C VAL A 45 -7.00 -1.30 -14.39
N THR A 46 -5.69 -1.41 -14.49
CA THR A 46 -4.87 -0.21 -14.86
C THR A 46 -3.62 -0.66 -15.67
N PRO A 47 -3.24 0.05 -16.73
CA PRO A 47 -2.03 -0.35 -17.52
C PRO A 47 -0.72 -0.01 -16.78
N LEU A 48 -0.76 0.15 -15.49
CA LEU A 48 0.49 0.49 -14.75
C LEU A 48 1.45 -0.70 -14.76
N ASN A 49 2.71 -0.45 -14.99
CA ASN A 49 3.73 -1.55 -15.01
C ASN A 49 4.60 -1.43 -13.76
N PHE A 50 4.62 -2.44 -12.92
CA PHE A 50 5.43 -2.38 -11.67
C PHE A 50 6.64 -3.32 -11.79
N THR A 51 7.83 -2.79 -11.60
CA THR A 51 9.07 -3.63 -11.70
C THR A 51 9.83 -3.61 -10.36
N ARG A 52 10.18 -4.76 -9.87
CA ARG A 52 10.92 -4.84 -8.56
C ARG A 52 12.42 -4.59 -8.80
N LEU A 53 13.01 -3.70 -8.04
CA LEU A 53 14.48 -3.41 -8.19
C LEU A 53 15.23 -3.97 -6.98
N HIS A 54 16.20 -4.81 -7.20
CA HIS A 54 16.97 -5.40 -6.06
C HIS A 54 18.01 -4.39 -5.55
N ASP A 55 18.34 -3.40 -6.34
CA ASP A 55 19.36 -2.40 -5.89
C ASP A 55 19.02 -1.03 -6.48
N GLY A 56 19.55 0.03 -5.90
CA GLY A 56 19.26 1.40 -6.41
C GLY A 56 18.04 1.97 -5.71
N ILE A 57 17.71 3.20 -5.97
CA ILE A 57 16.52 3.84 -5.32
C ILE A 57 15.33 3.72 -6.26
N ALA A 58 14.17 3.38 -5.74
CA ALA A 58 12.95 3.24 -6.61
C ALA A 58 11.96 4.36 -6.27
N ASP A 59 11.04 4.63 -7.15
CA ASP A 59 10.05 5.71 -6.87
C ASP A 59 9.27 5.36 -5.60
N ILE A 60 8.76 4.15 -5.52
CA ILE A 60 7.98 3.73 -4.31
C ILE A 60 8.83 2.81 -3.44
N MET A 61 9.45 3.34 -2.40
CA MET A 61 10.29 2.49 -1.51
C MET A 61 9.49 2.14 -0.25
N ILE A 62 9.47 0.88 0.12
CA ILE A 62 8.71 0.43 1.32
C ILE A 62 9.66 0.20 2.50
N SER A 63 9.26 0.61 3.68
CA SER A 63 10.13 0.41 4.87
C SER A 63 9.25 0.32 6.12
N PHE A 64 9.75 -0.28 7.18
CA PHE A 64 8.95 -0.40 8.44
C PHE A 64 9.53 0.57 9.48
N GLY A 65 8.70 1.42 10.04
CA GLY A 65 9.20 2.42 11.05
C GLY A 65 8.93 1.91 12.47
N ILE A 66 9.34 2.69 13.45
CA ILE A 66 9.12 2.30 14.88
C ILE A 66 8.61 3.53 15.65
N LYS A 67 8.10 3.31 16.85
CA LYS A 67 7.55 4.41 17.70
C LYS A 67 8.29 5.73 17.44
N GLU A 68 9.49 5.88 17.97
CA GLU A 68 10.24 7.14 17.78
C GLU A 68 10.61 7.33 16.30
N HIS A 69 9.63 7.31 15.44
CA HIS A 69 9.89 7.51 13.98
C HIS A 69 10.56 8.87 13.75
N GLY A 70 10.10 9.89 14.42
CA GLY A 70 10.71 11.24 14.24
C GLY A 70 10.28 11.85 12.91
N ASP A 71 10.98 12.84 12.44
CA ASP A 71 10.61 13.48 11.15
C ASP A 71 9.15 13.94 11.21
N PHE A 72 8.36 13.57 10.25
CA PHE A 72 6.92 13.97 10.27
C PHE A 72 6.30 13.55 11.59
N TYR A 73 5.04 13.80 11.78
CA TYR A 73 4.40 13.40 13.07
C TYR A 73 4.69 11.91 13.33
N PRO A 74 5.16 11.52 14.51
CA PRO A 74 5.45 10.08 14.77
C PRO A 74 4.17 9.24 14.89
N PHE A 75 4.31 7.98 15.20
CA PHE A 75 3.11 7.11 15.35
C PHE A 75 2.59 7.22 16.79
N ASP A 76 1.41 6.74 17.04
CA ASP A 76 0.84 6.84 18.42
C ASP A 76 0.99 5.52 19.19
N GLY A 77 1.68 4.56 18.61
CA GLY A 77 1.86 3.24 19.32
C GLY A 77 1.39 2.11 18.38
N PRO A 78 1.03 0.97 18.92
CA PRO A 78 0.56 -0.16 18.07
C PRO A 78 -0.68 0.20 17.23
N SER A 79 -1.80 0.44 17.87
CA SER A 79 -3.03 0.79 17.10
C SER A 79 -2.93 2.25 16.64
N GLY A 80 -3.71 2.62 15.64
CA GLY A 80 -3.67 4.03 15.11
C GLY A 80 -3.16 4.02 13.66
N LEU A 81 -2.20 4.85 13.36
CA LEU A 81 -1.66 4.90 11.97
C LEU A 81 -0.90 3.59 11.68
N LEU A 82 -1.48 2.72 10.90
CA LEU A 82 -0.79 1.44 10.60
C LEU A 82 0.27 1.70 9.52
N ALA A 83 0.19 2.82 8.85
CA ALA A 83 1.19 3.13 7.80
C ALA A 83 0.87 4.50 7.19
N HIS A 84 1.69 4.98 6.30
CA HIS A 84 1.40 6.31 5.69
C HIS A 84 2.19 6.44 4.38
N ALA A 85 1.80 7.37 3.53
CA ALA A 85 2.52 7.54 2.24
C ALA A 85 2.45 9.01 1.80
N PHE A 86 3.26 9.40 0.85
CA PHE A 86 3.28 10.81 0.36
C PHE A 86 2.77 10.83 -1.10
N PRO A 87 2.20 11.94 -1.56
CA PRO A 87 1.69 12.01 -2.96
C PRO A 87 2.78 11.68 -4.01
N PRO A 88 2.41 11.50 -5.25
CA PRO A 88 3.39 11.17 -6.32
C PRO A 88 4.44 12.28 -6.52
N GLY A 89 5.27 12.50 -5.54
CA GLY A 89 6.32 13.56 -5.67
C GLY A 89 7.37 13.09 -6.69
N PRO A 90 8.22 13.99 -7.13
CA PRO A 90 9.28 13.61 -8.12
C PRO A 90 9.94 12.26 -7.77
N ASN A 91 10.56 12.18 -6.62
CA ASN A 91 11.22 10.90 -6.22
C ASN A 91 11.01 10.67 -4.72
N TYR A 92 10.96 11.71 -3.95
CA TYR A 92 10.76 11.55 -2.48
C TYR A 92 9.33 11.06 -2.21
N GLY A 93 8.37 11.59 -2.94
CA GLY A 93 6.95 11.18 -2.72
C GLY A 93 6.73 9.74 -3.24
N GLY A 94 5.57 9.21 -3.02
CA GLY A 94 5.28 7.82 -3.50
C GLY A 94 5.89 6.82 -2.52
N ASP A 95 6.41 7.29 -1.42
CA ASP A 95 7.03 6.36 -0.44
C ASP A 95 5.93 5.71 0.41
N ALA A 96 6.27 4.72 1.17
CA ALA A 96 5.24 4.03 2.02
C ALA A 96 5.91 3.49 3.28
N HIS A 97 5.51 3.98 4.43
CA HIS A 97 6.11 3.49 5.72
C HIS A 97 5.12 2.60 6.44
N PHE A 98 5.62 1.68 7.23
CA PHE A 98 4.74 0.74 8.00
C PHE A 98 5.21 0.72 9.45
N ASP A 99 4.32 0.51 10.39
CA ASP A 99 4.75 0.47 11.82
C ASP A 99 5.38 -0.88 12.14
N ASP A 100 6.60 -0.89 12.60
CA ASP A 100 7.27 -2.19 12.94
C ASP A 100 6.86 -2.61 14.34
N ASP A 101 6.25 -1.72 15.08
CA ASP A 101 5.83 -2.06 16.47
C ASP A 101 4.52 -2.84 16.42
N GLU A 102 3.87 -2.86 15.29
CA GLU A 102 2.57 -3.58 15.17
C GLU A 102 2.86 -5.03 14.75
N THR A 103 1.87 -5.88 14.80
CA THR A 103 2.10 -7.31 14.42
C THR A 103 1.60 -7.53 12.99
N TRP A 104 2.51 -7.63 12.05
CA TRP A 104 2.09 -7.86 10.64
C TRP A 104 1.95 -9.36 10.39
N THR A 105 0.83 -9.78 9.88
CA THR A 105 0.61 -11.23 9.63
C THR A 105 -0.19 -11.41 8.34
N SER A 106 -0.10 -12.57 7.73
CA SER A 106 -0.87 -12.83 6.48
C SER A 106 -2.17 -13.57 6.85
N SER A 107 -2.26 -14.01 8.08
CA SER A 107 -3.48 -14.74 8.53
C SER A 107 -4.47 -13.72 9.10
N SER A 108 -5.58 -14.18 9.61
CA SER A 108 -6.59 -13.23 10.19
C SER A 108 -6.18 -12.86 11.62
N LYS A 109 -5.20 -12.00 11.77
CA LYS A 109 -4.77 -11.57 13.14
C LYS A 109 -4.24 -10.15 13.07
N GLY A 110 -4.36 -9.41 14.14
CA GLY A 110 -3.86 -8.00 14.15
C GLY A 110 -4.25 -7.30 12.85
N TYR A 111 -3.36 -6.52 12.30
CA TYR A 111 -3.66 -5.80 11.03
C TYR A 111 -3.03 -6.56 9.85
N ASN A 112 -3.83 -7.08 8.95
CA ASN A 112 -3.24 -7.82 7.79
C ASN A 112 -2.41 -6.87 6.92
N LEU A 113 -1.22 -7.27 6.57
CA LEU A 113 -0.33 -6.40 5.74
C LEU A 113 -1.01 -6.08 4.39
N PHE A 114 -1.61 -7.07 3.76
CA PHE A 114 -2.26 -6.84 2.44
C PHE A 114 -3.36 -5.77 2.55
N LEU A 115 -4.14 -5.79 3.60
CA LEU A 115 -5.23 -4.78 3.73
C LEU A 115 -4.61 -3.37 3.73
N VAL A 116 -3.63 -3.16 4.57
CA VAL A 116 -3.00 -1.81 4.63
C VAL A 116 -2.18 -1.53 3.36
N ALA A 117 -1.48 -2.52 2.86
CA ALA A 117 -0.67 -2.31 1.63
C ALA A 117 -1.59 -1.82 0.50
N ALA A 118 -2.64 -2.52 0.24
CA ALA A 118 -3.57 -2.10 -0.84
C ALA A 118 -4.13 -0.71 -0.56
N HIS A 119 -4.34 -0.39 0.69
CA HIS A 119 -4.91 0.95 1.05
C HIS A 119 -3.95 2.07 0.66
N GLU A 120 -2.70 1.98 1.03
CA GLU A 120 -1.74 3.08 0.68
C GLU A 120 -1.66 3.22 -0.84
N PHE A 121 -1.67 2.13 -1.57
CA PHE A 121 -1.59 2.25 -3.05
C PHE A 121 -2.79 3.06 -3.55
N GLY A 122 -3.95 2.85 -2.98
CA GLY A 122 -5.15 3.63 -3.42
C GLY A 122 -4.83 5.11 -3.30
N HIS A 123 -4.26 5.53 -2.21
CA HIS A 123 -3.92 6.97 -2.05
C HIS A 123 -2.87 7.36 -3.08
N SER A 124 -1.92 6.51 -3.33
CA SER A 124 -0.86 6.82 -4.32
C SER A 124 -1.46 6.86 -5.72
N LEU A 125 -2.56 6.20 -5.93
CA LEU A 125 -3.22 6.20 -7.27
C LEU A 125 -4.06 7.47 -7.45
N GLY A 126 -4.11 8.32 -6.45
CA GLY A 126 -4.89 9.58 -6.58
C GLY A 126 -6.34 9.34 -6.13
N LEU A 127 -6.62 8.22 -5.52
CA LEU A 127 -8.02 7.95 -5.06
C LEU A 127 -8.24 8.54 -3.67
N ASP A 128 -9.45 8.93 -3.37
CA ASP A 128 -9.77 9.51 -2.03
C ASP A 128 -10.43 8.43 -1.17
N HIS A 129 -10.60 8.67 0.09
CA HIS A 129 -11.25 7.65 0.96
C HIS A 129 -12.65 7.35 0.42
N SER A 130 -13.02 6.10 0.36
CA SER A 130 -14.37 5.73 -0.16
C SER A 130 -15.33 5.52 1.00
N LYS A 131 -16.61 5.69 0.77
CA LYS A 131 -17.62 5.49 1.88
C LYS A 131 -18.25 4.11 1.75
N ASP A 132 -17.79 3.30 0.82
CA ASP A 132 -18.37 1.95 0.65
C ASP A 132 -17.63 0.99 1.62
N PRO A 133 -18.33 0.21 2.45
CA PRO A 133 -17.62 -0.70 3.38
C PRO A 133 -16.89 -1.83 2.63
N GLY A 134 -17.27 -2.08 1.41
CA GLY A 134 -16.61 -3.17 0.63
C GLY A 134 -15.39 -2.60 -0.11
N ALA A 135 -15.19 -1.31 -0.04
CA ALA A 135 -14.01 -0.70 -0.74
C ALA A 135 -12.79 -0.81 0.18
N LEU A 136 -11.66 -1.18 -0.34
CA LEU A 136 -10.44 -1.30 0.51
C LEU A 136 -10.11 0.06 1.13
N MET A 137 -10.25 1.11 0.37
CA MET A 137 -9.91 2.47 0.89
C MET A 137 -10.92 2.95 1.94
N PHE A 138 -11.61 2.05 2.59
CA PHE A 138 -12.59 2.48 3.63
C PHE A 138 -11.80 3.09 4.83
N PRO A 139 -12.18 4.24 5.36
CA PRO A 139 -11.40 4.86 6.47
C PRO A 139 -11.27 3.98 7.73
N ILE A 140 -11.95 2.87 7.79
CA ILE A 140 -11.85 1.98 9.00
C ILE A 140 -11.23 0.65 8.57
N TYR A 141 -10.33 0.13 9.37
CA TYR A 141 -9.68 -1.16 9.01
C TYR A 141 -10.66 -2.31 9.16
N THR A 142 -10.78 -3.13 8.14
CA THR A 142 -11.72 -4.29 8.22
C THR A 142 -11.06 -5.51 7.56
N TYR A 143 -11.16 -6.65 8.18
CA TYR A 143 -10.54 -7.87 7.58
C TYR A 143 -11.44 -8.41 6.48
N THR A 144 -10.88 -8.93 5.42
CA THR A 144 -11.71 -9.47 4.31
C THR A 144 -11.08 -10.76 3.77
N GLY A 145 -11.88 -11.64 3.21
CA GLY A 145 -11.32 -12.90 2.67
C GLY A 145 -10.53 -12.62 1.40
N LYS A 146 -9.24 -12.78 1.43
CA LYS A 146 -8.41 -12.51 0.22
C LYS A 146 -8.52 -13.69 -0.74
N SER A 147 -9.39 -14.62 -0.47
CA SER A 147 -9.54 -15.80 -1.37
C SER A 147 -9.94 -15.32 -2.77
N HIS A 148 -10.80 -14.34 -2.85
CA HIS A 148 -11.22 -13.83 -4.19
C HIS A 148 -11.78 -12.41 -4.03
N PHE A 149 -10.94 -11.47 -3.69
CA PHE A 149 -11.42 -10.06 -3.52
C PHE A 149 -11.07 -9.24 -4.77
N MET A 150 -12.05 -8.63 -5.38
CA MET A 150 -11.81 -7.79 -6.60
C MET A 150 -12.27 -6.36 -6.30
N LEU A 151 -11.56 -5.39 -6.78
CA LEU A 151 -11.96 -3.98 -6.51
C LEU A 151 -13.47 -3.82 -6.84
N PRO A 152 -14.29 -3.28 -5.94
CA PRO A 152 -15.75 -3.13 -6.25
C PRO A 152 -16.02 -2.10 -7.36
N ASP A 153 -17.26 -1.96 -7.73
CA ASP A 153 -17.61 -0.98 -8.80
C ASP A 153 -17.21 0.43 -8.36
N ASP A 154 -17.41 0.76 -7.12
CA ASP A 154 -17.05 2.12 -6.64
C ASP A 154 -15.57 2.40 -6.93
N ASP A 155 -14.70 1.49 -6.57
CA ASP A 155 -13.25 1.71 -6.82
C ASP A 155 -12.96 1.62 -8.32
N VAL A 156 -13.57 0.71 -9.01
CA VAL A 156 -13.31 0.59 -10.48
C VAL A 156 -13.68 1.90 -11.17
N GLN A 157 -14.83 2.43 -10.85
CA GLN A 157 -15.27 3.72 -11.48
C GLN A 157 -14.27 4.83 -11.15
N GLY A 158 -13.78 4.87 -9.94
CA GLY A 158 -12.82 5.96 -9.55
C GLY A 158 -11.47 5.78 -10.24
N ILE A 159 -10.85 4.63 -10.10
CA ILE A 159 -9.52 4.43 -10.74
C ILE A 159 -9.65 4.57 -12.26
N GLN A 160 -10.69 4.03 -12.83
CA GLN A 160 -10.87 4.13 -14.31
C GLN A 160 -11.06 5.60 -14.70
N SER A 161 -11.79 6.34 -13.91
CA SER A 161 -12.04 7.77 -14.24
C SER A 161 -10.72 8.56 -14.19
N LEU A 162 -9.78 8.13 -13.39
CA LEU A 162 -8.49 8.87 -13.30
C LEU A 162 -7.52 8.39 -14.38
N TYR A 163 -7.28 7.10 -14.46
CA TYR A 163 -6.33 6.58 -15.49
C TYR A 163 -7.08 6.20 -16.76
N GLY A 164 -8.38 6.21 -16.72
CA GLY A 164 -9.18 5.85 -17.94
C GLY A 164 -9.57 4.36 -17.87
ZN ZN B . -6.22 6.45 4.14
ZN ZN C . 7.24 6.83 8.47
CA CA D . -0.28 3.05 14.95
C1 WAY E . -5.69 6.69 9.58
C2 WAY E . -5.40 7.65 8.50
CF2 WAY E . -4.94 8.99 8.86
CH WAY E . -4.74 9.38 10.24
CF1 WAY E . -5.03 8.43 11.29
C6 WAY E . -5.49 7.09 10.99
C10 WAY E . -5.55 7.42 7.04
O11 WAY E . -6.58 6.97 6.56
N12 WAY E . -4.51 7.64 6.22
O13 WAY E . -4.71 7.34 4.86
CE WAY E . -5.77 6.16 12.15
N20 WAY E . -6.14 5.40 9.33
S21 WAY E . -5.07 4.13 9.50
CD WAY E . -7.59 5.18 9.14
CK WAY E . -9.31 3.27 12.09
CM WAY E . -9.88 4.40 12.79
N25 WAY E . -9.71 5.71 12.32
CJ WAY E . -8.97 5.93 11.15
C27 WAY E . -8.37 4.88 10.39
CI WAY E . -8.55 3.53 10.89
C35 WAY E . -5.41 2.87 8.29
CC1 WAY E . -4.50 2.68 7.17
CB1 WAY E . -4.77 1.65 6.18
C38 WAY E . -5.95 0.79 6.28
CB2 WAY E . -6.87 1.00 7.44
CC2 WAY E . -6.59 2.04 8.43
O45 WAY E . -6.15 -0.21 5.27
CA WAY E . -7.27 -1.12 5.27
O50 WAY E . -5.32 3.55 10.77
O51 WAY E . -3.75 4.62 9.22
HF2 WAY E . -4.72 9.71 8.08
HH WAY E . -4.39 10.37 10.47
HF1 WAY E . -4.88 8.74 12.32
H14 WAY E . -3.64 8.01 6.56
H15 WAY E . -4.43 8.08 4.33
HE1 WAY E . -6.01 5.15 11.80
HE2 WAY E . -6.60 6.51 12.75
HE3 WAY E . -4.90 6.07 12.80
HD1 WAY E . -7.71 4.36 8.44
HD2 WAY E . -8.00 6.08 8.67
HK WAY E . -9.45 2.27 12.45
HL WAY E . -10.44 4.23 13.68
HJ WAY E . -8.84 6.95 10.79
HI WAY E . -8.12 2.70 10.36
HC1 WAY E . -3.62 3.31 7.08
HB1 WAY E . -4.09 1.53 5.35
HB2 WAY E . -7.74 0.40 7.56
HC2 WAY E . -7.25 2.20 9.27
HA1 WAY E . -7.23 -1.78 4.41
HA2 WAY E . -8.21 -0.56 5.22
HA3 WAY E . -7.28 -1.72 6.18
N THR A 7 -7.74 13.63 -10.64
CA THR A 7 -6.85 14.79 -10.92
C THR A 7 -5.40 14.39 -10.65
N LEU A 8 -5.10 14.01 -9.43
CA LEU A 8 -3.71 13.62 -9.10
C LEU A 8 -3.45 12.19 -9.61
N LYS A 9 -2.43 12.01 -10.41
CA LYS A 9 -2.13 10.65 -10.94
C LYS A 9 -0.72 10.62 -11.54
N TRP A 10 -0.19 9.44 -11.76
CA TRP A 10 1.19 9.36 -12.33
C TRP A 10 1.15 9.78 -13.80
N SER A 11 2.21 10.38 -14.28
CA SER A 11 2.24 10.84 -15.70
C SER A 11 2.79 9.72 -16.60
N LYS A 12 3.08 8.58 -16.04
CA LYS A 12 3.62 7.46 -16.86
C LYS A 12 3.16 6.12 -16.29
N MET A 13 3.11 5.11 -17.11
CA MET A 13 2.66 3.76 -16.62
C MET A 13 3.88 2.95 -16.14
N ASN A 14 5.05 3.53 -16.19
CA ASN A 14 6.27 2.80 -15.73
C ASN A 14 6.56 3.16 -14.27
N LEU A 15 6.58 2.18 -13.40
CA LEU A 15 6.85 2.45 -11.95
C LEU A 15 7.73 1.34 -11.40
N THR A 16 8.54 1.65 -10.43
CA THR A 16 9.45 0.62 -9.82
C THR A 16 9.37 0.72 -8.30
N TYR A 17 9.68 -0.34 -7.60
CA TYR A 17 9.61 -0.29 -6.11
C TYR A 17 10.73 -1.14 -5.49
N ARG A 18 11.02 -0.92 -4.24
CA ARG A 18 12.12 -1.70 -3.57
C ARG A 18 11.72 -2.02 -2.12
N ILE A 19 11.85 -3.25 -1.72
CA ILE A 19 11.52 -3.62 -0.31
C ILE A 19 12.77 -3.36 0.55
N VAL A 20 12.72 -2.38 1.42
CA VAL A 20 13.91 -2.09 2.26
C VAL A 20 14.16 -3.26 3.22
N ASN A 21 13.15 -3.81 3.78
CA ASN A 21 13.42 -4.92 4.72
C ASN A 21 12.18 -5.76 4.94
N TYR A 22 12.39 -7.00 5.21
CA TYR A 22 11.25 -7.90 5.51
C TYR A 22 11.18 -7.94 7.02
N THR A 23 10.20 -7.32 7.59
CA THR A 23 10.13 -7.28 9.08
C THR A 23 10.16 -8.71 9.65
N PRO A 24 10.84 -8.95 10.76
CA PRO A 24 10.86 -10.31 11.34
C PRO A 24 9.45 -10.77 11.72
N ASP A 25 8.52 -9.86 11.72
CA ASP A 25 7.12 -10.24 12.07
C ASP A 25 6.62 -11.35 11.16
N MET A 26 7.16 -11.46 9.97
CA MET A 26 6.72 -12.55 9.04
C MET A 26 7.92 -13.04 8.23
N THR A 27 7.80 -14.19 7.63
CA THR A 27 8.94 -14.72 6.83
C THR A 27 9.06 -13.92 5.53
N HIS A 28 10.21 -13.95 4.91
CA HIS A 28 10.39 -13.16 3.66
C HIS A 28 9.41 -13.64 2.59
N SER A 29 9.21 -14.91 2.47
CA SER A 29 8.28 -15.43 1.41
C SER A 29 6.87 -14.86 1.63
N GLU A 30 6.42 -14.77 2.85
CA GLU A 30 5.05 -14.24 3.10
C GLU A 30 4.98 -12.75 2.72
N VAL A 31 5.98 -11.99 3.06
CA VAL A 31 5.96 -10.54 2.73
C VAL A 31 6.06 -10.35 1.21
N GLU A 32 6.87 -11.14 0.56
CA GLU A 32 7.05 -11.00 -0.92
C GLU A 32 5.72 -11.16 -1.64
N LYS A 33 5.07 -12.28 -1.48
CA LYS A 33 3.78 -12.48 -2.19
C LYS A 33 2.74 -11.46 -1.73
N ALA A 34 2.86 -10.97 -0.52
CA ALA A 34 1.88 -9.97 -0.03
C ALA A 34 1.89 -8.72 -0.93
N PHE A 35 3.04 -8.15 -1.17
CA PHE A 35 3.09 -6.94 -2.04
C PHE A 35 2.74 -7.31 -3.49
N LYS A 36 3.17 -8.46 -3.95
CA LYS A 36 2.86 -8.84 -5.35
C LYS A 36 1.34 -8.89 -5.54
N LYS A 37 0.64 -9.48 -4.62
CA LYS A 37 -0.84 -9.56 -4.76
C LYS A 37 -1.40 -8.14 -4.81
N ALA A 38 -0.87 -7.24 -4.01
CA ALA A 38 -1.38 -5.84 -4.00
C ALA A 38 -1.23 -5.23 -5.39
N PHE A 39 -0.08 -5.37 -6.00
CA PHE A 39 0.11 -4.77 -7.36
C PHE A 39 -0.77 -5.50 -8.37
N LYS A 40 -0.89 -6.79 -8.24
CA LYS A 40 -1.73 -7.55 -9.20
C LYS A 40 -3.18 -7.04 -9.17
N VAL A 41 -3.73 -6.88 -7.99
CA VAL A 41 -5.14 -6.39 -7.89
C VAL A 41 -5.25 -5.00 -8.53
N TRP A 42 -4.30 -4.15 -8.31
CA TRP A 42 -4.37 -2.78 -8.91
C TRP A 42 -3.96 -2.83 -10.39
N SER A 43 -3.02 -3.67 -10.73
CA SER A 43 -2.59 -3.76 -12.17
C SER A 43 -3.67 -4.45 -12.99
N ASP A 44 -4.53 -5.19 -12.35
CA ASP A 44 -5.61 -5.92 -13.10
C ASP A 44 -6.49 -4.92 -13.86
N VAL A 45 -6.81 -3.80 -13.25
CA VAL A 45 -7.70 -2.79 -13.92
C VAL A 45 -6.90 -1.54 -14.29
N THR A 46 -5.60 -1.64 -14.41
CA THR A 46 -4.78 -0.44 -14.79
C THR A 46 -3.55 -0.89 -15.60
N PRO A 47 -3.20 -0.22 -16.68
CA PRO A 47 -2.00 -0.62 -17.47
C PRO A 47 -0.69 -0.26 -16.76
N LEU A 48 -0.73 -0.06 -15.47
CA LEU A 48 0.51 0.30 -14.74
C LEU A 48 1.48 -0.89 -14.74
N ASN A 49 2.74 -0.63 -14.99
CA ASN A 49 3.76 -1.72 -15.00
C ASN A 49 4.65 -1.57 -13.77
N PHE A 50 4.69 -2.59 -12.93
CA PHE A 50 5.53 -2.52 -11.70
C PHE A 50 6.71 -3.48 -11.81
N THR A 51 7.92 -2.97 -11.64
CA THR A 51 9.14 -3.82 -11.74
C THR A 51 9.90 -3.77 -10.40
N ARG A 52 10.25 -4.90 -9.86
CA ARG A 52 10.98 -4.91 -8.55
C ARG A 52 12.47 -4.65 -8.79
N LEU A 53 13.05 -3.72 -8.04
CA LEU A 53 14.51 -3.42 -8.20
C LEU A 53 15.28 -4.05 -7.04
N HIS A 54 16.33 -4.76 -7.33
CA HIS A 54 17.12 -5.41 -6.25
C HIS A 54 17.75 -4.33 -5.36
N ASP A 55 18.24 -3.27 -5.94
CA ASP A 55 18.88 -2.18 -5.13
C ASP A 55 18.77 -0.85 -5.86
N GLY A 56 19.28 0.21 -5.27
CA GLY A 56 19.21 1.55 -5.94
C GLY A 56 17.99 2.31 -5.43
N ILE A 57 17.70 3.45 -6.01
CA ILE A 57 16.52 4.25 -5.58
C ILE A 57 15.33 3.92 -6.48
N ALA A 58 14.21 3.55 -5.89
CA ALA A 58 13.01 3.20 -6.71
C ALA A 58 11.93 4.25 -6.48
N ASP A 59 11.00 4.37 -7.39
CA ASP A 59 9.92 5.38 -7.22
C ASP A 59 9.14 5.11 -5.94
N ILE A 60 8.70 3.89 -5.74
CA ILE A 60 7.92 3.53 -4.51
C ILE A 60 8.79 2.66 -3.59
N MET A 61 9.42 3.24 -2.60
CA MET A 61 10.26 2.44 -1.66
C MET A 61 9.43 2.11 -0.41
N ILE A 62 9.41 0.86 -0.03
CA ILE A 62 8.60 0.42 1.16
C ILE A 62 9.54 0.06 2.31
N SER A 63 9.26 0.54 3.50
CA SER A 63 10.14 0.22 4.66
C SER A 63 9.33 0.27 5.96
N PHE A 64 9.80 -0.38 6.98
CA PHE A 64 9.08 -0.40 8.30
C PHE A 64 9.74 0.62 9.22
N GLY A 65 8.96 1.43 9.90
CA GLY A 65 9.53 2.46 10.83
C GLY A 65 9.02 2.25 12.24
N ILE A 66 9.61 2.92 13.19
CA ILE A 66 9.18 2.80 14.61
C ILE A 66 8.99 4.21 15.19
N LYS A 67 8.24 4.33 16.27
CA LYS A 67 7.96 5.65 16.93
C LYS A 67 8.67 6.82 16.22
N GLU A 68 9.85 7.17 16.67
CA GLU A 68 10.59 8.29 16.02
C GLU A 68 11.25 7.77 14.73
N HIS A 69 11.17 8.51 13.66
CA HIS A 69 11.81 8.04 12.40
C HIS A 69 12.03 9.23 11.44
N GLY A 70 12.43 8.94 10.23
CA GLY A 70 12.69 10.03 9.23
C GLY A 70 11.68 11.17 9.34
N ASP A 71 10.41 10.88 9.14
CA ASP A 71 9.39 11.97 9.21
C ASP A 71 9.41 12.60 10.60
N PHE A 72 9.22 13.89 10.66
CA PHE A 72 9.23 14.60 11.98
C PHE A 72 7.98 14.21 12.79
N TYR A 73 6.96 13.72 12.14
CA TYR A 73 5.71 13.33 12.87
C TYR A 73 5.81 11.85 13.30
N PRO A 74 5.88 11.53 14.59
CA PRO A 74 5.98 10.11 15.03
C PRO A 74 4.62 9.38 14.97
N PHE A 75 4.60 8.12 15.29
CA PHE A 75 3.33 7.35 15.28
C PHE A 75 2.68 7.43 16.67
N ASP A 76 1.48 6.92 16.81
CA ASP A 76 0.78 7.01 18.14
C ASP A 76 0.88 5.67 18.90
N GLY A 77 1.74 4.77 18.46
CA GLY A 77 1.88 3.45 19.16
C GLY A 77 1.53 2.31 18.19
N PRO A 78 0.96 1.22 18.64
CA PRO A 78 0.60 0.10 17.73
C PRO A 78 -0.69 0.40 16.94
N SER A 79 -1.74 0.77 17.62
CA SER A 79 -3.02 1.09 16.92
C SER A 79 -2.96 2.51 16.35
N GLY A 80 -3.83 2.82 15.42
CA GLY A 80 -3.84 4.20 14.83
C GLY A 80 -3.24 4.18 13.42
N LEU A 81 -2.26 5.02 13.18
CA LEU A 81 -1.63 5.07 11.82
C LEU A 81 -0.87 3.76 11.58
N LEU A 82 -1.46 2.85 10.85
CA LEU A 82 -0.77 1.56 10.57
C LEU A 82 0.26 1.79 9.47
N ALA A 83 0.11 2.84 8.72
CA ALA A 83 1.07 3.14 7.63
C ALA A 83 0.65 4.44 6.95
N HIS A 84 1.48 4.95 6.09
CA HIS A 84 1.12 6.21 5.39
C HIS A 84 2.00 6.36 4.16
N ALA A 85 1.67 7.26 3.29
CA ALA A 85 2.50 7.45 2.06
C ALA A 85 2.42 8.91 1.62
N PHE A 86 3.36 9.35 0.84
CA PHE A 86 3.34 10.75 0.36
C PHE A 86 2.69 10.77 -1.04
N PRO A 87 2.06 11.86 -1.43
CA PRO A 87 1.41 11.91 -2.78
C PRO A 87 2.45 11.74 -3.90
N PRO A 88 2.03 11.49 -5.12
CA PRO A 88 2.98 11.32 -6.24
C PRO A 88 3.96 12.50 -6.35
N GLY A 89 4.96 12.51 -5.51
CA GLY A 89 5.97 13.62 -5.52
C GLY A 89 7.23 13.15 -6.25
N PRO A 90 8.31 13.89 -6.14
CA PRO A 90 9.58 13.51 -6.81
C PRO A 90 10.06 12.11 -6.38
N ASN A 91 11.34 11.88 -6.36
CA ASN A 91 11.85 10.54 -5.95
C ASN A 91 11.38 10.21 -4.52
N TYR A 92 11.40 11.18 -3.65
CA TYR A 92 10.98 10.92 -2.24
C TYR A 92 9.48 10.59 -2.17
N GLY A 93 8.67 11.28 -2.94
CA GLY A 93 7.20 11.00 -2.91
C GLY A 93 6.94 9.55 -3.36
N GLY A 94 5.73 9.07 -3.16
CA GLY A 94 5.41 7.68 -3.59
C GLY A 94 5.98 6.68 -2.57
N ASP A 95 6.51 7.16 -1.47
CA ASP A 95 7.09 6.24 -0.45
C ASP A 95 5.97 5.66 0.42
N ALA A 96 6.28 4.68 1.22
CA ALA A 96 5.25 4.06 2.12
C ALA A 96 5.90 3.58 3.41
N HIS A 97 5.42 4.06 4.54
CA HIS A 97 6.01 3.64 5.85
C HIS A 97 5.05 2.69 6.58
N PHE A 98 5.58 1.71 7.27
CA PHE A 98 4.73 0.74 8.03
C PHE A 98 5.20 0.73 9.49
N ASP A 99 4.29 0.70 10.43
CA ASP A 99 4.70 0.71 11.87
C ASP A 99 5.09 -0.72 12.29
N ASP A 100 6.29 -0.88 12.79
CA ASP A 100 6.74 -2.24 13.22
C ASP A 100 6.26 -2.51 14.65
N ASP A 101 5.52 -1.60 15.22
CA ASP A 101 5.02 -1.80 16.61
C ASP A 101 3.80 -2.73 16.59
N GLU A 102 3.19 -2.88 15.46
CA GLU A 102 1.99 -3.76 15.34
C GLU A 102 2.45 -5.16 14.93
N THR A 103 1.56 -6.12 14.98
CA THR A 103 1.93 -7.52 14.59
C THR A 103 1.47 -7.76 13.16
N TRP A 104 2.38 -7.81 12.23
CA TRP A 104 1.99 -8.04 10.81
C TRP A 104 1.86 -9.55 10.57
N THR A 105 0.75 -9.98 10.03
CA THR A 105 0.54 -11.44 9.80
C THR A 105 -0.23 -11.66 8.49
N SER A 106 -0.08 -12.82 7.90
CA SER A 106 -0.83 -13.10 6.63
C SER A 106 -2.12 -13.84 6.99
N SER A 107 -2.27 -14.21 8.23
CA SER A 107 -3.50 -14.91 8.69
C SER A 107 -4.50 -13.88 9.20
N SER A 108 -5.66 -14.29 9.62
CA SER A 108 -6.66 -13.31 10.13
C SER A 108 -6.31 -12.93 11.58
N LYS A 109 -5.31 -12.11 11.76
CA LYS A 109 -4.92 -11.69 13.14
C LYS A 109 -4.36 -10.27 13.07
N GLY A 110 -4.48 -9.52 14.14
CA GLY A 110 -3.95 -8.13 14.14
C GLY A 110 -4.32 -7.41 12.83
N TYR A 111 -3.42 -6.64 12.29
CA TYR A 111 -3.69 -5.92 11.02
C TYR A 111 -3.05 -6.69 9.85
N ASN A 112 -3.83 -7.23 8.96
CA ASN A 112 -3.24 -7.97 7.81
C ASN A 112 -2.40 -7.02 6.97
N LEU A 113 -1.20 -7.41 6.62
CA LEU A 113 -0.32 -6.53 5.82
C LEU A 113 -0.97 -6.20 4.47
N PHE A 114 -1.58 -7.17 3.85
CA PHE A 114 -2.23 -6.92 2.53
C PHE A 114 -3.32 -5.85 2.64
N LEU A 115 -4.15 -5.90 3.65
CA LEU A 115 -5.24 -4.88 3.77
C LEU A 115 -4.62 -3.46 3.80
N VAL A 116 -3.67 -3.24 4.65
CA VAL A 116 -3.05 -1.88 4.74
C VAL A 116 -2.23 -1.61 3.48
N ALA A 117 -1.52 -2.59 2.99
CA ALA A 117 -0.71 -2.38 1.77
C ALA A 117 -1.60 -1.91 0.62
N ALA A 118 -2.68 -2.59 0.39
CA ALA A 118 -3.60 -2.19 -0.72
C ALA A 118 -4.12 -0.76 -0.48
N HIS A 119 -4.43 -0.42 0.74
CA HIS A 119 -4.97 0.94 1.01
C HIS A 119 -3.97 2.03 0.64
N GLU A 120 -2.74 1.93 1.07
CA GLU A 120 -1.75 2.98 0.73
C GLU A 120 -1.59 3.10 -0.80
N PHE A 121 -1.58 1.99 -1.49
CA PHE A 121 -1.43 2.06 -2.97
C PHE A 121 -2.59 2.89 -3.54
N GLY A 122 -3.77 2.70 -3.03
CA GLY A 122 -4.94 3.46 -3.55
C GLY A 122 -4.66 4.96 -3.40
N HIS A 123 -4.16 5.37 -2.27
CA HIS A 123 -3.87 6.82 -2.08
C HIS A 123 -2.74 7.24 -3.04
N SER A 124 -1.75 6.40 -3.19
CA SER A 124 -0.63 6.75 -4.12
C SER A 124 -1.17 6.91 -5.53
N LEU A 125 -2.26 6.26 -5.84
CA LEU A 125 -2.84 6.37 -7.21
C LEU A 125 -3.65 7.67 -7.32
N GLY A 126 -3.79 8.40 -6.23
CA GLY A 126 -4.54 9.69 -6.29
C GLY A 126 -6.02 9.47 -5.92
N LEU A 127 -6.38 8.31 -5.45
CA LEU A 127 -7.80 8.06 -5.07
C LEU A 127 -8.05 8.62 -3.67
N ASP A 128 -9.26 9.06 -3.41
CA ASP A 128 -9.59 9.64 -2.06
C ASP A 128 -10.34 8.59 -1.23
N HIS A 129 -10.56 8.84 0.02
CA HIS A 129 -11.28 7.85 0.88
C HIS A 129 -12.67 7.58 0.31
N SER A 130 -13.07 6.34 0.27
CA SER A 130 -14.42 6.00 -0.27
C SER A 130 -15.42 5.85 0.88
N LYS A 131 -16.68 6.03 0.63
CA LYS A 131 -17.70 5.91 1.72
C LYS A 131 -18.32 4.51 1.71
N ASP A 132 -17.89 3.66 0.82
CA ASP A 132 -18.46 2.28 0.77
C ASP A 132 -17.69 1.39 1.78
N PRO A 133 -18.36 0.65 2.66
CA PRO A 133 -17.64 -0.21 3.64
C PRO A 133 -16.90 -1.39 2.96
N GLY A 134 -17.40 -1.85 1.84
CA GLY A 134 -16.73 -2.99 1.14
C GLY A 134 -15.55 -2.46 0.32
N ALA A 135 -15.34 -1.17 0.30
CA ALA A 135 -14.20 -0.60 -0.47
C ALA A 135 -12.94 -0.58 0.38
N LEU A 136 -11.80 -0.77 -0.23
CA LEU A 136 -10.52 -0.76 0.55
C LEU A 136 -10.22 0.67 1.01
N MET A 137 -10.61 1.64 0.24
CA MET A 137 -10.33 3.06 0.60
C MET A 137 -11.23 3.49 1.76
N PHE A 138 -11.87 2.55 2.42
CA PHE A 138 -12.75 2.94 3.57
C PHE A 138 -11.84 3.43 4.72
N PRO A 139 -12.16 4.54 5.39
CA PRO A 139 -11.26 5.06 6.47
C PRO A 139 -11.11 4.13 7.69
N ILE A 140 -11.74 2.98 7.70
CA ILE A 140 -11.61 2.05 8.88
C ILE A 140 -11.02 0.70 8.41
N TYR A 141 -10.12 0.17 9.18
CA TYR A 141 -9.48 -1.13 8.81
C TYR A 141 -10.47 -2.28 9.01
N THR A 142 -10.63 -3.12 8.01
CA THR A 142 -11.58 -4.27 8.12
C THR A 142 -10.95 -5.50 7.46
N TYR A 143 -11.11 -6.67 8.04
CA TYR A 143 -10.51 -7.90 7.44
C TYR A 143 -11.45 -8.43 6.36
N THR A 144 -10.89 -8.90 5.27
CA THR A 144 -11.75 -9.44 4.15
C THR A 144 -11.12 -10.72 3.58
N GLY A 145 -11.92 -11.56 2.99
CA GLY A 145 -11.38 -12.82 2.41
C GLY A 145 -10.65 -12.50 1.11
N LYS A 146 -9.35 -12.61 1.10
CA LYS A 146 -8.58 -12.29 -0.13
C LYS A 146 -8.66 -13.46 -1.11
N SER A 147 -9.37 -14.51 -0.76
CA SER A 147 -9.49 -15.67 -1.68
C SER A 147 -10.12 -15.23 -3.00
N HIS A 148 -11.12 -14.39 -2.95
CA HIS A 148 -11.79 -13.93 -4.21
C HIS A 148 -12.11 -12.44 -4.11
N PHE A 149 -11.29 -11.68 -3.41
CA PHE A 149 -11.57 -10.22 -3.29
C PHE A 149 -11.14 -9.49 -4.55
N MET A 150 -12.01 -8.68 -5.10
CA MET A 150 -11.65 -7.90 -6.34
C MET A 150 -12.10 -6.46 -6.14
N LEU A 151 -11.42 -5.51 -6.73
CA LEU A 151 -11.82 -4.09 -6.54
C LEU A 151 -13.33 -3.95 -6.86
N PRO A 152 -14.14 -3.36 -5.99
CA PRO A 152 -15.59 -3.22 -6.30
C PRO A 152 -15.85 -2.22 -7.43
N ASP A 153 -17.08 -2.06 -7.81
CA ASP A 153 -17.42 -1.10 -8.91
C ASP A 153 -17.04 0.31 -8.50
N ASP A 154 -17.26 0.68 -7.26
CA ASP A 154 -16.92 2.05 -6.81
C ASP A 154 -15.44 2.34 -7.08
N ASP A 155 -14.57 1.45 -6.71
CA ASP A 155 -13.12 1.69 -6.96
C ASP A 155 -12.81 1.60 -8.46
N VAL A 156 -13.42 0.67 -9.15
CA VAL A 156 -13.16 0.54 -10.61
C VAL A 156 -13.55 1.83 -11.32
N GLN A 157 -14.71 2.36 -11.03
CA GLN A 157 -15.15 3.62 -11.68
C GLN A 157 -14.17 4.76 -11.36
N GLY A 158 -13.70 4.83 -10.16
CA GLY A 158 -12.76 5.93 -9.78
C GLY A 158 -11.40 5.78 -10.47
N ILE A 159 -10.77 4.64 -10.30
CA ILE A 159 -9.43 4.46 -10.93
C ILE A 159 -9.56 4.60 -12.45
N GLN A 160 -10.60 4.08 -13.04
CA GLN A 160 -10.76 4.21 -14.51
C GLN A 160 -10.91 5.68 -14.89
N SER A 161 -11.64 6.44 -14.11
CA SER A 161 -11.80 7.87 -14.43
C SER A 161 -10.42 8.53 -14.49
N LEU A 162 -9.49 8.03 -13.71
CA LEU A 162 -8.11 8.63 -13.70
C LEU A 162 -7.22 7.97 -14.76
N TYR A 163 -6.86 6.73 -14.57
CA TYR A 163 -5.95 6.07 -15.56
C TYR A 163 -6.74 5.39 -16.68
N GLY A 164 -8.03 5.26 -16.54
CA GLY A 164 -8.83 4.61 -17.62
C GLY A 164 -8.15 3.30 -18.05
ZN ZN B . -6.46 6.54 4.02
ZN ZN C . 6.45 7.88 8.71
CA CA D . 0.01 3.05 14.85
C1 WAY E . -5.52 7.01 9.10
C2 WAY E . -5.26 7.83 7.90
CF2 WAY E . -4.77 9.20 8.07
CH WAY E . -4.52 9.75 9.39
CF1 WAY E . -4.77 8.93 10.56
C6 WAY E . -5.26 7.58 10.44
C10 WAY E . -5.47 7.44 6.49
O11 WAY E . -6.58 7.29 6.00
N12 WAY E . -4.40 7.21 5.70
O13 WAY E . -4.67 6.82 4.38
CE WAY E . -5.49 6.80 11.71
N20 WAY E . -5.99 5.72 9.02
S21 WAY E . -4.93 4.44 9.23
CD WAY E . -7.44 5.51 8.92
CK WAY E . -8.91 3.72 12.07
CM WAY E . -9.48 4.86 12.73
N25 WAY E . -9.39 6.15 12.19
CJ WAY E . -8.73 6.33 10.97
C27 WAY E . -8.14 5.26 10.24
CI WAY E . -8.24 3.93 10.81
C35 WAY E . -5.32 3.14 8.08
CC1 WAY E . -4.50 2.94 6.89
CB1 WAY E . -4.83 1.89 5.96
C38 WAY E . -5.97 0.99 6.18
CB2 WAY E . -6.79 1.22 7.41
CC2 WAY E . -6.46 2.29 8.34
O45 WAY E . -6.23 -0.04 5.21
CA WAY E . -7.33 -0.96 5.33
O50 WAY E . -5.17 3.91 10.54
O51 WAY E . -3.61 4.89 8.91
HF2 WAY E . -4.58 9.82 7.21
HH WAY E . -4.16 10.76 9.49
HF1 WAY E . -4.58 9.36 11.53
H14 WAY E . -3.47 7.32 6.04
H15 WAY E . -4.61 7.59 3.80
HE1 WAY E . -4.56 6.63 12.25
HE2 WAY E . -5.93 5.82 11.51
HE3 WAY E . -6.17 7.32 12.38
HD1 WAY E . -7.61 4.66 8.27
HD2 WAY E . -7.87 6.39 8.46
HK WAY E . -9.00 2.73 12.50
HL WAY E . -9.98 4.73 13.67
HJ WAY E . -8.65 7.33 10.54
HI WAY E . -7.81 3.09 10.30
HC1 WAY E . -3.66 3.59 6.72
HB1 WAY E . -4.21 1.75 5.08
HB2 WAY E . -7.65 0.60 7.61
HC2 WAY E . -7.05 2.44 9.23
HA1 WAY E . -7.34 -1.65 4.49
HA2 WAY E . -8.28 -0.43 5.35
HA3 WAY E . -7.24 -1.54 6.26
N THR A 7 -7.72 13.78 -9.82
CA THR A 7 -6.93 15.02 -10.08
C THR A 7 -5.44 14.67 -10.11
N LEU A 8 -4.89 14.27 -9.00
CA LEU A 8 -3.43 13.92 -8.97
C LEU A 8 -3.25 12.48 -9.46
N LYS A 9 -2.32 12.26 -10.33
CA LYS A 9 -2.09 10.88 -10.85
C LYS A 9 -0.71 10.81 -11.51
N TRP A 10 -0.18 9.63 -11.70
CA TRP A 10 1.16 9.51 -12.32
C TRP A 10 1.07 9.88 -13.80
N SER A 11 2.12 10.46 -14.34
CA SER A 11 2.11 10.85 -15.78
C SER A 11 2.62 9.71 -16.66
N LYS A 12 2.94 8.58 -16.08
CA LYS A 12 3.46 7.44 -16.89
C LYS A 12 2.97 6.12 -16.31
N MET A 13 2.87 5.10 -17.13
CA MET A 13 2.39 3.78 -16.64
C MET A 13 3.58 2.94 -16.17
N ASN A 14 4.77 3.47 -16.27
CA ASN A 14 5.98 2.70 -15.82
C ASN A 14 6.29 3.06 -14.37
N LEU A 15 6.31 2.08 -13.49
CA LEU A 15 6.61 2.35 -12.05
C LEU A 15 7.49 1.24 -11.49
N THR A 16 8.30 1.56 -10.51
CA THR A 16 9.20 0.53 -9.91
C THR A 16 9.12 0.62 -8.38
N TYR A 17 9.46 -0.45 -7.69
CA TYR A 17 9.40 -0.41 -6.20
C TYR A 17 10.52 -1.25 -5.60
N ARG A 18 10.86 -1.02 -4.36
CA ARG A 18 11.97 -1.78 -3.70
C ARG A 18 11.61 -2.10 -2.25
N ILE A 19 11.82 -3.33 -1.84
CA ILE A 19 11.53 -3.69 -0.43
C ILE A 19 12.78 -3.42 0.41
N VAL A 20 12.73 -2.44 1.27
CA VAL A 20 13.92 -2.13 2.10
C VAL A 20 14.18 -3.28 3.08
N ASN A 21 13.17 -3.85 3.65
CA ASN A 21 13.48 -4.95 4.59
C ASN A 21 12.27 -5.83 4.84
N TYR A 22 12.52 -7.08 5.12
CA TYR A 22 11.42 -8.02 5.41
C TYR A 22 11.36 -8.15 6.93
N THR A 23 10.46 -7.43 7.55
CA THR A 23 10.38 -7.44 9.03
C THR A 23 10.42 -8.89 9.57
N PRO A 24 11.11 -9.15 10.68
CA PRO A 24 11.14 -10.52 11.24
C PRO A 24 9.74 -11.01 11.59
N ASP A 25 8.77 -10.13 11.52
CA ASP A 25 7.37 -10.55 11.84
C ASP A 25 6.93 -11.69 10.92
N MET A 26 7.37 -11.68 9.68
CA MET A 26 6.98 -12.78 8.74
C MET A 26 8.17 -13.17 7.88
N THR A 27 8.13 -14.34 7.29
CA THR A 27 9.26 -14.79 6.44
C THR A 27 9.30 -13.98 5.16
N HIS A 28 10.42 -13.95 4.49
CA HIS A 28 10.54 -13.15 3.24
C HIS A 28 9.52 -13.64 2.20
N SER A 29 9.33 -14.94 2.10
CA SER A 29 8.36 -15.46 1.10
C SER A 29 6.95 -14.93 1.36
N GLU A 30 6.55 -14.88 2.61
CA GLU A 30 5.18 -14.39 2.93
C GLU A 30 5.06 -12.89 2.63
N VAL A 31 6.08 -12.14 2.94
CA VAL A 31 6.04 -10.68 2.70
C VAL A 31 6.06 -10.39 1.20
N GLU A 32 6.90 -11.07 0.46
CA GLU A 32 6.98 -10.83 -1.02
C GLU A 32 5.64 -11.08 -1.69
N LYS A 33 5.01 -12.20 -1.43
CA LYS A 33 3.70 -12.48 -2.08
C LYS A 33 2.67 -11.42 -1.66
N ALA A 34 2.76 -10.91 -0.47
CA ALA A 34 1.78 -9.88 -0.03
C ALA A 34 1.84 -8.66 -0.96
N PHE A 35 3.01 -8.14 -1.20
CA PHE A 35 3.13 -6.95 -2.08
C PHE A 35 2.74 -7.33 -3.52
N LYS A 36 3.15 -8.47 -3.98
CA LYS A 36 2.81 -8.87 -5.38
C LYS A 36 1.29 -8.92 -5.56
N LYS A 37 0.58 -9.47 -4.62
CA LYS A 37 -0.90 -9.54 -4.75
C LYS A 37 -1.48 -8.12 -4.81
N ALA A 38 -0.96 -7.23 -4.01
CA ALA A 38 -1.50 -5.83 -4.00
C ALA A 38 -1.34 -5.21 -5.39
N PHE A 39 -0.22 -5.36 -6.02
CA PHE A 39 -0.03 -4.77 -7.37
C PHE A 39 -0.90 -5.50 -8.39
N LYS A 40 -1.02 -6.80 -8.26
CA LYS A 40 -1.86 -7.56 -9.23
C LYS A 40 -3.30 -7.04 -9.18
N VAL A 41 -3.86 -6.89 -8.01
CA VAL A 41 -5.26 -6.40 -7.92
C VAL A 41 -5.38 -5.01 -8.55
N TRP A 42 -4.42 -4.15 -8.33
CA TRP A 42 -4.51 -2.77 -8.92
C TRP A 42 -4.11 -2.83 -10.40
N SER A 43 -3.13 -3.62 -10.74
CA SER A 43 -2.70 -3.70 -12.16
C SER A 43 -3.76 -4.43 -12.99
N ASP A 44 -4.63 -5.16 -12.34
CA ASP A 44 -5.69 -5.89 -13.08
C ASP A 44 -6.59 -4.92 -13.86
N VAL A 45 -6.91 -3.79 -13.28
CA VAL A 45 -7.82 -2.81 -13.97
C VAL A 45 -7.05 -1.56 -14.42
N THR A 46 -5.74 -1.65 -14.58
CA THR A 46 -4.97 -0.45 -15.04
C THR A 46 -3.74 -0.91 -15.85
N PRO A 47 -3.33 -0.20 -16.89
CA PRO A 47 -2.12 -0.61 -17.65
C PRO A 47 -0.82 -0.30 -16.90
N LEU A 48 -0.91 -0.12 -15.60
CA LEU A 48 0.32 0.19 -14.82
C LEU A 48 1.24 -1.03 -14.78
N ASN A 49 2.50 -0.83 -15.09
CA ASN A 49 3.49 -1.95 -15.07
C ASN A 49 4.40 -1.78 -13.86
N PHE A 50 4.43 -2.74 -12.98
CA PHE A 50 5.31 -2.62 -11.76
C PHE A 50 6.49 -3.59 -11.88
N THR A 51 7.68 -3.08 -11.74
CA THR A 51 8.91 -3.94 -11.84
C THR A 51 9.71 -3.87 -10.52
N ARG A 52 10.06 -5.00 -9.98
CA ARG A 52 10.84 -5.01 -8.71
C ARG A 52 12.32 -4.79 -9.03
N LEU A 53 12.96 -3.87 -8.35
CA LEU A 53 14.42 -3.61 -8.59
C LEU A 53 15.24 -4.27 -7.48
N HIS A 54 16.30 -4.94 -7.85
CA HIS A 54 17.14 -5.62 -6.81
C HIS A 54 17.76 -4.57 -5.89
N ASP A 55 18.22 -3.47 -6.43
CA ASP A 55 18.84 -2.42 -5.57
C ASP A 55 18.73 -1.06 -6.25
N GLY A 56 19.35 -0.05 -5.69
CA GLY A 56 19.29 1.31 -6.31
C GLY A 56 18.08 2.09 -5.78
N ILE A 57 17.78 3.20 -6.38
CA ILE A 57 16.61 4.01 -5.93
C ILE A 57 15.39 3.63 -6.77
N ALA A 58 14.28 3.34 -6.13
CA ALA A 58 13.05 2.96 -6.89
C ALA A 58 12.02 4.07 -6.77
N ASP A 59 11.02 4.07 -7.61
CA ASP A 59 9.99 5.14 -7.54
C ASP A 59 9.34 5.12 -6.15
N ILE A 60 8.91 3.96 -5.71
CA ILE A 60 8.27 3.85 -4.37
C ILE A 60 9.05 2.83 -3.53
N MET A 61 9.71 3.27 -2.49
CA MET A 61 10.48 2.31 -1.63
C MET A 61 9.64 1.94 -0.40
N ILE A 62 9.62 0.67 -0.05
CA ILE A 62 8.81 0.23 1.13
C ILE A 62 9.74 -0.07 2.31
N SER A 63 9.40 0.42 3.47
CA SER A 63 10.26 0.17 4.67
C SER A 63 9.40 0.18 5.94
N PHE A 64 9.82 -0.54 6.95
CA PHE A 64 9.04 -0.58 8.24
C PHE A 64 9.78 0.24 9.30
N GLY A 65 9.13 1.23 9.86
CA GLY A 65 9.80 2.09 10.89
C GLY A 65 9.45 1.63 12.30
N ILE A 66 9.96 2.33 13.30
CA ILE A 66 9.69 1.98 14.72
C ILE A 66 9.36 3.27 15.49
N LYS A 67 8.80 3.13 16.67
CA LYS A 67 8.40 4.30 17.55
C LYS A 67 8.93 5.63 17.01
N GLU A 68 10.19 5.91 17.18
CA GLU A 68 10.72 7.21 16.68
C GLU A 68 10.64 7.24 15.15
N HIS A 69 9.58 7.79 14.63
CA HIS A 69 9.41 7.87 13.15
C HIS A 69 10.57 8.66 12.54
N GLY A 70 10.99 9.72 13.19
CA GLY A 70 12.10 10.55 12.64
C GLY A 70 11.53 11.68 11.78
N ASP A 71 10.22 11.76 11.70
CA ASP A 71 9.55 12.84 10.90
C ASP A 71 8.50 13.51 11.78
N PHE A 72 7.95 14.61 11.33
CA PHE A 72 6.92 15.31 12.16
C PHE A 72 5.63 14.48 12.19
N TYR A 73 5.73 13.19 12.00
CA TYR A 73 4.54 12.29 12.03
C TYR A 73 4.84 11.12 12.98
N PRO A 74 4.78 11.33 14.28
CA PRO A 74 5.07 10.24 15.24
C PRO A 74 3.92 9.24 15.36
N PHE A 75 4.25 7.98 15.54
CA PHE A 75 3.19 6.94 15.66
C PHE A 75 2.74 6.86 17.13
N ASP A 76 1.58 6.34 17.39
CA ASP A 76 1.09 6.26 18.81
C ASP A 76 1.38 4.87 19.39
N GLY A 77 1.98 3.99 18.63
CA GLY A 77 2.31 2.62 19.16
C GLY A 77 1.56 1.53 18.35
N PRO A 78 0.70 0.72 18.96
CA PRO A 78 -0.02 -0.34 18.19
C PRO A 78 -1.16 0.22 17.32
N SER A 79 -2.24 0.65 17.92
CA SER A 79 -3.37 1.19 17.13
C SER A 79 -3.03 2.59 16.62
N GLY A 80 -3.86 3.13 15.76
CA GLY A 80 -3.60 4.51 15.21
C GLY A 80 -3.08 4.41 13.77
N LEU A 81 -2.06 5.15 13.46
CA LEU A 81 -1.49 5.13 12.08
C LEU A 81 -0.81 3.78 11.82
N LEU A 82 -1.42 2.94 11.03
CA LEU A 82 -0.81 1.62 10.73
C LEU A 82 0.29 1.80 9.68
N ALA A 83 0.17 2.83 8.88
CA ALA A 83 1.19 3.08 7.81
C ALA A 83 0.80 4.37 7.06
N HIS A 84 1.64 4.85 6.18
CA HIS A 84 1.28 6.09 5.44
C HIS A 84 2.17 6.23 4.19
N ALA A 85 1.81 7.11 3.30
CA ALA A 85 2.62 7.30 2.06
C ALA A 85 2.41 8.73 1.53
N PHE A 86 3.32 9.21 0.73
CA PHE A 86 3.20 10.60 0.18
C PHE A 86 2.80 10.51 -1.32
N PRO A 87 2.10 11.51 -1.85
CA PRO A 87 1.70 11.48 -3.29
C PRO A 87 2.93 11.54 -4.22
N PRO A 88 2.76 11.23 -5.49
CA PRO A 88 3.90 11.25 -6.43
C PRO A 88 4.75 12.51 -6.29
N GLY A 89 6.02 12.36 -6.05
CA GLY A 89 6.90 13.54 -5.90
C GLY A 89 8.37 13.10 -5.96
N PRO A 90 9.29 13.97 -5.63
CA PRO A 90 10.73 13.62 -5.67
C PRO A 90 11.07 12.41 -4.79
N ASN A 91 12.27 12.33 -4.28
CA ASN A 91 12.65 11.19 -3.43
C ASN A 91 11.75 11.13 -2.19
N TYR A 92 11.44 12.25 -1.62
CA TYR A 92 10.57 12.25 -0.41
C TYR A 92 9.16 11.82 -0.80
N GLY A 93 8.68 12.27 -1.93
CA GLY A 93 7.32 11.88 -2.38
C GLY A 93 7.39 10.49 -3.01
N GLY A 94 6.27 9.89 -3.27
CA GLY A 94 6.29 8.53 -3.89
C GLY A 94 7.06 7.57 -2.97
N ASP A 95 6.52 7.31 -1.79
CA ASP A 95 7.22 6.38 -0.85
C ASP A 95 6.17 5.68 0.01
N ALA A 96 6.56 4.70 0.78
CA ALA A 96 5.57 3.98 1.64
C ALA A 96 6.24 3.53 2.94
N HIS A 97 5.70 3.94 4.06
CA HIS A 97 6.28 3.57 5.38
C HIS A 97 5.29 2.68 6.14
N PHE A 98 5.78 1.84 7.02
CA PHE A 98 4.89 0.94 7.80
C PHE A 98 5.38 0.91 9.26
N ASP A 99 4.50 0.72 10.21
CA ASP A 99 4.96 0.68 11.63
C ASP A 99 5.50 -0.72 11.93
N ASP A 100 6.74 -0.82 12.34
CA ASP A 100 7.32 -2.16 12.65
C ASP A 100 6.93 -2.57 14.07
N ASP A 101 6.29 -1.69 14.79
CA ASP A 101 5.88 -2.01 16.18
C ASP A 101 4.59 -2.83 16.13
N GLU A 102 3.97 -2.94 14.98
CA GLU A 102 2.70 -3.71 14.86
C GLU A 102 3.02 -5.17 14.56
N THR A 103 2.01 -6.00 14.51
CA THR A 103 2.21 -7.45 14.20
C THR A 103 1.72 -7.72 12.77
N TRP A 104 2.62 -7.92 11.85
CA TRP A 104 2.21 -8.18 10.44
C TRP A 104 1.97 -9.68 10.26
N THR A 105 0.78 -10.04 9.84
CA THR A 105 0.45 -11.49 9.65
C THR A 105 -0.40 -11.68 8.41
N SER A 106 -0.30 -12.81 7.76
CA SER A 106 -1.13 -13.07 6.55
C SER A 106 -2.41 -13.77 6.98
N SER A 107 -2.49 -14.14 8.23
CA SER A 107 -3.71 -14.83 8.75
C SER A 107 -4.66 -13.78 9.33
N SER A 108 -5.81 -14.19 9.77
CA SER A 108 -6.78 -13.21 10.35
C SER A 108 -6.35 -12.84 11.76
N LYS A 109 -5.34 -12.01 11.89
CA LYS A 109 -4.87 -11.59 13.25
C LYS A 109 -4.35 -10.16 13.16
N GLY A 110 -4.50 -9.38 14.20
CA GLY A 110 -3.99 -7.98 14.18
C GLY A 110 -4.39 -7.31 12.86
N TYR A 111 -3.50 -6.53 12.29
CA TYR A 111 -3.82 -5.84 10.99
C TYR A 111 -3.18 -6.62 9.84
N ASN A 112 -3.98 -7.17 8.97
CA ASN A 112 -3.41 -7.94 7.82
C ASN A 112 -2.55 -7.00 6.96
N LEU A 113 -1.37 -7.43 6.60
CA LEU A 113 -0.48 -6.56 5.76
C LEU A 113 -1.15 -6.24 4.42
N PHE A 114 -1.78 -7.20 3.80
CA PHE A 114 -2.42 -6.94 2.48
C PHE A 114 -3.50 -5.85 2.62
N LEU A 115 -4.27 -5.86 3.67
CA LEU A 115 -5.33 -4.82 3.84
C LEU A 115 -4.69 -3.41 3.88
N VAL A 116 -3.69 -3.23 4.71
CA VAL A 116 -3.05 -1.88 4.81
C VAL A 116 -2.30 -1.55 3.52
N ALA A 117 -1.54 -2.48 3.00
CA ALA A 117 -0.77 -2.21 1.77
C ALA A 117 -1.71 -1.78 0.63
N ALA A 118 -2.78 -2.49 0.44
CA ALA A 118 -3.73 -2.12 -0.66
C ALA A 118 -4.27 -0.70 -0.44
N HIS A 119 -4.60 -0.35 0.78
CA HIS A 119 -5.17 1.01 1.03
C HIS A 119 -4.15 2.12 0.76
N GLU A 120 -2.96 2.02 1.26
CA GLU A 120 -1.97 3.12 1.02
C GLU A 120 -1.73 3.29 -0.49
N PHE A 121 -1.59 2.20 -1.23
CA PHE A 121 -1.36 2.36 -2.69
C PHE A 121 -2.55 3.11 -3.29
N GLY A 122 -3.74 2.81 -2.85
CA GLY A 122 -4.94 3.49 -3.40
C GLY A 122 -4.74 5.00 -3.30
N HIS A 123 -4.23 5.47 -2.20
CA HIS A 123 -4.00 6.93 -2.06
C HIS A 123 -2.91 7.38 -3.04
N SER A 124 -1.89 6.57 -3.20
CA SER A 124 -0.80 6.93 -4.14
C SER A 124 -1.35 6.97 -5.58
N LEU A 125 -2.45 6.30 -5.82
CA LEU A 125 -3.03 6.28 -7.19
C LEU A 125 -3.89 7.54 -7.40
N GLY A 126 -3.97 8.40 -6.42
CA GLY A 126 -4.78 9.65 -6.58
C GLY A 126 -6.21 9.42 -6.10
N LEU A 127 -6.50 8.27 -5.55
CA LEU A 127 -7.90 8.02 -5.06
C LEU A 127 -8.04 8.56 -3.63
N ASP A 128 -9.20 9.05 -3.29
CA ASP A 128 -9.44 9.61 -1.93
C ASP A 128 -10.21 8.60 -1.09
N HIS A 129 -10.41 8.89 0.16
CA HIS A 129 -11.16 7.93 1.03
C HIS A 129 -12.57 7.73 0.47
N SER A 130 -13.05 6.51 0.46
CA SER A 130 -14.42 6.23 -0.08
C SER A 130 -15.41 6.14 1.07
N LYS A 131 -16.68 6.34 0.80
CA LYS A 131 -17.70 6.26 1.89
C LYS A 131 -18.32 4.87 1.91
N ASP A 132 -17.90 4.00 1.03
CA ASP A 132 -18.48 2.62 1.02
C ASP A 132 -17.70 1.74 2.02
N PRO A 133 -18.34 1.03 2.93
CA PRO A 133 -17.59 0.19 3.91
C PRO A 133 -16.91 -1.02 3.23
N GLY A 134 -17.37 -1.40 2.07
CA GLY A 134 -16.75 -2.57 1.37
C GLY A 134 -15.57 -2.10 0.52
N ALA A 135 -15.35 -0.81 0.44
CA ALA A 135 -14.22 -0.28 -0.38
C ALA A 135 -12.94 -0.28 0.46
N LEU A 136 -11.82 -0.53 -0.16
CA LEU A 136 -10.53 -0.53 0.59
C LEU A 136 -10.19 0.90 1.01
N MET A 137 -10.59 1.86 0.23
CA MET A 137 -10.27 3.28 0.56
C MET A 137 -11.11 3.74 1.76
N PHE A 138 -11.78 2.84 2.41
CA PHE A 138 -12.61 3.23 3.58
C PHE A 138 -11.66 3.64 4.73
N PRO A 139 -11.89 4.76 5.42
CA PRO A 139 -10.95 5.21 6.50
C PRO A 139 -10.80 4.21 7.67
N ILE A 140 -11.73 3.31 7.85
CA ILE A 140 -11.62 2.35 9.00
C ILE A 140 -11.04 1.00 8.51
N TYR A 141 -10.18 0.41 9.29
CA TYR A 141 -9.56 -0.89 8.89
C TYR A 141 -10.57 -2.03 9.09
N THR A 142 -10.72 -2.88 8.11
CA THR A 142 -11.68 -4.01 8.24
C THR A 142 -11.08 -5.27 7.58
N TYR A 143 -11.30 -6.41 8.16
CA TYR A 143 -10.75 -7.66 7.55
C TYR A 143 -11.65 -8.09 6.40
N THR A 144 -11.08 -8.61 5.34
CA THR A 144 -11.92 -9.04 4.17
C THR A 144 -11.38 -10.36 3.60
N GLY A 145 -12.24 -11.17 3.04
CA GLY A 145 -11.77 -12.47 2.47
C GLY A 145 -10.92 -12.21 1.24
N LYS A 146 -9.64 -12.43 1.35
CA LYS A 146 -8.73 -12.19 0.19
C LYS A 146 -8.86 -13.36 -0.80
N SER A 147 -9.69 -14.32 -0.50
CA SER A 147 -9.84 -15.49 -1.42
C SER A 147 -10.33 -15.01 -2.79
N HIS A 148 -11.29 -14.13 -2.83
CA HIS A 148 -11.81 -13.64 -4.14
C HIS A 148 -12.15 -12.15 -4.06
N PHE A 149 -11.47 -11.42 -3.22
CA PHE A 149 -11.78 -9.96 -3.12
C PHE A 149 -11.42 -9.27 -4.44
N MET A 150 -12.26 -8.38 -4.90
CA MET A 150 -11.97 -7.66 -6.18
C MET A 150 -12.37 -6.19 -6.02
N LEU A 151 -11.61 -5.30 -6.60
CA LEU A 151 -11.95 -3.84 -6.50
C LEU A 151 -13.46 -3.65 -6.85
N PRO A 152 -14.32 -3.30 -5.90
CA PRO A 152 -15.77 -3.12 -6.25
C PRO A 152 -15.99 -2.09 -7.37
N ASP A 153 -17.21 -1.91 -7.77
CA ASP A 153 -17.53 -0.94 -8.85
C ASP A 153 -17.08 0.46 -8.43
N ASP A 154 -17.29 0.82 -7.20
CA ASP A 154 -16.89 2.19 -6.74
C ASP A 154 -15.41 2.43 -7.02
N ASP A 155 -14.56 1.50 -6.65
CA ASP A 155 -13.11 1.69 -6.89
C ASP A 155 -12.81 1.60 -8.38
N VAL A 156 -13.44 0.69 -9.07
CA VAL A 156 -13.20 0.55 -10.54
C VAL A 156 -13.59 1.85 -11.26
N GLN A 157 -14.73 2.40 -10.93
CA GLN A 157 -15.16 3.67 -11.60
C GLN A 157 -14.16 4.79 -11.32
N GLY A 158 -13.67 4.87 -10.12
CA GLY A 158 -12.72 5.97 -9.75
C GLY A 158 -11.35 5.78 -10.43
N ILE A 159 -10.75 4.63 -10.27
CA ILE A 159 -9.41 4.42 -10.90
C ILE A 159 -9.51 4.57 -12.42
N GLN A 160 -10.57 4.08 -13.01
CA GLN A 160 -10.72 4.23 -14.49
C GLN A 160 -10.88 5.70 -14.85
N SER A 161 -11.62 6.44 -14.07
CA SER A 161 -11.81 7.89 -14.38
C SER A 161 -10.47 8.62 -14.38
N LEU A 162 -9.54 8.22 -13.56
CA LEU A 162 -8.22 8.93 -13.51
C LEU A 162 -7.26 8.38 -14.58
N TYR A 163 -7.06 7.10 -14.63
CA TYR A 163 -6.11 6.53 -15.65
C TYR A 163 -6.86 6.15 -16.93
N GLY A 164 -8.17 6.19 -16.91
CA GLY A 164 -8.94 5.83 -18.14
C GLY A 164 -9.18 4.32 -18.19
ZN ZN B . -6.42 6.49 4.06
ZN ZN C . 6.91 6.57 7.96
CA CA D . 0.23 2.78 15.14
C1 WAY E . -5.41 7.15 9.35
C2 WAY E . -5.13 7.95 8.13
CF2 WAY E . -4.59 9.31 8.29
CH WAY E . -4.33 9.87 9.60
CF1 WAY E . -4.62 9.09 10.78
C6 WAY E . -5.15 7.73 10.67
C10 WAY E . -5.32 7.53 6.73
O11 WAY E . -6.13 8.08 5.99
N12 WAY E . -4.52 6.59 6.18
O13 WAY E . -4.68 6.34 4.82
CE WAY E . -5.42 6.98 11.96
N20 WAY E . -5.92 5.88 9.29
S21 WAY E . -4.88 4.58 9.49
CD WAY E . -7.37 5.68 9.14
CK WAY E . -9.17 4.26 12.29
CM WAY E . -9.64 5.49 12.85
N25 WAY E . -9.40 6.72 12.25
CJ WAY E . -8.67 6.76 11.05
C27 WAY E . -8.16 5.59 10.42
CI WAY E . -8.42 4.32 11.07
C35 WAY E . -5.25 3.35 8.26
CC1 WAY E . -4.39 3.21 7.10
CB1 WAY E . -4.70 2.20 6.09
C38 WAY E . -5.86 1.32 6.23
CB2 WAY E . -6.72 1.49 7.44
CC2 WAY E . -6.41 2.49 8.42
O45 WAY E . -6.10 0.35 5.19
CA WAY E . -7.22 -0.57 5.24
O50 WAY E . -5.19 3.99 10.75
O51 WAY E . -3.54 5.01 9.25
HF2 WAY E . -4.38 9.90 7.42
HH WAY E . -3.95 10.86 9.69
HF1 WAY E . -4.43 9.52 11.75
H14 WAY E . -3.84 6.11 6.74
H15 WAY E . -4.70 5.40 4.67
HE1 WAY E . -6.42 7.18 12.33
HE2 WAY E . -4.71 7.26 12.74
HE3 WAY E . -5.33 5.90 11.81
HD1 WAY E . -7.53 4.78 8.55
HD2 WAY E . -7.75 6.53 8.55
HK WAY E . -9.36 3.32 12.77
HL WAY E . -10.21 5.46 13.77
HJ WAY E . -8.47 7.71 10.57
HI WAY E . -8.04 3.41 10.63
HC1 WAY E . -3.54 3.85 6.98
HB1 WAY E . -4.05 2.11 5.23
HB2 WAY E . -7.59 0.87 7.58
HC2 WAY E . -7.02 2.62 9.31
HA1 WAY E . -7.21 -1.22 4.35
HA2 WAY E . -8.16 -0.02 5.25
HA3 WAY E . -7.17 -1.20 6.12
N THR A 7 -7.94 13.44 -8.82
CA THR A 7 -7.34 14.60 -9.52
C THR A 7 -5.86 14.34 -9.78
N LEU A 8 -5.06 14.33 -8.75
CA LEU A 8 -3.60 14.08 -8.93
C LEU A 8 -3.39 12.61 -9.34
N LYS A 9 -2.50 12.36 -10.24
CA LYS A 9 -2.25 10.96 -10.68
C LYS A 9 -0.88 10.87 -11.37
N TRP A 10 -0.39 9.67 -11.58
CA TRP A 10 0.94 9.52 -12.24
C TRP A 10 0.84 9.93 -13.72
N SER A 11 1.84 10.60 -14.23
CA SER A 11 1.82 11.04 -15.66
C SER A 11 2.39 9.94 -16.56
N LYS A 12 2.77 8.82 -16.00
CA LYS A 12 3.34 7.72 -16.84
C LYS A 12 2.87 6.37 -16.30
N MET A 13 2.81 5.38 -17.15
CA MET A 13 2.36 4.03 -16.71
C MET A 13 3.56 3.20 -16.26
N ASN A 14 4.74 3.77 -16.32
CA ASN A 14 5.95 3.01 -15.90
C ASN A 14 6.30 3.36 -14.45
N LEU A 15 6.33 2.38 -13.58
CA LEU A 15 6.65 2.65 -12.14
C LEU A 15 7.55 1.54 -11.61
N THR A 16 8.42 1.88 -10.69
CA THR A 16 9.35 0.85 -10.10
C THR A 16 9.28 0.95 -8.58
N TYR A 17 9.58 -0.11 -7.88
CA TYR A 17 9.53 -0.07 -6.39
C TYR A 17 10.64 -0.92 -5.80
N ARG A 18 11.03 -0.64 -4.58
CA ARG A 18 12.11 -1.42 -3.92
C ARG A 18 11.78 -1.58 -2.43
N ILE A 19 11.91 -2.78 -1.92
CA ILE A 19 11.61 -3.00 -0.47
C ILE A 19 12.88 -2.72 0.34
N VAL A 20 12.86 -1.76 1.21
CA VAL A 20 14.08 -1.46 2.02
C VAL A 20 14.31 -2.60 3.02
N ASN A 21 13.26 -3.11 3.60
CA ASN A 21 13.45 -4.20 4.59
C ASN A 21 12.15 -4.97 4.78
N TYR A 22 12.25 -6.20 5.22
CA TYR A 22 11.03 -7.01 5.46
C TYR A 22 10.75 -6.97 6.97
N THR A 23 9.95 -7.88 7.47
CA THR A 23 9.64 -7.86 8.93
C THR A 23 10.00 -9.23 9.57
N PRO A 24 10.41 -9.26 10.83
CA PRO A 24 10.72 -10.56 11.48
C PRO A 24 9.43 -11.34 11.74
N ASP A 25 8.34 -10.62 11.78
CA ASP A 25 7.01 -11.26 12.02
C ASP A 25 6.73 -12.36 10.97
N MET A 26 7.16 -12.16 9.75
CA MET A 26 6.92 -13.19 8.69
C MET A 26 8.20 -13.41 7.88
N THR A 27 8.26 -14.48 7.14
CA THR A 27 9.48 -14.74 6.33
C THR A 27 9.51 -13.79 5.13
N HIS A 28 10.66 -13.59 4.55
CA HIS A 28 10.77 -12.68 3.38
C HIS A 28 9.89 -13.18 2.23
N SER A 29 9.86 -14.46 2.02
CA SER A 29 9.04 -15.01 0.90
C SER A 29 7.56 -14.64 1.10
N GLU A 30 7.09 -14.71 2.32
CA GLU A 30 5.65 -14.38 2.57
C GLU A 30 5.41 -12.88 2.33
N VAL A 31 6.31 -12.05 2.74
CA VAL A 31 6.12 -10.58 2.55
C VAL A 31 6.20 -10.24 1.06
N GLU A 32 7.09 -10.85 0.33
CA GLU A 32 7.22 -10.53 -1.12
C GLU A 32 5.92 -10.84 -1.86
N LYS A 33 5.37 -12.01 -1.66
CA LYS A 33 4.10 -12.34 -2.36
C LYS A 33 2.99 -11.37 -1.93
N ALA A 34 3.04 -10.90 -0.71
CA ALA A 34 1.99 -9.96 -0.25
C ALA A 34 1.99 -8.70 -1.13
N PHE A 35 3.13 -8.11 -1.33
CA PHE A 35 3.19 -6.89 -2.17
C PHE A 35 2.87 -7.22 -3.62
N LYS A 36 3.35 -8.33 -4.11
CA LYS A 36 3.08 -8.69 -5.53
C LYS A 36 1.57 -8.81 -5.75
N LYS A 37 0.87 -9.43 -4.83
CA LYS A 37 -0.61 -9.54 -4.98
C LYS A 37 -1.22 -8.14 -5.04
N ALA A 38 -0.72 -7.24 -4.23
CA ALA A 38 -1.27 -5.86 -4.21
C ALA A 38 -1.14 -5.22 -5.59
N PHE A 39 0.01 -5.33 -6.20
CA PHE A 39 0.18 -4.72 -7.56
C PHE A 39 -0.71 -5.48 -8.56
N LYS A 40 -0.80 -6.77 -8.43
CA LYS A 40 -1.64 -7.55 -9.37
C LYS A 40 -3.09 -7.08 -9.28
N VAL A 41 -3.62 -6.94 -8.08
CA VAL A 41 -5.04 -6.51 -7.94
C VAL A 41 -5.22 -5.12 -8.57
N TRP A 42 -4.27 -4.24 -8.40
CA TRP A 42 -4.40 -2.88 -9.01
C TRP A 42 -4.04 -2.93 -10.49
N SER A 43 -3.08 -3.70 -10.86
CA SER A 43 -2.68 -3.77 -12.30
C SER A 43 -3.78 -4.48 -13.09
N ASP A 44 -4.62 -5.23 -12.42
CA ASP A 44 -5.70 -5.96 -13.13
C ASP A 44 -6.63 -4.98 -13.85
N VAL A 45 -6.92 -3.85 -13.26
CA VAL A 45 -7.84 -2.85 -13.90
C VAL A 45 -7.08 -1.59 -14.30
N THR A 46 -5.79 -1.67 -14.49
CA THR A 46 -5.01 -0.46 -14.89
C THR A 46 -3.78 -0.89 -15.75
N PRO A 47 -3.43 -0.17 -16.81
CA PRO A 47 -2.24 -0.56 -17.63
C PRO A 47 -0.91 -0.16 -16.96
N LEU A 48 -0.92 0.02 -15.67
CA LEU A 48 0.35 0.42 -14.98
C LEU A 48 1.34 -0.75 -15.00
N ASN A 49 2.60 -0.46 -15.22
CA ASN A 49 3.64 -1.54 -15.25
C ASN A 49 4.52 -1.41 -14.00
N PHE A 50 4.56 -2.43 -13.17
CA PHE A 50 5.40 -2.37 -11.93
C PHE A 50 6.61 -3.30 -12.07
N THR A 51 7.80 -2.78 -11.89
CA THR A 51 9.03 -3.61 -12.01
C THR A 51 9.79 -3.60 -10.67
N ARG A 52 10.16 -4.77 -10.18
CA ARG A 52 10.89 -4.83 -8.88
C ARG A 52 12.39 -4.59 -9.13
N LEU A 53 12.99 -3.67 -8.42
CA LEU A 53 14.43 -3.38 -8.59
C LEU A 53 15.21 -3.98 -7.42
N HIS A 54 16.11 -4.88 -7.69
CA HIS A 54 16.89 -5.51 -6.59
C HIS A 54 17.87 -4.48 -6.00
N ASP A 55 18.25 -3.49 -6.77
CA ASP A 55 19.21 -2.48 -6.25
C ASP A 55 18.91 -1.11 -6.90
N GLY A 56 19.38 -0.05 -6.29
CA GLY A 56 19.12 1.31 -6.85
C GLY A 56 17.93 1.96 -6.14
N ILE A 57 17.65 3.21 -6.43
CA ILE A 57 16.51 3.91 -5.77
C ILE A 57 15.27 3.79 -6.67
N ALA A 58 14.14 3.45 -6.10
CA ALA A 58 12.89 3.31 -6.92
C ALA A 58 11.92 4.44 -6.58
N ASP A 59 10.99 4.72 -7.45
CA ASP A 59 10.02 5.81 -7.18
C ASP A 59 9.26 5.49 -5.89
N ILE A 60 8.73 4.29 -5.79
CA ILE A 60 7.96 3.89 -4.56
C ILE A 60 8.81 2.95 -3.71
N MET A 61 9.43 3.45 -2.67
CA MET A 61 10.26 2.58 -1.79
C MET A 61 9.48 2.28 -0.51
N ILE A 62 9.36 1.01 -0.16
CA ILE A 62 8.60 0.63 1.07
C ILE A 62 9.58 0.30 2.19
N SER A 63 9.28 0.71 3.39
CA SER A 63 10.21 0.42 4.53
C SER A 63 9.40 0.34 5.83
N PHE A 64 9.91 -0.38 6.80
CA PHE A 64 9.20 -0.50 8.11
C PHE A 64 9.91 0.37 9.15
N GLY A 65 9.19 1.30 9.75
CA GLY A 65 9.82 2.21 10.76
C GLY A 65 9.32 1.86 12.16
N ILE A 66 9.60 2.70 13.13
CA ILE A 66 9.16 2.45 14.53
C ILE A 66 8.67 3.79 15.14
N LYS A 67 8.02 3.72 16.27
CA LYS A 67 7.48 4.93 16.98
C LYS A 67 8.22 6.21 16.55
N GLU A 68 9.40 6.45 17.07
CA GLU A 68 10.14 7.68 16.69
C GLU A 68 10.68 7.55 15.26
N HIS A 69 10.31 8.45 14.39
CA HIS A 69 10.80 8.41 12.98
C HIS A 69 11.94 9.44 12.84
N GLY A 70 12.01 10.39 13.74
CA GLY A 70 13.10 11.42 13.66
C GLY A 70 12.60 12.59 12.80
N ASP A 71 11.44 12.46 12.22
CA ASP A 71 10.87 13.55 11.36
C ASP A 71 9.54 14.04 11.96
N PHE A 72 8.46 13.87 11.24
CA PHE A 72 7.14 14.32 11.77
C PHE A 72 6.90 13.76 13.16
N TYR A 73 5.90 14.24 13.83
CA TYR A 73 5.62 13.74 15.21
C TYR A 73 5.57 12.21 15.19
N PRO A 74 6.00 11.54 16.25
CA PRO A 74 5.98 10.05 16.27
C PRO A 74 4.57 9.48 16.02
N PHE A 75 4.41 8.20 16.18
CA PHE A 75 3.07 7.57 15.96
C PHE A 75 2.30 7.59 17.28
N ASP A 76 1.15 6.97 17.32
CA ASP A 76 0.34 6.96 18.58
C ASP A 76 0.51 5.64 19.34
N GLY A 77 1.39 4.78 18.90
CA GLY A 77 1.60 3.46 19.61
C GLY A 77 1.45 2.32 18.60
N PRO A 78 0.92 1.17 18.98
CA PRO A 78 0.75 0.05 18.01
C PRO A 78 -0.48 0.27 17.10
N SER A 79 -1.63 0.45 17.67
CA SER A 79 -2.86 0.65 16.84
C SER A 79 -2.93 2.10 16.32
N GLY A 80 -3.85 2.37 15.43
CA GLY A 80 -4.01 3.75 14.88
C GLY A 80 -3.33 3.87 13.51
N LEU A 81 -2.38 4.73 13.38
CA LEU A 81 -1.68 4.90 12.06
C LEU A 81 -0.90 3.63 11.73
N LEU A 82 -1.43 2.80 10.89
CA LEU A 82 -0.71 1.53 10.54
C LEU A 82 0.35 1.82 9.49
N ALA A 83 0.22 2.91 8.79
CA ALA A 83 1.22 3.26 7.74
C ALA A 83 0.83 4.60 7.10
N HIS A 84 1.66 5.15 6.27
CA HIS A 84 1.31 6.42 5.60
C HIS A 84 2.21 6.62 4.38
N ALA A 85 1.81 7.44 3.46
CA ALA A 85 2.63 7.67 2.24
C ALA A 85 2.44 9.11 1.75
N PHE A 86 3.32 9.59 0.90
CA PHE A 86 3.19 10.99 0.38
C PHE A 86 2.55 10.93 -1.01
N PRO A 87 1.87 11.97 -1.44
CA PRO A 87 1.24 11.96 -2.78
C PRO A 87 2.29 11.76 -3.89
N PRO A 88 1.87 11.47 -5.09
CA PRO A 88 2.83 11.25 -6.21
C PRO A 88 3.91 12.35 -6.25
N GLY A 89 5.15 11.96 -6.38
CA GLY A 89 6.23 12.98 -6.42
C GLY A 89 7.57 12.30 -6.74
N PRO A 90 8.65 13.03 -6.67
CA PRO A 90 9.99 12.45 -6.96
C PRO A 90 10.31 11.23 -6.07
N ASN A 91 11.58 10.94 -5.87
CA ASN A 91 11.93 9.77 -5.01
C ASN A 91 11.37 9.98 -3.60
N TYR A 92 11.44 11.18 -3.10
CA TYR A 92 10.90 11.45 -1.73
C TYR A 92 9.40 11.13 -1.72
N GLY A 93 8.68 11.61 -2.69
CA GLY A 93 7.22 11.35 -2.73
C GLY A 93 6.95 9.92 -3.21
N GLY A 94 5.74 9.46 -3.09
CA GLY A 94 5.43 8.07 -3.53
C GLY A 94 6.04 7.07 -2.56
N ASP A 95 6.58 7.54 -1.46
CA ASP A 95 7.19 6.61 -0.47
C ASP A 95 6.08 5.99 0.39
N ALA A 96 6.42 4.97 1.15
CA ALA A 96 5.39 4.33 2.01
C ALA A 96 6.06 3.77 3.27
N HIS A 97 5.60 4.17 4.42
CA HIS A 97 6.21 3.69 5.70
C HIS A 97 5.22 2.78 6.45
N PHE A 98 5.74 1.79 7.14
CA PHE A 98 4.87 0.85 7.93
C PHE A 98 5.36 0.84 9.38
N ASP A 99 4.47 0.77 10.33
CA ASP A 99 4.91 0.74 11.75
C ASP A 99 5.35 -0.68 12.12
N ASP A 100 6.57 -0.84 12.55
CA ASP A 100 7.07 -2.20 12.93
C ASP A 100 6.67 -2.51 14.38
N ASP A 101 5.97 -1.62 15.03
CA ASP A 101 5.56 -1.87 16.43
C ASP A 101 4.31 -2.76 16.48
N GLU A 102 3.63 -2.90 15.38
CA GLU A 102 2.39 -3.74 15.36
C GLU A 102 2.74 -5.17 14.94
N THR A 103 1.76 -6.04 14.92
CA THR A 103 2.00 -7.45 14.51
C THR A 103 1.54 -7.63 13.06
N TRP A 104 2.47 -7.77 12.17
CA TRP A 104 2.12 -7.95 10.73
C TRP A 104 1.97 -9.45 10.44
N THR A 105 0.82 -9.87 9.98
CA THR A 105 0.61 -11.32 9.69
C THR A 105 -0.26 -11.50 8.45
N SER A 106 -0.18 -12.64 7.82
CA SER A 106 -1.01 -12.89 6.60
C SER A 106 -2.28 -13.62 7.03
N SER A 107 -2.36 -14.00 8.27
CA SER A 107 -3.57 -14.70 8.78
C SER A 107 -4.57 -13.68 9.33
N SER A 108 -5.77 -14.10 9.63
CA SER A 108 -6.77 -13.14 10.16
C SER A 108 -6.37 -12.73 11.58
N LYS A 109 -5.24 -12.09 11.72
CA LYS A 109 -4.78 -11.66 13.09
C LYS A 109 -4.15 -10.28 12.98
N GLY A 110 -4.23 -9.51 14.03
CA GLY A 110 -3.64 -8.14 14.01
C GLY A 110 -4.02 -7.43 12.71
N TYR A 111 -3.16 -6.61 12.18
CA TYR A 111 -3.47 -5.90 10.91
C TYR A 111 -2.81 -6.65 9.74
N ASN A 112 -3.59 -7.18 8.86
CA ASN A 112 -2.99 -7.92 7.71
C ASN A 112 -2.15 -6.96 6.88
N LEU A 113 -0.96 -7.37 6.53
CA LEU A 113 -0.06 -6.50 5.73
C LEU A 113 -0.72 -6.16 4.39
N PHE A 114 -1.32 -7.12 3.76
CA PHE A 114 -1.97 -6.88 2.44
C PHE A 114 -3.09 -5.82 2.55
N LEU A 115 -3.90 -5.88 3.58
CA LEU A 115 -4.99 -4.86 3.70
C LEU A 115 -4.40 -3.45 3.72
N VAL A 116 -3.46 -3.20 4.59
CA VAL A 116 -2.86 -1.84 4.66
C VAL A 116 -2.08 -1.55 3.38
N ALA A 117 -1.35 -2.52 2.89
CA ALA A 117 -0.55 -2.28 1.65
C ALA A 117 -1.48 -1.85 0.52
N ALA A 118 -2.56 -2.56 0.30
CA ALA A 118 -3.47 -2.18 -0.81
C ALA A 118 -4.01 -0.75 -0.58
N HIS A 119 -4.28 -0.40 0.65
CA HIS A 119 -4.83 0.96 0.94
C HIS A 119 -3.83 2.07 0.60
N GLU A 120 -2.60 1.97 1.05
CA GLU A 120 -1.63 3.07 0.76
C GLU A 120 -1.48 3.22 -0.76
N PHE A 121 -1.45 2.14 -1.50
CA PHE A 121 -1.30 2.26 -2.97
C PHE A 121 -2.48 3.06 -3.52
N GLY A 122 -3.65 2.84 -3.01
CA GLY A 122 -4.84 3.59 -3.51
C GLY A 122 -4.61 5.09 -3.35
N HIS A 123 -4.04 5.51 -2.25
CA HIS A 123 -3.78 6.97 -2.08
C HIS A 123 -2.72 7.40 -3.10
N SER A 124 -1.74 6.58 -3.34
CA SER A 124 -0.68 6.95 -4.32
C SER A 124 -1.27 6.98 -5.73
N LEU A 125 -2.37 6.29 -5.95
CA LEU A 125 -2.99 6.27 -7.30
C LEU A 125 -3.88 7.51 -7.49
N GLY A 126 -3.99 8.33 -6.49
CA GLY A 126 -4.83 9.57 -6.61
C GLY A 126 -6.25 9.30 -6.09
N LEU A 127 -6.50 8.14 -5.54
CA LEU A 127 -7.86 7.85 -5.01
C LEU A 127 -7.98 8.36 -3.58
N ASP A 128 -9.14 8.85 -3.21
CA ASP A 128 -9.35 9.38 -1.84
C ASP A 128 -10.13 8.35 -1.02
N HIS A 129 -10.38 8.63 0.23
CA HIS A 129 -11.13 7.66 1.08
C HIS A 129 -12.51 7.42 0.46
N SER A 130 -12.94 6.19 0.42
CA SER A 130 -14.28 5.87 -0.17
C SER A 130 -15.30 5.71 0.96
N LYS A 131 -16.57 5.86 0.65
CA LYS A 131 -17.63 5.71 1.71
C LYS A 131 -18.24 4.31 1.61
N ASP A 132 -17.74 3.50 0.72
CA ASP A 132 -18.28 2.12 0.57
C ASP A 132 -17.55 1.21 1.58
N PRO A 133 -18.24 0.54 2.49
CA PRO A 133 -17.54 -0.33 3.48
C PRO A 133 -16.88 -1.54 2.81
N GLY A 134 -17.25 -1.83 1.59
CA GLY A 134 -16.64 -3.00 0.88
C GLY A 134 -15.40 -2.53 0.11
N ALA A 135 -15.16 -1.24 0.09
CA ALA A 135 -13.97 -0.71 -0.64
C ALA A 135 -12.74 -0.72 0.28
N LEU A 136 -11.58 -0.90 -0.27
CA LEU A 136 -10.34 -0.90 0.57
C LEU A 136 -10.08 0.52 1.07
N MET A 137 -10.35 1.50 0.25
CA MET A 137 -10.09 2.92 0.66
C MET A 137 -11.06 3.34 1.78
N PHE A 138 -11.67 2.39 2.43
CA PHE A 138 -12.60 2.77 3.53
C PHE A 138 -11.76 3.33 4.70
N PRO A 139 -12.14 4.44 5.32
CA PRO A 139 -11.30 5.01 6.43
C PRO A 139 -11.12 4.08 7.64
N ILE A 140 -11.78 2.95 7.69
CA ILE A 140 -11.62 2.01 8.86
C ILE A 140 -11.02 0.70 8.38
N TYR A 141 -10.09 0.16 9.13
CA TYR A 141 -9.44 -1.12 8.75
C TYR A 141 -10.39 -2.29 8.95
N THR A 142 -10.53 -3.13 7.96
CA THR A 142 -11.44 -4.31 8.08
C THR A 142 -10.78 -5.52 7.43
N TYR A 143 -10.91 -6.67 8.03
CA TYR A 143 -10.28 -7.89 7.45
C TYR A 143 -11.18 -8.44 6.34
N THR A 144 -10.61 -8.92 5.27
CA THR A 144 -11.43 -9.47 4.14
C THR A 144 -10.79 -10.74 3.58
N GLY A 145 -11.57 -11.62 3.02
CA GLY A 145 -11.01 -12.87 2.45
C GLY A 145 -10.24 -12.55 1.17
N LYS A 146 -8.94 -12.65 1.20
CA LYS A 146 -8.13 -12.35 -0.01
C LYS A 146 -8.21 -13.53 -0.98
N SER A 147 -8.94 -14.55 -0.63
CA SER A 147 -9.03 -15.74 -1.51
C SER A 147 -9.60 -15.34 -2.87
N HIS A 148 -10.59 -14.47 -2.89
CA HIS A 148 -11.19 -14.04 -4.19
C HIS A 148 -11.59 -12.56 -4.14
N PHE A 149 -10.98 -11.81 -3.27
CA PHE A 149 -11.34 -10.36 -3.18
C PHE A 149 -10.95 -9.64 -4.48
N MET A 150 -11.83 -8.80 -4.98
CA MET A 150 -11.53 -8.04 -6.23
C MET A 150 -11.99 -6.60 -6.02
N LEU A 151 -11.30 -5.64 -6.60
CA LEU A 151 -11.73 -4.22 -6.40
C LEU A 151 -13.22 -4.10 -6.74
N PRO A 152 -14.05 -3.52 -5.89
CA PRO A 152 -15.50 -3.40 -6.21
C PRO A 152 -15.77 -2.42 -7.36
N ASP A 153 -17.01 -2.27 -7.75
CA ASP A 153 -17.35 -1.34 -8.86
C ASP A 153 -16.96 0.10 -8.49
N ASP A 154 -17.19 0.48 -7.26
CA ASP A 154 -16.85 1.89 -6.85
C ASP A 154 -15.39 2.19 -7.16
N ASP A 155 -14.49 1.30 -6.83
CA ASP A 155 -13.05 1.56 -7.11
C ASP A 155 -12.80 1.52 -8.62
N VAL A 156 -13.43 0.61 -9.32
CA VAL A 156 -13.21 0.54 -10.79
C VAL A 156 -13.63 1.88 -11.42
N GLN A 157 -14.78 2.37 -11.07
CA GLN A 157 -15.25 3.66 -11.63
C GLN A 157 -14.28 4.79 -11.27
N GLY A 158 -13.78 4.80 -10.07
CA GLY A 158 -12.85 5.89 -9.64
C GLY A 158 -11.48 5.75 -10.32
N ILE A 159 -10.88 4.60 -10.24
CA ILE A 159 -9.54 4.44 -10.86
C ILE A 159 -9.62 4.65 -12.38
N GLN A 160 -10.63 4.15 -13.02
CA GLN A 160 -10.77 4.36 -14.49
C GLN A 160 -10.92 5.85 -14.79
N SER A 161 -11.66 6.54 -13.98
CA SER A 161 -11.88 8.00 -14.22
C SER A 161 -10.54 8.75 -14.19
N LEU A 162 -9.62 8.33 -13.37
CA LEU A 162 -8.31 9.07 -13.29
C LEU A 162 -7.35 8.58 -14.38
N TYR A 163 -7.18 7.29 -14.52
CA TYR A 163 -6.24 6.78 -15.56
C TYR A 163 -6.98 6.53 -16.88
N GLY A 164 -8.28 6.59 -16.87
CA GLY A 164 -9.05 6.36 -18.13
C GLY A 164 -9.16 4.86 -18.40
ZN ZN B . -6.23 6.44 4.12
ZN ZN C . 6.92 6.35 8.19
CA CA D . 0.26 3.06 15.10
C1 WAY E . -5.43 7.10 9.15
C2 WAY E . -5.11 7.97 8.00
CF2 WAY E . -4.65 9.32 8.26
CH WAY E . -4.51 9.84 9.60
CF1 WAY E . -4.82 8.99 10.73
C6 WAY E . -5.29 7.62 10.53
C10 WAY E . -5.19 7.60 6.56
O11 WAY E . -6.06 8.07 5.82
N12 WAY E . -4.22 6.87 6.00
O13 WAY E . -4.29 6.70 4.61
CE WAY E . -5.60 6.80 11.75
N20 WAY E . -5.88 5.80 8.99
S21 WAY E . -4.82 4.54 9.27
CD WAY E . -7.32 5.57 8.80
CK WAY E . -9.64 5.95 11.92
CM WAY E . -9.53 4.62 12.44
N25 WAY E . -8.74 3.64 11.82
CJ WAY E . -8.04 3.96 10.66
C27 WAY E . -8.10 5.26 10.06
CI WAY E . -8.91 6.26 10.72
C35 WAY E . -5.12 3.22 8.12
CC1 WAY E . -4.26 3.03 6.98
CB1 WAY E . -4.52 1.95 6.04
C38 WAY E . -5.64 1.03 6.24
CB2 WAY E . -6.51 1.24 7.41
CC2 WAY E . -6.25 2.33 8.34
O45 WAY E . -5.83 -0.02 5.26
CA WAY E . -6.90 -0.99 5.35
O50 WAY E . -5.09 4.03 10.57
O51 WAY E . -3.48 5.01 9.00
HF2 WAY E . -4.40 9.98 7.43
HH WAY E . -4.16 10.85 9.77
HF1 WAY E . -4.72 9.37 11.73
H14 WAY E . -3.49 6.47 6.56
H15 WAY E . -3.40 6.66 4.26
HE1 WAY E . -5.51 7.38 12.66
HE2 WAY E . -4.92 5.95 11.84
HE3 WAY E . -6.61 6.40 11.71
HD1 WAY E . -7.43 4.74 8.10
HD2 WAY E . -7.74 6.46 8.34
HK WAY E . -10.25 6.69 12.41
HL WAY E . -10.07 4.36 13.35
HJ WAY E . -7.43 3.22 10.18
HI WAY E . -8.99 7.26 10.31
HC1 WAY E . -3.43 3.70 6.82
HB1 WAY E . -3.86 1.83 5.19
HB2 WAY E . -7.35 0.59 7.60
HC2 WAY E . -6.88 2.48 9.21
HA1 WAY E . -6.85 -1.69 4.51
HA2 WAY E . -7.87 -0.48 5.32
HA3 WAY E . -6.83 -1.56 6.28
N THR A 7 -7.79 13.91 -10.45
CA THR A 7 -7.07 15.21 -10.54
C THR A 7 -5.56 14.96 -10.59
N LEU A 8 -5.01 14.40 -9.54
CA LEU A 8 -3.54 14.13 -9.53
C LEU A 8 -3.29 12.70 -10.03
N LYS A 9 -2.31 12.52 -10.88
CA LYS A 9 -2.04 11.16 -11.41
C LYS A 9 -0.60 11.11 -11.95
N TRP A 10 -0.07 9.92 -12.08
CA TRP A 10 1.33 9.80 -12.60
C TRP A 10 1.35 10.11 -14.09
N SER A 11 2.29 10.89 -14.54
CA SER A 11 2.36 11.23 -15.98
C SER A 11 2.78 9.99 -16.77
N LYS A 12 3.73 9.24 -16.28
CA LYS A 12 4.19 8.02 -17.00
C LYS A 12 3.46 6.79 -16.44
N MET A 13 3.25 5.80 -17.26
CA MET A 13 2.54 4.57 -16.78
C MET A 13 3.56 3.56 -16.25
N ASN A 14 4.82 3.90 -16.28
CA ASN A 14 5.88 2.96 -15.78
C ASN A 14 6.23 3.33 -14.34
N LEU A 15 6.28 2.35 -13.46
CA LEU A 15 6.62 2.64 -12.04
C LEU A 15 7.52 1.53 -11.50
N THR A 16 8.38 1.86 -10.56
CA THR A 16 9.31 0.84 -9.98
C THR A 16 9.28 0.98 -8.46
N TYR A 17 9.63 -0.06 -7.73
CA TYR A 17 9.61 0.04 -6.24
C TYR A 17 10.77 -0.75 -5.64
N ARG A 18 11.07 -0.47 -4.40
CA ARG A 18 12.20 -1.16 -3.70
C ARG A 18 11.81 -1.44 -2.25
N ILE A 19 11.94 -2.67 -1.81
CA ILE A 19 11.60 -3.00 -0.39
C ILE A 19 12.82 -2.77 0.48
N VAL A 20 12.73 -1.88 1.43
CA VAL A 20 13.88 -1.60 2.33
C VAL A 20 14.13 -2.81 3.24
N ASN A 21 13.13 -3.43 3.74
CA ASN A 21 13.42 -4.59 4.62
C ASN A 21 12.17 -5.43 4.83
N TYR A 22 12.37 -6.68 5.08
CA TYR A 22 11.23 -7.58 5.36
C TYR A 22 11.17 -7.66 6.87
N THR A 23 10.19 -7.07 7.47
CA THR A 23 10.14 -7.05 8.96
C THR A 23 10.15 -8.50 9.50
N PRO A 24 10.82 -8.74 10.61
CA PRO A 24 10.85 -10.12 11.18
C PRO A 24 9.45 -10.61 11.51
N ASP A 25 8.50 -9.74 11.42
CA ASP A 25 7.09 -10.14 11.73
C ASP A 25 6.67 -11.30 10.83
N MET A 26 7.17 -11.34 9.62
CA MET A 26 6.82 -12.45 8.68
C MET A 26 8.07 -12.88 7.91
N THR A 27 8.05 -14.05 7.34
CA THR A 27 9.24 -14.52 6.58
C THR A 27 9.35 -13.74 5.27
N HIS A 28 10.49 -13.75 4.66
CA HIS A 28 10.67 -12.98 3.40
C HIS A 28 9.71 -13.52 2.32
N SER A 29 9.56 -14.81 2.23
CA SER A 29 8.65 -15.37 1.19
C SER A 29 7.23 -14.86 1.41
N GLU A 30 6.78 -14.79 2.64
CA GLU A 30 5.39 -14.32 2.92
C GLU A 30 5.26 -12.82 2.60
N VAL A 31 6.25 -12.05 2.93
CA VAL A 31 6.18 -10.59 2.67
C VAL A 31 6.23 -10.30 1.16
N GLU A 32 7.09 -10.98 0.44
CA GLU A 32 7.20 -10.73 -1.03
C GLU A 32 5.85 -11.02 -1.71
N LYS A 33 5.26 -12.15 -1.45
CA LYS A 33 3.97 -12.47 -2.10
C LYS A 33 2.91 -11.43 -1.71
N ALA A 34 2.99 -10.90 -0.51
CA ALA A 34 1.98 -9.90 -0.09
C ALA A 34 2.03 -8.69 -1.01
N PHE A 35 3.19 -8.15 -1.27
CA PHE A 35 3.27 -6.97 -2.16
C PHE A 35 2.91 -7.36 -3.59
N LYS A 36 3.34 -8.50 -4.05
CA LYS A 36 3.01 -8.90 -5.45
C LYS A 36 1.48 -8.99 -5.61
N LYS A 37 0.79 -9.56 -4.67
CA LYS A 37 -0.69 -9.66 -4.78
C LYS A 37 -1.30 -8.27 -4.87
N ALA A 38 -0.79 -7.34 -4.12
CA ALA A 38 -1.37 -5.96 -4.14
C ALA A 38 -1.27 -5.38 -5.56
N PHE A 39 -0.13 -5.50 -6.18
CA PHE A 39 0.01 -4.95 -7.56
C PHE A 39 -0.86 -5.75 -8.52
N LYS A 40 -0.97 -7.03 -8.32
CA LYS A 40 -1.81 -7.85 -9.23
C LYS A 40 -3.26 -7.36 -9.20
N VAL A 41 -3.82 -7.17 -8.04
CA VAL A 41 -5.23 -6.70 -7.97
C VAL A 41 -5.36 -5.32 -8.64
N TRP A 42 -4.42 -4.45 -8.44
CA TRP A 42 -4.51 -3.09 -9.06
C TRP A 42 -4.06 -3.14 -10.53
N SER A 43 -3.10 -3.96 -10.83
CA SER A 43 -2.62 -4.05 -12.25
C SER A 43 -3.67 -4.73 -13.10
N ASP A 44 -4.60 -5.41 -12.49
CA ASP A 44 -5.66 -6.12 -13.27
C ASP A 44 -6.45 -5.11 -14.10
N VAL A 45 -6.74 -3.94 -13.55
CA VAL A 45 -7.53 -2.92 -14.30
C VAL A 45 -6.64 -1.72 -14.67
N THR A 46 -5.55 -1.51 -13.98
CA THR A 46 -4.67 -0.36 -14.32
C THR A 46 -3.54 -0.83 -15.27
N PRO A 47 -3.31 -0.19 -16.41
CA PRO A 47 -2.21 -0.63 -17.32
C PRO A 47 -0.83 -0.25 -16.77
N LEU A 48 -0.76 0.11 -15.51
CA LEU A 48 0.55 0.49 -14.92
C LEU A 48 1.47 -0.72 -14.85
N ASN A 49 2.73 -0.54 -15.15
CA ASN A 49 3.70 -1.66 -15.11
C ASN A 49 4.59 -1.51 -13.86
N PHE A 50 4.58 -2.49 -12.99
CA PHE A 50 5.40 -2.39 -11.74
C PHE A 50 6.61 -3.33 -11.84
N THR A 51 7.80 -2.78 -11.74
CA THR A 51 9.04 -3.62 -11.83
C THR A 51 9.86 -3.47 -10.54
N ARG A 52 10.24 -4.57 -9.95
CA ARG A 52 11.04 -4.52 -8.69
C ARG A 52 12.52 -4.29 -9.01
N LEU A 53 13.19 -3.44 -8.27
CA LEU A 53 14.65 -3.18 -8.53
C LEU A 53 15.47 -3.92 -7.48
N HIS A 54 16.49 -4.62 -7.89
CA HIS A 54 17.34 -5.37 -6.92
C HIS A 54 17.96 -4.39 -5.92
N ASP A 55 18.39 -3.25 -6.37
CA ASP A 55 19.02 -2.26 -5.45
C ASP A 55 18.83 -0.84 -6.01
N GLY A 56 19.31 0.16 -5.32
CA GLY A 56 19.17 1.55 -5.81
C GLY A 56 17.89 2.17 -5.27
N ILE A 57 17.61 3.40 -5.65
CA ILE A 57 16.38 4.08 -5.16
C ILE A 57 15.26 3.92 -6.19
N ALA A 58 14.08 3.55 -5.77
CA ALA A 58 12.93 3.37 -6.70
C ALA A 58 11.92 4.48 -6.47
N ASP A 59 10.99 4.66 -7.37
CA ASP A 59 9.97 5.73 -7.17
C ASP A 59 9.20 5.47 -5.88
N ILE A 60 8.70 4.27 -5.70
CA ILE A 60 7.93 3.93 -4.47
C ILE A 60 8.75 2.98 -3.59
N MET A 61 9.31 3.46 -2.51
CA MET A 61 10.10 2.57 -1.59
C MET A 61 9.24 2.23 -0.38
N ILE A 62 9.19 0.97 -0.02
CA ILE A 62 8.36 0.52 1.14
C ILE A 62 9.28 0.12 2.30
N SER A 63 8.99 0.57 3.49
CA SER A 63 9.86 0.21 4.66
C SER A 63 9.01 0.19 5.94
N PHE A 64 9.51 -0.47 6.96
CA PHE A 64 8.76 -0.55 8.25
C PHE A 64 9.45 0.34 9.29
N GLY A 65 8.73 1.28 9.85
CA GLY A 65 9.33 2.22 10.86
C GLY A 65 8.93 1.81 12.28
N ILE A 66 9.24 2.64 13.25
CA ILE A 66 8.89 2.35 14.67
C ILE A 66 8.35 3.62 15.31
N LYS A 67 7.77 3.50 16.49
CA LYS A 67 7.19 4.69 17.23
C LYS A 67 7.82 6.01 16.76
N GLU A 68 8.99 6.33 17.22
CA GLU A 68 9.64 7.60 16.80
C GLU A 68 10.12 7.48 15.35
N HIS A 69 9.72 8.40 14.51
CA HIS A 69 10.16 8.34 13.08
C HIS A 69 11.61 8.86 12.99
N GLY A 70 12.04 9.61 13.98
CA GLY A 70 13.42 10.15 13.96
C GLY A 70 13.41 11.49 13.21
N ASP A 71 12.28 11.80 12.60
CA ASP A 71 12.15 13.08 11.84
C ASP A 71 11.02 13.91 12.45
N PHE A 72 9.82 13.72 11.99
CA PHE A 72 8.66 14.49 12.54
C PHE A 72 7.36 13.72 12.31
N TYR A 73 6.32 14.06 13.03
CA TYR A 73 5.02 13.35 12.86
C TYR A 73 5.23 11.84 13.04
N PRO A 74 5.54 11.39 14.23
CA PRO A 74 5.75 9.94 14.50
C PRO A 74 4.42 9.17 14.63
N PHE A 75 4.48 7.94 15.05
CA PHE A 75 3.24 7.13 15.22
C PHE A 75 2.70 7.34 16.64
N ASP A 76 1.50 6.87 16.92
CA ASP A 76 0.92 7.06 18.28
C ASP A 76 1.09 5.80 19.13
N GLY A 77 1.70 4.77 18.60
CA GLY A 77 1.88 3.50 19.39
C GLY A 77 1.49 2.30 18.51
N PRO A 78 0.96 1.23 19.08
CA PRO A 78 0.56 0.06 18.26
C PRO A 78 -0.66 0.39 17.38
N SER A 79 -1.78 0.70 17.98
CA SER A 79 -2.98 1.03 17.19
C SER A 79 -2.88 2.48 16.70
N GLY A 80 -3.72 2.87 15.77
CA GLY A 80 -3.68 4.28 15.24
C GLY A 80 -3.23 4.27 13.78
N LEU A 81 -2.24 5.05 13.44
CA LEU A 81 -1.75 5.08 12.04
C LEU A 81 -1.03 3.77 11.72
N LEU A 82 -1.60 2.96 10.86
CA LEU A 82 -0.93 1.68 10.51
C LEU A 82 0.12 1.94 9.42
N ALA A 83 0.05 3.07 8.78
CA ALA A 83 1.03 3.40 7.71
C ALA A 83 0.70 4.78 7.13
N HIS A 84 1.54 5.30 6.27
CA HIS A 84 1.25 6.62 5.66
C HIS A 84 2.13 6.81 4.42
N ALA A 85 1.73 7.67 3.52
CA ALA A 85 2.54 7.88 2.28
C ALA A 85 2.38 9.33 1.80
N PHE A 86 3.30 9.83 1.02
CA PHE A 86 3.19 11.23 0.51
C PHE A 86 2.56 11.21 -0.89
N PRO A 87 1.90 12.27 -1.30
CA PRO A 87 1.28 12.30 -2.66
C PRO A 87 2.33 12.24 -3.78
N PRO A 88 1.92 11.98 -5.00
CA PRO A 88 2.88 11.91 -6.13
C PRO A 88 3.87 13.07 -6.11
N GLY A 89 5.14 12.79 -6.01
CA GLY A 89 6.16 13.87 -5.97
C GLY A 89 7.52 13.30 -6.39
N PRO A 90 8.59 14.03 -6.18
CA PRO A 90 9.94 13.54 -6.57
C PRO A 90 10.26 12.16 -5.98
N ASN A 91 11.52 11.83 -5.87
CA ASN A 91 11.89 10.49 -5.32
C ASN A 91 11.37 10.33 -3.90
N TYR A 92 11.43 11.37 -3.11
CA TYR A 92 10.93 11.27 -1.71
C TYR A 92 9.43 11.00 -1.72
N GLY A 93 8.71 11.63 -2.61
CA GLY A 93 7.25 11.41 -2.67
C GLY A 93 6.96 9.99 -3.17
N GLY A 94 5.72 9.57 -3.07
CA GLY A 94 5.37 8.19 -3.54
C GLY A 94 5.92 7.16 -2.57
N ASP A 95 6.47 7.59 -1.47
CA ASP A 95 7.03 6.60 -0.49
C ASP A 95 5.91 6.01 0.36
N ALA A 96 6.19 4.98 1.11
CA ALA A 96 5.13 4.35 1.96
C ALA A 96 5.80 3.75 3.21
N HIS A 97 5.39 4.20 4.37
CA HIS A 97 5.99 3.68 5.64
C HIS A 97 4.98 2.80 6.39
N PHE A 98 5.47 1.81 7.08
CA PHE A 98 4.57 0.89 7.86
C PHE A 98 5.01 0.88 9.32
N ASP A 99 4.09 0.75 10.24
CA ASP A 99 4.49 0.73 11.69
C ASP A 99 5.03 -0.66 12.05
N ASP A 100 6.23 -0.73 12.57
CA ASP A 100 6.81 -2.06 12.94
C ASP A 100 6.45 -2.41 14.39
N ASP A 101 5.73 -1.55 15.07
CA ASP A 101 5.36 -1.83 16.48
C ASP A 101 4.15 -2.77 16.54
N GLU A 102 3.45 -2.91 15.44
CA GLU A 102 2.24 -3.80 15.42
C GLU A 102 2.66 -5.19 14.92
N THR A 103 1.76 -6.14 14.95
CA THR A 103 2.10 -7.51 14.48
C THR A 103 1.57 -7.69 13.05
N TRP A 104 2.45 -7.67 12.09
CA TRP A 104 2.01 -7.84 10.68
C TRP A 104 1.93 -9.33 10.36
N THR A 105 0.81 -9.79 9.88
CA THR A 105 0.64 -11.23 9.56
C THR A 105 -0.16 -11.39 8.28
N SER A 106 0.03 -12.47 7.57
CA SER A 106 -0.74 -12.69 6.33
C SER A 106 -2.01 -13.47 6.67
N SER A 107 -2.14 -13.86 7.91
CA SER A 107 -3.35 -14.61 8.37
C SER A 107 -4.37 -13.61 8.91
N SER A 108 -5.52 -14.08 9.32
CA SER A 108 -6.54 -13.13 9.87
C SER A 108 -6.22 -12.79 11.32
N LYS A 109 -5.11 -12.13 11.56
CA LYS A 109 -4.73 -11.75 12.96
C LYS A 109 -4.16 -10.33 12.95
N GLY A 110 -4.28 -9.61 14.03
CA GLY A 110 -3.75 -8.22 14.09
C GLY A 110 -4.15 -7.47 12.81
N TYR A 111 -3.25 -6.69 12.27
CA TYR A 111 -3.55 -5.92 11.02
C TYR A 111 -2.96 -6.66 9.81
N ASN A 112 -3.80 -7.17 8.95
CA ASN A 112 -3.26 -7.91 7.76
C ASN A 112 -2.44 -6.96 6.89
N LEU A 113 -1.26 -7.37 6.52
CA LEU A 113 -0.38 -6.52 5.67
C LEU A 113 -1.05 -6.18 4.33
N PHE A 114 -1.67 -7.15 3.70
CA PHE A 114 -2.30 -6.90 2.38
C PHE A 114 -3.38 -5.81 2.50
N LEU A 115 -4.16 -5.81 3.56
CA LEU A 115 -5.22 -4.78 3.69
C LEU A 115 -4.60 -3.38 3.70
N VAL A 116 -3.61 -3.15 4.52
CA VAL A 116 -2.98 -1.80 4.57
C VAL A 116 -2.18 -1.53 3.29
N ALA A 117 -1.49 -2.52 2.79
CA ALA A 117 -0.69 -2.31 1.56
C ALA A 117 -1.60 -1.84 0.41
N ALA A 118 -2.66 -2.54 0.16
CA ALA A 118 -3.57 -2.15 -0.94
C ALA A 118 -4.14 -0.74 -0.68
N HIS A 119 -4.42 -0.42 0.54
CA HIS A 119 -5.01 0.92 0.86
C HIS A 119 -4.01 2.04 0.52
N GLU A 120 -2.79 1.96 0.98
CA GLU A 120 -1.82 3.06 0.67
C GLU A 120 -1.64 3.20 -0.83
N PHE A 121 -1.62 2.12 -1.57
CA PHE A 121 -1.45 2.25 -3.05
C PHE A 121 -2.61 3.09 -3.59
N GLY A 122 -3.79 2.88 -3.08
CA GLY A 122 -4.95 3.66 -3.58
C GLY A 122 -4.68 5.15 -3.39
N HIS A 123 -4.11 5.54 -2.27
CA HIS A 123 -3.80 6.98 -2.06
C HIS A 123 -2.69 7.41 -3.01
N SER A 124 -1.70 6.57 -3.20
CA SER A 124 -0.58 6.94 -4.12
C SER A 124 -1.09 7.02 -5.55
N LEU A 125 -2.06 6.20 -5.89
CA LEU A 125 -2.60 6.22 -7.29
C LEU A 125 -3.40 7.52 -7.51
N GLY A 126 -4.14 7.94 -6.53
CA GLY A 126 -4.95 9.21 -6.68
C GLY A 126 -6.36 9.00 -6.15
N LEU A 127 -6.63 7.87 -5.53
CA LEU A 127 -8.00 7.62 -4.99
C LEU A 127 -8.11 8.18 -3.57
N ASP A 128 -9.24 8.76 -3.24
CA ASP A 128 -9.45 9.32 -1.88
C ASP A 128 -10.24 8.32 -1.04
N HIS A 129 -10.45 8.61 0.22
CA HIS A 129 -11.20 7.65 1.08
C HIS A 129 -12.61 7.46 0.52
N SER A 130 -13.05 6.23 0.42
CA SER A 130 -14.42 5.95 -0.11
C SER A 130 -15.38 5.74 1.06
N LYS A 131 -16.66 5.92 0.84
CA LYS A 131 -17.64 5.72 1.94
C LYS A 131 -18.27 4.33 1.82
N ASP A 132 -17.83 3.55 0.88
CA ASP A 132 -18.39 2.18 0.72
C ASP A 132 -17.63 1.22 1.67
N PRO A 133 -18.31 0.42 2.48
CA PRO A 133 -17.58 -0.51 3.40
C PRO A 133 -16.88 -1.64 2.65
N GLY A 134 -17.36 -1.99 1.49
CA GLY A 134 -16.71 -3.10 0.72
C GLY A 134 -15.50 -2.54 -0.03
N ALA A 135 -15.28 -1.26 0.04
CA ALA A 135 -14.12 -0.66 -0.67
C ALA A 135 -12.89 -0.69 0.24
N LEU A 136 -11.73 -0.91 -0.30
CA LEU A 136 -10.50 -0.94 0.53
C LEU A 136 -10.18 0.46 1.06
N MET A 137 -10.48 1.46 0.27
CA MET A 137 -10.18 2.86 0.70
C MET A 137 -11.12 3.27 1.84
N PHE A 138 -11.73 2.32 2.48
CA PHE A 138 -12.65 2.68 3.61
C PHE A 138 -11.78 3.21 4.77
N PRO A 139 -12.14 4.33 5.40
CA PRO A 139 -11.29 4.89 6.49
C PRO A 139 -11.10 3.94 7.69
N ILE A 140 -11.91 2.92 7.82
CA ILE A 140 -11.77 1.98 8.98
C ILE A 140 -11.17 0.65 8.51
N TYR A 141 -10.26 0.11 9.29
CA TYR A 141 -9.61 -1.18 8.91
C TYR A 141 -10.59 -2.34 9.10
N THR A 142 -10.75 -3.17 8.10
CA THR A 142 -11.67 -4.33 8.20
C THR A 142 -11.05 -5.54 7.51
N TYR A 143 -11.22 -6.72 8.06
CA TYR A 143 -10.64 -7.93 7.42
C TYR A 143 -11.52 -8.38 6.26
N THR A 144 -10.93 -8.88 5.20
CA THR A 144 -11.72 -9.33 4.02
C THR A 144 -11.12 -10.63 3.47
N GLY A 145 -11.92 -11.47 2.88
CA GLY A 145 -11.38 -12.75 2.33
C GLY A 145 -10.50 -12.45 1.11
N LYS A 146 -9.21 -12.53 1.26
CA LYS A 146 -8.29 -12.25 0.13
C LYS A 146 -8.34 -13.40 -0.87
N SER A 147 -9.02 -14.45 -0.55
CA SER A 147 -9.08 -15.62 -1.47
C SER A 147 -9.69 -15.22 -2.82
N HIS A 148 -10.70 -14.38 -2.82
CA HIS A 148 -11.34 -13.97 -4.12
C HIS A 148 -11.75 -12.49 -4.05
N PHE A 149 -11.17 -11.73 -3.17
CA PHE A 149 -11.55 -10.29 -3.08
C PHE A 149 -11.24 -9.59 -4.40
N MET A 150 -12.10 -8.71 -4.85
CA MET A 150 -11.87 -7.97 -6.12
C MET A 150 -12.28 -6.51 -5.92
N LEU A 151 -11.60 -5.58 -6.54
CA LEU A 151 -11.97 -4.16 -6.35
C LEU A 151 -13.48 -3.98 -6.70
N PRO A 152 -14.28 -3.37 -5.84
CA PRO A 152 -15.73 -3.19 -6.18
C PRO A 152 -15.95 -2.21 -7.35
N ASP A 153 -17.17 -2.02 -7.74
CA ASP A 153 -17.45 -1.08 -8.87
C ASP A 153 -16.99 0.34 -8.50
N ASP A 154 -17.20 0.75 -7.29
CA ASP A 154 -16.79 2.13 -6.88
C ASP A 154 -15.30 2.33 -7.15
N ASP A 155 -14.47 1.43 -6.71
CA ASP A 155 -13.01 1.59 -6.95
C ASP A 155 -12.67 1.38 -8.43
N VAL A 156 -13.30 0.43 -9.06
CA VAL A 156 -13.00 0.18 -10.50
C VAL A 156 -13.42 1.41 -11.33
N GLN A 157 -14.61 1.89 -11.14
CA GLN A 157 -15.05 3.09 -11.92
C GLN A 157 -14.13 4.28 -11.61
N GLY A 158 -13.74 4.44 -10.38
CA GLY A 158 -12.88 5.59 -10.00
C GLY A 158 -11.45 5.45 -10.52
N ILE A 159 -10.82 4.32 -10.33
CA ILE A 159 -9.41 4.19 -10.81
C ILE A 159 -9.32 4.39 -12.32
N GLN A 160 -10.22 3.82 -13.08
CA GLN A 160 -10.17 4.02 -14.55
C GLN A 160 -10.48 5.49 -14.87
N SER A 161 -11.38 6.08 -14.14
CA SER A 161 -11.72 7.50 -14.40
C SER A 161 -10.49 8.39 -14.22
N LEU A 162 -9.57 7.98 -13.39
CA LEU A 162 -8.34 8.81 -13.18
C LEU A 162 -7.28 8.51 -14.24
N TYR A 163 -7.04 7.25 -14.52
CA TYR A 163 -6.02 6.90 -15.55
C TYR A 163 -6.68 6.76 -16.93
N GLY A 164 -7.99 6.78 -16.96
CA GLY A 164 -8.70 6.67 -18.26
C GLY A 164 -8.30 5.36 -18.95
ZN ZN B . -6.39 6.35 4.09
ZN ZN C . 6.89 6.65 8.13
CA CA D . 0.00 3.11 15.10
C1 WAY E . -5.86 6.95 9.53
C2 WAY E . -5.58 7.80 8.36
CF2 WAY E . -5.16 9.18 8.58
CH WAY E . -5.01 9.73 9.91
CF1 WAY E . -5.29 8.89 11.06
C6 WAY E . -5.71 7.50 10.88
C10 WAY E . -5.67 7.40 6.93
O11 WAY E . -6.75 7.24 6.37
N12 WAY E . -4.56 7.14 6.22
O13 WAY E . -4.73 6.72 4.90
CE WAY E . -5.97 6.70 12.14
N20 WAY E . -6.26 5.63 9.41
S21 WAY E . -5.12 4.42 9.55
CD WAY E . -7.69 5.34 9.25
CK WAY E . -10.04 5.81 12.34
CM WAY E . -9.84 4.54 12.97
N25 WAY E . -9.00 3.57 12.43
CJ WAY E . -8.32 3.84 11.23
C27 WAY E . -8.45 5.08 10.54
CI WAY E . -9.32 6.08 11.11
C35 WAY E . -5.39 3.19 8.29
CC1 WAY E . -4.54 3.15 7.11
CB1 WAY E . -4.77 2.14 6.09
C38 WAY E . -5.84 1.16 6.22
CB2 WAY E . -6.69 1.22 7.44
CC2 WAY E . -6.46 2.22 8.45
O45 WAY E . -6.00 0.18 5.16
CA WAY E . -7.03 -0.82 5.20
O50 WAY E . -5.34 3.77 10.79
O51 WAY E . -3.82 4.97 9.28
HF2 WAY E . -4.95 9.81 7.72
HH WAY E . -4.70 10.75 10.03
HF1 WAY E . -5.18 9.30 12.04
H14 WAY E . -3.65 7.25 6.63
H15 WAY E . -4.56 7.45 4.31
HE1 WAY E . -6.92 6.16 12.07
HE2 WAY E . -6.03 7.33 13.02
HE3 WAY E . -5.20 5.96 12.31
HD1 WAY E . -7.78 4.46 8.61
HD2 WAY E . -8.15 6.18 8.73
HK WAY E . -10.69 6.56 12.77
HL WAY E . -10.37 4.33 13.89
HJ WAY E . -7.66 3.10 10.81
HI WAY E . -9.46 7.03 10.62
HC1 WAY E . -3.75 3.87 7.00
HB1 WAY E . -4.13 2.13 5.22
HB2 WAY E . -7.49 0.51 7.58
HC2 WAY E . -7.08 2.28 9.34
HA1 WAY E . -6.97 -1.45 4.30
HA2 WAY E . -8.02 -0.37 5.24
HA3 WAY E . -6.91 -1.46 6.07
N THR A 7 -7.61 13.69 -10.46
CA THR A 7 -6.81 14.94 -10.43
C THR A 7 -5.32 14.58 -10.35
N LEU A 8 -4.88 14.05 -9.24
CA LEU A 8 -3.45 13.68 -9.10
C LEU A 8 -3.22 12.28 -9.66
N LYS A 9 -2.24 12.13 -10.51
CA LYS A 9 -1.96 10.79 -11.10
C LYS A 9 -0.54 10.77 -11.65
N TRP A 10 0.02 9.60 -11.86
CA TRP A 10 1.41 9.52 -12.40
C TRP A 10 1.42 9.94 -13.87
N SER A 11 2.50 10.52 -14.31
CA SER A 11 2.58 10.98 -15.74
C SER A 11 3.10 9.85 -16.62
N LYS A 12 3.33 8.69 -16.05
CA LYS A 12 3.84 7.54 -16.87
C LYS A 12 3.24 6.23 -16.34
N MET A 13 3.13 5.24 -17.19
CA MET A 13 2.54 3.94 -16.76
C MET A 13 3.66 3.02 -16.26
N ASN A 14 4.87 3.48 -16.27
CA ASN A 14 6.01 2.63 -15.80
C ASN A 14 6.33 2.99 -14.34
N LEU A 15 6.45 2.00 -13.49
CA LEU A 15 6.75 2.27 -12.05
C LEU A 15 7.68 1.19 -11.50
N THR A 16 8.48 1.52 -10.52
CA THR A 16 9.41 0.52 -9.93
C THR A 16 9.38 0.66 -8.40
N TYR A 17 9.71 -0.39 -7.68
CA TYR A 17 9.69 -0.30 -6.18
C TYR A 17 10.83 -1.12 -5.59
N ARG A 18 11.17 -0.83 -4.36
CA ARG A 18 12.30 -1.56 -3.67
C ARG A 18 11.88 -1.85 -2.22
N ILE A 19 12.05 -3.07 -1.78
CA ILE A 19 11.70 -3.42 -0.37
C ILE A 19 12.92 -3.19 0.52
N VAL A 20 12.84 -2.28 1.44
CA VAL A 20 14.01 -2.00 2.33
C VAL A 20 14.23 -3.20 3.26
N ASN A 21 13.21 -3.80 3.75
CA ASN A 21 13.45 -4.94 4.65
C ASN A 21 12.18 -5.75 4.84
N TYR A 22 12.34 -7.01 5.12
CA TYR A 22 11.17 -7.87 5.39
C TYR A 22 11.11 -7.98 6.90
N THR A 23 10.14 -7.36 7.52
CA THR A 23 10.07 -7.38 9.00
C THR A 23 10.08 -8.82 9.51
N PRO A 24 10.77 -9.12 10.61
CA PRO A 24 10.78 -10.50 11.14
C PRO A 24 9.37 -10.98 11.45
N ASP A 25 8.43 -10.08 11.44
CA ASP A 25 7.01 -10.46 11.73
C ASP A 25 6.57 -11.57 10.79
N MET A 26 7.11 -11.61 9.59
CA MET A 26 6.72 -12.68 8.62
C MET A 26 7.93 -13.09 7.78
N THR A 27 7.86 -14.24 7.16
CA THR A 27 9.01 -14.70 6.33
C THR A 27 9.09 -13.87 5.05
N HIS A 28 10.22 -13.85 4.41
CA HIS A 28 10.36 -13.05 3.16
C HIS A 28 9.38 -13.55 2.11
N SER A 29 9.20 -14.82 2.00
CA SER A 29 8.26 -15.36 0.97
C SER A 29 6.84 -14.84 1.22
N GLU A 30 6.42 -14.78 2.46
CA GLU A 30 5.05 -14.28 2.77
C GLU A 30 4.95 -12.79 2.47
N VAL A 31 5.97 -12.05 2.80
CA VAL A 31 5.93 -10.58 2.57
C VAL A 31 5.95 -10.28 1.06
N GLU A 32 6.78 -10.97 0.32
CA GLU A 32 6.84 -10.70 -1.16
C GLU A 32 5.49 -10.96 -1.82
N LYS A 33 4.88 -12.09 -1.57
CA LYS A 33 3.57 -12.37 -2.22
C LYS A 33 2.53 -11.32 -1.79
N ALA A 34 2.63 -10.82 -0.59
CA ALA A 34 1.63 -9.81 -0.13
C ALA A 34 1.67 -8.58 -1.04
N PHE A 35 2.84 -8.04 -1.29
CA PHE A 35 2.92 -6.84 -2.16
C PHE A 35 2.57 -7.22 -3.61
N LYS A 36 2.95 -8.39 -4.05
CA LYS A 36 2.63 -8.79 -5.45
C LYS A 36 1.11 -8.81 -5.63
N LYS A 37 0.40 -9.36 -4.68
CA LYS A 37 -1.09 -9.40 -4.80
C LYS A 37 -1.63 -7.97 -4.87
N ALA A 38 -1.07 -7.08 -4.10
CA ALA A 38 -1.54 -5.67 -4.11
C ALA A 38 -1.39 -5.06 -5.51
N PHE A 39 -0.26 -5.26 -6.14
CA PHE A 39 -0.06 -4.68 -7.50
C PHE A 39 -0.94 -5.42 -8.51
N LYS A 40 -1.05 -6.71 -8.38
CA LYS A 40 -1.89 -7.48 -9.33
C LYS A 40 -3.34 -6.99 -9.27
N VAL A 41 -3.88 -6.84 -8.09
CA VAL A 41 -5.29 -6.36 -7.99
C VAL A 41 -5.42 -4.99 -8.63
N TRP A 42 -4.48 -4.11 -8.41
CA TRP A 42 -4.57 -2.75 -9.01
C TRP A 42 -4.16 -2.80 -10.48
N SER A 43 -3.20 -3.61 -10.82
CA SER A 43 -2.77 -3.68 -12.25
C SER A 43 -3.87 -4.35 -13.08
N ASP A 44 -4.74 -5.08 -12.43
CA ASP A 44 -5.84 -5.76 -13.17
C ASP A 44 -6.72 -4.75 -13.89
N VAL A 45 -7.00 -3.62 -13.28
CA VAL A 45 -7.89 -2.59 -13.92
C VAL A 45 -7.08 -1.35 -14.30
N THR A 46 -5.78 -1.48 -14.47
CA THR A 46 -4.95 -0.28 -14.85
C THR A 46 -3.74 -0.75 -15.68
N PRO A 47 -3.35 -0.05 -16.74
CA PRO A 47 -2.17 -0.47 -17.55
C PRO A 47 -0.85 -0.16 -16.82
N LEU A 48 -0.90 0.03 -15.53
CA LEU A 48 0.34 0.35 -14.77
C LEU A 48 1.28 -0.87 -14.76
N ASN A 49 2.56 -0.63 -14.92
CA ASN A 49 3.56 -1.74 -14.93
C ASN A 49 4.45 -1.60 -13.69
N PHE A 50 4.48 -2.60 -12.85
CA PHE A 50 5.32 -2.53 -11.60
C PHE A 50 6.50 -3.49 -11.74
N THR A 51 7.71 -2.99 -11.64
CA THR A 51 8.93 -3.84 -11.77
C THR A 51 9.76 -3.77 -10.48
N ARG A 52 10.13 -4.90 -9.95
CA ARG A 52 10.93 -4.93 -8.69
C ARG A 52 12.42 -4.74 -9.04
N LEU A 53 13.11 -3.87 -8.34
CA LEU A 53 14.56 -3.65 -8.63
C LEU A 53 15.38 -4.37 -7.56
N HIS A 54 16.39 -5.12 -7.97
CA HIS A 54 17.21 -5.87 -6.98
C HIS A 54 17.89 -4.89 -6.02
N ASP A 55 18.37 -3.78 -6.51
CA ASP A 55 19.04 -2.80 -5.62
C ASP A 55 18.90 -1.39 -6.20
N GLY A 56 19.40 -0.40 -5.52
CA GLY A 56 19.30 0.99 -6.02
C GLY A 56 18.03 1.65 -5.47
N ILE A 57 17.78 2.87 -5.85
CA ILE A 57 16.56 3.59 -5.36
C ILE A 57 15.44 3.42 -6.38
N ALA A 58 14.25 3.11 -5.94
CA ALA A 58 13.11 2.92 -6.89
C ALA A 58 12.14 4.09 -6.73
N ASP A 59 11.12 4.17 -7.56
CA ASP A 59 10.16 5.29 -7.45
C ASP A 59 9.52 5.23 -6.06
N ILE A 60 9.04 4.08 -5.66
CA ILE A 60 8.41 3.94 -4.30
C ILE A 60 9.20 2.90 -3.49
N MET A 61 9.77 3.30 -2.38
CA MET A 61 10.52 2.33 -1.53
C MET A 61 9.66 1.94 -0.32
N ILE A 62 9.67 0.69 0.04
CA ILE A 62 8.84 0.20 1.19
C ILE A 62 9.74 -0.10 2.39
N SER A 63 9.36 0.35 3.56
CA SER A 63 10.19 0.09 4.77
C SER A 63 9.29 0.09 6.02
N PHE A 64 9.70 -0.56 7.07
CA PHE A 64 8.87 -0.60 8.32
C PHE A 64 9.42 0.41 9.32
N GLY A 65 8.60 1.31 9.80
CA GLY A 65 9.08 2.33 10.79
C GLY A 65 8.84 1.83 12.22
N ILE A 66 9.61 2.31 13.16
CA ILE A 66 9.45 1.89 14.58
C ILE A 66 8.85 3.05 15.38
N LYS A 67 8.66 2.86 16.66
CA LYS A 67 8.08 3.93 17.53
C LYS A 67 8.56 5.32 17.08
N GLU A 68 9.78 5.68 17.41
CA GLU A 68 10.27 7.01 16.99
C GLU A 68 10.46 7.01 15.47
N HIS A 69 9.79 7.90 14.79
CA HIS A 69 9.89 7.96 13.30
C HIS A 69 9.31 9.28 12.81
N GLY A 70 10.06 10.02 12.03
CA GLY A 70 9.53 11.32 11.50
C GLY A 70 8.92 12.13 12.66
N ASP A 71 9.66 13.08 13.18
CA ASP A 71 9.13 13.89 14.29
C ASP A 71 7.85 14.62 13.84
N PHE A 72 7.83 15.11 12.63
CA PHE A 72 6.62 15.84 12.15
C PHE A 72 5.42 14.88 12.15
N TYR A 73 5.61 13.63 11.79
CA TYR A 73 4.49 12.64 11.75
C TYR A 73 4.91 11.37 12.50
N PRO A 74 4.87 11.37 13.82
CA PRO A 74 5.25 10.18 14.62
C PRO A 74 4.10 9.17 14.76
N PHE A 75 4.40 7.97 15.18
CA PHE A 75 3.31 6.95 15.36
C PHE A 75 2.73 7.10 16.77
N ASP A 76 1.51 6.68 16.98
CA ASP A 76 0.87 6.84 18.32
C ASP A 76 0.91 5.52 19.10
N GLY A 77 1.62 4.52 18.62
CA GLY A 77 1.69 3.20 19.35
C GLY A 77 1.18 2.09 18.42
N PRO A 78 0.78 0.96 18.96
CA PRO A 78 0.27 -0.15 18.11
C PRO A 78 -0.90 0.29 17.23
N SER A 79 -2.00 0.67 17.84
CA SER A 79 -3.19 1.12 17.05
C SER A 79 -2.96 2.54 16.55
N GLY A 80 -3.69 2.95 15.54
CA GLY A 80 -3.54 4.34 15.00
C GLY A 80 -3.03 4.29 13.56
N LEU A 81 -2.00 5.05 13.26
CA LEU A 81 -1.46 5.05 11.87
C LEU A 81 -0.79 3.71 11.58
N LEU A 82 -1.43 2.87 10.81
CA LEU A 82 -0.82 1.55 10.51
C LEU A 82 0.23 1.73 9.42
N ALA A 83 0.21 2.85 8.75
CA ALA A 83 1.20 3.09 7.66
C ALA A 83 0.95 4.48 7.06
N HIS A 84 1.79 4.91 6.16
CA HIS A 84 1.58 6.24 5.54
C HIS A 84 2.40 6.35 4.25
N ALA A 85 2.05 7.28 3.40
CA ALA A 85 2.78 7.44 2.11
C ALA A 85 2.66 8.90 1.66
N PHE A 86 3.44 9.30 0.68
CA PHE A 86 3.38 10.71 0.18
C PHE A 86 2.87 10.68 -1.27
N PRO A 87 2.26 11.75 -1.76
CA PRO A 87 1.75 11.76 -3.16
C PRO A 87 2.91 11.79 -4.18
N PRO A 88 2.67 11.43 -5.42
CA PRO A 88 3.74 11.43 -6.44
C PRO A 88 4.62 12.69 -6.37
N GLY A 89 5.90 12.54 -6.30
CA GLY A 89 6.79 13.73 -6.23
C GLY A 89 8.26 13.30 -6.37
N PRO A 90 9.18 14.20 -6.14
CA PRO A 90 10.63 13.87 -6.24
C PRO A 90 11.03 12.76 -5.26
N ASN A 91 12.20 12.83 -4.71
CA ASN A 91 12.63 11.77 -3.76
C ASN A 91 11.68 11.76 -2.54
N TYR A 92 11.28 12.92 -2.08
CA TYR A 92 10.36 12.96 -0.92
C TYR A 92 9.04 12.27 -1.27
N GLY A 93 8.52 12.53 -2.44
CA GLY A 93 7.24 11.88 -2.84
C GLY A 93 7.53 10.44 -3.29
N GLY A 94 6.51 9.65 -3.47
CA GLY A 94 6.73 8.25 -3.92
C GLY A 94 7.41 7.45 -2.80
N ASP A 95 6.71 7.20 -1.73
CA ASP A 95 7.33 6.43 -0.60
C ASP A 95 6.22 5.70 0.16
N ALA A 96 6.57 4.68 0.92
CA ALA A 96 5.53 3.95 1.70
C ALA A 96 6.16 3.39 2.98
N HIS A 97 5.62 3.74 4.13
CA HIS A 97 6.17 3.26 5.42
C HIS A 97 5.13 2.41 6.16
N PHE A 98 5.58 1.59 7.08
CA PHE A 98 4.64 0.72 7.85
C PHE A 98 5.06 0.73 9.32
N ASP A 99 4.15 0.50 10.23
CA ASP A 99 4.53 0.51 11.67
C ASP A 99 5.20 -0.82 12.04
N ASP A 100 6.39 -0.76 12.56
CA ASP A 100 7.12 -2.01 12.95
C ASP A 100 6.68 -2.44 14.36
N ASP A 101 6.00 -1.57 15.06
CA ASP A 101 5.54 -1.91 16.44
C ASP A 101 4.25 -2.72 16.37
N GLU A 102 3.65 -2.78 15.21
CA GLU A 102 2.38 -3.55 15.06
C GLU A 102 2.70 -4.98 14.64
N THR A 103 1.75 -5.87 14.71
CA THR A 103 2.00 -7.29 14.32
C THR A 103 1.50 -7.52 12.90
N TRP A 104 2.40 -7.65 11.97
CA TRP A 104 2.01 -7.87 10.56
C TRP A 104 1.86 -9.37 10.31
N THR A 105 0.72 -9.80 9.87
CA THR A 105 0.50 -11.27 9.62
C THR A 105 -0.31 -11.45 8.34
N SER A 106 -0.15 -12.57 7.69
CA SER A 106 -0.92 -12.81 6.44
C SER A 106 -2.21 -13.54 6.81
N SER A 107 -2.34 -13.91 8.06
CA SER A 107 -3.57 -14.61 8.54
C SER A 107 -4.55 -13.58 9.08
N SER A 108 -5.70 -13.99 9.53
CA SER A 108 -6.68 -13.02 10.08
C SER A 108 -6.31 -12.68 11.52
N LYS A 109 -5.31 -11.86 11.71
CA LYS A 109 -4.89 -11.45 13.09
C LYS A 109 -4.32 -10.04 13.04
N GLY A 110 -4.46 -9.29 14.11
CA GLY A 110 -3.92 -7.90 14.13
C GLY A 110 -4.31 -7.19 12.83
N TYR A 111 -3.41 -6.42 12.27
CA TYR A 111 -3.71 -5.71 10.99
C TYR A 111 -3.08 -6.48 9.83
N ASN A 112 -3.89 -7.03 8.97
CA ASN A 112 -3.32 -7.81 7.82
C ASN A 112 -2.49 -6.87 6.93
N LEU A 113 -1.33 -7.30 6.54
CA LEU A 113 -0.45 -6.45 5.70
C LEU A 113 -1.15 -6.12 4.37
N PHE A 114 -1.77 -7.08 3.75
CA PHE A 114 -2.44 -6.81 2.44
C PHE A 114 -3.52 -5.73 2.60
N LEU A 115 -4.32 -5.78 3.64
CA LEU A 115 -5.38 -4.74 3.81
C LEU A 115 -4.74 -3.35 3.86
N VAL A 116 -3.78 -3.16 4.72
CA VAL A 116 -3.14 -1.82 4.83
C VAL A 116 -2.35 -1.51 3.56
N ALA A 117 -1.60 -2.45 3.06
CA ALA A 117 -0.79 -2.19 1.84
C ALA A 117 -1.69 -1.70 0.71
N ALA A 118 -2.73 -2.42 0.40
CA ALA A 118 -3.64 -1.99 -0.70
C ALA A 118 -4.22 -0.62 -0.37
N HIS A 119 -4.45 -0.32 0.88
CA HIS A 119 -5.04 1.00 1.25
C HIS A 119 -4.07 2.14 0.91
N GLU A 120 -2.85 2.07 1.37
CA GLU A 120 -1.88 3.17 1.06
C GLU A 120 -1.69 3.31 -0.45
N PHE A 121 -1.59 2.21 -1.17
CA PHE A 121 -1.41 2.33 -2.64
C PHE A 121 -2.60 3.08 -3.24
N GLY A 122 -3.78 2.83 -2.76
CA GLY A 122 -4.97 3.54 -3.31
C GLY A 122 -4.75 5.05 -3.18
N HIS A 123 -4.25 5.49 -2.06
CA HIS A 123 -4.00 6.94 -1.88
C HIS A 123 -2.88 7.38 -2.83
N SER A 124 -1.87 6.57 -2.99
CA SER A 124 -0.74 6.95 -3.89
C SER A 124 -1.25 7.01 -5.34
N LEU A 125 -2.31 6.32 -5.65
CA LEU A 125 -2.84 6.34 -7.04
C LEU A 125 -3.67 7.60 -7.28
N GLY A 126 -3.80 8.44 -6.28
CA GLY A 126 -4.59 9.70 -6.45
C GLY A 126 -6.05 9.48 -6.06
N LEU A 127 -6.39 8.34 -5.52
CA LEU A 127 -7.80 8.09 -5.12
C LEU A 127 -8.05 8.66 -3.72
N ASP A 128 -9.25 9.09 -3.46
CA ASP A 128 -9.59 9.66 -2.12
C ASP A 128 -10.27 8.58 -1.29
N HIS A 129 -10.47 8.82 -0.02
CA HIS A 129 -11.12 7.80 0.84
C HIS A 129 -12.50 7.44 0.28
N SER A 130 -12.82 6.17 0.24
CA SER A 130 -14.15 5.73 -0.28
C SER A 130 -15.12 5.52 0.89
N LYS A 131 -16.39 5.71 0.65
CA LYS A 131 -17.39 5.52 1.75
C LYS A 131 -18.04 4.14 1.59
N ASP A 132 -17.55 3.34 0.69
CA ASP A 132 -18.13 1.98 0.51
C ASP A 132 -17.43 1.01 1.48
N PRO A 133 -18.14 0.30 2.35
CA PRO A 133 -17.45 -0.63 3.30
C PRO A 133 -16.75 -1.78 2.57
N GLY A 134 -17.09 -2.01 1.33
CA GLY A 134 -16.44 -3.12 0.57
C GLY A 134 -15.20 -2.58 -0.16
N ALA A 135 -14.99 -1.30 -0.10
CA ALA A 135 -13.79 -0.71 -0.78
C ALA A 135 -12.58 -0.81 0.15
N LEU A 136 -11.43 -1.11 -0.37
CA LEU A 136 -10.21 -1.21 0.49
C LEU A 136 -9.88 0.16 1.07
N MET A 137 -10.02 1.19 0.30
CA MET A 137 -9.69 2.56 0.79
C MET A 137 -10.70 3.03 1.84
N PHE A 138 -11.38 2.13 2.49
CA PHE A 138 -12.36 2.55 3.53
C PHE A 138 -11.58 3.20 4.69
N PRO A 139 -11.97 4.35 5.21
CA PRO A 139 -11.19 5.00 6.31
C PRO A 139 -11.11 4.15 7.60
N ILE A 140 -11.86 3.08 7.68
CA ILE A 140 -11.82 2.22 8.91
C ILE A 140 -11.23 0.86 8.53
N TYR A 141 -10.31 0.36 9.31
CA TYR A 141 -9.69 -0.96 8.99
C TYR A 141 -10.69 -2.09 9.23
N THR A 142 -10.88 -2.93 8.26
CA THR A 142 -11.82 -4.08 8.40
C THR A 142 -11.22 -5.31 7.70
N TYR A 143 -11.42 -6.48 8.24
CA TYR A 143 -10.85 -7.71 7.60
C TYR A 143 -11.76 -8.16 6.46
N THR A 144 -11.18 -8.70 5.41
CA THR A 144 -12.01 -9.17 4.26
C THR A 144 -11.43 -10.50 3.72
N GLY A 145 -12.23 -11.26 3.04
CA GLY A 145 -11.74 -12.55 2.49
C GLY A 145 -10.82 -12.28 1.31
N LYS A 146 -9.54 -12.47 1.49
CA LYS A 146 -8.58 -12.22 0.38
C LYS A 146 -8.62 -13.41 -0.60
N SER A 147 -9.47 -14.36 -0.36
CA SER A 147 -9.54 -15.54 -1.27
C SER A 147 -9.88 -15.09 -2.69
N HIS A 148 -10.84 -14.23 -2.85
CA HIS A 148 -11.21 -13.76 -4.23
C HIS A 148 -11.67 -12.30 -4.17
N PHE A 149 -11.14 -11.54 -3.25
CA PHE A 149 -11.56 -10.12 -3.14
C PHE A 149 -11.23 -9.38 -4.44
N MET A 150 -12.14 -8.58 -4.94
CA MET A 150 -11.88 -7.80 -6.19
C MET A 150 -12.30 -6.35 -5.98
N LEU A 151 -11.61 -5.41 -6.56
CA LEU A 151 -11.98 -3.98 -6.38
C LEU A 151 -13.48 -3.81 -6.71
N PRO A 152 -14.30 -3.26 -5.82
CA PRO A 152 -15.75 -3.10 -6.13
C PRO A 152 -16.00 -2.09 -7.26
N ASP A 153 -17.23 -1.90 -7.66
CA ASP A 153 -17.54 -0.93 -8.73
C ASP A 153 -17.09 0.48 -8.33
N ASP A 154 -17.29 0.84 -7.09
CA ASP A 154 -16.88 2.20 -6.64
C ASP A 154 -15.40 2.44 -6.95
N ASP A 155 -14.54 1.52 -6.60
CA ASP A 155 -13.10 1.71 -6.89
C ASP A 155 -12.83 1.62 -8.39
N VAL A 156 -13.49 0.72 -9.07
CA VAL A 156 -13.26 0.57 -10.54
C VAL A 156 -13.62 1.89 -11.24
N GLN A 157 -14.76 2.44 -10.95
CA GLN A 157 -15.16 3.73 -11.61
C GLN A 157 -14.14 4.83 -11.27
N GLY A 158 -13.68 4.88 -10.05
CA GLY A 158 -12.71 5.96 -9.66
C GLY A 158 -11.34 5.76 -10.32
N ILE A 159 -10.75 4.60 -10.17
CA ILE A 159 -9.41 4.37 -10.77
C ILE A 159 -9.49 4.53 -12.30
N GLN A 160 -10.55 4.03 -12.90
CA GLN A 160 -10.69 4.17 -14.38
C GLN A 160 -10.84 5.65 -14.75
N SER A 161 -11.57 6.38 -13.97
CA SER A 161 -11.77 7.83 -14.28
C SER A 161 -10.42 8.57 -14.31
N LEU A 162 -9.50 8.19 -13.47
CA LEU A 162 -8.17 8.91 -13.45
C LEU A 162 -7.20 8.30 -14.48
N TYR A 163 -7.04 7.00 -14.46
CA TYR A 163 -6.08 6.36 -15.42
C TYR A 163 -6.81 5.97 -16.71
N GLY A 164 -8.11 6.06 -16.73
CA GLY A 164 -8.87 5.69 -17.96
C GLY A 164 -9.24 4.21 -17.91
ZN ZN B . -6.47 6.49 4.21
ZN ZN C . 7.25 5.65 7.84
CA CA D . -0.26 3.09 14.85
C1 WAY E . -5.63 7.01 9.45
C2 WAY E . -5.32 7.91 8.31
CF2 WAY E . -4.85 9.27 8.59
CH WAY E . -4.68 9.74 9.95
CF1 WAY E . -4.99 8.86 11.06
C6 WAY E . -5.46 7.51 10.82
C10 WAY E . -5.42 7.58 6.87
O11 WAY E . -6.45 7.81 6.22
N12 WAY E . -4.43 6.92 6.25
O13 WAY E . -4.66 6.56 4.91
CE WAY E . -5.77 6.65 12.04
N20 WAY E . -6.08 5.72 9.27
S21 WAY E . -5.01 4.47 9.48
CD WAY E . -7.53 5.50 9.08
CK WAY E . -9.90 5.81 12.18
CM WAY E . -9.72 4.50 12.72
N25 WAY E . -8.89 3.56 12.12
CJ WAY E . -8.19 3.90 10.96
C27 WAY E . -8.29 5.18 10.34
CI WAY E . -9.16 6.15 10.98
C35 WAY E . -5.35 3.16 8.33
CC1 WAY E . -4.45 2.91 7.22
CB1 WAY E . -4.72 1.84 6.28
C38 WAY E . -5.91 1.00 6.42
CB2 WAY E . -6.82 1.27 7.57
CC2 WAY E . -6.53 2.34 8.50
O45 WAY E . -6.12 -0.04 5.44
CA WAY E . -7.25 -0.93 5.48
O50 WAY E . -5.24 3.93 10.79
O51 WAY E . -3.69 4.95 9.19
HF2 WAY E . -4.61 9.93 7.78
HH WAY E . -4.33 10.75 10.12
HF1 WAY E . -4.87 9.24 12.06
H14 WAY E . -3.58 6.71 6.73
H15 WAY E . -5.42 7.02 4.58
HE1 WAY E . -6.15 5.69 11.75
HE2 WAY E . -6.50 7.13 12.68
HE3 WAY E . -4.88 6.49 12.63
HD1 WAY E . -7.65 4.69 8.38
HD2 WAY E . -7.94 6.40 8.63
HK WAY E . -10.55 6.53 12.65
HL WAY E . -10.26 4.23 13.62
HJ WAY E . -7.54 3.17 10.49
HI WAY E . -9.28 7.13 10.55
HC1 WAY E . -3.56 3.53 7.10
HB1 WAY E . -4.04 1.68 5.46
HB2 WAY E . -7.70 0.68 7.72
HC2 WAY E . -7.19 2.54 9.33
HA1 WAY E . -7.22 -1.63 4.66
HA2 WAY E . -8.19 -0.36 5.42
HA3 WAY E . -7.26 -1.49 6.42
N THR A 7 -7.50 13.70 -9.13
CA THR A 7 -6.85 14.88 -9.75
C THR A 7 -5.36 14.59 -9.93
N LEU A 8 -4.66 14.28 -8.87
CA LEU A 8 -3.20 13.99 -9.02
C LEU A 8 -3.04 12.61 -9.65
N LYS A 9 -2.03 12.44 -10.47
CA LYS A 9 -1.81 11.12 -11.11
C LYS A 9 -0.36 11.01 -11.59
N TRP A 10 0.12 9.82 -11.81
CA TRP A 10 1.53 9.65 -12.27
C TRP A 10 1.64 10.12 -13.72
N SER A 11 2.76 10.69 -14.08
CA SER A 11 2.92 11.19 -15.47
C SER A 11 3.31 10.04 -16.41
N LYS A 12 3.44 8.85 -15.89
CA LYS A 12 3.81 7.69 -16.75
C LYS A 12 3.18 6.42 -16.19
N MET A 13 2.96 5.43 -17.03
CA MET A 13 2.35 4.16 -16.55
C MET A 13 3.45 3.18 -16.12
N ASN A 14 4.69 3.59 -16.23
CA ASN A 14 5.82 2.70 -15.83
C ASN A 14 6.26 3.08 -14.41
N LEU A 15 6.27 2.12 -13.51
CA LEU A 15 6.68 2.42 -12.09
C LEU A 15 7.54 1.28 -11.55
N THR A 16 8.45 1.59 -10.66
CA THR A 16 9.34 0.55 -10.06
C THR A 16 9.31 0.70 -8.54
N TYR A 17 9.64 -0.35 -7.81
CA TYR A 17 9.62 -0.24 -6.32
C TYR A 17 10.75 -1.08 -5.72
N ARG A 18 11.11 -0.78 -4.49
CA ARG A 18 12.23 -1.51 -3.82
C ARG A 18 11.91 -1.68 -2.33
N ILE A 19 12.00 -2.88 -1.81
CA ILE A 19 11.71 -3.10 -0.36
C ILE A 19 12.99 -2.87 0.44
N VAL A 20 12.99 -1.93 1.34
CA VAL A 20 14.22 -1.67 2.16
C VAL A 20 14.45 -2.85 3.11
N ASN A 21 13.42 -3.38 3.70
CA ASN A 21 13.64 -4.50 4.64
C ASN A 21 12.33 -5.24 4.93
N TYR A 22 12.45 -6.41 5.49
CA TYR A 22 11.25 -7.21 5.83
C TYR A 22 11.04 -7.11 7.34
N THR A 23 10.11 -7.87 7.88
CA THR A 23 9.86 -7.80 9.35
C THR A 23 10.10 -9.19 9.99
N PRO A 24 10.54 -9.24 11.24
CA PRO A 24 10.77 -10.56 11.92
C PRO A 24 9.44 -11.29 12.09
N ASP A 25 8.38 -10.55 11.94
CA ASP A 25 7.01 -11.13 12.08
C ASP A 25 6.80 -12.24 11.04
N MET A 26 7.26 -12.05 9.84
CA MET A 26 7.08 -13.10 8.78
C MET A 26 8.32 -13.15 7.88
N THR A 27 8.50 -14.23 7.19
CA THR A 27 9.68 -14.34 6.29
C THR A 27 9.48 -13.45 5.06
N HIS A 28 10.54 -13.12 4.39
CA HIS A 28 10.42 -12.25 3.19
C HIS A 28 9.56 -12.93 2.13
N SER A 29 9.59 -14.24 2.06
CA SER A 29 8.77 -14.93 1.03
C SER A 29 7.29 -14.59 1.24
N GLU A 30 6.83 -14.57 2.46
CA GLU A 30 5.41 -14.23 2.72
C GLU A 30 5.18 -12.74 2.42
N VAL A 31 6.10 -11.91 2.80
CA VAL A 31 5.95 -10.45 2.56
C VAL A 31 6.05 -10.15 1.06
N GLU A 32 6.94 -10.80 0.36
CA GLU A 32 7.10 -10.53 -1.10
C GLU A 32 5.79 -10.83 -1.82
N LYS A 33 5.21 -11.98 -1.60
CA LYS A 33 3.93 -12.30 -2.30
C LYS A 33 2.84 -11.32 -1.87
N ALA A 34 2.89 -10.84 -0.65
CA ALA A 34 1.83 -9.89 -0.19
C ALA A 34 1.82 -8.64 -1.08
N PHE A 35 2.96 -8.03 -1.31
CA PHE A 35 2.99 -6.81 -2.15
C PHE A 35 2.65 -7.18 -3.60
N LYS A 36 3.09 -8.31 -4.07
CA LYS A 36 2.78 -8.70 -5.47
C LYS A 36 1.26 -8.78 -5.67
N LYS A 37 0.56 -9.32 -4.71
CA LYS A 37 -0.92 -9.41 -4.84
C LYS A 37 -1.49 -7.99 -4.93
N ALA A 38 -0.96 -7.09 -4.14
CA ALA A 38 -1.46 -5.69 -4.16
C ALA A 38 -1.30 -5.09 -5.55
N PHE A 39 -0.17 -5.26 -6.17
CA PHE A 39 0.03 -4.67 -7.53
C PHE A 39 -0.86 -5.39 -8.55
N LYS A 40 -0.98 -6.69 -8.44
CA LYS A 40 -1.83 -7.44 -9.41
C LYS A 40 -3.27 -6.93 -9.33
N VAL A 41 -3.80 -6.80 -8.14
CA VAL A 41 -5.21 -6.32 -8.00
C VAL A 41 -5.36 -4.92 -8.61
N TRP A 42 -4.39 -4.06 -8.42
CA TRP A 42 -4.51 -2.68 -9.00
C TRP A 42 -4.09 -2.70 -10.47
N SER A 43 -3.14 -3.49 -10.84
CA SER A 43 -2.72 -3.53 -12.27
C SER A 43 -3.80 -4.23 -13.11
N ASP A 44 -4.65 -4.99 -12.49
CA ASP A 44 -5.74 -5.70 -13.25
C ASP A 44 -6.65 -4.69 -13.97
N VAL A 45 -6.97 -3.58 -13.34
CA VAL A 45 -7.88 -2.57 -14.00
C VAL A 45 -7.10 -1.31 -14.39
N THR A 46 -5.80 -1.39 -14.51
CA THR A 46 -5.01 -0.18 -14.91
C THR A 46 -3.77 -0.63 -15.74
N PRO A 47 -3.41 0.09 -16.79
CA PRO A 47 -2.20 -0.31 -17.59
C PRO A 47 -0.90 -0.03 -16.84
N LEU A 48 -0.96 0.15 -15.55
CA LEU A 48 0.30 0.45 -14.78
C LEU A 48 1.21 -0.77 -14.79
N ASN A 49 2.49 -0.56 -14.99
CA ASN A 49 3.47 -1.69 -14.99
C ASN A 49 4.37 -1.57 -13.76
N PHE A 50 4.39 -2.57 -12.91
CA PHE A 50 5.24 -2.51 -11.68
C PHE A 50 6.41 -3.49 -11.83
N THR A 51 7.62 -3.00 -11.72
CA THR A 51 8.83 -3.88 -11.86
C THR A 51 9.65 -3.84 -10.56
N ARG A 52 10.00 -4.98 -10.03
CA ARG A 52 10.80 -5.01 -8.77
C ARG A 52 12.28 -4.82 -9.10
N LEU A 53 12.96 -3.95 -8.38
CA LEU A 53 14.41 -3.71 -8.64
C LEU A 53 15.23 -4.39 -7.53
N HIS A 54 16.22 -5.15 -7.88
CA HIS A 54 17.04 -5.85 -6.85
C HIS A 54 17.72 -4.81 -5.94
N ASP A 55 18.20 -3.73 -6.49
CA ASP A 55 18.88 -2.69 -5.65
C ASP A 55 18.75 -1.31 -6.31
N GLY A 56 19.22 -0.28 -5.65
CA GLY A 56 19.12 1.09 -6.22
C GLY A 56 17.90 1.80 -5.67
N ILE A 57 17.68 3.03 -6.09
CA ILE A 57 16.50 3.80 -5.59
C ILE A 57 15.32 3.62 -6.55
N ALA A 58 14.17 3.29 -6.03
CA ALA A 58 12.96 3.09 -6.90
C ALA A 58 11.98 4.23 -6.64
N ASP A 59 11.01 4.41 -7.51
CA ASP A 59 10.02 5.51 -7.29
C ASP A 59 9.30 5.29 -5.97
N ILE A 60 8.80 4.09 -5.74
CA ILE A 60 8.08 3.80 -4.46
C ILE A 60 8.91 2.81 -3.64
N MET A 61 9.47 3.26 -2.54
CA MET A 61 10.27 2.35 -1.66
C MET A 61 9.48 2.03 -0.39
N ILE A 62 9.41 0.77 -0.04
CA ILE A 62 8.64 0.35 1.18
C ILE A 62 9.62 0.04 2.31
N SER A 63 9.34 0.48 3.51
CA SER A 63 10.25 0.20 4.66
C SER A 63 9.46 0.15 5.96
N PHE A 64 9.96 -0.58 6.93
CA PHE A 64 9.24 -0.70 8.24
C PHE A 64 9.93 0.23 9.25
N GLY A 65 9.19 1.19 9.79
CA GLY A 65 9.79 2.15 10.76
C GLY A 65 9.38 1.80 12.20
N ILE A 66 9.67 2.67 13.13
CA ILE A 66 9.30 2.44 14.56
C ILE A 66 8.75 3.74 15.16
N LYS A 67 8.12 3.64 16.30
CA LYS A 67 7.51 4.83 16.99
C LYS A 67 8.28 6.13 16.64
N GLU A 68 9.38 6.37 17.27
CA GLU A 68 10.15 7.62 16.96
C GLU A 68 10.92 7.44 15.64
N HIS A 69 10.36 7.88 14.54
CA HIS A 69 11.08 7.74 13.24
C HIS A 69 10.53 8.77 12.24
N GLY A 70 9.65 9.63 12.68
CA GLY A 70 9.08 10.66 11.76
C GLY A 70 8.57 11.84 12.58
N ASP A 71 9.42 12.81 12.86
CA ASP A 71 8.98 13.98 13.66
C ASP A 71 7.83 14.69 12.96
N PHE A 72 7.92 14.88 11.68
CA PHE A 72 6.83 15.56 10.94
C PHE A 72 5.53 14.74 11.10
N TYR A 73 5.66 13.44 11.04
CA TYR A 73 4.45 12.54 11.16
C TYR A 73 4.73 11.48 12.24
N PRO A 74 4.60 11.82 13.51
CA PRO A 74 4.86 10.83 14.59
C PRO A 74 3.71 9.83 14.75
N PHE A 75 4.01 8.63 15.18
CA PHE A 75 2.95 7.60 15.37
C PHE A 75 2.47 7.61 16.82
N ASP A 76 1.38 6.93 17.11
CA ASP A 76 0.84 6.91 18.51
C ASP A 76 1.19 5.61 19.22
N GLY A 77 1.89 4.70 18.57
CA GLY A 77 2.26 3.40 19.23
C GLY A 77 1.84 2.23 18.32
N PRO A 78 1.49 1.09 18.88
CA PRO A 78 1.06 -0.08 18.04
C PRO A 78 -0.24 0.22 17.27
N SER A 79 -1.33 0.41 17.95
CA SER A 79 -2.62 0.70 17.26
C SER A 79 -2.60 2.14 16.75
N GLY A 80 -3.42 2.46 15.78
CA GLY A 80 -3.46 3.86 15.24
C GLY A 80 -2.97 3.85 13.77
N LEU A 81 -2.04 4.69 13.45
CA LEU A 81 -1.53 4.75 12.05
C LEU A 81 -0.78 3.45 11.72
N LEU A 82 -1.37 2.61 10.93
CA LEU A 82 -0.67 1.34 10.59
C LEU A 82 0.43 1.63 9.56
N ALA A 83 0.29 2.70 8.84
CA ALA A 83 1.33 3.05 7.82
C ALA A 83 0.93 4.38 7.17
N HIS A 84 1.77 4.92 6.34
CA HIS A 84 1.44 6.20 5.68
C HIS A 84 2.33 6.37 4.44
N ALA A 85 1.98 7.29 3.58
CA ALA A 85 2.80 7.50 2.36
C ALA A 85 2.60 8.94 1.86
N PHE A 86 3.51 9.46 1.07
CA PHE A 86 3.36 10.86 0.55
C PHE A 86 2.81 10.78 -0.89
N PRO A 87 2.12 11.80 -1.36
CA PRO A 87 1.54 11.78 -2.75
C PRO A 87 2.65 11.68 -3.83
N PRO A 88 2.29 11.26 -5.02
CA PRO A 88 3.28 11.13 -6.14
C PRO A 88 4.28 12.29 -6.20
N GLY A 89 5.55 12.00 -6.09
CA GLY A 89 6.58 13.08 -6.15
C GLY A 89 7.96 12.47 -6.43
N PRO A 90 9.01 13.26 -6.30
CA PRO A 90 10.39 12.75 -6.56
C PRO A 90 10.74 11.57 -5.65
N ASN A 91 11.99 11.37 -5.33
CA ASN A 91 12.35 10.23 -4.45
C ASN A 91 11.65 10.38 -3.10
N TYR A 92 11.61 11.58 -2.57
CA TYR A 92 10.95 11.79 -1.26
C TYR A 92 9.47 11.39 -1.35
N GLY A 93 8.81 11.73 -2.42
CA GLY A 93 7.36 11.38 -2.56
C GLY A 93 7.21 9.92 -3.00
N GLY A 94 6.00 9.41 -2.94
CA GLY A 94 5.77 7.99 -3.35
C GLY A 94 6.39 7.04 -2.33
N ASP A 95 6.91 7.56 -1.25
CA ASP A 95 7.52 6.67 -0.22
C ASP A 95 6.42 6.08 0.66
N ALA A 96 6.71 5.00 1.34
CA ALA A 96 5.66 4.39 2.22
C ALA A 96 6.34 3.72 3.41
N HIS A 97 5.99 4.14 4.60
CA HIS A 97 6.59 3.54 5.84
C HIS A 97 5.55 2.70 6.57
N PHE A 98 5.97 1.63 7.21
CA PHE A 98 5.03 0.75 7.97
C PHE A 98 5.47 0.70 9.44
N ASP A 99 4.55 0.50 10.35
CA ASP A 99 4.97 0.45 11.79
C ASP A 99 5.58 -0.92 12.09
N ASP A 100 6.80 -0.94 12.53
CA ASP A 100 7.46 -2.24 12.85
C ASP A 100 7.07 -2.68 14.26
N ASP A 101 6.44 -1.81 15.01
CA ASP A 101 6.01 -2.17 16.39
C ASP A 101 4.69 -2.93 16.34
N GLU A 102 4.06 -2.97 15.20
CA GLU A 102 2.74 -3.68 15.07
C GLU A 102 2.99 -5.12 14.64
N THR A 103 1.97 -5.95 14.71
CA THR A 103 2.13 -7.38 14.32
C THR A 103 1.63 -7.56 12.89
N TRP A 104 2.53 -7.73 11.96
CA TRP A 104 2.12 -7.92 10.54
C TRP A 104 1.91 -9.42 10.28
N THR A 105 0.73 -9.79 9.88
CA THR A 105 0.44 -11.24 9.62
C THR A 105 -0.43 -11.39 8.37
N SER A 106 -0.32 -12.51 7.69
CA SER A 106 -1.15 -12.73 6.47
C SER A 106 -2.42 -13.51 6.87
N SER A 107 -2.46 -13.98 8.09
CA SER A 107 -3.66 -14.73 8.57
C SER A 107 -4.64 -13.75 9.21
N SER A 108 -5.80 -14.22 9.60
CA SER A 108 -6.79 -13.31 10.24
C SER A 108 -6.31 -12.94 11.65
N LYS A 109 -5.29 -12.14 11.76
CA LYS A 109 -4.78 -11.74 13.11
C LYS A 109 -4.20 -10.32 13.01
N GLY A 110 -4.16 -9.59 14.11
CA GLY A 110 -3.60 -8.20 14.09
C GLY A 110 -4.05 -7.46 12.82
N TYR A 111 -3.17 -6.68 12.25
CA TYR A 111 -3.53 -5.93 11.00
C TYR A 111 -2.96 -6.67 9.79
N ASN A 112 -3.80 -7.10 8.90
CA ASN A 112 -3.31 -7.83 7.70
C ASN A 112 -2.43 -6.90 6.85
N LEU A 113 -1.26 -7.35 6.49
CA LEU A 113 -0.34 -6.50 5.67
C LEU A 113 -0.98 -6.12 4.34
N PHE A 114 -1.63 -7.03 3.68
CA PHE A 114 -2.25 -6.71 2.37
C PHE A 114 -3.29 -5.59 2.52
N LEU A 115 -4.07 -5.61 3.57
CA LEU A 115 -5.10 -4.54 3.74
C LEU A 115 -4.41 -3.17 3.78
N VAL A 116 -3.42 -3.02 4.62
CA VAL A 116 -2.71 -1.70 4.70
C VAL A 116 -1.90 -1.47 3.43
N ALA A 117 -1.23 -2.48 2.92
CA ALA A 117 -0.43 -2.28 1.68
C ALA A 117 -1.35 -1.79 0.56
N ALA A 118 -2.44 -2.49 0.33
CA ALA A 118 -3.38 -2.08 -0.75
C ALA A 118 -3.91 -0.66 -0.50
N HIS A 119 -4.22 -0.35 0.73
CA HIS A 119 -4.78 1.00 1.03
C HIS A 119 -3.78 2.11 0.68
N GLU A 120 -2.55 1.99 1.11
CA GLU A 120 -1.59 3.08 0.77
C GLU A 120 -1.46 3.21 -0.75
N PHE A 121 -1.46 2.12 -1.46
CA PHE A 121 -1.35 2.22 -2.95
C PHE A 121 -2.53 3.04 -3.47
N GLY A 122 -3.70 2.84 -2.91
CA GLY A 122 -4.87 3.61 -3.38
C GLY A 122 -4.60 5.11 -3.24
N HIS A 123 -3.97 5.53 -2.18
CA HIS A 123 -3.67 6.97 -2.03
C HIS A 123 -2.65 7.40 -3.09
N SER A 124 -1.68 6.57 -3.34
CA SER A 124 -0.66 6.92 -4.38
C SER A 124 -1.34 6.97 -5.75
N LEU A 125 -2.41 6.24 -5.91
CA LEU A 125 -3.11 6.23 -7.23
C LEU A 125 -4.01 7.47 -7.34
N GLY A 126 -3.98 8.32 -6.35
CA GLY A 126 -4.82 9.57 -6.41
C GLY A 126 -6.24 9.30 -5.91
N LEU A 127 -6.48 8.14 -5.33
CA LEU A 127 -7.87 7.86 -4.82
C LEU A 127 -8.00 8.39 -3.39
N ASP A 128 -9.14 8.95 -3.06
CA ASP A 128 -9.37 9.50 -1.69
C ASP A 128 -10.15 8.47 -0.86
N HIS A 129 -10.31 8.73 0.40
CA HIS A 129 -11.06 7.77 1.27
C HIS A 129 -12.49 7.61 0.74
N SER A 130 -12.94 6.39 0.62
CA SER A 130 -14.32 6.13 0.12
C SER A 130 -15.23 5.85 1.32
N LYS A 131 -16.52 6.06 1.19
CA LYS A 131 -17.45 5.80 2.33
C LYS A 131 -18.11 4.43 2.14
N ASP A 132 -17.70 3.69 1.15
CA ASP A 132 -18.29 2.34 0.93
C ASP A 132 -17.54 1.31 1.80
N PRO A 133 -18.19 0.54 2.65
CA PRO A 133 -17.46 -0.44 3.50
C PRO A 133 -16.84 -1.58 2.68
N GLY A 134 -17.31 -1.80 1.48
CA GLY A 134 -16.74 -2.89 0.64
C GLY A 134 -15.53 -2.37 -0.14
N ALA A 135 -15.28 -1.09 -0.10
CA ALA A 135 -14.10 -0.54 -0.85
C ALA A 135 -12.87 -0.57 0.06
N LEU A 136 -11.71 -0.81 -0.51
CA LEU A 136 -10.47 -0.86 0.32
C LEU A 136 -10.15 0.53 0.86
N MET A 137 -10.51 1.56 0.13
CA MET A 137 -10.23 2.94 0.58
C MET A 137 -11.13 3.33 1.76
N PHE A 138 -11.71 2.37 2.43
CA PHE A 138 -12.59 2.69 3.59
C PHE A 138 -11.68 3.21 4.75
N PRO A 139 -11.98 4.34 5.37
CA PRO A 139 -11.09 4.89 6.46
C PRO A 139 -11.06 4.04 7.75
N ILE A 140 -11.70 2.90 7.76
CA ILE A 140 -11.69 2.03 9.00
C ILE A 140 -11.07 0.68 8.63
N TYR A 141 -10.18 0.18 9.45
CA TYR A 141 -9.53 -1.12 9.12
C TYR A 141 -10.54 -2.26 9.30
N THR A 142 -10.66 -3.11 8.33
CA THR A 142 -11.61 -4.26 8.43
C THR A 142 -11.00 -5.46 7.71
N TYR A 143 -11.23 -6.64 8.21
CA TYR A 143 -10.65 -7.85 7.55
C TYR A 143 -11.51 -8.25 6.34
N THR A 144 -10.88 -8.78 5.33
CA THR A 144 -11.64 -9.20 4.09
C THR A 144 -11.15 -10.55 3.60
N GLY A 145 -12.02 -11.37 3.06
CA GLY A 145 -11.58 -12.69 2.53
C GLY A 145 -10.76 -12.42 1.27
N LYS A 146 -9.46 -12.40 1.39
CA LYS A 146 -8.60 -12.11 0.20
C LYS A 146 -8.58 -13.33 -0.72
N SER A 147 -9.34 -14.34 -0.41
CA SER A 147 -9.34 -15.55 -1.28
C SER A 147 -9.77 -15.18 -2.71
N HIS A 148 -10.75 -14.33 -2.84
CA HIS A 148 -11.21 -13.95 -4.22
C HIS A 148 -11.69 -12.49 -4.22
N PHE A 149 -11.00 -11.63 -3.53
CA PHE A 149 -11.43 -10.20 -3.49
C PHE A 149 -11.02 -9.46 -4.77
N MET A 150 -11.95 -8.76 -5.37
CA MET A 150 -11.64 -7.98 -6.61
C MET A 150 -12.14 -6.55 -6.41
N LEU A 151 -11.46 -5.58 -6.94
CA LEU A 151 -11.92 -4.17 -6.75
C LEU A 151 -13.42 -4.08 -7.12
N PRO A 152 -14.27 -3.51 -6.27
CA PRO A 152 -15.73 -3.41 -6.60
C PRO A 152 -15.99 -2.37 -7.70
N ASP A 153 -17.23 -2.21 -8.09
CA ASP A 153 -17.57 -1.22 -9.15
C ASP A 153 -17.18 0.19 -8.71
N ASP A 154 -17.40 0.52 -7.47
CA ASP A 154 -17.07 1.89 -6.97
C ASP A 154 -15.59 2.20 -7.20
N ASP A 155 -14.71 1.28 -6.90
CA ASP A 155 -13.27 1.55 -7.11
C ASP A 155 -12.96 1.58 -8.61
N VAL A 156 -13.56 0.70 -9.36
CA VAL A 156 -13.30 0.69 -10.83
C VAL A 156 -13.71 2.05 -11.43
N GLN A 157 -14.86 2.55 -11.07
CA GLN A 157 -15.30 3.87 -11.63
C GLN A 157 -14.31 4.97 -11.21
N GLY A 158 -13.84 4.93 -9.99
CA GLY A 158 -12.90 5.99 -9.52
C GLY A 158 -11.52 5.85 -10.19
N ILE A 159 -10.91 4.70 -10.10
CA ILE A 159 -9.56 4.54 -10.71
C ILE A 159 -9.64 4.79 -12.22
N GLN A 160 -10.69 4.32 -12.85
CA GLN A 160 -10.83 4.55 -14.32
C GLN A 160 -11.00 6.05 -14.59
N SER A 161 -11.74 6.73 -13.77
CA SER A 161 -11.95 8.19 -13.98
C SER A 161 -10.62 8.94 -13.90
N LEU A 162 -9.67 8.43 -13.14
CA LEU A 162 -8.35 9.14 -13.03
C LEU A 162 -7.41 8.70 -14.15
N TYR A 163 -7.21 7.42 -14.31
CA TYR A 163 -6.28 6.93 -15.37
C TYR A 163 -7.04 6.70 -16.68
N GLY A 164 -8.34 6.75 -16.63
CA GLY A 164 -9.15 6.52 -17.87
C GLY A 164 -9.42 5.03 -18.04
ZN ZN B . -5.90 6.56 4.14
ZN ZN C . 7.10 6.60 8.32
CA CA D . -0.01 3.04 15.01
C1 WAY E . -5.64 6.77 9.64
C2 WAY E . -5.27 7.64 8.50
CF2 WAY E . -4.83 9.00 8.77
CH WAY E . -4.73 9.52 10.13
CF1 WAY E . -5.08 8.66 11.24
C6 WAY E . -5.54 7.30 11.02
C10 WAY E . -5.31 7.28 7.07
O11 WAY E . -6.18 7.71 6.31
N12 WAY E . -4.29 6.59 6.52
O13 WAY E . -4.30 6.43 5.13
CE WAY E . -5.89 6.47 12.24
N20 WAY E . -6.07 5.47 9.46
S21 WAY E . -4.96 4.22 9.55
CD WAY E . -7.51 5.23 9.28
CK WAY E . -9.86 5.26 12.39
CM WAY E . -9.62 3.93 12.86
N25 WAY E . -8.74 3.07 12.20
CJ WAY E . -8.07 3.50 11.06
C27 WAY E . -8.25 4.80 10.51
CI WAY E . -9.16 5.69 11.19
C35 WAY E . -5.31 3.00 8.30
CC1 WAY E . -4.54 2.97 7.07
CB1 WAY E . -4.84 1.98 6.04
C38 WAY E . -5.90 0.99 6.23
CB2 WAY E . -6.67 1.04 7.49
CC2 WAY E . -6.38 2.04 8.51
O45 WAY E . -6.12 0.04 5.17
CA WAY E . -7.14 -0.98 5.23
O50 WAY E . -5.14 3.58 10.81
O51 WAY E . -3.66 4.74 9.23
HF2 WAY E . -4.56 9.66 7.95
HH WAY E . -4.39 10.53 10.29
HF1 WAY E . -5.01 9.06 12.25
H14 WAY E . -3.56 6.22 7.09
H15 WAY E . -4.45 5.51 4.92
HE1 WAY E . -5.42 5.50 12.20
HE2 WAY E . -6.96 6.32 12.32
HE3 WAY E . -5.56 6.96 13.16
HD1 WAY E . -7.61 4.45 8.51
HD2 WAY E . -7.95 6.15 8.88
HK WAY E . -10.55 5.92 12.89
HL WAY E . -10.13 3.60 13.74
HJ WAY E . -7.39 2.84 10.55
HI WAY E . -9.33 6.69 10.82
HC1 WAY E . -3.76 3.70 6.92
HB1 WAY E . -4.24 1.98 5.14
HB2 WAY E . -7.47 0.33 7.68
HC2 WAY E . -6.95 2.07 9.43
HA1 WAY E . -7.13 -1.59 4.33
HA2 WAY E . -8.13 -0.53 5.34
HA3 WAY E . -6.97 -1.64 6.09
N THR A 7 -7.76 13.30 -9.30
CA THR A 7 -7.24 14.55 -9.93
C THR A 7 -5.74 14.38 -10.20
N LEU A 8 -4.98 14.09 -9.19
CA LEU A 8 -3.52 13.91 -9.37
C LEU A 8 -3.26 12.57 -10.05
N LYS A 9 -2.20 12.47 -10.82
CA LYS A 9 -1.90 11.18 -11.51
C LYS A 9 -0.42 11.15 -11.91
N TRP A 10 0.12 9.99 -12.15
CA TRP A 10 1.56 9.91 -12.55
C TRP A 10 1.73 10.41 -13.98
N SER A 11 2.88 10.95 -14.28
CA SER A 11 3.13 11.47 -15.66
C SER A 11 3.66 10.34 -16.55
N LYS A 12 3.79 9.15 -15.99
CA LYS A 12 4.30 8.00 -16.79
C LYS A 12 3.59 6.72 -16.34
N MET A 13 3.45 5.78 -17.22
CA MET A 13 2.75 4.50 -16.87
C MET A 13 3.77 3.49 -16.34
N ASN A 14 5.02 3.86 -16.30
CA ASN A 14 6.08 2.93 -15.78
C ASN A 14 6.37 3.26 -14.32
N LEU A 15 6.38 2.27 -13.45
CA LEU A 15 6.65 2.54 -12.00
C LEU A 15 7.54 1.43 -11.45
N THR A 16 8.35 1.73 -10.46
CA THR A 16 9.26 0.70 -9.87
C THR A 16 9.16 0.75 -8.35
N TYR A 17 9.52 -0.31 -7.67
CA TYR A 17 9.45 -0.30 -6.17
C TYR A 17 10.57 -1.16 -5.59
N ARG A 18 10.89 -0.95 -4.34
CA ARG A 18 11.97 -1.75 -3.69
C ARG A 18 11.61 -2.00 -2.22
N ILE A 19 11.76 -3.22 -1.77
CA ILE A 19 11.43 -3.54 -0.35
C ILE A 19 12.68 -3.28 0.52
N VAL A 20 12.59 -2.35 1.44
CA VAL A 20 13.78 -2.05 2.30
C VAL A 20 14.03 -3.22 3.26
N ASN A 21 13.03 -3.83 3.81
CA ASN A 21 13.32 -4.95 4.73
C ASN A 21 12.12 -5.83 4.95
N TYR A 22 12.38 -7.07 5.24
CA TYR A 22 11.29 -8.02 5.54
C TYR A 22 11.26 -8.07 7.06
N THR A 23 10.29 -7.45 7.67
CA THR A 23 10.28 -7.39 9.16
C THR A 23 10.34 -8.81 9.75
N PRO A 24 11.00 -8.99 10.89
CA PRO A 24 11.09 -10.34 11.50
C PRO A 24 9.71 -10.93 11.74
N ASP A 25 8.69 -10.10 11.66
CA ASP A 25 7.31 -10.60 11.89
C ASP A 25 6.99 -11.70 10.86
N MET A 26 7.42 -11.53 9.63
CA MET A 26 7.15 -12.56 8.59
C MET A 26 8.38 -12.74 7.71
N THR A 27 8.51 -13.88 7.09
CA THR A 27 9.70 -14.13 6.21
C THR A 27 9.55 -13.37 4.90
N HIS A 28 10.61 -13.22 4.18
CA HIS A 28 10.55 -12.48 2.89
C HIS A 28 9.57 -13.18 1.94
N SER A 29 9.56 -14.49 1.92
CA SER A 29 8.63 -15.19 1.00
C SER A 29 7.19 -14.80 1.32
N GLU A 30 6.82 -14.78 2.57
CA GLU A 30 5.43 -14.41 2.94
C GLU A 30 5.20 -12.91 2.68
N VAL A 31 6.18 -12.11 3.00
CA VAL A 31 6.04 -10.64 2.79
C VAL A 31 6.00 -10.33 1.29
N GLU A 32 6.88 -10.93 0.53
CA GLU A 32 6.91 -10.64 -0.94
C GLU A 32 5.56 -10.99 -1.60
N LYS A 33 5.03 -12.15 -1.34
CA LYS A 33 3.73 -12.52 -1.97
C LYS A 33 2.63 -11.54 -1.54
N ALA A 34 2.68 -11.06 -0.33
CA ALA A 34 1.61 -10.11 0.12
C ALA A 34 1.60 -8.88 -0.78
N PHE A 35 2.75 -8.30 -1.02
CA PHE A 35 2.78 -7.10 -1.90
C PHE A 35 2.38 -7.49 -3.33
N LYS A 36 2.80 -8.63 -3.78
CA LYS A 36 2.43 -9.04 -5.17
C LYS A 36 0.90 -9.13 -5.29
N LYS A 37 0.24 -9.64 -4.29
CA LYS A 37 -1.25 -9.70 -4.37
C LYS A 37 -1.79 -8.29 -4.52
N ALA A 38 -1.24 -7.36 -3.77
CA ALA A 38 -1.72 -5.96 -3.85
C ALA A 38 -1.53 -5.43 -5.28
N PHE A 39 -0.36 -5.62 -5.85
CA PHE A 39 -0.12 -5.13 -7.24
C PHE A 39 -1.01 -5.90 -8.23
N LYS A 40 -1.18 -7.17 -8.01
CA LYS A 40 -2.02 -7.97 -8.96
C LYS A 40 -3.44 -7.40 -8.98
N VAL A 41 -4.02 -7.15 -7.83
CA VAL A 41 -5.40 -6.59 -7.79
C VAL A 41 -5.46 -5.24 -8.50
N TRP A 42 -4.49 -4.40 -8.30
CA TRP A 42 -4.51 -3.06 -8.96
C TRP A 42 -4.10 -3.19 -10.42
N SER A 43 -3.17 -4.06 -10.70
CA SER A 43 -2.71 -4.24 -12.10
C SER A 43 -3.80 -4.93 -12.91
N ASP A 44 -4.76 -5.52 -12.25
CA ASP A 44 -5.85 -6.21 -12.99
C ASP A 44 -6.57 -5.23 -13.91
N VAL A 45 -6.79 -4.03 -13.47
CA VAL A 45 -7.52 -3.03 -14.32
C VAL A 45 -6.59 -1.88 -14.72
N THR A 46 -5.52 -1.64 -13.99
CA THR A 46 -4.60 -0.51 -14.36
C THR A 46 -3.49 -1.03 -15.31
N PRO A 47 -3.25 -0.38 -16.47
CA PRO A 47 -2.16 -0.84 -17.38
C PRO A 47 -0.78 -0.43 -16.86
N LEU A 48 -0.70 -0.07 -15.61
CA LEU A 48 0.62 0.34 -15.04
C LEU A 48 1.54 -0.87 -14.93
N ASN A 49 2.80 -0.70 -15.22
CA ASN A 49 3.78 -1.84 -15.14
C ASN A 49 4.65 -1.64 -13.90
N PHE A 50 4.65 -2.60 -13.00
CA PHE A 50 5.47 -2.46 -11.75
C PHE A 50 6.67 -3.43 -11.84
N THR A 51 7.87 -2.89 -11.73
CA THR A 51 9.10 -3.75 -11.81
C THR A 51 9.89 -3.63 -10.51
N ARG A 52 10.27 -4.73 -9.92
CA ARG A 52 11.06 -4.69 -8.66
C ARG A 52 12.53 -4.45 -9.00
N LEU A 53 13.19 -3.58 -8.28
CA LEU A 53 14.63 -3.31 -8.55
C LEU A 53 15.48 -4.01 -7.48
N HIS A 54 16.47 -4.76 -7.89
CA HIS A 54 17.32 -5.47 -6.88
C HIS A 54 18.02 -4.46 -5.97
N ASP A 55 18.48 -3.36 -6.53
CA ASP A 55 19.17 -2.33 -5.69
C ASP A 55 18.93 -0.94 -6.28
N GLY A 56 19.30 0.08 -5.56
CA GLY A 56 19.10 1.49 -6.06
C GLY A 56 17.79 2.06 -5.49
N ILE A 57 17.46 3.26 -5.87
CA ILE A 57 16.19 3.89 -5.36
C ILE A 57 15.06 3.62 -6.35
N ALA A 58 13.88 3.32 -5.86
CA ALA A 58 12.72 3.03 -6.76
C ALA A 58 11.66 4.12 -6.59
N ASP A 59 10.69 4.15 -7.45
CA ASP A 59 9.63 5.19 -7.34
C ASP A 59 8.94 5.06 -5.99
N ILE A 60 8.55 3.86 -5.62
CA ILE A 60 7.86 3.66 -4.31
C ILE A 60 8.68 2.68 -3.46
N MET A 61 9.26 3.15 -2.38
CA MET A 61 10.07 2.26 -1.49
C MET A 61 9.25 1.94 -0.24
N ILE A 62 9.21 0.69 0.14
CA ILE A 62 8.42 0.28 1.34
C ILE A 62 9.37 -0.07 2.49
N SER A 63 9.10 0.41 3.67
CA SER A 63 10.01 0.11 4.82
C SER A 63 9.23 0.14 6.13
N PHE A 64 9.73 -0.53 7.14
CA PHE A 64 9.05 -0.56 8.47
C PHE A 64 9.88 0.25 9.47
N GLY A 65 9.29 1.26 10.07
CA GLY A 65 10.03 2.11 11.06
C GLY A 65 9.43 1.94 12.45
N ILE A 66 9.81 2.81 13.37
CA ILE A 66 9.27 2.76 14.75
C ILE A 66 8.89 4.17 15.19
N LYS A 67 8.03 4.29 16.19
CA LYS A 67 7.56 5.63 16.72
C LYS A 67 8.22 6.80 15.98
N GLU A 68 9.31 7.31 16.48
CA GLU A 68 9.99 8.45 15.80
C GLU A 68 10.85 7.92 14.64
N HIS A 69 10.71 8.49 13.46
CA HIS A 69 11.53 8.03 12.30
C HIS A 69 11.99 9.23 11.48
N GLY A 70 12.09 10.38 12.11
CA GLY A 70 12.55 11.60 11.38
C GLY A 70 11.40 12.25 10.61
N ASP A 71 10.25 12.38 11.22
CA ASP A 71 9.08 13.03 10.53
C ASP A 71 8.36 13.94 11.52
N PHE A 72 7.75 14.99 11.03
CA PHE A 72 7.03 15.94 11.94
C PHE A 72 5.77 15.26 12.52
N TYR A 73 5.33 14.17 11.93
CA TYR A 73 4.11 13.46 12.42
C TYR A 73 4.46 12.00 12.78
N PRO A 74 5.00 11.75 13.96
CA PRO A 74 5.35 10.36 14.35
C PRO A 74 4.10 9.48 14.56
N PHE A 75 4.30 8.23 14.91
CA PHE A 75 3.14 7.32 15.13
C PHE A 75 2.70 7.41 16.60
N ASP A 76 1.58 6.83 16.95
CA ASP A 76 1.10 6.93 18.36
C ASP A 76 1.43 5.64 19.14
N GLY A 77 2.07 4.68 18.50
CA GLY A 77 2.42 3.40 19.20
C GLY A 77 1.95 2.23 18.34
N PRO A 78 1.52 1.12 18.93
CA PRO A 78 1.05 -0.03 18.11
C PRO A 78 -0.22 0.31 17.32
N SER A 79 -1.30 0.60 18.01
CA SER A 79 -2.57 0.95 17.32
C SER A 79 -2.52 2.40 16.82
N GLY A 80 -3.38 2.73 15.88
CA GLY A 80 -3.41 4.14 15.33
C GLY A 80 -3.00 4.13 13.86
N LEU A 81 -2.12 5.02 13.47
CA LEU A 81 -1.67 5.06 12.05
C LEU A 81 -0.90 3.77 11.75
N LEU A 82 -1.48 2.90 10.99
CA LEU A 82 -0.79 1.61 10.68
C LEU A 82 0.31 1.88 9.66
N ALA A 83 0.11 2.85 8.81
CA ALA A 83 1.12 3.18 7.78
C ALA A 83 0.65 4.41 6.99
N HIS A 84 1.51 4.98 6.20
CA HIS A 84 1.10 6.18 5.41
C HIS A 84 2.07 6.37 4.24
N ALA A 85 1.67 7.13 3.25
CA ALA A 85 2.56 7.36 2.07
C ALA A 85 2.34 8.78 1.53
N PHE A 86 3.29 9.31 0.80
CA PHE A 86 3.16 10.69 0.24
C PHE A 86 2.78 10.57 -1.25
N PRO A 87 2.08 11.54 -1.81
CA PRO A 87 1.69 11.46 -3.25
C PRO A 87 2.92 11.47 -4.18
N PRO A 88 2.74 11.11 -5.43
CA PRO A 88 3.88 11.10 -6.39
C PRO A 88 4.71 12.39 -6.31
N GLY A 89 5.99 12.29 -6.04
CA GLY A 89 6.82 13.52 -5.94
C GLY A 89 8.30 13.15 -6.10
N PRO A 90 9.19 14.08 -5.85
CA PRO A 90 10.66 13.82 -5.97
C PRO A 90 11.13 12.62 -5.13
N ASN A 91 12.31 12.70 -4.60
CA ASN A 91 12.86 11.58 -3.79
C ASN A 91 11.99 11.30 -2.57
N TYR A 92 11.53 12.33 -1.90
CA TYR A 92 10.68 12.09 -0.70
C TYR A 92 9.28 11.63 -1.13
N GLY A 93 8.84 12.01 -2.29
CA GLY A 93 7.50 11.57 -2.74
C GLY A 93 7.55 10.09 -3.11
N GLY A 94 6.42 9.49 -3.36
CA GLY A 94 6.40 8.05 -3.72
C GLY A 94 7.12 7.24 -2.64
N ASP A 95 6.52 7.11 -1.49
CA ASP A 95 7.16 6.33 -0.40
C ASP A 95 6.08 5.77 0.53
N ALA A 96 6.40 4.79 1.34
CA ALA A 96 5.39 4.22 2.27
C ALA A 96 6.06 3.70 3.54
N HIS A 97 5.71 4.26 4.67
CA HIS A 97 6.31 3.82 5.97
C HIS A 97 5.31 2.95 6.75
N PHE A 98 5.78 1.87 7.31
CA PHE A 98 4.89 0.95 8.09
C PHE A 98 5.35 0.93 9.54
N ASP A 99 4.44 0.88 10.48
CA ASP A 99 4.86 0.86 11.92
C ASP A 99 5.31 -0.55 12.30
N ASP A 100 6.51 -0.68 12.79
CA ASP A 100 7.02 -2.04 13.19
C ASP A 100 6.55 -2.37 14.60
N ASP A 101 5.81 -1.49 15.22
CA ASP A 101 5.35 -1.76 16.61
C ASP A 101 4.14 -2.69 16.59
N GLU A 102 3.50 -2.83 15.45
CA GLU A 102 2.31 -3.73 15.37
C GLU A 102 2.76 -5.12 14.91
N THR A 103 1.88 -6.08 14.96
CA THR A 103 2.24 -7.46 14.52
C THR A 103 1.74 -7.67 13.10
N TRP A 104 2.63 -7.72 12.15
CA TRP A 104 2.19 -7.90 10.72
C TRP A 104 2.04 -9.40 10.44
N THR A 105 0.90 -9.80 9.91
CA THR A 105 0.66 -11.25 9.61
C THR A 105 -0.08 -11.37 8.28
N SER A 106 0.09 -12.47 7.60
CA SER A 106 -0.61 -12.68 6.31
C SER A 106 -1.87 -13.53 6.55
N SER A 107 -2.05 -13.99 7.76
CA SER A 107 -3.24 -14.84 8.07
C SER A 107 -4.41 -13.94 8.50
N SER A 108 -4.86 -14.08 9.72
CA SER A 108 -6.00 -13.24 10.20
C SER A 108 -5.78 -12.82 11.67
N LYS A 109 -4.75 -12.06 11.94
CA LYS A 109 -4.48 -11.60 13.34
C LYS A 109 -3.92 -10.18 13.30
N GLY A 110 -4.08 -9.43 14.37
CA GLY A 110 -3.55 -8.04 14.37
C GLY A 110 -4.02 -7.31 13.11
N TYR A 111 -3.16 -6.54 12.50
CA TYR A 111 -3.55 -5.80 11.26
C TYR A 111 -3.03 -6.56 10.03
N ASN A 112 -3.92 -6.99 9.17
CA ASN A 112 -3.48 -7.75 7.96
C ASN A 112 -2.60 -6.86 7.08
N LEU A 113 -1.44 -7.34 6.72
CA LEU A 113 -0.52 -6.54 5.87
C LEU A 113 -1.20 -6.21 4.54
N PHE A 114 -1.90 -7.15 3.97
CA PHE A 114 -2.57 -6.91 2.66
C PHE A 114 -3.55 -5.74 2.77
N LEU A 115 -4.31 -5.64 3.84
CA LEU A 115 -5.27 -4.49 3.96
C LEU A 115 -4.50 -3.16 3.93
N VAL A 116 -3.51 -3.02 4.76
CA VAL A 116 -2.74 -1.74 4.82
C VAL A 116 -1.95 -1.54 3.53
N ALA A 117 -1.30 -2.56 3.04
CA ALA A 117 -0.49 -2.42 1.80
C ALA A 117 -1.41 -1.98 0.64
N ALA A 118 -2.47 -2.68 0.43
CA ALA A 118 -3.40 -2.32 -0.67
C ALA A 118 -3.96 -0.90 -0.45
N HIS A 119 -4.27 -0.56 0.77
CA HIS A 119 -4.84 0.78 1.05
C HIS A 119 -3.86 1.91 0.68
N GLU A 120 -2.63 1.83 1.11
CA GLU A 120 -1.67 2.93 0.77
C GLU A 120 -1.53 3.06 -0.75
N PHE A 121 -1.50 1.97 -1.47
CA PHE A 121 -1.38 2.09 -2.94
C PHE A 121 -2.58 2.86 -3.48
N GLY A 122 -3.75 2.63 -2.94
CA GLY A 122 -4.95 3.36 -3.43
C GLY A 122 -4.69 4.86 -3.33
N HIS A 123 -4.12 5.31 -2.24
CA HIS A 123 -3.85 6.77 -2.09
C HIS A 123 -2.77 7.20 -3.09
N SER A 124 -1.77 6.38 -3.28
CA SER A 124 -0.67 6.74 -4.25
C SER A 124 -1.24 6.78 -5.67
N LEU A 125 -2.34 6.11 -5.90
CA LEU A 125 -2.95 6.09 -7.26
C LEU A 125 -3.78 7.36 -7.46
N GLY A 126 -3.84 8.21 -6.46
CA GLY A 126 -4.61 9.48 -6.59
C GLY A 126 -6.06 9.28 -6.12
N LEU A 127 -6.38 8.15 -5.56
CA LEU A 127 -7.78 7.93 -5.07
C LEU A 127 -7.92 8.45 -3.64
N ASP A 128 -9.10 8.90 -3.29
CA ASP A 128 -9.34 9.43 -1.90
C ASP A 128 -10.05 8.36 -1.08
N HIS A 129 -10.24 8.58 0.20
CA HIS A 129 -10.93 7.56 1.04
C HIS A 129 -12.31 7.29 0.46
N SER A 130 -12.70 6.04 0.42
CA SER A 130 -14.04 5.67 -0.14
C SER A 130 -15.04 5.48 0.99
N LYS A 131 -16.30 5.74 0.73
CA LYS A 131 -17.34 5.58 1.79
C LYS A 131 -18.02 4.23 1.63
N ASP A 132 -17.59 3.44 0.68
CA ASP A 132 -18.22 2.10 0.50
C ASP A 132 -17.48 1.10 1.42
N PRO A 133 -18.17 0.32 2.23
CA PRO A 133 -17.48 -0.65 3.13
C PRO A 133 -16.82 -1.80 2.34
N GLY A 134 -17.13 -1.92 1.07
CA GLY A 134 -16.54 -3.01 0.25
C GLY A 134 -15.28 -2.50 -0.46
N ALA A 135 -15.05 -1.22 -0.38
CA ALA A 135 -13.85 -0.64 -1.04
C ALA A 135 -12.64 -0.77 -0.10
N LEU A 136 -11.51 -1.16 -0.61
CA LEU A 136 -10.31 -1.31 0.25
C LEU A 136 -9.96 0.04 0.88
N MET A 137 -10.12 1.10 0.14
CA MET A 137 -9.77 2.46 0.66
C MET A 137 -10.76 2.90 1.75
N PHE A 138 -11.44 1.99 2.39
CA PHE A 138 -12.39 2.39 3.47
C PHE A 138 -11.56 2.95 4.66
N PRO A 139 -11.91 4.09 5.23
CA PRO A 139 -11.09 4.67 6.35
C PRO A 139 -11.01 3.79 7.62
N ILE A 140 -11.68 2.65 7.64
CA ILE A 140 -11.61 1.76 8.87
C ILE A 140 -11.00 0.40 8.51
N TYR A 141 -10.18 -0.13 9.38
CA TYR A 141 -9.53 -1.45 9.09
C TYR A 141 -10.53 -2.60 9.29
N THR A 142 -10.67 -3.45 8.28
CA THR A 142 -11.61 -4.61 8.39
C THR A 142 -11.03 -5.82 7.65
N TYR A 143 -11.20 -7.01 8.17
CA TYR A 143 -10.65 -8.21 7.50
C TYR A 143 -11.60 -8.64 6.36
N THR A 144 -11.06 -9.23 5.32
CA THR A 144 -11.91 -9.65 4.16
C THR A 144 -11.35 -10.94 3.55
N GLY A 145 -12.15 -11.63 2.78
CA GLY A 145 -11.67 -12.89 2.14
C GLY A 145 -10.94 -12.54 0.83
N LYS A 146 -9.63 -12.59 0.85
CA LYS A 146 -8.85 -12.25 -0.38
C LYS A 146 -8.88 -13.42 -1.35
N SER A 147 -9.60 -14.46 -1.01
CA SER A 147 -9.67 -15.65 -1.90
C SER A 147 -10.24 -15.24 -3.27
N HIS A 148 -11.33 -14.51 -3.28
CA HIS A 148 -11.94 -14.08 -4.58
C HIS A 148 -12.30 -12.59 -4.53
N PHE A 149 -11.71 -11.84 -3.62
CA PHE A 149 -12.03 -10.38 -3.55
C PHE A 149 -11.55 -9.67 -4.82
N MET A 150 -12.35 -8.74 -5.31
CA MET A 150 -11.98 -7.97 -6.52
C MET A 150 -12.35 -6.49 -6.30
N LEU A 151 -11.63 -5.57 -6.88
CA LEU A 151 -11.98 -4.14 -6.68
C LEU A 151 -13.47 -3.93 -7.01
N PRO A 152 -14.28 -3.31 -6.15
CA PRO A 152 -15.72 -3.10 -6.48
C PRO A 152 -15.91 -2.11 -7.63
N ASP A 153 -17.12 -1.93 -8.06
CA ASP A 153 -17.40 -0.98 -9.17
C ASP A 153 -16.94 0.43 -8.79
N ASP A 154 -17.15 0.82 -7.56
CA ASP A 154 -16.76 2.20 -7.12
C ASP A 154 -15.26 2.40 -7.38
N ASP A 155 -14.44 1.48 -6.98
CA ASP A 155 -12.97 1.65 -7.20
C ASP A 155 -12.66 1.51 -8.69
N VAL A 156 -13.29 0.60 -9.37
CA VAL A 156 -13.01 0.42 -10.83
C VAL A 156 -13.41 1.70 -11.59
N GLN A 157 -14.59 2.21 -11.35
CA GLN A 157 -15.02 3.46 -12.06
C GLN A 157 -14.06 4.61 -11.74
N GLY A 158 -13.63 4.72 -10.51
CA GLY A 158 -12.71 5.85 -10.13
C GLY A 158 -11.31 5.67 -10.72
N ILE A 159 -10.69 4.54 -10.47
CA ILE A 159 -9.30 4.34 -11.02
C ILE A 159 -9.35 4.41 -12.55
N GLN A 160 -10.34 3.84 -13.15
CA GLN A 160 -10.44 3.87 -14.63
C GLN A 160 -10.63 5.31 -15.10
N SER A 161 -11.42 6.08 -14.39
CA SER A 161 -11.67 7.50 -14.80
C SER A 161 -10.38 8.31 -14.65
N LEU A 162 -9.50 7.92 -13.77
CA LEU A 162 -8.23 8.69 -13.58
C LEU A 162 -7.17 8.21 -14.57
N TYR A 163 -6.93 6.93 -14.64
CA TYR A 163 -5.90 6.39 -15.58
C TYR A 163 -6.53 6.04 -16.92
N GLY A 164 -7.83 6.06 -17.01
CA GLY A 164 -8.50 5.73 -18.29
C GLY A 164 -8.68 4.21 -18.40
ZN ZN B . -6.06 6.35 4.08
ZN ZN C . 6.52 7.62 8.30
CA CA D . 0.14 3.05 15.04
C1 WAY E . -5.83 6.73 9.63
C2 WAY E . -5.49 7.51 8.43
CF2 WAY E . -5.06 8.90 8.60
CH WAY E . -4.95 9.51 9.91
CF1 WAY E . -5.29 8.73 11.08
C6 WAY E . -5.73 7.35 10.97
C10 WAY E . -5.55 7.04 7.02
O11 WAY E . -6.54 7.19 6.33
N12 WAY E . -4.62 6.17 6.59
O13 WAY E . -4.90 5.50 5.38
CE WAY E . -6.07 6.60 12.24
N20 WAY E . -6.26 5.42 9.56
S21 WAY E . -5.12 4.19 9.63
CD WAY E . -7.69 5.14 9.35
CK WAY E . -9.46 3.62 12.48
CM WAY E . -10.11 4.80 12.97
N25 WAY E . -9.99 6.03 12.32
CJ WAY E . -9.21 6.12 11.15
C27 WAY E . -8.52 4.99 10.60
CI WAY E . -8.66 3.73 11.29
C35 WAY E . -5.43 2.97 8.37
CC1 WAY E . -4.56 2.86 7.22
CB1 WAY E . -4.82 1.87 6.19
C38 WAY E . -5.97 0.96 6.30
CB2 WAY E . -6.85 1.09 7.49
CC2 WAY E . -6.58 2.09 8.50
O45 WAY E . -6.17 -0.01 5.24
CA WAY E . -7.25 -0.95 5.24
O50 WAY E . -5.31 3.53 10.89
O51 WAY E . -3.82 4.74 9.35
HF2 WAY E . -4.79 9.49 7.73
HH WAY E . -4.63 10.53 10.00
HF1 WAY E . -5.21 9.20 12.05
H14 WAY E . -3.78 6.00 7.11
H15 WAY E . -4.13 5.58 4.81
HE1 WAY E . -7.07 6.85 12.59
HE2 WAY E . -5.37 6.85 13.04
HE3 WAY E . -6.02 5.53 12.09
HD1 WAY E . -7.77 4.23 8.75
HD2 WAY E . -8.09 5.96 8.75
HK WAY E . -9.56 2.67 12.99
HL WAY E . -10.71 4.74 13.86
HJ WAY E . -9.11 7.07 10.65
HI WAY E . -8.16 2.85 10.90
HC1 WAY E . -3.71 3.53 7.14
HB1 WAY E . -4.15 1.80 5.34
HB2 WAY E . -7.70 0.45 7.61
HC2 WAY E . -7.22 2.18 9.37
HA1 WAY E . -7.22 -1.58 4.35
HA2 WAY E . -8.21 -0.43 5.26
HA3 WAY E . -7.20 -1.59 6.12
N THR A 7 -7.48 13.97 -10.11
CA THR A 7 -6.68 15.22 -10.36
C THR A 7 -5.19 14.87 -10.44
N LEU A 8 -4.57 14.66 -9.31
CA LEU A 8 -3.12 14.32 -9.31
C LEU A 8 -2.92 12.95 -9.94
N LYS A 9 -1.90 12.78 -10.73
CA LYS A 9 -1.64 11.46 -11.37
C LYS A 9 -0.18 11.40 -11.82
N TRP A 10 0.34 10.22 -12.05
CA TRP A 10 1.76 10.10 -12.49
C TRP A 10 1.87 10.57 -13.95
N SER A 11 3.01 11.08 -14.33
CA SER A 11 3.18 11.58 -15.74
C SER A 11 3.60 10.43 -16.66
N LYS A 12 3.71 9.23 -16.14
CA LYS A 12 4.11 8.08 -17.01
C LYS A 12 3.47 6.80 -16.46
N MET A 13 3.28 5.82 -17.31
CA MET A 13 2.64 4.54 -16.83
C MET A 13 3.73 3.57 -16.37
N ASN A 14 4.97 3.97 -16.41
CA ASN A 14 6.06 3.07 -15.95
C ASN A 14 6.40 3.41 -14.50
N LEU A 15 6.41 2.43 -13.63
CA LEU A 15 6.73 2.70 -12.19
C LEU A 15 7.58 1.56 -11.63
N THR A 16 8.42 1.84 -10.66
CA THR A 16 9.29 0.79 -10.06
C THR A 16 9.19 0.87 -8.54
N TYR A 17 9.46 -0.22 -7.85
CA TYR A 17 9.38 -0.19 -6.35
C TYR A 17 10.48 -1.08 -5.76
N ARG A 18 10.80 -0.86 -4.51
CA ARG A 18 11.87 -1.67 -3.85
C ARG A 18 11.54 -1.87 -2.37
N ILE A 19 11.71 -3.07 -1.88
CA ILE A 19 11.43 -3.33 -0.43
C ILE A 19 12.72 -3.05 0.36
N VAL A 20 12.71 -2.04 1.20
CA VAL A 20 13.94 -1.72 1.99
C VAL A 20 14.19 -2.85 2.98
N ASN A 21 13.15 -3.36 3.60
CA ASN A 21 13.36 -4.45 4.59
C ASN A 21 12.06 -5.20 4.84
N TYR A 22 12.17 -6.40 5.37
CA TYR A 22 10.96 -7.21 5.67
C TYR A 22 10.69 -7.10 7.18
N THR A 23 9.82 -7.92 7.72
CA THR A 23 9.53 -7.84 9.19
C THR A 23 9.85 -9.19 9.87
N PRO A 24 10.27 -9.20 11.13
CA PRO A 24 10.55 -10.48 11.83
C PRO A 24 9.24 -11.22 12.11
N ASP A 25 8.16 -10.53 11.93
CA ASP A 25 6.81 -11.12 12.17
C ASP A 25 6.59 -12.33 11.27
N MET A 26 7.02 -12.27 10.04
CA MET A 26 6.81 -13.43 9.11
C MET A 26 8.07 -13.63 8.26
N THR A 27 8.14 -14.70 7.53
CA THR A 27 9.33 -14.96 6.69
C THR A 27 9.31 -14.01 5.48
N HIS A 28 10.43 -13.81 4.86
CA HIS A 28 10.51 -12.89 3.69
C HIS A 28 9.60 -13.40 2.57
N SER A 29 9.56 -14.69 2.35
CA SER A 29 8.70 -15.22 1.26
C SER A 29 7.24 -14.84 1.51
N GLU A 30 6.80 -14.89 2.74
CA GLU A 30 5.39 -14.51 3.03
C GLU A 30 5.14 -13.05 2.68
N VAL A 31 6.02 -12.18 3.07
CA VAL A 31 5.85 -10.73 2.77
C VAL A 31 5.95 -10.51 1.25
N GLU A 32 6.86 -11.18 0.61
CA GLU A 32 7.04 -10.98 -0.86
C GLU A 32 5.72 -11.19 -1.61
N LYS A 33 5.10 -12.33 -1.47
CA LYS A 33 3.82 -12.55 -2.22
C LYS A 33 2.76 -11.55 -1.76
N ALA A 34 2.79 -11.15 -0.52
CA ALA A 34 1.75 -10.18 -0.04
C ALA A 34 1.75 -8.93 -0.93
N PHE A 35 2.90 -8.35 -1.16
CA PHE A 35 2.95 -7.14 -2.02
C PHE A 35 2.54 -7.50 -3.45
N LYS A 36 2.96 -8.64 -3.94
CA LYS A 36 2.60 -9.03 -5.34
C LYS A 36 1.08 -9.10 -5.46
N LYS A 37 0.41 -9.64 -4.48
CA LYS A 37 -1.08 -9.73 -4.55
C LYS A 37 -1.65 -8.31 -4.69
N ALA A 38 -1.13 -7.39 -3.91
CA ALA A 38 -1.64 -5.99 -3.98
C ALA A 38 -1.41 -5.41 -5.38
N PHE A 39 -0.23 -5.55 -5.93
CA PHE A 39 0.03 -4.98 -7.30
C PHE A 39 -0.87 -5.67 -8.33
N LYS A 40 -1.05 -6.96 -8.22
CA LYS A 40 -1.92 -7.68 -9.20
C LYS A 40 -3.34 -7.11 -9.17
N VAL A 41 -3.88 -6.90 -8.00
CA VAL A 41 -5.26 -6.35 -7.91
C VAL A 41 -5.33 -4.98 -8.61
N TRP A 42 -4.36 -4.15 -8.42
CA TRP A 42 -4.39 -2.79 -9.06
C TRP A 42 -3.97 -2.88 -10.53
N SER A 43 -3.02 -3.70 -10.86
CA SER A 43 -2.57 -3.79 -12.28
C SER A 43 -3.67 -4.44 -13.13
N ASP A 44 -4.59 -5.12 -12.49
CA ASP A 44 -5.70 -5.79 -13.23
C ASP A 44 -6.52 -4.76 -14.02
N VAL A 45 -6.79 -3.60 -13.45
CA VAL A 45 -7.61 -2.57 -14.15
C VAL A 45 -6.80 -1.29 -14.37
N THR A 46 -5.52 -1.40 -14.63
CA THR A 46 -4.70 -0.18 -14.86
C THR A 46 -3.51 -0.52 -15.80
N PRO A 47 -3.22 0.30 -16.81
CA PRO A 47 -2.07 0.02 -17.71
C PRO A 47 -0.71 0.29 -17.03
N LEU A 48 -0.72 0.52 -15.75
CA LEU A 48 0.57 0.80 -15.04
C LEU A 48 1.44 -0.45 -15.01
N ASN A 49 2.72 -0.29 -15.27
CA ASN A 49 3.66 -1.44 -15.26
C ASN A 49 4.54 -1.34 -14.02
N PHE A 50 4.51 -2.33 -13.17
CA PHE A 50 5.32 -2.29 -11.91
C PHE A 50 6.49 -3.28 -12.03
N THR A 51 7.70 -2.80 -11.85
CA THR A 51 8.91 -3.69 -11.94
C THR A 51 9.68 -3.68 -10.61
N ARG A 52 10.00 -4.83 -10.08
CA ARG A 52 10.75 -4.89 -8.80
C ARG A 52 12.25 -4.68 -9.08
N LEU A 53 12.89 -3.79 -8.37
CA LEU A 53 14.35 -3.54 -8.59
C LEU A 53 15.14 -4.16 -7.44
N HIS A 54 16.25 -4.77 -7.72
CA HIS A 54 17.07 -5.39 -6.64
C HIS A 54 18.15 -4.41 -6.19
N ASP A 55 18.39 -3.38 -6.94
CA ASP A 55 19.45 -2.39 -6.55
C ASP A 55 19.08 -0.99 -7.07
N GLY A 56 19.65 0.03 -6.50
CA GLY A 56 19.35 1.42 -6.96
C GLY A 56 18.14 1.96 -6.19
N ILE A 57 17.74 3.17 -6.47
CA ILE A 57 16.56 3.78 -5.76
C ILE A 57 15.30 3.62 -6.63
N ALA A 58 14.18 3.30 -6.02
CA ALA A 58 12.92 3.13 -6.81
C ALA A 58 11.96 4.27 -6.46
N ASP A 59 11.05 4.60 -7.34
CA ASP A 59 10.10 5.70 -7.05
C ASP A 59 9.31 5.36 -5.78
N ILE A 60 8.75 4.18 -5.72
CA ILE A 60 7.96 3.78 -4.52
C ILE A 60 8.78 2.82 -3.66
N MET A 61 9.39 3.29 -2.61
CA MET A 61 10.18 2.39 -1.72
C MET A 61 9.34 2.03 -0.49
N ILE A 62 9.40 0.79 -0.08
CA ILE A 62 8.61 0.33 1.11
C ILE A 62 9.56 0.04 2.27
N SER A 63 9.28 0.54 3.44
CA SER A 63 10.20 0.27 4.59
C SER A 63 9.40 0.24 5.89
N PHE A 64 9.85 -0.53 6.85
CA PHE A 64 9.14 -0.63 8.16
C PHE A 64 9.89 0.22 9.19
N GLY A 65 9.21 1.17 9.81
CA GLY A 65 9.88 2.04 10.82
C GLY A 65 9.44 1.66 12.23
N ILE A 66 9.71 2.51 13.19
CA ILE A 66 9.31 2.23 14.60
C ILE A 66 8.65 3.48 15.18
N LYS A 67 8.00 3.36 16.32
CA LYS A 67 7.29 4.52 16.96
C LYS A 67 7.98 5.85 16.62
N GLU A 68 9.02 6.20 17.32
CA GLU A 68 9.71 7.49 17.03
C GLU A 68 10.56 7.36 15.76
N HIS A 69 10.39 8.26 14.83
CA HIS A 69 11.19 8.20 13.58
C HIS A 69 11.18 9.58 12.92
N GLY A 70 12.01 9.79 11.93
CA GLY A 70 12.06 11.12 11.26
C GLY A 70 10.67 11.49 10.72
N ASP A 71 9.90 12.23 11.47
CA ASP A 71 8.54 12.64 10.99
C ASP A 71 7.96 13.68 11.96
N PHE A 72 7.29 14.67 11.46
CA PHE A 72 6.70 15.70 12.37
C PHE A 72 5.52 15.08 13.13
N TYR A 73 4.96 14.00 12.63
CA TYR A 73 3.81 13.33 13.32
C TYR A 73 4.10 11.83 13.45
N PRO A 74 4.94 11.45 14.39
CA PRO A 74 5.28 10.00 14.56
C PRO A 74 4.04 9.12 14.74
N PHE A 75 4.22 7.88 15.10
CA PHE A 75 3.05 6.98 15.28
C PHE A 75 2.53 7.13 16.72
N ASP A 76 1.36 6.60 17.01
CA ASP A 76 0.79 6.74 18.38
C ASP A 76 0.90 5.42 19.15
N GLY A 77 1.78 4.54 18.74
CA GLY A 77 1.94 3.22 19.46
C GLY A 77 1.46 2.08 18.54
N PRO A 78 1.08 0.95 19.09
CA PRO A 78 0.60 -0.19 18.25
C PRO A 78 -0.59 0.20 17.36
N SER A 79 -1.72 0.45 17.94
CA SER A 79 -2.92 0.83 17.14
C SER A 79 -2.80 2.30 16.68
N GLY A 80 -3.59 2.67 15.69
CA GLY A 80 -3.55 4.07 15.18
C GLY A 80 -3.07 4.08 13.73
N LEU A 81 -2.09 4.89 13.42
CA LEU A 81 -1.56 4.95 12.03
C LEU A 81 -0.83 3.64 11.71
N LEU A 82 -1.41 2.80 10.90
CA LEU A 82 -0.73 1.52 10.56
C LEU A 82 0.35 1.79 9.52
N ALA A 83 0.22 2.86 8.79
CA ALA A 83 1.24 3.20 7.76
C ALA A 83 0.87 4.54 7.12
N HIS A 84 1.71 5.07 6.29
CA HIS A 84 1.38 6.37 5.64
C HIS A 84 2.27 6.56 4.40
N ALA A 85 1.88 7.44 3.52
CA ALA A 85 2.68 7.69 2.30
C ALA A 85 2.52 9.16 1.89
N PHE A 86 3.49 9.70 1.19
CA PHE A 86 3.39 11.14 0.77
C PHE A 86 2.76 11.19 -0.64
N PRO A 87 2.07 12.25 -0.99
CA PRO A 87 1.46 12.33 -2.35
C PRO A 87 2.48 11.99 -3.44
N PRO A 88 2.05 11.81 -4.67
CA PRO A 88 2.99 11.47 -5.77
C PRO A 88 4.05 12.57 -5.96
N GLY A 89 5.02 12.62 -5.08
CA GLY A 89 6.09 13.65 -5.20
C GLY A 89 7.27 13.06 -5.98
N PRO A 90 8.36 13.79 -6.08
CA PRO A 90 9.56 13.31 -6.83
C PRO A 90 10.05 11.93 -6.34
N ASN A 91 11.34 11.73 -6.36
CA ASN A 91 11.93 10.43 -5.91
C ASN A 91 11.55 10.18 -4.45
N TYR A 92 11.58 11.20 -3.64
CA TYR A 92 11.23 11.02 -2.20
C TYR A 92 9.73 10.70 -2.07
N GLY A 93 8.89 11.33 -2.84
CA GLY A 93 7.42 11.07 -2.74
C GLY A 93 7.10 9.65 -3.22
N GLY A 94 5.88 9.21 -3.01
CA GLY A 94 5.48 7.84 -3.45
C GLY A 94 6.05 6.81 -2.45
N ASP A 95 6.62 7.26 -1.38
CA ASP A 95 7.19 6.31 -0.39
C ASP A 95 6.09 5.76 0.50
N ALA A 96 6.39 4.75 1.29
CA ALA A 96 5.36 4.16 2.19
C ALA A 96 6.02 3.69 3.49
N HIS A 97 5.56 4.19 4.61
CA HIS A 97 6.15 3.78 5.92
C HIS A 97 5.19 2.83 6.65
N PHE A 98 5.72 1.78 7.23
CA PHE A 98 4.86 0.80 7.98
C PHE A 98 5.34 0.73 9.42
N ASP A 99 4.45 0.55 10.36
CA ASP A 99 4.88 0.49 11.79
C ASP A 99 5.47 -0.89 12.09
N ASP A 100 6.70 -0.93 12.54
CA ASP A 100 7.32 -2.25 12.87
C ASP A 100 6.95 -2.62 14.31
N ASP A 101 6.33 -1.73 15.02
CA ASP A 101 5.93 -2.02 16.42
C ASP A 101 4.63 -2.81 16.43
N GLU A 102 3.97 -2.87 15.30
CA GLU A 102 2.68 -3.61 15.22
C GLU A 102 2.95 -5.06 14.81
N THR A 103 1.95 -5.90 14.88
CA THR A 103 2.14 -7.34 14.51
C THR A 103 1.58 -7.55 13.10
N TRP A 104 2.45 -7.70 12.13
CA TRP A 104 1.98 -7.92 10.72
C TRP A 104 1.81 -9.42 10.49
N THR A 105 0.64 -9.83 10.07
CA THR A 105 0.38 -11.29 9.84
C THR A 105 -0.48 -11.47 8.59
N SER A 106 -0.41 -12.64 7.99
CA SER A 106 -1.25 -12.91 6.79
C SER A 106 -2.52 -13.63 7.24
N SER A 107 -2.57 -14.03 8.49
CA SER A 107 -3.78 -14.72 9.03
C SER A 107 -4.70 -13.68 9.64
N SER A 108 -5.89 -14.06 10.02
CA SER A 108 -6.83 -13.08 10.62
C SER A 108 -6.37 -12.69 12.03
N LYS A 109 -5.35 -11.88 12.13
CA LYS A 109 -4.87 -11.46 13.49
C LYS A 109 -4.29 -10.04 13.39
N GLY A 110 -4.36 -9.28 14.45
CA GLY A 110 -3.80 -7.90 14.41
C GLY A 110 -4.21 -7.22 13.10
N TYR A 111 -3.29 -6.51 12.47
CA TYR A 111 -3.61 -5.81 11.18
C TYR A 111 -3.03 -6.62 10.01
N ASN A 112 -3.88 -7.11 9.14
CA ASN A 112 -3.38 -7.90 7.97
C ASN A 112 -2.52 -7.00 7.06
N LEU A 113 -1.35 -7.44 6.72
CA LEU A 113 -0.46 -6.63 5.84
C LEU A 113 -1.12 -6.34 4.49
N PHE A 114 -1.80 -7.30 3.92
CA PHE A 114 -2.44 -7.07 2.59
C PHE A 114 -3.43 -5.90 2.68
N LEU A 115 -4.17 -5.80 3.75
CA LEU A 115 -5.16 -4.68 3.87
C LEU A 115 -4.42 -3.34 3.78
N VAL A 116 -3.51 -3.11 4.69
CA VAL A 116 -2.77 -1.81 4.70
C VAL A 116 -1.95 -1.65 3.41
N ALA A 117 -1.32 -2.70 2.97
CA ALA A 117 -0.50 -2.58 1.71
C ALA A 117 -1.41 -2.17 0.56
N ALA A 118 -2.51 -2.83 0.38
CA ALA A 118 -3.43 -2.46 -0.73
C ALA A 118 -3.91 -1.01 -0.55
N HIS A 119 -4.18 -0.61 0.66
CA HIS A 119 -4.70 0.76 0.93
C HIS A 119 -3.65 1.83 0.57
N GLU A 120 -2.43 1.70 1.03
CA GLU A 120 -1.42 2.75 0.71
C GLU A 120 -1.29 2.90 -0.81
N PHE A 121 -1.29 1.80 -1.53
CA PHE A 121 -1.17 1.91 -3.01
C PHE A 121 -2.34 2.73 -3.55
N GLY A 122 -3.52 2.54 -3.02
CA GLY A 122 -4.70 3.31 -3.50
C GLY A 122 -4.42 4.80 -3.41
N HIS A 123 -3.88 5.26 -2.32
CA HIS A 123 -3.58 6.71 -2.18
C HIS A 123 -2.52 7.12 -3.20
N SER A 124 -1.53 6.28 -3.40
CA SER A 124 -0.46 6.62 -4.39
C SER A 124 -1.07 6.71 -5.79
N LEU A 125 -2.19 6.06 -6.01
CA LEU A 125 -2.83 6.10 -7.35
C LEU A 125 -3.70 7.36 -7.48
N GLY A 126 -3.77 8.16 -6.45
CA GLY A 126 -4.59 9.42 -6.52
C GLY A 126 -6.03 9.15 -6.07
N LEU A 127 -6.30 8.01 -5.49
CA LEU A 127 -7.69 7.73 -5.03
C LEU A 127 -7.92 8.31 -3.63
N ASP A 128 -9.10 8.81 -3.37
CA ASP A 128 -9.40 9.40 -2.03
C ASP A 128 -10.14 8.36 -1.18
N HIS A 129 -10.32 8.63 0.09
CA HIS A 129 -11.02 7.65 0.97
C HIS A 129 -12.45 7.40 0.44
N SER A 130 -12.87 6.16 0.44
CA SER A 130 -14.25 5.83 -0.03
C SER A 130 -15.14 5.63 1.20
N LYS A 131 -16.43 5.83 1.06
CA LYS A 131 -17.35 5.65 2.23
C LYS A 131 -18.01 4.28 2.17
N ASP A 132 -17.62 3.46 1.23
CA ASP A 132 -18.23 2.10 1.14
C ASP A 132 -17.44 1.13 2.06
N PRO A 133 -18.08 0.37 2.93
CA PRO A 133 -17.32 -0.55 3.83
C PRO A 133 -16.63 -1.68 3.05
N GLY A 134 -17.11 -2.01 1.88
CA GLY A 134 -16.48 -3.11 1.09
C GLY A 134 -15.34 -2.56 0.26
N ALA A 135 -15.14 -1.27 0.25
CA ALA A 135 -14.02 -0.69 -0.54
C ALA A 135 -12.75 -0.73 0.31
N LEU A 136 -11.63 -0.96 -0.31
CA LEU A 136 -10.36 -1.01 0.46
C LEU A 136 -10.02 0.39 0.98
N MET A 137 -10.37 1.40 0.22
CA MET A 137 -10.06 2.80 0.64
C MET A 137 -10.96 3.23 1.82
N PHE A 138 -11.52 2.30 2.53
CA PHE A 138 -12.40 2.67 3.69
C PHE A 138 -11.50 3.28 4.80
N PRO A 139 -11.86 4.42 5.39
CA PRO A 139 -11.00 5.04 6.44
C PRO A 139 -10.85 4.19 7.72
N ILE A 140 -11.55 3.08 7.81
CA ILE A 140 -11.45 2.20 9.04
C ILE A 140 -10.91 0.84 8.63
N TYR A 141 -10.06 0.27 9.46
CA TYR A 141 -9.47 -1.05 9.12
C TYR A 141 -10.50 -2.16 9.32
N THR A 142 -10.66 -3.01 8.34
CA THR A 142 -11.64 -4.14 8.44
C THR A 142 -11.02 -5.38 7.81
N TYR A 143 -11.25 -6.55 8.37
CA TYR A 143 -10.65 -7.77 7.78
C TYR A 143 -11.47 -8.23 6.57
N THR A 144 -10.80 -8.75 5.57
CA THR A 144 -11.50 -9.24 4.34
C THR A 144 -11.02 -10.66 4.01
N GLY A 145 -11.90 -11.52 3.60
CA GLY A 145 -11.48 -12.89 3.24
C GLY A 145 -10.80 -12.83 1.87
N LYS A 146 -9.53 -13.09 1.81
CA LYS A 146 -8.83 -13.01 0.50
C LYS A 146 -9.24 -14.19 -0.38
N SER A 147 -10.16 -13.97 -1.27
CA SER A 147 -10.61 -15.08 -2.16
C SER A 147 -11.29 -14.48 -3.39
N HIS A 148 -10.61 -14.50 -4.50
CA HIS A 148 -11.19 -13.92 -5.74
C HIS A 148 -11.73 -12.53 -5.45
N PHE A 149 -11.01 -11.75 -4.68
CA PHE A 149 -11.48 -10.37 -4.36
C PHE A 149 -11.05 -9.41 -5.48
N MET A 150 -11.98 -8.64 -5.99
CA MET A 150 -11.64 -7.66 -7.08
C MET A 150 -12.06 -6.26 -6.64
N LEU A 151 -11.36 -5.25 -7.08
CA LEU A 151 -11.74 -3.86 -6.69
C LEU A 151 -13.25 -3.67 -6.97
N PRO A 152 -14.03 -3.15 -6.03
CA PRO A 152 -15.49 -2.97 -6.31
C PRO A 152 -15.75 -1.92 -7.40
N ASP A 153 -16.98 -1.76 -7.79
CA ASP A 153 -17.32 -0.77 -8.83
C ASP A 153 -16.91 0.64 -8.39
N ASP A 154 -17.11 0.96 -7.14
CA ASP A 154 -16.74 2.32 -6.65
C ASP A 154 -15.25 2.58 -6.92
N ASP A 155 -14.40 1.66 -6.54
CA ASP A 155 -12.94 1.88 -6.76
C ASP A 155 -12.61 1.79 -8.26
N VAL A 156 -13.21 0.89 -8.98
CA VAL A 156 -12.91 0.78 -10.43
C VAL A 156 -13.29 2.09 -11.12
N GLN A 157 -14.44 2.61 -10.81
CA GLN A 157 -14.88 3.89 -11.43
C GLN A 157 -13.89 5.02 -11.09
N GLY A 158 -13.40 5.05 -9.88
CA GLY A 158 -12.47 6.14 -9.48
C GLY A 158 -11.11 6.00 -10.19
N ILE A 159 -10.48 4.86 -10.11
CA ILE A 159 -9.15 4.71 -10.77
C ILE A 159 -9.29 4.91 -12.28
N GLN A 160 -10.34 4.40 -12.86
CA GLN A 160 -10.55 4.57 -14.32
C GLN A 160 -10.75 6.05 -14.65
N SER A 161 -11.46 6.75 -13.81
CA SER A 161 -11.71 8.21 -14.08
C SER A 161 -10.40 8.99 -13.92
N LEU A 162 -9.45 8.47 -13.17
CA LEU A 162 -8.17 9.22 -12.98
C LEU A 162 -7.19 8.87 -14.10
N TYR A 163 -6.97 7.61 -14.36
CA TYR A 163 -6.01 7.21 -15.44
C TYR A 163 -6.78 7.00 -16.74
N GLY A 164 -8.08 7.00 -16.69
CA GLY A 164 -8.89 6.80 -17.93
C GLY A 164 -9.20 5.31 -18.11
ZN ZN B . -6.01 6.35 3.93
ZN ZN C . 6.91 7.73 8.81
CA CA D . -0.08 3.02 15.03
C1 WAY E . -5.56 6.93 9.51
C2 WAY E . -5.24 7.65 8.27
CF2 WAY E . -4.72 9.02 8.35
CH WAY E . -4.52 9.67 9.64
CF1 WAY E . -4.84 8.95 10.85
C6 WAY E . -5.36 7.59 10.81
C10 WAY E . -5.39 7.13 6.89
O11 WAY E . -6.14 7.66 6.07
N12 WAY E . -4.57 6.17 6.44
O13 WAY E . -4.65 5.83 5.09
CE WAY E . -5.66 6.92 12.13
N20 WAY E . -6.06 5.64 9.51
S21 WAY E . -5.00 4.36 9.56
CD WAY E . -7.52 5.44 9.38
CK WAY E . -9.11 4.04 12.66
CM WAY E . -9.72 5.25 13.15
N25 WAY E . -9.61 6.46 12.45
CJ WAY E . -8.90 6.50 11.25
C27 WAY E . -8.26 5.35 10.68
CI WAY E . -8.38 4.11 11.41
C35 WAY E . -5.38 3.18 8.28
CC1 WAY E . -4.60 3.18 7.05
CB1 WAY E . -4.91 2.23 6.00
C38 WAY E . -5.99 1.26 6.15
CB2 WAY E . -6.77 1.29 7.42
CC2 WAY E . -6.46 2.24 8.46
O45 WAY E . -6.24 0.34 5.07
CA WAY E . -7.27 -0.65 5.10
O50 WAY E . -5.23 3.68 10.80
O51 WAY E . -3.68 4.83 9.29
HF2 WAY E . -4.48 9.56 7.45
HH WAY E . -4.13 10.67 9.67
HF1 WAY E . -4.68 9.45 11.80
H14 WAY E . -3.94 5.71 7.08
H15 WAY E . -5.35 5.19 4.96
HE1 WAY E . -5.19 7.45 12.96
HE2 WAY E . -5.30 5.90 12.14
HE3 WAY E . -6.74 6.89 12.32
HD1 WAY E . -7.67 4.53 8.81
HD2 WAY E . -7.91 6.28 8.79
HK WAY E . -9.19 3.11 13.20
HL WAY E . -10.26 5.22 14.07
HJ WAY E . -8.82 7.42 10.70
HI WAY E . -7.92 3.21 11.03
HC1 WAY E . -3.80 3.89 6.94
HB1 WAY E . -4.32 2.24 5.10
HB2 WAY E . -7.58 0.59 7.57
HC2 WAY E . -7.02 2.26 9.39
HA1 WAY E . -7.28 -1.24 4.18
HA2 WAY E . -8.25 -0.18 5.22
HA3 WAY E . -7.12 -1.33 5.94
N THR A 7 -7.82 13.64 -9.47
CA THR A 7 -7.05 14.87 -9.80
C THR A 7 -5.56 14.55 -9.83
N LEU A 8 -5.02 14.02 -8.75
CA LEU A 8 -3.58 13.70 -8.72
C LEU A 8 -3.33 12.41 -9.52
N LYS A 9 -2.27 12.37 -10.29
CA LYS A 9 -1.97 11.14 -11.08
C LYS A 9 -0.50 11.16 -11.51
N TRP A 10 0.04 10.02 -11.85
CA TRP A 10 1.46 9.97 -12.29
C TRP A 10 1.58 10.50 -13.73
N SER A 11 2.71 11.04 -14.08
CA SER A 11 2.88 11.58 -15.46
C SER A 11 3.36 10.47 -16.40
N LYS A 12 3.53 9.27 -15.88
CA LYS A 12 3.99 8.15 -16.76
C LYS A 12 3.41 6.82 -16.24
N MET A 13 3.27 5.86 -17.11
CA MET A 13 2.70 4.55 -16.68
C MET A 13 3.82 3.60 -16.23
N ASN A 14 5.04 4.05 -16.26
CA ASN A 14 6.17 3.17 -15.84
C ASN A 14 6.52 3.50 -14.38
N LEU A 15 6.46 2.53 -13.52
CA LEU A 15 6.78 2.77 -12.07
C LEU A 15 7.62 1.61 -11.54
N THR A 16 8.49 1.87 -10.60
CA THR A 16 9.34 0.79 -10.02
C THR A 16 9.28 0.89 -8.49
N TYR A 17 9.62 -0.17 -7.79
CA TYR A 17 9.57 -0.13 -6.30
C TYR A 17 10.73 -0.92 -5.70
N ARG A 18 11.02 -0.65 -4.45
CA ARG A 18 12.16 -1.35 -3.77
C ARG A 18 11.76 -1.62 -2.30
N ILE A 19 11.93 -2.83 -1.85
CA ILE A 19 11.57 -3.15 -0.44
C ILE A 19 12.78 -2.88 0.46
N VAL A 20 12.67 -1.96 1.39
CA VAL A 20 13.82 -1.65 2.28
C VAL A 20 14.08 -2.83 3.22
N ASN A 21 13.06 -3.47 3.71
CA ASN A 21 13.31 -4.62 4.63
C ASN A 21 12.07 -5.50 4.78
N TYR A 22 12.27 -6.74 5.12
CA TYR A 22 11.12 -7.65 5.35
C TYR A 22 11.01 -7.82 6.88
N THR A 23 10.49 -6.82 7.55
CA THR A 23 10.36 -6.81 9.06
C THR A 23 10.33 -8.25 9.63
N PRO A 24 10.92 -8.49 10.81
CA PRO A 24 10.92 -9.86 11.42
C PRO A 24 9.53 -10.37 11.76
N ASP A 25 8.53 -9.55 11.59
CA ASP A 25 7.14 -9.98 11.89
C ASP A 25 6.78 -11.20 11.05
N MET A 26 7.25 -11.25 9.82
CA MET A 26 6.93 -12.41 8.93
C MET A 26 8.18 -12.81 8.14
N THR A 27 8.19 -13.98 7.57
CA THR A 27 9.37 -14.42 6.79
C THR A 27 9.47 -13.60 5.50
N HIS A 28 10.63 -13.56 4.90
CA HIS A 28 10.78 -12.77 3.65
C HIS A 28 9.84 -13.30 2.56
N SER A 29 9.72 -14.59 2.44
CA SER A 29 8.82 -15.16 1.39
C SER A 29 7.37 -14.71 1.61
N GLU A 30 6.92 -14.67 2.83
CA GLU A 30 5.52 -14.25 3.09
C GLU A 30 5.32 -12.79 2.71
N VAL A 31 6.28 -11.96 3.03
CA VAL A 31 6.17 -10.52 2.71
C VAL A 31 6.21 -10.32 1.19
N GLU A 32 7.04 -11.06 0.51
CA GLU A 32 7.17 -10.90 -0.97
C GLU A 32 5.84 -11.16 -1.69
N LYS A 33 5.20 -12.26 -1.46
CA LYS A 33 3.93 -12.53 -2.19
C LYS A 33 2.87 -11.50 -1.77
N ALA A 34 2.90 -11.05 -0.56
CA ALA A 34 1.87 -10.06 -0.11
C ALA A 34 1.91 -8.81 -1.00
N PHE A 35 3.07 -8.24 -1.19
CA PHE A 35 3.15 -7.02 -2.05
C PHE A 35 2.81 -7.37 -3.50
N LYS A 36 3.22 -8.52 -3.97
CA LYS A 36 2.90 -8.91 -5.38
C LYS A 36 1.39 -8.94 -5.58
N LYS A 37 0.66 -9.45 -4.62
CA LYS A 37 -0.83 -9.51 -4.77
C LYS A 37 -1.37 -8.08 -4.89
N ALA A 38 -0.84 -7.16 -4.12
CA ALA A 38 -1.34 -5.76 -4.17
C ALA A 38 -1.17 -5.18 -5.58
N PHE A 39 -0.03 -5.37 -6.18
CA PHE A 39 0.19 -4.82 -7.55
C PHE A 39 -0.69 -5.55 -8.55
N LYS A 40 -0.83 -6.84 -8.41
CA LYS A 40 -1.68 -7.61 -9.36
C LYS A 40 -3.11 -7.08 -9.32
N VAL A 41 -3.67 -6.91 -8.14
CA VAL A 41 -5.07 -6.41 -8.05
C VAL A 41 -5.23 -5.04 -8.71
N TRP A 42 -4.29 -4.15 -8.50
CA TRP A 42 -4.41 -2.80 -9.12
C TRP A 42 -3.99 -2.86 -10.60
N SER A 43 -3.03 -3.67 -10.93
CA SER A 43 -2.59 -3.76 -12.36
C SER A 43 -3.66 -4.47 -13.18
N ASP A 44 -4.56 -5.16 -12.53
CA ASP A 44 -5.63 -5.88 -13.26
C ASP A 44 -6.46 -4.91 -14.10
N VAL A 45 -6.76 -3.74 -13.58
CA VAL A 45 -7.59 -2.75 -14.35
C VAL A 45 -6.74 -1.53 -14.75
N THR A 46 -5.66 -1.27 -14.07
CA THR A 46 -4.80 -0.09 -14.43
C THR A 46 -3.67 -0.54 -15.40
N PRO A 47 -3.41 0.16 -16.50
CA PRO A 47 -2.31 -0.26 -17.42
C PRO A 47 -0.92 0.09 -16.85
N LEU A 48 -0.85 0.37 -15.57
CA LEU A 48 0.47 0.73 -14.96
C LEU A 48 1.39 -0.50 -14.94
N ASN A 49 2.65 -0.30 -15.22
CA ASN A 49 3.62 -1.44 -15.22
C ASN A 49 4.54 -1.31 -14.00
N PHE A 50 4.58 -2.31 -13.15
CA PHE A 50 5.44 -2.23 -11.93
C PHE A 50 6.63 -3.19 -12.06
N THR A 51 7.83 -2.68 -11.93
CA THR A 51 9.06 -3.53 -12.04
C THR A 51 9.84 -3.44 -10.73
N ARG A 52 10.20 -4.58 -10.18
CA ARG A 52 10.97 -4.58 -8.90
C ARG A 52 12.47 -4.39 -9.19
N LEU A 53 13.14 -3.59 -8.40
CA LEU A 53 14.60 -3.36 -8.60
C LEU A 53 15.37 -4.17 -7.55
N HIS A 54 16.34 -4.94 -7.97
CA HIS A 54 17.11 -5.76 -7.00
C HIS A 54 17.83 -4.84 -6.02
N ASP A 55 18.35 -3.74 -6.49
CA ASP A 55 19.07 -2.79 -5.60
C ASP A 55 18.94 -1.37 -6.16
N GLY A 56 19.30 -0.38 -5.38
CA GLY A 56 19.21 1.04 -5.87
C GLY A 56 17.93 1.69 -5.32
N ILE A 57 17.69 2.92 -5.67
CA ILE A 57 16.47 3.62 -5.16
C ILE A 57 15.35 3.53 -6.19
N ALA A 58 14.15 3.19 -5.76
CA ALA A 58 13.00 3.08 -6.70
C ALA A 58 12.01 4.22 -6.44
N ASP A 59 11.11 4.47 -7.34
CA ASP A 59 10.14 5.57 -7.13
C ASP A 59 9.32 5.30 -5.87
N ILE A 60 8.79 4.11 -5.74
CA ILE A 60 7.98 3.76 -4.53
C ILE A 60 8.76 2.81 -3.63
N MET A 61 9.34 3.30 -2.57
CA MET A 61 10.12 2.42 -1.64
C MET A 61 9.26 2.08 -0.42
N ILE A 62 9.27 0.83 -0.02
CA ILE A 62 8.45 0.37 1.15
C ILE A 62 9.37 0.03 2.32
N SER A 63 9.04 0.49 3.51
CA SER A 63 9.90 0.19 4.69
C SER A 63 9.08 0.20 5.98
N PHE A 64 9.52 -0.51 6.98
CA PHE A 64 8.78 -0.56 8.29
C PHE A 64 9.50 0.36 9.29
N GLY A 65 8.81 1.33 9.81
CA GLY A 65 9.45 2.29 10.79
C GLY A 65 8.96 2.01 12.21
N ILE A 66 9.34 2.86 13.13
CA ILE A 66 8.92 2.71 14.56
C ILE A 66 8.52 4.10 15.08
N LYS A 67 8.03 4.19 16.30
CA LYS A 67 7.59 5.50 16.88
C LYS A 67 8.41 6.66 16.29
N GLU A 68 9.53 6.99 16.87
CA GLU A 68 10.35 8.11 16.31
C GLU A 68 11.11 7.60 15.08
N HIS A 69 11.01 8.30 13.97
CA HIS A 69 11.73 7.86 12.73
C HIS A 69 12.19 9.08 11.94
N GLY A 70 12.36 10.20 12.60
CA GLY A 70 12.82 11.43 11.88
C GLY A 70 11.61 12.19 11.31
N ASP A 71 10.62 12.44 12.12
CA ASP A 71 9.41 13.18 11.63
C ASP A 71 8.83 14.00 12.77
N PHE A 72 8.02 14.99 12.46
CA PHE A 72 7.41 15.84 13.54
C PHE A 72 6.06 15.26 13.98
N TYR A 73 5.63 14.20 13.35
CA TYR A 73 4.32 13.57 13.73
C TYR A 73 4.49 12.05 13.82
N PRO A 74 5.16 11.56 14.84
CA PRO A 74 5.38 10.10 14.99
C PRO A 74 4.07 9.31 15.03
N PHE A 75 4.14 8.04 15.34
CA PHE A 75 2.90 7.20 15.40
C PHE A 75 2.35 7.23 16.84
N ASP A 76 1.18 6.69 17.04
CA ASP A 76 0.57 6.70 18.42
C ASP A 76 0.78 5.36 19.12
N GLY A 77 1.72 4.56 18.66
CA GLY A 77 1.98 3.23 19.31
C GLY A 77 1.52 2.10 18.37
N PRO A 78 1.12 0.95 18.88
CA PRO A 78 0.67 -0.17 18.01
C PRO A 78 -0.58 0.21 17.18
N SER A 79 -1.69 0.46 17.83
CA SER A 79 -2.93 0.82 17.08
C SER A 79 -2.85 2.28 16.61
N GLY A 80 -3.67 2.64 15.66
CA GLY A 80 -3.68 4.07 15.15
C GLY A 80 -3.23 4.09 13.69
N LEU A 81 -2.29 4.95 13.37
CA LEU A 81 -1.80 5.06 11.97
C LEU A 81 -1.04 3.78 11.62
N LEU A 82 -1.59 2.93 10.79
CA LEU A 82 -0.90 1.67 10.45
C LEU A 82 0.16 1.94 9.38
N ALA A 83 0.05 3.05 8.69
CA ALA A 83 1.05 3.38 7.64
C ALA A 83 0.71 4.74 7.03
N HIS A 84 1.56 5.24 6.17
CA HIS A 84 1.28 6.56 5.54
C HIS A 84 2.14 6.70 4.28
N ALA A 85 1.75 7.58 3.38
CA ALA A 85 2.54 7.76 2.13
C ALA A 85 2.44 9.22 1.68
N PHE A 86 3.40 9.70 0.94
CA PHE A 86 3.35 11.12 0.45
C PHE A 86 2.68 11.14 -0.93
N PRO A 87 2.03 12.21 -1.32
CA PRO A 87 1.37 12.25 -2.66
C PRO A 87 2.34 11.81 -3.77
N PRO A 88 1.87 11.63 -4.98
CA PRO A 88 2.77 11.19 -6.08
C PRO A 88 3.84 12.25 -6.38
N GLY A 89 4.83 12.33 -5.53
CA GLY A 89 5.92 13.32 -5.74
C GLY A 89 7.01 12.69 -6.61
N PRO A 90 8.13 13.36 -6.77
CA PRO A 90 9.24 12.83 -7.59
C PRO A 90 9.69 11.44 -7.10
N ASN A 91 10.92 11.09 -7.34
CA ASN A 91 11.40 9.77 -6.88
C ASN A 91 11.31 9.68 -5.36
N TYR A 92 11.63 10.75 -4.67
CA TYR A 92 11.53 10.73 -3.18
C TYR A 92 10.08 10.47 -2.77
N GLY A 93 9.15 11.13 -3.40
CA GLY A 93 7.71 10.94 -3.04
C GLY A 93 7.23 9.55 -3.47
N GLY A 94 6.00 9.23 -3.17
CA GLY A 94 5.46 7.90 -3.55
C GLY A 94 5.99 6.84 -2.58
N ASP A 95 6.54 7.25 -1.48
CA ASP A 95 7.07 6.25 -0.50
C ASP A 95 5.94 5.71 0.36
N ALA A 96 6.21 4.73 1.18
CA ALA A 96 5.16 4.14 2.05
C ALA A 96 5.81 3.63 3.34
N HIS A 97 5.38 4.15 4.47
CA HIS A 97 5.95 3.72 5.78
C HIS A 97 4.97 2.83 6.53
N PHE A 98 5.47 1.79 7.15
CA PHE A 98 4.60 0.85 7.94
C PHE A 98 5.07 0.83 9.39
N ASP A 99 4.17 0.79 10.34
CA ASP A 99 4.61 0.77 11.76
C ASP A 99 5.07 -0.63 12.15
N ASP A 100 6.28 -0.77 12.61
CA ASP A 100 6.80 -2.11 13.01
C ASP A 100 6.37 -2.44 14.44
N ASP A 101 5.63 -1.56 15.06
CA ASP A 101 5.20 -1.81 16.47
C ASP A 101 3.99 -2.75 16.47
N GLU A 102 3.33 -2.88 15.35
CA GLU A 102 2.14 -3.78 15.27
C GLU A 102 2.59 -5.17 14.84
N THR A 103 1.70 -6.13 14.87
CA THR A 103 2.07 -7.51 14.44
C THR A 103 1.55 -7.73 13.02
N TRP A 104 2.43 -7.75 12.06
CA TRP A 104 2.00 -7.95 10.66
C TRP A 104 1.89 -9.46 10.40
N THR A 105 0.77 -9.90 9.90
CA THR A 105 0.59 -11.36 9.64
C THR A 105 -0.20 -11.57 8.35
N SER A 106 -0.01 -12.69 7.71
CA SER A 106 -0.76 -12.98 6.46
C SER A 106 -2.04 -13.73 6.84
N SER A 107 -2.16 -14.08 8.10
CA SER A 107 -3.36 -14.81 8.59
C SER A 107 -4.38 -13.80 9.11
N SER A 108 -5.49 -14.26 9.64
CA SER A 108 -6.51 -13.29 10.16
C SER A 108 -6.15 -12.90 11.59
N LYS A 109 -5.17 -12.05 11.76
CA LYS A 109 -4.77 -11.61 13.13
C LYS A 109 -4.24 -10.18 13.05
N GLY A 110 -4.36 -9.43 14.12
CA GLY A 110 -3.85 -8.03 14.12
C GLY A 110 -4.24 -7.33 12.81
N TYR A 111 -3.34 -6.56 12.24
CA TYR A 111 -3.65 -5.85 10.96
C TYR A 111 -3.03 -6.63 9.80
N ASN A 112 -3.84 -7.11 8.90
CA ASN A 112 -3.28 -7.87 7.75
C ASN A 112 -2.42 -6.93 6.90
N LEU A 113 -1.24 -7.36 6.54
CA LEU A 113 -0.35 -6.50 5.71
C LEU A 113 -1.03 -6.17 4.37
N PHE A 114 -1.63 -7.13 3.75
CA PHE A 114 -2.27 -6.88 2.43
C PHE A 114 -3.38 -5.81 2.53
N LEU A 115 -4.18 -5.82 3.57
CA LEU A 115 -5.26 -4.78 3.67
C LEU A 115 -4.62 -3.38 3.68
N VAL A 116 -3.64 -3.17 4.51
CA VAL A 116 -3.00 -1.82 4.57
C VAL A 116 -2.18 -1.57 3.30
N ALA A 117 -1.50 -2.56 2.81
CA ALA A 117 -0.68 -2.36 1.58
C ALA A 117 -1.58 -1.86 0.44
N ALA A 118 -2.64 -2.56 0.17
CA ALA A 118 -3.56 -2.13 -0.94
C ALA A 118 -4.12 -0.73 -0.68
N HIS A 119 -4.44 -0.42 0.55
CA HIS A 119 -5.02 0.92 0.85
C HIS A 119 -4.02 2.04 0.51
N GLU A 120 -2.81 1.96 0.97
CA GLU A 120 -1.84 3.04 0.66
C GLU A 120 -1.66 3.18 -0.86
N PHE A 121 -1.64 2.08 -1.57
CA PHE A 121 -1.46 2.19 -3.06
C PHE A 121 -2.62 3.01 -3.62
N GLY A 122 -3.82 2.81 -3.12
CA GLY A 122 -4.97 3.58 -3.65
C GLY A 122 -4.70 5.08 -3.49
N HIS A 123 -4.18 5.48 -2.36
CA HIS A 123 -3.90 6.94 -2.16
C HIS A 123 -2.80 7.37 -3.14
N SER A 124 -1.80 6.55 -3.34
CA SER A 124 -0.71 6.91 -4.29
C SER A 124 -1.27 6.95 -5.72
N LEU A 125 -2.32 6.23 -5.98
CA LEU A 125 -2.91 6.21 -7.35
C LEU A 125 -3.83 7.43 -7.52
N GLY A 126 -4.00 8.23 -6.50
CA GLY A 126 -4.87 9.44 -6.63
C GLY A 126 -6.28 9.18 -6.12
N LEU A 127 -6.53 8.04 -5.52
CA LEU A 127 -7.91 7.75 -5.00
C LEU A 127 -8.07 8.34 -3.60
N ASP A 128 -9.26 8.76 -3.27
CA ASP A 128 -9.52 9.36 -1.92
C ASP A 128 -10.22 8.32 -1.04
N HIS A 129 -10.38 8.59 0.22
CA HIS A 129 -11.06 7.61 1.11
C HIS A 129 -12.48 7.35 0.59
N SER A 130 -12.90 6.11 0.55
CA SER A 130 -14.27 5.79 0.04
C SER A 130 -15.23 5.64 1.23
N LYS A 131 -16.50 5.84 1.01
CA LYS A 131 -17.50 5.72 2.11
C LYS A 131 -18.17 4.34 2.05
N ASP A 132 -17.79 3.52 1.11
CA ASP A 132 -18.40 2.16 1.01
C ASP A 132 -17.62 1.22 1.95
N PRO A 133 -18.27 0.45 2.82
CA PRO A 133 -17.52 -0.44 3.76
C PRO A 133 -16.77 -1.58 3.05
N GLY A 134 -17.24 -2.01 1.90
CA GLY A 134 -16.55 -3.12 1.19
C GLY A 134 -15.41 -2.59 0.33
N ALA A 135 -15.22 -1.30 0.28
CA ALA A 135 -14.11 -0.73 -0.53
C ALA A 135 -12.83 -0.73 0.30
N LEU A 136 -11.71 -0.97 -0.32
CA LEU A 136 -10.42 -0.98 0.44
C LEU A 136 -10.10 0.42 0.95
N MET A 137 -10.47 1.43 0.20
CA MET A 137 -10.17 2.82 0.64
C MET A 137 -11.01 3.19 1.86
N PHE A 138 -11.69 2.25 2.46
CA PHE A 138 -12.51 2.58 3.67
C PHE A 138 -11.54 2.97 4.80
N PRO A 139 -11.80 4.03 5.55
CA PRO A 139 -10.86 4.44 6.64
C PRO A 139 -10.73 3.41 7.78
N ILE A 140 -11.76 2.69 8.09
CA ILE A 140 -11.66 1.69 9.21
C ILE A 140 -11.05 0.39 8.70
N TYR A 141 -10.20 -0.21 9.49
CA TYR A 141 -9.55 -1.48 9.06
C TYR A 141 -10.54 -2.64 9.19
N THR A 142 -10.69 -3.42 8.14
CA THR A 142 -11.65 -4.58 8.19
C THR A 142 -11.04 -5.78 7.47
N TYR A 143 -11.25 -6.96 7.98
CA TYR A 143 -10.68 -8.18 7.33
C TYR A 143 -11.59 -8.62 6.18
N THR A 144 -11.02 -9.13 5.11
CA THR A 144 -11.84 -9.58 3.95
C THR A 144 -11.28 -10.88 3.37
N GLY A 145 -12.10 -11.64 2.68
CA GLY A 145 -11.60 -12.91 2.08
C GLY A 145 -10.71 -12.57 0.89
N LYS A 146 -9.44 -12.82 1.01
CA LYS A 146 -8.51 -12.50 -0.11
C LYS A 146 -8.59 -13.59 -1.18
N SER A 147 -9.36 -14.61 -0.93
CA SER A 147 -9.47 -15.72 -1.93
C SER A 147 -9.99 -15.19 -3.27
N HIS A 148 -10.95 -14.32 -3.27
CA HIS A 148 -11.50 -13.80 -4.56
C HIS A 148 -11.85 -12.31 -4.43
N PHE A 149 -11.18 -11.59 -3.57
CA PHE A 149 -11.50 -10.13 -3.43
C PHE A 149 -11.10 -9.41 -4.72
N MET A 150 -11.94 -8.55 -5.22
CA MET A 150 -11.60 -7.78 -6.45
C MET A 150 -12.05 -6.33 -6.27
N LEU A 151 -11.37 -5.40 -6.86
CA LEU A 151 -11.78 -3.98 -6.70
C LEU A 151 -13.28 -3.87 -7.02
N PRO A 152 -14.12 -3.39 -6.11
CA PRO A 152 -15.59 -3.29 -6.43
C PRO A 152 -15.86 -2.24 -7.52
N ASP A 153 -17.10 -2.08 -7.89
CA ASP A 153 -17.45 -1.09 -8.94
C ASP A 153 -17.05 0.31 -8.48
N ASP A 154 -17.24 0.62 -7.23
CA ASP A 154 -16.88 1.96 -6.72
C ASP A 154 -15.39 2.23 -6.99
N ASP A 155 -14.53 1.31 -6.65
CA ASP A 155 -13.07 1.54 -6.89
C ASP A 155 -12.77 1.48 -8.39
N VAL A 156 -13.38 0.57 -9.11
CA VAL A 156 -13.10 0.47 -10.56
C VAL A 156 -13.53 1.78 -11.24
N GLN A 157 -14.71 2.25 -10.93
CA GLN A 157 -15.18 3.53 -11.55
C GLN A 157 -14.23 4.67 -11.21
N GLY A 158 -13.75 4.72 -10.00
CA GLY A 158 -12.84 5.83 -9.59
C GLY A 158 -11.46 5.70 -10.23
N ILE A 159 -10.81 4.57 -10.08
CA ILE A 159 -9.45 4.42 -10.68
C ILE A 159 -9.52 4.60 -12.20
N GLN A 160 -10.53 4.07 -12.81
CA GLN A 160 -10.66 4.21 -14.29
C GLN A 160 -10.89 5.68 -14.64
N SER A 161 -11.67 6.37 -13.86
CA SER A 161 -11.94 7.81 -14.14
C SER A 161 -10.65 8.62 -14.05
N LEU A 162 -9.69 8.16 -13.28
CA LEU A 162 -8.41 8.92 -13.14
C LEU A 162 -7.43 8.54 -14.25
N TYR A 163 -7.17 7.26 -14.42
CA TYR A 163 -6.20 6.83 -15.48
C TYR A 163 -6.95 6.51 -16.78
N GLY A 164 -8.26 6.49 -16.74
CA GLY A 164 -9.05 6.20 -17.97
C GLY A 164 -9.23 4.69 -18.10
ZN ZN B . -6.16 6.50 3.94
ZN ZN C . 7.00 8.13 8.58
CA CA D . -0.11 3.00 14.92
C1 WAY E . -5.85 6.83 9.51
C2 WAY E . -5.48 7.67 8.37
CF2 WAY E . -5.02 9.04 8.61
CH WAY E . -4.92 9.56 9.96
CF1 WAY E . -5.27 8.73 11.08
C6 WAY E . -5.73 7.37 10.89
C10 WAY E . -5.54 7.29 6.93
O11 WAY E . -6.59 7.30 6.30
N12 WAY E . -4.46 6.77 6.34
O13 WAY E . -4.63 6.27 5.03
CE WAY E . -6.09 6.56 12.12
N20 WAY E . -6.29 5.53 9.36
S21 WAY E . -5.21 4.27 9.53
CD WAY E . -7.74 5.30 9.16
CK WAY E . -9.20 3.37 12.23
CM WAY E . -9.97 4.43 12.82
N25 WAY E . -10.01 5.70 12.24
CJ WAY E . -9.29 5.96 11.08
C27 WAY E . -8.50 4.97 10.42
CI WAY E . -8.46 3.65 11.02
C35 WAY E . -5.56 2.98 8.35
CC1 WAY E . -4.78 2.91 7.13
CB1 WAY E . -5.07 1.86 6.15
C38 WAY E . -6.12 0.88 6.40
CB2 WAY E . -6.89 0.98 7.66
CC2 WAY E . -6.61 2.02 8.63
O45 WAY E . -6.34 -0.14 5.39
CA WAY E . -7.35 -1.16 5.51
O50 WAY E . -5.44 3.71 10.83
O51 WAY E . -3.89 4.75 9.24
HF2 WAY E . -4.75 9.67 7.78
HH WAY E . -4.57 10.58 10.11
HF1 WAY E . -5.18 9.13 12.09
H14 WAY E . -3.57 6.73 6.81
H15 WAY E . -4.30 5.37 5.00
HE1 WAY E . -6.70 5.69 11.86
HE2 WAY E . -6.65 7.16 12.84
HE3 WAY E . -5.20 6.19 12.61
HD1 WAY E . -7.84 4.48 8.45
HD2 WAY E . -8.16 6.20 8.71
HK WAY E . -9.18 2.38 12.67
HL WAY E . -10.53 4.23 13.71
HJ WAY E . -9.32 6.95 10.64
HI WAY E . -7.88 2.87 10.56
HC1 WAY E . -4.01 3.63 6.94
HB1 WAY E . -4.48 1.82 5.26
HB2 WAY E . -7.68 0.27 7.88
HC2 WAY E . -7.17 2.11 9.54
HA1 WAY E . -7.34 -1.81 4.64
HA2 WAY E . -8.34 -0.71 5.60
HA3 WAY E . -7.17 -1.77 6.40
N THR A 7 -7.43 14.00 -9.91
CA THR A 7 -6.56 15.20 -10.10
C THR A 7 -5.10 14.80 -9.93
N LEU A 8 -4.80 13.98 -8.96
CA LEU A 8 -3.39 13.54 -8.73
C LEU A 8 -3.14 12.21 -9.43
N LYS A 9 -2.15 12.15 -10.27
CA LYS A 9 -1.85 10.88 -10.98
C LYS A 9 -0.42 10.91 -11.54
N TRP A 10 0.13 9.76 -11.83
CA TRP A 10 1.53 9.72 -12.37
C TRP A 10 1.51 10.19 -13.82
N SER A 11 2.56 10.83 -14.27
CA SER A 11 2.62 11.33 -15.68
C SER A 11 3.20 10.26 -16.59
N LYS A 12 3.49 9.09 -16.06
CA LYS A 12 4.07 8.00 -16.91
C LYS A 12 3.52 6.66 -16.45
N MET A 13 3.45 5.69 -17.34
CA MET A 13 2.90 4.36 -16.98
C MET A 13 4.02 3.44 -16.46
N ASN A 14 5.23 3.92 -16.41
CA ASN A 14 6.37 3.07 -15.92
C ASN A 14 6.64 3.37 -14.44
N LEU A 15 6.67 2.36 -13.61
CA LEU A 15 6.94 2.59 -12.16
C LEU A 15 7.82 1.46 -11.62
N THR A 16 8.64 1.74 -10.64
CA THR A 16 9.54 0.70 -10.07
C THR A 16 9.51 0.81 -8.54
N TYR A 17 9.86 -0.24 -7.83
CA TYR A 17 9.83 -0.16 -6.34
C TYR A 17 10.97 -0.99 -5.74
N ARG A 18 11.31 -0.71 -4.50
CA ARG A 18 12.41 -1.43 -3.81
C ARG A 18 12.02 -1.67 -2.34
N ILE A 19 12.18 -2.87 -1.86
CA ILE A 19 11.84 -3.15 -0.43
C ILE A 19 13.09 -2.87 0.42
N VAL A 20 13.03 -1.90 1.29
CA VAL A 20 14.21 -1.59 2.14
C VAL A 20 14.44 -2.72 3.15
N ASN A 21 13.41 -3.24 3.73
CA ASN A 21 13.62 -4.34 4.72
C ASN A 21 12.30 -5.06 4.99
N TYR A 22 12.39 -6.25 5.52
CA TYR A 22 11.15 -7.02 5.82
C TYR A 22 10.90 -6.94 7.33
N THR A 23 9.98 -7.72 7.85
CA THR A 23 9.68 -7.64 9.32
C THR A 23 9.96 -9.00 9.99
N PRO A 24 10.40 -9.04 11.24
CA PRO A 24 10.65 -10.34 11.93
C PRO A 24 9.33 -11.07 12.19
N ASP A 25 8.25 -10.36 12.07
CA ASP A 25 6.90 -10.94 12.29
C ASP A 25 6.64 -12.10 11.34
N MET A 26 7.07 -11.97 10.11
CA MET A 26 6.85 -13.06 9.11
C MET A 26 8.13 -13.26 8.28
N THR A 27 8.21 -14.35 7.57
CA THR A 27 9.43 -14.61 6.76
C THR A 27 9.44 -13.67 5.55
N HIS A 28 10.59 -13.47 4.97
CA HIS A 28 10.70 -12.55 3.80
C HIS A 28 9.81 -13.06 2.65
N SER A 29 9.78 -14.34 2.43
CA SER A 29 8.96 -14.89 1.31
C SER A 29 7.48 -14.53 1.52
N GLU A 30 7.01 -14.58 2.73
CA GLU A 30 5.57 -14.26 2.98
C GLU A 30 5.31 -12.77 2.69
N VAL A 31 6.23 -11.92 3.06
CA VAL A 31 6.04 -10.46 2.81
C VAL A 31 6.12 -10.16 1.31
N GLU A 32 7.02 -10.78 0.60
CA GLU A 32 7.14 -10.51 -0.86
C GLU A 32 5.82 -10.85 -1.57
N LYS A 33 5.28 -12.01 -1.33
CA LYS A 33 4.00 -12.37 -2.01
C LYS A 33 2.89 -11.40 -1.60
N ALA A 34 2.93 -10.89 -0.39
CA ALA A 34 1.87 -9.94 0.05
C ALA A 34 1.86 -8.71 -0.86
N PHE A 35 2.99 -8.12 -1.10
CA PHE A 35 3.02 -6.92 -1.98
C PHE A 35 2.64 -7.31 -3.41
N LYS A 36 3.10 -8.44 -3.88
CA LYS A 36 2.76 -8.86 -5.27
C LYS A 36 1.25 -8.97 -5.42
N LYS A 37 0.58 -9.54 -4.45
CA LYS A 37 -0.91 -9.65 -4.55
C LYS A 37 -1.51 -8.25 -4.66
N ALA A 38 -1.00 -7.32 -3.90
CA ALA A 38 -1.54 -5.94 -3.95
C ALA A 38 -1.39 -5.35 -5.36
N PHE A 39 -0.24 -5.52 -5.96
CA PHE A 39 -0.03 -4.96 -7.33
C PHE A 39 -0.95 -5.68 -8.32
N LYS A 40 -1.13 -6.96 -8.17
CA LYS A 40 -2.00 -7.72 -9.12
C LYS A 40 -3.41 -7.13 -9.10
N VAL A 41 -3.97 -6.95 -7.93
CA VAL A 41 -5.35 -6.40 -7.84
C VAL A 41 -5.42 -5.01 -8.49
N TRP A 42 -4.42 -4.18 -8.29
CA TRP A 42 -4.46 -2.81 -8.90
C TRP A 42 -4.02 -2.89 -10.36
N SER A 43 -3.07 -3.73 -10.67
CA SER A 43 -2.60 -3.84 -12.08
C SER A 43 -3.69 -4.49 -12.94
N ASP A 44 -4.64 -5.14 -12.32
CA ASP A 44 -5.72 -5.80 -13.10
C ASP A 44 -6.47 -4.77 -13.93
N VAL A 45 -6.73 -3.60 -13.39
CA VAL A 45 -7.49 -2.55 -14.16
C VAL A 45 -6.59 -1.36 -14.50
N THR A 46 -5.47 -1.21 -13.83
CA THR A 46 -4.56 -0.06 -14.15
C THR A 46 -3.48 -0.51 -15.15
N PRO A 47 -3.30 0.15 -16.28
CA PRO A 47 -2.25 -0.28 -17.25
C PRO A 47 -0.83 0.06 -16.74
N LEU A 48 -0.71 0.35 -15.47
CA LEU A 48 0.62 0.70 -14.90
C LEU A 48 1.52 -0.54 -14.89
N ASN A 49 2.79 -0.37 -15.22
CA ASN A 49 3.75 -1.51 -15.22
C ASN A 49 4.67 -1.38 -14.00
N PHE A 50 4.67 -2.36 -13.14
CA PHE A 50 5.54 -2.30 -11.92
C PHE A 50 6.72 -3.26 -12.09
N THR A 51 7.92 -2.76 -11.91
CA THR A 51 9.13 -3.64 -12.05
C THR A 51 9.90 -3.64 -10.72
N ARG A 52 10.23 -4.80 -10.23
CA ARG A 52 10.97 -4.91 -8.95
C ARG A 52 12.47 -4.74 -9.23
N LEU A 53 13.16 -3.91 -8.47
CA LEU A 53 14.63 -3.73 -8.70
C LEU A 53 15.41 -4.46 -7.61
N HIS A 54 16.39 -5.23 -7.97
CA HIS A 54 17.18 -5.97 -6.95
C HIS A 54 17.86 -4.96 -6.02
N ASP A 55 18.35 -3.87 -6.55
CA ASP A 55 19.03 -2.85 -5.70
C ASP A 55 18.89 -1.48 -6.35
N GLY A 56 19.44 -0.46 -5.73
CA GLY A 56 19.34 0.92 -6.30
C GLY A 56 18.12 1.63 -5.69
N ILE A 57 17.90 2.86 -6.07
CA ILE A 57 16.73 3.63 -5.52
C ILE A 57 15.57 3.55 -6.50
N ALA A 58 14.40 3.21 -6.01
CA ALA A 58 13.19 3.11 -6.90
C ALA A 58 12.22 4.24 -6.56
N ASP A 59 11.30 4.53 -7.43
CA ASP A 59 10.33 5.63 -7.15
C ASP A 59 9.56 5.31 -5.87
N ILE A 60 9.00 4.12 -5.78
CA ILE A 60 8.23 3.74 -4.55
C ILE A 60 9.06 2.79 -3.69
N MET A 61 9.67 3.29 -2.64
CA MET A 61 10.47 2.41 -1.73
C MET A 61 9.65 2.08 -0.49
N ILE A 62 9.61 0.83 -0.12
CA ILE A 62 8.81 0.41 1.08
C ILE A 62 9.75 0.17 2.26
N SER A 63 9.37 0.61 3.44
CA SER A 63 10.24 0.41 4.63
C SER A 63 9.38 0.33 5.89
N PHE A 64 9.92 -0.23 6.94
CA PHE A 64 9.15 -0.37 8.22
C PHE A 64 9.74 0.59 9.27
N GLY A 65 8.92 1.43 9.85
CA GLY A 65 9.41 2.40 10.88
C GLY A 65 9.08 1.92 12.30
N ILE A 66 9.43 2.71 13.29
CA ILE A 66 9.15 2.34 14.71
C ILE A 66 8.63 3.56 15.48
N LYS A 67 8.02 3.31 16.62
CA LYS A 67 7.46 4.39 17.51
C LYS A 67 7.89 5.81 17.09
N GLU A 68 9.11 6.19 17.38
CA GLU A 68 9.55 7.57 17.05
C GLU A 68 9.45 7.83 15.55
N HIS A 69 9.98 6.96 14.71
CA HIS A 69 9.87 7.20 13.24
C HIS A 69 10.20 8.66 12.92
N GLY A 70 11.32 9.15 13.41
CA GLY A 70 11.73 10.58 13.20
C GLY A 70 11.19 11.15 11.89
N ASP A 71 9.97 11.63 11.91
CA ASP A 71 9.37 12.23 10.68
C ASP A 71 8.18 13.13 11.08
N PHE A 72 7.57 13.77 10.12
CA PHE A 72 6.42 14.65 10.44
C PHE A 72 5.23 13.78 10.86
N TYR A 73 4.52 14.18 11.89
CA TYR A 73 3.34 13.37 12.36
C TYR A 73 3.71 11.88 12.39
N PRO A 74 4.57 11.48 13.31
CA PRO A 74 4.99 10.05 13.40
C PRO A 74 3.84 9.13 13.83
N PHE A 75 4.16 7.98 14.36
CA PHE A 75 3.09 7.03 14.79
C PHE A 75 2.65 7.38 16.21
N ASP A 76 1.46 6.97 16.59
CA ASP A 76 0.94 7.28 17.95
C ASP A 76 1.10 6.05 18.87
N GLY A 77 1.63 4.98 18.35
CA GLY A 77 1.82 3.74 19.18
C GLY A 77 1.36 2.53 18.36
N PRO A 78 0.96 1.44 19.00
CA PRO A 78 0.51 0.25 18.24
C PRO A 78 -0.70 0.56 17.34
N SER A 79 -1.84 0.84 17.92
CA SER A 79 -3.04 1.17 17.11
C SER A 79 -2.90 2.60 16.56
N GLY A 80 -3.66 2.93 15.54
CA GLY A 80 -3.58 4.31 14.95
C GLY A 80 -3.12 4.21 13.49
N LEU A 81 -2.16 5.01 13.10
CA LEU A 81 -1.67 4.95 11.69
C LEU A 81 -0.94 3.62 11.47
N LEU A 82 -1.50 2.75 10.68
CA LEU A 82 -0.85 1.44 10.43
C LEU A 82 0.21 1.63 9.34
N ALA A 83 0.16 2.75 8.65
CA ALA A 83 1.16 3.03 7.58
C ALA A 83 0.84 4.39 6.95
N HIS A 84 1.72 4.92 6.14
CA HIS A 84 1.45 6.24 5.50
C HIS A 84 2.39 6.41 4.30
N ALA A 85 2.05 7.30 3.40
CA ALA A 85 2.90 7.52 2.19
C ALA A 85 2.83 8.99 1.78
N PHE A 86 3.75 9.43 0.95
CA PHE A 86 3.75 10.85 0.48
C PHE A 86 3.13 10.91 -0.93
N PRO A 87 2.53 12.02 -1.32
CA PRO A 87 1.92 12.12 -2.68
C PRO A 87 2.96 11.82 -3.78
N PRO A 88 2.52 11.66 -5.02
CA PRO A 88 3.47 11.37 -6.13
C PRO A 88 4.46 12.54 -6.34
N GLY A 89 5.38 12.71 -5.44
CA GLY A 89 6.38 13.81 -5.58
C GLY A 89 7.45 13.41 -6.60
N PRO A 90 8.38 14.28 -6.89
CA PRO A 90 9.45 13.96 -7.88
C PRO A 90 10.09 12.59 -7.60
N ASN A 91 10.94 12.51 -6.60
CA ASN A 91 11.61 11.21 -6.27
C ASN A 91 11.27 10.80 -4.83
N TYR A 92 11.43 11.71 -3.90
CA TYR A 92 11.14 11.38 -2.48
C TYR A 92 9.67 10.97 -2.33
N GLY A 93 8.78 11.64 -3.01
CA GLY A 93 7.33 11.28 -2.88
C GLY A 93 7.10 9.88 -3.44
N GLY A 94 5.92 9.34 -3.23
CA GLY A 94 5.62 7.98 -3.75
C GLY A 94 6.22 6.93 -2.80
N ASP A 95 6.79 7.35 -1.70
CA ASP A 95 7.38 6.37 -0.75
C ASP A 95 6.26 5.78 0.12
N ALA A 96 6.57 4.76 0.88
CA ALA A 96 5.54 4.13 1.75
C ALA A 96 6.20 3.60 3.03
N HIS A 97 5.55 3.77 4.16
CA HIS A 97 6.13 3.28 5.45
C HIS A 97 5.09 2.47 6.21
N PHE A 98 5.54 1.62 7.10
CA PHE A 98 4.60 0.77 7.91
C PHE A 98 5.07 0.77 9.37
N ASP A 99 4.16 0.55 10.30
CA ASP A 99 4.58 0.53 11.73
C ASP A 99 5.21 -0.84 12.06
N ASP A 100 6.43 -0.85 12.52
CA ASP A 100 7.08 -2.14 12.87
C ASP A 100 6.70 -2.54 14.29
N ASP A 101 6.11 -1.64 15.03
CA ASP A 101 5.73 -1.95 16.44
C ASP A 101 4.39 -2.71 16.44
N GLU A 102 3.73 -2.76 15.31
CA GLU A 102 2.43 -3.48 15.23
C GLU A 102 2.66 -4.95 14.84
N THR A 103 1.64 -5.77 14.92
CA THR A 103 1.82 -7.22 14.56
C THR A 103 1.33 -7.45 13.14
N TRP A 104 2.25 -7.65 12.22
CA TRP A 104 1.87 -7.92 10.81
C TRP A 104 1.70 -9.42 10.61
N THR A 105 0.59 -9.85 10.10
CA THR A 105 0.37 -11.31 9.89
C THR A 105 -0.41 -11.54 8.59
N SER A 106 -0.28 -12.70 7.99
CA SER A 106 -1.03 -12.98 6.74
C SER A 106 -2.33 -13.70 7.09
N SER A 107 -2.50 -14.03 8.35
CA SER A 107 -3.74 -14.72 8.80
C SER A 107 -4.74 -13.67 9.29
N SER A 108 -5.90 -14.09 9.71
CA SER A 108 -6.91 -13.10 10.21
C SER A 108 -6.57 -12.74 11.65
N LYS A 109 -5.58 -11.90 11.83
CA LYS A 109 -5.18 -11.48 13.21
C LYS A 109 -4.63 -10.06 13.16
N GLY A 110 -4.77 -9.30 14.20
CA GLY A 110 -4.23 -7.90 14.21
C GLY A 110 -4.57 -7.20 12.89
N TYR A 111 -3.63 -6.46 12.35
CA TYR A 111 -3.89 -5.74 11.06
C TYR A 111 -3.28 -6.53 9.91
N ASN A 112 -4.09 -7.01 9.00
CA ASN A 112 -3.54 -7.78 7.85
C ASN A 112 -2.65 -6.87 7.01
N LEU A 113 -1.47 -7.32 6.68
CA LEU A 113 -0.56 -6.48 5.86
C LEU A 113 -1.21 -6.13 4.51
N PHE A 114 -1.86 -7.08 3.90
CA PHE A 114 -2.49 -6.82 2.57
C PHE A 114 -3.53 -5.69 2.67
N LEU A 115 -4.34 -5.68 3.68
CA LEU A 115 -5.39 -4.61 3.79
C LEU A 115 -4.69 -3.24 3.83
N VAL A 116 -3.72 -3.06 4.69
CA VAL A 116 -3.02 -1.75 4.76
C VAL A 116 -2.17 -1.54 3.51
N ALA A 117 -1.48 -2.55 3.06
CA ALA A 117 -0.63 -2.38 1.85
C ALA A 117 -1.48 -1.94 0.66
N ALA A 118 -2.55 -2.62 0.38
CA ALA A 118 -3.40 -2.23 -0.77
C ALA A 118 -3.91 -0.80 -0.55
N HIS A 119 -4.21 -0.45 0.67
CA HIS A 119 -4.74 0.91 0.96
C HIS A 119 -3.70 2.00 0.66
N GLU A 120 -2.49 1.85 1.14
CA GLU A 120 -1.48 2.91 0.88
C GLU A 120 -1.31 3.10 -0.64
N PHE A 121 -1.31 2.03 -1.38
CA PHE A 121 -1.17 2.18 -2.86
C PHE A 121 -2.32 3.02 -3.40
N GLY A 122 -3.51 2.80 -2.88
CA GLY A 122 -4.68 3.59 -3.36
C GLY A 122 -4.39 5.09 -3.24
N HIS A 123 -3.89 5.52 -2.11
CA HIS A 123 -3.58 6.97 -1.94
C HIS A 123 -2.47 7.37 -2.92
N SER A 124 -1.49 6.53 -3.09
CA SER A 124 -0.39 6.86 -4.03
C SER A 124 -0.95 6.94 -5.45
N LEU A 125 -2.06 6.29 -5.69
CA LEU A 125 -2.67 6.33 -7.06
C LEU A 125 -3.50 7.61 -7.21
N GLY A 126 -3.63 8.38 -6.16
CA GLY A 126 -4.40 9.66 -6.24
C GLY A 126 -5.85 9.46 -5.80
N LEU A 127 -6.20 8.31 -5.30
CA LEU A 127 -7.60 8.09 -4.86
C LEU A 127 -7.78 8.60 -3.42
N ASP A 128 -8.97 9.04 -3.10
CA ASP A 128 -9.25 9.57 -1.72
C ASP A 128 -10.01 8.52 -0.92
N HIS A 129 -10.21 8.76 0.35
CA HIS A 129 -10.95 7.77 1.19
C HIS A 129 -12.35 7.57 0.61
N SER A 130 -12.80 6.34 0.52
CA SER A 130 -14.16 6.05 -0.04
C SER A 130 -15.15 5.84 1.11
N LYS A 131 -16.42 6.06 0.86
CA LYS A 131 -17.44 5.86 1.95
C LYS A 131 -18.10 4.49 1.78
N ASP A 132 -17.68 3.71 0.82
CA ASP A 132 -18.28 2.36 0.63
C ASP A 132 -17.55 1.36 1.55
N PRO A 133 -18.24 0.58 2.37
CA PRO A 133 -17.53 -0.37 3.27
C PRO A 133 -16.85 -1.51 2.48
N GLY A 134 -17.25 -1.71 1.25
CA GLY A 134 -16.63 -2.80 0.44
C GLY A 134 -15.39 -2.29 -0.29
N ALA A 135 -15.14 -1.00 -0.24
CA ALA A 135 -13.95 -0.44 -0.94
C ALA A 135 -12.74 -0.49 0.01
N LEU A 136 -11.58 -0.72 -0.49
CA LEU A 136 -10.38 -0.78 0.39
C LEU A 136 -10.07 0.62 0.93
N MET A 137 -10.35 1.64 0.16
CA MET A 137 -10.05 3.03 0.62
C MET A 137 -11.01 3.43 1.75
N PHE A 138 -11.62 2.48 2.40
CA PHE A 138 -12.56 2.82 3.50
C PHE A 138 -11.73 3.39 4.69
N PRO A 139 -12.12 4.52 5.29
CA PRO A 139 -11.31 5.11 6.41
C PRO A 139 -11.23 4.21 7.66
N ILE A 140 -11.88 3.07 7.67
CA ILE A 140 -11.83 2.17 8.87
C ILE A 140 -11.23 0.81 8.48
N TYR A 141 -10.36 0.27 9.29
CA TYR A 141 -9.73 -1.04 8.97
C TYR A 141 -10.75 -2.18 9.12
N THR A 142 -10.89 -3.00 8.11
CA THR A 142 -11.85 -4.14 8.20
C THR A 142 -11.22 -5.38 7.54
N TYR A 143 -11.29 -6.51 8.17
CA TYR A 143 -10.72 -7.74 7.56
C TYR A 143 -11.73 -8.31 6.57
N THR A 144 -11.27 -8.88 5.49
CA THR A 144 -12.21 -9.45 4.48
C THR A 144 -11.63 -10.76 3.92
N GLY A 145 -12.46 -11.59 3.34
CA GLY A 145 -11.95 -12.87 2.76
C GLY A 145 -11.14 -12.56 1.51
N LYS A 146 -9.84 -12.65 1.59
CA LYS A 146 -8.98 -12.35 0.41
C LYS A 146 -9.00 -13.53 -0.55
N SER A 147 -9.87 -14.48 -0.32
CA SER A 147 -9.93 -15.67 -1.20
C SER A 147 -10.26 -15.23 -2.63
N HIS A 148 -11.15 -14.29 -2.80
CA HIS A 148 -11.51 -13.83 -4.17
C HIS A 148 -11.91 -12.35 -4.12
N PHE A 149 -11.37 -11.60 -3.20
CA PHE A 149 -11.73 -10.16 -3.12
C PHE A 149 -11.34 -9.45 -4.42
N MET A 150 -12.20 -8.58 -4.90
CA MET A 150 -11.89 -7.83 -6.17
C MET A 150 -12.30 -6.38 -5.97
N LEU A 151 -11.58 -5.46 -6.57
CA LEU A 151 -11.96 -4.03 -6.40
C LEU A 151 -13.45 -3.85 -6.77
N PRO A 152 -14.26 -3.23 -5.94
CA PRO A 152 -15.71 -3.05 -6.28
C PRO A 152 -15.91 -2.06 -7.44
N ASP A 153 -17.13 -1.91 -7.87
CA ASP A 153 -17.43 -0.95 -8.98
C ASP A 153 -17.01 0.46 -8.59
N ASP A 154 -17.26 0.85 -7.37
CA ASP A 154 -16.90 2.23 -6.94
C ASP A 154 -15.40 2.46 -7.18
N ASP A 155 -14.56 1.55 -6.77
CA ASP A 155 -13.10 1.74 -6.98
C ASP A 155 -12.76 1.62 -8.47
N VAL A 156 -13.37 0.69 -9.17
CA VAL A 156 -13.07 0.54 -10.61
C VAL A 156 -13.43 1.85 -11.34
N GLN A 157 -14.60 2.37 -11.09
CA GLN A 157 -15.02 3.64 -11.75
C GLN A 157 -14.05 4.77 -11.41
N GLY A 158 -13.60 4.84 -10.19
CA GLY A 158 -12.68 5.96 -9.78
C GLY A 158 -11.28 5.75 -10.38
N ILE A 159 -10.67 4.63 -10.14
CA ILE A 159 -9.30 4.40 -10.69
C ILE A 159 -9.32 4.50 -12.22
N GLN A 160 -10.33 3.97 -12.85
CA GLN A 160 -10.41 4.06 -14.34
C GLN A 160 -10.57 5.52 -14.75
N SER A 161 -11.35 6.27 -14.03
CA SER A 161 -11.56 7.71 -14.38
C SER A 161 -10.23 8.47 -14.35
N LEU A 162 -9.32 8.10 -13.49
CA LEU A 162 -8.02 8.84 -13.42
C LEU A 162 -7.03 8.30 -14.46
N TYR A 163 -6.84 7.01 -14.52
CA TYR A 163 -5.87 6.44 -15.50
C TYR A 163 -6.59 6.10 -16.81
N GLY A 164 -7.89 6.16 -16.82
CA GLY A 164 -8.65 5.84 -18.07
C GLY A 164 -8.84 4.32 -18.16
ZN ZN B . -6.16 6.42 4.14
ZN ZN C . 7.10 5.94 7.48
CA CA D . -0.23 3.27 14.86
C1 WAY E . -5.88 6.54 9.34
C2 WAY E . -5.55 7.29 8.10
CF2 WAY E . -5.12 8.67 8.21
CH WAY E . -5.03 9.35 9.49
CF1 WAY E . -5.35 8.62 10.70
C6 WAY E . -5.78 7.23 10.65
C10 WAY E . -5.58 6.75 6.73
O11 WAY E . -6.62 6.31 6.23
N12 WAY E . -4.44 6.53 6.05
O13 WAY E . -4.54 5.81 4.85
CE WAY E . -6.09 6.54 11.96
N20 WAY E . -6.28 5.22 9.33
S21 WAY E . -5.13 4.01 9.38
CD WAY E . -7.73 4.92 9.22
CK WAY E . -9.82 5.03 12.52
CM WAY E . -9.62 3.68 12.96
N25 WAY E . -8.84 2.78 12.23
CJ WAY E . -8.24 3.20 11.03
C27 WAY E . -8.38 4.52 10.51
CI WAY E . -9.20 5.44 11.28
C35 WAY E . -5.49 2.78 8.14
CC1 WAY E . -4.68 2.69 6.94
CB1 WAY E . -4.97 1.68 5.93
C38 WAY E . -6.08 0.75 6.10
CB2 WAY E . -6.90 0.87 7.34
CC2 WAY E . -6.60 1.87 8.34
O45 WAY E . -6.32 -0.22 5.05
CA WAY E . -7.38 -1.18 5.11
O50 WAY E . -5.27 3.37 10.65
O51 WAY E . -3.85 4.57 9.03
HF2 WAY E . -4.88 9.23 7.31
HH WAY E . -4.72 10.37 9.53
HF1 WAY E . -5.27 9.14 11.65
H14 WAY E . -3.56 6.87 6.40
H15 WAY E . -5.04 5.01 5.01
HE1 WAY E . -5.32 6.72 12.69
HE2 WAY E . -6.20 5.47 11.83
HE3 WAY E . -7.03 6.92 12.37
HD1 WAY E . -7.84 4.12 8.49
HD2 WAY E . -8.21 5.81 8.83
HK WAY E . -10.41 5.73 13.09
HL WAY E . -10.08 3.36 13.88
HJ WAY E . -7.64 2.50 10.47
HI WAY E . -9.33 6.46 10.94
HC1 WAY E . -3.85 3.38 6.82
HB1 WAY E . -4.35 1.64 5.05
HB2 WAY E . -7.73 0.19 7.51
HC2 WAY E . -7.19 1.95 9.24
HA1 WAY E . -7.37 -1.81 4.22
HA2 WAY E . -8.35 -0.68 5.18
HA3 WAY E . -7.27 -1.82 5.99
N THR A 7 -8.03 13.53 -11.08
CA THR A 7 -7.36 14.83 -10.83
C THR A 7 -5.85 14.60 -10.69
N LEU A 8 -5.44 13.92 -9.64
CA LEU A 8 -3.99 13.66 -9.44
C LEU A 8 -3.61 12.32 -10.09
N LYS A 9 -2.52 12.29 -10.80
CA LYS A 9 -2.10 11.02 -11.45
C LYS A 9 -0.60 11.08 -11.78
N TRP A 10 0.01 9.96 -12.03
CA TRP A 10 1.47 9.95 -12.35
C TRP A 10 1.68 10.50 -13.76
N SER A 11 2.81 11.11 -14.01
CA SER A 11 3.08 11.67 -15.37
C SER A 11 3.54 10.55 -16.31
N LYS A 12 3.68 9.36 -15.80
CA LYS A 12 4.12 8.21 -16.65
C LYS A 12 3.44 6.93 -16.19
N MET A 13 3.25 5.99 -17.07
CA MET A 13 2.57 4.71 -16.69
C MET A 13 3.61 3.70 -16.21
N ASN A 14 4.87 4.07 -16.23
CA ASN A 14 5.94 3.12 -15.77
C ASN A 14 6.28 3.42 -14.32
N LEU A 15 6.33 2.43 -13.48
CA LEU A 15 6.67 2.65 -12.04
C LEU A 15 7.57 1.53 -11.54
N THR A 16 8.43 1.83 -10.60
CA THR A 16 9.36 0.79 -10.05
C THR A 16 9.29 0.84 -8.53
N TYR A 17 9.61 -0.24 -7.86
CA TYR A 17 9.55 -0.24 -6.37
C TYR A 17 10.66 -1.14 -5.80
N ARG A 18 11.01 -0.93 -4.55
CA ARG A 18 12.08 -1.76 -3.92
C ARG A 18 11.74 -1.97 -2.44
N ILE A 19 11.87 -3.19 -1.97
CA ILE A 19 11.57 -3.47 -0.53
C ILE A 19 12.82 -3.20 0.30
N VAL A 20 12.75 -2.29 1.22
CA VAL A 20 13.93 -1.97 2.07
C VAL A 20 14.21 -3.15 3.00
N ASN A 21 13.22 -3.75 3.56
CA ASN A 21 13.53 -4.87 4.48
C ASN A 21 12.29 -5.69 4.76
N TYR A 22 12.50 -6.91 5.16
CA TYR A 22 11.38 -7.79 5.49
C TYR A 22 11.25 -7.79 7.00
N THR A 23 10.20 -7.25 7.52
CA THR A 23 10.08 -7.19 9.01
C THR A 23 10.18 -8.62 9.57
N PRO A 24 10.91 -8.84 10.65
CA PRO A 24 11.01 -10.20 11.21
C PRO A 24 9.61 -10.73 11.56
N ASP A 25 8.63 -9.88 11.46
CA ASP A 25 7.24 -10.30 11.79
C ASP A 25 6.84 -11.47 10.89
N MET A 26 7.34 -11.52 9.69
CA MET A 26 6.98 -12.63 8.77
C MET A 26 8.21 -13.03 7.94
N THR A 27 8.17 -14.20 7.33
CA THR A 27 9.32 -14.66 6.52
C THR A 27 9.39 -13.86 5.22
N HIS A 28 10.52 -13.86 4.57
CA HIS A 28 10.65 -13.09 3.31
C HIS A 28 9.66 -13.62 2.26
N SER A 29 9.48 -14.91 2.18
CA SER A 29 8.53 -15.47 1.18
C SER A 29 7.11 -14.95 1.43
N GLU A 30 6.68 -14.90 2.66
CA GLU A 30 5.30 -14.41 2.94
C GLU A 30 5.18 -12.92 2.60
N VAL A 31 6.20 -12.15 2.92
CA VAL A 31 6.13 -10.69 2.64
C VAL A 31 6.15 -10.43 1.13
N GLU A 32 6.98 -11.11 0.40
CA GLU A 32 7.05 -10.88 -1.08
C GLU A 32 5.71 -11.16 -1.73
N LYS A 33 5.11 -12.29 -1.45
CA LYS A 33 3.78 -12.60 -2.08
C LYS A 33 2.75 -11.56 -1.66
N ALA A 34 2.83 -11.05 -0.47
CA ALA A 34 1.82 -10.05 -0.01
C ALA A 34 1.85 -8.83 -0.94
N PHE A 35 3.00 -8.27 -1.19
CA PHE A 35 3.06 -7.07 -2.08
C PHE A 35 2.67 -7.43 -3.51
N LYS A 36 3.10 -8.56 -3.99
CA LYS A 36 2.76 -8.94 -5.40
C LYS A 36 1.24 -9.02 -5.55
N LYS A 37 0.54 -9.56 -4.58
CA LYS A 37 -0.94 -9.63 -4.68
C LYS A 37 -1.49 -8.21 -4.81
N ALA A 38 -0.94 -7.30 -4.05
CA ALA A 38 -1.44 -5.89 -4.12
C ALA A 38 -1.28 -5.33 -5.53
N PHE A 39 -0.14 -5.50 -6.14
CA PHE A 39 0.06 -4.97 -7.52
C PHE A 39 -0.86 -5.71 -8.50
N LYS A 40 -1.02 -6.99 -8.34
CA LYS A 40 -1.89 -7.75 -9.28
C LYS A 40 -3.32 -7.19 -9.24
N VAL A 41 -3.85 -6.97 -8.06
CA VAL A 41 -5.24 -6.44 -7.97
C VAL A 41 -5.34 -5.07 -8.67
N TRP A 42 -4.36 -4.22 -8.49
CA TRP A 42 -4.43 -2.87 -9.13
C TRP A 42 -4.05 -2.96 -10.62
N SER A 43 -3.09 -3.80 -10.95
CA SER A 43 -2.67 -3.91 -12.37
C SER A 43 -3.78 -4.59 -13.20
N ASP A 44 -4.67 -5.26 -12.55
CA ASP A 44 -5.77 -5.95 -13.29
C ASP A 44 -6.60 -4.94 -14.09
N VAL A 45 -6.87 -3.79 -13.51
CA VAL A 45 -7.70 -2.76 -14.22
C VAL A 45 -6.89 -1.48 -14.45
N THR A 46 -5.60 -1.58 -14.69
CA THR A 46 -4.79 -0.35 -14.94
C THR A 46 -3.59 -0.70 -15.85
N PRO A 47 -3.30 0.09 -16.88
CA PRO A 47 -2.12 -0.21 -17.75
C PRO A 47 -0.79 0.10 -17.06
N LEU A 48 -0.81 0.31 -15.77
CA LEU A 48 0.46 0.63 -15.05
C LEU A 48 1.38 -0.61 -15.05
N ASN A 49 2.66 -0.39 -15.24
CA ASN A 49 3.63 -1.53 -15.25
C ASN A 49 4.52 -1.42 -14.00
N PHE A 50 4.52 -2.43 -13.17
CA PHE A 50 5.36 -2.39 -11.93
C PHE A 50 6.57 -3.31 -12.10
N THR A 51 7.75 -2.78 -11.90
CA THR A 51 9.00 -3.60 -12.05
C THR A 51 9.77 -3.61 -10.72
N ARG A 52 10.15 -4.77 -10.26
CA ARG A 52 10.92 -4.85 -8.99
C ARG A 52 12.40 -4.60 -9.27
N LEU A 53 13.03 -3.72 -8.52
CA LEU A 53 14.48 -3.44 -8.75
C LEU A 53 15.30 -4.18 -7.69
N HIS A 54 16.23 -5.00 -8.12
CA HIS A 54 17.06 -5.75 -7.14
C HIS A 54 17.85 -4.78 -6.27
N ASP A 55 18.36 -3.72 -6.85
CA ASP A 55 19.16 -2.73 -6.05
C ASP A 55 18.93 -1.32 -6.61
N GLY A 56 19.40 -0.32 -5.91
CA GLY A 56 19.23 1.08 -6.38
C GLY A 56 17.99 1.70 -5.72
N ILE A 57 17.70 2.94 -6.01
CA ILE A 57 16.51 3.60 -5.40
C ILE A 57 15.33 3.51 -6.36
N ALA A 58 14.17 3.15 -5.85
CA ALA A 58 12.96 3.03 -6.74
C ALA A 58 11.97 4.15 -6.40
N ASP A 59 11.08 4.45 -7.30
CA ASP A 59 10.10 5.54 -7.03
C ASP A 59 9.28 5.18 -5.78
N ILE A 60 8.75 3.99 -5.73
CA ILE A 60 7.93 3.57 -4.55
C ILE A 60 8.74 2.61 -3.67
N MET A 61 9.33 3.11 -2.61
CA MET A 61 10.11 2.22 -1.69
C MET A 61 9.25 1.87 -0.47
N ILE A 62 9.21 0.62 -0.11
CA ILE A 62 8.39 0.18 1.06
C ILE A 62 9.32 -0.24 2.20
N SER A 63 9.07 0.26 3.39
CA SER A 63 9.96 -0.11 4.54
C SER A 63 9.16 -0.06 5.85
N PHE A 64 9.64 -0.74 6.86
CA PHE A 64 8.95 -0.75 8.19
C PHE A 64 9.73 0.18 9.12
N GLY A 65 9.06 1.12 9.75
CA GLY A 65 9.76 2.06 10.68
C GLY A 65 9.22 1.91 12.09
N ILE A 66 9.53 2.84 12.96
CA ILE A 66 9.06 2.78 14.37
C ILE A 66 8.53 4.16 14.76
N LYS A 67 7.83 4.25 15.87
CA LYS A 67 7.28 5.55 16.34
C LYS A 67 8.22 6.72 16.01
N GLU A 68 9.27 6.89 16.77
CA GLU A 68 10.20 8.02 16.49
C GLU A 68 10.97 7.76 15.19
N HIS A 69 10.31 7.91 14.07
CA HIS A 69 11.00 7.70 12.76
C HIS A 69 12.15 8.70 12.64
N GLY A 70 11.92 9.92 13.08
CA GLY A 70 12.97 10.97 13.00
C GLY A 70 12.30 12.28 12.59
N ASP A 71 11.01 12.37 12.79
CA ASP A 71 10.25 13.60 12.44
C ASP A 71 9.20 13.88 13.52
N PHE A 72 8.60 15.04 13.51
CA PHE A 72 7.60 15.36 14.56
C PHE A 72 6.44 14.35 14.51
N TYR A 73 5.87 14.13 13.35
CA TYR A 73 4.72 13.16 13.21
C TYR A 73 4.89 11.97 14.17
N PRO A 74 4.28 11.99 15.35
CA PRO A 74 4.41 10.87 16.30
C PRO A 74 3.31 9.81 16.15
N PHE A 75 3.62 8.55 16.36
CA PHE A 75 2.57 7.50 16.26
C PHE A 75 1.91 7.35 17.63
N ASP A 76 0.82 6.63 17.73
CA ASP A 76 0.13 6.46 19.04
C ASP A 76 0.42 5.09 19.64
N GLY A 77 1.39 4.38 19.12
CA GLY A 77 1.73 3.01 19.66
C GLY A 77 1.29 1.95 18.65
N PRO A 78 0.96 0.75 19.09
CA PRO A 78 0.53 -0.32 18.15
C PRO A 78 -0.70 0.06 17.31
N SER A 79 -1.82 0.28 17.93
CA SER A 79 -3.04 0.66 17.15
C SER A 79 -2.95 2.12 16.71
N GLY A 80 -3.70 2.50 15.70
CA GLY A 80 -3.67 3.91 15.20
C GLY A 80 -3.12 3.95 13.77
N LEU A 81 -2.16 4.80 13.51
CA LEU A 81 -1.59 4.89 12.14
C LEU A 81 -0.87 3.58 11.81
N LEU A 82 -1.47 2.74 11.01
CA LEU A 82 -0.80 1.46 10.68
C LEU A 82 0.25 1.71 9.60
N ALA A 83 0.18 2.85 8.96
CA ALA A 83 1.17 3.17 7.90
C ALA A 83 0.84 4.54 7.31
N HIS A 84 1.71 5.08 6.50
CA HIS A 84 1.43 6.40 5.87
C HIS A 84 2.29 6.58 4.63
N ALA A 85 1.84 7.37 3.70
CA ALA A 85 2.63 7.58 2.44
C ALA A 85 2.50 9.05 2.00
N PHE A 86 3.42 9.52 1.21
CA PHE A 86 3.37 10.95 0.75
C PHE A 86 2.69 10.96 -0.65
N PRO A 87 2.06 12.06 -1.03
CA PRO A 87 1.40 12.11 -2.36
C PRO A 87 2.35 11.64 -3.49
N PRO A 88 1.84 11.44 -4.69
CA PRO A 88 2.70 10.98 -5.81
C PRO A 88 3.78 12.01 -6.20
N GLY A 89 4.62 12.37 -5.27
CA GLY A 89 5.69 13.36 -5.57
C GLY A 89 6.68 12.75 -6.57
N PRO A 90 7.77 13.42 -6.84
CA PRO A 90 8.77 12.91 -7.82
C PRO A 90 9.58 11.72 -7.26
N ASN A 91 10.72 11.96 -6.68
CA ASN A 91 11.56 10.85 -6.16
C ASN A 91 11.13 10.42 -4.75
N TYR A 92 11.05 11.35 -3.83
CA TYR A 92 10.66 10.98 -2.45
C TYR A 92 9.19 10.57 -2.40
N GLY A 93 8.34 11.24 -3.12
CA GLY A 93 6.90 10.88 -3.11
C GLY A 93 6.72 9.41 -3.48
N GLY A 94 5.54 8.89 -3.31
CA GLY A 94 5.30 7.46 -3.66
C GLY A 94 5.91 6.56 -2.59
N ASP A 95 6.42 7.13 -1.53
CA ASP A 95 7.04 6.29 -0.47
C ASP A 95 5.95 5.68 0.41
N ALA A 96 6.27 4.66 1.16
CA ALA A 96 5.24 4.02 2.04
C ALA A 96 5.91 3.50 3.31
N HIS A 97 5.44 3.92 4.45
CA HIS A 97 6.03 3.48 5.76
C HIS A 97 5.04 2.59 6.51
N PHE A 98 5.55 1.62 7.23
CA PHE A 98 4.66 0.70 8.02
C PHE A 98 5.16 0.70 9.47
N ASP A 99 4.28 0.51 10.42
CA ASP A 99 4.74 0.50 11.84
C ASP A 99 5.39 -0.85 12.16
N ASP A 100 6.61 -0.84 12.61
CA ASP A 100 7.30 -2.13 12.95
C ASP A 100 6.89 -2.55 14.35
N ASP A 101 6.23 -1.69 15.08
CA ASP A 101 5.81 -2.04 16.46
C ASP A 101 4.51 -2.84 16.39
N GLU A 102 3.87 -2.84 15.25
CA GLU A 102 2.59 -3.59 15.10
C GLU A 102 2.90 -5.02 14.66
N THR A 103 1.93 -5.90 14.73
CA THR A 103 2.17 -7.32 14.33
C THR A 103 1.65 -7.54 12.92
N TRP A 104 2.53 -7.65 11.96
CA TRP A 104 2.10 -7.86 10.55
C TRP A 104 1.97 -9.37 10.31
N THR A 105 0.82 -9.82 9.88
CA THR A 105 0.61 -11.29 9.65
C THR A 105 -0.21 -11.51 8.38
N SER A 106 -0.14 -12.68 7.82
CA SER A 106 -0.94 -12.98 6.58
C SER A 106 -2.23 -13.68 6.99
N SER A 107 -2.32 -14.07 8.24
CA SER A 107 -3.55 -14.74 8.73
C SER A 107 -4.51 -13.68 9.28
N SER A 108 -5.62 -14.09 9.83
CA SER A 108 -6.58 -13.09 10.38
C SER A 108 -6.18 -12.72 11.81
N LYS A 109 -5.18 -11.90 11.96
CA LYS A 109 -4.73 -11.47 13.32
C LYS A 109 -4.18 -10.05 13.23
N GLY A 110 -4.29 -9.29 14.29
CA GLY A 110 -3.78 -7.90 14.26
C GLY A 110 -4.19 -7.21 12.96
N TYR A 111 -3.31 -6.44 12.36
CA TYR A 111 -3.64 -5.75 11.09
C TYR A 111 -3.01 -6.53 9.93
N ASN A 112 -3.82 -7.07 9.06
CA ASN A 112 -3.25 -7.84 7.91
C ASN A 112 -2.40 -6.93 7.02
N LEU A 113 -1.25 -7.38 6.63
CA LEU A 113 -0.34 -6.56 5.78
C LEU A 113 -1.03 -6.22 4.44
N PHE A 114 -1.63 -7.19 3.80
CA PHE A 114 -2.30 -6.93 2.49
C PHE A 114 -3.39 -5.86 2.63
N LEU A 115 -4.14 -5.88 3.69
CA LEU A 115 -5.21 -4.84 3.85
C LEU A 115 -4.57 -3.44 3.81
N VAL A 116 -3.57 -3.21 4.61
CA VAL A 116 -2.92 -1.86 4.63
C VAL A 116 -2.15 -1.63 3.33
N ALA A 117 -1.47 -2.62 2.84
CA ALA A 117 -0.68 -2.44 1.59
C ALA A 117 -1.61 -1.98 0.45
N ALA A 118 -2.70 -2.67 0.27
CA ALA A 118 -3.66 -2.28 -0.81
C ALA A 118 -4.16 -0.85 -0.60
N HIS A 119 -4.43 -0.48 0.62
CA HIS A 119 -4.96 0.89 0.90
C HIS A 119 -3.94 1.98 0.50
N GLU A 120 -2.71 1.86 0.93
CA GLU A 120 -1.71 2.92 0.58
C GLU A 120 -1.57 3.02 -0.95
N PHE A 121 -1.58 1.92 -1.65
CA PHE A 121 -1.45 2.00 -3.13
C PHE A 121 -2.60 2.84 -3.67
N GLY A 122 -3.77 2.66 -3.14
CA GLY A 122 -4.94 3.44 -3.63
C GLY A 122 -4.65 4.93 -3.50
N HIS A 123 -4.02 5.34 -2.42
CA HIS A 123 -3.70 6.79 -2.27
C HIS A 123 -2.69 7.19 -3.32
N SER A 124 -1.73 6.35 -3.59
CA SER A 124 -0.70 6.68 -4.61
C SER A 124 -1.35 6.75 -5.99
N LEU A 125 -2.45 6.07 -6.18
CA LEU A 125 -3.12 6.08 -7.50
C LEU A 125 -3.97 7.35 -7.63
N GLY A 126 -4.02 8.16 -6.61
CA GLY A 126 -4.81 9.43 -6.68
C GLY A 126 -6.24 9.19 -6.21
N LEU A 127 -6.52 8.04 -5.64
CA LEU A 127 -7.92 7.78 -5.15
C LEU A 127 -8.07 8.35 -3.75
N ASP A 128 -9.25 8.81 -3.42
CA ASP A 128 -9.50 9.39 -2.06
C ASP A 128 -10.24 8.37 -1.19
N HIS A 129 -10.41 8.67 0.07
CA HIS A 129 -11.12 7.71 0.97
C HIS A 129 -12.53 7.45 0.43
N SER A 130 -12.96 6.22 0.45
CA SER A 130 -14.33 5.88 -0.05
C SER A 130 -15.28 5.75 1.14
N LYS A 131 -16.55 5.91 0.91
CA LYS A 131 -17.54 5.81 2.02
C LYS A 131 -18.21 4.44 1.99
N ASP A 132 -17.83 3.61 1.06
CA ASP A 132 -18.43 2.24 0.99
C ASP A 132 -17.64 1.32 1.94
N PRO A 133 -18.29 0.58 2.82
CA PRO A 133 -17.53 -0.32 3.74
C PRO A 133 -16.85 -1.48 3.00
N GLY A 134 -17.34 -1.81 1.83
CA GLY A 134 -16.73 -2.94 1.06
C GLY A 134 -15.58 -2.41 0.22
N ALA A 135 -15.37 -1.11 0.22
CA ALA A 135 -14.27 -0.54 -0.60
C ALA A 135 -12.97 -0.57 0.22
N LEU A 136 -11.85 -0.77 -0.43
CA LEU A 136 -10.56 -0.81 0.31
C LEU A 136 -10.21 0.59 0.80
N MET A 137 -10.55 1.60 0.05
CA MET A 137 -10.23 3.00 0.47
C MET A 137 -11.10 3.43 1.66
N PHE A 138 -11.68 2.48 2.36
CA PHE A 138 -12.54 2.86 3.53
C PHE A 138 -11.61 3.44 4.63
N PRO A 139 -11.96 4.57 5.24
CA PRO A 139 -11.06 5.16 6.29
C PRO A 139 -10.88 4.28 7.54
N ILE A 140 -11.68 3.26 7.71
CA ILE A 140 -11.55 2.38 8.91
C ILE A 140 -10.97 1.02 8.49
N TYR A 141 -10.10 0.48 9.30
CA TYR A 141 -9.47 -0.83 8.97
C TYR A 141 -10.48 -1.96 9.18
N THR A 142 -10.64 -2.81 8.20
CA THR A 142 -11.59 -3.96 8.32
C THR A 142 -10.93 -5.20 7.72
N TYR A 143 -11.10 -6.34 8.33
CA TYR A 143 -10.48 -7.57 7.77
C TYR A 143 -11.33 -8.11 6.62
N THR A 144 -10.71 -8.37 5.50
CA THR A 144 -11.45 -8.89 4.30
C THR A 144 -10.98 -10.31 3.97
N GLY A 145 -11.89 -11.24 3.89
CA GLY A 145 -11.48 -12.63 3.55
C GLY A 145 -10.83 -12.61 2.16
N LYS A 146 -9.54 -12.63 2.12
CA LYS A 146 -8.85 -12.58 0.80
C LYS A 146 -9.05 -13.90 0.06
N SER A 147 -9.30 -13.82 -1.22
CA SER A 147 -9.52 -15.06 -2.03
C SER A 147 -9.88 -14.64 -3.46
N HIS A 148 -11.12 -14.32 -3.69
CA HIS A 148 -11.57 -13.89 -5.05
C HIS A 148 -11.97 -12.41 -5.01
N PHE A 149 -11.50 -11.69 -4.02
CA PHE A 149 -11.87 -10.25 -3.91
C PHE A 149 -11.37 -9.48 -5.13
N MET A 150 -12.18 -8.59 -5.65
CA MET A 150 -11.78 -7.77 -6.83
C MET A 150 -12.24 -6.33 -6.60
N LEU A 151 -11.50 -5.39 -7.08
CA LEU A 151 -11.89 -3.96 -6.89
C LEU A 151 -13.39 -3.79 -7.24
N PRO A 152 -14.27 -3.52 -6.28
CA PRO A 152 -15.72 -3.35 -6.62
C PRO A 152 -15.95 -2.28 -7.70
N ASP A 153 -17.18 -2.09 -8.10
CA ASP A 153 -17.49 -1.08 -9.15
C ASP A 153 -17.05 0.31 -8.67
N ASP A 154 -17.25 0.63 -7.42
CA ASP A 154 -16.86 1.98 -6.92
C ASP A 154 -15.36 2.20 -7.17
N ASP A 155 -14.55 1.24 -6.82
CA ASP A 155 -13.08 1.40 -7.03
C ASP A 155 -12.75 1.36 -8.52
N VAL A 156 -13.39 0.50 -9.27
CA VAL A 156 -13.10 0.42 -10.73
C VAL A 156 -13.49 1.75 -11.39
N GLN A 157 -14.65 2.26 -11.10
CA GLN A 157 -15.09 3.54 -11.71
C GLN A 157 -14.11 4.66 -11.34
N GLY A 158 -13.64 4.68 -10.13
CA GLY A 158 -12.70 5.76 -9.70
C GLY A 158 -11.35 5.63 -10.39
N ILE A 159 -10.70 4.51 -10.27
CA ILE A 159 -9.36 4.35 -10.93
C ILE A 159 -9.50 4.50 -12.44
N GLN A 160 -10.55 3.95 -13.00
CA GLN A 160 -10.75 4.06 -14.47
C GLN A 160 -10.97 5.53 -14.85
N SER A 161 -11.71 6.25 -14.06
CA SER A 161 -11.97 7.69 -14.37
C SER A 161 -10.67 8.48 -14.30
N LEU A 162 -9.71 8.04 -13.52
CA LEU A 162 -8.43 8.78 -13.41
C LEU A 162 -7.44 8.32 -14.49
N TYR A 163 -7.23 7.04 -14.61
CA TYR A 163 -6.27 6.52 -15.64
C TYR A 163 -7.01 6.15 -16.92
N GLY A 164 -8.32 6.13 -16.90
CA GLY A 164 -9.09 5.77 -18.13
C GLY A 164 -9.36 4.27 -18.14
ZN ZN B . -6.08 6.53 3.95
ZN ZN C . 6.94 5.70 8.63
CA CA D . -0.23 2.96 15.12
C1 WAY E . -5.53 7.06 9.41
C2 WAY E . -5.20 7.86 8.21
CF2 WAY E . -4.71 9.23 8.39
CH WAY E . -4.55 9.80 9.70
CF1 WAY E . -4.88 9.02 10.88
C6 WAY E . -5.37 7.66 10.75
C10 WAY E . -5.30 7.42 6.80
O11 WAY E . -6.31 7.61 6.13
N12 WAY E . -4.36 6.62 6.28
O13 WAY E . -4.61 6.08 5.01
CE WAY E . -5.69 6.91 12.02
N20 WAY E . -6.00 5.77 9.32
S21 WAY E . -4.93 4.50 9.51
CD WAY E . -7.45 5.55 9.16
CK WAY E . -8.99 3.71 12.24
CM WAY E . -9.64 4.83 12.86
N25 WAY E . -9.58 6.12 12.32
CJ WAY E . -8.87 6.33 11.12
C27 WAY E . -8.19 5.27 10.44
CI WAY E . -8.27 3.95 11.01
C35 WAY E . -5.26 3.26 8.27
CC1 WAY E . -4.38 3.14 7.13
CB1 WAY E . -4.65 2.13 6.11
C38 WAY E . -5.79 1.24 6.22
CB2 WAY E . -6.67 1.38 7.41
CC2 WAY E . -6.40 2.39 8.42
O45 WAY E . -5.99 0.26 5.18
CA WAY E . -7.09 -0.68 5.19
O50 WAY E . -5.22 3.88 10.77
O51 WAY E . -3.60 4.97 9.28
HF2 WAY E . -4.46 9.82 7.53
HH WAY E . -4.19 10.82 9.81
HF1 WAY E . -4.76 9.46 11.86
H14 WAY E . -3.51 6.43 6.77
H15 WAY E . -5.04 6.73 4.47
HE1 WAY E . -5.69 5.82 11.86
HE2 WAY E . -6.67 7.18 12.41
HE3 WAY E . -4.96 7.12 12.80
HD1 WAY E . -7.57 4.71 8.48
HD2 WAY E . -7.86 6.44 8.68
HK WAY E . -9.05 2.72 12.67
HL WAY E . -10.19 4.68 13.77
HJ WAY E . -8.82 7.32 10.70
HI WAY E . -7.77 3.12 10.53
HC1 WAY E . -3.52 3.81 7.03
HB1 WAY E . -3.97 2.06 5.26
HB2 WAY E . -7.53 0.74 7.54
HC2 WAY E . -7.04 2.50 9.29
HA1 WAY E . -7.05 -1.32 4.30
HA2 WAY E . -8.04 -0.15 5.19
HA3 WAY E . -7.04 -1.31 6.08
N THR A 7 -7.77 13.36 -10.36
CA THR A 7 -7.05 14.56 -10.86
C THR A 7 -5.54 14.29 -10.85
N LEU A 8 -4.97 14.09 -9.70
CA LEU A 8 -3.50 13.81 -9.64
C LEU A 8 -3.23 12.42 -10.22
N LYS A 9 -2.17 12.29 -10.98
CA LYS A 9 -1.85 10.97 -11.58
C LYS A 9 -0.37 10.95 -12.01
N TRP A 10 0.19 9.78 -12.18
CA TRP A 10 1.63 9.72 -12.59
C TRP A 10 1.76 10.17 -14.05
N SER A 11 2.86 10.76 -14.40
CA SER A 11 3.05 11.23 -15.80
C SER A 11 3.50 10.07 -16.69
N LYS A 12 3.62 8.89 -16.12
CA LYS A 12 4.07 7.72 -16.94
C LYS A 12 3.47 6.43 -16.38
N MET A 13 3.33 5.41 -17.19
CA MET A 13 2.76 4.12 -16.73
C MET A 13 3.89 3.21 -16.23
N ASN A 14 5.10 3.67 -16.30
CA ASN A 14 6.25 2.83 -15.83
C ASN A 14 6.59 3.21 -14.38
N LEU A 15 6.63 2.25 -13.49
CA LEU A 15 6.94 2.56 -12.06
C LEU A 15 7.86 1.48 -11.49
N THR A 16 8.67 1.83 -10.53
CA THR A 16 9.61 0.84 -9.90
C THR A 16 9.47 0.92 -8.39
N TYR A 17 9.73 -0.16 -7.69
CA TYR A 17 9.60 -0.14 -6.19
C TYR A 17 10.67 -1.04 -5.57
N ARG A 18 10.97 -0.84 -4.31
CA ARG A 18 12.02 -1.67 -3.63
C ARG A 18 11.60 -1.92 -2.18
N ILE A 19 11.78 -3.14 -1.70
CA ILE A 19 11.41 -3.44 -0.28
C ILE A 19 12.63 -3.14 0.61
N VAL A 20 12.51 -2.23 1.53
CA VAL A 20 13.65 -1.90 2.42
C VAL A 20 13.93 -3.08 3.37
N ASN A 21 12.94 -3.71 3.87
CA ASN A 21 13.24 -4.81 4.80
C ASN A 21 12.04 -5.71 4.99
N TYR A 22 12.32 -6.95 5.27
CA TYR A 22 11.24 -7.91 5.57
C TYR A 22 11.23 -8.00 7.08
N THR A 23 10.27 -7.41 7.73
CA THR A 23 10.27 -7.42 9.21
C THR A 23 10.26 -8.86 9.74
N PRO A 24 10.92 -9.13 10.86
CA PRO A 24 10.94 -10.51 11.42
C PRO A 24 9.53 -11.00 11.76
N ASP A 25 8.57 -10.12 11.75
CA ASP A 25 7.17 -10.54 12.06
C ASP A 25 6.75 -11.65 11.11
N MET A 26 7.22 -11.64 9.89
CA MET A 26 6.84 -12.71 8.90
C MET A 26 8.07 -13.10 8.08
N THR A 27 8.04 -14.26 7.47
CA THR A 27 9.20 -14.72 6.66
C THR A 27 9.26 -13.93 5.35
N HIS A 28 10.40 -13.93 4.70
CA HIS A 28 10.52 -13.17 3.42
C HIS A 28 9.52 -13.70 2.40
N SER A 29 9.36 -15.00 2.30
CA SER A 29 8.41 -15.56 1.31
C SER A 29 6.99 -15.05 1.58
N GLU A 30 6.59 -14.99 2.82
CA GLU A 30 5.22 -14.50 3.14
C GLU A 30 5.09 -13.00 2.84
N VAL A 31 6.11 -12.25 3.14
CA VAL A 31 6.05 -10.79 2.89
C VAL A 31 6.06 -10.51 1.38
N GLU A 32 6.91 -11.19 0.65
CA GLU A 32 6.98 -10.95 -0.82
C GLU A 32 5.63 -11.23 -1.49
N LYS A 33 5.02 -12.34 -1.20
CA LYS A 33 3.71 -12.64 -1.85
C LYS A 33 2.67 -11.59 -1.44
N ALA A 34 2.75 -11.07 -0.24
CA ALA A 34 1.76 -10.05 0.18
C ALA A 34 1.82 -8.83 -0.74
N PHE A 35 2.98 -8.28 -0.96
CA PHE A 35 3.08 -7.08 -1.86
C PHE A 35 2.78 -7.47 -3.31
N LYS A 36 3.25 -8.60 -3.76
CA LYS A 36 2.99 -8.99 -5.17
C LYS A 36 1.48 -9.09 -5.41
N LYS A 37 0.74 -9.64 -4.48
CA LYS A 37 -0.74 -9.70 -4.69
C LYS A 37 -1.29 -8.29 -4.80
N ALA A 38 -0.77 -7.38 -4.00
CA ALA A 38 -1.26 -5.98 -4.07
C ALA A 38 -1.03 -5.40 -5.47
N PHE A 39 0.12 -5.62 -6.04
CA PHE A 39 0.39 -5.08 -7.41
C PHE A 39 -0.55 -5.76 -8.41
N LYS A 40 -0.76 -7.04 -8.26
CA LYS A 40 -1.65 -7.77 -9.18
C LYS A 40 -3.07 -7.21 -9.15
N VAL A 41 -3.64 -7.02 -7.98
CA VAL A 41 -5.04 -6.48 -7.91
C VAL A 41 -5.10 -5.09 -8.56
N TRP A 42 -4.15 -4.23 -8.31
CA TRP A 42 -4.20 -2.86 -8.90
C TRP A 42 -3.78 -2.92 -10.38
N SER A 43 -2.84 -3.75 -10.71
CA SER A 43 -2.40 -3.85 -12.13
C SER A 43 -3.49 -4.51 -12.97
N ASP A 44 -4.37 -5.26 -12.34
CA ASP A 44 -5.46 -5.94 -13.10
C ASP A 44 -6.32 -4.92 -13.85
N VAL A 45 -6.63 -3.79 -13.23
CA VAL A 45 -7.50 -2.76 -13.90
C VAL A 45 -6.67 -1.52 -14.27
N THR A 46 -5.38 -1.66 -14.45
CA THR A 46 -4.53 -0.48 -14.83
C THR A 46 -3.32 -0.95 -15.67
N PRO A 47 -3.00 -0.31 -16.79
CA PRO A 47 -1.82 -0.73 -17.60
C PRO A 47 -0.48 -0.34 -16.95
N LEU A 48 -0.47 -0.11 -15.66
CA LEU A 48 0.79 0.30 -14.99
C LEU A 48 1.77 -0.89 -14.96
N ASN A 49 3.02 -0.62 -15.22
CA ASN A 49 4.05 -1.70 -15.20
C ASN A 49 4.90 -1.54 -13.94
N PHE A 50 4.93 -2.55 -13.11
CA PHE A 50 5.73 -2.47 -11.84
C PHE A 50 6.95 -3.40 -11.94
N THR A 51 8.14 -2.86 -11.73
CA THR A 51 9.39 -3.69 -11.81
C THR A 51 10.11 -3.66 -10.45
N ARG A 52 10.47 -4.80 -9.95
CA ARG A 52 11.20 -4.86 -8.65
C ARG A 52 12.69 -4.56 -8.87
N LEU A 53 13.25 -3.66 -8.11
CA LEU A 53 14.71 -3.34 -8.28
C LEU A 53 15.51 -4.02 -7.17
N HIS A 54 16.52 -4.76 -7.53
CA HIS A 54 17.36 -5.46 -6.51
C HIS A 54 18.05 -4.43 -5.62
N ASP A 55 18.52 -3.36 -6.19
CA ASP A 55 19.22 -2.30 -5.38
C ASP A 55 18.98 -0.92 -6.01
N GLY A 56 19.42 0.12 -5.34
CA GLY A 56 19.23 1.50 -5.88
C GLY A 56 17.97 2.12 -5.27
N ILE A 57 17.67 3.34 -5.61
CA ILE A 57 16.45 4.00 -5.04
C ILE A 57 15.28 3.84 -6.01
N ALA A 58 14.13 3.45 -5.52
CA ALA A 58 12.94 3.27 -6.42
C ALA A 58 11.92 4.38 -6.14
N ASP A 59 11.04 4.64 -7.07
CA ASP A 59 10.03 5.71 -6.84
C ASP A 59 9.20 5.35 -5.62
N ILE A 60 8.69 4.14 -5.56
CA ILE A 60 7.86 3.71 -4.40
C ILE A 60 8.65 2.75 -3.51
N MET A 61 9.17 3.23 -2.40
CA MET A 61 9.95 2.35 -1.48
C MET A 61 9.06 1.97 -0.30
N ILE A 62 9.05 0.71 0.06
CA ILE A 62 8.21 0.23 1.21
C ILE A 62 9.12 -0.15 2.37
N SER A 63 8.84 0.33 3.56
CA SER A 63 9.71 0.00 4.72
C SER A 63 8.92 0.01 6.02
N PHE A 64 9.41 -0.69 7.02
CA PHE A 64 8.71 -0.72 8.34
C PHE A 64 9.52 0.14 9.31
N GLY A 65 8.94 1.17 9.86
CA GLY A 65 9.68 2.06 10.80
C GLY A 65 9.14 1.92 12.22
N ILE A 66 9.59 2.78 13.10
CA ILE A 66 9.13 2.77 14.52
C ILE A 66 8.86 4.21 14.94
N LYS A 67 8.14 4.40 16.04
CA LYS A 67 7.78 5.77 16.56
C LYS A 67 8.36 6.89 15.66
N GLU A 68 9.53 7.38 15.96
CA GLU A 68 10.14 8.44 15.10
C GLU A 68 10.73 7.79 13.85
N HIS A 69 10.52 8.37 12.68
CA HIS A 69 11.08 7.77 11.42
C HIS A 69 11.66 8.86 10.51
N GLY A 70 12.14 9.94 11.08
CA GLY A 70 12.74 11.03 10.24
C GLY A 70 11.73 12.15 9.95
N ASP A 71 10.71 12.29 10.77
CA ASP A 71 9.71 13.37 10.52
C ASP A 71 9.11 13.85 11.85
N PHE A 72 8.31 14.89 11.80
CA PHE A 72 7.70 15.43 13.04
C PHE A 72 6.27 14.88 13.20
N TYR A 73 6.02 13.70 12.69
CA TYR A 73 4.67 13.07 12.80
C TYR A 73 4.83 11.65 13.33
N PRO A 74 5.09 11.48 14.61
CA PRO A 74 5.28 10.11 15.17
C PRO A 74 3.97 9.31 15.22
N PHE A 75 4.07 8.03 15.49
CA PHE A 75 2.85 7.17 15.56
C PHE A 75 2.37 7.17 17.00
N ASP A 76 1.22 6.59 17.27
CA ASP A 76 0.70 6.57 18.67
C ASP A 76 0.95 5.21 19.34
N GLY A 77 1.73 4.35 18.73
CA GLY A 77 2.02 3.01 19.35
C GLY A 77 1.49 1.90 18.41
N PRO A 78 1.08 0.77 18.93
CA PRO A 78 0.56 -0.33 18.04
C PRO A 78 -0.67 0.11 17.23
N SER A 79 -1.76 0.39 17.88
CA SER A 79 -2.99 0.82 17.13
C SER A 79 -2.86 2.27 16.69
N GLY A 80 -3.69 2.71 15.77
CA GLY A 80 -3.64 4.13 15.28
C GLY A 80 -3.20 4.15 13.81
N LEU A 81 -2.25 4.98 13.49
CA LEU A 81 -1.77 5.07 12.08
C LEU A 81 -1.06 3.76 11.72
N LEU A 82 -1.68 2.92 10.94
CA LEU A 82 -1.03 1.63 10.58
C LEU A 82 0.05 1.89 9.52
N ALA A 83 -0.17 2.86 8.68
CA ALA A 83 0.85 3.16 7.62
C ALA A 83 0.38 4.38 6.83
N HIS A 84 1.27 5.02 6.12
CA HIS A 84 0.86 6.21 5.33
C HIS A 84 1.88 6.49 4.24
N ALA A 85 1.49 7.26 3.27
CA ALA A 85 2.41 7.60 2.14
C ALA A 85 2.22 9.07 1.80
N PHE A 86 3.19 9.69 1.17
CA PHE A 86 3.05 11.12 0.78
C PHE A 86 2.44 11.20 -0.62
N PRO A 87 1.73 12.25 -0.97
CA PRO A 87 1.13 12.33 -2.34
C PRO A 87 2.20 12.15 -3.43
N PRO A 88 1.80 11.96 -4.66
CA PRO A 88 2.77 11.78 -5.76
C PRO A 88 3.85 12.88 -5.75
N GLY A 89 5.09 12.49 -5.68
CA GLY A 89 6.18 13.51 -5.66
C GLY A 89 7.49 12.86 -6.10
N PRO A 90 8.59 13.56 -5.96
CA PRO A 90 9.91 13.00 -6.37
C PRO A 90 10.21 11.66 -5.68
N ASN A 91 11.47 11.40 -5.44
CA ASN A 91 11.88 10.13 -4.79
C ASN A 91 11.22 10.03 -3.41
N TYR A 92 11.15 11.11 -2.68
CA TYR A 92 10.52 11.05 -1.33
C TYR A 92 9.02 10.77 -1.48
N GLY A 93 8.38 11.34 -2.45
CA GLY A 93 6.92 11.09 -2.63
C GLY A 93 6.70 9.63 -3.05
N GLY A 94 5.47 9.19 -3.04
CA GLY A 94 5.16 7.79 -3.44
C GLY A 94 5.77 6.81 -2.44
N ASP A 95 6.28 7.30 -1.34
CA ASP A 95 6.89 6.38 -0.33
C ASP A 95 5.78 5.77 0.54
N ALA A 96 6.12 4.76 1.32
CA ALA A 96 5.09 4.13 2.20
C ALA A 96 5.76 3.66 3.49
N HIS A 97 5.37 4.20 4.61
CA HIS A 97 5.98 3.80 5.92
C HIS A 97 4.99 2.93 6.71
N PHE A 98 5.44 1.80 7.19
CA PHE A 98 4.57 0.88 7.98
C PHE A 98 5.06 0.87 9.43
N ASP A 99 4.18 0.81 10.39
CA ASP A 99 4.62 0.80 11.81
C ASP A 99 5.09 -0.61 12.20
N ASP A 100 6.30 -0.72 12.69
CA ASP A 100 6.82 -2.06 13.09
C ASP A 100 6.35 -2.36 14.51
N ASP A 101 5.58 -1.50 15.09
CA ASP A 101 5.10 -1.72 16.49
C ASP A 101 3.89 -2.67 16.48
N GLU A 102 3.28 -2.86 15.34
CA GLU A 102 2.09 -3.77 15.26
C GLU A 102 2.55 -5.17 14.86
N THR A 103 1.67 -6.13 14.93
CA THR A 103 2.03 -7.54 14.56
C THR A 103 1.55 -7.80 13.14
N TRP A 104 2.44 -7.82 12.19
CA TRP A 104 2.04 -8.06 10.78
C TRP A 104 1.93 -9.57 10.54
N THR A 105 0.82 -10.02 10.03
CA THR A 105 0.63 -11.48 9.78
C THR A 105 -0.09 -11.71 8.45
N SER A 106 0.02 -12.89 7.90
CA SER A 106 -0.67 -13.18 6.61
C SER A 106 -2.03 -13.80 6.94
N SER A 107 -2.22 -14.15 8.18
CA SER A 107 -3.52 -14.75 8.61
C SER A 107 -4.44 -13.63 9.10
N SER A 108 -5.63 -13.94 9.51
CA SER A 108 -6.56 -12.88 9.98
C SER A 108 -6.29 -12.59 11.47
N LYS A 109 -5.23 -11.89 11.77
CA LYS A 109 -4.90 -11.55 13.19
C LYS A 109 -4.39 -10.12 13.24
N GLY A 110 -4.70 -9.39 14.27
CA GLY A 110 -4.21 -7.99 14.35
C GLY A 110 -4.54 -7.26 13.04
N TYR A 111 -3.57 -6.60 12.45
CA TYR A 111 -3.83 -5.88 11.16
C TYR A 111 -3.22 -6.68 10.01
N ASN A 112 -4.03 -7.18 9.11
CA ASN A 112 -3.47 -7.95 7.96
C ASN A 112 -2.63 -7.02 7.08
N LEU A 113 -1.45 -7.45 6.73
CA LEU A 113 -0.54 -6.62 5.87
C LEU A 113 -1.19 -6.31 4.52
N PHE A 114 -1.78 -7.28 3.88
CA PHE A 114 -2.41 -7.04 2.55
C PHE A 114 -3.49 -5.97 2.64
N LEU A 115 -4.29 -5.98 3.68
CA LEU A 115 -5.37 -4.96 3.80
C LEU A 115 -4.76 -3.54 3.80
N VAL A 116 -3.80 -3.28 4.65
CA VAL A 116 -3.19 -1.92 4.68
C VAL A 116 -2.36 -1.70 3.41
N ALA A 117 -1.65 -2.71 2.98
CA ALA A 117 -0.83 -2.54 1.75
C ALA A 117 -1.75 -2.10 0.60
N ALA A 118 -2.80 -2.82 0.36
CA ALA A 118 -3.71 -2.42 -0.73
C ALA A 118 -4.22 -0.99 -0.50
N HIS A 119 -4.38 -0.60 0.74
CA HIS A 119 -4.90 0.77 1.03
C HIS A 119 -3.91 1.86 0.59
N GLU A 120 -2.69 1.82 1.06
CA GLU A 120 -1.73 2.90 0.65
C GLU A 120 -1.54 2.88 -0.87
N PHE A 121 -1.63 1.74 -1.50
CA PHE A 121 -1.50 1.72 -3.00
C PHE A 121 -2.60 2.58 -3.60
N GLY A 122 -3.79 2.50 -3.07
CA GLY A 122 -4.91 3.33 -3.61
C GLY A 122 -4.55 4.81 -3.47
N HIS A 123 -4.01 5.19 -2.35
CA HIS A 123 -3.62 6.62 -2.18
C HIS A 123 -2.52 6.97 -3.18
N SER A 124 -1.59 6.09 -3.37
CA SER A 124 -0.49 6.37 -4.34
C SER A 124 -1.05 6.43 -5.76
N LEU A 125 -2.15 5.75 -6.01
CA LEU A 125 -2.75 5.76 -7.38
C LEU A 125 -3.58 7.03 -7.57
N GLY A 126 -3.69 7.84 -6.56
CA GLY A 126 -4.48 9.12 -6.70
C GLY A 126 -5.92 8.90 -6.22
N LEU A 127 -6.21 7.79 -5.61
CA LEU A 127 -7.60 7.55 -5.12
C LEU A 127 -7.77 8.16 -3.72
N ASP A 128 -8.94 8.69 -3.44
CA ASP A 128 -9.20 9.31 -2.12
C ASP A 128 -10.00 8.32 -1.26
N HIS A 129 -10.21 8.64 -0.01
CA HIS A 129 -10.98 7.71 0.86
C HIS A 129 -12.39 7.52 0.28
N SER A 130 -12.86 6.30 0.23
CA SER A 130 -14.22 6.04 -0.33
C SER A 130 -15.24 5.94 0.81
N LYS A 131 -16.50 6.11 0.52
CA LYS A 131 -17.54 6.03 1.59
C LYS A 131 -18.21 4.66 1.57
N ASP A 132 -17.76 3.80 0.69
CA ASP A 132 -18.38 2.44 0.62
C ASP A 132 -17.68 1.53 1.66
N PRO A 133 -18.41 0.82 2.52
CA PRO A 133 -17.74 -0.06 3.53
C PRO A 133 -17.04 -1.26 2.89
N GLY A 134 -17.47 -1.68 1.73
CA GLY A 134 -16.81 -2.85 1.07
C GLY A 134 -15.59 -2.39 0.28
N ALA A 135 -15.35 -1.10 0.23
CA ALA A 135 -14.18 -0.58 -0.52
C ALA A 135 -12.95 -0.60 0.38
N LEU A 136 -11.80 -0.87 -0.19
CA LEU A 136 -10.56 -0.90 0.62
C LEU A 136 -10.20 0.54 1.06
N MET A 137 -10.55 1.50 0.25
CA MET A 137 -10.23 2.92 0.58
C MET A 137 -11.14 3.42 1.72
N PHE A 138 -11.80 2.54 2.43
CA PHE A 138 -12.70 2.97 3.54
C PHE A 138 -11.82 3.47 4.72
N PRO A 139 -12.15 4.58 5.38
CA PRO A 139 -11.29 5.10 6.50
C PRO A 139 -11.16 4.13 7.68
N ILE A 140 -11.95 3.08 7.77
CA ILE A 140 -11.82 2.13 8.93
C ILE A 140 -11.24 0.80 8.45
N TYR A 141 -10.35 0.23 9.22
CA TYR A 141 -9.72 -1.05 8.83
C TYR A 141 -10.72 -2.20 8.98
N THR A 142 -10.87 -3.01 7.96
CA THR A 142 -11.81 -4.18 8.03
C THR A 142 -11.16 -5.39 7.34
N TYR A 143 -11.38 -6.57 7.86
CA TYR A 143 -10.78 -7.78 7.22
C TYR A 143 -11.64 -8.21 6.04
N THR A 144 -11.04 -8.80 5.03
CA THR A 144 -11.81 -9.26 3.84
C THR A 144 -11.26 -10.61 3.38
N GLY A 145 -12.05 -11.39 2.70
CA GLY A 145 -11.57 -12.72 2.24
C GLY A 145 -10.57 -12.53 1.09
N LYS A 146 -9.33 -12.82 1.32
CA LYS A 146 -8.31 -12.65 0.24
C LYS A 146 -8.43 -13.79 -0.76
N SER A 147 -9.32 -14.72 -0.52
CA SER A 147 -9.48 -15.87 -1.45
C SER A 147 -9.85 -15.36 -2.85
N HIS A 148 -10.69 -14.36 -2.92
CA HIS A 148 -11.07 -13.83 -4.25
C HIS A 148 -11.66 -12.42 -4.08
N PHE A 149 -10.83 -11.47 -3.69
CA PHE A 149 -11.32 -10.08 -3.50
C PHE A 149 -10.97 -9.24 -4.73
N MET A 150 -11.94 -8.62 -5.34
CA MET A 150 -11.69 -7.78 -6.54
C MET A 150 -12.14 -6.35 -6.25
N LEU A 151 -11.40 -5.37 -6.71
CA LEU A 151 -11.80 -3.96 -6.44
C LEU A 151 -13.29 -3.79 -6.80
N PRO A 152 -14.13 -3.23 -5.92
CA PRO A 152 -15.58 -3.07 -6.24
C PRO A 152 -15.83 -2.08 -7.40
N ASP A 153 -17.07 -1.93 -7.79
CA ASP A 153 -17.40 -0.99 -8.89
C ASP A 153 -16.98 0.43 -8.50
N ASP A 154 -17.18 0.80 -7.26
CA ASP A 154 -16.80 2.17 -6.81
C ASP A 154 -15.31 2.40 -7.06
N ASP A 155 -14.47 1.49 -6.64
CA ASP A 155 -13.01 1.68 -6.86
C ASP A 155 -12.68 1.55 -8.34
N VAL A 156 -13.29 0.63 -9.02
CA VAL A 156 -13.01 0.45 -10.48
C VAL A 156 -13.36 1.75 -11.22
N GLN A 157 -14.50 2.32 -10.94
CA GLN A 157 -14.89 3.58 -11.63
C GLN A 157 -13.87 4.68 -11.33
N GLY A 158 -13.39 4.75 -10.11
CA GLY A 158 -12.42 5.82 -9.75
C GLY A 158 -11.07 5.60 -10.45
N ILE A 159 -10.47 4.45 -10.28
CA ILE A 159 -9.15 4.21 -10.93
C ILE A 159 -9.30 4.28 -12.45
N GLN A 160 -10.37 3.75 -12.98
CA GLN A 160 -10.56 3.79 -14.46
C GLN A 160 -10.77 5.25 -14.90
N SER A 161 -11.50 6.01 -14.14
CA SER A 161 -11.74 7.43 -14.52
C SER A 161 -10.45 8.24 -14.37
N LEU A 162 -9.53 7.78 -13.56
CA LEU A 162 -8.25 8.55 -13.38
C LEU A 162 -7.22 8.12 -14.43
N TYR A 163 -7.00 6.84 -14.59
CA TYR A 163 -6.00 6.37 -15.60
C TYR A 163 -6.71 6.07 -16.92
N GLY A 164 -8.01 6.07 -16.92
CA GLY A 164 -8.76 5.80 -18.18
C GLY A 164 -9.02 4.30 -18.30
ZN ZN B . -6.06 6.42 3.85
ZN ZN C . 6.28 8.67 7.37
CA CA D . -0.08 3.04 14.98
C1 WAY E . -5.80 6.98 9.31
C2 WAY E . -5.42 7.66 8.04
CF2 WAY E . -4.91 9.02 8.09
CH WAY E . -4.76 9.72 9.36
CF1 WAY E . -5.13 9.05 10.59
C6 WAY E . -5.64 7.69 10.59
C10 WAY E . -5.51 7.08 6.68
O11 WAY E . -6.60 6.81 6.16
N12 WAY E . -4.41 6.63 6.07
O13 WAY E . -4.60 5.87 4.89
CE WAY E . -6.00 7.07 11.91
N20 WAY E . -6.29 5.68 9.34
S21 WAY E . -5.24 4.41 9.56
CD WAY E . -7.74 5.48 9.19
CK WAY E . -9.39 4.15 12.46
CM WAY E . -10.02 5.36 12.90
N25 WAY E . -9.92 6.55 12.18
CJ WAY E . -9.18 6.56 10.99
C27 WAY E . -8.53 5.41 10.47
CI WAY E . -8.64 4.19 11.23
C35 WAY E . -5.57 3.14 8.35
CC1 WAY E . -4.64 2.93 7.26
CB1 WAY E . -4.90 1.90 6.27
C38 WAY E . -6.10 1.06 6.35
CB2 WAY E . -7.03 1.30 7.49
CC2 WAY E . -6.76 2.34 8.48
O45 WAY E . -6.29 0.06 5.34
CA WAY E . -7.43 -0.82 5.32
O50 WAY E . -5.55 3.84 10.84
O51 WAY E . -3.90 4.86 9.33
HF2 WAY E . -4.63 9.52 7.18
HH WAY E . -4.38 10.73 9.37
HF1 WAY E . -5.00 9.59 11.52
H14 WAY E . -3.50 6.82 6.44
H15 WAY E . -5.44 5.44 4.93
HE1 WAY E . -5.59 7.65 12.74
HE2 WAY E . -5.61 6.06 12.00
HE3 WAY E . -7.07 7.02 12.05
HD1 WAY E . -7.89 4.56 8.63
HD2 WAY E . -8.13 6.30 8.58
HK WAY E . -9.48 3.22 13.02
HL WAY E . -10.59 5.35 13.83
HJ WAY E . -9.09 7.49 10.43
HI WAY E . -8.16 3.29 10.87
HC1 WAY E . -3.75 3.55 7.19
HB1 WAY E . -4.21 1.76 5.47
HB2 WAY E . -7.93 0.70 7.60
HC2 WAY E . -7.44 2.51 9.30
HA1 WAY E . -7.38 -1.50 4.47
HA2 WAY E . -8.36 -0.26 5.24
HA3 WAY E . -7.46 -1.43 6.23
N THR A 7 -7.79 13.18 -8.59
CA THR A 7 -7.33 14.41 -9.30
C THR A 7 -5.83 14.27 -9.62
N LEU A 8 -5.03 14.00 -8.62
CA LEU A 8 -3.56 13.85 -8.87
C LEU A 8 -3.28 12.44 -9.39
N LYS A 9 -2.34 12.29 -10.27
CA LYS A 9 -2.00 10.94 -10.81
C LYS A 9 -0.60 10.98 -11.44
N TRP A 10 0.00 9.84 -11.65
CA TRP A 10 1.36 9.82 -12.23
C TRP A 10 1.29 10.20 -13.72
N SER A 11 2.29 10.89 -14.21
CA SER A 11 2.29 11.31 -15.66
C SER A 11 2.94 10.23 -16.52
N LYS A 12 3.29 9.11 -15.94
CA LYS A 12 3.92 8.01 -16.73
C LYS A 12 3.39 6.66 -16.26
N MET A 13 3.34 5.69 -17.12
CA MET A 13 2.80 4.35 -16.74
C MET A 13 3.94 3.47 -16.23
N ASN A 14 5.14 3.99 -16.19
CA ASN A 14 6.30 3.19 -15.70
C ASN A 14 6.54 3.49 -14.22
N LEU A 15 6.63 2.47 -13.39
CA LEU A 15 6.85 2.70 -11.94
C LEU A 15 7.80 1.63 -11.41
N THR A 16 8.59 1.96 -10.41
CA THR A 16 9.55 0.98 -9.82
C THR A 16 9.42 0.98 -8.30
N TYR A 17 9.79 -0.10 -7.66
CA TYR A 17 9.68 -0.13 -6.16
C TYR A 17 10.82 -0.96 -5.57
N ARG A 18 11.07 -0.80 -4.29
CA ARG A 18 12.18 -1.55 -3.63
C ARG A 18 11.75 -1.91 -2.20
N ILE A 19 11.92 -3.14 -1.81
CA ILE A 19 11.56 -3.54 -0.41
C ILE A 19 12.78 -3.32 0.49
N VAL A 20 12.67 -2.40 1.42
CA VAL A 20 13.82 -2.12 2.33
C VAL A 20 14.03 -3.32 3.27
N ASN A 21 13.01 -3.90 3.78
CA ASN A 21 13.26 -5.02 4.71
C ASN A 21 12.01 -5.83 4.95
N TYR A 22 12.20 -7.06 5.29
CA TYR A 22 11.06 -7.94 5.59
C TYR A 22 10.96 -7.99 7.11
N THR A 23 9.93 -7.44 7.68
CA THR A 23 9.84 -7.43 9.15
C THR A 23 9.93 -8.87 9.68
N PRO A 24 10.67 -9.13 10.75
CA PRO A 24 10.77 -10.51 11.27
C PRO A 24 9.38 -11.05 11.58
N ASP A 25 8.40 -10.19 11.53
CA ASP A 25 7.01 -10.63 11.82
C ASP A 25 6.60 -11.77 10.88
N MET A 26 7.11 -11.78 9.68
CA MET A 26 6.75 -12.88 8.71
C MET A 26 8.00 -13.26 7.91
N THR A 27 7.95 -14.39 7.26
CA THR A 27 9.13 -14.84 6.46
C THR A 27 9.25 -13.96 5.21
N HIS A 28 10.40 -13.94 4.60
CA HIS A 28 10.57 -13.09 3.39
C HIS A 28 9.59 -13.52 2.29
N SER A 29 9.42 -14.79 2.10
CA SER A 29 8.50 -15.28 1.03
C SER A 29 7.07 -14.78 1.29
N GLU A 30 6.61 -14.84 2.51
CA GLU A 30 5.21 -14.39 2.80
C GLU A 30 5.05 -12.90 2.52
N VAL A 31 6.01 -12.11 2.88
CA VAL A 31 5.90 -10.64 2.64
C VAL A 31 5.93 -10.36 1.13
N GLU A 32 6.77 -11.06 0.40
CA GLU A 32 6.86 -10.82 -1.07
C GLU A 32 5.51 -11.06 -1.75
N LYS A 33 4.90 -12.18 -1.49
CA LYS A 33 3.59 -12.48 -2.13
C LYS A 33 2.54 -11.46 -1.68
N ALA A 34 2.66 -10.96 -0.48
CA ALA A 34 1.66 -9.97 0.00
C ALA A 34 1.66 -8.74 -0.91
N PHE A 35 2.82 -8.20 -1.18
CA PHE A 35 2.88 -7.00 -2.07
C PHE A 35 2.48 -7.39 -3.49
N LYS A 36 2.88 -8.54 -3.95
CA LYS A 36 2.51 -8.94 -5.34
C LYS A 36 1.00 -9.00 -5.47
N LYS A 37 0.31 -9.52 -4.48
CA LYS A 37 -1.17 -9.57 -4.57
C LYS A 37 -1.70 -8.14 -4.67
N ALA A 38 -1.13 -7.23 -3.91
CA ALA A 38 -1.58 -5.81 -3.95
C ALA A 38 -1.34 -5.24 -5.36
N PHE A 39 -0.18 -5.45 -5.91
CA PHE A 39 0.10 -4.92 -7.27
C PHE A 39 -0.77 -5.65 -8.30
N LYS A 40 -0.93 -6.93 -8.15
CA LYS A 40 -1.75 -7.69 -9.13
C LYS A 40 -3.19 -7.14 -9.15
N VAL A 41 -3.75 -6.91 -8.00
CA VAL A 41 -5.15 -6.39 -7.94
C VAL A 41 -5.22 -5.03 -8.64
N TRP A 42 -4.28 -4.16 -8.39
CA TRP A 42 -4.33 -2.82 -9.04
C TRP A 42 -3.85 -2.93 -10.50
N SER A 43 -2.91 -3.80 -10.77
CA SER A 43 -2.42 -3.93 -12.17
C SER A 43 -3.49 -4.64 -13.03
N ASP A 44 -4.40 -5.32 -12.41
CA ASP A 44 -5.47 -6.02 -13.18
C ASP A 44 -6.28 -5.02 -14.02
N VAL A 45 -6.56 -3.85 -13.47
CA VAL A 45 -7.38 -2.84 -14.23
C VAL A 45 -6.52 -1.64 -14.63
N THR A 46 -5.42 -1.40 -13.94
CA THR A 46 -4.56 -0.24 -14.30
C THR A 46 -3.41 -0.69 -15.22
N PRO A 47 -3.16 -0.03 -16.35
CA PRO A 47 -2.04 -0.45 -17.24
C PRO A 47 -0.68 -0.08 -16.63
N LEU A 48 -0.64 0.16 -15.34
CA LEU A 48 0.65 0.52 -14.70
C LEU A 48 1.58 -0.69 -14.70
N ASN A 49 2.83 -0.47 -14.97
CA ASN A 49 3.83 -1.58 -14.99
C ASN A 49 4.76 -1.41 -13.79
N PHE A 50 4.84 -2.40 -12.92
CA PHE A 50 5.71 -2.29 -11.72
C PHE A 50 6.94 -3.19 -11.90
N THR A 51 8.13 -2.64 -11.69
CA THR A 51 9.38 -3.45 -11.86
C THR A 51 10.19 -3.43 -10.55
N ARG A 52 10.59 -4.59 -10.09
CA ARG A 52 11.39 -4.65 -8.83
C ARG A 52 12.84 -4.30 -9.13
N LEU A 53 13.42 -3.39 -8.37
CA LEU A 53 14.86 -3.02 -8.62
C LEU A 53 15.75 -3.70 -7.58
N HIS A 54 16.81 -4.30 -8.02
CA HIS A 54 17.72 -5.00 -7.08
C HIS A 54 18.46 -3.98 -6.21
N ASP A 55 18.86 -2.86 -6.76
CA ASP A 55 19.59 -1.84 -5.94
C ASP A 55 19.32 -0.45 -6.51
N GLY A 56 19.66 0.57 -5.76
CA GLY A 56 19.42 1.98 -6.22
C GLY A 56 18.16 2.54 -5.57
N ILE A 57 17.76 3.73 -5.92
CA ILE A 57 16.53 4.33 -5.32
C ILE A 57 15.34 4.08 -6.25
N ALA A 58 14.22 3.67 -5.69
CA ALA A 58 13.01 3.40 -6.53
C ALA A 58 11.94 4.46 -6.24
N ASP A 59 11.01 4.64 -7.14
CA ASP A 59 9.96 5.66 -6.91
C ASP A 59 9.17 5.31 -5.64
N ILE A 60 8.73 4.08 -5.52
CA ILE A 60 7.97 3.68 -4.29
C ILE A 60 8.84 2.75 -3.43
N MET A 61 9.46 3.30 -2.42
CA MET A 61 10.31 2.45 -1.52
C MET A 61 9.50 2.09 -0.28
N ILE A 62 9.40 0.81 0.03
CA ILE A 62 8.60 0.36 1.19
C ILE A 62 9.51 -0.04 2.35
N SER A 63 9.17 0.36 3.56
CA SER A 63 10.01 -0.01 4.74
C SER A 63 9.14 -0.02 6.00
N PHE A 64 9.60 -0.70 7.04
CA PHE A 64 8.81 -0.75 8.31
C PHE A 64 9.44 0.22 9.31
N GLY A 65 8.67 1.16 9.80
CA GLY A 65 9.22 2.18 10.76
C GLY A 65 8.85 1.80 12.20
N ILE A 66 9.14 2.69 13.13
CA ILE A 66 8.83 2.45 14.57
C ILE A 66 8.23 3.71 15.17
N LYS A 67 7.68 3.60 16.36
CA LYS A 67 7.03 4.77 17.06
C LYS A 67 7.59 6.12 16.57
N GLU A 68 8.76 6.49 17.03
CA GLU A 68 9.35 7.79 16.59
C GLU A 68 9.77 7.73 15.12
N HIS A 69 9.71 8.85 14.44
CA HIS A 69 10.10 8.90 13.00
C HIS A 69 10.91 10.19 12.76
N GLY A 70 11.77 10.19 11.78
CA GLY A 70 12.56 11.41 11.49
C GLY A 70 11.66 12.45 10.82
N ASP A 71 10.45 12.57 11.29
CA ASP A 71 9.49 13.56 10.69
C ASP A 71 8.69 14.22 11.82
N PHE A 72 7.79 15.10 11.48
CA PHE A 72 6.97 15.80 12.52
C PHE A 72 5.60 15.10 12.66
N TYR A 73 5.52 13.86 12.25
CA TYR A 73 4.22 13.10 12.36
C TYR A 73 4.46 11.76 13.06
N PRO A 74 4.58 11.76 14.37
CA PRO A 74 4.83 10.50 15.12
C PRO A 74 3.58 9.60 15.19
N PHE A 75 3.76 8.37 15.60
CA PHE A 75 2.59 7.43 15.70
C PHE A 75 2.05 7.46 17.13
N ASP A 76 0.92 6.84 17.37
CA ASP A 76 0.31 6.84 18.73
C ASP A 76 0.60 5.52 19.45
N GLY A 77 1.47 4.70 18.91
CA GLY A 77 1.80 3.38 19.56
C GLY A 77 1.33 2.24 18.66
N PRO A 78 1.07 1.07 19.20
CA PRO A 78 0.61 -0.07 18.35
C PRO A 78 -0.66 0.27 17.54
N SER A 79 -1.76 0.51 18.20
CA SER A 79 -3.01 0.86 17.46
C SER A 79 -2.91 2.29 16.93
N GLY A 80 -3.69 2.62 15.92
CA GLY A 80 -3.66 4.01 15.34
C GLY A 80 -3.25 3.96 13.87
N LEU A 81 -2.29 4.76 13.49
CA LEU A 81 -1.84 4.77 12.08
C LEU A 81 -1.11 3.47 11.76
N LEU A 82 -1.68 2.65 10.92
CA LEU A 82 -1.02 1.36 10.57
C LEU A 82 0.08 1.65 9.54
N ALA A 83 -0.06 2.72 8.80
CA ALA A 83 0.97 3.05 7.77
C ALA A 83 0.61 4.38 7.11
N HIS A 84 1.49 4.93 6.30
CA HIS A 84 1.17 6.23 5.63
C HIS A 84 2.12 6.43 4.45
N ALA A 85 1.78 7.34 3.57
CA ALA A 85 2.65 7.60 2.39
C ALA A 85 2.54 9.08 2.01
N PHE A 86 3.55 9.64 1.39
CA PHE A 86 3.50 11.09 1.01
C PHE A 86 2.87 11.22 -0.39
N PRO A 87 2.24 12.33 -0.71
CA PRO A 87 1.63 12.48 -2.06
C PRO A 87 2.65 12.21 -3.19
N PRO A 88 2.19 11.96 -4.39
CA PRO A 88 3.12 11.69 -5.53
C PRO A 88 4.30 12.69 -5.56
N GLY A 89 5.39 12.33 -6.18
CA GLY A 89 6.56 13.26 -6.23
C GLY A 89 7.65 12.67 -7.13
N PRO A 90 8.71 13.41 -7.40
CA PRO A 90 9.81 12.89 -8.26
C PRO A 90 10.28 11.50 -7.81
N ASN A 91 11.01 11.43 -6.73
CA ASN A 91 11.50 10.10 -6.23
C ASN A 91 11.20 9.99 -4.73
N TYR A 92 11.38 11.06 -4.00
CA TYR A 92 11.12 11.02 -2.54
C TYR A 92 9.64 10.74 -2.28
N GLY A 93 8.76 11.38 -3.00
CA GLY A 93 7.30 11.13 -2.78
C GLY A 93 6.94 9.73 -3.26
N GLY A 94 5.76 9.28 -2.96
CA GLY A 94 5.35 7.92 -3.40
C GLY A 94 5.93 6.86 -2.45
N ASP A 95 6.55 7.28 -1.38
CA ASP A 95 7.13 6.30 -0.42
C ASP A 95 6.01 5.76 0.49
N ALA A 96 6.29 4.70 1.23
CA ALA A 96 5.24 4.15 2.13
C ALA A 96 5.90 3.50 3.35
N HIS A 97 5.58 3.97 4.52
CA HIS A 97 6.16 3.39 5.78
C HIS A 97 5.11 2.55 6.50
N PHE A 98 5.54 1.58 7.27
CA PHE A 98 4.61 0.72 8.04
C PHE A 98 5.07 0.67 9.50
N ASP A 99 4.18 0.47 10.42
CA ASP A 99 4.60 0.43 11.86
C ASP A 99 5.23 -0.93 12.18
N ASP A 100 6.47 -0.93 12.61
CA ASP A 100 7.14 -2.22 12.96
C ASP A 100 6.77 -2.61 14.39
N ASP A 101 6.10 -1.72 15.09
CA ASP A 101 5.72 -2.04 16.50
C ASP A 101 4.42 -2.86 16.49
N GLU A 102 3.74 -2.89 15.39
CA GLU A 102 2.47 -3.65 15.29
C GLU A 102 2.78 -5.08 14.82
N THR A 103 1.82 -5.96 14.87
CA THR A 103 2.07 -7.37 14.43
C THR A 103 1.54 -7.55 13.00
N TRP A 104 2.43 -7.68 12.06
CA TRP A 104 2.01 -7.88 10.64
C TRP A 104 1.90 -9.37 10.37
N THR A 105 0.76 -9.82 9.90
CA THR A 105 0.57 -11.27 9.62
C THR A 105 -0.22 -11.46 8.33
N SER A 106 0.00 -12.55 7.63
CA SER A 106 -0.76 -12.79 6.38
C SER A 106 -2.04 -13.56 6.73
N SER A 107 -2.14 -13.99 7.96
CA SER A 107 -3.34 -14.74 8.41
C SER A 107 -4.36 -13.73 8.97
N SER A 108 -5.51 -14.18 9.36
CA SER A 108 -6.53 -13.23 9.91
C SER A 108 -6.20 -12.91 11.37
N LYS A 109 -5.22 -12.08 11.60
CA LYS A 109 -4.85 -11.72 13.01
C LYS A 109 -4.35 -10.28 13.04
N GLY A 110 -4.54 -9.59 14.13
CA GLY A 110 -4.07 -8.17 14.21
C GLY A 110 -4.43 -7.42 12.93
N TYR A 111 -3.51 -6.65 12.40
CA TYR A 111 -3.78 -5.89 11.15
C TYR A 111 -3.17 -6.63 9.95
N ASN A 112 -3.99 -7.05 9.02
CA ASN A 112 -3.47 -7.79 7.83
C ASN A 112 -2.60 -6.87 6.97
N LEU A 113 -1.41 -7.31 6.64
CA LEU A 113 -0.51 -6.47 5.79
C LEU A 113 -1.17 -6.19 4.44
N PHE A 114 -1.83 -7.17 3.88
CA PHE A 114 -2.48 -6.98 2.55
C PHE A 114 -3.53 -5.85 2.62
N LEU A 115 -4.38 -5.87 3.61
CA LEU A 115 -5.43 -4.79 3.70
C LEU A 115 -4.75 -3.42 3.76
N VAL A 116 -3.80 -3.24 4.65
CA VAL A 116 -3.13 -1.91 4.76
C VAL A 116 -2.28 -1.66 3.52
N ALA A 117 -1.60 -2.67 3.02
CA ALA A 117 -0.75 -2.47 1.82
C ALA A 117 -1.62 -2.01 0.64
N ALA A 118 -2.69 -2.69 0.36
CA ALA A 118 -3.55 -2.26 -0.78
C ALA A 118 -4.05 -0.83 -0.54
N HIS A 119 -4.36 -0.50 0.69
CA HIS A 119 -4.88 0.86 1.00
C HIS A 119 -3.83 1.95 0.70
N GLU A 120 -2.62 1.80 1.19
CA GLU A 120 -1.60 2.88 0.93
C GLU A 120 -1.41 3.06 -0.58
N PHE A 121 -1.43 1.99 -1.34
CA PHE A 121 -1.26 2.13 -2.81
C PHE A 121 -2.39 3.00 -3.35
N GLY A 122 -3.58 2.82 -2.85
CA GLY A 122 -4.73 3.64 -3.35
C GLY A 122 -4.42 5.13 -3.14
N HIS A 123 -3.94 5.51 -1.99
CA HIS A 123 -3.61 6.94 -1.76
C HIS A 123 -2.49 7.37 -2.71
N SER A 124 -1.51 6.52 -2.90
CA SER A 124 -0.39 6.88 -3.82
C SER A 124 -0.90 6.94 -5.26
N LEU A 125 -1.99 6.28 -5.55
CA LEU A 125 -2.53 6.30 -6.95
C LEU A 125 -3.34 7.59 -7.15
N GLY A 126 -3.56 8.35 -6.10
CA GLY A 126 -4.33 9.62 -6.23
C GLY A 126 -5.78 9.43 -5.79
N LEU A 127 -6.13 8.26 -5.33
CA LEU A 127 -7.54 8.03 -4.88
C LEU A 127 -7.70 8.47 -3.43
N ASP A 128 -8.86 8.97 -3.08
CA ASP A 128 -9.11 9.43 -1.68
C ASP A 128 -9.94 8.37 -0.94
N HIS A 129 -10.28 8.62 0.29
CA HIS A 129 -11.08 7.61 1.05
C HIS A 129 -12.42 7.38 0.34
N SER A 130 -12.88 6.15 0.29
CA SER A 130 -14.17 5.85 -0.38
C SER A 130 -15.29 5.80 0.68
N LYS A 131 -16.52 5.90 0.27
CA LYS A 131 -17.65 5.86 1.24
C LYS A 131 -18.31 4.47 1.23
N ASP A 132 -17.78 3.56 0.46
CA ASP A 132 -18.36 2.19 0.39
C ASP A 132 -17.68 1.30 1.45
N PRO A 133 -18.37 0.82 2.48
CA PRO A 133 -17.69 -0.03 3.49
C PRO A 133 -16.98 -1.23 2.86
N GLY A 134 -17.39 -1.63 1.68
CA GLY A 134 -16.74 -2.80 1.02
C GLY A 134 -15.51 -2.35 0.22
N ALA A 135 -15.29 -1.07 0.09
CA ALA A 135 -14.09 -0.60 -0.67
C ALA A 135 -12.86 -0.61 0.23
N LEU A 136 -11.70 -0.82 -0.33
CA LEU A 136 -10.46 -0.83 0.51
C LEU A 136 -10.15 0.58 0.99
N MET A 137 -10.52 1.57 0.21
CA MET A 137 -10.23 2.98 0.61
C MET A 137 -11.16 3.42 1.74
N PHE A 138 -11.85 2.51 2.36
CA PHE A 138 -12.76 2.88 3.47
C PHE A 138 -11.90 3.34 4.68
N PRO A 139 -12.22 4.45 5.34
CA PRO A 139 -11.38 4.95 6.49
C PRO A 139 -11.34 4.02 7.72
N ILE A 140 -11.76 2.79 7.61
CA ILE A 140 -11.72 1.86 8.80
C ILE A 140 -11.12 0.51 8.37
N TYR A 141 -10.32 -0.07 9.23
CA TYR A 141 -9.68 -1.37 8.89
C TYR A 141 -10.72 -2.49 8.97
N THR A 142 -10.78 -3.32 7.95
CA THR A 142 -11.76 -4.45 7.94
C THR A 142 -11.13 -5.68 7.28
N TYR A 143 -11.33 -6.84 7.85
CA TYR A 143 -10.74 -8.07 7.24
C TYR A 143 -11.63 -8.55 6.08
N THR A 144 -11.05 -9.07 5.03
CA THR A 144 -11.87 -9.54 3.85
C THR A 144 -11.32 -10.86 3.32
N GLY A 145 -12.13 -11.63 2.65
CA GLY A 145 -11.66 -12.93 2.09
C GLY A 145 -10.70 -12.67 0.94
N LYS A 146 -9.43 -12.93 1.14
CA LYS A 146 -8.44 -12.69 0.06
C LYS A 146 -8.54 -13.83 -0.97
N SER A 147 -9.45 -14.73 -0.79
CA SER A 147 -9.59 -15.87 -1.75
C SER A 147 -9.89 -15.34 -3.15
N HIS A 148 -10.79 -14.40 -3.27
CA HIS A 148 -11.13 -13.87 -4.62
C HIS A 148 -11.57 -12.40 -4.51
N PHE A 149 -11.06 -11.68 -3.55
CA PHE A 149 -11.46 -10.25 -3.41
C PHE A 149 -11.07 -9.48 -4.68
N MET A 150 -11.94 -8.60 -5.13
CA MET A 150 -11.64 -7.81 -6.36
C MET A 150 -12.09 -6.35 -6.13
N LEU A 151 -11.42 -5.41 -6.72
CA LEU A 151 -11.82 -3.99 -6.52
C LEU A 151 -13.32 -3.86 -6.87
N PRO A 152 -14.15 -3.26 -6.02
CA PRO A 152 -15.59 -3.12 -6.36
C PRO A 152 -15.81 -2.13 -7.52
N ASP A 153 -17.02 -1.99 -7.98
CA ASP A 153 -17.29 -1.05 -9.09
C ASP A 153 -16.90 0.37 -8.67
N ASP A 154 -17.15 0.73 -7.45
CA ASP A 154 -16.80 2.10 -6.98
C ASP A 154 -15.32 2.39 -7.23
N ASP A 155 -14.45 1.50 -6.83
CA ASP A 155 -13.00 1.74 -7.05
C ASP A 155 -12.66 1.61 -8.53
N VAL A 156 -13.24 0.66 -9.21
CA VAL A 156 -12.94 0.50 -10.67
C VAL A 156 -13.31 1.79 -11.40
N GLN A 157 -14.46 2.32 -11.15
CA GLN A 157 -14.88 3.58 -11.83
C GLN A 157 -13.91 4.72 -11.50
N GLY A 158 -13.47 4.80 -10.27
CA GLY A 158 -12.55 5.90 -9.86
C GLY A 158 -11.14 5.69 -10.43
N ILE A 159 -10.55 4.54 -10.20
CA ILE A 159 -9.17 4.32 -10.71
C ILE A 159 -9.16 4.45 -12.24
N GLN A 160 -10.16 3.94 -12.90
CA GLN A 160 -10.22 4.05 -14.39
C GLN A 160 -10.38 5.51 -14.80
N SER A 161 -11.16 6.25 -14.06
CA SER A 161 -11.39 7.68 -14.40
C SER A 161 -10.06 8.46 -14.38
N LEU A 162 -9.17 8.12 -13.50
CA LEU A 162 -7.87 8.87 -13.42
C LEU A 162 -6.86 8.32 -14.42
N TYR A 163 -6.68 7.02 -14.47
CA TYR A 163 -5.69 6.44 -15.41
C TYR A 163 -6.36 6.08 -16.74
N GLY A 164 -7.66 6.17 -16.81
CA GLY A 164 -8.36 5.85 -18.07
C GLY A 164 -8.56 4.33 -18.16
ZN ZN B . -6.54 6.31 4.16
ZN ZN C . 6.86 6.21 8.38
CA CA D . -0.34 3.08 15.13
C1 WAY E . -6.02 6.57 9.35
C2 WAY E . -5.75 7.32 8.10
CF2 WAY E . -5.32 8.71 8.19
CH WAY E . -5.17 9.36 9.47
CF1 WAY E . -5.44 8.63 10.69
C6 WAY E . -5.86 7.24 10.65
C10 WAY E . -5.86 6.80 6.71
O11 WAY E . -6.91 6.31 6.29
N12 WAY E . -4.74 6.60 6.00
O13 WAY E . -4.87 5.85 4.83
CE WAY E . -6.12 6.55 11.97
N20 WAY E . -6.43 5.24 9.34
S21 WAY E . -5.29 4.03 9.45
CD WAY E . -7.87 4.95 9.27
CK WAY E . -9.93 5.38 12.56
CM WAY E . -9.76 4.07 13.11
N25 WAY E . -9.02 3.08 12.44
CJ WAY E . -8.42 3.39 11.22
C27 WAY E . -8.54 4.67 10.59
CI WAY E . -9.31 5.68 11.29
C35 WAY E . -5.62 2.78 8.21
CC1 WAY E . -4.80 2.70 7.02
CB1 WAY E . -5.05 1.68 6.01
C38 WAY E . -6.14 0.72 6.18
CB2 WAY E . -6.97 0.81 7.42
CC2 WAY E . -6.70 1.84 8.42
O45 WAY E . -6.34 -0.26 5.14
CA WAY E . -7.36 -1.28 5.19
O50 WAY E . -5.47 3.41 10.72
O51 WAY E . -4.01 4.58 9.13
HF2 WAY E . -5.12 9.27 7.29
HH WAY E . -4.84 10.40 9.51
HF1 WAY E . -5.31 9.14 11.64
H14 WAY E . -3.87 6.98 6.30
H15 WAY E . -4.39 6.28 4.12
HE1 WAY E . -6.48 5.54 11.81
HE2 WAY E . -6.87 7.07 12.55
HE3 WAY E . -5.21 6.49 12.56
HD1 WAY E . -8.00 4.08 8.62
HD2 WAY E . -8.37 5.80 8.79
HK WAY E . -10.50 6.13 13.08
HL WAY E . -10.22 3.83 14.05
HJ WAY E . -7.85 2.63 10.69
HI WAY E . -9.43 6.66 10.86
HC1 WAY E . -4.00 3.42 6.88
HB1 WAY E . -4.43 1.65 5.14
HB2 WAY E . -7.78 0.12 7.58
HC2 WAY E . -7.31 1.90 9.32
HA1 WAY E . -7.33 -1.90 4.31
HA2 WAY E . -8.36 -0.80 5.24
HA3 WAY E . -7.25 -1.91 6.07
N THR A 7 -7.64 13.84 -9.75
CA THR A 7 -6.89 15.10 -9.97
C THR A 7 -5.38 14.80 -9.95
N LEU A 8 -4.91 14.17 -8.92
CA LEU A 8 -3.46 13.84 -8.83
C LEU A 8 -3.23 12.42 -9.36
N LYS A 9 -2.30 12.25 -10.26
CA LYS A 9 -2.04 10.90 -10.83
C LYS A 9 -0.64 10.87 -11.46
N TRP A 10 -0.11 9.70 -11.69
CA TRP A 10 1.25 9.60 -12.31
C TRP A 10 1.17 10.04 -13.77
N SER A 11 2.20 10.69 -14.26
CA SER A 11 2.20 11.15 -15.67
C SER A 11 2.94 10.13 -16.54
N LYS A 12 3.17 8.95 -16.02
CA LYS A 12 3.89 7.91 -16.81
C LYS A 12 3.30 6.53 -16.49
N MET A 13 3.33 5.63 -17.45
CA MET A 13 2.77 4.27 -17.22
C MET A 13 3.87 3.34 -16.71
N ASN A 14 5.08 3.82 -16.62
CA ASN A 14 6.22 2.96 -16.13
C ASN A 14 6.51 3.31 -14.66
N LEU A 15 6.50 2.34 -13.79
CA LEU A 15 6.78 2.59 -12.35
C LEU A 15 7.64 1.46 -11.79
N THR A 16 8.48 1.77 -10.83
CA THR A 16 9.36 0.72 -10.21
C THR A 16 9.26 0.82 -8.70
N TYR A 17 9.51 -0.26 -8.00
CA TYR A 17 9.42 -0.22 -6.50
C TYR A 17 10.51 -1.10 -5.89
N ARG A 18 10.86 -0.84 -4.65
CA ARG A 18 11.91 -1.65 -3.97
C ARG A 18 11.59 -1.78 -2.48
N ILE A 19 11.72 -2.96 -1.93
CA ILE A 19 11.43 -3.15 -0.48
C ILE A 19 12.72 -2.91 0.31
N VAL A 20 12.74 -1.95 1.19
CA VAL A 20 13.98 -1.68 1.98
C VAL A 20 14.20 -2.82 2.98
N ASN A 21 13.15 -3.30 3.58
CA ASN A 21 13.35 -4.40 4.56
C ASN A 21 12.02 -5.11 4.82
N TYR A 22 12.09 -6.28 5.37
CA TYR A 22 10.86 -7.05 5.69
C TYR A 22 10.63 -6.94 7.18
N THR A 23 9.82 -7.79 7.75
CA THR A 23 9.55 -7.73 9.22
C THR A 23 9.92 -9.08 9.88
N PRO A 24 10.30 -9.09 11.14
CA PRO A 24 10.64 -10.37 11.83
C PRO A 24 9.41 -11.26 12.01
N ASP A 25 8.29 -10.65 12.27
CA ASP A 25 7.02 -11.42 12.47
C ASP A 25 6.70 -12.25 11.22
N MET A 26 6.74 -11.65 10.07
CA MET A 26 6.41 -12.37 8.82
C MET A 26 7.68 -12.89 8.14
N THR A 27 7.61 -14.03 7.50
CA THR A 27 8.81 -14.57 6.81
C THR A 27 9.04 -13.78 5.52
N HIS A 28 10.23 -13.84 4.98
CA HIS A 28 10.52 -13.06 3.73
C HIS A 28 9.62 -13.52 2.59
N SER A 29 9.48 -14.80 2.40
CA SER A 29 8.63 -15.30 1.27
C SER A 29 7.17 -14.86 1.45
N GLU A 30 6.67 -14.89 2.66
CA GLU A 30 5.25 -14.48 2.89
C GLU A 30 5.06 -12.99 2.60
N VAL A 31 5.99 -12.16 3.00
CA VAL A 31 5.82 -10.70 2.76
C VAL A 31 5.90 -10.40 1.26
N GLU A 32 6.81 -11.03 0.56
CA GLU A 32 6.93 -10.75 -0.91
C GLU A 32 5.62 -11.06 -1.63
N LYS A 33 5.06 -12.21 -1.42
CA LYS A 33 3.79 -12.55 -2.12
C LYS A 33 2.69 -11.56 -1.74
N ALA A 34 2.72 -11.06 -0.52
CA ALA A 34 1.67 -10.10 -0.10
C ALA A 34 1.69 -8.87 -1.00
N PHE A 35 2.84 -8.28 -1.21
CA PHE A 35 2.91 -7.07 -2.06
C PHE A 35 2.57 -7.44 -3.51
N LYS A 36 2.99 -8.58 -3.97
CA LYS A 36 2.69 -8.97 -5.37
C LYS A 36 1.17 -9.03 -5.57
N LYS A 37 0.45 -9.54 -4.62
CA LYS A 37 -1.03 -9.58 -4.77
C LYS A 37 -1.56 -8.15 -4.88
N ALA A 38 -1.03 -7.25 -4.11
CA ALA A 38 -1.50 -5.84 -4.15
C ALA A 38 -1.30 -5.24 -5.55
N PHE A 39 -0.13 -5.38 -6.10
CA PHE A 39 0.13 -4.80 -7.46
C PHE A 39 -0.73 -5.52 -8.50
N LYS A 40 -0.86 -6.81 -8.39
CA LYS A 40 -1.68 -7.56 -9.38
C LYS A 40 -3.12 -7.04 -9.36
N VAL A 41 -3.69 -6.91 -8.20
CA VAL A 41 -5.09 -6.41 -8.10
C VAL A 41 -5.23 -5.02 -8.72
N TRP A 42 -4.27 -4.16 -8.51
CA TRP A 42 -4.36 -2.79 -9.08
C TRP A 42 -3.95 -2.80 -10.56
N SER A 43 -3.01 -3.61 -10.92
CA SER A 43 -2.57 -3.67 -12.35
C SER A 43 -3.64 -4.34 -13.21
N ASP A 44 -4.49 -5.11 -12.59
CA ASP A 44 -5.56 -5.81 -13.37
C ASP A 44 -6.45 -4.79 -14.09
N VAL A 45 -6.78 -3.69 -13.47
CA VAL A 45 -7.67 -2.66 -14.12
C VAL A 45 -6.86 -1.38 -14.43
N THR A 46 -5.58 -1.48 -14.70
CA THR A 46 -4.80 -0.25 -15.02
C THR A 46 -3.60 -0.61 -15.94
N PRO A 47 -3.29 0.18 -16.96
CA PRO A 47 -2.13 -0.14 -17.85
C PRO A 47 -0.79 0.18 -17.17
N LEU A 48 -0.79 0.44 -15.89
CA LEU A 48 0.49 0.78 -15.20
C LEU A 48 1.39 -0.45 -15.16
N ASN A 49 2.66 -0.27 -15.42
CA ASN A 49 3.62 -1.41 -15.39
C ASN A 49 4.50 -1.30 -14.14
N PHE A 50 4.46 -2.31 -13.30
CA PHE A 50 5.29 -2.27 -12.04
C PHE A 50 6.45 -3.26 -12.18
N THR A 51 7.66 -2.78 -12.02
CA THR A 51 8.86 -3.68 -12.13
C THR A 51 9.64 -3.66 -10.81
N ARG A 52 9.95 -4.82 -10.30
CA ARG A 52 10.72 -4.88 -9.01
C ARG A 52 12.21 -4.68 -9.29
N LEU A 53 12.87 -3.84 -8.54
CA LEU A 53 14.33 -3.60 -8.77
C LEU A 53 15.12 -4.29 -7.66
N HIS A 54 16.09 -5.08 -8.04
CA HIS A 54 16.91 -5.80 -7.03
C HIS A 54 17.77 -4.78 -6.27
N ASP A 55 18.30 -3.80 -6.95
CA ASP A 55 19.16 -2.78 -6.28
C ASP A 55 18.89 -1.41 -6.91
N GLY A 56 19.35 -0.36 -6.28
CA GLY A 56 19.13 1.02 -6.83
C GLY A 56 17.91 1.66 -6.15
N ILE A 57 17.68 2.92 -6.40
CA ILE A 57 16.51 3.61 -5.78
C ILE A 57 15.33 3.58 -6.74
N ALA A 58 14.15 3.35 -6.23
CA ALA A 58 12.93 3.29 -7.12
C ALA A 58 12.00 4.46 -6.79
N ASP A 59 11.06 4.74 -7.65
CA ASP A 59 10.12 5.86 -7.37
C ASP A 59 9.37 5.55 -6.08
N ILE A 60 8.86 4.35 -5.95
CA ILE A 60 8.12 3.95 -4.71
C ILE A 60 9.00 3.03 -3.88
N MET A 61 9.11 3.26 -2.61
CA MET A 61 9.97 2.38 -1.75
C MET A 61 9.25 2.11 -0.42
N ILE A 62 9.18 0.85 -0.06
CA ILE A 62 8.50 0.46 1.21
C ILE A 62 9.53 0.15 2.29
N SER A 63 9.27 0.56 3.50
CA SER A 63 10.24 0.29 4.61
C SER A 63 9.48 0.19 5.94
N PHE A 64 10.04 -0.52 6.89
CA PHE A 64 9.38 -0.67 8.22
C PHE A 64 10.18 0.12 9.27
N GLY A 65 9.50 0.72 10.22
CA GLY A 65 10.22 1.51 11.27
C GLY A 65 9.50 1.35 12.60
N ILE A 66 9.77 2.24 13.54
CA ILE A 66 9.12 2.16 14.88
C ILE A 66 8.54 3.53 15.24
N LYS A 67 7.67 3.56 16.21
CA LYS A 67 7.03 4.83 16.64
C LYS A 67 7.99 6.02 16.53
N GLU A 68 8.89 6.17 17.45
CA GLU A 68 9.82 7.33 17.37
C GLU A 68 10.79 7.15 16.20
N HIS A 69 10.76 8.06 15.27
CA HIS A 69 11.68 7.96 14.10
C HIS A 69 11.79 9.35 13.45
N GLY A 70 12.79 9.55 12.63
CA GLY A 70 12.97 10.88 11.97
C GLY A 70 11.66 11.34 11.31
N ASP A 71 10.80 11.98 12.05
CA ASP A 71 9.51 12.45 11.45
C ASP A 71 8.90 13.53 12.35
N PHE A 72 8.21 14.48 11.78
CA PHE A 72 7.60 15.57 12.60
C PHE A 72 6.26 15.09 13.20
N TYR A 73 5.73 13.99 12.70
CA TYR A 73 4.42 13.46 13.24
C TYR A 73 4.56 11.96 13.55
N PRO A 74 5.18 11.61 14.67
CA PRO A 74 5.36 10.17 15.02
C PRO A 74 4.02 9.41 15.09
N PHE A 75 4.07 8.16 15.45
CA PHE A 75 2.82 7.34 15.54
C PHE A 75 2.24 7.43 16.95
N ASP A 76 1.08 6.86 17.19
CA ASP A 76 0.46 6.94 18.54
C ASP A 76 0.71 5.66 19.34
N GLY A 77 1.39 4.69 18.76
CA GLY A 77 1.66 3.41 19.49
C GLY A 77 1.35 2.23 18.55
N PRO A 78 0.72 1.17 19.02
CA PRO A 78 0.39 0.01 18.12
C PRO A 78 -0.82 0.31 17.23
N SER A 79 -1.95 0.61 17.81
CA SER A 79 -3.16 0.90 17.01
C SER A 79 -3.10 2.34 16.50
N GLY A 80 -3.96 2.69 15.57
CA GLY A 80 -3.96 4.09 15.01
C GLY A 80 -3.36 4.09 13.61
N LEU A 81 -2.42 4.95 13.35
CA LEU A 81 -1.79 5.01 12.00
C LEU A 81 -1.00 3.72 11.77
N LEU A 82 -1.51 2.84 10.95
CA LEU A 82 -0.79 1.56 10.69
C LEU A 82 0.32 1.81 9.66
N ALA A 83 0.26 2.94 8.99
CA ALA A 83 1.30 3.28 7.98
C ALA A 83 0.97 4.65 7.38
N HIS A 84 1.80 5.13 6.48
CA HIS A 84 1.51 6.45 5.86
C HIS A 84 2.33 6.60 4.58
N ALA A 85 1.94 7.50 3.71
CA ALA A 85 2.69 7.68 2.43
C ALA A 85 2.55 9.13 1.98
N PHE A 86 3.38 9.55 1.06
CA PHE A 86 3.32 10.95 0.54
C PHE A 86 2.75 10.93 -0.89
N PRO A 87 2.09 11.98 -1.34
CA PRO A 87 1.52 11.99 -2.72
C PRO A 87 2.63 11.87 -3.79
N PRO A 88 2.27 11.58 -5.03
CA PRO A 88 3.29 11.46 -6.10
C PRO A 88 4.22 12.68 -6.13
N GLY A 89 5.50 12.47 -6.14
CA GLY A 89 6.44 13.62 -6.17
C GLY A 89 7.85 13.14 -6.55
N PRO A 90 8.83 13.99 -6.42
CA PRO A 90 10.23 13.60 -6.77
C PRO A 90 10.70 12.38 -5.96
N ASN A 91 11.97 12.29 -5.70
CA ASN A 91 12.48 11.12 -4.91
C ASN A 91 11.82 11.09 -3.53
N TYR A 92 11.67 12.23 -2.90
CA TYR A 92 11.03 12.25 -1.55
C TYR A 92 9.60 11.71 -1.67
N GLY A 93 8.91 12.08 -2.71
CA GLY A 93 7.51 11.58 -2.89
C GLY A 93 7.54 10.09 -3.24
N GLY A 94 6.41 9.44 -3.22
CA GLY A 94 6.38 7.99 -3.56
C GLY A 94 7.09 7.19 -2.47
N ASP A 95 6.52 7.10 -1.29
CA ASP A 95 7.15 6.32 -0.19
C ASP A 95 6.06 5.74 0.70
N ALA A 96 6.38 4.75 1.48
CA ALA A 96 5.34 4.15 2.38
C ALA A 96 6.00 3.63 3.66
N HIS A 97 5.58 4.12 4.79
CA HIS A 97 6.17 3.69 6.10
C HIS A 97 5.20 2.74 6.82
N PHE A 98 5.72 1.71 7.43
CA PHE A 98 4.86 0.74 8.18
C PHE A 98 5.29 0.70 9.64
N ASP A 99 4.37 0.64 10.56
CA ASP A 99 4.77 0.61 12.00
C ASP A 99 5.20 -0.80 12.40
N ASP A 100 6.38 -0.95 12.96
CA ASP A 100 6.86 -2.30 13.36
C ASP A 100 6.39 -2.61 14.79
N ASP A 101 5.66 -1.73 15.40
CA ASP A 101 5.18 -1.97 16.80
C ASP A 101 3.94 -2.87 16.78
N GLU A 102 3.29 -3.00 15.66
CA GLU A 102 2.07 -3.85 15.57
C GLU A 102 2.47 -5.27 15.13
N THR A 103 1.52 -6.17 15.11
CA THR A 103 1.83 -7.58 14.69
C THR A 103 1.41 -7.76 13.24
N TRP A 104 2.37 -7.86 12.35
CA TRP A 104 2.03 -8.04 10.91
C TRP A 104 1.89 -9.54 10.62
N THR A 105 0.75 -9.95 10.12
CA THR A 105 0.53 -11.39 9.82
C THR A 105 -0.27 -11.55 8.53
N SER A 106 -0.19 -12.70 7.90
CA SER A 106 -0.95 -12.93 6.64
C SER A 106 -2.27 -13.63 6.99
N SER A 107 -2.40 -14.06 8.23
CA SER A 107 -3.64 -14.75 8.67
C SER A 107 -4.62 -13.70 9.22
N SER A 108 -5.78 -14.12 9.63
CA SER A 108 -6.76 -13.14 10.18
C SER A 108 -6.39 -12.80 11.63
N LYS A 109 -5.35 -12.02 11.82
CA LYS A 109 -4.94 -11.63 13.20
C LYS A 109 -4.36 -10.22 13.15
N GLY A 110 -4.51 -9.46 14.20
CA GLY A 110 -3.96 -8.06 14.20
C GLY A 110 -4.33 -7.36 12.89
N TYR A 111 -3.42 -6.61 12.34
CA TYR A 111 -3.69 -5.88 11.06
C TYR A 111 -3.06 -6.66 9.90
N ASN A 112 -3.86 -7.15 8.99
CA ASN A 112 -3.30 -7.93 7.84
C ASN A 112 -2.41 -7.02 6.99
N LEU A 113 -1.26 -7.48 6.63
CA LEU A 113 -0.33 -6.65 5.80
C LEU A 113 -0.99 -6.28 4.47
N PHE A 114 -1.64 -7.22 3.83
CA PHE A 114 -2.28 -6.92 2.51
C PHE A 114 -3.32 -5.81 2.66
N LEU A 115 -4.09 -5.82 3.72
CA LEU A 115 -5.12 -4.75 3.89
C LEU A 115 -4.44 -3.37 3.91
N VAL A 116 -3.44 -3.20 4.73
CA VAL A 116 -2.75 -1.87 4.80
C VAL A 116 -1.96 -1.63 3.52
N ALA A 117 -1.26 -2.62 3.03
CA ALA A 117 -0.46 -2.43 1.79
C ALA A 117 -1.36 -1.96 0.66
N ALA A 118 -2.43 -2.66 0.42
CA ALA A 118 -3.35 -2.28 -0.69
C ALA A 118 -3.90 -0.86 -0.45
N HIS A 119 -4.18 -0.53 0.78
CA HIS A 119 -4.75 0.82 1.08
C HIS A 119 -3.77 1.93 0.70
N GLU A 120 -2.54 1.84 1.14
CA GLU A 120 -1.56 2.93 0.80
C GLU A 120 -1.40 3.05 -0.72
N PHE A 121 -1.37 1.95 -1.43
CA PHE A 121 -1.23 2.04 -2.91
C PHE A 121 -2.41 2.83 -3.48
N GLY A 122 -3.59 2.61 -2.96
CA GLY A 122 -4.77 3.36 -3.48
C GLY A 122 -4.53 4.86 -3.35
N HIS A 123 -3.99 5.30 -2.25
CA HIS A 123 -3.73 6.76 -2.09
C HIS A 123 -2.67 7.19 -3.10
N SER A 124 -1.67 6.37 -3.30
CA SER A 124 -0.59 6.73 -4.27
C SER A 124 -1.19 6.80 -5.68
N LEU A 125 -2.28 6.12 -5.91
CA LEU A 125 -2.91 6.15 -7.27
C LEU A 125 -3.77 7.41 -7.41
N GLY A 126 -3.87 8.20 -6.38
CA GLY A 126 -4.68 9.45 -6.45
C GLY A 126 -6.13 9.19 -6.03
N LEU A 127 -6.41 8.05 -5.48
CA LEU A 127 -7.82 7.75 -5.05
C LEU A 127 -8.04 8.30 -3.64
N ASP A 128 -9.25 8.73 -3.37
CA ASP A 128 -9.56 9.30 -2.02
C ASP A 128 -10.26 8.23 -1.18
N HIS A 129 -10.48 8.48 0.08
CA HIS A 129 -11.16 7.47 0.93
C HIS A 129 -12.55 7.17 0.37
N SER A 130 -12.95 5.92 0.38
CA SER A 130 -14.29 5.54 -0.15
C SER A 130 -15.27 5.39 1.01
N LYS A 131 -16.54 5.59 0.77
CA LYS A 131 -17.55 5.46 1.87
C LYS A 131 -18.18 4.07 1.82
N ASP A 132 -17.78 3.24 0.89
CA ASP A 132 -18.35 1.87 0.82
C ASP A 132 -17.55 0.96 1.79
N PRO A 133 -18.20 0.20 2.66
CA PRO A 133 -17.42 -0.67 3.60
C PRO A 133 -16.69 -1.81 2.87
N GLY A 134 -17.14 -2.16 1.69
CA GLY A 134 -16.48 -3.27 0.94
C GLY A 134 -15.31 -2.72 0.13
N ALA A 135 -15.11 -1.44 0.14
CA ALA A 135 -13.97 -0.85 -0.63
C ALA A 135 -12.72 -0.84 0.24
N LEU A 136 -11.57 -1.04 -0.34
CA LEU A 136 -10.32 -1.03 0.47
C LEU A 136 -10.02 0.41 0.93
N MET A 137 -10.42 1.37 0.14
CA MET A 137 -10.19 2.79 0.51
C MET A 137 -11.13 3.21 1.66
N PHE A 138 -11.68 2.26 2.38
CA PHE A 138 -12.61 2.63 3.50
C PHE A 138 -11.75 3.27 4.63
N PRO A 139 -12.15 4.41 5.19
CA PRO A 139 -11.32 5.08 6.25
C PRO A 139 -11.18 4.26 7.55
N ILE A 140 -11.76 3.08 7.63
CA ILE A 140 -11.63 2.27 8.88
C ILE A 140 -11.03 0.91 8.53
N TYR A 141 -10.15 0.40 9.35
CA TYR A 141 -9.51 -0.91 9.07
C TYR A 141 -10.52 -2.04 9.30
N THR A 142 -10.74 -2.87 8.31
CA THR A 142 -11.71 -4.01 8.47
C THR A 142 -11.09 -5.25 7.81
N TYR A 143 -11.25 -6.39 8.42
CA TYR A 143 -10.68 -7.63 7.82
C TYR A 143 -11.60 -8.16 6.72
N THR A 144 -11.05 -8.44 5.57
CA THR A 144 -11.86 -8.97 4.43
C THR A 144 -11.35 -10.36 4.05
N GLY A 145 -12.23 -11.29 3.80
CA GLY A 145 -11.76 -12.65 3.40
C GLY A 145 -11.00 -12.52 2.09
N LYS A 146 -9.70 -12.57 2.14
CA LYS A 146 -8.91 -12.44 0.89
C LYS A 146 -9.07 -13.71 0.08
N SER A 147 -9.67 -13.62 -1.06
CA SER A 147 -9.88 -14.81 -1.92
C SER A 147 -10.58 -14.37 -3.21
N HIS A 148 -9.90 -14.38 -4.32
CA HIS A 148 -10.54 -13.94 -5.59
C HIS A 148 -11.22 -12.59 -5.35
N PHE A 149 -10.59 -11.72 -4.60
CA PHE A 149 -11.21 -10.39 -4.32
C PHE A 149 -10.81 -9.40 -5.42
N MET A 150 -11.77 -8.87 -6.13
CA MET A 150 -11.48 -7.89 -7.22
C MET A 150 -11.97 -6.52 -6.78
N LEU A 151 -11.32 -5.47 -7.19
CA LEU A 151 -11.76 -4.12 -6.78
C LEU A 151 -13.26 -3.95 -7.08
N PRO A 152 -14.05 -3.37 -6.18
CA PRO A 152 -15.51 -3.20 -6.46
C PRO A 152 -15.77 -2.17 -7.57
N ASP A 153 -17.01 -2.02 -7.98
CA ASP A 153 -17.35 -1.04 -9.05
C ASP A 153 -16.95 0.37 -8.60
N ASP A 154 -17.18 0.70 -7.36
CA ASP A 154 -16.83 2.07 -6.88
C ASP A 154 -15.36 2.36 -7.16
N ASP A 155 -14.48 1.47 -6.81
CA ASP A 155 -13.03 1.70 -7.05
C ASP A 155 -12.72 1.62 -8.56
N VAL A 156 -13.34 0.70 -9.25
CA VAL A 156 -13.07 0.57 -10.72
C VAL A 156 -13.45 1.90 -11.40
N GLN A 157 -14.60 2.42 -11.08
CA GLN A 157 -15.04 3.70 -11.71
C GLN A 157 -14.05 4.82 -11.35
N GLY A 158 -13.58 4.84 -10.13
CA GLY A 158 -12.65 5.92 -9.71
C GLY A 158 -11.27 5.77 -10.38
N ILE A 159 -10.66 4.62 -10.27
CA ILE A 159 -9.31 4.45 -10.89
C ILE A 159 -9.40 4.66 -12.40
N GLN A 160 -10.43 4.18 -13.02
CA GLN A 160 -10.57 4.36 -14.49
C GLN A 160 -10.76 5.85 -14.81
N SER A 161 -11.53 6.54 -14.01
CA SER A 161 -11.75 7.98 -14.27
C SER A 161 -10.43 8.76 -14.20
N LEU A 162 -9.49 8.30 -13.41
CA LEU A 162 -8.19 9.02 -13.30
C LEU A 162 -7.22 8.56 -14.40
N TYR A 163 -7.01 7.28 -14.51
CA TYR A 163 -6.06 6.76 -15.54
C TYR A 163 -6.79 6.46 -16.85
N GLY A 164 -8.10 6.49 -16.84
CA GLY A 164 -8.87 6.20 -18.09
C GLY A 164 -9.12 4.70 -18.18
ZN ZN B . -6.22 6.37 4.01
ZN ZN C . 7.18 7.83 9.14
CA CA D . 0.03 3.03 15.15
C1 WAY E . -5.66 6.78 9.29
C2 WAY E . -5.35 7.66 8.14
CF2 WAY E . -4.87 9.00 8.39
CH WAY E . -4.71 9.51 9.74
CF1 WAY E . -5.02 8.66 10.86
C6 WAY E . -5.49 7.30 10.67
C10 WAY E . -5.45 7.29 6.71
O11 WAY E . -6.26 7.84 5.96
N12 WAY E . -4.50 6.53 6.13
O13 WAY E . -4.50 6.45 4.74
CE WAY E . -5.79 6.47 11.91
N20 WAY E . -6.11 5.48 9.15
S21 WAY E . -5.04 4.23 9.41
CD WAY E . -7.55 5.25 8.97
CK WAY E . -9.16 3.36 11.98
CM WAY E . -9.80 4.46 12.62
N25 WAY E . -9.72 5.76 12.12
CJ WAY E . -9.00 5.99 10.95
C27 WAY E . -8.32 4.95 10.23
CI WAY E . -8.42 3.62 10.77
C35 WAY E . -5.33 2.91 8.23
CC1 WAY E . -4.39 2.69 7.15
CB1 WAY E . -4.63 1.62 6.19
C38 WAY E . -5.81 0.77 6.29
CB2 WAY E . -6.76 1.02 7.41
CC2 WAY E . -6.51 2.09 8.36
O45 WAY E . -5.98 -0.27 5.31
CA WAY E . -7.10 -1.17 5.30
O50 WAY E . -5.34 3.69 10.70
O51 WAY E . -3.71 4.70 9.16
HF2 WAY E . -4.64 9.65 7.56
HH WAY E . -4.37 10.53 9.89
HF1 WAY E . -4.89 9.05 11.87
H14 WAY E . -3.82 6.05 6.70
H15 WAY E . -3.80 6.99 4.38
HE1 WAY E . -6.07 7.10 12.74
HE2 WAY E . -4.92 5.89 12.21
HE3 WAY E . -6.60 5.78 11.72
HD1 WAY E . -7.67 4.43 8.28
HD2 WAY E . -7.97 6.15 8.50
HK WAY E . -9.24 2.35 12.38
HL WAY E . -10.37 4.28 13.53
HJ WAY E . -8.92 6.99 10.56
HI WAY E . -7.93 2.79 10.27
HC1 WAY E . -3.52 3.33 7.07
HB1 WAY E . -3.92 1.49 5.40
HB2 WAY E . -7.64 0.41 7.53
HC2 WAY E . -7.20 2.27 9.18
HA1 WAY E . -7.02 -1.87 4.47
HA2 WAY E . -8.04 -0.62 5.21
HA3 WAY E . -7.13 -1.74 6.23
N THR A 7 -7.70 13.96 -10.14
CA THR A 7 -6.85 15.15 -10.43
C THR A 7 -5.37 14.77 -10.26
N LEU A 8 -5.01 14.24 -9.12
CA LEU A 8 -3.59 13.86 -8.89
C LEU A 8 -3.36 12.44 -9.41
N LYS A 9 -2.38 12.26 -10.26
CA LYS A 9 -2.09 10.90 -10.80
C LYS A 9 -0.68 10.88 -11.41
N TRP A 10 -0.13 9.72 -11.63
CA TRP A 10 1.24 9.65 -12.20
C TRP A 10 1.22 10.11 -13.67
N SER A 11 2.29 10.69 -14.14
CA SER A 11 2.33 11.16 -15.55
C SER A 11 2.86 10.03 -16.46
N LYS A 12 3.15 8.89 -15.90
CA LYS A 12 3.68 7.76 -16.73
C LYS A 12 3.19 6.42 -16.16
N MET A 13 3.12 5.41 -16.99
CA MET A 13 2.65 4.06 -16.51
C MET A 13 3.86 3.23 -16.05
N ASN A 14 5.03 3.79 -16.12
CA ASN A 14 6.25 3.03 -15.69
C ASN A 14 6.55 3.36 -14.23
N LEU A 15 6.64 2.36 -13.38
CA LEU A 15 6.94 2.61 -11.94
C LEU A 15 7.86 1.51 -11.42
N THR A 16 8.69 1.83 -10.46
CA THR A 16 9.63 0.81 -9.89
C THR A 16 9.51 0.85 -8.36
N TYR A 17 9.79 -0.24 -7.70
CA TYR A 17 9.68 -0.24 -6.20
C TYR A 17 10.77 -1.14 -5.61
N ARG A 18 11.07 -0.93 -4.35
CA ARG A 18 12.12 -1.76 -3.68
C ARG A 18 11.72 -2.01 -2.23
N ILE A 19 11.93 -3.20 -1.74
CA ILE A 19 11.57 -3.49 -0.31
C ILE A 19 12.78 -3.13 0.56
N VAL A 20 12.62 -2.21 1.46
CA VAL A 20 13.77 -1.82 2.34
C VAL A 20 14.06 -2.98 3.30
N ASN A 21 13.08 -3.61 3.82
CA ASN A 21 13.39 -4.73 4.74
C ASN A 21 12.21 -5.65 4.90
N TYR A 22 12.48 -6.88 5.22
CA TYR A 22 11.38 -7.85 5.45
C TYR A 22 11.19 -7.86 6.95
N THR A 23 10.20 -7.19 7.45
CA THR A 23 10.02 -7.14 8.92
C THR A 23 9.94 -8.58 9.44
N PRO A 24 10.87 -9.05 10.27
CA PRO A 24 10.80 -10.44 10.77
C PRO A 24 9.43 -10.79 11.34
N ASP A 25 8.52 -9.87 11.35
CA ASP A 25 7.17 -10.20 11.87
C ASP A 25 6.59 -11.33 11.01
N MET A 26 7.15 -11.52 9.84
CA MET A 26 6.67 -12.60 8.93
C MET A 26 7.86 -13.11 8.13
N THR A 27 7.73 -14.26 7.52
CA THR A 27 8.87 -14.79 6.71
C THR A 27 8.98 -13.99 5.41
N HIS A 28 10.13 -13.99 4.81
CA HIS A 28 10.30 -13.22 3.55
C HIS A 28 9.35 -13.75 2.47
N SER A 29 9.18 -15.05 2.41
CA SER A 29 8.26 -15.60 1.37
C SER A 29 6.85 -15.05 1.59
N GLU A 30 6.42 -14.98 2.81
CA GLU A 30 5.04 -14.44 3.09
C GLU A 30 4.97 -12.95 2.76
N VAL A 31 6.01 -12.22 3.07
CA VAL A 31 6.00 -10.75 2.79
C VAL A 31 6.00 -10.48 1.28
N GLU A 32 6.83 -11.18 0.56
CA GLU A 32 6.92 -10.93 -0.91
C GLU A 32 5.56 -11.20 -1.57
N LYS A 33 4.93 -12.30 -1.28
CA LYS A 33 3.60 -12.58 -1.92
C LYS A 33 2.58 -11.51 -1.51
N ALA A 34 2.68 -10.99 -0.32
CA ALA A 34 1.71 -9.96 0.13
C ALA A 34 1.76 -8.75 -0.81
N PHE A 35 2.93 -8.23 -1.08
CA PHE A 35 3.00 -7.05 -1.99
C PHE A 35 2.63 -7.46 -3.41
N LYS A 36 3.07 -8.60 -3.85
CA LYS A 36 2.74 -9.04 -5.24
C LYS A 36 1.22 -9.13 -5.40
N LYS A 37 0.54 -9.71 -4.46
CA LYS A 37 -0.94 -9.82 -4.57
C LYS A 37 -1.53 -8.41 -4.67
N ALA A 38 -1.02 -7.49 -3.90
CA ALA A 38 -1.55 -6.10 -3.95
C ALA A 38 -1.39 -5.53 -5.35
N PHE A 39 -0.25 -5.70 -5.96
CA PHE A 39 -0.05 -5.17 -7.34
C PHE A 39 -0.98 -5.91 -8.31
N LYS A 40 -1.21 -7.17 -8.09
CA LYS A 40 -2.09 -7.94 -9.02
C LYS A 40 -3.48 -7.32 -9.05
N VAL A 41 -4.10 -7.12 -7.90
CA VAL A 41 -5.46 -6.52 -7.90
C VAL A 41 -5.44 -5.12 -8.51
N TRP A 42 -4.42 -4.34 -8.25
CA TRP A 42 -4.37 -2.96 -8.83
C TRP A 42 -3.89 -3.03 -10.29
N SER A 43 -2.96 -3.89 -10.60
CA SER A 43 -2.47 -3.97 -12.02
C SER A 43 -3.54 -4.62 -12.91
N ASP A 44 -4.43 -5.38 -12.33
CA ASP A 44 -5.49 -6.04 -13.14
C ASP A 44 -6.36 -5.00 -13.88
N VAL A 45 -6.69 -3.90 -13.23
CA VAL A 45 -7.56 -2.87 -13.88
C VAL A 45 -6.78 -1.58 -14.17
N THR A 46 -5.48 -1.66 -14.33
CA THR A 46 -4.69 -0.42 -14.64
C THR A 46 -3.47 -0.78 -15.51
N PRO A 47 -3.18 -0.05 -16.59
CA PRO A 47 -2.00 -0.36 -17.44
C PRO A 47 -0.68 -0.01 -16.74
N LEU A 48 -0.70 0.18 -15.45
CA LEU A 48 0.55 0.54 -14.73
C LEU A 48 1.54 -0.63 -14.77
N ASN A 49 2.79 -0.32 -14.99
CA ASN A 49 3.84 -1.39 -15.05
C ASN A 49 4.71 -1.30 -13.81
N PHE A 50 4.79 -2.36 -13.04
CA PHE A 50 5.62 -2.34 -11.79
C PHE A 50 6.84 -3.24 -12.00
N THR A 51 8.02 -2.72 -11.75
CA THR A 51 9.28 -3.51 -11.92
C THR A 51 10.02 -3.60 -10.59
N ARG A 52 10.39 -4.78 -10.19
CA ARG A 52 11.13 -4.95 -8.90
C ARG A 52 12.61 -4.66 -9.11
N LEU A 53 13.20 -3.84 -8.26
CA LEU A 53 14.66 -3.50 -8.41
C LEU A 53 15.46 -4.24 -7.33
N HIS A 54 16.48 -4.94 -7.71
CA HIS A 54 17.32 -5.68 -6.72
C HIS A 54 18.04 -4.69 -5.80
N ASP A 55 18.54 -3.60 -6.35
CA ASP A 55 19.26 -2.59 -5.52
C ASP A 55 19.07 -1.21 -6.13
N GLY A 56 19.52 -0.18 -5.44
CA GLY A 56 19.38 1.21 -5.97
C GLY A 56 18.12 1.84 -5.38
N ILE A 57 17.84 3.08 -5.71
CA ILE A 57 16.64 3.75 -5.15
C ILE A 57 15.47 3.58 -6.11
N ALA A 58 14.31 3.21 -5.61
CA ALA A 58 13.12 3.02 -6.50
C ALA A 58 12.11 4.14 -6.23
N ASP A 59 11.24 4.40 -7.16
CA ASP A 59 10.24 5.49 -6.95
C ASP A 59 9.40 5.17 -5.72
N ILE A 60 8.87 3.97 -5.64
CA ILE A 60 8.05 3.58 -4.45
C ILE A 60 8.84 2.64 -3.53
N MET A 61 9.42 3.16 -2.48
CA MET A 61 10.19 2.28 -1.54
C MET A 61 9.31 1.94 -0.33
N ILE A 62 9.30 0.68 0.06
CA ILE A 62 8.46 0.24 1.21
C ILE A 62 9.36 -0.11 2.40
N SER A 63 9.06 0.36 3.58
CA SER A 63 9.92 0.05 4.75
C SER A 63 9.10 0.06 6.04
N PHE A 64 9.58 -0.62 7.06
CA PHE A 64 8.87 -0.66 8.38
C PHE A 64 9.68 0.14 9.39
N GLY A 65 9.09 1.16 9.96
CA GLY A 65 9.83 2.01 10.97
C GLY A 65 9.31 1.71 12.38
N ILE A 66 9.71 2.52 13.33
CA ILE A 66 9.28 2.32 14.76
C ILE A 66 8.86 3.68 15.34
N LYS A 67 8.18 3.66 16.47
CA LYS A 67 7.70 4.92 17.16
C LYS A 67 8.32 6.19 16.54
N GLU A 68 9.55 6.50 16.86
CA GLU A 68 10.18 7.71 16.27
C GLU A 68 10.41 7.48 14.77
N HIS A 69 10.18 8.50 13.97
CA HIS A 69 10.37 8.35 12.49
C HIS A 69 11.30 9.46 11.97
N GLY A 70 11.90 10.21 12.85
CA GLY A 70 12.80 11.31 12.39
C GLY A 70 11.97 12.41 11.73
N ASP A 71 10.70 12.46 12.04
CA ASP A 71 9.81 13.49 11.45
C ASP A 71 8.69 13.81 12.45
N PHE A 72 8.04 14.94 12.32
CA PHE A 72 6.96 15.28 13.30
C PHE A 72 5.75 14.36 13.07
N TYR A 73 4.67 14.62 13.76
CA TYR A 73 3.45 13.77 13.63
C TYR A 73 3.85 12.28 13.51
N PRO A 74 4.51 11.74 14.51
CA PRO A 74 4.92 10.31 14.48
C PRO A 74 3.73 9.36 14.71
N PHE A 75 4.00 8.14 15.07
CA PHE A 75 2.90 7.16 15.31
C PHE A 75 2.44 7.28 16.77
N ASP A 76 1.28 6.74 17.08
CA ASP A 76 0.76 6.84 18.48
C ASP A 76 0.99 5.52 19.24
N GLY A 77 1.66 4.56 18.64
CA GLY A 77 1.91 3.25 19.34
C GLY A 77 1.41 2.10 18.44
N PRO A 78 1.00 0.98 19.00
CA PRO A 78 0.50 -0.15 18.16
C PRO A 78 -0.72 0.26 17.32
N SER A 79 -1.83 0.55 17.96
CA SER A 79 -3.05 0.94 17.19
C SER A 79 -2.90 2.40 16.71
N GLY A 80 -3.68 2.81 15.75
CA GLY A 80 -3.60 4.22 15.22
C GLY A 80 -3.19 4.18 13.75
N LEU A 81 -2.24 5.01 13.37
CA LEU A 81 -1.79 5.01 11.95
C LEU A 81 -1.03 3.71 11.68
N LEU A 82 -1.57 2.83 10.88
CA LEU A 82 -0.87 1.55 10.60
C LEU A 82 0.22 1.81 9.56
N ALA A 83 0.13 2.90 8.86
CA ALA A 83 1.16 3.24 7.83
C ALA A 83 0.79 4.57 7.19
N HIS A 84 1.62 5.07 6.32
CA HIS A 84 1.30 6.36 5.66
C HIS A 84 2.24 6.56 4.46
N ALA A 85 1.84 7.36 3.51
CA ALA A 85 2.68 7.60 2.32
C ALA A 85 2.51 9.05 1.88
N PHE A 86 3.46 9.58 1.15
CA PHE A 86 3.35 10.99 0.68
C PHE A 86 2.81 10.95 -0.76
N PRO A 87 2.11 11.97 -1.20
CA PRO A 87 1.56 11.97 -2.60
C PRO A 87 2.68 11.89 -3.65
N PRO A 88 2.34 11.53 -4.87
CA PRO A 88 3.37 11.44 -5.94
C PRO A 88 4.39 12.59 -5.88
N GLY A 89 5.64 12.28 -6.01
CA GLY A 89 6.67 13.34 -5.96
C GLY A 89 7.97 12.81 -6.57
N PRO A 90 9.06 13.53 -6.41
CA PRO A 90 10.37 13.09 -6.97
C PRO A 90 10.79 11.69 -6.49
N ASN A 91 12.07 11.47 -6.31
CA ASN A 91 12.53 10.12 -5.86
C ASN A 91 11.96 9.78 -4.47
N TYR A 92 11.90 10.72 -3.57
CA TYR A 92 11.37 10.41 -2.21
C TYR A 92 9.83 10.39 -2.22
N GLY A 93 9.22 10.86 -3.28
CA GLY A 93 7.73 10.84 -3.31
C GLY A 93 7.26 9.41 -3.56
N GLY A 94 6.00 9.16 -3.40
CA GLY A 94 5.48 7.77 -3.62
C GLY A 94 6.08 6.83 -2.57
N ASP A 95 6.61 7.36 -1.50
CA ASP A 95 7.21 6.49 -0.45
C ASP A 95 6.10 5.90 0.43
N ALA A 96 6.42 4.87 1.19
CA ALA A 96 5.39 4.25 2.06
C ALA A 96 6.07 3.68 3.31
N HIS A 97 5.62 4.08 4.47
CA HIS A 97 6.23 3.57 5.75
C HIS A 97 5.20 2.71 6.50
N PHE A 98 5.67 1.71 7.21
CA PHE A 98 4.78 0.81 7.98
C PHE A 98 5.23 0.77 9.44
N ASP A 99 4.32 0.58 10.37
CA ASP A 99 4.74 0.53 11.81
C ASP A 99 5.33 -0.86 12.12
N ASP A 100 6.55 -0.89 12.60
CA ASP A 100 7.18 -2.21 12.94
C ASP A 100 6.77 -2.62 14.35
N ASP A 101 6.10 -1.74 15.06
CA ASP A 101 5.65 -2.08 16.44
C ASP A 101 4.34 -2.86 16.38
N GLU A 102 3.70 -2.85 15.24
CA GLU A 102 2.41 -3.57 15.08
C GLU A 102 2.70 -5.02 14.66
N THR A 103 1.70 -5.87 14.69
CA THR A 103 1.91 -7.30 14.30
C THR A 103 1.41 -7.50 12.87
N TRP A 104 2.32 -7.63 11.95
CA TRP A 104 1.92 -7.85 10.53
C TRP A 104 1.72 -9.34 10.30
N THR A 105 0.56 -9.73 9.86
CA THR A 105 0.28 -11.18 9.62
C THR A 105 -0.57 -11.36 8.37
N SER A 106 -0.51 -12.52 7.76
CA SER A 106 -1.33 -12.77 6.54
C SER A 106 -2.62 -13.49 6.96
N SER A 107 -2.70 -13.89 8.20
CA SER A 107 -3.92 -14.58 8.70
C SER A 107 -4.89 -13.57 9.31
N SER A 108 -6.07 -13.99 9.67
CA SER A 108 -7.05 -13.05 10.27
C SER A 108 -6.59 -12.65 11.68
N LYS A 109 -5.54 -11.87 11.77
CA LYS A 109 -5.03 -11.45 13.12
C LYS A 109 -4.45 -10.04 13.00
N GLY A 110 -4.44 -9.30 14.08
CA GLY A 110 -3.89 -7.91 14.05
C GLY A 110 -4.31 -7.19 12.77
N TYR A 111 -3.42 -6.45 12.17
CA TYR A 111 -3.76 -5.73 10.90
C TYR A 111 -3.18 -6.50 9.72
N ASN A 112 -4.03 -6.95 8.83
CA ASN A 112 -3.53 -7.73 7.65
C ASN A 112 -2.64 -6.84 6.79
N LEU A 113 -1.48 -7.32 6.41
CA LEU A 113 -0.56 -6.52 5.56
C LEU A 113 -1.25 -6.16 4.24
N PHE A 114 -1.98 -7.07 3.67
CA PHE A 114 -2.66 -6.77 2.38
C PHE A 114 -3.62 -5.58 2.54
N LEU A 115 -4.35 -5.51 3.62
CA LEU A 115 -5.30 -4.38 3.82
C LEU A 115 -4.56 -3.03 3.77
N VAL A 116 -3.60 -2.86 4.63
CA VAL A 116 -2.85 -1.57 4.67
C VAL A 116 -2.04 -1.40 3.38
N ALA A 117 -1.43 -2.44 2.89
CA ALA A 117 -0.64 -2.31 1.65
C ALA A 117 -1.55 -1.85 0.51
N ALA A 118 -2.64 -2.53 0.32
CA ALA A 118 -3.59 -2.14 -0.76
C ALA A 118 -4.09 -0.72 -0.54
N HIS A 119 -4.35 -0.35 0.69
CA HIS A 119 -4.89 1.02 0.96
C HIS A 119 -3.88 2.10 0.58
N GLU A 120 -2.65 2.00 1.01
CA GLU A 120 -1.67 3.05 0.66
C GLU A 120 -1.52 3.17 -0.85
N PHE A 121 -1.55 2.07 -1.57
CA PHE A 121 -1.43 2.17 -3.05
C PHE A 121 -2.58 3.01 -3.58
N GLY A 122 -3.75 2.84 -3.04
CA GLY A 122 -4.92 3.63 -3.51
C GLY A 122 -4.62 5.13 -3.32
N HIS A 123 -3.99 5.50 -2.24
CA HIS A 123 -3.67 6.94 -2.04
C HIS A 123 -2.59 7.35 -3.05
N SER A 124 -1.64 6.49 -3.29
CA SER A 124 -0.56 6.81 -4.26
C SER A 124 -1.17 6.91 -5.66
N LEU A 125 -2.28 6.25 -5.88
CA LEU A 125 -2.93 6.31 -7.22
C LEU A 125 -3.76 7.59 -7.33
N GLY A 126 -3.86 8.35 -6.28
CA GLY A 126 -4.64 9.62 -6.32
C GLY A 126 -6.08 9.38 -5.89
N LEU A 127 -6.39 8.23 -5.36
CA LEU A 127 -7.79 7.96 -4.92
C LEU A 127 -8.00 8.50 -3.50
N ASP A 128 -9.19 8.95 -3.21
CA ASP A 128 -9.49 9.49 -1.84
C ASP A 128 -10.22 8.43 -1.03
N HIS A 129 -10.47 8.68 0.23
CA HIS A 129 -11.18 7.67 1.07
C HIS A 129 -12.54 7.36 0.47
N SER A 130 -12.93 6.10 0.46
CA SER A 130 -14.25 5.70 -0.12
C SER A 130 -15.28 5.58 1.01
N LYS A 131 -16.54 5.73 0.72
CA LYS A 131 -17.60 5.61 1.78
C LYS A 131 -18.22 4.22 1.75
N ASP A 132 -17.78 3.38 0.85
CA ASP A 132 -18.35 2.01 0.76
C ASP A 132 -17.60 1.10 1.77
N PRO A 133 -18.29 0.33 2.61
CA PRO A 133 -17.57 -0.54 3.59
C PRO A 133 -16.82 -1.69 2.91
N GLY A 134 -17.16 -2.03 1.70
CA GLY A 134 -16.47 -3.14 0.98
C GLY A 134 -15.29 -2.60 0.17
N ALA A 135 -15.12 -1.31 0.12
CA ALA A 135 -13.98 -0.73 -0.65
C ALA A 135 -12.73 -0.70 0.23
N LEU A 136 -11.58 -0.90 -0.34
CA LEU A 136 -10.33 -0.88 0.48
C LEU A 136 -10.08 0.53 1.03
N MET A 137 -10.35 1.53 0.25
CA MET A 137 -10.11 2.93 0.70
C MET A 137 -11.10 3.32 1.80
N PHE A 138 -11.70 2.37 2.45
CA PHE A 138 -12.66 2.71 3.53
C PHE A 138 -11.86 3.28 4.73
N PRO A 139 -12.22 4.43 5.28
CA PRO A 139 -11.45 5.01 6.42
C PRO A 139 -11.27 4.06 7.61
N ILE A 140 -11.97 2.95 7.65
CA ILE A 140 -11.85 2.00 8.81
C ILE A 140 -11.22 0.66 8.37
N TYR A 141 -10.37 0.11 9.18
CA TYR A 141 -9.70 -1.18 8.83
C TYR A 141 -10.68 -2.35 8.97
N THR A 142 -10.79 -3.17 7.97
CA THR A 142 -11.72 -4.34 8.03
C THR A 142 -11.05 -5.57 7.41
N TYR A 143 -11.27 -6.74 7.95
CA TYR A 143 -10.63 -7.97 7.39
C TYR A 143 -11.46 -8.49 6.21
N THR A 144 -10.83 -9.16 5.27
CA THR A 144 -11.58 -9.70 4.09
C THR A 144 -10.97 -11.03 3.65
N GLY A 145 -11.75 -11.86 3.02
CA GLY A 145 -11.22 -13.17 2.53
C GLY A 145 -10.32 -12.90 1.31
N LYS A 146 -9.04 -12.95 1.48
CA LYS A 146 -8.11 -12.68 0.35
C LYS A 146 -8.05 -13.89 -0.58
N SER A 147 -8.94 -14.83 -0.41
CA SER A 147 -8.92 -16.03 -1.31
C SER A 147 -9.10 -15.57 -2.75
N HIS A 148 -9.96 -14.61 -2.97
CA HIS A 148 -10.18 -14.10 -4.35
C HIS A 148 -10.82 -12.71 -4.27
N PHE A 149 -10.08 -11.73 -3.83
CA PHE A 149 -10.63 -10.35 -3.72
C PHE A 149 -10.24 -9.51 -4.93
N MET A 150 -11.15 -8.72 -5.42
CA MET A 150 -10.87 -7.84 -6.59
C MET A 150 -11.47 -6.47 -6.30
N LEU A 151 -10.90 -5.42 -6.82
CA LEU A 151 -11.44 -4.07 -6.54
C LEU A 151 -12.95 -4.03 -6.91
N PRO A 152 -13.82 -3.54 -6.05
CA PRO A 152 -15.28 -3.50 -6.39
C PRO A 152 -15.58 -2.48 -7.52
N ASP A 153 -16.79 -2.43 -7.96
CA ASP A 153 -17.17 -1.50 -9.05
C ASP A 153 -16.89 -0.05 -8.62
N ASP A 154 -17.17 0.28 -7.38
CA ASP A 154 -16.94 1.67 -6.91
C ASP A 154 -15.47 2.06 -7.11
N ASP A 155 -14.57 1.21 -6.72
CA ASP A 155 -13.13 1.54 -6.88
C ASP A 155 -12.76 1.51 -8.36
N VAL A 156 -13.29 0.57 -9.10
CA VAL A 156 -12.98 0.50 -10.55
C VAL A 156 -13.43 1.80 -11.23
N GLN A 157 -14.61 2.26 -10.93
CA GLN A 157 -15.10 3.52 -11.55
C GLN A 157 -14.14 4.67 -11.20
N GLY A 158 -13.67 4.69 -9.98
CA GLY A 158 -12.77 5.81 -9.53
C GLY A 158 -11.38 5.70 -10.20
N ILE A 159 -10.72 4.59 -10.08
CA ILE A 159 -9.36 4.48 -10.70
C ILE A 159 -9.46 4.71 -12.21
N GLN A 160 -10.47 4.18 -12.84
CA GLN A 160 -10.62 4.39 -14.31
C GLN A 160 -10.88 5.87 -14.58
N SER A 161 -11.66 6.52 -13.77
CA SER A 161 -11.94 7.96 -13.99
C SER A 161 -10.65 8.76 -14.00
N LEU A 162 -9.67 8.34 -13.25
CA LEU A 162 -8.38 9.10 -13.20
C LEU A 162 -7.43 8.65 -14.33
N TYR A 163 -7.17 7.38 -14.44
CA TYR A 163 -6.23 6.90 -15.51
C TYR A 163 -7.00 6.52 -16.78
N GLY A 164 -8.30 6.47 -16.72
CA GLY A 164 -9.10 6.10 -17.92
C GLY A 164 -9.24 4.57 -17.98
ZN ZN B . -6.35 6.53 4.06
ZN ZN C . 7.06 6.86 7.30
CA CA D . -0.21 3.06 15.02
C1 WAY E . -6.08 6.72 9.65
C2 WAY E . -5.78 7.61 8.51
CF2 WAY E . -5.39 8.98 8.78
CH WAY E . -5.29 9.50 10.13
CF1 WAY E . -5.58 8.62 11.25
C6 WAY E . -5.97 7.23 11.03
C10 WAY E . -5.82 7.26 7.07
O11 WAY E . -6.88 6.99 6.50
N12 WAY E . -4.68 7.09 6.38
O13 WAY E . -4.80 6.62 5.06
CE WAY E . -6.26 6.38 12.24
N20 WAY E . -6.45 5.40 9.47
S21 WAY E . -5.28 4.21 9.52
CD WAY E . -7.88 5.08 9.32
CK WAY E . -10.12 4.97 12.52
CM WAY E . -9.83 3.63 12.94
N25 WAY E . -8.95 2.81 12.23
CJ WAY E . -8.34 3.29 11.08
C27 WAY E . -8.56 4.60 10.57
CI WAY E . -9.47 5.45 11.32
C35 WAY E . -5.58 2.99 8.26
CC1 WAY E . -4.78 2.97 7.05
CB1 WAY E . -5.04 1.97 6.02
C38 WAY E . -6.10 0.98 6.19
CB2 WAY E . -6.91 1.02 7.42
CC2 WAY E . -6.65 2.02 8.45
O45 WAY E . -6.29 0.03 5.12
CA WAY E . -7.29 -0.99 5.16
O50 WAY E . -5.41 3.54 10.78
O51 WAY E . -4.01 4.80 9.21
HF2 WAY E . -5.17 9.65 7.96
HH WAY E . -5.01 10.52 10.30
HF1 WAY E . -5.51 9.00 12.25
H14 WAY E . -3.80 7.29 6.81
H15 WAY E . -4.46 7.29 4.47
HE1 WAY E . -6.79 5.47 11.97
HE2 WAY E . -6.87 6.91 12.97
HE3 WAY E . -5.35 6.09 12.75
HD1 WAY E . -7.96 4.32 8.55
HD2 WAY E . -8.38 5.98 8.96
HK WAY E . -10.79 5.61 13.08
HL WAY E . -10.30 3.26 13.84
HJ WAY E . -7.66 2.65 10.52
HI WAY E . -9.67 6.46 10.99
HC1 WAY E . -3.99 3.71 6.93
HB1 WAY E . -4.42 1.99 5.13
HB2 WAY E . -7.70 0.31 7.59
HC2 WAY E . -7.24 2.05 9.36
HA1 WAY E . -7.26 -1.61 4.25
HA2 WAY E . -8.29 -0.55 5.23
HA3 WAY E . -7.14 -1.65 6.02
N THR A 7 -7.61 13.68 -8.70
CA THR A 7 -6.92 14.82 -9.38
C THR A 7 -5.44 14.49 -9.56
N LEU A 8 -4.74 14.28 -8.48
CA LEU A 8 -3.28 13.95 -8.60
C LEU A 8 -3.13 12.54 -9.19
N LYS A 9 -2.21 12.34 -10.08
CA LYS A 9 -2.02 11.00 -10.69
C LYS A 9 -0.64 10.91 -11.34
N TRP A 10 -0.21 9.72 -11.68
CA TRP A 10 1.13 9.58 -12.31
C TRP A 10 1.10 10.11 -13.75
N SER A 11 2.15 10.77 -14.16
CA SER A 11 2.20 11.32 -15.55
C SER A 11 2.82 10.29 -16.50
N LYS A 12 3.18 9.14 -15.99
CA LYS A 12 3.78 8.09 -16.87
C LYS A 12 3.27 6.71 -16.44
N MET A 13 3.27 5.77 -17.34
CA MET A 13 2.76 4.40 -17.01
C MET A 13 3.91 3.52 -16.51
N ASN A 14 5.10 4.06 -16.46
CA ASN A 14 6.26 3.25 -15.99
C ASN A 14 6.50 3.54 -14.50
N LEU A 15 6.60 2.52 -13.69
CA LEU A 15 6.84 2.74 -12.23
C LEU A 15 7.79 1.67 -11.70
N THR A 16 8.56 2.00 -10.70
CA THR A 16 9.54 1.01 -10.11
C THR A 16 9.40 1.03 -8.60
N TYR A 17 9.74 -0.06 -7.94
CA TYR A 17 9.63 -0.09 -6.45
C TYR A 17 10.77 -0.91 -5.85
N ARG A 18 11.06 -0.70 -4.59
CA ARG A 18 12.17 -1.46 -3.93
C ARG A 18 11.81 -1.72 -2.46
N ILE A 19 11.97 -2.93 -2.01
CA ILE A 19 11.66 -3.24 -0.58
C ILE A 19 12.92 -2.98 0.25
N VAL A 20 12.90 -1.99 1.10
CA VAL A 20 14.10 -1.67 1.93
C VAL A 20 14.31 -2.79 2.97
N ASN A 21 13.27 -3.28 3.54
CA ASN A 21 13.44 -4.36 4.56
C ASN A 21 12.12 -5.09 4.79
N TYR A 22 12.21 -6.29 5.27
CA TYR A 22 10.98 -7.08 5.54
C TYR A 22 10.67 -6.93 7.03
N THR A 23 9.80 -7.73 7.58
CA THR A 23 9.48 -7.59 9.04
C THR A 23 9.80 -8.90 9.78
N PRO A 24 10.32 -8.85 11.00
CA PRO A 24 10.63 -10.10 11.76
C PRO A 24 9.33 -10.82 12.12
N ASP A 25 8.25 -10.10 12.08
CA ASP A 25 6.91 -10.67 12.39
C ASP A 25 6.60 -11.82 11.43
N MET A 26 6.94 -11.68 10.18
CA MET A 26 6.66 -12.76 9.17
C MET A 26 7.93 -13.06 8.37
N THR A 27 7.98 -14.20 7.73
CA THR A 27 9.20 -14.55 6.94
C THR A 27 9.27 -13.65 5.71
N HIS A 28 10.44 -13.50 5.15
CA HIS A 28 10.59 -12.63 3.96
C HIS A 28 9.73 -13.15 2.80
N SER A 29 9.68 -14.44 2.61
CA SER A 29 8.86 -14.99 1.49
C SER A 29 7.39 -14.61 1.66
N GLU A 30 6.87 -14.67 2.86
CA GLU A 30 5.43 -14.30 3.05
C GLU A 30 5.21 -12.83 2.72
N VAL A 31 6.12 -11.99 3.09
CA VAL A 31 5.96 -10.53 2.80
C VAL A 31 6.05 -10.29 1.29
N GLU A 32 6.94 -10.98 0.61
CA GLU A 32 7.09 -10.76 -0.86
C GLU A 32 5.77 -11.09 -1.58
N LYS A 33 5.20 -12.22 -1.32
CA LYS A 33 3.93 -12.58 -2.00
C LYS A 33 2.82 -11.60 -1.60
N ALA A 34 2.89 -11.06 -0.41
CA ALA A 34 1.83 -10.10 0.03
C ALA A 34 1.82 -8.89 -0.92
N PHE A 35 2.95 -8.31 -1.19
CA PHE A 35 2.99 -7.13 -2.10
C PHE A 35 2.60 -7.56 -3.51
N LYS A 36 3.03 -8.71 -3.95
CA LYS A 36 2.69 -9.16 -5.33
C LYS A 36 1.17 -9.25 -5.47
N LYS A 37 0.50 -9.78 -4.49
CA LYS A 37 -0.98 -9.89 -4.59
C LYS A 37 -1.58 -8.47 -4.73
N ALA A 38 -1.08 -7.55 -3.96
CA ALA A 38 -1.60 -6.15 -4.03
C ALA A 38 -1.40 -5.60 -5.45
N PHE A 39 -0.21 -5.71 -5.97
CA PHE A 39 0.05 -5.19 -7.35
C PHE A 39 -0.83 -5.94 -8.35
N LYS A 40 -0.99 -7.21 -8.18
CA LYS A 40 -1.84 -7.98 -9.13
C LYS A 40 -3.26 -7.42 -9.12
N VAL A 41 -3.83 -7.26 -7.96
CA VAL A 41 -5.22 -6.72 -7.88
C VAL A 41 -5.28 -5.32 -8.51
N TRP A 42 -4.28 -4.51 -8.27
CA TRP A 42 -4.30 -3.14 -8.86
C TRP A 42 -3.88 -3.20 -10.33
N SER A 43 -2.93 -4.03 -10.65
CA SER A 43 -2.48 -4.12 -12.07
C SER A 43 -3.57 -4.76 -12.93
N ASP A 44 -4.53 -5.39 -12.31
CA ASP A 44 -5.62 -6.03 -13.09
C ASP A 44 -6.35 -4.98 -13.93
N VAL A 45 -6.59 -3.80 -13.39
CA VAL A 45 -7.32 -2.74 -14.13
C VAL A 45 -6.42 -1.52 -14.41
N THR A 46 -5.31 -1.38 -13.72
CA THR A 46 -4.42 -0.20 -13.99
C THR A 46 -3.38 -0.59 -15.07
N PRO A 47 -3.27 0.13 -16.18
CA PRO A 47 -2.24 -0.22 -17.19
C PRO A 47 -0.82 0.15 -16.73
N LEU A 48 -0.66 0.41 -15.46
CA LEU A 48 0.68 0.80 -14.93
C LEU A 48 1.63 -0.40 -14.97
N ASN A 49 2.87 -0.16 -15.33
CA ASN A 49 3.88 -1.26 -15.39
C ASN A 49 4.77 -1.17 -14.14
N PHE A 50 4.82 -2.21 -13.36
CA PHE A 50 5.67 -2.18 -12.11
C PHE A 50 6.91 -3.06 -12.31
N THR A 51 8.07 -2.50 -12.09
CA THR A 51 9.35 -3.27 -12.26
C THR A 51 10.12 -3.31 -10.92
N ARG A 52 10.53 -4.47 -10.49
CA ARG A 52 11.28 -4.58 -9.21
C ARG A 52 12.76 -4.25 -9.45
N LEU A 53 13.35 -3.40 -8.64
CA LEU A 53 14.79 -3.04 -8.82
C LEU A 53 15.62 -3.71 -7.72
N HIS A 54 16.72 -4.32 -8.09
CA HIS A 54 17.57 -5.01 -7.09
C HIS A 54 18.17 -3.98 -6.13
N ASP A 55 18.59 -2.85 -6.63
CA ASP A 55 19.18 -1.81 -5.74
C ASP A 55 19.00 -0.42 -6.37
N GLY A 56 19.46 0.60 -5.69
CA GLY A 56 19.31 1.99 -6.24
C GLY A 56 18.08 2.65 -5.63
N ILE A 57 17.67 3.77 -6.18
CA ILE A 57 16.47 4.49 -5.65
C ILE A 57 15.27 4.21 -6.55
N ALA A 58 14.14 3.83 -5.97
CA ALA A 58 12.93 3.53 -6.79
C ALA A 58 11.84 4.56 -6.47
N ASP A 59 10.94 4.80 -7.39
CA ASP A 59 9.86 5.80 -7.14
C ASP A 59 9.04 5.38 -5.91
N ILE A 60 8.61 4.15 -5.87
CA ILE A 60 7.80 3.66 -4.70
C ILE A 60 8.68 2.79 -3.80
N MET A 61 9.26 3.37 -2.77
CA MET A 61 10.12 2.58 -1.85
C MET A 61 9.33 2.24 -0.57
N ILE A 62 9.29 0.99 -0.22
CA ILE A 62 8.55 0.56 1.01
C ILE A 62 9.53 0.21 2.13
N SER A 63 9.25 0.62 3.33
CA SER A 63 10.18 0.31 4.46
C SER A 63 9.39 0.25 5.77
N PHE A 64 9.96 -0.35 6.79
CA PHE A 64 9.28 -0.46 8.12
C PHE A 64 10.00 0.44 9.13
N GLY A 65 9.28 0.95 10.09
CA GLY A 65 9.92 1.84 11.12
C GLY A 65 9.27 1.58 12.48
N ILE A 66 9.43 2.49 13.40
CA ILE A 66 8.84 2.31 14.77
C ILE A 66 8.07 3.57 15.15
N LYS A 67 7.17 3.44 16.10
CA LYS A 67 6.29 4.57 16.57
C LYS A 67 6.72 5.92 15.97
N GLU A 68 7.31 6.79 16.75
CA GLU A 68 7.75 8.10 16.18
C GLU A 68 9.00 7.90 15.33
N HIS A 69 8.98 8.35 14.10
CA HIS A 69 10.17 8.18 13.23
C HIS A 69 11.30 9.08 13.72
N GLY A 70 10.97 10.27 14.13
CA GLY A 70 12.01 11.21 14.63
C GLY A 70 11.38 12.57 14.94
N ASP A 71 10.75 13.17 13.97
CA ASP A 71 10.10 14.49 14.22
C ASP A 71 8.97 14.71 13.21
N PHE A 72 7.99 15.50 13.57
CA PHE A 72 6.84 15.79 12.65
C PHE A 72 6.14 14.47 12.26
N TYR A 73 6.40 13.40 12.96
CA TYR A 73 5.72 12.11 12.63
C TYR A 73 5.42 11.35 13.93
N PRO A 74 4.49 11.82 14.72
CA PRO A 74 4.16 11.16 16.00
C PRO A 74 3.11 10.04 15.85
N PHE A 75 3.51 8.81 16.03
CA PHE A 75 2.53 7.69 15.93
C PHE A 75 1.91 7.52 17.33
N ASP A 76 0.82 6.79 17.45
CA ASP A 76 0.18 6.63 18.81
C ASP A 76 0.45 5.23 19.38
N GLY A 77 1.45 4.54 18.89
CA GLY A 77 1.75 3.17 19.41
C GLY A 77 1.23 2.11 18.42
N PRO A 78 0.84 0.94 18.89
CA PRO A 78 0.34 -0.12 17.97
C PRO A 78 -0.92 0.31 17.19
N SER A 79 -1.99 0.58 17.87
CA SER A 79 -3.25 0.99 17.16
C SER A 79 -3.12 2.42 16.65
N GLY A 80 -3.91 2.78 15.65
CA GLY A 80 -3.85 4.16 15.09
C GLY A 80 -3.32 4.14 13.65
N LEU A 81 -2.31 4.92 13.37
CA LEU A 81 -1.75 4.95 11.99
C LEU A 81 -1.03 3.63 11.70
N LEU A 82 -1.65 2.76 10.96
CA LEU A 82 -0.98 1.46 10.66
C LEU A 82 0.11 1.70 9.62
N ALA A 83 -0.04 2.75 8.84
CA ALA A 83 0.98 3.06 7.80
C ALA A 83 0.54 4.34 7.07
N HIS A 84 1.39 4.86 6.22
CA HIS A 84 1.00 6.09 5.46
C HIS A 84 1.92 6.24 4.25
N ALA A 85 1.63 7.16 3.37
CA ALA A 85 2.48 7.34 2.16
C ALA A 85 2.41 8.81 1.71
N PHE A 86 3.36 9.24 0.93
CA PHE A 86 3.37 10.65 0.43
C PHE A 86 2.85 10.66 -1.01
N PRO A 87 2.29 11.76 -1.48
CA PRO A 87 1.78 11.82 -2.88
C PRO A 87 2.86 11.42 -3.89
N PRO A 88 2.49 11.21 -5.14
CA PRO A 88 3.49 10.82 -6.17
C PRO A 88 4.63 11.84 -6.26
N GLY A 89 5.84 11.38 -6.15
CA GLY A 89 7.00 12.30 -6.23
C GLY A 89 8.28 11.47 -6.43
N PRO A 90 9.08 11.73 -7.45
CA PRO A 90 10.33 10.91 -7.65
C PRO A 90 11.37 11.17 -6.56
N ASN A 91 11.39 12.36 -6.02
CA ASN A 91 12.39 12.68 -4.96
C ASN A 91 12.18 11.76 -3.75
N TYR A 92 10.98 11.68 -3.25
CA TYR A 92 10.71 10.78 -2.08
C TYR A 92 9.23 10.42 -2.05
N GLY A 93 8.42 11.04 -2.87
CA GLY A 93 6.97 10.73 -2.87
C GLY A 93 6.74 9.27 -3.28
N GLY A 94 5.54 8.77 -3.10
CA GLY A 94 5.25 7.36 -3.49
C GLY A 94 5.85 6.41 -2.46
N ASP A 95 6.43 6.93 -1.40
CA ASP A 95 7.03 6.04 -0.38
C ASP A 95 5.94 5.51 0.55
N ALA A 96 6.28 4.59 1.41
CA ALA A 96 5.26 4.01 2.33
C ALA A 96 5.93 3.58 3.65
N HIS A 97 5.44 4.09 4.76
CA HIS A 97 6.03 3.72 6.09
C HIS A 97 5.06 2.79 6.83
N PHE A 98 5.57 1.70 7.35
CA PHE A 98 4.71 0.73 8.10
C PHE A 98 5.15 0.70 9.58
N ASP A 99 4.23 0.55 10.49
CA ASP A 99 4.63 0.52 11.94
C ASP A 99 5.19 -0.86 12.30
N ASP A 100 6.39 -0.91 12.81
CA ASP A 100 6.98 -2.24 13.20
C ASP A 100 6.52 -2.60 14.62
N ASP A 101 5.85 -1.70 15.28
CA ASP A 101 5.37 -1.99 16.67
C ASP A 101 4.08 -2.80 16.60
N GLU A 102 3.45 -2.83 15.44
CA GLU A 102 2.17 -3.58 15.30
C GLU A 102 2.46 -5.03 14.90
N THR A 103 1.46 -5.88 14.96
CA THR A 103 1.67 -7.31 14.60
C THR A 103 1.22 -7.55 13.16
N TRP A 104 2.15 -7.69 12.25
CA TRP A 104 1.79 -7.94 10.83
C TRP A 104 1.64 -9.44 10.60
N THR A 105 0.51 -9.87 10.10
CA THR A 105 0.29 -11.34 9.87
C THR A 105 -0.49 -11.54 8.57
N SER A 106 -0.32 -12.67 7.92
CA SER A 106 -1.06 -12.94 6.66
C SER A 106 -2.36 -13.68 7.00
N SER A 107 -2.52 -14.03 8.25
CA SER A 107 -3.75 -14.75 8.68
C SER A 107 -4.76 -13.72 9.21
N SER A 108 -5.90 -14.16 9.63
CA SER A 108 -6.91 -13.19 10.16
C SER A 108 -6.57 -12.82 11.60
N LYS A 109 -5.57 -12.00 11.80
CA LYS A 109 -5.18 -11.59 13.18
C LYS A 109 -4.62 -10.17 13.13
N GLY A 110 -4.75 -9.43 14.21
CA GLY A 110 -4.22 -8.04 14.22
C GLY A 110 -4.58 -7.32 12.92
N TYR A 111 -3.66 -6.56 12.36
CA TYR A 111 -3.95 -5.84 11.08
C TYR A 111 -3.33 -6.63 9.92
N ASN A 112 -4.14 -7.14 9.03
CA ASN A 112 -3.59 -7.91 7.88
C ASN A 112 -2.71 -7.00 7.01
N LEU A 113 -1.53 -7.44 6.67
CA LEU A 113 -0.62 -6.62 5.83
C LEU A 113 -1.25 -6.28 4.48
N PHE A 114 -1.88 -7.24 3.85
CA PHE A 114 -2.49 -6.97 2.52
C PHE A 114 -3.55 -5.87 2.63
N LEU A 115 -4.36 -5.87 3.65
CA LEU A 115 -5.40 -4.81 3.76
C LEU A 115 -4.74 -3.43 3.81
N VAL A 116 -3.76 -3.24 4.67
CA VAL A 116 -3.10 -1.92 4.77
C VAL A 116 -2.27 -1.66 3.50
N ALA A 117 -1.56 -2.65 3.03
CA ALA A 117 -0.73 -2.44 1.81
C ALA A 117 -1.60 -1.97 0.65
N ALA A 118 -2.66 -2.66 0.37
CA ALA A 118 -3.56 -2.26 -0.74
C ALA A 118 -4.11 -0.85 -0.48
N HIS A 119 -4.40 -0.53 0.75
CA HIS A 119 -4.97 0.81 1.08
C HIS A 119 -3.99 1.93 0.71
N GLU A 120 -2.76 1.83 1.13
CA GLU A 120 -1.79 2.92 0.79
C GLU A 120 -1.67 3.05 -0.72
N PHE A 121 -1.67 1.96 -1.44
CA PHE A 121 -1.58 2.06 -2.92
C PHE A 121 -2.78 2.85 -3.43
N GLY A 122 -3.93 2.63 -2.86
CA GLY A 122 -5.14 3.39 -3.32
C GLY A 122 -4.85 4.88 -3.26
N HIS A 123 -4.29 5.35 -2.19
CA HIS A 123 -3.98 6.81 -2.07
C HIS A 123 -2.90 7.19 -3.08
N SER A 124 -1.91 6.36 -3.26
CA SER A 124 -0.83 6.69 -4.22
C SER A 124 -1.38 6.70 -5.65
N LEU A 125 -2.48 6.04 -5.89
CA LEU A 125 -3.06 6.02 -7.25
C LEU A 125 -3.89 7.28 -7.49
N GLY A 126 -3.93 8.18 -6.54
CA GLY A 126 -4.70 9.45 -6.72
C GLY A 126 -6.14 9.27 -6.25
N LEU A 127 -6.47 8.15 -5.68
CA LEU A 127 -7.87 7.93 -5.20
C LEU A 127 -8.01 8.47 -3.78
N ASP A 128 -9.19 8.96 -3.45
CA ASP A 128 -9.43 9.50 -2.07
C ASP A 128 -10.21 8.46 -1.25
N HIS A 129 -10.38 8.68 0.02
CA HIS A 129 -11.12 7.70 0.85
C HIS A 129 -12.52 7.46 0.26
N SER A 130 -12.91 6.22 0.12
CA SER A 130 -14.26 5.91 -0.46
C SER A 130 -15.26 5.69 0.68
N LYS A 131 -16.52 5.86 0.41
CA LYS A 131 -17.56 5.66 1.48
C LYS A 131 -18.19 4.27 1.30
N ASP A 132 -17.70 3.49 0.39
CA ASP A 132 -18.26 2.12 0.18
C ASP A 132 -17.56 1.15 1.16
N PRO A 133 -18.27 0.39 1.98
CA PRO A 133 -17.59 -0.53 2.91
C PRO A 133 -16.88 -1.69 2.20
N GLY A 134 -17.28 -1.99 0.99
CA GLY A 134 -16.62 -3.11 0.25
C GLY A 134 -15.37 -2.58 -0.46
N ALA A 135 -15.15 -1.30 -0.42
CA ALA A 135 -13.94 -0.73 -1.08
C ALA A 135 -12.76 -0.81 -0.11
N LEU A 136 -11.61 -1.23 -0.57
CA LEU A 136 -10.43 -1.33 0.34
C LEU A 136 -10.08 0.05 0.91
N MET A 137 -10.16 1.07 0.12
CA MET A 137 -9.80 2.44 0.61
C MET A 137 -10.83 2.95 1.62
N PHE A 138 -11.54 2.07 2.29
CA PHE A 138 -12.54 2.54 3.28
C PHE A 138 -11.77 3.14 4.49
N PRO A 139 -12.11 4.34 4.97
CA PRO A 139 -11.36 4.94 6.12
C PRO A 139 -11.18 4.00 7.32
N ILE A 140 -12.00 2.99 7.47
CA ILE A 140 -11.87 2.07 8.65
C ILE A 140 -11.28 0.72 8.24
N TYR A 141 -10.41 0.18 9.06
CA TYR A 141 -9.77 -1.12 8.75
C TYR A 141 -10.78 -2.26 8.99
N THR A 142 -10.98 -3.10 8.01
CA THR A 142 -11.94 -4.24 8.18
C THR A 142 -11.33 -5.50 7.55
N TYR A 143 -11.53 -6.64 8.16
CA TYR A 143 -10.96 -7.89 7.59
C TYR A 143 -11.86 -8.38 6.45
N THR A 144 -11.27 -8.86 5.39
CA THR A 144 -12.09 -9.35 4.23
C THR A 144 -11.47 -10.63 3.66
N GLY A 145 -12.29 -11.47 3.07
CA GLY A 145 -11.75 -12.74 2.49
C GLY A 145 -10.91 -12.41 1.25
N LYS A 146 -9.61 -12.42 1.40
CA LYS A 146 -8.72 -12.11 0.24
C LYS A 146 -8.64 -13.31 -0.69
N SER A 147 -9.30 -14.39 -0.37
CA SER A 147 -9.24 -15.58 -1.24
C SER A 147 -9.78 -15.23 -2.63
N HIS A 148 -10.82 -14.44 -2.71
CA HIS A 148 -11.39 -14.06 -4.04
C HIS A 148 -11.79 -12.58 -4.03
N PHE A 149 -11.24 -11.80 -3.15
CA PHE A 149 -11.61 -10.36 -3.12
C PHE A 149 -11.22 -9.69 -4.44
N MET A 150 -12.06 -8.82 -4.94
CA MET A 150 -11.74 -8.12 -6.23
C MET A 150 -12.18 -6.66 -6.09
N LEU A 151 -11.49 -5.75 -6.74
CA LEU A 151 -11.88 -4.31 -6.61
C LEU A 151 -13.38 -4.17 -7.00
N PRO A 152 -14.20 -3.51 -6.20
CA PRO A 152 -15.64 -3.34 -6.56
C PRO A 152 -15.84 -2.37 -7.73
N ASP A 153 -17.05 -2.25 -8.21
CA ASP A 153 -17.32 -1.32 -9.34
C ASP A 153 -16.96 0.11 -8.92
N ASP A 154 -17.26 0.47 -7.71
CA ASP A 154 -16.95 1.85 -7.24
C ASP A 154 -15.47 2.15 -7.49
N ASP A 155 -14.60 1.26 -7.12
CA ASP A 155 -13.14 1.51 -7.35
C ASP A 155 -12.81 1.43 -8.84
N VAL A 156 -13.40 0.49 -9.55
CA VAL A 156 -13.10 0.39 -11.01
C VAL A 156 -13.50 1.70 -11.70
N GLN A 157 -14.66 2.20 -11.42
CA GLN A 157 -15.11 3.46 -12.06
C GLN A 157 -14.16 4.61 -11.71
N GLY A 158 -13.69 4.65 -10.49
CA GLY A 158 -12.78 5.77 -10.06
C GLY A 158 -11.38 5.61 -10.67
N ILE A 159 -10.75 4.48 -10.46
CA ILE A 159 -9.37 4.29 -11.00
C ILE A 159 -9.39 4.44 -12.53
N GLN A 160 -10.39 3.92 -13.17
CA GLN A 160 -10.46 4.04 -14.66
C GLN A 160 -10.62 5.51 -15.04
N SER A 161 -11.38 6.26 -14.29
CA SER A 161 -11.58 7.69 -14.63
C SER A 161 -10.24 8.45 -14.59
N LEU A 162 -9.35 8.06 -13.72
CA LEU A 162 -8.04 8.78 -13.63
C LEU A 162 -7.05 8.22 -14.66
N TYR A 163 -6.85 6.93 -14.68
CA TYR A 163 -5.87 6.33 -15.64
C TYR A 163 -6.58 5.94 -16.94
N GLY A 164 -7.89 5.99 -16.96
CA GLY A 164 -8.64 5.62 -18.20
C GLY A 164 -9.04 4.15 -18.13
ZN ZN B . -6.30 6.39 3.97
ZN ZN C . 6.30 6.83 8.38
CA CA D . -0.40 3.15 14.97
C1 WAY E . -5.74 6.96 9.12
C2 WAY E . -5.34 7.69 7.90
CF2 WAY E . -4.84 9.05 8.02
CH WAY E . -4.73 9.70 9.31
CF1 WAY E . -5.12 8.98 10.51
C6 WAY E . -5.62 7.61 10.44
C10 WAY E . -5.39 7.17 6.50
O11 WAY E . -6.45 6.83 5.99
N12 WAY E . -4.26 6.82 5.89
O13 WAY E . -4.39 6.08 4.69
CE WAY E . -6.00 6.93 11.73
N20 WAY E . -6.22 5.66 9.08
S21 WAY E . -5.17 4.40 9.39
CD WAY E . -7.65 5.46 8.87
CK WAY E . -9.30 3.78 11.99
CM WAY E . -9.99 4.92 12.51
N25 WAY E . -9.92 6.17 11.89
CJ WAY E . -9.17 6.32 10.73
C27 WAY E . -8.45 5.24 10.12
CI WAY E . -8.53 3.95 10.78
C35 WAY E . -5.45 3.09 8.22
CC1 WAY E . -4.53 2.91 7.10
CB1 WAY E . -4.75 1.84 6.15
C38 WAY E . -5.90 0.93 6.28
CB2 WAY E . -6.81 1.14 7.43
CC2 WAY E . -6.59 2.21 8.38
O45 WAY E . -6.05 -0.10 5.28
CA WAY E . -7.14 -1.06 5.32
O50 WAY E . -5.52 3.87 10.68
O51 WAY E . -3.82 4.84 9.19
HF2 WAY E . -4.56 9.60 7.14
HH WAY E . -4.36 10.71 9.38
HF1 WAY E . -5.03 9.48 11.47
H14 WAY E . -3.36 7.06 6.27
H15 WAY E . -5.23 6.28 4.30
HE1 WAY E . -5.26 7.10 12.51
HE2 WAY E . -6.11 5.86 11.59
HE3 WAY E . -6.96 7.31 12.10
HD1 WAY E . -7.76 4.58 8.22
HD2 WAY E . -8.04 6.32 8.34
HK WAY E . -9.36 2.82 12.48
HL WAY E . -10.57 4.81 13.42
HJ WAY E . -9.11 7.29 10.24
HI WAY E . -8.00 3.11 10.37
HC1 WAY E . -3.69 3.58 7.00
HB1 WAY E . -4.06 1.72 5.33
HB2 WAY E . -7.68 0.50 7.57
HC2 WAY E . -7.25 2.36 9.21
HA1 WAY E . -7.07 -1.75 4.47
HA2 WAY E . -8.10 -0.54 5.26
HA3 WAY E . -7.12 -1.63 6.25
N THR A 7 -7.71 13.69 -11.06
CA THR A 7 -7.06 14.72 -10.20
C THR A 7 -5.58 14.37 -10.03
N LEU A 8 -5.14 14.12 -8.82
CA LEU A 8 -3.70 13.77 -8.63
C LEU A 8 -3.42 12.41 -9.28
N LYS A 9 -2.39 12.32 -10.07
CA LYS A 9 -2.06 11.04 -10.74
C LYS A 9 -0.62 11.06 -11.23
N TRP A 10 -0.05 9.91 -11.49
CA TRP A 10 1.37 9.88 -11.98
C TRP A 10 1.44 10.43 -13.40
N SER A 11 2.52 11.09 -13.73
CA SER A 11 2.66 11.68 -15.10
C SER A 11 3.22 10.63 -16.05
N LYS A 12 3.46 9.43 -15.57
CA LYS A 12 4.01 8.35 -16.47
C LYS A 12 3.39 7.01 -16.08
N MET A 13 3.32 6.10 -17.01
CA MET A 13 2.72 4.76 -16.72
C MET A 13 3.82 3.80 -16.25
N ASN A 14 5.04 4.26 -16.19
CA ASN A 14 6.16 3.38 -15.73
C ASN A 14 6.43 3.62 -14.25
N LEU A 15 6.50 2.57 -13.45
CA LEU A 15 6.75 2.75 -11.99
C LEU A 15 7.68 1.64 -11.50
N THR A 16 8.48 1.93 -10.50
CA THR A 16 9.42 0.91 -9.95
C THR A 16 9.35 0.94 -8.43
N TYR A 17 9.68 -0.14 -7.77
CA TYR A 17 9.62 -0.14 -6.27
C TYR A 17 10.73 -1.01 -5.70
N ARG A 18 11.07 -0.81 -4.45
CA ARG A 18 12.15 -1.62 -3.80
C ARG A 18 11.81 -1.85 -2.33
N ILE A 19 11.96 -3.07 -1.85
CA ILE A 19 11.66 -3.34 -0.42
C ILE A 19 12.94 -3.11 0.41
N VAL A 20 12.92 -2.14 1.28
CA VAL A 20 14.14 -1.88 2.11
C VAL A 20 14.32 -3.02 3.11
N ASN A 21 13.25 -3.49 3.69
CA ASN A 21 13.40 -4.59 4.68
C ASN A 21 12.03 -5.23 4.95
N TYR A 22 12.04 -6.42 5.47
CA TYR A 22 10.77 -7.12 5.77
C TYR A 22 10.53 -7.00 7.28
N THR A 23 9.68 -7.84 7.85
CA THR A 23 9.41 -7.76 9.30
C THR A 23 9.75 -9.10 9.99
N PRO A 24 10.20 -9.10 11.23
CA PRO A 24 10.52 -10.37 11.94
C PRO A 24 9.23 -11.14 12.24
N ASP A 25 8.14 -10.44 12.13
CA ASP A 25 6.80 -11.03 12.39
C ASP A 25 6.56 -12.21 11.45
N MET A 26 6.99 -12.10 10.21
CA MET A 26 6.77 -13.21 9.24
C MET A 26 8.02 -13.37 8.36
N THR A 27 8.10 -14.44 7.62
CA THR A 27 9.29 -14.67 6.76
C THR A 27 9.24 -13.72 5.56
N HIS A 28 10.38 -13.45 4.98
CA HIS A 28 10.43 -12.52 3.80
C HIS A 28 9.58 -13.07 2.66
N SER A 29 9.62 -14.35 2.44
CA SER A 29 8.83 -14.94 1.31
C SER A 29 7.34 -14.65 1.50
N GLU A 30 6.85 -14.73 2.70
CA GLU A 30 5.41 -14.45 2.92
C GLU A 30 5.13 -12.97 2.64
N VAL A 31 6.02 -12.11 3.05
CA VAL A 31 5.81 -10.65 2.81
C VAL A 31 5.92 -10.33 1.30
N GLU A 32 6.84 -10.93 0.61
CA GLU A 32 6.97 -10.63 -0.85
C GLU A 32 5.68 -10.98 -1.59
N LYS A 33 5.14 -12.15 -1.38
CA LYS A 33 3.89 -12.51 -2.09
C LYS A 33 2.78 -11.54 -1.68
N ALA A 34 2.81 -11.04 -0.47
CA ALA A 34 1.74 -10.09 -0.05
C ALA A 34 1.76 -8.86 -0.95
N PHE A 35 2.90 -8.29 -1.18
CA PHE A 35 2.96 -7.07 -2.05
C PHE A 35 2.59 -7.45 -3.48
N LYS A 36 3.03 -8.59 -3.95
CA LYS A 36 2.69 -8.98 -5.35
C LYS A 36 1.18 -9.07 -5.50
N LYS A 37 0.49 -9.60 -4.52
CA LYS A 37 -0.99 -9.69 -4.62
C LYS A 37 -1.56 -8.28 -4.76
N ALA A 38 -1.04 -7.34 -4.00
CA ALA A 38 -1.54 -5.95 -4.07
C ALA A 38 -1.35 -5.38 -5.49
N PHE A 39 -0.18 -5.54 -6.04
CA PHE A 39 0.07 -5.01 -7.42
C PHE A 39 -0.81 -5.75 -8.42
N LYS A 40 -0.96 -7.03 -8.26
CA LYS A 40 -1.80 -7.81 -9.21
C LYS A 40 -3.24 -7.26 -9.19
N VAL A 41 -3.79 -7.08 -8.02
CA VAL A 41 -5.18 -6.54 -7.93
C VAL A 41 -5.25 -5.15 -8.59
N TRP A 42 -4.27 -4.31 -8.37
CA TRP A 42 -4.32 -2.96 -8.99
C TRP A 42 -3.84 -3.01 -10.43
N SER A 43 -2.95 -3.91 -10.75
CA SER A 43 -2.47 -4.00 -12.17
C SER A 43 -3.59 -4.55 -13.04
N ASP A 44 -4.56 -5.19 -12.44
CA ASP A 44 -5.69 -5.75 -13.24
C ASP A 44 -6.43 -4.62 -13.96
N VAL A 45 -6.62 -3.49 -13.32
CA VAL A 45 -7.35 -2.35 -13.97
C VAL A 45 -6.40 -1.17 -14.23
N THR A 46 -5.27 -1.13 -13.58
CA THR A 46 -4.30 -0.01 -13.81
C THR A 46 -3.29 -0.42 -14.88
N PRO A 47 -3.27 0.20 -16.06
CA PRO A 47 -2.27 -0.20 -17.09
C PRO A 47 -0.84 0.21 -16.67
N LEU A 48 -0.66 0.51 -15.42
CA LEU A 48 0.69 0.91 -14.93
C LEU A 48 1.63 -0.30 -14.97
N ASN A 49 2.88 -0.08 -15.31
CA ASN A 49 3.86 -1.20 -15.36
C ASN A 49 4.74 -1.15 -14.10
N PHE A 50 4.74 -2.19 -13.31
CA PHE A 50 5.56 -2.19 -12.06
C PHE A 50 6.77 -3.10 -12.24
N THR A 51 7.95 -2.59 -11.97
CA THR A 51 9.20 -3.40 -12.10
C THR A 51 9.92 -3.48 -10.75
N ARG A 52 10.28 -4.68 -10.34
CA ARG A 52 10.96 -4.83 -9.02
C ARG A 52 12.46 -4.54 -9.19
N LEU A 53 13.02 -3.71 -8.35
CA LEU A 53 14.48 -3.38 -8.45
C LEU A 53 15.20 -3.98 -7.24
N HIS A 54 16.10 -4.90 -7.47
CA HIS A 54 16.83 -5.53 -6.33
C HIS A 54 17.88 -4.56 -5.79
N ASP A 55 18.27 -3.58 -6.56
CA ASP A 55 19.30 -2.61 -6.09
C ASP A 55 19.00 -1.22 -6.66
N GLY A 56 19.53 -0.19 -6.07
CA GLY A 56 19.27 1.20 -6.56
C GLY A 56 18.05 1.77 -5.86
N ILE A 57 17.75 3.03 -6.09
CA ILE A 57 16.56 3.66 -5.43
C ILE A 57 15.36 3.56 -6.39
N ALA A 58 14.20 3.26 -5.86
CA ALA A 58 12.98 3.15 -6.71
C ALA A 58 12.01 4.27 -6.37
N ASP A 59 11.09 4.58 -7.26
CA ASP A 59 10.12 5.67 -6.97
C ASP A 59 9.32 5.32 -5.72
N ILE A 60 8.78 4.12 -5.66
CA ILE A 60 7.99 3.71 -4.47
C ILE A 60 8.82 2.77 -3.59
N MET A 61 9.42 3.29 -2.56
CA MET A 61 10.25 2.43 -1.66
C MET A 61 9.45 2.11 -0.38
N ILE A 62 9.37 0.85 -0.04
CA ILE A 62 8.59 0.43 1.16
C ILE A 62 9.56 0.07 2.30
N SER A 63 9.29 0.54 3.49
CA SER A 63 10.19 0.22 4.63
C SER A 63 9.39 0.18 5.93
N PHE A 64 9.85 -0.56 6.90
CA PHE A 64 9.13 -0.67 8.21
C PHE A 64 9.88 0.18 9.26
N GLY A 65 9.19 1.11 9.88
CA GLY A 65 9.86 1.99 10.90
C GLY A 65 9.41 1.61 12.32
N ILE A 66 9.70 2.44 13.28
CA ILE A 66 9.31 2.18 14.69
C ILE A 66 8.79 3.48 15.31
N LYS A 67 8.15 3.39 16.46
CA LYS A 67 7.58 4.59 17.16
C LYS A 67 8.36 5.87 16.80
N GLU A 68 9.50 6.08 17.39
CA GLU A 68 10.28 7.31 17.07
C GLU A 68 10.95 7.14 15.70
N HIS A 69 10.79 8.10 14.82
CA HIS A 69 11.42 7.98 13.48
C HIS A 69 11.39 9.36 12.79
N GLY A 70 10.49 10.21 13.21
CA GLY A 70 10.40 11.56 12.58
C GLY A 70 9.32 12.38 13.30
N ASP A 71 9.60 13.62 13.60
CA ASP A 71 8.59 14.46 14.29
C ASP A 71 7.34 14.61 13.41
N PHE A 72 7.51 14.76 12.13
CA PHE A 72 6.34 14.91 11.22
C PHE A 72 5.56 13.59 11.16
N TYR A 73 4.25 13.67 11.11
CA TYR A 73 3.40 12.44 11.05
C TYR A 73 3.95 11.37 12.01
N PRO A 74 3.94 11.62 13.30
CA PRO A 74 4.44 10.63 14.29
C PRO A 74 3.46 9.49 14.51
N PHE A 75 3.92 8.36 14.98
CA PHE A 75 3.01 7.20 15.23
C PHE A 75 2.49 7.29 16.67
N ASP A 76 1.31 6.79 16.91
CA ASP A 76 0.73 6.86 18.30
C ASP A 76 0.90 5.53 19.02
N GLY A 77 1.67 4.62 18.47
CA GLY A 77 1.88 3.28 19.15
C GLY A 77 1.32 2.16 18.24
N PRO A 78 0.89 1.05 18.80
CA PRO A 78 0.35 -0.06 17.97
C PRO A 78 -0.85 0.37 17.12
N SER A 79 -1.94 0.73 17.75
CA SER A 79 -3.14 1.17 16.97
C SER A 79 -2.94 2.59 16.46
N GLY A 80 -3.68 2.98 15.44
CA GLY A 80 -3.55 4.37 14.89
C GLY A 80 -3.04 4.30 13.44
N LEU A 81 -2.03 5.06 13.11
CA LEU A 81 -1.50 5.03 11.72
C LEU A 81 -0.78 3.69 11.50
N LEU A 82 -1.39 2.80 10.77
CA LEU A 82 -0.74 1.48 10.52
C LEU A 82 0.33 1.67 9.45
N ALA A 83 0.24 2.75 8.72
CA ALA A 83 1.23 3.04 7.65
C ALA A 83 0.85 4.36 6.98
N HIS A 84 1.68 4.88 6.11
CA HIS A 84 1.33 6.15 5.44
C HIS A 84 2.20 6.34 4.19
N ALA A 85 1.75 7.11 3.26
CA ALA A 85 2.55 7.35 2.02
C ALA A 85 2.25 8.76 1.50
N PHE A 86 3.13 9.32 0.72
CA PHE A 86 2.89 10.70 0.19
C PHE A 86 2.25 10.59 -1.21
N PRO A 87 1.47 11.58 -1.64
CA PRO A 87 0.85 11.52 -2.98
C PRO A 87 1.91 11.39 -4.09
N PRO A 88 1.52 11.07 -5.30
CA PRO A 88 2.49 10.92 -6.42
C PRO A 88 3.43 12.15 -6.54
N GLY A 89 4.42 12.22 -5.69
CA GLY A 89 5.37 13.38 -5.73
C GLY A 89 6.64 12.96 -6.47
N PRO A 90 7.67 13.78 -6.45
CA PRO A 90 8.94 13.44 -7.15
C PRO A 90 9.52 12.08 -6.70
N ASN A 91 10.80 11.90 -6.85
CA ASN A 91 11.44 10.62 -6.43
C ASN A 91 11.21 10.38 -4.93
N TYR A 92 11.31 11.41 -4.14
CA TYR A 92 11.09 11.24 -2.68
C TYR A 92 9.62 10.89 -2.43
N GLY A 93 8.73 11.51 -3.15
CA GLY A 93 7.27 11.21 -2.93
C GLY A 93 6.97 9.78 -3.41
N GLY A 94 5.81 9.28 -3.10
CA GLY A 94 5.45 7.90 -3.52
C GLY A 94 6.05 6.90 -2.53
N ASP A 95 6.59 7.37 -1.45
CA ASP A 95 7.20 6.44 -0.45
C ASP A 95 6.10 5.82 0.43
N ALA A 96 6.44 4.83 1.21
CA ALA A 96 5.43 4.18 2.09
C ALA A 96 6.08 3.69 3.39
N HIS A 97 5.55 4.12 4.52
CA HIS A 97 6.11 3.70 5.84
C HIS A 97 5.16 2.72 6.54
N PHE A 98 5.69 1.73 7.20
CA PHE A 98 4.85 0.73 7.94
C PHE A 98 5.29 0.68 9.41
N ASP A 99 4.38 0.51 10.32
CA ASP A 99 4.78 0.45 11.76
C ASP A 99 5.35 -0.93 12.08
N ASP A 100 6.58 -0.99 12.54
CA ASP A 100 7.19 -2.31 12.90
C ASP A 100 6.79 -2.68 14.33
N ASP A 101 6.16 -1.77 15.02
CA ASP A 101 5.74 -2.06 16.42
C ASP A 101 4.41 -2.82 16.41
N GLU A 102 3.75 -2.86 15.29
CA GLU A 102 2.44 -3.55 15.20
C GLU A 102 2.64 -5.02 14.84
N THR A 103 1.61 -5.81 14.93
CA THR A 103 1.74 -7.27 14.60
C THR A 103 1.25 -7.52 13.18
N TRP A 104 2.16 -7.71 12.27
CA TRP A 104 1.77 -7.95 10.85
C TRP A 104 1.57 -9.46 10.65
N THR A 105 0.44 -9.86 10.13
CA THR A 105 0.17 -11.32 9.93
C THR A 105 -0.61 -11.52 8.63
N SER A 106 -0.48 -12.68 8.03
CA SER A 106 -1.23 -12.95 6.77
C SER A 106 -2.54 -13.66 7.11
N SER A 107 -2.67 -14.08 8.35
CA SER A 107 -3.93 -14.76 8.78
C SER A 107 -4.90 -13.71 9.33
N SER A 108 -6.07 -14.11 9.72
CA SER A 108 -7.05 -13.11 10.26
C SER A 108 -6.66 -12.72 11.68
N LYS A 109 -5.71 -11.85 11.83
CA LYS A 109 -5.28 -11.41 13.20
C LYS A 109 -4.69 -10.00 13.12
N GLY A 110 -4.81 -9.23 14.17
CA GLY A 110 -4.25 -7.85 14.16
C GLY A 110 -4.56 -7.16 12.83
N TYR A 111 -3.63 -6.41 12.30
CA TYR A 111 -3.85 -5.71 10.99
C TYR A 111 -3.19 -6.52 9.88
N ASN A 112 -3.97 -7.10 9.01
CA ASN A 112 -3.37 -7.90 7.89
C ASN A 112 -2.49 -7.00 7.01
N LEU A 113 -1.33 -7.47 6.64
CA LEU A 113 -0.43 -6.65 5.77
C LEU A 113 -1.12 -6.31 4.45
N PHE A 114 -1.76 -7.26 3.83
CA PHE A 114 -2.42 -7.00 2.52
C PHE A 114 -3.47 -5.88 2.64
N LEU A 115 -4.25 -5.88 3.69
CA LEU A 115 -5.29 -4.82 3.83
C LEU A 115 -4.61 -3.44 3.86
N VAL A 116 -3.61 -3.26 4.68
CA VAL A 116 -2.93 -1.93 4.75
C VAL A 116 -2.12 -1.68 3.48
N ALA A 117 -1.45 -2.68 2.98
CA ALA A 117 -0.64 -2.48 1.74
C ALA A 117 -1.52 -1.99 0.60
N ALA A 118 -2.59 -2.67 0.32
CA ALA A 118 -3.50 -2.25 -0.79
C ALA A 118 -4.03 -0.84 -0.51
N HIS A 119 -4.29 -0.52 0.73
CA HIS A 119 -4.84 0.82 1.05
C HIS A 119 -3.86 1.93 0.68
N GLU A 120 -2.62 1.85 1.10
CA GLU A 120 -1.65 2.93 0.76
C GLU A 120 -1.53 3.06 -0.76
N PHE A 121 -1.52 1.96 -1.47
CA PHE A 121 -1.39 2.05 -2.96
C PHE A 121 -2.57 2.87 -3.50
N GLY A 122 -3.74 2.66 -2.96
CA GLY A 122 -4.93 3.41 -3.46
C GLY A 122 -4.67 4.92 -3.32
N HIS A 123 -4.13 5.34 -2.20
CA HIS A 123 -3.85 6.79 -2.03
C HIS A 123 -2.78 7.23 -3.03
N SER A 124 -1.79 6.41 -3.24
CA SER A 124 -0.72 6.78 -4.21
C SER A 124 -1.30 6.87 -5.63
N LEU A 125 -2.40 6.19 -5.86
CA LEU A 125 -3.03 6.24 -7.22
C LEU A 125 -3.88 7.51 -7.33
N GLY A 126 -3.94 8.29 -6.30
CA GLY A 126 -4.74 9.56 -6.35
C GLY A 126 -6.17 9.32 -5.89
N LEU A 127 -6.47 8.16 -5.37
CA LEU A 127 -7.87 7.89 -4.91
C LEU A 127 -8.04 8.40 -3.48
N ASP A 128 -9.23 8.87 -3.15
CA ASP A 128 -9.49 9.39 -1.78
C ASP A 128 -10.24 8.33 -0.98
N HIS A 129 -10.43 8.54 0.31
CA HIS A 129 -11.14 7.54 1.13
C HIS A 129 -12.55 7.30 0.56
N SER A 130 -12.96 6.06 0.51
CA SER A 130 -14.33 5.75 -0.04
C SER A 130 -15.29 5.55 1.13
N LYS A 131 -16.57 5.76 0.90
CA LYS A 131 -17.57 5.59 2.01
C LYS A 131 -18.23 4.21 1.90
N ASP A 132 -17.83 3.41 0.95
CA ASP A 132 -18.44 2.05 0.82
C ASP A 132 -17.69 1.09 1.76
N PRO A 133 -18.36 0.32 2.61
CA PRO A 133 -17.62 -0.60 3.52
C PRO A 133 -16.94 -1.75 2.77
N GLY A 134 -17.34 -2.01 1.55
CA GLY A 134 -16.71 -3.12 0.77
C GLY A 134 -15.52 -2.59 -0.02
N ALA A 135 -15.30 -1.31 0.01
CA ALA A 135 -14.14 -0.73 -0.73
C ALA A 135 -12.90 -0.71 0.18
N LEU A 136 -11.76 -1.02 -0.35
CA LEU A 136 -10.52 -1.03 0.48
C LEU A 136 -10.23 0.38 0.99
N MET A 137 -10.57 1.38 0.22
CA MET A 137 -10.30 2.77 0.63
C MET A 137 -11.22 3.18 1.79
N PHE A 138 -11.79 2.24 2.49
CA PHE A 138 -12.68 2.59 3.63
C PHE A 138 -11.80 3.20 4.76
N PRO A 139 -12.18 4.33 5.34
CA PRO A 139 -11.33 4.96 6.41
C PRO A 139 -11.16 4.06 7.65
N ILE A 140 -11.94 3.02 7.78
CA ILE A 140 -11.82 2.12 8.98
C ILE A 140 -11.22 0.79 8.54
N TYR A 141 -10.33 0.24 9.33
CA TYR A 141 -9.70 -1.06 8.95
C TYR A 141 -10.70 -2.19 9.12
N THR A 142 -10.86 -3.01 8.10
CA THR A 142 -11.82 -4.15 8.18
C THR A 142 -11.19 -5.37 7.50
N TYR A 143 -11.42 -6.54 8.02
CA TYR A 143 -10.83 -7.77 7.40
C TYR A 143 -11.69 -8.19 6.19
N THR A 144 -11.07 -8.71 5.16
CA THR A 144 -11.85 -9.13 3.95
C THR A 144 -11.28 -10.44 3.39
N GLY A 145 -12.10 -11.23 2.75
CA GLY A 145 -11.61 -12.53 2.19
C GLY A 145 -10.52 -12.28 1.14
N LYS A 146 -9.29 -12.52 1.50
CA LYS A 146 -8.19 -12.30 0.53
C LYS A 146 -8.15 -13.48 -0.46
N SER A 147 -8.93 -14.50 -0.20
CA SER A 147 -8.94 -15.68 -1.13
C SER A 147 -9.36 -15.24 -2.53
N HIS A 148 -10.31 -14.35 -2.64
CA HIS A 148 -10.76 -13.89 -3.99
C HIS A 148 -11.36 -12.48 -3.88
N PHE A 149 -10.55 -11.49 -3.60
CA PHE A 149 -11.08 -10.08 -3.49
C PHE A 149 -10.80 -9.32 -4.78
N MET A 150 -11.82 -8.74 -5.36
CA MET A 150 -11.64 -7.95 -6.63
C MET A 150 -12.11 -6.52 -6.39
N LEU A 151 -11.43 -5.54 -6.92
CA LEU A 151 -11.86 -4.14 -6.70
C LEU A 151 -13.36 -4.02 -7.07
N PRO A 152 -14.21 -3.48 -6.20
CA PRO A 152 -15.66 -3.35 -6.55
C PRO A 152 -15.88 -2.32 -7.67
N ASP A 153 -17.11 -2.18 -8.12
CA ASP A 153 -17.39 -1.20 -9.20
C ASP A 153 -17.03 0.21 -8.74
N ASP A 154 -17.31 0.52 -7.49
CA ASP A 154 -16.99 1.89 -6.98
C ASP A 154 -15.52 2.20 -7.19
N ASP A 155 -14.63 1.32 -6.82
CA ASP A 155 -13.18 1.59 -7.01
C ASP A 155 -12.83 1.55 -8.50
N VAL A 156 -13.39 0.64 -9.24
CA VAL A 156 -13.09 0.57 -10.70
C VAL A 156 -13.48 1.88 -11.37
N GLN A 157 -14.66 2.36 -11.08
CA GLN A 157 -15.11 3.64 -11.70
C GLN A 157 -14.16 4.78 -11.33
N GLY A 158 -13.71 4.82 -10.11
CA GLY A 158 -12.80 5.92 -9.66
C GLY A 158 -11.41 5.80 -10.33
N ILE A 159 -10.76 4.68 -10.19
CA ILE A 159 -9.40 4.54 -10.80
C ILE A 159 -9.50 4.72 -12.32
N GLN A 160 -10.52 4.19 -12.93
CA GLN A 160 -10.66 4.35 -14.41
C GLN A 160 -10.86 5.82 -14.76
N SER A 161 -11.61 6.54 -13.98
CA SER A 161 -11.84 7.97 -14.29
C SER A 161 -10.52 8.76 -14.23
N LEU A 162 -9.59 8.32 -13.41
CA LEU A 162 -8.29 9.05 -13.30
C LEU A 162 -7.32 8.59 -14.39
N TYR A 163 -7.06 7.30 -14.48
CA TYR A 163 -6.11 6.80 -15.51
C TYR A 163 -6.86 6.48 -16.81
N GLY A 164 -8.16 6.52 -16.78
CA GLY A 164 -8.95 6.22 -18.02
C GLY A 164 -9.27 4.72 -18.07
ZN ZN B . -6.18 6.28 4.25
ZN ZN C . 6.77 7.88 8.84
CA CA D . -0.25 3.18 14.77
C1 WAY E . -5.52 6.91 9.43
C2 WAY E . -5.16 7.84 8.33
CF2 WAY E . -4.63 9.17 8.67
CH WAY E . -4.47 9.57 10.05
CF1 WAY E . -4.81 8.66 11.12
C6 WAY E . -5.34 7.34 10.82
C10 WAY E . -5.27 7.58 6.87
O11 WAY E . -6.36 7.57 6.30
N12 WAY E . -4.17 7.33 6.15
O13 WAY E . -4.37 7.05 4.79
CE WAY E . -5.68 6.44 11.99
N20 WAY E . -6.02 5.65 9.18
S21 WAY E . -5.00 4.34 9.35
CD WAY E . -7.48 5.50 8.99
CK WAY E . -9.18 3.59 11.94
CM WAY E . -9.77 4.72 12.62
N25 WAY E . -9.62 6.02 12.15
CJ WAY E . -8.88 6.26 10.99
C27 WAY E . -8.26 5.20 10.24
CI WAY E . -8.43 3.86 10.74
C35 WAY E . -5.44 3.04 8.21
CC1 WAY E . -4.65 2.86 7.01
CB1 WAY E . -4.99 1.80 6.07
C38 WAY E . -6.12 0.91 6.31
CB2 WAY E . -6.92 1.13 7.56
CC2 WAY E . -6.56 2.18 8.49
O45 WAY E . -6.41 -0.11 5.33
CA WAY E . -7.49 -1.04 5.46
O50 WAY E . -5.23 3.81 10.67
O51 WAY E . -3.68 4.76 9.02
HF2 WAY E . -4.36 9.86 7.89
HH WAY E . -4.08 10.55 10.27
HF1 WAY E . -4.69 8.98 12.15
H14 WAY E . -3.26 7.35 6.57
H15 WAY E . -4.58 6.13 4.68
HE1 WAY E . -5.91 7.02 12.89
HE2 WAY E . -4.86 5.77 12.24
HE3 WAY E . -6.56 5.83 11.78
HD1 WAY E . -7.63 4.70 8.27
HD2 WAY E . -7.85 6.41 8.54
HK WAY E . -9.31 2.59 12.32
HL WAY E . -10.34 4.54 13.52
HJ WAY E . -8.76 7.26 10.61
HI WAY E . -7.97 3.02 10.22
HC1 WAY E . -3.81 3.51 6.82
HB1 WAY E . -4.38 1.69 5.17
HB2 WAY E . -7.76 0.50 7.78
HC2 WAY E . -7.13 2.34 9.39
HA1 WAY E . -7.52 -1.73 4.61
HA2 WAY E . -8.44 -0.52 5.51
HA3 WAY E . -7.38 -1.63 6.38
N THR A 7 -7.80 13.13 -9.02
CA THR A 7 -7.27 14.27 -9.82
C THR A 7 -5.80 14.02 -10.16
N LEU A 8 -4.95 14.03 -9.17
CA LEU A 8 -3.50 13.79 -9.43
C LEU A 8 -3.27 12.34 -9.83
N LYS A 9 -2.37 12.10 -10.74
CA LYS A 9 -2.09 10.71 -11.17
C LYS A 9 -0.71 10.65 -11.85
N TRP A 10 -0.12 9.49 -11.94
CA TRP A 10 1.22 9.38 -12.59
C TRP A 10 1.06 9.49 -14.11
N SER A 11 1.75 10.41 -14.73
CA SER A 11 1.62 10.55 -16.22
C SER A 11 2.33 9.38 -16.90
N LYS A 12 3.35 8.85 -16.29
CA LYS A 12 4.08 7.69 -16.89
C LYS A 12 3.46 6.40 -16.38
N MET A 13 3.28 5.43 -17.23
CA MET A 13 2.65 4.16 -16.79
C MET A 13 3.72 3.17 -16.30
N ASN A 14 4.96 3.58 -16.34
CA ASN A 14 6.07 2.68 -15.87
C ASN A 14 6.44 3.08 -14.43
N LEU A 15 6.42 2.13 -13.52
CA LEU A 15 6.77 2.45 -12.10
C LEU A 15 7.64 1.34 -11.52
N THR A 16 8.47 1.66 -10.56
CA THR A 16 9.37 0.65 -9.95
C THR A 16 9.28 0.79 -8.42
N TYR A 17 9.55 -0.28 -7.70
CA TYR A 17 9.48 -0.21 -6.21
C TYR A 17 10.58 -1.08 -5.59
N ARG A 18 10.92 -0.83 -4.35
CA ARG A 18 11.99 -1.64 -3.68
C ARG A 18 11.61 -1.87 -2.21
N ILE A 19 11.75 -3.08 -1.74
CA ILE A 19 11.43 -3.37 -0.31
C ILE A 19 12.68 -3.11 0.53
N VAL A 20 12.60 -2.17 1.44
CA VAL A 20 13.80 -1.87 2.28
C VAL A 20 14.07 -3.04 3.22
N ASN A 21 13.03 -3.64 3.76
CA ASN A 21 13.23 -4.78 4.67
C ASN A 21 11.97 -5.65 4.78
N TYR A 22 12.17 -6.87 5.17
CA TYR A 22 11.05 -7.82 5.39
C TYR A 22 11.06 -8.05 6.90
N THR A 23 10.57 -7.10 7.61
CA THR A 23 10.55 -7.14 9.09
C THR A 23 10.49 -8.59 9.64
N PRO A 24 11.04 -8.87 10.83
CA PRO A 24 11.04 -10.25 11.39
C PRO A 24 9.65 -10.78 11.70
N ASP A 25 8.66 -9.95 11.58
CA ASP A 25 7.28 -10.42 11.88
C ASP A 25 6.90 -11.59 10.96
N MET A 26 7.32 -11.56 9.72
CA MET A 26 6.99 -12.68 8.78
C MET A 26 8.21 -13.01 7.92
N THR A 27 8.21 -14.16 7.30
CA THR A 27 9.37 -14.56 6.46
C THR A 27 9.38 -13.72 5.18
N HIS A 28 10.52 -13.64 4.53
CA HIS A 28 10.60 -12.82 3.30
C HIS A 28 9.61 -13.34 2.25
N SER A 29 9.48 -14.64 2.13
CA SER A 29 8.54 -15.21 1.12
C SER A 29 7.11 -14.74 1.40
N GLU A 30 6.70 -14.72 2.64
CA GLU A 30 5.30 -14.28 2.96
C GLU A 30 5.16 -12.78 2.68
N VAL A 31 6.16 -12.01 3.01
CA VAL A 31 6.06 -10.54 2.79
C VAL A 31 6.06 -10.23 1.28
N GLU A 32 6.91 -10.87 0.53
CA GLU A 32 6.97 -10.60 -0.95
C GLU A 32 5.63 -10.91 -1.61
N LYS A 33 5.07 -12.06 -1.37
CA LYS A 33 3.77 -12.39 -2.02
C LYS A 33 2.71 -11.38 -1.60
N ALA A 34 2.77 -10.87 -0.40
CA ALA A 34 1.75 -9.88 0.05
C ALA A 34 1.78 -8.65 -0.87
N PHE A 35 2.93 -8.08 -1.10
CA PHE A 35 3.00 -6.89 -1.98
C PHE A 35 2.62 -7.27 -3.42
N LYS A 36 3.05 -8.42 -3.87
CA LYS A 36 2.72 -8.83 -5.26
C LYS A 36 1.21 -8.91 -5.43
N LYS A 37 0.50 -9.44 -4.47
CA LYS A 37 -0.98 -9.51 -4.59
C LYS A 37 -1.54 -8.10 -4.73
N ALA A 38 -1.00 -7.17 -3.98
CA ALA A 38 -1.51 -5.77 -4.05
C ALA A 38 -1.37 -5.23 -5.48
N PHE A 39 -0.21 -5.39 -6.07
CA PHE A 39 0.00 -4.89 -7.45
C PHE A 39 -0.88 -5.67 -8.43
N LYS A 40 -1.00 -6.96 -8.24
CA LYS A 40 -1.83 -7.75 -9.18
C LYS A 40 -3.27 -7.22 -9.18
N VAL A 41 -3.84 -7.04 -8.02
CA VAL A 41 -5.24 -6.54 -7.96
C VAL A 41 -5.36 -5.15 -8.63
N TRP A 42 -4.39 -4.30 -8.44
CA TRP A 42 -4.47 -2.95 -9.08
C TRP A 42 -4.02 -3.02 -10.54
N SER A 43 -3.08 -3.87 -10.84
CA SER A 43 -2.62 -3.98 -12.25
C SER A 43 -3.70 -4.66 -13.10
N ASP A 44 -4.58 -5.39 -12.48
CA ASP A 44 -5.65 -6.09 -13.25
C ASP A 44 -6.51 -5.08 -14.02
N VAL A 45 -6.82 -3.96 -13.42
CA VAL A 45 -7.69 -2.94 -14.11
C VAL A 45 -6.87 -1.68 -14.46
N THR A 46 -5.57 -1.81 -14.60
CA THR A 46 -4.73 -0.61 -14.95
C THR A 46 -3.51 -1.07 -15.79
N PRO A 47 -3.17 -0.37 -16.88
CA PRO A 47 -1.99 -0.77 -17.68
C PRO A 47 -0.67 -0.42 -16.99
N LEU A 48 -0.71 -0.14 -15.71
CA LEU A 48 0.55 0.23 -14.99
C LEU A 48 1.47 -0.99 -14.91
N ASN A 49 2.74 -0.77 -15.10
CA ASN A 49 3.75 -1.88 -15.05
C ASN A 49 4.62 -1.71 -13.81
N PHE A 50 4.62 -2.68 -12.93
CA PHE A 50 5.45 -2.57 -11.68
C PHE A 50 6.64 -3.52 -11.78
N THR A 51 7.83 -3.00 -11.64
CA THR A 51 9.07 -3.84 -11.71
C THR A 51 9.84 -3.73 -10.40
N ARG A 52 10.21 -4.84 -9.82
CA ARG A 52 10.97 -4.80 -8.53
C ARG A 52 12.45 -4.61 -8.83
N LEU A 53 13.10 -3.69 -8.15
CA LEU A 53 14.56 -3.45 -8.39
C LEU A 53 15.36 -4.13 -7.27
N HIS A 54 16.47 -4.75 -7.60
CA HIS A 54 17.28 -5.43 -6.56
C HIS A 54 17.94 -4.40 -5.64
N ASP A 55 18.41 -3.30 -6.17
CA ASP A 55 19.06 -2.28 -5.31
C ASP A 55 18.94 -0.90 -5.96
N GLY A 56 19.46 0.12 -5.32
CA GLY A 56 19.38 1.50 -5.89
C GLY A 56 18.14 2.21 -5.37
N ILE A 57 17.82 3.36 -5.91
CA ILE A 57 16.62 4.11 -5.45
C ILE A 57 15.45 3.82 -6.38
N ALA A 58 14.30 3.49 -5.84
CA ALA A 58 13.11 3.18 -6.69
C ALA A 58 12.09 4.30 -6.56
N ASP A 59 11.12 4.35 -7.44
CA ASP A 59 10.10 5.44 -7.35
C ASP A 59 9.39 5.34 -6.00
N ILE A 60 8.94 4.16 -5.63
CA ILE A 60 8.25 3.97 -4.32
C ILE A 60 9.02 2.96 -3.48
N MET A 61 9.59 3.38 -2.38
CA MET A 61 10.35 2.44 -1.50
C MET A 61 9.47 2.07 -0.30
N ILE A 62 9.48 0.82 0.09
CA ILE A 62 8.63 0.35 1.24
C ILE A 62 9.53 0.01 2.43
N SER A 63 9.21 0.49 3.61
CA SER A 63 10.05 0.19 4.81
C SER A 63 9.18 0.18 6.07
N PHE A 64 9.66 -0.44 7.12
CA PHE A 64 8.88 -0.49 8.40
C PHE A 64 9.53 0.43 9.43
N GLY A 65 8.79 1.39 9.95
CA GLY A 65 9.36 2.33 10.97
C GLY A 65 9.00 1.83 12.37
N ILE A 66 9.62 2.38 13.39
CA ILE A 66 9.33 1.93 14.79
C ILE A 66 8.57 3.04 15.54
N LYS A 67 8.25 2.79 16.79
CA LYS A 67 7.50 3.79 17.64
C LYS A 67 7.74 5.22 17.17
N GLU A 68 8.88 5.78 17.46
CA GLU A 68 9.13 7.20 17.04
C GLU A 68 9.07 7.30 15.52
N HIS A 69 9.58 6.34 14.80
CA HIS A 69 9.53 6.41 13.31
C HIS A 69 10.20 7.69 12.81
N GLY A 70 9.52 8.80 12.92
CA GLY A 70 10.10 10.11 12.47
C GLY A 70 9.74 11.18 13.49
N ASP A 71 10.61 12.14 13.70
CA ASP A 71 10.33 13.21 14.68
C ASP A 71 9.15 14.07 14.21
N PHE A 72 9.09 14.35 12.94
CA PHE A 72 7.97 15.19 12.41
C PHE A 72 6.64 14.45 12.49
N TYR A 73 6.62 13.16 12.22
CA TYR A 73 5.34 12.39 12.27
C TYR A 73 5.52 11.11 13.12
N PRO A 74 5.49 11.23 14.43
CA PRO A 74 5.64 10.05 15.32
C PRO A 74 4.34 9.24 15.43
N PHE A 75 4.44 7.94 15.58
CA PHE A 75 3.22 7.09 15.70
C PHE A 75 2.82 6.96 17.17
N ASP A 76 1.69 6.38 17.45
CA ASP A 76 1.23 6.26 18.88
C ASP A 76 1.53 4.86 19.46
N GLY A 77 2.15 3.98 18.68
CA GLY A 77 2.48 2.62 19.22
C GLY A 77 1.64 1.52 18.51
N PRO A 78 0.80 0.77 19.22
CA PRO A 78 -0.01 -0.32 18.56
C PRO A 78 -1.17 0.22 17.70
N SER A 79 -2.21 0.71 18.31
CA SER A 79 -3.36 1.24 17.52
C SER A 79 -3.02 2.63 16.99
N GLY A 80 -3.88 3.19 16.17
CA GLY A 80 -3.63 4.55 15.61
C GLY A 80 -3.22 4.44 14.14
N LEU A 81 -2.20 5.16 13.76
CA LEU A 81 -1.73 5.13 12.34
C LEU A 81 -1.07 3.79 12.03
N LEU A 82 -1.61 3.03 11.11
CA LEU A 82 -0.99 1.72 10.78
C LEU A 82 0.11 1.94 9.74
N ALA A 83 0.02 3.01 9.01
CA ALA A 83 1.05 3.31 7.96
C ALA A 83 0.71 4.63 7.29
N HIS A 84 1.56 5.11 6.42
CA HIS A 84 1.26 6.38 5.71
C HIS A 84 2.15 6.50 4.48
N ALA A 85 1.80 7.38 3.57
CA ALA A 85 2.61 7.55 2.33
C ALA A 85 2.42 8.98 1.81
N PHE A 86 3.29 9.44 0.95
CA PHE A 86 3.16 10.83 0.40
C PHE A 86 2.69 10.73 -1.06
N PRO A 87 1.98 11.71 -1.57
CA PRO A 87 1.51 11.66 -2.99
C PRO A 87 2.69 11.74 -3.99
N PRO A 88 2.47 11.39 -5.24
CA PRO A 88 3.55 11.44 -6.25
C PRO A 88 4.27 12.82 -6.26
N GLY A 89 5.20 13.01 -5.35
CA GLY A 89 5.93 14.30 -5.27
C GLY A 89 7.31 14.17 -5.96
N PRO A 90 8.17 15.15 -5.80
CA PRO A 90 9.52 15.12 -6.43
C PRO A 90 10.33 13.87 -6.06
N ASN A 91 11.62 14.01 -5.89
CA ASN A 91 12.48 12.84 -5.55
C ASN A 91 12.08 12.25 -4.20
N TYR A 92 11.75 13.07 -3.23
CA TYR A 92 11.35 12.52 -1.90
C TYR A 92 9.89 12.07 -1.97
N GLY A 93 9.19 12.41 -3.02
CA GLY A 93 7.77 12.00 -3.12
C GLY A 93 7.69 10.52 -3.50
N GLY A 94 6.53 9.94 -3.42
CA GLY A 94 6.39 8.50 -3.79
C GLY A 94 7.15 7.64 -2.77
N ASP A 95 6.58 7.45 -1.60
CA ASP A 95 7.26 6.60 -0.57
C ASP A 95 6.21 5.95 0.32
N ALA A 96 6.58 4.94 1.07
CA ALA A 96 5.58 4.26 1.95
C ALA A 96 6.28 3.72 3.20
N HIS A 97 5.74 4.02 4.36
CA HIS A 97 6.37 3.54 5.64
C HIS A 97 5.31 2.83 6.49
N PHE A 98 5.64 1.66 6.99
CA PHE A 98 4.68 0.87 7.83
C PHE A 98 5.17 0.86 9.28
N ASP A 99 4.28 0.65 10.22
CA ASP A 99 4.71 0.63 11.65
C ASP A 99 5.34 -0.74 11.98
N ASP A 100 6.50 -0.74 12.58
CA ASP A 100 7.16 -2.03 12.94
C ASP A 100 6.69 -2.47 14.32
N ASP A 101 5.94 -1.64 15.00
CA ASP A 101 5.44 -2.01 16.36
C ASP A 101 4.19 -2.86 16.25
N GLU A 102 3.62 -2.98 15.08
CA GLU A 102 2.38 -3.78 14.92
C GLU A 102 2.75 -5.22 14.58
N THR A 103 1.76 -6.08 14.53
CA THR A 103 2.02 -7.51 14.19
C THR A 103 1.54 -7.76 12.75
N TRP A 104 2.45 -7.92 11.83
CA TRP A 104 2.05 -8.15 10.41
C TRP A 104 1.82 -9.64 10.20
N THR A 105 0.63 -10.00 9.78
CA THR A 105 0.31 -11.44 9.56
C THR A 105 -0.61 -11.57 8.35
N SER A 106 -0.61 -12.72 7.72
CA SER A 106 -1.51 -12.92 6.53
C SER A 106 -2.80 -13.58 7.01
N SER A 107 -2.83 -13.97 8.26
CA SER A 107 -4.05 -14.61 8.83
C SER A 107 -4.96 -13.54 9.43
N SER A 108 -6.08 -13.93 9.97
CA SER A 108 -7.01 -12.94 10.56
C SER A 108 -6.52 -12.54 11.96
N LYS A 109 -5.40 -11.87 12.05
CA LYS A 109 -4.87 -11.44 13.38
C LYS A 109 -4.25 -10.04 13.25
N GLY A 110 -4.29 -9.26 14.29
CA GLY A 110 -3.70 -7.88 14.22
C GLY A 110 -4.15 -7.20 12.92
N TYR A 111 -3.29 -6.41 12.33
CA TYR A 111 -3.64 -5.72 11.05
C TYR A 111 -3.04 -6.49 9.87
N ASN A 112 -3.86 -7.01 9.00
CA ASN A 112 -3.33 -7.77 7.84
C ASN A 112 -2.47 -6.84 6.97
N LEU A 113 -1.31 -7.28 6.59
CA LEU A 113 -0.42 -6.43 5.75
C LEU A 113 -1.10 -6.06 4.42
N PHE A 114 -1.75 -7.01 3.79
CA PHE A 114 -2.41 -6.73 2.48
C PHE A 114 -3.46 -5.63 2.64
N LEU A 115 -4.24 -5.65 3.70
CA LEU A 115 -5.28 -4.59 3.85
C LEU A 115 -4.61 -3.21 3.86
N VAL A 116 -3.60 -3.03 4.67
CA VAL A 116 -2.91 -1.71 4.72
C VAL A 116 -2.14 -1.48 3.43
N ALA A 117 -1.50 -2.50 2.92
CA ALA A 117 -0.71 -2.33 1.66
C ALA A 117 -1.63 -1.84 0.54
N ALA A 118 -2.71 -2.52 0.30
CA ALA A 118 -3.61 -2.08 -0.79
C ALA A 118 -4.12 -0.66 -0.50
N HIS A 119 -4.33 -0.34 0.75
CA HIS A 119 -4.86 1.01 1.11
C HIS A 119 -3.85 2.13 0.74
N GLU A 120 -2.61 2.00 1.15
CA GLU A 120 -1.64 3.08 0.83
C GLU A 120 -1.53 3.25 -0.69
N PHE A 121 -1.54 2.18 -1.43
CA PHE A 121 -1.45 2.31 -2.91
C PHE A 121 -2.64 3.13 -3.40
N GLY A 122 -3.80 2.91 -2.85
CA GLY A 122 -4.99 3.68 -3.29
C GLY A 122 -4.69 5.18 -3.21
N HIS A 123 -4.11 5.61 -2.12
CA HIS A 123 -3.78 7.06 -2.00
C HIS A 123 -2.72 7.44 -3.05
N SER A 124 -1.76 6.58 -3.26
CA SER A 124 -0.69 6.89 -4.25
C SER A 124 -1.29 6.93 -5.66
N LEU A 125 -2.38 6.25 -5.88
CA LEU A 125 -3.01 6.24 -7.23
C LEU A 125 -3.85 7.49 -7.44
N GLY A 126 -3.95 8.34 -6.44
CA GLY A 126 -4.75 9.59 -6.60
C GLY A 126 -6.20 9.35 -6.17
N LEU A 127 -6.50 8.20 -5.63
CA LEU A 127 -7.91 7.93 -5.19
C LEU A 127 -8.10 8.49 -3.77
N ASP A 128 -9.29 8.93 -3.45
CA ASP A 128 -9.56 9.48 -2.09
C ASP A 128 -10.30 8.42 -1.27
N HIS A 129 -10.47 8.64 0.02
CA HIS A 129 -11.18 7.64 0.85
C HIS A 129 -12.59 7.42 0.29
N SER A 130 -13.01 6.19 0.19
CA SER A 130 -14.37 5.90 -0.33
C SER A 130 -15.33 5.68 0.84
N LYS A 131 -16.61 5.89 0.64
CA LYS A 131 -17.58 5.70 1.75
C LYS A 131 -18.24 4.32 1.63
N ASP A 132 -17.82 3.52 0.71
CA ASP A 132 -18.43 2.16 0.56
C ASP A 132 -17.71 1.21 1.53
N PRO A 133 -18.39 0.48 2.40
CA PRO A 133 -17.70 -0.43 3.33
C PRO A 133 -17.06 -1.63 2.61
N GLY A 134 -17.34 -1.78 1.35
CA GLY A 134 -16.75 -2.92 0.58
C GLY A 134 -15.51 -2.44 -0.17
N ALA A 135 -15.26 -1.16 -0.17
CA ALA A 135 -14.06 -0.63 -0.88
C ALA A 135 -12.84 -0.71 0.04
N LEU A 136 -11.72 -1.13 -0.47
CA LEU A 136 -10.49 -1.22 0.38
C LEU A 136 -10.12 0.15 0.94
N MET A 137 -10.27 1.18 0.16
CA MET A 137 -9.89 2.55 0.64
C MET A 137 -10.90 3.07 1.68
N PHE A 138 -11.57 2.19 2.38
CA PHE A 138 -12.54 2.66 3.42
C PHE A 138 -11.71 3.28 4.58
N PRO A 139 -12.10 4.42 5.14
CA PRO A 139 -11.28 5.05 6.24
C PRO A 139 -11.12 4.16 7.49
N ILE A 140 -11.90 3.12 7.63
CA ILE A 140 -11.78 2.23 8.85
C ILE A 140 -11.19 0.88 8.44
N TYR A 141 -10.31 0.35 9.25
CA TYR A 141 -9.67 -0.96 8.91
C TYR A 141 -10.67 -2.10 9.15
N THR A 142 -10.89 -2.92 8.14
CA THR A 142 -11.84 -4.06 8.27
C THR A 142 -11.22 -5.30 7.62
N TYR A 143 -11.44 -6.46 8.18
CA TYR A 143 -10.84 -7.69 7.58
C TYR A 143 -11.70 -8.17 6.41
N THR A 144 -11.07 -8.67 5.37
CA THR A 144 -11.83 -9.15 4.17
C THR A 144 -11.30 -10.51 3.73
N GLY A 145 -12.17 -11.42 3.36
CA GLY A 145 -11.69 -12.75 2.89
C GLY A 145 -10.98 -12.55 1.55
N LYS A 146 -9.68 -12.51 1.56
CA LYS A 146 -8.92 -12.28 0.30
C LYS A 146 -8.93 -13.54 -0.57
N SER A 147 -9.82 -14.46 -0.30
CA SER A 147 -9.86 -15.70 -1.13
C SER A 147 -10.06 -15.32 -2.60
N HIS A 148 -10.99 -14.45 -2.88
CA HIS A 148 -11.24 -14.04 -4.30
C HIS A 148 -11.70 -12.58 -4.33
N PHE A 149 -11.20 -11.77 -3.45
CA PHE A 149 -11.62 -10.34 -3.41
C PHE A 149 -11.21 -9.62 -4.70
N MET A 150 -12.09 -8.81 -5.22
CA MET A 150 -11.79 -8.04 -6.47
C MET A 150 -12.23 -6.59 -6.25
N LEU A 151 -11.56 -5.64 -6.86
CA LEU A 151 -11.96 -4.22 -6.66
C LEU A 151 -13.47 -4.08 -6.99
N PRO A 152 -14.28 -3.48 -6.13
CA PRO A 152 -15.73 -3.33 -6.44
C PRO A 152 -15.98 -2.33 -7.58
N ASP A 153 -17.21 -2.16 -7.98
CA ASP A 153 -17.52 -1.21 -9.09
C ASP A 153 -17.09 0.20 -8.69
N ASP A 154 -17.30 0.57 -7.45
CA ASP A 154 -16.92 1.96 -7.02
C ASP A 154 -15.43 2.20 -7.31
N ASP A 155 -14.58 1.29 -6.92
CA ASP A 155 -13.13 1.49 -7.18
C ASP A 155 -12.82 1.37 -8.67
N VAL A 156 -13.44 0.45 -9.35
CA VAL A 156 -13.17 0.29 -10.81
C VAL A 156 -13.53 1.60 -11.53
N GLN A 157 -14.69 2.13 -11.27
CA GLN A 157 -15.09 3.40 -11.93
C GLN A 157 -14.11 4.53 -11.60
N GLY A 158 -13.65 4.58 -10.37
CA GLY A 158 -12.72 5.68 -9.97
C GLY A 158 -11.32 5.48 -10.58
N ILE A 159 -10.72 4.34 -10.37
CA ILE A 159 -9.35 4.12 -10.94
C ILE A 159 -9.40 4.24 -12.46
N GLN A 160 -10.42 3.73 -13.08
CA GLN A 160 -10.53 3.84 -14.56
C GLN A 160 -10.71 5.29 -14.96
N SER A 161 -11.50 6.03 -14.22
CA SER A 161 -11.73 7.46 -14.57
C SER A 161 -10.42 8.25 -14.54
N LEU A 162 -9.49 7.88 -13.68
CA LEU A 162 -8.22 8.65 -13.60
C LEU A 162 -7.20 8.12 -14.63
N TYR A 163 -6.97 6.83 -14.65
CA TYR A 163 -5.99 6.26 -15.62
C TYR A 163 -6.69 5.87 -16.92
N GLY A 164 -8.00 5.91 -16.93
CA GLY A 164 -8.74 5.54 -18.17
C GLY A 164 -9.07 4.04 -18.14
ZN ZN B . -6.05 6.55 4.15
ZN ZN C . 7.16 6.80 7.58
CA CA D . 0.12 2.65 15.38
C1 WAY E . -5.78 7.07 9.52
C2 WAY E . -5.39 7.87 8.33
CF2 WAY E . -4.93 9.24 8.53
CH WAY E . -4.87 9.83 9.84
CF1 WAY E . -5.25 9.06 11.00
C6 WAY E . -5.70 7.69 10.87
C10 WAY E . -5.40 7.40 6.92
O11 WAY E . -6.17 7.87 6.10
N12 WAY E . -4.47 6.54 6.49
O13 WAY E . -4.47 6.24 5.12
CE WAY E . -6.09 6.94 12.12
N20 WAY E . -6.22 5.77 9.42
S21 WAY E . -5.12 4.52 9.64
CD WAY E . -7.65 5.52 9.18
CK WAY E . -9.41 3.82 12.23
CM WAY E . -10.08 4.97 12.77
N25 WAY E . -9.98 6.23 12.17
CJ WAY E . -9.19 6.39 11.02
C27 WAY E . -8.48 5.30 10.41
CI WAY E . -8.60 4.01 11.05
C35 WAY E . -5.37 3.26 8.41
CC1 WAY E . -4.45 3.15 7.29
CB1 WAY E . -4.65 2.13 6.27
C38 WAY E . -5.77 1.19 6.36
CB2 WAY E . -6.69 1.32 7.52
CC2 WAY E . -6.49 2.35 8.53
O45 WAY E . -5.90 0.20 5.32
CA WAY E . -6.95 -0.78 5.30
O50 WAY E . -5.44 3.92 10.91
O51 WAY E . -3.80 5.03 9.44
HF2 WAY E . -4.64 9.83 7.67
HH WAY E . -4.53 10.86 9.96
HF1 WAY E . -5.19 9.53 11.98
H14 WAY E . -3.81 6.13 7.13
H15 WAY E . -5.04 5.49 4.96
HE1 WAY E . -5.28 6.96 12.85
HE2 WAY E . -6.32 5.90 11.92
HE3 WAY E . -6.96 7.39 12.59
HD1 WAY E . -7.72 4.64 8.53
HD2 WAY E . -8.04 6.37 8.63
HK WAY E . -9.49 2.86 12.70
HL WAY E . -10.69 4.86 13.65
HJ WAY E . -9.11 7.36 10.56
HI WAY E . -8.08 3.15 10.63
HC1 WAY E . -3.63 3.85 7.22
HB1 WAY E . -3.96 2.08 5.45
HB2 WAY E . -7.53 0.64 7.63
HC2 WAY E . -7.16 2.43 9.37
HA1 WAY E . -6.86 -1.42 4.43
HA2 WAY E . -7.93 -0.29 5.25
HA3 WAY E . -6.91 -1.40 6.19
N THR A 7 -7.39 14.35 -9.82
CA THR A 7 -6.54 15.56 -10.09
C THR A 7 -5.09 15.13 -10.27
N LEU A 8 -4.40 14.88 -9.19
CA LEU A 8 -2.97 14.47 -9.28
C LEU A 8 -2.87 13.08 -9.90
N LYS A 9 -1.88 12.87 -10.72
CA LYS A 9 -1.70 11.54 -11.36
C LYS A 9 -0.26 11.41 -11.86
N TRP A 10 0.20 10.21 -12.08
CA TRP A 10 1.60 10.02 -12.57
C TRP A 10 1.69 10.45 -14.03
N SER A 11 2.82 10.98 -14.44
CA SER A 11 2.98 11.42 -15.86
C SER A 11 3.39 10.23 -16.73
N LYS A 12 3.54 9.08 -16.14
CA LYS A 12 3.93 7.87 -16.93
C LYS A 12 3.25 6.64 -16.36
N MET A 13 3.03 5.64 -17.17
CA MET A 13 2.37 4.41 -16.68
C MET A 13 3.43 3.43 -16.17
N ASN A 14 4.68 3.80 -16.26
CA ASN A 14 5.78 2.90 -15.79
C ASN A 14 6.17 3.30 -14.37
N LEU A 15 6.19 2.35 -13.45
CA LEU A 15 6.56 2.67 -12.04
C LEU A 15 7.45 1.55 -11.49
N THR A 16 8.33 1.88 -10.57
CA THR A 16 9.23 0.84 -9.98
C THR A 16 9.19 0.96 -8.45
N TYR A 17 9.51 -0.09 -7.75
CA TYR A 17 9.48 -0.04 -6.25
C TYR A 17 10.58 -0.91 -5.67
N ARG A 18 10.94 -0.67 -4.43
CA ARG A 18 12.02 -1.49 -3.79
C ARG A 18 11.67 -1.70 -2.32
N ILE A 19 11.82 -2.90 -1.82
CA ILE A 19 11.52 -3.17 -0.39
C ILE A 19 12.76 -2.89 0.44
N VAL A 20 12.69 -1.98 1.36
CA VAL A 20 13.88 -1.66 2.20
C VAL A 20 14.19 -2.86 3.10
N ASN A 21 13.20 -3.53 3.62
CA ASN A 21 13.51 -4.72 4.49
C ASN A 21 12.29 -5.63 4.63
N TYR A 22 12.52 -6.91 4.86
CA TYR A 22 11.39 -7.85 5.08
C TYR A 22 11.28 -8.08 6.59
N THR A 23 10.75 -7.09 7.30
CA THR A 23 10.63 -7.17 8.79
C THR A 23 10.60 -8.63 9.31
N PRO A 24 11.20 -8.92 10.46
CA PRO A 24 11.21 -10.32 11.00
C PRO A 24 9.81 -10.85 11.32
N ASP A 25 8.83 -10.01 11.21
CA ASP A 25 7.44 -10.45 11.49
C ASP A 25 7.05 -11.60 10.56
N MET A 26 7.49 -11.57 9.32
CA MET A 26 7.14 -12.66 8.36
C MET A 26 8.37 -13.02 7.53
N THR A 27 8.36 -14.17 6.92
CA THR A 27 9.54 -14.58 6.09
C THR A 27 9.56 -13.74 4.81
N HIS A 28 10.69 -13.68 4.17
CA HIS A 28 10.79 -12.85 2.93
C HIS A 28 9.81 -13.37 1.88
N SER A 29 9.69 -14.67 1.75
CA SER A 29 8.76 -15.22 0.73
C SER A 29 7.32 -14.77 1.01
N GLU A 30 6.92 -14.74 2.26
CA GLU A 30 5.54 -14.32 2.59
C GLU A 30 5.35 -12.83 2.33
N VAL A 31 6.33 -12.04 2.66
CA VAL A 31 6.22 -10.57 2.45
C VAL A 31 6.21 -10.24 0.95
N GLU A 32 7.06 -10.87 0.18
CA GLU A 32 7.11 -10.59 -1.28
C GLU A 32 5.76 -10.90 -1.94
N LYS A 33 5.20 -12.06 -1.69
CA LYS A 33 3.89 -12.39 -2.33
C LYS A 33 2.82 -11.39 -1.87
N ALA A 34 2.91 -10.90 -0.67
CA ALA A 34 1.88 -9.94 -0.19
C ALA A 34 1.87 -8.70 -1.08
N PHE A 35 3.01 -8.13 -1.34
CA PHE A 35 3.05 -6.91 -2.22
C PHE A 35 2.63 -7.30 -3.64
N LYS A 36 3.06 -8.44 -4.11
CA LYS A 36 2.69 -8.84 -5.50
C LYS A 36 1.16 -8.93 -5.63
N LYS A 37 0.49 -9.49 -4.66
CA LYS A 37 -1.00 -9.59 -4.74
C LYS A 37 -1.59 -8.18 -4.83
N ALA A 38 -1.06 -7.26 -4.06
CA ALA A 38 -1.60 -5.87 -4.09
C ALA A 38 -1.47 -5.28 -5.50
N PHE A 39 -0.33 -5.42 -6.12
CA PHE A 39 -0.15 -4.85 -7.49
C PHE A 39 -1.03 -5.61 -8.49
N LYS A 40 -1.15 -6.90 -8.33
CA LYS A 40 -1.99 -7.68 -9.29
C LYS A 40 -3.43 -7.16 -9.24
N VAL A 41 -4.00 -7.01 -8.08
CA VAL A 41 -5.41 -6.53 -7.98
C VAL A 41 -5.53 -5.14 -8.62
N TRP A 42 -4.56 -4.28 -8.41
CA TRP A 42 -4.65 -2.92 -9.00
C TRP A 42 -4.20 -2.95 -10.47
N SER A 43 -3.23 -3.75 -10.79
CA SER A 43 -2.76 -3.80 -12.21
C SER A 43 -3.82 -4.48 -13.08
N ASP A 44 -4.68 -5.24 -12.49
CA ASP A 44 -5.74 -5.94 -13.29
C ASP A 44 -6.62 -4.91 -14.01
N VAL A 45 -6.95 -3.81 -13.38
CA VAL A 45 -7.84 -2.78 -14.02
C VAL A 45 -7.03 -1.52 -14.36
N THR A 46 -5.74 -1.64 -14.52
CA THR A 46 -4.92 -0.44 -14.86
C THR A 46 -3.69 -0.86 -15.70
N PRO A 47 -3.37 -0.17 -16.79
CA PRO A 47 -2.18 -0.54 -17.60
C PRO A 47 -0.86 -0.15 -16.91
N LEU A 48 -0.91 0.10 -15.62
CA LEU A 48 0.34 0.49 -14.91
C LEU A 48 1.28 -0.70 -14.84
N ASN A 49 2.55 -0.47 -15.02
CA ASN A 49 3.56 -1.57 -14.98
C ASN A 49 4.41 -1.42 -13.72
N PHE A 50 4.41 -2.41 -12.87
CA PHE A 50 5.22 -2.33 -11.61
C PHE A 50 6.40 -3.30 -11.70
N THR A 51 7.61 -2.80 -11.63
CA THR A 51 8.81 -3.68 -11.71
C THR A 51 9.64 -3.57 -10.43
N ARG A 52 10.01 -4.68 -9.83
CA ARG A 52 10.82 -4.63 -8.59
C ARG A 52 12.30 -4.46 -8.97
N LEU A 53 13.01 -3.58 -8.29
CA LEU A 53 14.46 -3.36 -8.63
C LEU A 53 15.33 -4.10 -7.61
N HIS A 54 16.26 -4.88 -8.07
CA HIS A 54 17.15 -5.63 -7.14
C HIS A 54 17.94 -4.64 -6.28
N ASP A 55 18.40 -3.56 -6.87
CA ASP A 55 19.18 -2.55 -6.09
C ASP A 55 18.93 -1.15 -6.68
N GLY A 56 19.36 -0.13 -5.99
CA GLY A 56 19.15 1.27 -6.50
C GLY A 56 17.94 1.89 -5.82
N ILE A 57 17.64 3.13 -6.12
CA ILE A 57 16.45 3.79 -5.50
C ILE A 57 15.25 3.68 -6.45
N ALA A 58 14.10 3.34 -5.91
CA ALA A 58 12.88 3.20 -6.77
C ALA A 58 11.91 4.33 -6.44
N ASP A 59 10.99 4.60 -7.32
CA ASP A 59 10.03 5.71 -7.05
C ASP A 59 9.25 5.40 -5.77
N ILE A 60 8.71 4.22 -5.66
CA ILE A 60 7.93 3.85 -4.44
C ILE A 60 8.76 2.90 -3.56
N MET A 61 9.33 3.39 -2.49
CA MET A 61 10.13 2.51 -1.58
C MET A 61 9.28 2.14 -0.37
N ILE A 62 9.26 0.88 0.01
CA ILE A 62 8.42 0.42 1.15
C ILE A 62 9.32 0.04 2.34
N SER A 63 9.02 0.52 3.51
CA SER A 63 9.85 0.18 4.71
C SER A 63 9.00 0.19 5.97
N PHE A 64 9.47 -0.45 7.01
CA PHE A 64 8.71 -0.48 8.30
C PHE A 64 9.38 0.46 9.30
N GLY A 65 8.65 1.41 9.83
CA GLY A 65 9.25 2.39 10.81
C GLY A 65 8.99 1.93 12.24
N ILE A 66 9.39 2.73 13.20
CA ILE A 66 9.18 2.39 14.65
C ILE A 66 8.58 3.59 15.39
N LYS A 67 8.07 3.35 16.58
CA LYS A 67 7.44 4.43 17.42
C LYS A 67 7.93 5.82 17.01
N GLU A 68 9.11 6.19 17.42
CA GLU A 68 9.63 7.53 17.05
C GLU A 68 9.91 7.56 15.54
N HIS A 69 9.56 8.65 14.89
CA HIS A 69 9.78 8.76 13.40
C HIS A 69 10.61 10.02 13.12
N GLY A 70 11.12 10.65 14.13
CA GLY A 70 11.93 11.87 13.91
C GLY A 70 11.01 13.01 13.43
N ASP A 71 9.78 13.04 13.88
CA ASP A 71 8.84 14.11 13.43
C ASP A 71 7.97 14.55 14.62
N PHE A 72 7.34 15.69 14.51
CA PHE A 72 6.47 16.19 15.62
C PHE A 72 5.26 15.27 15.80
N TYR A 73 4.90 14.51 14.79
CA TYR A 73 3.71 13.60 14.91
C TYR A 73 4.09 12.17 14.48
N PRO A 74 4.83 11.45 15.29
CA PRO A 74 5.21 10.05 14.95
C PRO A 74 4.02 9.10 15.13
N PHE A 75 4.27 7.85 15.40
CA PHE A 75 3.13 6.89 15.58
C PHE A 75 2.60 6.97 17.01
N ASP A 76 1.41 6.47 17.25
CA ASP A 76 0.81 6.53 18.61
C ASP A 76 0.93 5.18 19.32
N GLY A 77 1.77 4.30 18.83
CA GLY A 77 1.95 2.95 19.49
C GLY A 77 1.46 1.85 18.53
N PRO A 78 1.10 0.69 19.04
CA PRO A 78 0.64 -0.42 18.17
C PRO A 78 -0.59 -0.02 17.32
N SER A 79 -1.71 0.22 17.95
CA SER A 79 -2.93 0.61 17.18
C SER A 79 -2.81 2.07 16.73
N GLY A 80 -3.60 2.47 15.76
CA GLY A 80 -3.55 3.88 15.26
C GLY A 80 -3.10 3.89 13.80
N LEU A 81 -2.12 4.69 13.49
CA LEU A 81 -1.63 4.75 12.07
C LEU A 81 -0.93 3.44 11.73
N LEU A 82 -1.55 2.62 10.93
CA LEU A 82 -0.91 1.32 10.55
C LEU A 82 0.15 1.59 9.48
N ALA A 83 -0.02 2.63 8.73
CA ALA A 83 0.95 2.96 7.65
C ALA A 83 0.50 4.25 6.97
N HIS A 84 1.36 4.87 6.22
CA HIS A 84 0.96 6.13 5.53
C HIS A 84 1.92 6.40 4.36
N ALA A 85 1.54 7.24 3.44
CA ALA A 85 2.41 7.54 2.28
C ALA A 85 2.24 9.02 1.87
N PHE A 86 3.20 9.55 1.16
CA PHE A 86 3.09 10.97 0.70
C PHE A 86 2.48 10.97 -0.71
N PRO A 87 1.81 12.03 -1.11
CA PRO A 87 1.21 12.07 -2.47
C PRO A 87 2.27 11.85 -3.56
N PRO A 88 1.86 11.58 -4.78
CA PRO A 88 2.82 11.33 -5.90
C PRO A 88 3.79 12.51 -6.09
N GLY A 89 4.76 12.62 -5.22
CA GLY A 89 5.75 13.73 -5.33
C GLY A 89 6.97 13.21 -6.10
N PRO A 90 8.02 14.00 -6.19
CA PRO A 90 9.25 13.59 -6.93
C PRO A 90 9.80 12.21 -6.49
N ASN A 91 11.10 12.07 -6.45
CA ASN A 91 11.68 10.74 -6.07
C ASN A 91 11.25 10.35 -4.64
N TYR A 92 11.36 11.24 -3.69
CA TYR A 92 10.98 10.87 -2.30
C TYR A 92 9.45 10.66 -2.22
N GLY A 93 8.71 11.34 -3.04
CA GLY A 93 7.22 11.18 -3.00
C GLY A 93 6.84 9.75 -3.40
N GLY A 94 5.60 9.38 -3.19
CA GLY A 94 5.16 8.00 -3.56
C GLY A 94 5.79 6.98 -2.61
N ASP A 95 6.29 7.41 -1.48
CA ASP A 95 6.92 6.46 -0.52
C ASP A 95 5.85 5.89 0.40
N ALA A 96 6.20 4.90 1.19
CA ALA A 96 5.21 4.28 2.12
C ALA A 96 5.93 3.75 3.36
N HIS A 97 5.54 4.21 4.53
CA HIS A 97 6.18 3.74 5.80
C HIS A 97 5.17 2.91 6.61
N PHE A 98 5.56 1.73 7.01
CA PHE A 98 4.65 0.85 7.81
C PHE A 98 5.13 0.80 9.26
N ASP A 99 4.27 0.51 10.20
CA ASP A 99 4.72 0.46 11.63
C ASP A 99 5.45 -0.85 11.91
N ASP A 100 6.70 -0.78 12.33
CA ASP A 100 7.46 -2.02 12.64
C ASP A 100 7.11 -2.47 14.06
N ASP A 101 6.46 -1.62 14.81
CA ASP A 101 6.11 -1.99 16.21
C ASP A 101 4.81 -2.82 16.21
N GLU A 102 4.15 -2.89 15.08
CA GLU A 102 2.88 -3.67 14.98
C GLU A 102 3.20 -5.10 14.52
N THR A 103 2.24 -5.98 14.58
CA THR A 103 2.49 -7.39 14.15
C THR A 103 1.94 -7.58 12.73
N TRP A 104 2.82 -7.66 11.75
CA TRP A 104 2.36 -7.86 10.35
C TRP A 104 2.26 -9.35 10.08
N THR A 105 1.11 -9.82 9.67
CA THR A 105 0.93 -11.29 9.41
C THR A 105 0.08 -11.49 8.16
N SER A 106 0.23 -12.61 7.51
CA SER A 106 -0.58 -12.90 6.28
C SER A 106 -1.81 -13.71 6.70
N SER A 107 -1.87 -14.09 7.95
CA SER A 107 -3.02 -14.88 8.46
C SER A 107 -4.04 -13.91 9.08
N SER A 108 -5.15 -14.41 9.56
CA SER A 108 -6.15 -13.50 10.16
C SER A 108 -5.74 -13.14 11.59
N LYS A 109 -4.78 -12.26 11.74
CA LYS A 109 -4.33 -11.85 13.11
C LYS A 109 -3.86 -10.39 13.06
N GLY A 110 -4.02 -9.67 14.14
CA GLY A 110 -3.58 -8.24 14.16
C GLY A 110 -4.04 -7.53 12.88
N TYR A 111 -3.17 -6.74 12.29
CA TYR A 111 -3.54 -6.02 11.03
C TYR A 111 -2.93 -6.77 9.84
N ASN A 112 -3.76 -7.24 8.94
CA ASN A 112 -3.22 -7.97 7.76
C ASN A 112 -2.40 -7.02 6.89
N LEU A 113 -1.21 -7.43 6.50
CA LEU A 113 -0.35 -6.56 5.65
C LEU A 113 -1.07 -6.25 4.33
N PHE A 114 -1.68 -7.22 3.74
CA PHE A 114 -2.36 -7.00 2.44
C PHE A 114 -3.46 -5.95 2.56
N LEU A 115 -4.25 -5.98 3.60
CA LEU A 115 -5.33 -4.97 3.72
C LEU A 115 -4.72 -3.56 3.76
N VAL A 116 -3.74 -3.35 4.60
CA VAL A 116 -3.12 -2.00 4.69
C VAL A 116 -2.31 -1.71 3.41
N ALA A 117 -1.62 -2.69 2.91
CA ALA A 117 -0.80 -2.46 1.68
C ALA A 117 -1.71 -2.00 0.54
N ALA A 118 -2.78 -2.69 0.29
CA ALA A 118 -3.68 -2.28 -0.81
C ALA A 118 -4.21 -0.87 -0.54
N HIS A 119 -4.46 -0.54 0.70
CA HIS A 119 -5.00 0.81 1.02
C HIS A 119 -3.98 1.92 0.68
N GLU A 120 -2.76 1.80 1.13
CA GLU A 120 -1.77 2.88 0.84
C GLU A 120 -1.61 3.05 -0.68
N PHE A 121 -1.59 1.97 -1.42
CA PHE A 121 -1.44 2.10 -2.90
C PHE A 121 -2.62 2.92 -3.43
N GLY A 122 -3.80 2.68 -2.90
CA GLY A 122 -4.98 3.45 -3.37
C GLY A 122 -4.69 4.94 -3.24
N HIS A 123 -4.12 5.36 -2.14
CA HIS A 123 -3.81 6.80 -1.98
C HIS A 123 -2.72 7.23 -2.97
N SER A 124 -1.75 6.40 -3.18
CA SER A 124 -0.66 6.75 -4.13
C SER A 124 -1.24 6.82 -5.54
N LEU A 125 -2.36 6.18 -5.76
CA LEU A 125 -2.99 6.19 -7.12
C LEU A 125 -3.81 7.47 -7.29
N GLY A 126 -3.87 8.32 -6.29
CA GLY A 126 -4.64 9.59 -6.42
C GLY A 126 -6.09 9.37 -5.98
N LEU A 127 -6.41 8.22 -5.44
CA LEU A 127 -7.81 7.97 -5.00
C LEU A 127 -8.03 8.52 -3.59
N ASP A 128 -9.23 8.94 -3.29
CA ASP A 128 -9.55 9.49 -1.93
C ASP A 128 -10.24 8.41 -1.10
N HIS A 129 -10.44 8.64 0.16
CA HIS A 129 -11.11 7.62 1.02
C HIS A 129 -12.51 7.34 0.47
N SER A 130 -12.90 6.09 0.42
CA SER A 130 -14.25 5.73 -0.10
C SER A 130 -15.22 5.52 1.07
N LYS A 131 -16.49 5.72 0.85
CA LYS A 131 -17.49 5.54 1.94
C LYS A 131 -18.16 4.17 1.82
N ASP A 132 -17.70 3.35 0.91
CA ASP A 132 -18.32 2.00 0.73
C ASP A 132 -17.63 1.02 1.72
N PRO A 133 -18.37 0.28 2.53
CA PRO A 133 -17.71 -0.67 3.49
C PRO A 133 -17.03 -1.84 2.76
N GLY A 134 -17.42 -2.11 1.54
CA GLY A 134 -16.79 -3.24 0.80
C GLY A 134 -15.55 -2.74 0.05
N ALA A 135 -15.30 -1.46 0.09
CA ALA A 135 -14.11 -0.90 -0.62
C ALA A 135 -12.88 -0.98 0.30
N LEU A 136 -11.73 -1.22 -0.27
CA LEU A 136 -10.49 -1.30 0.56
C LEU A 136 -10.14 0.08 1.10
N MET A 137 -10.41 1.11 0.35
CA MET A 137 -10.07 2.49 0.81
C MET A 137 -11.06 2.95 1.89
N PHE A 138 -11.69 2.03 2.58
CA PHE A 138 -12.65 2.43 3.65
C PHE A 138 -11.81 3.03 4.82
N PRO A 139 -12.19 4.17 5.38
CA PRO A 139 -11.37 4.79 6.47
C PRO A 139 -11.19 3.90 7.70
N ILE A 140 -11.90 2.80 7.78
CA ILE A 140 -11.76 1.88 8.97
C ILE A 140 -11.15 0.54 8.52
N TYR A 141 -10.25 0.01 9.30
CA TYR A 141 -9.59 -1.28 8.93
C TYR A 141 -10.56 -2.44 9.13
N THR A 142 -10.70 -3.30 8.15
CA THR A 142 -11.62 -4.46 8.27
C THR A 142 -10.99 -5.69 7.61
N TYR A 143 -11.02 -6.82 8.26
CA TYR A 143 -10.42 -8.05 7.67
C TYR A 143 -11.40 -8.67 6.67
N THR A 144 -10.93 -9.05 5.51
CA THR A 144 -11.83 -9.67 4.49
C THR A 144 -11.20 -10.96 3.96
N GLY A 145 -12.00 -11.93 3.62
CA GLY A 145 -11.44 -13.21 3.10
C GLY A 145 -10.76 -12.97 1.75
N LYS A 146 -9.46 -12.91 1.74
CA LYS A 146 -8.74 -12.69 0.46
C LYS A 146 -8.85 -13.95 -0.42
N SER A 147 -9.02 -13.76 -1.69
CA SER A 147 -9.13 -14.93 -2.62
C SER A 147 -9.67 -14.45 -3.96
N HIS A 148 -10.97 -14.43 -4.12
CA HIS A 148 -11.58 -13.97 -5.40
C HIS A 148 -12.00 -12.51 -5.23
N PHE A 149 -11.51 -11.86 -4.22
CA PHE A 149 -11.87 -10.43 -3.98
C PHE A 149 -11.44 -9.58 -5.17
N MET A 150 -12.29 -8.67 -5.59
CA MET A 150 -11.95 -7.78 -6.73
C MET A 150 -12.37 -6.35 -6.39
N LEU A 151 -11.68 -5.37 -6.90
CA LEU A 151 -12.06 -3.97 -6.56
C LEU A 151 -13.56 -3.78 -6.88
N PRO A 152 -14.36 -3.25 -5.97
CA PRO A 152 -15.81 -3.06 -6.26
C PRO A 152 -16.06 -2.03 -7.37
N ASP A 153 -17.29 -1.85 -7.76
CA ASP A 153 -17.61 -0.86 -8.82
C ASP A 153 -17.16 0.53 -8.38
N ASP A 154 -17.36 0.86 -7.13
CA ASP A 154 -16.95 2.21 -6.63
C ASP A 154 -15.47 2.45 -6.92
N ASP A 155 -14.62 1.53 -6.55
CA ASP A 155 -13.17 1.71 -6.80
C ASP A 155 -12.86 1.61 -8.29
N VAL A 156 -13.48 0.70 -8.98
CA VAL A 156 -13.21 0.56 -10.44
C VAL A 156 -13.55 1.87 -11.16
N GLN A 157 -14.70 2.43 -10.88
CA GLN A 157 -15.09 3.70 -11.55
C GLN A 157 -14.08 4.81 -11.22
N GLY A 158 -13.62 4.85 -9.99
CA GLY A 158 -12.65 5.93 -9.60
C GLY A 158 -11.28 5.71 -10.24
N ILE A 159 -10.69 4.55 -10.07
CA ILE A 159 -9.35 4.31 -10.67
C ILE A 159 -9.43 4.47 -12.19
N GLN A 160 -10.48 3.99 -12.79
CA GLN A 160 -10.62 4.11 -14.26
C GLN A 160 -10.74 5.59 -14.63
N SER A 161 -11.47 6.36 -13.84
CA SER A 161 -11.63 7.81 -14.15
C SER A 161 -10.29 8.53 -14.12
N LEU A 162 -9.34 8.07 -13.34
CA LEU A 162 -8.02 8.77 -13.28
C LEU A 162 -7.08 8.26 -14.38
N TYR A 163 -6.83 6.98 -14.44
CA TYR A 163 -5.91 6.44 -15.48
C TYR A 163 -6.68 6.07 -16.75
N GLY A 164 -7.99 6.08 -16.70
CA GLY A 164 -8.79 5.73 -17.91
C GLY A 164 -9.07 4.22 -17.90
ZN ZN B . -6.13 6.37 4.13
ZN ZN C . 6.65 7.33 7.83
CA CA D . -0.12 2.87 15.04
C1 WAY E . -5.78 6.61 9.42
C2 WAY E . -5.43 7.36 8.20
CF2 WAY E . -4.98 8.74 8.33
CH WAY E . -4.87 9.39 9.62
CF1 WAY E . -5.20 8.65 10.82
C6 WAY E . -5.66 7.27 10.75
C10 WAY E . -5.48 6.86 6.80
O11 WAY E . -6.56 6.68 6.23
N12 WAY E . -4.38 6.41 6.21
O13 WAY E . -4.54 5.75 4.98
CE WAY E . -5.99 6.56 12.04
N20 WAY E . -6.21 5.31 9.38
S21 WAY E . -5.11 4.07 9.55
CD WAY E . -7.65 5.05 9.22
CK WAY E . -9.96 5.49 12.34
CM WAY E . -9.78 4.20 12.93
N25 WAY E . -8.96 3.23 12.36
CJ WAY E . -8.29 3.51 11.17
C27 WAY E . -8.39 4.77 10.50
CI WAY E . -9.25 5.78 11.11
C35 WAY E . -5.40 2.83 8.29
CC1 WAY E . -4.51 2.71 7.16
CB1 WAY E . -4.75 1.70 6.14
C38 WAY E . -5.88 0.78 6.25
CB2 WAY E . -6.78 0.92 7.43
CC2 WAY E . -6.53 1.93 8.43
O45 WAY E . -6.07 -0.19 5.19
CA WAY E . -7.15 -1.14 5.19
O50 WAY E . -5.36 3.44 10.80
O51 WAY E . -3.79 4.59 9.30
HF2 WAY E . -4.72 9.31 7.44
HH WAY E . -4.53 10.41 9.69
HF1 WAY E . -5.11 9.14 11.78
H14 WAY E . -3.48 6.53 6.63
H15 WAY E . -5.48 5.68 4.79
HE1 WAY E . -5.12 6.45 12.66
HE2 WAY E . -6.40 5.57 11.85
HE3 WAY E . -6.74 7.12 12.61
HD1 WAY E . -7.76 4.19 8.56
HD2 WAY E . -8.09 5.92 8.73
HK WAY E . -10.59 6.24 12.79
HL WAY E . -10.30 3.97 13.85
HJ WAY E . -7.65 2.77 10.72
HI WAY E . -9.37 6.74 10.65
HC1 WAY E . -3.67 3.39 7.08
HB1 WAY E . -4.07 1.64 5.30
HB2 WAY E . -7.64 0.28 7.54
HC2 WAY E . -7.18 2.04 9.28
HA1 WAY E . -7.08 -1.78 4.31
HA2 WAY E . -8.11 -0.62 5.19
HA3 WAY E . -7.10 -1.78 6.08
N THR A 7 -7.56 13.66 -9.71
CA THR A 7 -6.81 14.96 -9.73
C THR A 7 -5.30 14.67 -9.75
N LEU A 8 -4.83 13.86 -8.84
CA LEU A 8 -3.37 13.54 -8.80
C LEU A 8 -3.12 12.19 -9.48
N LYS A 9 -2.18 12.14 -10.37
CA LYS A 9 -1.89 10.86 -11.07
C LYS A 9 -0.47 10.91 -11.65
N TRP A 10 0.10 9.77 -11.94
CA TRP A 10 1.47 9.74 -12.50
C TRP A 10 1.45 10.17 -13.97
N SER A 11 2.52 10.77 -14.44
CA SER A 11 2.57 11.23 -15.85
C SER A 11 3.16 10.14 -16.75
N LYS A 12 3.46 8.99 -16.19
CA LYS A 12 4.03 7.88 -17.02
C LYS A 12 3.45 6.54 -16.55
N MET A 13 3.40 5.57 -17.43
CA MET A 13 2.82 4.24 -17.05
C MET A 13 3.93 3.33 -16.50
N ASN A 14 5.15 3.81 -16.44
CA ASN A 14 6.27 2.96 -15.93
C ASN A 14 6.51 3.28 -14.46
N LEU A 15 6.56 2.27 -13.62
CA LEU A 15 6.81 2.51 -12.16
C LEU A 15 7.70 1.39 -11.62
N THR A 16 8.55 1.72 -10.67
CA THR A 16 9.46 0.69 -10.07
C THR A 16 9.36 0.76 -8.56
N TYR A 17 9.75 -0.28 -7.86
CA TYR A 17 9.65 -0.25 -6.37
C TYR A 17 10.81 -1.04 -5.75
N ARG A 18 11.08 -0.76 -4.50
CA ARG A 18 12.21 -1.46 -3.79
C ARG A 18 11.83 -1.66 -2.32
N ILE A 19 11.98 -2.87 -1.82
CA ILE A 19 11.66 -3.13 -0.38
C ILE A 19 12.91 -2.88 0.45
N VAL A 20 12.87 -1.93 1.34
CA VAL A 20 14.08 -1.64 2.18
C VAL A 20 14.31 -2.79 3.16
N ASN A 21 13.27 -3.31 3.75
CA ASN A 21 13.46 -4.43 4.71
C ASN A 21 12.14 -5.15 4.96
N TYR A 22 12.21 -6.37 5.42
CA TYR A 22 10.97 -7.14 5.71
C TYR A 22 10.75 -7.07 7.22
N THR A 23 9.97 -7.96 7.79
CA THR A 23 9.73 -7.91 9.26
C THR A 23 9.96 -9.30 9.88
N PRO A 24 10.40 -9.38 11.13
CA PRO A 24 10.60 -10.71 11.77
C PRO A 24 9.24 -11.39 12.02
N ASP A 25 8.20 -10.61 11.90
CA ASP A 25 6.82 -11.14 12.14
C ASP A 25 6.54 -12.28 11.15
N MET A 26 6.99 -12.15 9.93
CA MET A 26 6.73 -13.23 8.92
C MET A 26 8.01 -13.47 8.10
N THR A 27 8.05 -14.55 7.36
CA THR A 27 9.26 -14.84 6.55
C THR A 27 9.30 -13.89 5.35
N HIS A 28 10.46 -13.73 4.76
CA HIS A 28 10.57 -12.80 3.60
C HIS A 28 9.65 -13.27 2.47
N SER A 29 9.57 -14.56 2.25
CA SER A 29 8.70 -15.08 1.16
C SER A 29 7.24 -14.69 1.38
N GLU A 30 6.78 -14.74 2.60
CA GLU A 30 5.35 -14.38 2.87
C GLU A 30 5.11 -12.88 2.62
N VAL A 31 6.04 -12.05 3.00
CA VAL A 31 5.86 -10.59 2.81
C VAL A 31 5.93 -10.25 1.32
N GLU A 32 6.83 -10.86 0.59
CA GLU A 32 6.95 -10.55 -0.87
C GLU A 32 5.64 -10.86 -1.59
N LYS A 33 5.07 -12.02 -1.38
CA LYS A 33 3.80 -12.35 -2.07
C LYS A 33 2.70 -11.37 -1.65
N ALA A 34 2.76 -10.89 -0.43
CA ALA A 34 1.70 -9.94 0.01
C ALA A 34 1.72 -8.70 -0.88
N PHE A 35 2.86 -8.12 -1.09
CA PHE A 35 2.92 -6.92 -1.96
C PHE A 35 2.56 -7.29 -3.40
N LYS A 36 3.00 -8.43 -3.87
CA LYS A 36 2.69 -8.82 -5.27
C LYS A 36 1.17 -8.91 -5.45
N LYS A 37 0.47 -9.47 -4.49
CA LYS A 37 -1.01 -9.56 -4.62
C LYS A 37 -1.61 -8.16 -4.74
N ALA A 38 -1.12 -7.22 -3.97
CA ALA A 38 -1.68 -5.84 -4.04
C ALA A 38 -1.48 -5.27 -5.46
N PHE A 39 -0.30 -5.37 -6.00
CA PHE A 39 -0.05 -4.82 -7.36
C PHE A 39 -0.90 -5.58 -8.39
N LYS A 40 -1.02 -6.86 -8.23
CA LYS A 40 -1.81 -7.67 -9.20
C LYS A 40 -3.26 -7.16 -9.21
N VAL A 41 -3.84 -6.98 -8.05
CA VAL A 41 -5.25 -6.49 -7.99
C VAL A 41 -5.37 -5.13 -8.68
N TRP A 42 -4.40 -4.28 -8.48
CA TRP A 42 -4.47 -2.94 -9.11
C TRP A 42 -4.05 -3.03 -10.58
N SER A 43 -3.16 -3.92 -10.91
CA SER A 43 -2.72 -4.06 -12.33
C SER A 43 -3.84 -4.67 -13.16
N ASP A 44 -4.83 -5.24 -12.51
CA ASP A 44 -5.96 -5.88 -13.25
C ASP A 44 -6.67 -4.84 -14.12
N VAL A 45 -6.84 -3.63 -13.62
CA VAL A 45 -7.55 -2.58 -14.42
C VAL A 45 -6.59 -1.43 -14.77
N THR A 46 -5.50 -1.30 -14.06
CA THR A 46 -4.53 -0.20 -14.38
C THR A 46 -3.42 -0.75 -15.30
N PRO A 47 -3.21 -0.20 -16.49
CA PRO A 47 -2.13 -0.72 -17.38
C PRO A 47 -0.73 -0.31 -16.86
N LEU A 48 -0.63 0.02 -15.61
CA LEU A 48 0.69 0.44 -15.05
C LEU A 48 1.62 -0.77 -15.00
N ASN A 49 2.87 -0.56 -15.33
CA ASN A 49 3.86 -1.68 -15.30
C ASN A 49 4.72 -1.55 -14.06
N PHE A 50 4.72 -2.54 -13.20
CA PHE A 50 5.53 -2.47 -11.94
C PHE A 50 6.76 -3.37 -12.06
N THR A 51 7.94 -2.81 -11.94
CA THR A 51 9.20 -3.62 -12.04
C THR A 51 10.00 -3.50 -10.73
N ARG A 52 10.42 -4.61 -10.19
CA ARG A 52 11.22 -4.60 -8.93
C ARG A 52 12.68 -4.35 -9.28
N LEU A 53 13.37 -3.53 -8.50
CA LEU A 53 14.81 -3.25 -8.77
C LEU A 53 15.65 -3.97 -7.72
N HIS A 54 16.65 -4.71 -8.14
CA HIS A 54 17.49 -5.44 -7.15
C HIS A 54 18.15 -4.44 -6.19
N ASP A 55 18.59 -3.33 -6.70
CA ASP A 55 19.26 -2.31 -5.81
C ASP A 55 19.04 -0.92 -6.39
N GLY A 56 19.41 0.10 -5.68
CA GLY A 56 19.23 1.51 -6.17
C GLY A 56 17.96 2.10 -5.57
N ILE A 57 17.66 3.32 -5.92
CA ILE A 57 16.43 3.98 -5.38
C ILE A 57 15.28 3.82 -6.37
N ALA A 58 14.13 3.44 -5.89
CA ALA A 58 12.94 3.25 -6.80
C ALA A 58 11.92 4.35 -6.52
N ASP A 59 11.02 4.57 -7.44
CA ASP A 59 10.00 5.63 -7.22
C ASP A 59 9.21 5.31 -5.95
N ILE A 60 8.74 4.10 -5.81
CA ILE A 60 7.95 3.71 -4.59
C ILE A 60 8.77 2.75 -3.72
N MET A 61 9.33 3.23 -2.64
CA MET A 61 10.12 2.33 -1.74
C MET A 61 9.27 1.98 -0.51
N ILE A 62 9.31 0.74 -0.10
CA ILE A 62 8.51 0.29 1.08
C ILE A 62 9.44 -0.02 2.25
N SER A 63 9.16 0.51 3.41
CA SER A 63 10.03 0.25 4.59
C SER A 63 9.21 0.30 5.86
N PHE A 64 9.68 -0.30 6.92
CA PHE A 64 8.94 -0.29 8.22
C PHE A 64 9.56 0.78 9.12
N GLY A 65 8.75 1.66 9.66
CA GLY A 65 9.28 2.76 10.53
C GLY A 65 8.97 2.46 12.00
N ILE A 66 9.81 2.92 12.89
CA ILE A 66 9.57 2.70 14.35
C ILE A 66 9.01 4.00 14.95
N LYS A 67 8.78 4.03 16.23
CA LYS A 67 8.22 5.24 16.91
C LYS A 67 8.74 6.52 16.21
N GLU A 68 9.80 7.10 16.71
CA GLU A 68 10.33 8.33 16.08
C GLU A 68 11.10 7.99 14.81
N HIS A 69 10.89 8.72 13.74
CA HIS A 69 11.63 8.44 12.48
C HIS A 69 11.55 9.66 11.55
N GLY A 70 12.00 9.50 10.33
CA GLY A 70 12.00 10.63 9.36
C GLY A 70 10.73 11.48 9.46
N ASP A 71 9.66 10.96 10.03
CA ASP A 71 8.41 11.77 10.12
C ASP A 71 8.41 12.59 11.41
N PHE A 72 8.09 13.85 11.31
CA PHE A 72 8.06 14.71 12.52
C PHE A 72 7.04 14.16 13.53
N TYR A 73 5.90 13.73 13.05
CA TYR A 73 4.86 13.18 13.97
C TYR A 73 5.06 11.65 14.10
N PRO A 74 5.41 11.13 15.28
CA PRO A 74 5.60 9.66 15.41
C PRO A 74 4.26 8.90 15.41
N PHE A 75 4.28 7.64 15.76
CA PHE A 75 3.01 6.85 15.80
C PHE A 75 2.40 6.98 17.18
N ASP A 76 1.18 6.52 17.36
CA ASP A 76 0.51 6.63 18.70
C ASP A 76 0.57 5.29 19.43
N GLY A 77 1.39 4.37 18.97
CA GLY A 77 1.50 3.03 19.64
C GLY A 77 1.05 1.95 18.66
N PRO A 78 0.63 0.80 19.13
CA PRO A 78 0.17 -0.30 18.22
C PRO A 78 -1.00 0.14 17.32
N SER A 79 -2.13 0.43 17.90
CA SER A 79 -3.30 0.86 17.08
C SER A 79 -3.13 2.32 16.65
N GLY A 80 -3.89 2.76 15.68
CA GLY A 80 -3.79 4.18 15.20
C GLY A 80 -3.28 4.19 13.75
N LEU A 81 -2.27 4.97 13.48
CA LEU A 81 -1.73 5.05 12.10
C LEU A 81 -1.04 3.72 11.77
N LEU A 82 -1.64 2.91 10.94
CA LEU A 82 -1.01 1.61 10.60
C LEU A 82 0.09 1.86 9.55
N ALA A 83 -0.03 2.94 8.83
CA ALA A 83 0.99 3.27 7.79
C ALA A 83 0.62 4.60 7.14
N HIS A 84 1.49 5.16 6.36
CA HIS A 84 1.18 6.45 5.69
C HIS A 84 2.13 6.65 4.52
N ALA A 85 1.80 7.53 3.60
CA ALA A 85 2.68 7.76 2.42
C ALA A 85 2.66 9.24 2.03
N PHE A 86 3.68 9.70 1.36
CA PHE A 86 3.72 11.13 0.94
C PHE A 86 3.14 11.24 -0.49
N PRO A 87 2.57 12.36 -0.85
CA PRO A 87 2.00 12.51 -2.22
C PRO A 87 2.95 11.90 -3.30
N PRO A 88 2.44 11.60 -4.48
CA PRO A 88 3.31 11.01 -5.53
C PRO A 88 4.38 11.99 -6.02
N GLY A 89 5.40 12.21 -5.23
CA GLY A 89 6.48 13.16 -5.65
C GLY A 89 7.46 12.42 -6.56
N PRO A 90 8.33 13.15 -7.21
CA PRO A 90 9.33 12.50 -8.14
C PRO A 90 10.42 11.72 -7.38
N ASN A 91 10.80 12.18 -6.21
CA ASN A 91 11.88 11.49 -5.43
C ASN A 91 11.31 10.81 -4.17
N TYR A 92 11.42 11.45 -3.04
CA TYR A 92 10.93 10.82 -1.77
C TYR A 92 9.44 10.52 -1.86
N GLY A 93 8.67 11.40 -2.43
CA GLY A 93 7.21 11.15 -2.53
C GLY A 93 6.96 9.77 -3.14
N GLY A 94 5.74 9.30 -3.07
CA GLY A 94 5.42 7.96 -3.64
C GLY A 94 5.94 6.87 -2.72
N ASP A 95 6.48 7.24 -1.59
CA ASP A 95 7.03 6.21 -0.64
C ASP A 95 5.92 5.69 0.27
N ALA A 96 6.22 4.71 1.07
CA ALA A 96 5.19 4.14 1.99
C ALA A 96 5.88 3.63 3.26
N HIS A 97 5.45 4.11 4.41
CA HIS A 97 6.06 3.67 5.71
C HIS A 97 5.06 2.84 6.50
N PHE A 98 5.52 1.76 7.10
CA PHE A 98 4.63 0.88 7.90
C PHE A 98 5.07 0.94 9.37
N ASP A 99 4.17 0.69 10.29
CA ASP A 99 4.57 0.72 11.73
C ASP A 99 5.30 -0.57 12.09
N ASP A 100 6.50 -0.46 12.60
CA ASP A 100 7.27 -1.68 12.98
C ASP A 100 6.85 -2.13 14.38
N ASP A 101 6.14 -1.29 15.09
CA ASP A 101 5.69 -1.66 16.47
C ASP A 101 4.41 -2.48 16.40
N GLU A 102 3.80 -2.57 15.24
CA GLU A 102 2.54 -3.34 15.12
C GLU A 102 2.85 -4.80 14.73
N THR A 103 1.86 -5.66 14.78
CA THR A 103 2.08 -7.08 14.42
C THR A 103 1.59 -7.32 13.00
N TRP A 104 2.49 -7.48 12.08
CA TRP A 104 2.09 -7.71 10.66
C TRP A 104 1.95 -9.22 10.43
N THR A 105 0.80 -9.65 9.97
CA THR A 105 0.57 -11.11 9.75
C THR A 105 -0.22 -11.32 8.45
N SER A 106 -0.15 -12.50 7.89
CA SER A 106 -0.90 -12.78 6.64
C SER A 106 -2.22 -13.47 6.98
N SER A 107 -2.36 -13.93 8.20
CA SER A 107 -3.62 -14.60 8.62
C SER A 107 -4.57 -13.54 9.20
N SER A 108 -5.74 -13.93 9.61
CA SER A 108 -6.69 -12.93 10.18
C SER A 108 -6.31 -12.62 11.62
N LYS A 109 -5.32 -11.78 11.80
CA LYS A 109 -4.88 -11.41 13.18
C LYS A 109 -4.35 -9.97 13.15
N GLY A 110 -4.49 -9.25 14.24
CA GLY A 110 -3.98 -7.84 14.26
C GLY A 110 -4.38 -7.12 12.98
N TYR A 111 -3.49 -6.36 12.40
CA TYR A 111 -3.80 -5.65 11.13
C TYR A 111 -3.22 -6.43 9.95
N ASN A 112 -4.06 -6.91 9.07
CA ASN A 112 -3.56 -7.69 7.90
C ASN A 112 -2.65 -6.80 7.04
N LEU A 113 -1.49 -7.29 6.70
CA LEU A 113 -0.54 -6.48 5.87
C LEU A 113 -1.18 -6.14 4.52
N PHE A 114 -1.86 -7.07 3.92
CA PHE A 114 -2.50 -6.81 2.60
C PHE A 114 -3.51 -5.65 2.71
N LEU A 115 -4.27 -5.60 3.77
CA LEU A 115 -5.28 -4.50 3.90
C LEU A 115 -4.57 -3.14 3.86
N VAL A 116 -3.55 -2.96 4.67
CA VAL A 116 -2.85 -1.65 4.70
C VAL A 116 -2.06 -1.47 3.39
N ALA A 117 -1.43 -2.50 2.90
CA ALA A 117 -0.64 -2.36 1.65
C ALA A 117 -1.55 -1.90 0.51
N ALA A 118 -2.63 -2.57 0.30
CA ALA A 118 -3.56 -2.17 -0.81
C ALA A 118 -4.07 -0.74 -0.57
N HIS A 119 -4.35 -0.41 0.66
CA HIS A 119 -4.89 0.96 0.96
C HIS A 119 -3.87 2.06 0.62
N GLU A 120 -2.65 1.94 1.06
CA GLU A 120 -1.65 3.01 0.75
C GLU A 120 -1.47 3.14 -0.76
N PHE A 121 -1.46 2.06 -1.49
CA PHE A 121 -1.28 2.17 -2.96
C PHE A 121 -2.44 3.01 -3.52
N GLY A 122 -3.62 2.81 -3.02
CA GLY A 122 -4.79 3.59 -3.52
C GLY A 122 -4.52 5.09 -3.34
N HIS A 123 -3.97 5.47 -2.22
CA HIS A 123 -3.67 6.92 -2.01
C HIS A 123 -2.59 7.36 -2.98
N SER A 124 -1.60 6.53 -3.20
CA SER A 124 -0.52 6.91 -4.14
C SER A 124 -1.09 6.97 -5.56
N LEU A 125 -2.17 6.27 -5.80
CA LEU A 125 -2.80 6.29 -7.15
C LEU A 125 -3.67 7.54 -7.28
N GLY A 126 -3.74 8.34 -6.26
CA GLY A 126 -4.57 9.59 -6.33
C GLY A 126 -6.00 9.33 -5.90
N LEU A 127 -6.31 8.15 -5.42
CA LEU A 127 -7.71 7.86 -5.00
C LEU A 127 -7.93 8.40 -3.59
N ASP A 128 -9.13 8.85 -3.31
CA ASP A 128 -9.44 9.39 -1.95
C ASP A 128 -10.17 8.32 -1.14
N HIS A 129 -10.40 8.56 0.12
CA HIS A 129 -11.09 7.54 0.95
C HIS A 129 -12.47 7.25 0.38
N SER A 130 -12.86 6.00 0.37
CA SER A 130 -14.20 5.62 -0.18
C SER A 130 -15.19 5.48 0.98
N LYS A 131 -16.47 5.63 0.71
CA LYS A 131 -17.49 5.51 1.80
C LYS A 131 -18.13 4.11 1.75
N ASP A 132 -17.69 3.27 0.84
CA ASP A 132 -18.27 1.90 0.75
C ASP A 132 -17.50 0.97 1.72
N PRO A 133 -18.17 0.20 2.57
CA PRO A 133 -17.43 -0.70 3.52
C PRO A 133 -16.74 -1.86 2.79
N GLY A 134 -17.24 -2.24 1.65
CA GLY A 134 -16.60 -3.37 0.90
C GLY A 134 -15.43 -2.84 0.08
N ALA A 135 -15.23 -1.56 0.07
CA ALA A 135 -14.09 -0.97 -0.69
C ALA A 135 -12.84 -0.97 0.18
N LEU A 136 -11.69 -1.18 -0.41
CA LEU A 136 -10.43 -1.18 0.38
C LEU A 136 -10.11 0.24 0.87
N MET A 137 -10.46 1.23 0.11
CA MET A 137 -10.17 2.63 0.53
C MET A 137 -11.08 3.05 1.68
N PHE A 138 -11.69 2.12 2.37
CA PHE A 138 -12.57 2.50 3.50
C PHE A 138 -11.69 3.07 4.64
N PRO A 139 -12.03 4.20 5.24
CA PRO A 139 -11.16 4.79 6.31
C PRO A 139 -11.02 3.89 7.56
N ILE A 140 -11.86 2.90 7.71
CA ILE A 140 -11.78 2.01 8.93
C ILE A 140 -11.19 0.65 8.52
N TYR A 141 -10.37 0.09 9.37
CA TYR A 141 -9.76 -1.24 9.06
C TYR A 141 -10.80 -2.34 9.23
N THR A 142 -10.94 -3.19 8.25
CA THR A 142 -11.93 -4.31 8.34
C THR A 142 -11.33 -5.55 7.66
N TYR A 143 -11.53 -6.72 8.22
CA TYR A 143 -10.96 -7.94 7.59
C TYR A 143 -11.90 -8.42 6.48
N THR A 144 -11.35 -8.93 5.41
CA THR A 144 -12.19 -9.40 4.26
C THR A 144 -11.62 -10.71 3.70
N GLY A 145 -12.46 -11.53 3.15
CA GLY A 145 -11.97 -12.80 2.55
C GLY A 145 -11.28 -12.45 1.23
N LYS A 146 -9.99 -12.62 1.16
CA LYS A 146 -9.26 -12.27 -0.09
C LYS A 146 -9.50 -13.34 -1.15
N SER A 147 -10.33 -14.30 -0.86
CA SER A 147 -10.60 -15.37 -1.86
C SER A 147 -11.43 -14.79 -3.01
N HIS A 148 -10.94 -14.87 -4.21
CA HIS A 148 -11.70 -14.33 -5.37
C HIS A 148 -12.11 -12.88 -5.11
N PHE A 149 -11.24 -12.09 -4.52
CA PHE A 149 -11.59 -10.67 -4.24
C PHE A 149 -11.12 -9.79 -5.40
N MET A 150 -11.99 -8.96 -5.91
CA MET A 150 -11.62 -8.04 -7.03
C MET A 150 -12.10 -6.62 -6.69
N LEU A 151 -11.42 -5.61 -7.16
CA LEU A 151 -11.85 -4.23 -6.82
C LEU A 151 -13.35 -4.08 -7.12
N PRO A 152 -14.16 -3.53 -6.21
CA PRO A 152 -15.60 -3.36 -6.51
C PRO A 152 -15.85 -2.33 -7.61
N ASP A 153 -17.08 -2.18 -8.03
CA ASP A 153 -17.39 -1.19 -9.10
C ASP A 153 -16.99 0.22 -8.64
N ASP A 154 -17.23 0.54 -7.39
CA ASP A 154 -16.88 1.91 -6.89
C ASP A 154 -15.40 2.19 -7.15
N ASP A 155 -14.54 1.29 -6.79
CA ASP A 155 -13.09 1.52 -6.99
C ASP A 155 -12.74 1.45 -8.49
N VAL A 156 -13.33 0.53 -9.20
CA VAL A 156 -13.02 0.43 -10.66
C VAL A 156 -13.39 1.75 -11.34
N GLN A 157 -14.54 2.28 -11.04
CA GLN A 157 -14.97 3.57 -11.68
C GLN A 157 -13.98 4.69 -11.32
N GLY A 158 -13.50 4.73 -10.10
CA GLY A 158 -12.57 5.82 -9.69
C GLY A 158 -11.18 5.63 -10.33
N ILE A 159 -10.58 4.50 -10.17
CA ILE A 159 -9.23 4.28 -10.75
C ILE A 159 -9.29 4.47 -12.28
N GLN A 160 -10.33 3.98 -12.91
CA GLN A 160 -10.45 4.14 -14.39
C GLN A 160 -10.61 5.62 -14.73
N SER A 161 -11.37 6.35 -13.95
CA SER A 161 -11.58 7.79 -14.25
C SER A 161 -10.25 8.56 -14.23
N LEU A 162 -9.31 8.15 -13.41
CA LEU A 162 -8.01 8.88 -13.34
C LEU A 162 -7.05 8.37 -14.42
N TYR A 163 -6.84 7.08 -14.50
CA TYR A 163 -5.90 6.53 -15.51
C TYR A 163 -6.64 6.20 -16.81
N GLY A 164 -7.93 6.24 -16.80
CA GLY A 164 -8.72 5.92 -18.03
C GLY A 164 -8.96 4.41 -18.10
ZN ZN B . -6.28 6.44 4.09
ZN ZN C . 6.91 7.54 8.11
CA CA D . -0.31 3.03 15.09
C1 WAY E . -5.64 7.12 9.28
C2 WAY E . -5.35 8.00 8.14
CF2 WAY E . -4.85 9.35 8.41
CH WAY E . -4.67 9.83 9.77
CF1 WAY E . -4.97 8.96 10.89
C6 WAY E . -5.46 7.61 10.67
C10 WAY E . -5.47 7.67 6.70
O11 WAY E . -6.53 7.28 6.22
N12 WAY E . -4.40 7.70 5.90
O13 WAY E . -4.59 7.27 4.58
CE WAY E . -5.75 6.75 11.88
N20 WAY E . -6.11 5.83 9.12
S21 WAY E . -5.08 4.55 9.44
CD WAY E . -7.56 5.61 8.93
CK WAY E . -9.27 3.81 11.95
CM WAY E . -9.84 4.96 12.59
N25 WAY E . -9.69 6.25 12.08
CJ WAY E . -8.95 6.44 10.91
C27 WAY E . -8.34 5.36 10.19
CI WAY E . -8.51 4.03 10.73
C35 WAY E . -5.35 3.25 8.25
CC1 WAY E . -4.41 3.06 7.16
CB1 WAY E . -4.64 2.00 6.19
C38 WAY E . -5.80 1.12 6.28
CB2 WAY E . -6.75 1.34 7.41
CC2 WAY E . -6.52 2.40 8.38
O45 WAY E . -5.95 0.09 5.29
CA WAY E . -7.06 -0.84 5.29
O50 WAY E . -5.45 4.02 10.71
O51 WAY E . -3.73 5.00 9.25
HF2 WAY E . -4.62 10.02 7.59
HH WAY E . -4.31 10.84 9.94
HF1 WAY E . -4.83 9.33 11.89
H14 WAY E . -3.50 8.00 6.24
H15 WAY E . -5.19 6.52 4.57
HE1 WAY E . -6.62 6.13 11.72
HE2 WAY E . -5.96 7.38 12.76
HE3 WAY E . -4.91 6.11 12.12
HD1 WAY E . -7.68 4.77 8.26
HD2 WAY E . -7.95 6.50 8.43
HK WAY E . -9.40 2.82 12.35
HL WAY E . -10.41 4.82 13.50
HJ WAY E . -8.82 7.44 10.51
HI WAY E . -8.08 3.18 10.24
HC1 WAY E . -3.55 3.71 7.08
HB1 WAY E . -3.92 1.87 5.39
HB2 WAY E . -7.62 0.71 7.53
HC2 WAY E . -7.20 2.56 9.20
HA1 WAY E . -6.98 -1.53 4.44
HA2 WAY E . -8.00 -0.31 5.20
HA3 WAY E . -7.07 -1.42 6.20
N THR A 7 -7.92 13.36 -11.05
CA THR A 7 -7.19 14.66 -10.93
C THR A 7 -5.69 14.38 -10.77
N LEU A 8 -5.31 13.70 -9.72
CA LEU A 8 -3.86 13.40 -9.50
C LEU A 8 -3.52 12.03 -10.08
N LYS A 9 -2.50 11.95 -10.89
CA LYS A 9 -2.10 10.65 -11.49
C LYS A 9 -0.65 10.72 -11.96
N TRP A 10 -0.04 9.58 -12.19
CA TRP A 10 1.37 9.59 -12.66
C TRP A 10 1.43 10.06 -14.11
N SER A 11 2.51 10.69 -14.50
CA SER A 11 2.63 11.19 -15.90
C SER A 11 3.21 10.07 -16.78
N LYS A 12 3.45 8.92 -16.22
CA LYS A 12 4.01 7.80 -17.04
C LYS A 12 3.46 6.47 -16.51
N MET A 13 3.40 5.47 -17.36
CA MET A 13 2.88 4.14 -16.93
C MET A 13 4.01 3.26 -16.42
N ASN A 14 5.21 3.76 -16.42
CA ASN A 14 6.37 2.95 -15.93
C ASN A 14 6.63 3.28 -14.46
N LEU A 15 6.65 2.29 -13.61
CA LEU A 15 6.89 2.54 -12.15
C LEU A 15 7.81 1.45 -11.59
N THR A 16 8.63 1.79 -10.63
CA THR A 16 9.55 0.78 -10.02
C THR A 16 9.45 0.86 -8.50
N TYR A 17 9.73 -0.22 -7.81
CA TYR A 17 9.64 -0.20 -6.32
C TYR A 17 10.74 -1.09 -5.71
N ARG A 18 11.05 -0.89 -4.47
CA ARG A 18 12.13 -1.70 -3.80
C ARG A 18 11.72 -1.99 -2.35
N ILE A 19 11.85 -3.20 -1.91
CA ILE A 19 11.50 -3.52 -0.49
C ILE A 19 12.72 -3.25 0.40
N VAL A 20 12.61 -2.32 1.30
CA VAL A 20 13.75 -1.98 2.18
C VAL A 20 14.00 -3.13 3.17
N ASN A 21 13.00 -3.72 3.73
CA ASN A 21 13.31 -4.79 4.71
C ASN A 21 12.09 -5.65 5.01
N TYR A 22 12.34 -6.83 5.48
CA TYR A 22 11.23 -7.74 5.85
C TYR A 22 11.10 -7.67 7.37
N THR A 23 9.97 -7.26 7.86
CA THR A 23 9.82 -7.15 9.34
C THR A 23 9.99 -8.55 9.96
N PRO A 24 10.70 -8.69 11.08
CA PRO A 24 10.87 -10.02 11.69
C PRO A 24 9.50 -10.65 11.98
N ASP A 25 8.47 -9.88 11.78
CA ASP A 25 7.09 -10.40 12.06
C ASP A 25 6.80 -11.63 11.19
N MET A 26 7.23 -11.63 9.96
CA MET A 26 6.97 -12.80 9.07
C MET A 26 8.22 -13.11 8.23
N THR A 27 8.22 -14.20 7.53
CA THR A 27 9.41 -14.55 6.71
C THR A 27 9.46 -13.69 5.46
N HIS A 28 10.58 -13.66 4.80
CA HIS A 28 10.70 -12.82 3.57
C HIS A 28 9.75 -13.33 2.49
N SER A 29 9.68 -14.62 2.30
CA SER A 29 8.79 -15.18 1.25
C SER A 29 7.33 -14.78 1.52
N GLU A 30 6.90 -14.81 2.75
CA GLU A 30 5.49 -14.45 3.06
C GLU A 30 5.22 -12.98 2.72
N VAL A 31 6.10 -12.11 3.14
CA VAL A 31 5.92 -10.67 2.87
C VAL A 31 5.98 -10.42 1.36
N GLU A 32 6.86 -11.10 0.69
CA GLU A 32 7.01 -10.90 -0.78
C GLU A 32 5.68 -11.13 -1.52
N LYS A 33 5.07 -12.27 -1.34
CA LYS A 33 3.80 -12.52 -2.05
C LYS A 33 2.72 -11.53 -1.62
N ALA A 34 2.74 -11.09 -0.39
CA ALA A 34 1.68 -10.13 0.05
C ALA A 34 1.71 -8.88 -0.84
N PHE A 35 2.87 -8.31 -1.03
CA PHE A 35 2.95 -7.09 -1.88
C PHE A 35 2.63 -7.44 -3.35
N LYS A 36 3.09 -8.56 -3.83
CA LYS A 36 2.81 -8.91 -5.25
C LYS A 36 1.28 -9.01 -5.45
N LYS A 37 0.58 -9.58 -4.52
CA LYS A 37 -0.90 -9.68 -4.67
C LYS A 37 -1.49 -8.27 -4.77
N ALA A 38 -0.98 -7.35 -3.99
CA ALA A 38 -1.50 -5.96 -4.03
C ALA A 38 -1.33 -5.38 -5.44
N PHE A 39 -0.17 -5.55 -6.02
CA PHE A 39 0.04 -5.00 -7.39
C PHE A 39 -0.87 -5.74 -8.39
N LYS A 40 -1.04 -7.02 -8.22
CA LYS A 40 -1.89 -7.80 -9.16
C LYS A 40 -3.32 -7.24 -9.14
N VAL A 41 -3.89 -7.03 -7.99
CA VAL A 41 -5.28 -6.51 -7.92
C VAL A 41 -5.36 -5.14 -8.61
N TRP A 42 -4.39 -4.29 -8.37
CA TRP A 42 -4.42 -2.94 -9.01
C TRP A 42 -3.99 -3.04 -10.48
N SER A 43 -3.03 -3.85 -10.79
CA SER A 43 -2.56 -3.99 -12.20
C SER A 43 -3.64 -4.68 -13.04
N ASP A 44 -4.57 -5.35 -12.40
CA ASP A 44 -5.63 -6.06 -13.16
C ASP A 44 -6.42 -5.07 -14.03
N VAL A 45 -6.72 -3.88 -13.52
CA VAL A 45 -7.51 -2.89 -14.34
C VAL A 45 -6.64 -1.69 -14.73
N THR A 46 -5.54 -1.46 -14.04
CA THR A 46 -4.67 -0.29 -14.39
C THR A 46 -3.54 -0.76 -15.34
N PRO A 47 -3.32 -0.12 -16.48
CA PRO A 47 -2.23 -0.56 -17.39
C PRO A 47 -0.84 -0.19 -16.85
N LEU A 48 -0.75 0.14 -15.59
CA LEU A 48 0.57 0.52 -15.00
C LEU A 48 1.48 -0.71 -14.93
N ASN A 49 2.75 -0.53 -15.24
CA ASN A 49 3.73 -1.66 -15.20
C ASN A 49 4.63 -1.48 -13.97
N PHE A 50 4.65 -2.44 -13.08
CA PHE A 50 5.51 -2.33 -11.85
C PHE A 50 6.72 -3.27 -11.99
N THR A 51 7.91 -2.74 -11.85
CA THR A 51 9.15 -3.59 -11.95
C THR A 51 9.93 -3.53 -10.64
N ARG A 52 10.31 -4.67 -10.13
CA ARG A 52 11.09 -4.71 -8.85
C ARG A 52 12.57 -4.46 -9.16
N LEU A 53 13.22 -3.61 -8.42
CA LEU A 53 14.68 -3.33 -8.67
C LEU A 53 15.52 -4.05 -7.62
N HIS A 54 16.52 -4.77 -8.04
CA HIS A 54 17.39 -5.51 -7.08
C HIS A 54 18.10 -4.52 -6.15
N ASP A 55 18.56 -3.42 -6.68
CA ASP A 55 19.28 -2.43 -5.82
C ASP A 55 19.05 -1.01 -6.35
N GLY A 56 19.51 -0.02 -5.63
CA GLY A 56 19.32 1.39 -6.08
C GLY A 56 18.04 1.96 -5.47
N ILE A 57 17.75 3.22 -5.73
CA ILE A 57 16.52 3.84 -5.16
C ILE A 57 15.39 3.72 -6.19
N ALA A 58 14.22 3.31 -5.75
CA ALA A 58 13.06 3.15 -6.68
C ALA A 58 12.04 4.26 -6.40
N ASP A 59 11.13 4.49 -7.32
CA ASP A 59 10.12 5.56 -7.10
C ASP A 59 9.31 5.24 -5.85
N ILE A 60 8.82 4.03 -5.74
CA ILE A 60 8.01 3.65 -4.53
C ILE A 60 8.83 2.71 -3.64
N MET A 61 9.37 3.21 -2.55
CA MET A 61 10.17 2.33 -1.64
C MET A 61 9.34 1.99 -0.40
N ILE A 62 9.28 0.72 -0.05
CA ILE A 62 8.48 0.29 1.14
C ILE A 62 9.41 -0.04 2.30
N SER A 63 9.06 0.36 3.50
CA SER A 63 9.94 0.05 4.67
C SER A 63 9.09 0.01 5.95
N PHE A 64 9.60 -0.65 6.97
CA PHE A 64 8.85 -0.74 8.27
C PHE A 64 9.57 0.14 9.30
N GLY A 65 8.87 1.09 9.89
CA GLY A 65 9.52 2.00 10.89
C GLY A 65 9.21 1.58 12.33
N ILE A 66 9.80 2.27 13.29
CA ILE A 66 9.57 1.95 14.74
C ILE A 66 9.21 3.24 15.48
N LYS A 67 8.67 3.12 16.68
CA LYS A 67 8.27 4.32 17.52
C LYS A 67 8.77 5.64 16.93
N GLU A 68 10.03 5.95 17.11
CA GLU A 68 10.56 7.23 16.54
C GLU A 68 10.59 7.12 15.02
N HIS A 69 9.81 7.91 14.35
CA HIS A 69 9.77 7.87 12.85
C HIS A 69 10.61 9.02 12.29
N GLY A 70 11.01 9.94 13.13
CA GLY A 70 11.83 11.08 12.63
C GLY A 70 10.97 12.00 11.77
N ASP A 71 9.70 12.09 12.06
CA ASP A 71 8.78 12.97 11.25
C ASP A 71 7.98 13.87 12.19
N PHE A 72 7.29 14.83 11.65
CA PHE A 72 6.48 15.75 12.50
C PHE A 72 5.32 15.00 13.14
N TYR A 73 4.82 13.97 12.48
CA TYR A 73 3.68 13.18 13.04
C TYR A 73 4.08 11.70 13.09
N PRO A 74 4.82 11.29 14.09
CA PRO A 74 5.24 9.86 14.21
C PRO A 74 4.08 8.93 14.54
N PHE A 75 4.37 7.73 14.97
CA PHE A 75 3.29 6.77 15.32
C PHE A 75 2.84 7.02 16.76
N ASP A 76 1.64 6.62 17.09
CA ASP A 76 1.14 6.85 18.49
C ASP A 76 1.26 5.57 19.32
N GLY A 77 1.75 4.51 18.73
CA GLY A 77 1.89 3.22 19.48
C GLY A 77 1.42 2.08 18.56
N PRO A 78 0.99 0.96 19.12
CA PRO A 78 0.52 -0.17 18.27
C PRO A 78 -0.72 0.22 17.44
N SER A 79 -1.81 0.53 18.09
CA SER A 79 -3.04 0.92 17.35
C SER A 79 -2.89 2.37 16.85
N GLY A 80 -3.66 2.75 15.86
CA GLY A 80 -3.58 4.16 15.33
C GLY A 80 -3.12 4.13 13.87
N LEU A 81 -2.12 4.90 13.53
CA LEU A 81 -1.64 4.92 12.12
C LEU A 81 -0.95 3.58 11.81
N LEU A 82 -1.56 2.77 10.99
CA LEU A 82 -0.94 1.46 10.66
C LEU A 82 0.12 1.67 9.58
N ALA A 83 0.05 2.78 8.89
CA ALA A 83 1.05 3.07 7.81
C ALA A 83 0.72 4.42 7.19
N HIS A 84 1.58 4.93 6.35
CA HIS A 84 1.28 6.24 5.71
C HIS A 84 2.18 6.42 4.49
N ALA A 85 1.78 7.28 3.58
CA ALA A 85 2.58 7.51 2.35
C ALA A 85 2.38 8.96 1.89
N PHE A 86 3.21 9.45 1.00
CA PHE A 86 3.07 10.86 0.52
C PHE A 86 2.38 10.85 -0.86
N PRO A 87 1.68 11.90 -1.23
CA PRO A 87 0.99 11.94 -2.55
C PRO A 87 2.00 11.86 -3.72
N PRO A 88 1.55 11.59 -4.91
CA PRO A 88 2.45 11.49 -6.09
C PRO A 88 3.43 12.68 -6.18
N GLY A 89 4.50 12.64 -5.43
CA GLY A 89 5.50 13.75 -5.46
C GLY A 89 6.66 13.32 -6.36
N PRO A 90 7.76 14.04 -6.35
CA PRO A 90 8.91 13.69 -7.21
C PRO A 90 9.63 12.43 -6.68
N ASN A 91 10.87 12.51 -6.26
CA ASN A 91 11.58 11.31 -5.76
C ASN A 91 11.07 10.92 -4.37
N TYR A 92 10.83 11.89 -3.52
CA TYR A 92 10.37 11.58 -2.14
C TYR A 92 8.93 11.06 -2.16
N GLY A 93 8.08 11.62 -2.99
CA GLY A 93 6.67 11.16 -3.04
C GLY A 93 6.60 9.69 -3.44
N GLY A 94 5.45 9.08 -3.32
CA GLY A 94 5.31 7.66 -3.71
C GLY A 94 5.95 6.76 -2.65
N ASP A 95 6.43 7.31 -1.58
CA ASP A 95 7.08 6.47 -0.53
C ASP A 95 5.99 5.81 0.32
N ALA A 96 6.33 4.77 1.04
CA ALA A 96 5.32 4.07 1.89
C ALA A 96 6.00 3.52 3.14
N HIS A 97 5.48 3.86 4.31
CA HIS A 97 6.08 3.37 5.59
C HIS A 97 5.05 2.54 6.36
N PHE A 98 5.53 1.63 7.18
CA PHE A 98 4.61 0.76 7.99
C PHE A 98 5.07 0.76 9.44
N ASP A 99 4.17 0.51 10.36
CA ASP A 99 4.59 0.48 11.80
C ASP A 99 5.26 -0.87 12.09
N ASP A 100 6.51 -0.87 12.46
CA ASP A 100 7.20 -2.16 12.76
C ASP A 100 6.86 -2.59 14.19
N ASP A 101 6.27 -1.72 14.95
CA ASP A 101 5.91 -2.07 16.36
C ASP A 101 4.58 -2.83 16.36
N GLU A 102 3.90 -2.83 15.25
CA GLU A 102 2.59 -3.56 15.17
C GLU A 102 2.83 -5.00 14.74
N THR A 103 1.84 -5.84 14.81
CA THR A 103 2.01 -7.27 14.41
C THR A 103 1.49 -7.45 12.99
N TRP A 104 2.38 -7.57 12.05
CA TRP A 104 1.95 -7.78 10.63
C TRP A 104 1.77 -9.27 10.39
N THR A 105 0.60 -9.67 9.98
CA THR A 105 0.33 -11.13 9.73
C THR A 105 -0.53 -11.29 8.48
N SER A 106 -0.43 -12.41 7.82
CA SER A 106 -1.25 -12.65 6.61
C SER A 106 -2.52 -13.40 7.02
N SER A 107 -2.57 -13.84 8.25
CA SER A 107 -3.77 -14.58 8.75
C SER A 107 -4.74 -13.59 9.37
N SER A 108 -5.90 -14.04 9.77
CA SER A 108 -6.89 -13.10 10.38
C SER A 108 -6.44 -12.74 11.80
N LYS A 109 -5.43 -11.92 11.92
CA LYS A 109 -4.94 -11.51 13.27
C LYS A 109 -4.39 -10.10 13.19
N GLY A 110 -4.43 -9.36 14.28
CA GLY A 110 -3.89 -7.97 14.29
C GLY A 110 -4.32 -7.24 13.01
N TYR A 111 -3.43 -6.47 12.43
CA TYR A 111 -3.78 -5.75 11.16
C TYR A 111 -3.18 -6.52 9.98
N ASN A 112 -4.00 -7.00 9.09
CA ASN A 112 -3.48 -7.77 7.93
C ASN A 112 -2.61 -6.86 7.04
N LEU A 113 -1.44 -7.32 6.70
CA LEU A 113 -0.52 -6.51 5.85
C LEU A 113 -1.16 -6.17 4.50
N PHE A 114 -1.77 -7.12 3.85
CA PHE A 114 -2.39 -6.85 2.52
C PHE A 114 -3.46 -5.76 2.60
N LEU A 115 -4.29 -5.77 3.62
CA LEU A 115 -5.34 -4.72 3.72
C LEU A 115 -4.67 -3.34 3.75
N VAL A 116 -3.70 -3.16 4.60
CA VAL A 116 -3.03 -1.82 4.67
C VAL A 116 -2.18 -1.59 3.41
N ALA A 117 -1.51 -2.60 2.93
CA ALA A 117 -0.66 -2.43 1.72
C ALA A 117 -1.52 -1.91 0.57
N ALA A 118 -2.60 -2.57 0.29
CA ALA A 118 -3.49 -2.12 -0.82
C ALA A 118 -3.99 -0.70 -0.56
N HIS A 119 -4.29 -0.39 0.68
CA HIS A 119 -4.82 0.96 1.01
C HIS A 119 -3.79 2.04 0.64
N GLU A 120 -2.56 1.91 1.05
CA GLU A 120 -1.57 2.98 0.70
C GLU A 120 -1.45 3.09 -0.82
N PHE A 121 -1.45 1.99 -1.52
CA PHE A 121 -1.35 2.06 -3.00
C PHE A 121 -2.53 2.87 -3.53
N GLY A 122 -3.70 2.67 -2.97
CA GLY A 122 -4.88 3.45 -3.44
C GLY A 122 -4.59 4.94 -3.36
N HIS A 123 -3.97 5.37 -2.31
CA HIS A 123 -3.64 6.82 -2.18
C HIS A 123 -2.58 7.20 -3.22
N SER A 124 -1.63 6.34 -3.45
CA SER A 124 -0.56 6.65 -4.45
C SER A 124 -1.18 6.70 -5.85
N LEU A 125 -2.32 6.07 -6.03
CA LEU A 125 -2.96 6.07 -7.38
C LEU A 125 -3.76 7.37 -7.56
N GLY A 126 -3.75 8.24 -6.57
CA GLY A 126 -4.49 9.53 -6.70
C GLY A 126 -5.93 9.39 -6.18
N LEU A 127 -6.28 8.25 -5.67
CA LEU A 127 -7.67 8.08 -5.16
C LEU A 127 -7.77 8.61 -3.73
N ASP A 128 -8.90 9.13 -3.34
CA ASP A 128 -9.09 9.68 -1.97
C ASP A 128 -9.86 8.65 -1.13
N HIS A 129 -10.01 8.88 0.14
CA HIS A 129 -10.76 7.91 0.99
C HIS A 129 -12.16 7.71 0.42
N SER A 130 -12.59 6.48 0.34
CA SER A 130 -13.96 6.19 -0.21
C SER A 130 -14.94 6.00 0.94
N LYS A 131 -16.21 6.22 0.70
CA LYS A 131 -17.23 6.05 1.77
C LYS A 131 -17.92 4.69 1.62
N ASP A 132 -17.42 3.87 0.75
CA ASP A 132 -18.04 2.52 0.56
C ASP A 132 -17.41 1.54 1.57
N PRO A 133 -18.18 0.89 2.45
CA PRO A 133 -17.56 -0.05 3.42
C PRO A 133 -16.96 -1.29 2.73
N GLY A 134 -17.27 -1.47 1.47
CA GLY A 134 -16.73 -2.66 0.74
C GLY A 134 -15.47 -2.25 -0.03
N ALA A 135 -15.12 -0.99 -0.03
CA ALA A 135 -13.90 -0.55 -0.76
C ALA A 135 -12.66 -0.69 0.14
N LEU A 136 -11.56 -1.08 -0.42
CA LEU A 136 -10.31 -1.23 0.38
C LEU A 136 -9.92 0.12 0.98
N MET A 137 -10.05 1.17 0.22
CA MET A 137 -9.67 2.52 0.72
C MET A 137 -10.65 3.04 1.79
N PHE A 138 -11.39 2.18 2.43
CA PHE A 138 -12.34 2.67 3.47
C PHE A 138 -11.51 3.21 4.67
N PRO A 139 -11.79 4.39 5.20
CA PRO A 139 -10.99 4.93 6.33
C PRO A 139 -10.77 3.92 7.47
N ILE A 140 -11.80 3.20 7.84
CA ILE A 140 -11.65 2.21 8.96
C ILE A 140 -11.06 0.90 8.46
N TYR A 141 -10.23 0.28 9.26
CA TYR A 141 -9.61 -1.01 8.87
C TYR A 141 -10.63 -2.14 9.03
N THR A 142 -10.77 -2.98 8.03
CA THR A 142 -11.74 -4.12 8.13
C THR A 142 -11.12 -5.36 7.50
N TYR A 143 -11.32 -6.51 8.09
CA TYR A 143 -10.75 -7.76 7.53
C TYR A 143 -11.68 -8.27 6.42
N THR A 144 -11.11 -8.76 5.34
CA THR A 144 -11.95 -9.26 4.21
C THR A 144 -11.33 -10.55 3.63
N GLY A 145 -12.14 -11.41 3.08
CA GLY A 145 -11.60 -12.68 2.51
C GLY A 145 -10.84 -12.35 1.21
N LYS A 146 -9.55 -12.43 1.24
CA LYS A 146 -8.76 -12.11 0.02
C LYS A 146 -8.81 -13.28 -0.97
N SER A 147 -9.48 -14.34 -0.60
CA SER A 147 -9.55 -15.52 -1.50
C SER A 147 -10.20 -15.13 -2.84
N HIS A 148 -11.20 -14.28 -2.80
CA HIS A 148 -11.88 -13.86 -4.07
C HIS A 148 -12.18 -12.36 -4.03
N PHE A 149 -11.48 -11.61 -3.22
CA PHE A 149 -11.75 -10.15 -3.17
C PHE A 149 -11.33 -9.50 -4.49
N MET A 150 -12.13 -8.60 -5.00
CA MET A 150 -11.79 -7.89 -6.27
C MET A 150 -12.16 -6.42 -6.12
N LEU A 151 -11.46 -5.54 -6.77
CA LEU A 151 -11.80 -4.10 -6.63
C LEU A 151 -13.31 -3.93 -6.92
N PRO A 152 -14.10 -3.35 -6.02
CA PRO A 152 -15.56 -3.21 -6.30
C PRO A 152 -15.83 -2.24 -7.46
N ASP A 153 -17.06 -2.12 -7.86
CA ASP A 153 -17.40 -1.19 -8.97
C ASP A 153 -17.00 0.23 -8.59
N ASP A 154 -17.22 0.60 -7.35
CA ASP A 154 -16.85 1.99 -6.92
C ASP A 154 -15.36 2.26 -7.20
N ASP A 155 -14.50 1.37 -6.79
CA ASP A 155 -13.04 1.60 -7.03
C ASP A 155 -12.72 1.43 -8.51
N VAL A 156 -13.31 0.48 -9.16
CA VAL A 156 -13.02 0.27 -10.61
C VAL A 156 -13.43 1.52 -11.40
N GLN A 157 -14.61 2.01 -11.17
CA GLN A 157 -15.09 3.23 -11.90
C GLN A 157 -14.17 4.41 -11.61
N GLY A 158 -13.73 4.56 -10.38
CA GLY A 158 -12.85 5.72 -10.03
C GLY A 158 -11.45 5.57 -10.64
N ILE A 159 -10.79 4.47 -10.38
CA ILE A 159 -9.42 4.29 -10.94
C ILE A 159 -9.47 4.33 -12.46
N GLN A 160 -10.47 3.73 -13.04
CA GLN A 160 -10.59 3.73 -14.53
C GLN A 160 -10.82 5.16 -15.01
N SER A 161 -11.61 5.92 -14.31
CA SER A 161 -11.89 7.31 -14.73
C SER A 161 -10.59 8.13 -14.71
N LEU A 162 -9.65 7.77 -13.88
CA LEU A 162 -8.37 8.56 -13.81
C LEU A 162 -7.38 8.05 -14.86
N TYR A 163 -7.10 6.78 -14.87
CA TYR A 163 -6.12 6.23 -15.86
C TYR A 163 -6.85 5.76 -17.11
N GLY A 164 -8.15 5.73 -17.09
CA GLY A 164 -8.92 5.28 -18.28
C GLY A 164 -9.25 3.79 -18.16
ZN ZN B . -5.80 6.59 4.00
ZN ZN C . 7.14 6.39 7.43
CA CA D . -0.20 3.05 15.15
C1 WAY E . -5.70 6.98 9.27
C2 WAY E . -5.26 7.63 8.01
CF2 WAY E . -4.75 9.00 8.07
CH WAY E . -4.65 9.73 9.31
CF1 WAY E . -5.07 9.09 10.54
C6 WAY E . -5.59 7.73 10.54
C10 WAY E . -5.30 7.03 6.65
O11 WAY E . -6.35 6.73 6.10
N12 WAY E . -4.16 6.63 6.06
O13 WAY E . -4.28 5.89 4.88
CE WAY E . -6.01 7.13 11.87
N20 WAY E . -6.19 5.69 9.31
S21 WAY E . -5.13 4.42 9.49
CD WAY E . -7.64 5.49 9.13
CK WAY E . -9.15 3.57 12.17
CM WAY E . -9.86 4.65 12.80
N25 WAY E . -9.84 5.94 12.25
CJ WAY E . -9.13 6.19 11.08
C27 WAY E . -8.40 5.18 10.39
CI WAY E . -8.41 3.85 10.96
C35 WAY E . -5.48 3.17 8.27
CC1 WAY E . -4.63 3.04 7.10
CB1 WAY E . -4.92 2.03 6.10
C38 WAY E . -6.06 1.12 6.25
CB2 WAY E . -6.91 1.28 7.46
CC2 WAY E . -6.62 2.30 8.45
O45 WAY E . -6.28 0.14 5.22
CA WAY E . -7.38 -0.80 5.26
O50 WAY E . -5.41 3.83 10.76
O51 WAY E . -3.80 4.87 9.23
HF2 WAY E . -4.43 9.49 7.15
HH WAY E . -4.27 10.73 9.32
HF1 WAY E . -5.00 9.65 11.47
H14 WAY E . -3.27 6.85 6.48
H15 WAY E . -3.86 5.04 4.99
HE1 WAY E . -5.21 7.19 12.59
HE2 WAY E . -6.28 6.09 11.76
HE3 WAY E . -6.87 7.65 12.28
HD1 WAY E . -7.77 4.68 8.42
HD2 WAY E . -8.06 6.41 8.69
HK WAY E . -9.17 2.58 12.59
HL WAY E . -10.41 4.47 13.70
HJ WAY E . -9.13 7.19 10.66
HI WAY E . -7.88 3.04 10.48
HC1 WAY E . -3.78 3.71 6.99
HB1 WAY E . -4.27 1.95 5.24
HB2 WAY E . -7.77 0.63 7.61
HC2 WAY E . -7.24 2.41 9.33
HA1 WAY E . -7.36 -1.45 4.39
HA2 WAY E . -8.34 -0.28 5.29
HA3 WAY E . -7.31 -1.43 6.16
N THR A 7 -7.50 13.88 -9.39
CA THR A 7 -6.81 15.11 -9.89
C THR A 7 -5.33 14.79 -10.12
N LEU A 8 -4.62 14.44 -9.09
CA LEU A 8 -3.16 14.13 -9.25
C LEU A 8 -3.02 12.75 -9.91
N LYS A 9 -1.98 12.56 -10.67
CA LYS A 9 -1.77 11.24 -11.34
C LYS A 9 -0.32 11.12 -11.80
N TRP A 10 0.14 9.93 -12.06
CA TRP A 10 1.55 9.75 -12.53
C TRP A 10 1.66 10.25 -13.97
N SER A 11 2.81 10.76 -14.35
CA SER A 11 2.99 11.27 -15.74
C SER A 11 3.38 10.11 -16.66
N LYS A 12 3.52 8.93 -16.13
CA LYS A 12 3.91 7.76 -16.99
C LYS A 12 3.31 6.48 -16.40
N MET A 13 3.15 5.47 -17.21
CA MET A 13 2.56 4.19 -16.72
C MET A 13 3.67 3.27 -16.22
N ASN A 14 4.91 3.70 -16.29
CA ASN A 14 6.04 2.85 -15.82
C ASN A 14 6.36 3.21 -14.37
N LEU A 15 6.43 2.24 -13.50
CA LEU A 15 6.73 2.53 -12.06
C LEU A 15 7.63 1.42 -11.50
N THR A 16 8.44 1.75 -10.53
CA THR A 16 9.37 0.74 -9.93
C THR A 16 9.28 0.84 -8.41
N TYR A 17 9.65 -0.21 -7.70
CA TYR A 17 9.59 -0.16 -6.21
C TYR A 17 10.74 -0.98 -5.61
N ARG A 18 11.03 -0.75 -4.35
CA ARG A 18 12.14 -1.50 -3.67
C ARG A 18 11.75 -1.79 -2.22
N ILE A 19 11.95 -3.00 -1.77
CA ILE A 19 11.63 -3.33 -0.35
C ILE A 19 12.87 -3.05 0.50
N VAL A 20 12.81 -2.05 1.35
CA VAL A 20 14.00 -1.72 2.18
C VAL A 20 14.21 -2.82 3.24
N ASN A 21 13.16 -3.31 3.81
CA ASN A 21 13.33 -4.37 4.84
C ASN A 21 12.02 -5.11 5.07
N TYR A 22 12.11 -6.27 5.63
CA TYR A 22 10.90 -7.07 5.93
C TYR A 22 10.61 -6.92 7.42
N THR A 23 9.72 -7.70 7.96
CA THR A 23 9.41 -7.59 9.43
C THR A 23 9.72 -8.93 10.12
N PRO A 24 10.23 -8.93 11.35
CA PRO A 24 10.52 -10.21 12.05
C PRO A 24 9.23 -11.00 12.28
N ASP A 25 8.14 -10.33 12.06
CA ASP A 25 6.80 -10.95 12.23
C ASP A 25 6.64 -12.16 11.29
N MET A 26 7.13 -12.05 10.07
CA MET A 26 6.99 -13.19 9.12
C MET A 26 8.25 -13.32 8.26
N THR A 27 8.38 -14.41 7.54
CA THR A 27 9.59 -14.61 6.69
C THR A 27 9.53 -13.67 5.48
N HIS A 28 10.66 -13.42 4.85
CA HIS A 28 10.68 -12.51 3.67
C HIS A 28 9.78 -13.06 2.56
N SER A 29 9.78 -14.35 2.35
CA SER A 29 8.95 -14.93 1.26
C SER A 29 7.46 -14.60 1.48
N GLU A 30 7.00 -14.68 2.70
CA GLU A 30 5.55 -14.38 2.95
C GLU A 30 5.26 -12.90 2.69
N VAL A 31 6.15 -12.03 3.07
CA VAL A 31 5.92 -10.58 2.85
C VAL A 31 5.98 -10.25 1.36
N GLU A 32 6.92 -10.83 0.64
CA GLU A 32 7.02 -10.53 -0.81
C GLU A 32 5.73 -10.90 -1.54
N LYS A 33 5.21 -12.08 -1.31
CA LYS A 33 3.96 -12.47 -2.01
C LYS A 33 2.85 -11.49 -1.62
N ALA A 34 2.88 -10.99 -0.41
CA ALA A 34 1.82 -10.03 0.02
C ALA A 34 1.82 -8.80 -0.88
N PHE A 35 2.97 -8.20 -1.10
CA PHE A 35 3.03 -7.00 -1.98
C PHE A 35 2.69 -7.40 -3.42
N LYS A 36 3.15 -8.54 -3.86
CA LYS A 36 2.87 -8.97 -5.26
C LYS A 36 1.35 -9.07 -5.45
N LYS A 37 0.65 -9.64 -4.51
CA LYS A 37 -0.83 -9.74 -4.65
C LYS A 37 -1.42 -8.34 -4.77
N ALA A 38 -0.91 -7.42 -4.00
CA ALA A 38 -1.44 -6.02 -4.06
C ALA A 38 -1.26 -5.45 -5.47
N PHE A 39 -0.09 -5.61 -6.05
CA PHE A 39 0.13 -5.07 -7.42
C PHE A 39 -0.76 -5.81 -8.42
N LYS A 40 -0.91 -7.09 -8.26
CA LYS A 40 -1.77 -7.85 -9.22
C LYS A 40 -3.19 -7.31 -9.20
N VAL A 41 -3.74 -7.09 -8.03
CA VAL A 41 -5.14 -6.57 -7.93
C VAL A 41 -5.25 -5.20 -8.62
N TRP A 42 -4.30 -4.33 -8.41
CA TRP A 42 -4.38 -2.97 -9.05
C TRP A 42 -3.98 -3.06 -10.53
N SER A 43 -3.02 -3.87 -10.83
CA SER A 43 -2.56 -3.99 -12.26
C SER A 43 -3.64 -4.71 -13.08
N ASP A 44 -4.56 -5.38 -12.44
CA ASP A 44 -5.62 -6.11 -13.18
C ASP A 44 -6.44 -5.14 -14.06
N VAL A 45 -6.75 -3.97 -13.56
CA VAL A 45 -7.56 -2.99 -14.35
C VAL A 45 -6.71 -1.78 -14.74
N THR A 46 -5.64 -1.52 -14.03
CA THR A 46 -4.78 -0.34 -14.38
C THR A 46 -3.64 -0.80 -15.31
N PRO A 47 -3.38 -0.14 -16.42
CA PRO A 47 -2.26 -0.56 -17.32
C PRO A 47 -0.88 -0.18 -16.74
N LEU A 48 -0.81 0.09 -15.47
CA LEU A 48 0.49 0.48 -14.87
C LEU A 48 1.43 -0.73 -14.84
N ASN A 49 2.69 -0.53 -15.12
CA ASN A 49 3.68 -1.65 -15.12
C ASN A 49 4.57 -1.51 -13.89
N PHE A 50 4.59 -2.51 -13.02
CA PHE A 50 5.44 -2.43 -11.79
C PHE A 50 6.66 -3.34 -11.94
N THR A 51 7.84 -2.80 -11.77
CA THR A 51 9.10 -3.61 -11.89
C THR A 51 9.88 -3.56 -10.57
N ARG A 52 10.27 -4.71 -10.07
CA ARG A 52 11.05 -4.73 -8.78
C ARG A 52 12.53 -4.46 -9.08
N LEU A 53 13.17 -3.61 -8.31
CA LEU A 53 14.61 -3.31 -8.53
C LEU A 53 15.44 -3.98 -7.42
N HIS A 54 16.52 -4.63 -7.79
CA HIS A 54 17.37 -5.29 -6.76
C HIS A 54 18.00 -4.23 -5.85
N ASP A 55 18.41 -3.13 -6.41
CA ASP A 55 19.04 -2.06 -5.58
C ASP A 55 18.79 -0.69 -6.23
N GLY A 56 19.33 0.35 -5.67
CA GLY A 56 19.12 1.72 -6.25
C GLY A 56 17.87 2.34 -5.63
N ILE A 57 17.53 3.54 -6.03
CA ILE A 57 16.33 4.22 -5.48
C ILE A 57 15.14 4.02 -6.42
N ALA A 58 14.02 3.60 -5.89
CA ALA A 58 12.80 3.36 -6.75
C ALA A 58 11.74 4.42 -6.45
N ASP A 59 10.81 4.61 -7.34
CA ASP A 59 9.75 5.63 -7.11
C ASP A 59 8.98 5.27 -5.84
N ILE A 60 8.55 4.03 -5.72
CA ILE A 60 7.79 3.60 -4.51
C ILE A 60 8.68 2.74 -3.61
N MET A 61 9.27 3.32 -2.61
CA MET A 61 10.15 2.54 -1.69
C MET A 61 9.36 2.17 -0.42
N ILE A 62 9.29 0.91 -0.10
CA ILE A 62 8.54 0.46 1.12
C ILE A 62 9.52 0.16 2.25
N SER A 63 9.22 0.56 3.45
CA SER A 63 10.15 0.28 4.59
C SER A 63 9.35 0.24 5.90
N PHE A 64 9.86 -0.49 6.86
CA PHE A 64 9.18 -0.59 8.19
C PHE A 64 9.94 0.28 9.19
N GLY A 65 9.28 1.24 9.78
CA GLY A 65 9.98 2.16 10.76
C GLY A 65 9.53 1.87 12.19
N ILE A 66 9.97 2.69 13.11
CA ILE A 66 9.57 2.52 14.54
C ILE A 66 9.19 3.89 15.09
N LYS A 67 8.45 3.93 16.18
CA LYS A 67 7.99 5.22 16.82
C LYS A 67 8.52 6.45 16.07
N GLU A 68 9.68 6.91 16.41
CA GLU A 68 10.26 8.10 15.72
C GLU A 68 10.83 7.65 14.36
N HIS A 69 10.83 8.52 13.38
CA HIS A 69 11.39 8.12 12.06
C HIS A 69 11.73 9.38 11.24
N GLY A 70 11.76 9.25 9.94
CA GLY A 70 12.08 10.43 9.07
C GLY A 70 11.44 11.71 9.61
N ASP A 71 10.20 11.95 9.28
CA ASP A 71 9.53 13.19 9.78
C ASP A 71 9.41 13.10 11.31
N PHE A 72 9.48 14.21 11.99
CA PHE A 72 9.39 14.17 13.48
C PHE A 72 8.04 13.57 13.89
N TYR A 73 6.97 13.99 13.26
CA TYR A 73 5.62 13.45 13.61
C TYR A 73 5.70 11.92 13.84
N PRO A 74 5.69 11.44 15.08
CA PRO A 74 5.77 9.97 15.33
C PRO A 74 4.41 9.26 15.24
N PHE A 75 4.38 7.99 15.56
CA PHE A 75 3.10 7.21 15.52
C PHE A 75 2.44 7.31 16.90
N ASP A 76 1.21 6.84 17.03
CA ASP A 76 0.51 6.93 18.35
C ASP A 76 0.66 5.61 19.12
N GLY A 77 1.50 4.72 18.65
CA GLY A 77 1.70 3.41 19.36
C GLY A 77 1.34 2.27 18.40
N PRO A 78 0.95 1.11 18.90
CA PRO A 78 0.59 -0.02 18.01
C PRO A 78 -0.64 0.31 17.14
N SER A 79 -1.76 0.55 17.76
CA SER A 79 -3.00 0.89 16.99
C SER A 79 -2.92 2.33 16.49
N GLY A 80 -3.72 2.69 15.52
CA GLY A 80 -3.71 4.08 14.97
C GLY A 80 -3.17 4.08 13.53
N LEU A 81 -2.17 4.88 13.28
CA LEU A 81 -1.59 4.94 11.90
C LEU A 81 -0.85 3.62 11.62
N LEU A 82 -1.45 2.73 10.90
CA LEU A 82 -0.78 1.44 10.60
C LEU A 82 0.31 1.67 9.55
N ALA A 83 0.13 2.64 8.71
CA ALA A 83 1.14 2.94 7.66
C ALA A 83 0.66 4.16 6.88
N HIS A 84 1.51 4.76 6.08
CA HIS A 84 1.05 5.95 5.31
C HIS A 84 2.02 6.22 4.17
N ALA A 85 1.58 6.96 3.17
CA ALA A 85 2.46 7.29 2.01
C ALA A 85 2.24 8.75 1.62
N PHE A 86 3.17 9.33 0.91
CA PHE A 86 3.03 10.76 0.49
C PHE A 86 2.49 10.82 -0.95
N PRO A 87 1.77 11.87 -1.32
CA PRO A 87 1.23 11.96 -2.70
C PRO A 87 2.30 11.61 -3.76
N PRO A 88 1.92 11.40 -4.99
CA PRO A 88 2.90 11.04 -6.05
C PRO A 88 3.95 12.15 -6.28
N GLY A 89 4.74 12.42 -5.28
CA GLY A 89 5.79 13.47 -5.43
C GLY A 89 6.79 13.02 -6.49
N PRO A 90 7.77 13.84 -6.80
CA PRO A 90 8.78 13.46 -7.82
C PRO A 90 9.41 12.09 -7.52
N ASN A 91 10.41 12.04 -6.66
CA ASN A 91 11.05 10.73 -6.32
C ASN A 91 10.74 10.38 -4.86
N TYR A 92 10.85 11.33 -3.97
CA TYR A 92 10.57 11.05 -2.54
C TYR A 92 9.11 10.60 -2.37
N GLY A 93 8.20 11.22 -3.06
CA GLY A 93 6.76 10.84 -2.93
C GLY A 93 6.56 9.39 -3.37
N GLY A 94 5.40 8.85 -3.11
CA GLY A 94 5.11 7.46 -3.50
C GLY A 94 5.75 6.51 -2.48
N ASP A 95 6.34 7.06 -1.46
CA ASP A 95 6.98 6.21 -0.42
C ASP A 95 5.92 5.67 0.53
N ALA A 96 6.27 4.71 1.35
CA ALA A 96 5.28 4.15 2.31
C ALA A 96 5.99 3.65 3.57
N HIS A 97 5.66 4.21 4.71
CA HIS A 97 6.32 3.80 5.99
C HIS A 97 5.36 2.91 6.79
N PHE A 98 5.80 1.73 7.16
CA PHE A 98 4.94 0.79 7.95
C PHE A 98 5.43 0.77 9.40
N ASP A 99 4.52 0.61 10.34
CA ASP A 99 4.95 0.58 11.77
C ASP A 99 5.52 -0.81 12.08
N ASP A 100 6.76 -0.86 12.53
CA ASP A 100 7.38 -2.19 12.85
C ASP A 100 6.96 -2.62 14.26
N ASP A 101 6.37 -1.73 15.01
CA ASP A 101 5.95 -2.08 16.40
C ASP A 101 4.61 -2.82 16.36
N GLU A 102 3.96 -2.84 15.23
CA GLU A 102 2.63 -3.54 15.12
C GLU A 102 2.86 -5.00 14.74
N THR A 103 1.82 -5.81 14.82
CA THR A 103 1.97 -7.25 14.47
C THR A 103 1.49 -7.48 13.04
N TRP A 104 2.40 -7.66 12.12
CA TRP A 104 2.00 -7.89 10.70
C TRP A 104 1.80 -9.39 10.47
N THR A 105 0.63 -9.79 10.07
CA THR A 105 0.36 -11.23 9.85
C THR A 105 -0.50 -11.41 8.58
N SER A 106 -0.36 -12.52 7.90
CA SER A 106 -1.17 -12.76 6.68
C SER A 106 -2.44 -13.51 7.10
N SER A 107 -2.49 -13.94 8.33
CA SER A 107 -3.69 -14.66 8.84
C SER A 107 -4.67 -13.65 9.43
N SER A 108 -5.85 -14.08 9.78
CA SER A 108 -6.83 -13.12 10.36
C SER A 108 -6.43 -12.78 11.79
N LYS A 109 -5.45 -11.94 11.96
CA LYS A 109 -5.00 -11.55 13.33
C LYS A 109 -4.46 -10.11 13.27
N GLY A 110 -4.63 -9.35 14.33
CA GLY A 110 -4.12 -7.95 14.33
C GLY A 110 -4.48 -7.26 13.00
N TYR A 111 -3.56 -6.51 12.45
CA TYR A 111 -3.84 -5.80 11.16
C TYR A 111 -3.20 -6.61 10.01
N ASN A 112 -4.00 -7.13 9.12
CA ASN A 112 -3.43 -7.93 7.98
C ASN A 112 -2.57 -7.02 7.10
N LEU A 113 -1.40 -7.47 6.73
CA LEU A 113 -0.50 -6.64 5.87
C LEU A 113 -1.17 -6.31 4.53
N PHE A 114 -1.77 -7.28 3.90
CA PHE A 114 -2.41 -7.01 2.56
C PHE A 114 -3.48 -5.92 2.68
N LEU A 115 -4.28 -5.94 3.72
CA LEU A 115 -5.35 -4.89 3.85
C LEU A 115 -4.70 -3.50 3.90
N VAL A 116 -3.71 -3.32 4.75
CA VAL A 116 -3.05 -1.98 4.84
C VAL A 116 -2.24 -1.70 3.58
N ALA A 117 -1.55 -2.68 3.07
CA ALA A 117 -0.74 -2.46 1.85
C ALA A 117 -1.64 -1.96 0.71
N ALA A 118 -2.71 -2.67 0.45
CA ALA A 118 -3.63 -2.24 -0.65
C ALA A 118 -4.18 -0.84 -0.37
N HIS A 119 -4.45 -0.53 0.87
CA HIS A 119 -5.02 0.81 1.20
C HIS A 119 -4.05 1.93 0.82
N GLU A 120 -2.81 1.84 1.23
CA GLU A 120 -1.84 2.92 0.90
C GLU A 120 -1.72 3.06 -0.63
N PHE A 121 -1.72 1.97 -1.35
CA PHE A 121 -1.61 2.07 -2.84
C PHE A 121 -2.81 2.88 -3.35
N GLY A 122 -3.97 2.66 -2.81
CA GLY A 122 -5.16 3.44 -3.28
C GLY A 122 -4.89 4.93 -3.15
N HIS A 123 -4.31 5.35 -2.06
CA HIS A 123 -4.02 6.80 -1.89
C HIS A 123 -2.95 7.25 -2.89
N SER A 124 -1.96 6.43 -3.11
CA SER A 124 -0.89 6.82 -4.08
C SER A 124 -1.45 6.87 -5.50
N LEU A 125 -2.54 6.20 -5.74
CA LEU A 125 -3.14 6.22 -7.12
C LEU A 125 -3.96 7.50 -7.30
N GLY A 126 -4.03 8.33 -6.29
CA GLY A 126 -4.80 9.61 -6.42
C GLY A 126 -6.26 9.40 -5.97
N LEU A 127 -6.58 8.26 -5.46
CA LEU A 127 -7.98 8.01 -5.00
C LEU A 127 -8.17 8.54 -3.58
N ASP A 128 -9.36 8.96 -3.25
CA ASP A 128 -9.64 9.49 -1.88
C ASP A 128 -10.31 8.38 -1.05
N HIS A 129 -10.56 8.62 0.20
CA HIS A 129 -11.21 7.57 1.03
C HIS A 129 -12.57 7.22 0.44
N SER A 130 -12.92 5.96 0.44
CA SER A 130 -14.25 5.54 -0.12
C SER A 130 -15.25 5.37 1.02
N LYS A 131 -16.50 5.64 0.76
CA LYS A 131 -17.54 5.50 1.83
C LYS A 131 -18.24 4.15 1.70
N ASP A 132 -17.81 3.32 0.77
CA ASP A 132 -18.45 1.98 0.63
C ASP A 132 -17.73 1.01 1.58
N PRO A 133 -18.42 0.26 2.43
CA PRO A 133 -17.71 -0.67 3.35
C PRO A 133 -16.99 -1.80 2.60
N GLY A 134 -17.38 -2.06 1.38
CA GLY A 134 -16.72 -3.16 0.61
C GLY A 134 -15.50 -2.60 -0.13
N ALA A 135 -15.31 -1.31 -0.08
CA ALA A 135 -14.13 -0.70 -0.78
C ALA A 135 -12.91 -0.78 0.13
N LEU A 136 -11.79 -1.17 -0.39
CA LEU A 136 -10.56 -1.26 0.45
C LEU A 136 -10.23 0.11 1.05
N MET A 137 -10.41 1.15 0.28
CA MET A 137 -10.08 2.52 0.78
C MET A 137 -11.06 2.97 1.87
N PHE A 138 -11.73 2.06 2.52
CA PHE A 138 -12.70 2.47 3.59
C PHE A 138 -11.88 3.09 4.75
N PRO A 139 -12.27 4.22 5.31
CA PRO A 139 -11.47 4.86 6.40
C PRO A 139 -11.33 3.99 7.67
N ILE A 140 -11.99 2.86 7.74
CA ILE A 140 -11.88 1.98 8.95
C ILE A 140 -11.29 0.63 8.54
N TYR A 141 -10.37 0.13 9.32
CA TYR A 141 -9.72 -1.16 8.97
C TYR A 141 -10.70 -2.31 9.19
N THR A 142 -10.90 -3.12 8.18
CA THR A 142 -11.85 -4.28 8.30
C THR A 142 -11.23 -5.49 7.59
N TYR A 143 -11.41 -6.67 8.13
CA TYR A 143 -10.82 -7.88 7.48
C TYR A 143 -11.73 -8.33 6.33
N THR A 144 -11.15 -8.84 5.28
CA THR A 144 -11.97 -9.30 4.11
C THR A 144 -11.38 -10.60 3.56
N GLY A 145 -12.18 -11.38 2.88
CA GLY A 145 -11.66 -12.67 2.31
C GLY A 145 -10.60 -12.37 1.25
N LYS A 146 -9.35 -12.57 1.58
CA LYS A 146 -8.27 -12.30 0.60
C LYS A 146 -8.20 -13.45 -0.42
N SER A 147 -9.02 -14.44 -0.28
CA SER A 147 -8.98 -15.58 -1.24
C SER A 147 -9.25 -15.06 -2.66
N HIS A 148 -10.21 -14.19 -2.80
CA HIS A 148 -10.51 -13.65 -4.17
C HIS A 148 -11.19 -12.29 -4.04
N PHE A 149 -10.44 -11.27 -3.68
CA PHE A 149 -11.05 -9.91 -3.54
C PHE A 149 -10.77 -9.09 -4.81
N MET A 150 -11.79 -8.61 -5.46
CA MET A 150 -11.61 -7.81 -6.72
C MET A 150 -12.08 -6.37 -6.46
N LEU A 151 -11.37 -5.40 -6.98
CA LEU A 151 -11.80 -3.99 -6.75
C LEU A 151 -13.29 -3.85 -7.10
N PRO A 152 -14.14 -3.30 -6.24
CA PRO A 152 -15.59 -3.17 -6.58
C PRO A 152 -15.83 -2.15 -7.70
N ASP A 153 -17.06 -1.99 -8.12
CA ASP A 153 -17.38 -1.01 -9.20
C ASP A 153 -16.97 0.38 -8.75
N ASP A 154 -17.21 0.71 -7.51
CA ASP A 154 -16.86 2.07 -7.01
C ASP A 154 -15.37 2.35 -7.26
N ASP A 155 -14.51 1.45 -6.87
CA ASP A 155 -13.05 1.69 -7.08
C ASP A 155 -12.72 1.59 -8.57
N VAL A 156 -13.31 0.66 -9.28
CA VAL A 156 -13.01 0.53 -10.74
C VAL A 156 -13.44 1.81 -11.46
N GLN A 157 -14.62 2.28 -11.21
CA GLN A 157 -15.09 3.52 -11.89
C GLN A 157 -14.18 4.70 -11.52
N GLY A 158 -13.76 4.79 -10.28
CA GLY A 158 -12.89 5.92 -9.86
C GLY A 158 -11.49 5.81 -10.46
N ILE A 159 -10.82 4.71 -10.27
CA ILE A 159 -9.44 4.57 -10.82
C ILE A 159 -9.47 4.73 -12.34
N GLN A 160 -10.46 4.17 -12.98
CA GLN A 160 -10.54 4.29 -14.47
C GLN A 160 -10.74 5.77 -14.83
N SER A 161 -11.54 6.47 -14.09
CA SER A 161 -11.78 7.90 -14.38
C SER A 161 -10.48 8.70 -14.26
N LEU A 162 -9.57 8.27 -13.43
CA LEU A 162 -8.29 9.03 -13.27
C LEU A 162 -7.25 8.56 -14.30
N TYR A 163 -7.04 7.27 -14.41
CA TYR A 163 -6.03 6.76 -15.38
C TYR A 163 -6.69 6.48 -16.73
N GLY A 164 -7.99 6.53 -16.79
CA GLY A 164 -8.69 6.27 -18.08
C GLY A 164 -8.78 4.76 -18.32
ZN ZN B . -6.43 6.35 4.25
ZN ZN C . 6.40 7.86 8.17
CA CA D . -0.11 3.16 14.87
C1 WAY E . -5.47 6.83 9.07
C2 WAY E . -5.11 7.72 7.94
CF2 WAY E . -4.62 9.06 8.23
CH WAY E . -4.47 9.53 9.59
CF1 WAY E . -4.82 8.67 10.69
C6 WAY E . -5.32 7.33 10.46
C10 WAY E . -5.20 7.39 6.50
O11 WAY E . -6.09 7.84 5.78
N12 WAY E . -4.23 6.66 5.91
O13 WAY E . -4.32 6.50 4.52
CE WAY E . -5.67 6.49 11.66
N20 WAY E . -5.95 5.55 8.89
S21 WAY E . -4.95 4.26 9.23
CD WAY E . -7.40 5.37 8.66
CK WAY E . -9.20 3.62 11.65
CM WAY E . -9.78 4.77 12.27
N25 WAY E . -9.60 6.05 11.75
CJ WAY E . -8.84 6.23 10.59
C27 WAY E . -8.22 5.13 9.90
CI WAY E . -8.41 3.81 10.46
C35 WAY E . -5.29 2.91 8.11
CC1 WAY E . -4.40 2.64 6.99
CB1 WAY E . -4.68 1.54 6.09
C38 WAY E . -5.85 0.68 6.29
CB2 WAY E . -6.74 0.97 7.45
CC2 WAY E . -6.45 2.07 8.34
O45 WAY E . -6.06 -0.40 5.35
CA WAY E . -7.17 -1.31 5.44
O50 WAY E . -5.29 3.80 10.54
O51 WAY E . -3.60 4.67 8.97
HF2 WAY E . -4.35 9.72 7.41
HH WAY E . -4.10 10.53 9.77
HF1 WAY E . -4.71 9.04 11.70
H14 WAY E . -3.48 6.28 6.45
H15 WAY E . -4.57 5.58 4.33
HE1 WAY E . -6.59 6.83 12.13
HE2 WAY E . -4.88 6.54 12.42
HE3 WAY E . -5.80 5.44 11.40
HD1 WAY E . -7.52 4.53 7.98
HD2 WAY E . -7.77 6.26 8.16
HK WAY E . -9.34 2.63 12.07
HL WAY E . -10.37 4.64 13.17
HJ WAY E . -8.69 7.22 10.18
HI WAY E . -7.96 2.96 9.98
HC1 WAY E . -3.54 3.28 6.85
HB1 WAY E . -4.01 1.37 5.27
HB2 WAY E . -7.61 0.37 7.63
HC2 WAY E . -7.10 2.29 9.18
HA1 WAY E . -7.12 -2.04 4.62
HA2 WAY E . -8.12 -0.77 5.37
HA3 WAY E . -7.14 -1.85 6.39
#